data_7QIW
#
_entry.id   7QIW
#
_cell.length_a   1.00
_cell.length_b   1.00
_cell.length_c   1.00
_cell.angle_alpha   90.00
_cell.angle_beta   90.00
_cell.angle_gamma   90.00
#
_symmetry.space_group_name_H-M   'P 1'
#
loop_
_entity.id
_entity.type
_entity.pdbx_description
1 polymer '60S ribosomal protein L8'
2 polymer 'Ribos_L4_asso_C domain-containing protein'
3 polymer 'Ribosomal protein L3'
4 polymer 'Ribosomal_L18_c domain-containing protein'
5 polymer 'Ribosomal_L6e_N domain-containing protein'
6 polymer 'Thaliana 60S ribosomal protein L7'
7 polymer 'Ribosomal_L7Ae domain-containing protein'
8 polymer '60S ribosomal protein uL6'
9 polymer '60S ribosomal protein L10'
10 polymer '60S ribosomal protein uL5'
11 polymer '60S ribosomal protein L13'
12 polymer 'Ribosomal_L14e domain-containing protein'
13 polymer 'Ribosomal protein L15'
14 polymer '60S ribosomal protein uL13'
15 polymer '50S ribosomal protein L22, chloroplastic'
16 polymer 'Ribosomal_L18e/L15P domain-containing protein'
17 polymer 'Ribosomal protein L19'
18 polymer '60S ribosomal protein L18a'
19 polymer '60S ribosomal protein eL21'
20 polymer '60S ribosomal protein eL22'
21 polymer '60S ribosomal protein uL14'
22 polymer 'TRASH domain-containing protein'
23 polymer 'Ribosomal_L23eN domain-containing protein'
24 polymer 'KOW domain-containing protein'
25 polymer '60S ribosomal protein L27'
26 polymer 'Putative 60S ribosomal protein L27a-3-like'
27 polymer '60S ribosomal protein L29'
28 polymer 'Ribosomal_L7Ae domain-containing protein'
29 polymer '60S ribosomal protein eL31'
30 polymer '60S ribosomal protein eL32'
31 polymer '60S ribosomal protein eL33'
32 polymer '60S ribosomal protein eL34'
33 polymer 'Similar to 60S ribosomal protein L35'
34 polymer '60S ribosomal protein L36'
35 polymer 'Ribosomal protein L37'
36 polymer '60S ribosomal protein L38'
37 polymer '60S ribosomal protein eL39'
38 polymer 'Ubiquitin-like domain-containing protein'
39 polymer '60S ribosomal protein eL42'
40 polymer '60S ribosomal protein eL43'
41 polymer 'Ribosomal_L28e domain-containing protein'
42 polymer tRNA
43 polymer '25S rRNA'
44 polymer '5S rRNA'
45 polymer '5.8S rRNA'
46 non-polymer 'POTASSIUM ION'
47 non-polymer 'MAGNESIUM ION'
48 non-polymer 'ZINC ION'
49 non-polymer SPERMINE
50 non-polymer SPERMIDINE
51 water water
#
loop_
_entity_poly.entity_id
_entity_poly.type
_entity_poly.pdbx_seq_one_letter_code
_entity_poly.pdbx_strand_id
1 'polypeptide(L)'
;MGRVIRAQRKGAGSVFKSHTHHRKGPARFRTLDFGERNGYLKGVITEVIHDPGRGAPLARVTFRHPFRYKHQKELFVAAE
GMYTGQFVYCGKKATLMVGNVLPLRSIPEGAVVCNVEHKVGDRGVFARCSGDYAIVISHNPDNGTTRVKLPSGAKKIVPS
GCRAMIGQVAGGGRTEKPMLKAGNAYHKYRVKRNCWPKVRGVAMNPVEHPHGGGNHQHIGHASTVRRDAPPGQKVGLIAA
RRTGRLRGQARATAAKADKA
;
D
2 'polypeptide(L)'
;MATAAAIPTTTVQSLENDMATDSAAVPLPAVMKAPIRPDVVTYVHSNISKNARQPYAVSRKAGHQTSAESWGTGRAVSRI
PRVPGGGTHRAGQGAFGNMCRGGRMFAPTQTWRRWHRKIPVNQKRYAVASAIAASSVPSLVLARGHRIESVPELPLVVSD
SVEGIEKTSNAIKALKQIGAYPDAEKAKDSHAIRPGKGKMRNRRYISRKGPLIVYGTEGAKLVKAFRNIPGVEICHVDRL
NLLKLAPGGHLGRFIIWTKCAYEKLDAIYGTFDKPSQEKKGYLLPRPKMVNADLARIINSDEVQSVVRPIKKDVNKRATL
KKNPLKNLNVLLKLNPYAKTARRMSLLAEAQRVKAKKEKLDKKRHAITKEEASAIKGASHSWYKTMISDSDYAEFDNFTK
WLGVSQ
;
F
3 'polypeptide(L)'
;MSHRKFEHPRHGSLGFLPRKRAARHRGKVKAFPKDDPSKPCKLTAFLGYKAGMTHIVREVEKPGSKLHKKETCEAVTIVE
TPPMVIVGVVGYVKTPRGLRCLNTVWAQHLSEDIKRRFYKNWCKSKKKAFLKYSKKYETDEGKKDIQAQLEKLKKYACVI
RVLAHTQIRKMKGLKQKKAHLMEIQVNGGSIAQKVDFAYGFFEKQVPVDAVFQKDEMIDIIGVTKGKGYEGVVTRWGVTR
LPRKT(HIC)RGLRKVACIGAWHPARVSFTVARAGQNGYHHRTEMNKKVYKLGKVGQESHTALTEFDRTEKDITPIGGFP
HYGVVKEDYLLIKGCCVGTKKRVVTLRQSLLNQTSRVALEEIKLKFIDTSSKFGHGRFQTTQEKQKFYGRLKA
;
E
4 'polypeptide(L)'
;MAFIKVQKTRAYFKRFQVKFKRRREGKTDYRARNRLINQDKNKYNTPKYRFVVRFTNKDIIAQIVSASIAGDMILASAYA
NELPHYGLEVGLTNYAAAYCTGLLLARRVLKKLEMDEEYEGNLEVNGEDYSVEPAESRRPFRALLDVGLLRTTTGNRVFG
ALKGALDGGLDIPHSEKRFAGFSKDSKQLDADVHRKYIYGGHVATYMQTLIEDEPEKYQTHFSQYIKKGFEADGLEEMYK
KVHAAIRADPSPKKSEKQPPKQHKRYNLKKLTYEERKAKLIERLNALNSAAGNDDDDEDDE
;
G
5 'polypeptide(L)'
;MAAKKTIRNPELIRGVGKFSRSKMYHKKGLWAIKKKNGGKLPLHEKKPAVAVAAVKPPKFYPADDVKKPLVNKHKPKPTK
LRASITPGTVLIILAGRFKGKRVVFLKQLTSGLLLVTGPFKLNGVPLRRVNQAYVIGTSTKVDVSGVNVEKIDDKYFAKQ
VEKKQKKGEGEFFEDKKEEKNVLPQEKKDEQKTVDSALLKAIEGIPELKAYLSARFSLKSGMKPHELVF
;
H
6 'polypeptide(L)'
;MGEGGVVVPESVLKKQKRNEEWALVKKQELAVAKKKSVENRKLIYNRAKQYAKEYSEQEKELIRLKREARLKGGFYVDPE
AKLLFIIRIRGINAMPPQTKKILQLLRLRQIFNGVFLKVNKATVNMLHRVEPYVTYGYPNLKSIKELIYKRGYGKVDKQR
IALTDNAVVEQVLGKHGIICIEDLVHEIITVGPHFKEANNFLWPFQLKAPLGGLKKKRNHYVEGGDAGNRENFINELIRR
MN
;
I
7 'polypeptide(L)'
;MAPKKGVAVSAKKKPEKAKVLNPLFEKRPKQFGIGGALPPKKDVTRNVRWPRNVTLQRKKRILKMRLKVPPALNQFTKTL
DKNLATTLFKMLLKYRPEDKAAKKERLVKRAQAEAEGKTPETKKPIIVKYGLKHITYLIEQNKAQLVVIAHDVDPIELVV
WLPALCRKMEIPYCIVKGKARLGSIVHKKTASALCLTTVKNEDKMEFSRVLEAIKANFNDKYEENRKKWGGGIMGSKSQA
RTKAKERVLAKEAAQRLN
;
J
8 'polypeptide(L)'
;MKTILSSETMDIPDGITIKVKAKQIEVEGPRGKLTRNFKHLNLDFQLIKDEETGKKKLKIDAWFGSRKTTAAIRTALSHV
ENLITGVTKGYRYKMRFVYAHFPINASISGGNKSIEIRNFLGEKKVRKVDMLDGVTVVRSEKVKDELVLDGNDIELVSRS
AALINQKCHVKNKDIRKFLDGIYVSEKGRIAEEE
;
K
9 'polypeptide(L)'
;MGRRPARCYRQIKNKPYPKSRFCRGVPDPKIRIYDVGMKKKGVDEFPFCVHLVSWEKENVSSEALEAARIACNKYMTKSA
GKDAFHLRVRVHPFHVLRINKMLSCAGADRLQTGMRGAFGKPQGVCARVAIGQVLLSVRCKDGNANHAQEALRRAKFKFP
GRQKIIVSRKWGFTKFSRTDYLKYKSENRIVPDGVNAKLLGCHGRLAARQPGRAFLEAAN
;
L
10 'polypeptide(L)'
;MASEKKLSNPMRDIKVQKLVLNISVGESGDRLTRAAKVLEQLSGQSPVFSKARYTVRSFGIRRNEKIACYVTVRGEKAMQ
LLESGLKVKEYELLRRNFSETGCFGFGIQEHIDLGIKYDPSTGIYGMDFYVVLERPGYRVARRRRCKSRVGIQHRVTKED
SMKWFQVKYEGVILNKSSNIQ
;
M
11 'polypeptide(L)'
;MKHNNVIPNGHFKKHWQNYVRTWFNQPARKTRRRAARQKKAATIFPRPTAGSLRPIVHGQTLKYNMKVRAGRGFSLEELK
AAGIPKKLAPTIGIAVDHRRRNRSLEGLQTNVQRLKTYKAKLVIFPRRAKKVKAGDSSAEELANATQVQGPYLPIVRDQP
AIELVKITDEMKSFKAYGKLRIERTNARHFGARLKRAAEAEKEEKK
;
N
12 'polypeptide(L)'
;MPFKRFVEIGRVALINYGKDYGRLVVIVDVIDQNRALVDAPDMVRSQMNFKRLSLTDIKIDIKRIPKKKTLVEAMEAADV
KTKWENSSWGRKLIVQKRRAALNDFDRFKLMLAKIKRAGVVRQELAKLKKIAA
;
O
13 'polypeptide(L)'
;MGAYTYVSELWRKKQSDVMRFLQRVRCWEYRQLPSIVRVTRPTRPDKARRLGYKAKQGYVVYRVRVKRGGRKRPVSKGIV
YGKPTNQGVTQLKFQRSKRSVAEERAGRKLGGLKVLNSYWINEDSTYKYFEVILVDQAHAAIRNDPRINWICNPVHKHRE
LRGLTSAGKKYRGLRGRGHLHHKARPSRRATWKRNQTLSLRRYR
;
P
14 'polypeptide(L)'
;MVSGSGISARRIVVDARHHMLGRLSSILAKELLNGQRVVVVRCEEICLSGGLVRQKMKYLRFLRKRMNTKPSHGPIHFRA
PSKILWRTIRGMIPHKTKRGAAALARLKVYEGVPPPYDKIKRMVIPDALKVLRLQSGHKYCLLGKLSSEVGWNHYDTIKE
LENKRKERAQVAYERRKQLAKLRVKAEKAAEEKLGPQLAVIEPIKY
;
Q
15 'polypeptide(L)'
;MVKYSREPDNPTKSCKSRGSSLRVHFKNTRETAHALRKMPLDKAKSYLEDVLAHKQAIPFTRFCRGVGRTAQAKNRHSNG
QGRWPVKSAGFILDLLKNAESNAEVKGLDVDSLYISHIQVNEAQKQRRRTYRAHGRINPYMSHPCHIELILSEKEESVKK
EPETQLAPRKAKA
;
R
16 'polypeptide(L)'
;MGIDLVAGGKSKKTKRTAPKSDDVYLKLLVKLYRFLARRTGSKFNAVILKRLFMSKINKPPLSLSRLITYATGKGDNIVV
LVGTVTDDVRAYEVPKIKVCALKFTETARARIEKAGGECLTFDQLALRAPLGQNTLLLRGPKNSREAVKHFGPAPGVPHS
HTKPYVRAKGRKFERARGKRNSRGYKA
;
S
17 'polypeptide(L)'
;MVSLKLQKRLAASVLKCGRGKVWLDPNEGNEISMANSRQNIRKLVKDGFIIRKPTKIHSRSRARRMKEAKRKGRHSGYGK
RKGTREARLPTKVLWMRRLRVLRRLLRKYRESKKIDKHMYHDMYMKVKGNVFKNKRVLMENIHKTKAEKAREKTLSDQFE
ARRAKNKASRERKFARRKKRLAQGPGGEKPVQPAAPAAAAPAQPAQGSKKSKK
;
T
18 'polypeptide(L)'
;MVTYKFHQYQVVGRALPSENDEHPKIYRMKLWATNEVRAKSKFWYFLRKLKKVKKSNGQMLAINEIFEKYPTTIKNYGIW
LRYQSRTGYHNMYKEYRDTTLNGAVEQMYTEMASRHRVRHHCIQIIKTATIPAKLCKRESTKQFHDSKIKFPLVFKKVRP
PSRKLKTTYKATKPNLFM
;
U
19 'polypeptide(L)'
;MPAGHGLRSRTRDSFSRAFRKKGTIALSTYLRIFKIGDYVDIKVNGAIHKGMPHKFYHGRTGRVWNVTKRAVGVEVNKQV
RNKILRKRIHVRIEHVQQSRCTEEVRERIKKNDQLKADAKARGEVISTKRQPLGPKPGFMVEGATLETVTPIPYDVVNDL
KGGY
;
V
20 'polypeptide(L)'
;MSRAAAAVKGGKKKGASFVIDCSKPVEDSIMEIASLDKFLQERIKVGGKAGALGDSVTVTRDKNKITVTCNSTFSKRYLK
YLVKKYLKKNNVRDWLRVIASNKDRNVYELRYFNIAENEADEED
;
W
21 'polypeptide(L)'
;MSKRGRGGSAGNKFRMSLGLPVAATVNCADNTGAKNLYIISVKGIKGRLNRLPSACVGDMVMATVKKGKPDLRKKVMPAV
IVRQRKPWRRKDGVFMYFEDNAGVIVNPKGEMKGSAITGPIGKECADLWPRIASAANAIV
;
X
22 'polypeptide(L)'
;MMVLKTELCRFSGAKIYPGRGIRFIRSDSQVFLFVNSKCKHYFHNKLKPSKLTWTAMYRKQHKKDIAQEAAKKRRRTTKK
PYSRSIVGATLEVIQKKRTERPEVRDAAREAALREIKERIKKTKDEKKAKKAEVQAKSQKAGGKGNMSKGGASKGPKLGG
GGGKR
;
Y
23 'polypeptide(L)'
;MAPAKVDLTKKKDPKAQAVKAAKAVKSGSTFKKKSSKIRTKVTFHRPKTLKKDRSPKYPRVSAPGRNRLDQYAILKYPLT
TESAMKKIEDNNTLVFIVDIKADKKKIKDAVKKMYDIQIKKVNTLIRPDGTKKAYVRLTPDYDALDVANKIGII
;
Z
24 'polypeptide(L)'
;MKYNPRVSSSRRKSRKAHFTAPSSVRRVLMSAPLSSELRAKYNVRSMPVRKDDEVQVVRGTYKGREGKVVQVYRKKWVIH
IERITREKVNGSTVNVGINPSKVVVSKLRLDKDRRSLLDRKAKGRAAADKDKGTKFTTEEIMQAID
;
a
25 'polypeptide(L)'
;MVKFLKPNKAVILLQGKYAGRKAVIVRAFDEGTRDRPYGHCLVAGISKYPKKVIRKDSAKKQAKKSRVKAFIKLVNYNHI
MPTRYTLDVDLKDVVNADVLQARDKKVTAAKETKARFEERFKTGKNRWFFTKLRF
;
b
26 'polypeptide(L)'
;MTTRFKKNRKKRGHVSAGHGRIGKHRKHPGGRGNAGGMHHHRILFDKYHPGYFGKVGMRYFHKLRNKFYCPTVNIDTLWS
LVPQEVKDKAAANKGTAPLIDVTQFGYFKVLGKGVLPTGQPVVVKAKLISKNAEKKIKENGGAVVLTA
;
c
27 'polypeptide(L)' MAKSKNHTAHNQSYKAHRNGIKKPKSHRHSSTKGMDPKFLRNQRYARKHNKKNGETAAEE d
28 'polypeptide(L)'
;MVAAKKTKKTHESINNRLALVMKSGKYTLGYKTVLKTIRSSKGKLVIIANNCPPLRKSEIEYYAMLAKVGVHHYNGNNVD
LGTACGKYYRVSCLSIIDPGDSDIIKSLPSDQ
;
e
29 'polypeptide(L)'
;MVEKTKGRKEEVVSREYTINLHKRLHGCTFKKKAPTAIKEIRKFAQKAMGTKDVRVDVKLNKQIWSRGIRSVPRRVRVRI
ARKRNDDEDAKEELYSLVTVAEIPAEGLKGLGTKIIEDEE
;
f
30 'polypeptide(L)'
;MAVPLLNKKVVKKRVKRFIRPQSDRRITVKESWRRPKGIDSRVRRKFKGCVLMPNIGYGSDKKTRHYLPNGFKKFVVHNA
SELEILMMHNRTYCAEIAHNVSTRKRKEIVERAAQLDVVITNKLARLHSQEDE
;
g
31 'polypeptide(L)'
;MVKGRQGERIRLYVRGTVLGYKRSKSNQYPNTSLIQIEGVNTKEEVDWYLGKRLGYIYKAKTKKNNSHYRCIWGKVCRPH
GNSGVVRAKFKSNLPPKSMGAKVRVFMYPSNI
;
h
32 'polypeptide(L)'
;MVQRLTYRKRHSYATKSNQHRVVKTPGGKLIYQTTKKRANGPKCPVTGKRIQGIPHLRPAEYKRSRLSRNRRTVNRAYGG
VLSGSAVRERIIRAFLVEEQKIVKKVLKIQKAKEKLASKS
;
i
33 'polypeptide(L)'
;MARIKVHELRNKSKTELLAQLKDLKAELALLRVAKVTGGAPNKLSKIKVVRLSIAQVLTVISQKQKAALREVYKNKKYLP
LDLRPKKTRAIRKRLTKHQSSLKTEREKKKEMYFPLRKYAIKV
;
j
34 'polypeptide(L)'
;MAPKQPNTGISVGLNKGHVVTKKELAPRPSDRKGKTSKRIHFVRSLIREVAGFAPYEKRITELLKVGKDKRALKVAKRKL
GTHKRAKKKREEMSSVLRKMRATGGGEKKK
;
k
35 'polypeptide(L)'
;MGKGTGSFGKRRNKTHTLCVRCGRRSFHLQKSRCSACAYPAARLRSYNWSVKAIRRKTTGTGRMRYLRNVPRRFKTNFRE
GTEAAPRKKGTAASA
;
l
36 'polypeptide(L)' MPKQIHEIKDFLLTARRKDARTVKIKKNKDMVKFKVRCSKYLYTLCVSDFEKADKLKQSLPPGLSVQDL m
37 'polypeptide(L)' MPSHKSFMIKKKLAKKQRQNRPIPYWIRMRTDNTIRYNAKRRHWRRTKLGF n
38 'polypeptide(L)'
;MQIFVKTLTGKTITLEVESSDTIDNVKAKIQDKEGIPPDQQRLIFAGKQLEDGRTLADYNIQKESTLHLVLRLRGGIIEP
SLMALARKYNQEKMICRKCYARLHPRAVNCRKRKCGHSNQLRPKKKIK
;
o
39 'polypeptide(L)'
;MVNVPKTKKTYCKSKECKKHTLHKVTQYKKGKDSLAAQGKRRYDRKQSGYGGQTKPVFHKKAKTTKKIVLRLQCQGCKHV
SQHPIKRCKHFEIGGDKKGKGTSLF
;
p
40 'polypeptide(L)'
;MTKRTKKAGIVGKYGTRYGASLRKQIKKMEVSQHSKYFCEFCGKYAVKRKAVGIWGCKDCGKVKAGGAYTLNTASAVTVR
STIRRLREQTES
;
q
41 'polypeptide(L)'
;M(THC)TVPGQLVWEIVKKNNSFLVKEFGNGTAGVVFSKEPNNLYNLHSYKHSGLANKKTVTIQPDGKDKSVLLATSKTK
KQNKPSRLLNKSVMKKEFSRMAKAVTNQVGDNYYRPDLKKAALARLSAVHRSLKVTKSGAKKRNRQA
;
r
42 'polyribonucleotide' CA s
43 'polyribonucleotide'
;GCGACCCCAGGUCAGGCGGGAUUACCCGCUGAGU(PSU)UAAGCAUA(OMU)CAA(OMU)AAGCGGAGGAAAAGAAACU
(PSU)ACAAGGAUUCCCCUAGUAACGGCGAGCGAACCGGGAACAGCCCAGCCUUAGAAUCGGGCGGCUCCGUCGUCCGAA
(OMU)UGUAGUCUGGAGAAGCGUCCUCAGCGGCGGACCGGGCCCAAGUCCCCUGGAAGGGGGCGCCGGAGAGGGUGAGAG
CCCCGUCGUGCCCGGACCCUGUCGCACCACGAGGCGCUGUCUACGAGUCGGGUUGUUUGGGAAUGCAGCCCAAAUCGGGC
GGUGAAUUCCGUCCAAGGCUAAAUACUGGCGAGAGACCGAUAGCGAACAAGUACCGCGAGGGAAAGAUG(A2M)AAAGGA
CU(PSU)UGAAAAGAGAGUCAAAGAGU(OMG)CUUGAAAUUGUCGGGAGGGAAGCGGAUGGGGGCCGGCGAUGCGCCCCG
GUCGGAUGUGGAACGGCGACGAGCCGGUCCGCCGAUCGACUCGGGGCGUGGACCAGCGUGGAUUGGGGGGGCGGCCAAAG
CCCGGGCUCUCGAUACGCCCGUGGAACGCCGUCUCCCCGAUUGUGGAAGGCAGCGCGCGCCUCCGGCGUGCUUCGGCAUC
UGCGCGCUCCGGACGCUGGCCUGUGGGCUCCCCAUUCGACCCGUCUUG(1MA)AAC(A2M)CGGACCAAGGAGU(OMC)
(OMU)GACAUGUGUGCGAGUCAACGGGCGAGUAAACCCGUAAGGCGUAAGGAAGCUGAUUGGUGGGAUCCCCCUGAGGGG
UGCACCGCCGACCGACCUUGAUCUUCUGAGAAGGGUUCGAGUGUGAGCAUACC(OMU)GUCGGGACCC(OMG)A(A2M)A
GAUGGUGA(A2M)C(PSU)AUGCCUGAGCGGGGCGAAGCCAGAGGAAACUCUGGUGGAGGCCCGCAGCGAUACUG(A2M)
CGUGCAAA(PSU)CGUUCGUCUGACUUGGGUAUAG(OMG)GGCGAAAGACUAAUCGAACCGUCUAGU(A2M)GCUGGUUC
CCUCCGAAGUUUCCC(PSU)CAGGAUAGCUGGAGCUCGCGUGCGAGUUCUA(PSU)CGGGUAAAGCCAA(PSU)GAUUAG
AGGCCUCGGGGGCGCAACGCCCUCGACCUAU(PSU)CUCAAACUU(PSU)AAA(OMU)AGGUAGGACGGCGCGGCUGCUU
UGUUGAGCCGCGCCACGGAAUCAAGAGCUCCAAGUGGGCCAU(PSU)(PSU)(PSU)UGGUAAGC(A2M)GAACUGGCGA
UGCGGGAUGAACCGGAAGCCGGGUUACGGUGCCAAACUGCGCGCUAACCUAGAUCCCACAAAGGGUGUUGGUCGA(PSU)
UAAGACAGCAGGACGGUGGUCAUGGAAGUCGAAAUCCGCUAAGGAGUGUGUAACAACUCACCUGCCGAAUCAACUAGCCC
CGAAAAUGGAUGGCGCUUAAGCGCGCGACCUACACCCGGCCGUCGGGGCAAGUGCCAGGCCCCGAUG(A2M)GUAGGAGG
GCGCGGCGGUCGCUGCAAAACCUUGGGCGCGAGCCUGGGCGGAGCGGCCGUCGGUGCAGAU(OMC)UUGGUGGUAGU
(A2M)(OMG)CAAAUAUUCAAA(PSU)GAGAA(OMC)U(PSU)UGAAGGCCGAAGAGGGGAAAGGUUCCAUGUGAACGGC
ACUUGCACAUGGGUUAG(OMU)CGAUCCUAAGGGUCGGGGGAACCCCGACAGAUAGCGCGUUUCGCGCGUACUCCGAAAG
GGAAUCGGGUUAAAAUUCCUGAACCGGGACGUGGCGGUUGACGGCAACGUUAGGAAGUCCGGAGACGUCGGCGGGAGCCU
CGGGAAGAGUUAUCUUUUCUGUUUAACAGCCUGCCCACCCUGGAAUCGGCUCAGCCGGAGGUAGGGUCCAGCGGCUGGAA
GAGCACCGCACGUCGCGUGGUGUCCGGUGCGCUCCCGGCGGCCCUUGAAAAUCCGGAGGACCGAAUGCCGUCCACGCCCG
GUCGUACUCAUAA(OMC)CG(OMC)AUCA(OMG)GUCU(OMC)CAAGGUGAACAGCCUCUGGUCGAUGGAACAA(OMU)G
UAGGCAAGGGAAG(PSU)CGGCAAAAUGGAUCCGUAACUUCGGGAAAAGGAUUGGCUCUGAGGGCUGGGCACGGGGGUCC
CAGUCCCGAACCCGUCGGCUGUCGGUGGACUGCUCGAGCUGCUCCCGCGGCGAGAGCGGGUCGCCGCGUGCCGGCCGGGG
GACGGACUGGGAACGGUUCCUUCGGGGGCCUUCCCCGGGCGUCGAACAGCCAACUCAGAACUGG(OMU)ACGGACAAG
(OMG)(OMG)G(A2M)AUCCGAC(PSU)G(PSU)UUAAUUAAAACAAAGCAUUGCGAUGGUCCCAACGGAUGUUUACGCA
AUGUGAUU(PSU)CUGCC(OMC)AGUGCUCUGAAUG(PSU)CAAAGUGA(A2M)GAAA(PSU)UCAACCAAGC(OMG)CG
GGUAAACGGCGGGAG(PSU)A(A2M)C(PSU)A(PSU)GAC(PSU)C(PSU)CUUAAGGUAGC(5MC)AA(A2M)UGCCU
C(OMG)UCAU(OMC)UAAUUAGUGACGCGCAUGAA(PSU)GGA(PSU)UA(A2M)CGAG(A2M)UUCCCACUGU(OMC)C
CUGUCUAC(OMU)A(PSU)CCAGCGAAACCACAG(OMC)CAAGGGAACGGGCUUGGCAGAAUCA(OMG)CGG(OMG)GAA
AGAAGACCCU(OMG)(OMU)UGAGC(PSU)UGAC(OMU)CUAGUCCGAC(PSU)UUGUGAAAUGACUUGAGAGGUGUAGU
AUAAGUGGGAGCCGAAAGGCGAAAGUGAAAUACCACUACUUUUAACGUUAUUUUACUUA(PSU)UCCGUGAAUCGGAAGC
GGGGCACUGCCCCUCUUUUUGGACCCAAGGCUCGCUUCGCGGGCCGAUCCGGGCGGAAGACAUUGUCAGGUGGGGAGUU
(PSU)GGCUG(OMG)GGCGGCACAUCUGUUAAAAG(A2M)UAACGCAGG(OMU)(OMG)UCCUAAGAUGAGCUCAACGAG
AACAGAAAU(OMC)UCGUGUGGAACAGAAGGGUAAAAGCUCGU(PSU)UGAU(OMU)CUGAUUUCCAG(OMU)ACGAA
(OMU)ACGAACCG(PSU)GAAAGCGUGGCCUAACGAUCCUUUAGACCUUCGGAAUUCGAAGCUA(OMG)A(OMG)GUGUC
AGAAAAGUUACCACAG(OMG)GAUAACUGGC(PSU)UGUGGCAGC(OMC)AAGCGU(PSU)CAUAGCGACG(PSU)UGCU
UUUUGA(PSU)CCUU(5MC)GAUGUCGG(OMC)(PSU)CU(OMU)CCUAUCAUUG(PSU)GAAGCAGAAUUCACCA
(A2M)GUGUU(OMG)GAU(OMU)(OMG)(PSU)UCACCCACCAAUAGGGAACG(PSU)G(A2M)G(OMC)UGGG(UR3)U
(PSU)AGA(OMC)CGUCGUGAGACAGGU(PSU)AGUUUUACCCUACUGA(PSU)GACAGUGUCGCAAUAGUAAUUCAACC
UAGUACGAGAGGAACCGUUGAUUCACACAAUUGGCCAUCGCGCUUGGUUGAAAAGCCAGUGGCGCGAAGCUACCGUGUGC
UGGAUUAUGAC(PSU)GAACGCCUCUAAGUCAGAAUCCGGGCUAGAAGCGACGCAUGCGCCCGCCGUCCGCUUGCCGACC
CGCAGUAGGGGCCUUUGGCCCCCAAGGGCACGUGUCGUUGGCUAAGUCGCCGCGACGGAAGCGUCGCGGUGACCGCCUUG
AAGUACAAUUUCCAUCGAGCGGCGGGUAGAAUCCUUUGCAGACGAC(OMU)UAAAUACGCGACGGGGUAUUGUAAGUGGC
AGAGUGGCCUUGCUGCCACGAUCCACUGAGAUUCAGCCCUUUGUCGCUCCGAUUCGU
;
2
44 'polyribonucleotide'
;GGAUGCGAUCAUACCAGCACUAACGCACCGGAUCCCAUCAGAACUCCGAAGUUAAGCGUGCUUGGGCGAGAGUAGUACUA
GGAUGGGUGACCCCCUGGGAAGUCCUCGUGUUGCAUCCCU
;
5
45 'polyribonucleotide'
;ACAAACGACUCUCGGCAACGGA(PSU)AUCUCGGCUCUCGCAUCGAUGAAG(A2M)ACGUAGCGAAAUGCGAUACUUGGU
GUGAAU(PSU)(OMG)CAGAAUCCCGUGAACCAUCGAGUCUUUGAACGCAAGUUGCGCCCGAAGCCAUUUGGCCGAGGGC
ACGUCUGCCUGGGCGUCACGC
;
8
#
loop_
_chem_comp.id
_chem_comp.type
_chem_comp.name
_chem_comp.formula
1MA RNA linking 6-HYDRO-1-METHYLADENOSINE-5'-MONOPHOSPHATE 'C11 H16 N5 O7 P'
5MC RNA linking 5-METHYLCYTIDINE-5'-MONOPHOSPHATE 'C10 H16 N3 O8 P'
A RNA linking ADENOSINE-5'-MONOPHOSPHATE 'C10 H14 N5 O7 P'
A2M RNA linking '2'-O-methyladenosine 5'-(dihydrogen phosphate)' 'C11 H16 N5 O7 P'
C RNA linking CYTIDINE-5'-MONOPHOSPHATE 'C9 H14 N3 O8 P'
G RNA linking GUANOSINE-5'-MONOPHOSPHATE 'C10 H14 N5 O8 P'
K non-polymer 'POTASSIUM ION' 'K 1'
MG non-polymer 'MAGNESIUM ION' 'Mg 2'
OMC RNA linking O2'-METHYLYCYTIDINE-5'-MONOPHOSPHATE 'C10 H16 N3 O8 P'
OMG RNA linking O2'-METHYLGUANOSINE-5'-MONOPHOSPHATE 'C11 H16 N5 O8 P'
OMU RNA linking 'O2'-METHYLURIDINE 5'-MONOPHOSPHATE' 'C10 H15 N2 O9 P'
PSU RNA linking PSEUDOURIDINE-5'-MONOPHOSPHATE 'C9 H13 N2 O9 P'
SPD non-polymer SPERMIDINE 'C7 H19 N3'
SPM non-polymer SPERMINE 'C10 H26 N4'
U RNA linking URIDINE-5'-MONOPHOSPHATE 'C9 H13 N2 O9 P'
UR3 RNA linking 3-METHYLURIDINE-5'-MONOPHOSHATE 'C10 H15 N2 O9 P'
ZN non-polymer 'ZINC ION' 'Zn 2'
#
# COMPACT_ATOMS: atom_id res chain seq x y z
N GLY A 2 -17.65 22.95 20.85
CA GLY A 2 -17.43 23.53 22.17
C GLY A 2 -17.89 22.62 23.29
N ARG A 3 -17.62 23.03 24.52
CA ARG A 3 -18.06 22.30 25.70
C ARG A 3 -18.82 23.23 26.63
N VAL A 4 -19.41 22.66 27.67
CA VAL A 4 -20.17 23.44 28.64
C VAL A 4 -19.22 24.39 29.35
N ILE A 5 -19.53 25.69 29.32
CA ILE A 5 -18.67 26.69 29.91
C ILE A 5 -18.86 26.68 31.42
N ARG A 6 -17.96 27.36 32.14
CA ARG A 6 -18.01 27.35 33.60
C ARG A 6 -19.34 27.88 34.13
N ALA A 7 -19.82 28.98 33.56
CA ALA A 7 -21.08 29.57 34.04
C ALA A 7 -22.23 28.57 33.98
N GLN A 8 -22.23 27.69 32.98
CA GLN A 8 -23.31 26.71 32.85
C GLN A 8 -23.19 25.58 33.86
N ARG A 9 -21.97 25.22 34.27
CA ARG A 9 -21.80 24.07 35.15
C ARG A 9 -22.25 24.36 36.58
N LYS A 10 -22.43 25.63 36.94
CA LYS A 10 -22.81 25.95 38.32
C LYS A 10 -24.25 25.53 38.62
N GLY A 11 -25.15 25.59 37.64
CA GLY A 11 -26.55 25.31 37.91
C GLY A 11 -26.81 23.88 38.31
N ALA A 12 -25.96 22.95 37.91
CA ALA A 12 -26.15 21.54 38.22
C ALA A 12 -25.88 21.21 39.68
N GLY A 13 -25.35 22.14 40.45
CA GLY A 13 -24.99 21.87 41.85
C GLY A 13 -23.59 21.27 41.97
N SER A 14 -23.54 20.00 42.35
CA SER A 14 -22.26 19.28 42.47
C SER A 14 -21.24 20.08 43.28
N VAL A 15 -20.10 20.42 42.69
CA VAL A 15 -19.03 21.09 43.42
C VAL A 15 -19.29 22.57 43.62
N PHE A 16 -20.44 23.09 43.16
CA PHE A 16 -20.76 24.50 43.30
C PHE A 16 -21.84 24.76 44.34
N LYS A 17 -22.21 23.76 45.13
CA LYS A 17 -23.18 23.96 46.18
C LYS A 17 -22.59 24.80 47.32
N SER A 18 -23.46 25.45 48.07
CA SER A 18 -23.04 26.30 49.16
C SER A 18 -22.41 25.48 50.29
N HIS A 19 -21.33 26.00 50.87
CA HIS A 19 -20.66 25.37 51.99
C HIS A 19 -21.36 25.82 53.27
N THR A 20 -22.17 24.94 53.85
CA THR A 20 -23.06 25.30 54.96
C THR A 20 -22.88 24.38 56.17
N HIS A 21 -21.76 23.65 56.26
CA HIS A 21 -21.63 22.66 57.32
C HIS A 21 -21.65 23.29 58.71
N HIS A 22 -20.97 24.42 58.88
CA HIS A 22 -20.81 25.04 60.19
C HIS A 22 -21.77 26.20 60.42
N ARG A 23 -22.79 26.36 59.58
CA ARG A 23 -23.72 27.46 59.74
C ARG A 23 -24.71 27.17 60.87
N LYS A 24 -25.09 28.22 61.59
CA LYS A 24 -25.89 28.08 62.80
C LYS A 24 -27.38 27.95 62.54
N GLY A 25 -27.82 28.05 61.29
CA GLY A 25 -29.22 27.96 60.96
C GLY A 25 -29.75 29.23 60.35
N PRO A 26 -30.96 29.19 59.83
CA PRO A 26 -31.54 30.39 59.22
C PRO A 26 -31.86 31.45 60.26
N ALA A 27 -31.53 32.70 59.93
CA ALA A 27 -31.80 33.84 60.79
C ALA A 27 -33.06 34.54 60.32
N ARG A 28 -34.07 34.62 61.20
CA ARG A 28 -35.38 35.11 60.81
C ARG A 28 -36.16 35.53 62.04
N PHE A 29 -37.19 36.32 61.81
CA PHE A 29 -38.09 36.73 62.88
C PHE A 29 -38.89 35.54 63.38
N ARG A 30 -39.57 35.73 64.52
CA ARG A 30 -40.56 34.78 64.97
C ARG A 30 -41.65 34.64 63.91
N THR A 31 -42.37 33.53 63.96
CA THR A 31 -43.56 33.38 63.13
C THR A 31 -44.64 34.32 63.62
N LEU A 32 -45.24 35.07 62.70
CA LEU A 32 -46.27 36.03 63.08
C LEU A 32 -47.42 35.32 63.78
N ASP A 33 -47.81 35.84 64.94
CA ASP A 33 -48.84 35.24 65.76
C ASP A 33 -49.69 36.35 66.36
N PHE A 34 -50.66 35.95 67.21
CA PHE A 34 -51.57 36.91 67.80
C PHE A 34 -50.83 37.93 68.65
N GLY A 35 -49.83 37.49 69.42
CA GLY A 35 -49.13 38.39 70.32
C GLY A 35 -48.49 39.55 69.60
N GLU A 36 -47.80 39.27 68.49
CA GLU A 36 -47.14 40.34 67.74
C GLU A 36 -48.11 41.17 66.92
N ARG A 37 -49.23 40.58 66.48
CA ARG A 37 -50.18 41.33 65.68
C ARG A 37 -50.90 42.39 66.50
N ASN A 38 -51.17 42.12 67.77
CA ASN A 38 -51.98 43.00 68.61
C ASN A 38 -51.18 43.73 69.67
N GLY A 39 -50.36 43.01 70.44
CA GLY A 39 -49.60 43.62 71.52
C GLY A 39 -48.11 43.55 71.31
N TYR A 40 -47.39 43.04 72.31
CA TYR A 40 -45.95 42.84 72.18
C TYR A 40 -45.54 41.65 73.02
N LEU A 41 -44.42 41.03 72.62
CA LEU A 41 -43.85 39.90 73.34
C LEU A 41 -42.40 40.21 73.66
N LYS A 42 -42.00 39.96 74.89
CA LYS A 42 -40.65 40.28 75.35
C LYS A 42 -39.73 39.09 75.14
N GLY A 43 -38.54 39.37 74.61
CA GLY A 43 -37.50 38.37 74.51
C GLY A 43 -36.22 38.90 75.12
N VAL A 44 -35.28 37.98 75.35
CA VAL A 44 -34.00 38.28 75.97
C VAL A 44 -32.89 37.75 75.07
N ILE A 45 -31.89 38.59 74.81
CA ILE A 45 -30.73 38.18 74.02
C ILE A 45 -29.79 37.38 74.92
N THR A 46 -29.46 36.17 74.51
CA THR A 46 -28.59 35.30 75.28
C THR A 46 -27.14 35.32 74.82
N GLU A 47 -26.90 35.41 73.51
CA GLU A 47 -25.53 35.48 73.03
C GLU A 47 -25.52 36.03 71.61
N VAL A 48 -24.44 36.72 71.27
CA VAL A 48 -24.19 37.24 69.93
C VAL A 48 -23.09 36.38 69.32
N ILE A 49 -23.42 35.70 68.22
CA ILE A 49 -22.55 34.67 67.67
C ILE A 49 -22.15 35.02 66.24
N HIS A 50 -21.09 34.38 65.78
CA HIS A 50 -20.58 34.53 64.43
C HIS A 50 -21.11 33.40 63.57
N ASP A 51 -21.58 33.73 62.38
CA ASP A 51 -22.09 32.72 61.44
C ASP A 51 -21.13 32.61 60.26
N PRO A 52 -20.43 31.49 60.08
CA PRO A 52 -19.47 31.40 58.98
C PRO A 52 -20.11 31.71 57.64
N GLY A 53 -19.42 32.50 56.83
CA GLY A 53 -19.92 32.94 55.55
C GLY A 53 -20.80 34.16 55.60
N ARG A 54 -21.21 34.60 56.78
CA ARG A 54 -22.08 35.76 56.95
C ARG A 54 -21.32 36.82 57.75
N GLY A 55 -21.15 38.00 57.15
CA GLY A 55 -20.47 39.07 57.86
C GLY A 55 -21.23 39.53 59.09
N ALA A 56 -22.53 39.70 58.97
CA ALA A 56 -23.33 40.23 60.07
C ALA A 56 -23.39 39.23 61.22
N PRO A 57 -23.17 39.65 62.46
CA PRO A 57 -23.39 38.74 63.59
C PRO A 57 -24.85 38.42 63.79
N LEU A 58 -25.09 37.30 64.47
CA LEU A 58 -26.43 36.84 64.78
C LEU A 58 -26.66 36.86 66.29
N ALA A 59 -27.91 37.02 66.68
CA ALA A 59 -28.30 37.10 68.08
C ALA A 59 -29.25 35.95 68.40
N ARG A 60 -28.95 35.21 69.47
CA ARG A 60 -29.85 34.18 69.98
C ARG A 60 -30.79 34.81 70.99
N VAL A 61 -32.09 34.68 70.76
CA VAL A 61 -33.10 35.27 71.62
C VAL A 61 -34.01 34.17 72.13
N THR A 62 -34.34 34.23 73.41
CA THR A 62 -35.26 33.29 74.04
C THR A 62 -36.58 34.00 74.32
N PHE A 63 -37.68 33.35 73.94
CA PHE A 63 -39.02 33.87 74.17
C PHE A 63 -39.83 32.86 74.98
N ARG A 64 -40.79 33.38 75.72
CA ARG A 64 -41.78 32.55 76.39
C ARG A 64 -42.88 32.17 75.40
N HIS A 65 -43.12 30.88 75.25
CA HIS A 65 -44.08 30.42 74.26
C HIS A 65 -45.48 30.96 74.62
N PRO A 66 -46.24 31.46 73.64
CA PRO A 66 -47.53 32.08 73.98
C PRO A 66 -48.51 31.16 74.68
N PHE A 67 -48.58 29.88 74.30
CA PHE A 67 -49.57 28.97 74.86
C PHE A 67 -49.03 27.61 75.29
N ARG A 68 -47.74 27.34 75.11
CA ARG A 68 -47.12 26.11 75.55
C ARG A 68 -46.16 26.40 76.70
N TYR A 69 -46.06 25.46 77.62
CA TYR A 69 -45.10 25.56 78.73
C TYR A 69 -43.75 25.08 78.21
N LYS A 70 -42.98 26.01 77.65
CA LYS A 70 -41.65 25.72 77.13
C LYS A 70 -41.04 27.03 76.65
N HIS A 71 -39.73 27.01 76.44
CA HIS A 71 -39.03 28.15 75.87
C HIS A 71 -39.08 28.09 74.35
N GLN A 72 -39.01 29.26 73.73
CA GLN A 72 -39.05 29.39 72.27
C GLN A 72 -37.76 30.07 71.82
N LYS A 73 -36.90 29.31 71.15
CA LYS A 73 -35.60 29.81 70.72
C LYS A 73 -35.71 30.44 69.35
N GLU A 74 -34.97 31.53 69.15
CA GLU A 74 -34.99 32.26 67.88
C GLU A 74 -33.58 32.72 67.55
N LEU A 75 -33.35 32.96 66.26
CA LEU A 75 -32.06 33.42 65.75
C LEU A 75 -32.31 34.63 64.88
N PHE A 76 -31.87 35.80 65.33
CA PHE A 76 -32.09 37.06 64.64
C PHE A 76 -30.77 37.60 64.10
N VAL A 77 -30.86 38.28 62.95
CA VAL A 77 -29.72 39.06 62.47
C VAL A 77 -29.50 40.21 63.44
N ALA A 78 -28.30 40.28 64.02
CA ALA A 78 -28.05 41.24 65.08
C ALA A 78 -28.01 42.66 64.53
N ALA A 79 -28.74 43.56 65.19
CA ALA A 79 -28.68 44.98 64.87
C ALA A 79 -27.54 45.64 65.63
N GLU A 80 -26.97 46.67 65.03
CA GLU A 80 -25.92 47.43 65.68
C GLU A 80 -26.42 47.98 67.01
N GLY A 81 -25.67 47.71 68.08
CA GLY A 81 -26.02 48.15 69.41
C GLY A 81 -26.60 47.07 70.31
N MET A 82 -27.05 45.95 69.74
CA MET A 82 -27.58 44.87 70.56
C MET A 82 -26.51 44.32 71.48
N TYR A 83 -26.94 43.85 72.65
CA TYR A 83 -26.02 43.28 73.63
C TYR A 83 -26.72 42.16 74.38
N THR A 84 -25.91 41.28 74.97
CA THR A 84 -26.45 40.16 75.72
C THR A 84 -27.11 40.64 77.01
N GLY A 85 -28.22 40.00 77.37
CA GLY A 85 -29.02 40.41 78.49
C GLY A 85 -30.04 41.49 78.17
N GLN A 86 -30.00 42.04 76.96
CA GLN A 86 -30.96 43.06 76.56
C GLN A 86 -32.34 42.46 76.34
N PHE A 87 -33.38 43.21 76.69
CA PHE A 87 -34.74 42.81 76.41
C PHE A 87 -35.14 43.32 75.03
N VAL A 88 -35.69 42.42 74.22
CA VAL A 88 -36.13 42.73 72.87
C VAL A 88 -37.63 42.53 72.82
N TYR A 89 -38.33 43.53 72.28
CA TYR A 89 -39.79 43.53 72.22
C TYR A 89 -40.25 43.46 70.77
N CYS A 90 -41.11 42.49 70.47
CA CYS A 90 -41.64 42.29 69.13
C CYS A 90 -43.15 42.39 69.18
N GLY A 91 -43.73 43.20 68.32
CA GLY A 91 -45.16 43.30 68.22
C GLY A 91 -45.58 44.67 67.71
N LYS A 92 -46.91 44.81 67.56
CA LYS A 92 -47.45 46.07 67.06
C LYS A 92 -47.20 47.22 68.03
N LYS A 93 -47.30 46.96 69.33
CA LYS A 93 -47.19 48.00 70.34
C LYS A 93 -45.80 48.08 70.97
N ALA A 94 -44.81 47.46 70.36
CA ALA A 94 -43.43 47.58 70.85
C ALA A 94 -42.92 48.99 70.61
N THR A 95 -42.15 49.50 71.57
CA THR A 95 -41.64 50.86 71.48
C THR A 95 -40.57 50.96 70.39
N LEU A 96 -40.39 52.18 69.91
CA LEU A 96 -39.43 52.47 68.84
C LEU A 96 -38.04 52.58 69.45
N MET A 97 -37.35 51.45 69.55
CA MET A 97 -35.98 51.39 70.07
C MET A 97 -35.17 50.40 69.26
N VAL A 98 -33.86 50.68 69.15
CA VAL A 98 -32.99 49.83 68.36
C VAL A 98 -33.02 48.41 68.91
N GLY A 99 -33.35 47.45 68.04
CA GLY A 99 -33.44 46.05 68.38
C GLY A 99 -34.85 45.51 68.37
N ASN A 100 -35.83 46.34 68.67
CA ASN A 100 -37.22 45.90 68.65
C ASN A 100 -37.69 45.64 67.23
N VAL A 101 -38.65 44.73 67.10
CA VAL A 101 -39.25 44.37 65.81
C VAL A 101 -40.68 44.87 65.80
N LEU A 102 -41.00 45.75 64.86
CA LEU A 102 -42.30 46.38 64.76
C LEU A 102 -42.84 46.24 63.34
N PRO A 103 -44.17 46.24 63.18
CA PRO A 103 -44.74 46.38 61.84
C PRO A 103 -44.48 47.77 61.28
N LEU A 104 -44.31 47.83 59.96
CA LEU A 104 -44.03 49.11 59.32
C LEU A 104 -45.11 50.14 59.61
N ARG A 105 -46.34 49.68 59.87
CA ARG A 105 -47.43 50.61 60.17
C ARG A 105 -47.12 51.45 61.40
N SER A 106 -46.42 50.90 62.37
CA SER A 106 -46.13 51.58 63.62
C SER A 106 -44.79 52.31 63.62
N ILE A 107 -44.07 52.30 62.52
CA ILE A 107 -42.75 52.92 62.42
C ILE A 107 -42.89 54.25 61.70
N PRO A 108 -42.52 55.37 62.31
CA PRO A 108 -42.70 56.67 61.65
C PRO A 108 -41.74 56.85 60.48
N GLU A 109 -42.04 57.85 59.67
CA GLU A 109 -41.23 58.14 58.49
C GLU A 109 -39.83 58.59 58.89
N GLY A 110 -38.84 58.18 58.09
CA GLY A 110 -37.46 58.54 58.35
C GLY A 110 -36.72 57.57 59.24
N ALA A 111 -37.38 56.53 59.75
CA ALA A 111 -36.73 55.58 60.63
C ALA A 111 -35.80 54.66 59.85
N VAL A 112 -34.78 54.16 60.53
CA VAL A 112 -33.83 53.21 59.96
C VAL A 112 -34.21 51.82 60.45
N VAL A 113 -34.40 50.91 59.50
CA VAL A 113 -34.86 49.55 59.80
C VAL A 113 -34.04 48.56 59.00
N CYS A 114 -34.10 47.30 59.43
CA CYS A 114 -33.37 46.23 58.77
C CYS A 114 -34.19 44.94 58.86
N ASN A 115 -33.80 43.97 58.04
CA ASN A 115 -34.50 42.68 57.95
C ASN A 115 -36.00 42.91 57.73
N VAL A 116 -36.31 43.73 56.73
CA VAL A 116 -37.68 44.12 56.46
C VAL A 116 -38.37 43.00 55.68
N GLU A 117 -39.58 42.65 56.09
CA GLU A 117 -40.37 41.65 55.38
C GLU A 117 -40.87 42.22 54.05
N HIS A 118 -40.93 41.34 53.05
CA HIS A 118 -41.57 41.67 51.78
C HIS A 118 -43.04 41.28 51.80
N LYS A 119 -43.34 40.08 52.29
CA LYS A 119 -44.71 39.63 52.49
C LYS A 119 -44.97 39.49 53.98
N VAL A 120 -46.18 39.84 54.40
CA VAL A 120 -46.50 39.80 55.83
C VAL A 120 -46.34 38.38 56.34
N GLY A 121 -45.37 38.18 57.23
CA GLY A 121 -45.11 36.89 57.81
C GLY A 121 -43.99 36.10 57.18
N ASP A 122 -43.34 36.62 56.14
CA ASP A 122 -42.23 35.89 55.51
C ASP A 122 -40.97 35.90 56.36
N ARG A 123 -40.93 36.69 57.43
CA ARG A 123 -39.90 36.64 58.47
C ARG A 123 -38.61 37.34 58.06
N GLY A 124 -38.63 38.20 57.04
CA GLY A 124 -37.52 39.08 56.76
C GLY A 124 -36.69 38.72 55.55
N VAL A 125 -36.62 39.62 54.57
CA VAL A 125 -35.84 39.38 53.35
C VAL A 125 -34.98 40.57 52.93
N PHE A 126 -35.25 41.79 53.38
CA PHE A 126 -34.56 42.99 52.90
C PHE A 126 -33.61 43.51 53.97
N ALA A 127 -32.47 44.06 53.51
CA ALA A 127 -31.52 44.74 54.38
C ALA A 127 -31.06 43.82 55.52
N ARG A 128 -30.36 42.75 55.14
CA ARG A 128 -29.86 41.77 56.08
C ARG A 128 -28.35 41.71 56.18
N CYS A 129 -27.63 42.35 55.26
CA CYS A 129 -26.17 42.28 55.28
C CYS A 129 -25.59 43.32 56.23
N SER A 130 -24.35 43.07 56.65
CA SER A 130 -23.70 43.93 57.62
C SER A 130 -23.64 45.37 57.14
N GLY A 131 -24.03 46.29 58.00
CA GLY A 131 -23.97 47.71 57.70
C GLY A 131 -25.07 48.23 56.80
N ASP A 132 -26.03 47.38 56.41
CA ASP A 132 -27.11 47.78 55.52
C ASP A 132 -28.38 48.03 56.32
N TYR A 133 -29.28 48.80 55.70
CA TYR A 133 -30.52 49.19 56.36
C TYR A 133 -31.49 49.70 55.29
N ALA A 134 -32.74 49.85 55.70
CA ALA A 134 -33.77 50.45 54.87
C ALA A 134 -34.34 51.67 55.58
N ILE A 135 -34.80 52.64 54.80
CA ILE A 135 -35.32 53.90 55.32
C ILE A 135 -36.80 53.97 54.96
N VAL A 136 -37.64 54.17 55.98
CA VAL A 136 -39.07 54.34 55.75
C VAL A 136 -39.31 55.72 55.14
N ILE A 137 -39.98 55.74 53.99
CA ILE A 137 -40.17 56.98 53.23
C ILE A 137 -41.50 57.60 53.60
N SER A 138 -42.60 56.86 53.40
CA SER A 138 -43.92 57.40 53.65
C SER A 138 -44.91 56.25 53.83
N HIS A 139 -46.08 56.59 54.35
CA HIS A 139 -47.17 55.64 54.56
C HIS A 139 -48.36 56.02 53.69
N ASN A 140 -49.13 55.02 53.30
CA ASN A 140 -50.34 55.20 52.48
C ASN A 140 -51.49 54.53 53.21
N PRO A 141 -52.17 55.23 54.11
CA PRO A 141 -53.27 54.61 54.86
C PRO A 141 -54.37 54.06 53.97
N ASP A 142 -54.65 54.72 52.84
CA ASP A 142 -55.73 54.25 51.96
C ASP A 142 -55.41 52.87 51.41
N ASN A 143 -54.23 52.70 50.82
CA ASN A 143 -53.83 51.40 50.28
C ASN A 143 -53.30 50.45 51.34
N GLY A 144 -52.97 50.95 52.53
CA GLY A 144 -52.36 50.11 53.55
C GLY A 144 -50.98 49.65 53.16
N THR A 145 -50.18 50.51 52.54
CA THR A 145 -48.85 50.17 52.07
C THR A 145 -47.86 51.21 52.56
N THR A 146 -46.58 50.85 52.49
CA THR A 146 -45.49 51.71 52.94
C THR A 146 -44.40 51.75 51.87
N ARG A 147 -43.75 52.90 51.78
CA ARG A 147 -42.62 53.10 50.89
C ARG A 147 -41.33 53.08 51.69
N VAL A 148 -40.36 52.26 51.25
CA VAL A 148 -39.06 52.16 51.90
C VAL A 148 -37.99 52.26 50.83
N LYS A 149 -36.82 52.76 51.23
CA LYS A 149 -35.66 52.85 50.35
C LYS A 149 -34.71 51.71 50.71
N LEU A 150 -34.43 50.86 49.72
CA LEU A 150 -33.58 49.70 49.94
C LEU A 150 -32.11 50.08 49.84
N PRO A 151 -31.21 49.20 50.31
CA PRO A 151 -29.78 49.54 50.25
C PRO A 151 -29.28 49.89 48.87
N SER A 152 -29.81 49.27 47.82
CA SER A 152 -29.36 49.57 46.47
C SER A 152 -29.81 50.95 46.01
N GLY A 153 -30.67 51.62 46.76
CA GLY A 153 -31.21 52.90 46.35
C GLY A 153 -32.54 52.84 45.64
N ALA A 154 -33.17 51.67 45.61
CA ALA A 154 -34.47 51.51 44.96
C ALA A 154 -35.60 51.70 45.97
N LYS A 155 -36.69 52.29 45.50
CA LYS A 155 -37.88 52.49 46.32
C LYS A 155 -38.88 51.38 46.03
N LYS A 156 -39.43 50.79 47.08
CA LYS A 156 -40.32 49.65 46.95
C LYS A 156 -41.56 49.85 47.80
N ILE A 157 -42.68 49.32 47.31
CA ILE A 157 -43.95 49.35 48.02
C ILE A 157 -44.11 48.02 48.75
N VAL A 158 -44.37 48.09 50.05
CA VAL A 158 -44.60 46.88 50.85
C VAL A 158 -45.84 47.12 51.71
N PRO A 159 -46.63 46.08 52.01
CA PRO A 159 -47.78 46.28 52.89
C PRO A 159 -47.34 46.73 54.28
N SER A 160 -48.19 47.56 54.89
CA SER A 160 -47.85 48.14 56.19
C SER A 160 -47.73 47.09 57.29
N GLY A 161 -48.27 45.89 57.08
CA GLY A 161 -48.16 44.83 58.07
C GLY A 161 -46.79 44.20 58.14
N CYS A 162 -45.94 44.42 57.13
CA CYS A 162 -44.61 43.83 57.15
C CYS A 162 -43.81 44.29 58.36
N ARG A 163 -43.12 43.35 58.99
CA ARG A 163 -42.34 43.64 60.18
C ARG A 163 -40.92 44.06 59.81
N ALA A 164 -40.27 44.76 60.74
CA ALA A 164 -38.91 45.21 60.54
C ALA A 164 -38.29 45.48 61.90
N MET A 165 -36.98 45.23 62.00
CA MET A 165 -36.23 45.52 63.20
C MET A 165 -35.68 46.93 63.15
N ILE A 166 -35.78 47.65 64.26
CA ILE A 166 -35.31 49.02 64.34
C ILE A 166 -33.80 49.04 64.41
N GLY A 167 -33.17 49.85 63.58
CA GLY A 167 -31.72 49.99 63.54
C GLY A 167 -31.15 49.43 62.25
N GLN A 168 -29.82 49.45 62.19
CA GLN A 168 -29.09 48.92 61.05
C GLN A 168 -28.38 47.63 61.45
N VAL A 169 -28.00 46.84 60.44
CA VAL A 169 -27.34 45.57 60.68
C VAL A 169 -25.94 45.82 61.23
N ALA A 170 -25.58 45.06 62.26
CA ALA A 170 -24.27 45.21 62.89
C ALA A 170 -23.17 44.70 61.95
N GLY A 171 -21.94 45.07 62.28
CA GLY A 171 -20.78 44.65 61.51
C GLY A 171 -20.45 45.51 60.30
N GLY A 172 -20.98 46.73 60.23
CA GLY A 172 -20.76 47.56 59.08
C GLY A 172 -19.31 48.00 58.95
N GLY A 173 -18.94 48.37 57.71
CA GLY A 173 -17.58 48.74 57.40
C GLY A 173 -16.66 47.58 57.09
N ARG A 174 -17.20 46.37 56.95
CA ARG A 174 -16.36 45.20 56.73
C ARG A 174 -15.56 45.31 55.43
N THR A 175 -16.22 45.75 54.35
CA THR A 175 -15.59 45.73 53.03
C THR A 175 -14.57 46.85 52.82
N GLU A 176 -14.46 47.79 53.77
CA GLU A 176 -13.49 48.87 53.62
C GLU A 176 -12.05 48.37 53.77
N LYS A 177 -11.85 47.33 54.57
CA LYS A 177 -10.49 46.82 54.83
C LYS A 177 -9.98 46.04 53.64
N PRO A 178 -8.82 46.39 53.06
CA PRO A 178 -8.29 45.57 51.96
C PRO A 178 -7.86 44.20 52.43
N MET A 179 -8.02 43.21 51.55
CA MET A 179 -7.66 41.84 51.86
C MET A 179 -6.15 41.63 51.81
N LEU A 180 -5.48 42.26 50.84
CA LEU A 180 -4.03 42.28 50.70
C LEU A 180 -3.42 40.97 50.19
N LYS A 181 -4.19 39.89 50.19
CA LYS A 181 -3.60 38.58 49.96
C LYS A 181 -4.60 37.66 49.29
N ALA A 182 -4.09 36.82 48.38
CA ALA A 182 -4.92 35.76 47.83
C ALA A 182 -5.40 34.82 48.91
N GLY A 183 -4.55 34.56 49.91
CA GLY A 183 -4.93 33.66 50.98
C GLY A 183 -6.13 34.15 51.77
N ASN A 184 -6.20 35.46 52.03
CA ASN A 184 -7.35 36.00 52.73
C ASN A 184 -8.63 35.79 51.92
N ALA A 185 -8.55 36.01 50.61
CA ALA A 185 -9.70 35.69 49.74
C ALA A 185 -10.00 34.20 49.78
N TYR A 186 -8.96 33.36 49.82
CA TYR A 186 -9.18 31.93 49.91
C TYR A 186 -10.01 31.57 51.13
N HIS A 187 -9.64 32.13 52.29
CA HIS A 187 -10.38 31.82 53.51
C HIS A 187 -11.78 32.41 53.48
N LYS A 188 -11.96 33.58 52.86
CA LYS A 188 -13.29 34.16 52.77
C LYS A 188 -14.24 33.24 52.01
N TYR A 189 -13.84 32.79 50.82
CA TYR A 189 -14.72 31.98 50.00
C TYR A 189 -14.68 30.50 50.37
N ARG A 190 -13.73 30.08 51.21
CA ARG A 190 -13.71 28.69 51.65
C ARG A 190 -15.00 28.33 52.38
N VAL A 191 -15.60 29.29 53.09
CA VAL A 191 -16.81 29.05 53.86
C VAL A 191 -18.06 29.58 53.17
N LYS A 192 -17.96 29.98 51.91
CA LYS A 192 -19.13 30.46 51.16
C LYS A 192 -19.54 29.50 50.06
N ARG A 193 -18.65 29.23 49.09
CA ARG A 193 -18.96 28.38 47.95
C ARG A 193 -17.72 28.32 47.07
N ASN A 194 -17.77 27.46 46.05
CA ASN A 194 -16.63 27.22 45.18
C ASN A 194 -16.69 28.19 44.00
N CYS A 195 -16.30 29.44 44.26
CA CYS A 195 -16.33 30.49 43.25
C CYS A 195 -15.00 31.20 43.06
N TRP A 196 -13.95 30.80 43.76
CA TRP A 196 -12.66 31.49 43.75
C TRP A 196 -11.55 30.45 43.68
N PRO A 197 -10.47 30.69 42.91
CA PRO A 197 -10.21 31.85 42.05
C PRO A 197 -10.98 31.81 40.74
N LYS A 198 -10.98 32.92 40.01
CA LYS A 198 -11.67 33.02 38.73
C LYS A 198 -10.65 33.12 37.60
N VAL A 199 -10.81 32.28 36.59
CA VAL A 199 -9.95 32.31 35.41
C VAL A 199 -10.63 33.15 34.34
N ARG A 200 -9.87 34.05 33.73
CA ARG A 200 -10.42 34.93 32.71
C ARG A 200 -10.76 34.16 31.44
N GLY A 201 -11.90 34.49 30.84
CA GLY A 201 -12.32 33.80 29.63
C GLY A 201 -11.33 33.93 28.50
N VAL A 202 -10.71 35.12 28.36
CA VAL A 202 -9.74 35.34 27.30
C VAL A 202 -8.48 34.50 27.48
N ALA A 203 -8.26 33.92 28.66
CA ALA A 203 -7.13 33.03 28.88
C ALA A 203 -7.43 31.58 28.54
N MET A 204 -8.68 31.27 28.19
CA MET A 204 -9.09 29.91 27.87
C MET A 204 -8.97 29.65 26.37
N ASN A 205 -9.28 28.44 25.96
CA ASN A 205 -9.36 28.09 24.56
C ASN A 205 -10.78 28.30 24.04
N PRO A 206 -10.96 28.41 22.73
CA PRO A 206 -12.30 28.63 22.19
C PRO A 206 -13.31 27.56 22.59
N VAL A 207 -12.86 26.32 22.79
CA VAL A 207 -13.77 25.22 23.06
C VAL A 207 -14.64 25.50 24.29
N GLU A 208 -14.11 26.21 25.28
CA GLU A 208 -14.76 26.35 26.57
C GLU A 208 -15.15 27.78 26.93
N HIS A 209 -14.98 28.75 26.03
CA HIS A 209 -15.46 30.09 26.33
C HIS A 209 -15.55 30.92 25.06
N PRO A 210 -16.58 31.74 24.90
CA PRO A 210 -16.66 32.60 23.70
C PRO A 210 -15.46 33.54 23.55
N HIS A 211 -14.85 33.96 24.66
CA HIS A 211 -13.70 34.86 24.60
C HIS A 211 -12.38 34.15 24.33
N GLY A 212 -12.37 32.81 24.28
CA GLY A 212 -11.12 32.09 24.17
C GLY A 212 -10.50 32.17 22.79
N GLY A 213 -9.22 31.82 22.73
CA GLY A 213 -8.51 31.68 21.47
C GLY A 213 -7.86 32.96 20.99
N GLY A 214 -7.27 32.86 19.82
CA GLY A 214 -6.57 33.97 19.17
C GLY A 214 -5.10 34.01 19.50
N ASN A 215 -4.32 34.53 18.56
CA ASN A 215 -2.88 34.68 18.77
C ASN A 215 -2.54 35.83 19.69
N HIS A 216 -3.53 36.64 20.08
CA HIS A 216 -3.42 37.59 21.17
C HIS A 216 -4.62 37.41 22.08
N GLN A 217 -4.43 37.72 23.36
CA GLN A 217 -5.56 37.71 24.29
C GLN A 217 -6.43 38.94 24.03
N HIS A 218 -7.63 38.71 23.53
CA HIS A 218 -8.58 39.78 23.24
C HIS A 218 -9.94 39.15 23.01
N ILE A 219 -10.98 39.93 23.27
CA ILE A 219 -12.34 39.40 23.18
C ILE A 219 -12.72 39.14 21.72
N GLY A 220 -12.42 40.08 20.83
CA GLY A 220 -12.70 39.92 19.42
C GLY A 220 -14.10 40.29 18.99
N HIS A 221 -15.01 40.48 19.93
CA HIS A 221 -16.36 40.95 19.63
C HIS A 221 -16.88 41.66 20.87
N ALA A 222 -17.91 42.48 20.68
CA ALA A 222 -18.45 43.27 21.78
C ALA A 222 -18.77 42.37 22.96
N SER A 223 -18.23 42.73 24.13
CA SER A 223 -18.48 41.96 25.34
C SER A 223 -19.90 42.16 25.87
N THR A 224 -20.64 43.13 25.36
CA THR A 224 -22.02 43.33 25.75
C THR A 224 -22.90 42.36 24.98
N VAL A 225 -23.62 41.50 25.69
CA VAL A 225 -24.48 40.49 25.09
C VAL A 225 -25.93 40.80 25.45
N ARG A 226 -26.83 40.43 24.55
CA ARG A 226 -28.24 40.76 24.70
C ARG A 226 -28.88 39.92 25.81
N ARG A 227 -30.05 40.38 26.26
CA ARG A 227 -30.75 39.71 27.36
C ARG A 227 -31.16 38.30 26.99
N ASP A 228 -31.60 38.09 25.75
CA ASP A 228 -32.18 36.83 25.32
C ASP A 228 -31.14 35.82 24.83
N ALA A 229 -29.86 36.11 24.97
CA ALA A 229 -28.85 35.16 24.54
C ALA A 229 -28.98 33.85 25.31
N PRO A 230 -28.83 32.70 24.65
CA PRO A 230 -29.02 31.42 25.34
C PRO A 230 -27.86 31.13 26.28
N PRO A 231 -28.06 30.23 27.26
CA PRO A 231 -26.95 29.86 28.14
C PRO A 231 -25.78 29.28 27.34
N GLY A 232 -24.58 29.65 27.75
CA GLY A 232 -23.36 29.31 27.04
C GLY A 232 -22.89 30.39 26.09
N GLN A 233 -23.82 31.23 25.63
CA GLN A 233 -23.48 32.41 24.84
C GLN A 233 -23.52 33.69 25.66
N LYS A 234 -24.25 33.69 26.77
CA LYS A 234 -24.44 34.89 27.59
C LYS A 234 -23.28 35.02 28.59
N VAL A 235 -22.19 35.60 28.10
CA VAL A 235 -21.02 35.90 28.93
C VAL A 235 -20.64 37.35 28.69
N GLY A 236 -19.93 37.92 29.66
CA GLY A 236 -19.53 39.31 29.58
C GLY A 236 -20.52 40.24 30.25
N LEU A 237 -20.73 41.41 29.66
CA LEU A 237 -21.63 42.42 30.23
C LEU A 237 -23.03 42.16 29.70
N ILE A 238 -23.88 41.59 30.55
CA ILE A 238 -25.19 41.11 30.13
C ILE A 238 -26.17 42.28 30.06
N ALA A 239 -26.74 42.50 28.88
CA ALA A 239 -27.79 43.51 28.68
C ALA A 239 -27.35 44.88 29.20
N ALA A 240 -26.09 45.23 28.93
CA ALA A 240 -25.53 46.47 29.44
C ALA A 240 -26.21 47.66 28.77
N ARG A 241 -26.82 48.53 29.59
CA ARG A 241 -27.37 49.77 29.06
C ARG A 241 -26.26 50.73 28.66
N ARG A 242 -25.10 50.62 29.29
CA ARG A 242 -23.95 51.45 28.99
C ARG A 242 -22.70 50.73 29.50
N THR A 243 -21.55 51.27 29.14
CA THR A 243 -20.26 50.74 29.58
C THR A 243 -19.32 51.90 29.86
N GLY A 244 -18.13 51.57 30.35
CA GLY A 244 -17.12 52.58 30.62
C GLY A 244 -17.28 53.21 31.99
N ARG A 245 -16.33 54.07 32.32
CA ARG A 245 -16.29 54.70 33.63
C ARG A 245 -17.56 55.49 33.88
N LEU A 246 -18.13 55.32 35.08
CA LEU A 246 -19.36 56.01 35.46
C LEU A 246 -18.99 57.38 36.00
N ARG A 247 -19.13 58.40 35.15
CA ARG A 247 -18.84 59.78 35.50
C ARG A 247 -20.14 60.59 35.51
N GLY A 248 -20.12 61.69 36.26
CA GLY A 248 -21.25 62.59 36.28
C GLY A 248 -22.45 61.97 36.96
N GLN A 249 -23.64 62.28 36.42
CA GLN A 249 -24.89 61.81 37.01
C GLN A 249 -25.03 60.29 36.94
N ALA A 250 -24.27 59.63 36.07
CA ALA A 250 -24.41 58.19 35.91
C ALA A 250 -24.07 57.46 37.21
N ARG A 251 -23.03 57.92 37.92
CA ARG A 251 -22.60 57.28 39.15
C ARG A 251 -23.41 57.71 40.37
N ALA A 252 -24.57 58.31 40.16
CA ALA A 252 -25.40 58.77 41.27
C ALA A 252 -26.12 57.59 41.93
N ILE B 7 -46.57 -58.88 -37.60
CA ILE B 7 -46.34 -57.98 -36.48
C ILE B 7 -45.47 -58.69 -35.45
N PRO B 8 -44.35 -58.07 -35.05
CA PRO B 8 -43.44 -58.73 -34.12
C PRO B 8 -44.12 -59.01 -32.78
N THR B 9 -43.76 -60.15 -32.20
CA THR B 9 -44.31 -60.58 -30.92
C THR B 9 -43.18 -61.04 -30.00
N THR B 10 -43.43 -60.96 -28.71
CA THR B 10 -42.44 -61.33 -27.69
C THR B 10 -42.94 -62.54 -26.93
N THR B 11 -42.09 -63.57 -26.82
CA THR B 11 -42.45 -64.78 -26.10
C THR B 11 -42.53 -64.49 -24.61
N VAL B 12 -43.49 -65.14 -23.95
CA VAL B 12 -43.68 -65.01 -22.51
C VAL B 12 -43.11 -66.26 -21.86
N GLN B 13 -42.06 -66.08 -21.06
CA GLN B 13 -41.45 -67.20 -20.36
C GLN B 13 -42.39 -67.71 -19.28
N SER B 14 -42.44 -69.03 -19.12
CA SER B 14 -43.30 -69.68 -18.15
C SER B 14 -42.47 -70.22 -16.99
N LEU B 15 -43.04 -70.15 -15.79
CA LEU B 15 -42.41 -70.66 -14.59
C LEU B 15 -42.95 -72.06 -14.28
N GLU B 16 -42.12 -72.85 -13.62
CA GLU B 16 -42.53 -74.20 -13.25
C GLU B 16 -43.75 -74.16 -12.35
N ASN B 17 -44.65 -75.13 -12.52
CA ASN B 17 -45.91 -75.29 -11.80
C ASN B 17 -47.00 -74.37 -12.34
N ASP B 18 -46.73 -73.58 -13.37
CA ASP B 18 -47.75 -72.71 -13.95
C ASP B 18 -48.86 -73.54 -14.61
N SER B 23 -52.44 -68.27 -24.46
CA SER B 23 -51.58 -67.26 -25.08
C SER B 23 -50.16 -67.34 -24.52
N ALA B 24 -49.18 -67.37 -25.42
CA ALA B 24 -47.77 -67.44 -25.03
C ALA B 24 -46.93 -66.34 -25.65
N ALA B 25 -47.52 -65.46 -26.47
CA ALA B 25 -46.79 -64.38 -27.11
C ALA B 25 -47.58 -63.08 -26.96
N VAL B 26 -46.86 -61.96 -26.94
CA VAL B 26 -47.46 -60.64 -26.83
C VAL B 26 -46.88 -59.75 -27.91
N PRO B 27 -47.68 -58.91 -28.57
CA PRO B 27 -47.11 -58.01 -29.58
C PRO B 27 -46.12 -57.03 -28.96
N LEU B 28 -45.10 -56.69 -29.72
CA LEU B 28 -44.06 -55.79 -29.24
C LEU B 28 -44.63 -54.39 -29.10
N PRO B 29 -44.62 -53.77 -27.91
CA PRO B 29 -45.17 -52.42 -27.79
C PRO B 29 -44.35 -51.40 -28.55
N ALA B 30 -45.01 -50.31 -28.96
CA ALA B 30 -44.35 -49.30 -29.77
C ALA B 30 -43.21 -48.63 -29.02
N VAL B 31 -43.30 -48.54 -27.69
CA VAL B 31 -42.26 -47.85 -26.92
C VAL B 31 -40.91 -48.53 -27.10
N MET B 32 -40.91 -49.84 -27.38
CA MET B 32 -39.65 -50.55 -27.57
C MET B 32 -38.92 -50.12 -28.84
N LYS B 33 -39.60 -49.47 -29.77
CA LYS B 33 -39.00 -48.96 -30.99
C LYS B 33 -38.70 -47.46 -30.91
N ALA B 34 -38.81 -46.86 -29.73
CA ALA B 34 -38.56 -45.44 -29.59
C ALA B 34 -37.09 -45.12 -29.85
N PRO B 35 -36.78 -43.88 -30.23
CA PRO B 35 -35.38 -43.53 -30.46
C PRO B 35 -34.54 -43.68 -29.20
N ILE B 36 -33.29 -44.10 -29.38
CA ILE B 36 -32.32 -44.16 -28.30
C ILE B 36 -31.50 -42.88 -28.37
N ARG B 37 -31.62 -42.05 -27.34
CA ARG B 37 -30.96 -40.74 -27.28
C ARG B 37 -30.12 -40.67 -26.01
N PRO B 38 -28.88 -41.16 -26.03
CA PRO B 38 -28.05 -41.08 -24.82
C PRO B 38 -27.81 -39.66 -24.37
N ASP B 39 -27.72 -38.68 -25.28
CA ASP B 39 -27.52 -37.30 -24.87
C ASP B 39 -28.70 -36.79 -24.05
N VAL B 40 -29.93 -37.10 -24.48
CA VAL B 40 -31.10 -36.66 -23.74
C VAL B 40 -31.16 -37.37 -22.39
N VAL B 41 -30.88 -38.67 -22.36
CA VAL B 41 -30.97 -39.43 -21.12
C VAL B 41 -30.00 -38.89 -20.09
N THR B 42 -28.75 -38.64 -20.51
CA THR B 42 -27.75 -38.13 -19.59
C THR B 42 -28.15 -36.76 -19.05
N TYR B 43 -28.62 -35.88 -19.94
CA TYR B 43 -29.00 -34.54 -19.51
C TYR B 43 -30.13 -34.58 -18.49
N VAL B 44 -31.15 -35.40 -18.75
CA VAL B 44 -32.28 -35.50 -17.83
C VAL B 44 -31.85 -36.19 -16.54
N HIS B 45 -31.07 -37.27 -16.64
CA HIS B 45 -30.70 -38.03 -15.45
C HIS B 45 -29.91 -37.18 -14.46
N SER B 46 -28.93 -36.43 -14.95
CA SER B 46 -28.10 -35.63 -14.06
C SER B 46 -28.92 -34.56 -13.35
N ASN B 47 -29.82 -33.89 -14.08
CA ASN B 47 -30.58 -32.80 -13.48
C ASN B 47 -31.60 -33.31 -12.47
N ILE B 48 -32.31 -34.39 -12.78
CA ILE B 48 -33.33 -34.86 -11.85
C ILE B 48 -32.73 -35.55 -10.63
N SER B 49 -31.51 -36.08 -10.74
CA SER B 49 -30.87 -36.69 -9.58
C SER B 49 -30.49 -35.67 -8.52
N LYS B 50 -30.50 -34.38 -8.86
CA LYS B 50 -30.26 -33.34 -7.86
C LYS B 50 -31.47 -33.12 -6.96
N ASN B 51 -32.66 -33.56 -7.38
CA ASN B 51 -33.89 -33.17 -6.70
C ASN B 51 -34.10 -33.86 -5.36
N ALA B 52 -33.35 -34.92 -5.07
CA ALA B 52 -33.43 -35.57 -3.77
C ALA B 52 -32.41 -35.05 -2.77
N ARG B 53 -31.65 -34.02 -3.13
CA ARG B 53 -30.57 -33.53 -2.28
C ARG B 53 -31.10 -32.77 -1.08
N GLN B 54 -30.45 -32.96 0.06
CA GLN B 54 -30.70 -32.14 1.25
C GLN B 54 -29.70 -30.99 1.30
N PRO B 55 -30.13 -29.78 1.66
CA PRO B 55 -29.20 -28.65 1.68
C PRO B 55 -28.17 -28.77 2.79
N TYR B 56 -26.98 -28.23 2.53
CA TYR B 56 -25.94 -28.08 3.54
C TYR B 56 -25.42 -26.66 3.49
N ALA B 57 -25.02 -26.16 4.66
CA ALA B 57 -24.49 -24.81 4.76
C ALA B 57 -23.78 -24.65 6.09
N VAL B 58 -22.73 -23.83 6.10
CA VAL B 58 -22.06 -23.50 7.34
C VAL B 58 -22.94 -22.56 8.16
N SER B 59 -22.62 -22.45 9.45
CA SER B 59 -23.37 -21.56 10.33
C SER B 59 -23.15 -20.11 9.90
N ARG B 60 -24.23 -19.33 9.92
CA ARG B 60 -24.16 -17.94 9.48
C ARG B 60 -23.22 -17.11 10.34
N LYS B 61 -23.08 -17.46 11.62
CA LYS B 61 -22.25 -16.69 12.54
C LYS B 61 -20.82 -17.23 12.66
N ALA B 62 -20.46 -18.26 11.89
CA ALA B 62 -19.16 -18.88 12.04
C ALA B 62 -18.05 -17.90 11.68
N GLY B 63 -17.04 -17.80 12.55
CA GLY B 63 -15.91 -16.94 12.31
C GLY B 63 -16.10 -15.48 12.66
N HIS B 64 -17.29 -15.09 13.09
CA HIS B 64 -17.59 -13.69 13.41
C HIS B 64 -18.04 -13.51 14.86
N GLN B 65 -17.88 -14.51 15.71
CA GLN B 65 -18.22 -14.38 17.13
C GLN B 65 -17.04 -13.75 17.88
N THR B 66 -16.68 -12.54 17.44
CA THR B 66 -15.48 -11.87 17.94
C THR B 66 -15.64 -10.38 17.74
N SER B 67 -15.04 -9.61 18.67
CA SER B 67 -15.01 -8.16 18.59
C SER B 67 -13.67 -7.66 18.03
N ALA B 68 -13.04 -8.46 17.18
CA ALA B 68 -11.70 -8.13 16.69
C ALA B 68 -11.72 -6.88 15.82
N GLU B 69 -10.62 -6.13 15.89
CA GLU B 69 -10.46 -4.91 15.12
C GLU B 69 -9.00 -4.82 14.65
N SER B 70 -8.80 -4.14 13.53
CA SER B 70 -7.46 -3.97 12.99
C SER B 70 -6.62 -3.07 13.90
N TRP B 71 -5.37 -3.45 14.10
CA TRP B 71 -4.44 -2.58 14.81
C TRP B 71 -4.04 -1.38 13.98
N GLY B 72 -4.32 -1.39 12.68
CA GLY B 72 -3.84 -0.33 11.81
C GLY B 72 -2.37 -0.52 11.49
N THR B 73 -1.82 0.46 10.80
CA THR B 73 -0.42 0.42 10.38
C THR B 73 0.46 1.12 11.41
N GLY B 74 1.77 0.94 11.27
CA GLY B 74 2.71 1.51 12.19
C GLY B 74 3.12 0.60 13.33
N ARG B 75 2.79 -0.70 13.26
CA ARG B 75 3.14 -1.64 14.31
C ARG B 75 3.79 -2.90 13.76
N ALA B 76 4.32 -2.84 12.54
CA ALA B 76 5.15 -3.90 11.96
C ALA B 76 4.39 -5.21 11.75
N VAL B 77 3.07 -5.15 11.64
CA VAL B 77 2.24 -6.32 11.39
C VAL B 77 1.22 -5.99 10.31
N SER B 78 0.67 -7.03 9.69
CA SER B 78 -0.35 -6.85 8.69
C SER B 78 -1.59 -6.20 9.31
N ARG B 79 -2.44 -5.63 8.44
CA ARG B 79 -3.58 -4.85 8.87
C ARG B 79 -4.83 -5.68 9.12
N ILE B 80 -4.70 -7.01 9.18
CA ILE B 80 -5.82 -7.91 9.43
C ILE B 80 -6.42 -7.61 10.80
N PRO B 81 -7.73 -7.71 10.99
CA PRO B 81 -8.30 -7.53 12.33
C PRO B 81 -7.77 -8.56 13.31
N ARG B 82 -7.68 -8.17 14.58
CA ARG B 82 -7.06 -9.00 15.60
C ARG B 82 -7.90 -9.00 16.88
N VAL B 83 -7.86 -10.12 17.58
CA VAL B 83 -8.61 -10.27 18.84
C VAL B 83 -8.02 -9.34 19.88
N PRO B 84 -8.84 -8.61 20.65
CA PRO B 84 -8.29 -7.74 21.70
C PRO B 84 -8.01 -8.50 22.99
N GLY B 85 -7.61 -7.78 24.04
CA GLY B 85 -7.43 -8.39 25.34
C GLY B 85 -6.05 -8.98 25.53
N GLY B 86 -5.94 -9.81 26.57
CA GLY B 86 -4.66 -10.42 26.91
C GLY B 86 -4.87 -11.58 27.86
N GLY B 87 -3.75 -12.15 28.29
CA GLY B 87 -3.78 -13.27 29.21
C GLY B 87 -4.18 -14.59 28.61
N THR B 88 -4.19 -14.69 27.28
CA THR B 88 -4.55 -15.92 26.59
C THR B 88 -3.87 -15.90 25.23
N HIS B 89 -3.55 -17.10 24.74
CA HIS B 89 -2.91 -17.21 23.44
C HIS B 89 -3.76 -16.57 22.34
N ARG B 90 -5.09 -16.57 22.50
CA ARG B 90 -5.97 -16.02 21.49
C ARG B 90 -5.76 -14.52 21.30
N ALA B 91 -5.31 -13.82 22.34
CA ALA B 91 -5.15 -12.37 22.24
C ALA B 91 -4.14 -12.00 21.17
N GLY B 92 -4.49 -11.02 20.34
CA GLY B 92 -3.62 -10.54 19.29
C GLY B 92 -3.63 -11.37 18.03
N GLN B 93 -4.39 -12.46 17.98
CA GLN B 93 -4.43 -13.31 16.80
C GLN B 93 -5.34 -12.72 15.74
N GLY B 94 -5.08 -13.08 14.48
CA GLY B 94 -5.90 -12.59 13.39
C GLY B 94 -7.29 -13.22 13.40
N ALA B 95 -8.25 -12.49 12.82
CA ALA B 95 -9.64 -12.93 12.82
C ALA B 95 -10.35 -12.38 11.59
N PHE B 96 -11.53 -12.96 11.32
CA PHE B 96 -12.46 -12.50 10.29
C PHE B 96 -12.01 -12.81 8.87
N GLY B 97 -10.76 -13.23 8.69
CA GLY B 97 -10.21 -13.41 7.35
C GLY B 97 -10.34 -14.85 6.89
N ASN B 98 -10.70 -15.01 5.61
CA ASN B 98 -10.73 -16.34 5.02
C ASN B 98 -9.34 -16.98 5.02
N MET B 99 -8.28 -16.19 5.12
CA MET B 99 -6.93 -16.72 5.23
C MET B 99 -6.48 -16.87 6.68
N CYS B 100 -7.35 -16.61 7.65
CA CYS B 100 -7.00 -16.63 9.06
C CYS B 100 -7.48 -17.93 9.70
N ARG B 101 -6.64 -18.49 10.56
CA ARG B 101 -7.07 -19.61 11.39
C ARG B 101 -8.25 -19.18 12.25
N GLY B 102 -9.30 -19.99 12.24
CA GLY B 102 -10.50 -19.68 13.00
C GLY B 102 -11.36 -18.59 12.41
N GLY B 103 -11.08 -18.16 11.18
CA GLY B 103 -11.83 -17.09 10.55
C GLY B 103 -13.06 -17.59 9.82
N ARG B 104 -13.52 -16.78 8.87
CA ARG B 104 -14.72 -17.05 8.09
C ARG B 104 -14.33 -17.45 6.68
N MET B 105 -14.90 -18.55 6.20
CA MET B 105 -14.58 -19.02 4.85
C MET B 105 -15.03 -18.02 3.80
N PHE B 106 -14.36 -18.03 2.66
CA PHE B 106 -14.77 -17.20 1.53
C PHE B 106 -16.11 -17.67 0.98
N ALA B 107 -16.99 -16.72 0.67
CA ALA B 107 -18.29 -17.00 0.09
C ALA B 107 -18.96 -18.15 0.83
N PRO B 108 -19.34 -17.96 2.10
CA PRO B 108 -19.88 -19.09 2.87
C PRO B 108 -21.09 -19.70 2.19
N THR B 109 -21.16 -21.03 2.23
CA THR B 109 -22.28 -21.74 1.62
C THR B 109 -23.58 -21.36 2.31
N GLN B 110 -24.62 -21.15 1.51
CA GLN B 110 -25.93 -20.75 1.99
C GLN B 110 -26.95 -21.83 1.66
N THR B 111 -27.99 -21.94 2.50
CA THR B 111 -29.02 -22.95 2.26
C THR B 111 -29.86 -22.63 1.04
N TRP B 112 -29.97 -21.36 0.65
CA TRP B 112 -30.79 -20.98 -0.49
C TRP B 112 -30.03 -21.08 -1.81
N ARG B 113 -28.97 -21.88 -1.86
CA ARG B 113 -28.44 -22.35 -3.13
C ARG B 113 -29.55 -23.04 -3.91
N ARG B 114 -29.48 -22.94 -5.23
CA ARG B 114 -30.52 -23.54 -6.09
C ARG B 114 -30.20 -25.02 -6.26
N TRP B 115 -30.71 -25.83 -5.34
CA TRP B 115 -30.40 -27.27 -5.34
C TRP B 115 -31.16 -28.00 -6.43
N HIS B 116 -32.45 -27.71 -6.59
CA HIS B 116 -33.33 -28.51 -7.43
C HIS B 116 -33.35 -28.02 -8.87
N ARG B 117 -33.87 -28.87 -9.75
CA ARG B 117 -34.03 -28.57 -11.17
C ARG B 117 -35.38 -29.10 -11.63
N LYS B 118 -36.06 -28.31 -12.47
CA LYS B 118 -37.33 -28.74 -13.06
C LYS B 118 -37.13 -28.86 -14.58
N ILE B 119 -36.82 -30.07 -15.03
CA ILE B 119 -36.73 -30.36 -16.46
C ILE B 119 -38.14 -30.44 -17.02
N PRO B 120 -38.39 -29.95 -18.23
CA PRO B 120 -39.75 -30.03 -18.79
C PRO B 120 -40.25 -31.47 -18.82
N VAL B 121 -41.54 -31.63 -18.55
CA VAL B 121 -42.13 -32.96 -18.43
C VAL B 121 -41.92 -33.76 -19.71
N ASN B 122 -42.10 -33.11 -20.86
CA ASN B 122 -41.99 -33.84 -22.14
C ASN B 122 -40.58 -34.37 -22.35
N GLN B 123 -39.55 -33.65 -21.86
CA GLN B 123 -38.20 -34.17 -21.96
C GLN B 123 -37.99 -35.36 -21.02
N LYS B 124 -38.60 -35.32 -19.82
CA LYS B 124 -38.47 -36.44 -18.91
C LYS B 124 -39.12 -37.69 -19.49
N ARG B 125 -40.29 -37.53 -20.15
CA ARG B 125 -40.92 -38.67 -20.80
C ARG B 125 -40.09 -39.17 -21.97
N TYR B 126 -39.44 -38.26 -22.69
CA TYR B 126 -38.54 -38.66 -23.77
C TYR B 126 -37.40 -39.51 -23.23
N ALA B 127 -36.81 -39.10 -22.11
CA ALA B 127 -35.70 -39.86 -21.53
C ALA B 127 -36.15 -41.25 -21.10
N VAL B 128 -37.33 -41.36 -20.50
CA VAL B 128 -37.82 -42.65 -20.04
C VAL B 128 -38.05 -43.58 -21.22
N ALA B 129 -38.67 -43.07 -22.30
CA ALA B 129 -38.93 -43.91 -23.46
C ALA B 129 -37.64 -44.44 -24.08
N SER B 130 -36.62 -43.58 -24.16
CA SER B 130 -35.33 -44.04 -24.68
C SER B 130 -34.74 -45.13 -23.80
N ALA B 131 -34.82 -44.97 -22.48
CA ALA B 131 -34.29 -45.98 -21.58
C ALA B 131 -35.04 -47.30 -21.72
N ILE B 132 -36.37 -47.24 -21.83
CA ILE B 132 -37.15 -48.46 -22.01
C ILE B 132 -36.77 -49.15 -23.31
N ALA B 133 -36.61 -48.39 -24.38
CA ALA B 133 -36.21 -48.98 -25.66
C ALA B 133 -34.81 -49.58 -25.59
N ALA B 134 -33.90 -48.93 -24.85
CA ALA B 134 -32.53 -49.44 -24.75
C ALA B 134 -32.48 -50.77 -24.02
N SER B 135 -33.44 -51.02 -23.11
CA SER B 135 -33.42 -52.25 -22.33
C SER B 135 -33.76 -53.48 -23.16
N SER B 136 -34.31 -53.30 -24.36
CA SER B 136 -34.65 -54.42 -25.23
C SER B 136 -33.52 -54.75 -26.22
N VAL B 137 -32.41 -54.03 -26.15
CA VAL B 137 -31.27 -54.25 -27.05
C VAL B 137 -30.22 -55.03 -26.26
N PRO B 138 -29.99 -56.32 -26.56
CA PRO B 138 -29.02 -57.08 -25.76
C PRO B 138 -27.62 -56.49 -25.77
N SER B 139 -27.21 -55.87 -26.89
CA SER B 139 -25.88 -55.27 -26.94
C SER B 139 -25.75 -54.15 -25.92
N LEU B 140 -26.79 -53.32 -25.79
CA LEU B 140 -26.75 -52.23 -24.81
C LEU B 140 -26.80 -52.78 -23.39
N VAL B 141 -27.61 -53.81 -23.15
CA VAL B 141 -27.71 -54.38 -21.81
C VAL B 141 -26.39 -55.00 -21.40
N LEU B 142 -25.74 -55.73 -22.31
CA LEU B 142 -24.41 -56.26 -22.03
C LEU B 142 -23.41 -55.13 -21.84
N ALA B 143 -23.50 -54.08 -22.66
CA ALA B 143 -22.56 -52.97 -22.56
C ALA B 143 -22.64 -52.26 -21.22
N ARG B 144 -23.77 -52.34 -20.53
CA ARG B 144 -23.93 -51.70 -19.24
C ARG B 144 -23.43 -52.56 -18.08
N GLY B 145 -22.94 -53.76 -18.36
CA GLY B 145 -22.36 -54.61 -17.36
C GLY B 145 -23.25 -55.72 -16.84
N HIS B 146 -24.44 -55.91 -17.41
CA HIS B 146 -25.33 -56.97 -16.98
C HIS B 146 -24.92 -58.30 -17.61
N ARG B 147 -25.06 -59.38 -16.84
CA ARG B 147 -24.74 -60.72 -17.30
C ARG B 147 -26.04 -61.38 -17.75
N ILE B 148 -26.32 -61.31 -19.05
CA ILE B 148 -27.55 -61.84 -19.61
C ILE B 148 -27.21 -62.94 -20.63
N GLU B 149 -26.10 -63.64 -20.40
CA GLU B 149 -25.67 -64.68 -21.33
C GLU B 149 -26.62 -65.87 -21.36
N SER B 150 -27.34 -66.13 -20.26
CA SER B 150 -28.27 -67.25 -20.18
C SER B 150 -29.72 -66.82 -20.25
N VAL B 151 -29.98 -65.55 -20.59
CA VAL B 151 -31.37 -65.07 -20.69
C VAL B 151 -32.00 -65.62 -21.95
N PRO B 152 -33.17 -66.24 -21.88
CA PRO B 152 -33.78 -66.82 -23.10
C PRO B 152 -34.06 -65.79 -24.18
N GLU B 153 -34.45 -64.56 -23.83
CA GLU B 153 -34.84 -63.59 -24.84
C GLU B 153 -35.00 -62.22 -24.19
N LEU B 154 -34.76 -61.18 -24.98
CA LEU B 154 -35.03 -59.81 -24.59
C LEU B 154 -36.01 -59.19 -25.59
N PRO B 155 -37.06 -58.50 -25.13
CA PRO B 155 -37.42 -58.25 -23.74
C PRO B 155 -37.84 -59.52 -23.01
N LEU B 156 -37.48 -59.61 -21.74
CA LEU B 156 -37.75 -60.79 -20.93
C LEU B 156 -39.10 -60.62 -20.25
N VAL B 157 -40.09 -61.37 -20.71
CA VAL B 157 -41.46 -61.30 -20.20
C VAL B 157 -41.79 -62.64 -19.54
N VAL B 158 -42.27 -62.59 -18.31
CA VAL B 158 -42.53 -63.78 -17.52
C VAL B 158 -44.01 -63.84 -17.17
N SER B 159 -44.45 -65.03 -16.79
CA SER B 159 -45.86 -65.23 -16.46
C SER B 159 -46.25 -64.41 -15.23
N ASP B 160 -47.51 -64.02 -15.19
CA ASP B 160 -48.03 -63.20 -14.09
C ASP B 160 -48.02 -63.95 -12.76
N SER B 161 -47.84 -65.27 -12.76
CA SER B 161 -47.80 -66.01 -11.51
C SER B 161 -46.66 -65.58 -10.62
N VAL B 162 -45.63 -64.95 -11.18
CA VAL B 162 -44.51 -64.47 -10.38
C VAL B 162 -44.98 -63.41 -9.39
N GLU B 163 -46.07 -62.71 -9.72
CA GLU B 163 -46.57 -61.67 -8.83
C GLU B 163 -47.15 -62.23 -7.53
N GLY B 164 -47.46 -63.53 -7.49
CA GLY B 164 -47.97 -64.17 -6.30
C GLY B 164 -46.92 -64.73 -5.38
N ILE B 165 -45.64 -64.62 -5.73
CA ILE B 165 -44.57 -65.16 -4.88
C ILE B 165 -44.51 -64.35 -3.58
N GLU B 166 -44.41 -65.07 -2.46
CA GLU B 166 -44.39 -64.45 -1.14
C GLU B 166 -43.10 -64.67 -0.37
N LYS B 167 -42.37 -65.75 -0.65
CA LYS B 167 -41.15 -66.08 0.07
C LYS B 167 -39.93 -65.73 -0.78
N THR B 168 -38.89 -65.21 -0.13
CA THR B 168 -37.67 -64.87 -0.84
C THR B 168 -37.02 -66.11 -1.45
N SER B 169 -37.15 -67.27 -0.79
CA SER B 169 -36.58 -68.49 -1.35
C SER B 169 -37.24 -68.84 -2.67
N ASN B 170 -38.57 -68.69 -2.76
CA ASN B 170 -39.26 -68.93 -4.01
C ASN B 170 -38.95 -67.87 -5.05
N ALA B 171 -38.71 -66.63 -4.61
CA ALA B 171 -38.35 -65.57 -5.54
C ALA B 171 -37.04 -65.88 -6.24
N ILE B 172 -36.06 -66.40 -5.50
CA ILE B 172 -34.77 -66.72 -6.10
C ILE B 172 -34.89 -67.86 -7.09
N LYS B 173 -35.74 -68.85 -6.77
CA LYS B 173 -35.95 -69.95 -7.71
C LYS B 173 -36.55 -69.45 -9.01
N ALA B 174 -37.44 -68.45 -8.94
CA ALA B 174 -38.00 -67.87 -10.15
C ALA B 174 -36.91 -67.24 -11.01
N LEU B 175 -35.96 -66.55 -10.39
CA LEU B 175 -34.87 -65.93 -11.14
C LEU B 175 -34.02 -67.00 -11.82
N LYS B 176 -33.78 -68.13 -11.16
CA LYS B 176 -32.99 -69.20 -11.77
C LYS B 176 -33.67 -69.76 -13.00
N GLN B 177 -35.00 -69.95 -12.94
CA GLN B 177 -35.71 -70.55 -14.07
C GLN B 177 -35.62 -69.68 -15.31
N ILE B 178 -35.77 -68.36 -15.16
CA ILE B 178 -35.76 -67.45 -16.30
C ILE B 178 -34.36 -67.04 -16.70
N GLY B 179 -33.33 -67.50 -16.00
CA GLY B 179 -31.97 -67.17 -16.35
C GLY B 179 -31.46 -65.83 -15.85
N ALA B 180 -32.20 -65.18 -14.95
CA ALA B 180 -31.80 -63.90 -14.40
C ALA B 180 -30.96 -64.01 -13.14
N TYR B 181 -30.82 -65.21 -12.58
CA TYR B 181 -30.05 -65.37 -11.35
C TYR B 181 -28.60 -64.93 -11.49
N PRO B 182 -27.88 -65.27 -12.56
CA PRO B 182 -26.46 -64.86 -12.64
C PRO B 182 -26.26 -63.37 -12.46
N ASP B 183 -27.15 -62.54 -13.01
CA ASP B 183 -27.03 -61.10 -12.81
C ASP B 183 -27.28 -60.73 -11.35
N ALA B 184 -28.25 -61.38 -10.71
CA ALA B 184 -28.48 -61.14 -9.29
C ALA B 184 -27.31 -61.63 -8.45
N GLU B 185 -26.70 -62.75 -8.83
CA GLU B 185 -25.52 -63.24 -8.10
C GLU B 185 -24.35 -62.29 -8.23
N LYS B 186 -24.22 -61.61 -9.38
CA LYS B 186 -23.16 -60.62 -9.54
C LYS B 186 -23.29 -59.51 -8.52
N ALA B 187 -24.52 -59.03 -8.28
CA ALA B 187 -24.71 -57.92 -7.35
C ALA B 187 -24.29 -58.31 -5.94
N LYS B 188 -24.66 -59.50 -5.49
CA LYS B 188 -24.29 -59.92 -4.13
C LYS B 188 -22.79 -60.08 -3.98
N ASP B 189 -22.12 -60.64 -5.00
CA ASP B 189 -20.68 -60.85 -4.92
C ASP B 189 -19.90 -59.53 -5.01
N SER B 190 -20.53 -58.46 -5.45
CA SER B 190 -19.88 -57.16 -5.53
C SER B 190 -20.06 -56.33 -4.27
N HIS B 191 -20.77 -56.85 -3.26
CA HIS B 191 -20.96 -56.14 -2.02
C HIS B 191 -19.61 -55.77 -1.41
N ALA B 192 -19.43 -54.49 -1.09
CA ALA B 192 -18.16 -54.01 -0.57
C ALA B 192 -18.38 -52.68 0.14
N ILE B 193 -17.37 -52.28 0.91
CA ILE B 193 -17.43 -51.02 1.65
C ILE B 193 -17.03 -49.88 0.73
N ARG B 194 -17.73 -48.77 0.86
CA ARG B 194 -17.47 -47.62 -0.01
C ARG B 194 -16.11 -47.01 0.30
N PRO B 195 -15.24 -46.83 -0.69
CA PRO B 195 -13.98 -46.11 -0.44
C PRO B 195 -14.23 -44.64 -0.13
N GLY B 196 -13.31 -44.06 0.63
CA GLY B 196 -13.34 -42.63 0.90
C GLY B 196 -14.24 -42.26 2.07
N LYS B 197 -14.46 -40.94 2.19
CA LYS B 197 -15.19 -40.40 3.33
C LYS B 197 -16.66 -40.81 3.33
N GLY B 198 -17.18 -41.30 2.21
CA GLY B 198 -18.59 -41.66 2.16
C GLY B 198 -18.97 -42.74 3.14
N LYS B 199 -18.01 -43.59 3.51
CA LYS B 199 -18.34 -44.73 4.38
C LYS B 199 -18.78 -44.27 5.76
N MET B 200 -18.30 -43.14 6.24
CA MET B 200 -18.71 -42.61 7.53
C MET B 200 -19.89 -41.65 7.42
N ARG B 201 -20.42 -41.45 6.22
CA ARG B 201 -21.59 -40.59 6.01
C ARG B 201 -22.87 -41.40 5.84
N ASN B 202 -22.97 -42.54 6.54
CA ASN B 202 -24.14 -43.41 6.46
C ASN B 202 -24.36 -43.94 5.05
N ARG B 203 -23.28 -44.10 4.29
CA ARG B 203 -23.28 -44.71 2.96
C ARG B 203 -22.26 -45.83 2.91
N ARG B 204 -22.37 -46.75 3.89
CA ARG B 204 -21.31 -47.70 4.18
C ARG B 204 -21.01 -48.59 2.97
N TYR B 205 -22.05 -49.14 2.34
CA TYR B 205 -21.88 -50.22 1.37
C TYR B 205 -22.31 -49.81 -0.02
N ILE B 206 -21.62 -50.37 -1.02
CA ILE B 206 -21.94 -50.18 -2.43
C ILE B 206 -21.98 -51.55 -3.10
N SER B 207 -22.61 -51.61 -4.26
CA SER B 207 -22.70 -52.85 -5.02
C SER B 207 -23.19 -52.56 -6.42
N ARG B 208 -23.04 -53.54 -7.30
CA ARG B 208 -23.51 -53.42 -8.67
C ARG B 208 -25.03 -53.57 -8.73
N LYS B 209 -25.61 -53.01 -9.78
CA LYS B 209 -27.06 -53.08 -9.98
C LYS B 209 -27.44 -54.45 -10.55
N GLY B 210 -28.53 -55.01 -10.03
CA GLY B 210 -29.07 -56.25 -10.52
C GLY B 210 -30.23 -56.00 -11.47
N PRO B 211 -31.04 -57.02 -11.73
CA PRO B 211 -32.19 -56.84 -12.62
C PRO B 211 -33.26 -55.97 -12.01
N LEU B 212 -34.00 -55.28 -12.88
CA LEU B 212 -35.16 -54.49 -12.50
C LEU B 212 -36.42 -55.28 -12.89
N ILE B 213 -37.29 -55.51 -11.91
CA ILE B 213 -38.52 -56.26 -12.13
C ILE B 213 -39.67 -55.26 -12.20
N VAL B 214 -40.45 -55.32 -13.27
CA VAL B 214 -41.58 -54.42 -13.49
C VAL B 214 -42.85 -55.25 -13.43
N TYR B 215 -43.78 -54.86 -12.57
CA TYR B 215 -45.05 -55.54 -12.39
C TYR B 215 -46.18 -54.55 -12.63
N GLY B 216 -47.35 -55.10 -12.98
CA GLY B 216 -48.48 -54.27 -13.39
C GLY B 216 -49.69 -54.36 -12.48
N THR B 217 -49.59 -55.12 -11.40
CA THR B 217 -50.70 -55.31 -10.48
C THR B 217 -50.41 -54.60 -9.16
N GLU B 218 -51.31 -53.72 -8.75
CA GLU B 218 -51.14 -53.01 -7.49
C GLU B 218 -51.26 -53.97 -6.31
N GLY B 219 -50.37 -53.80 -5.34
CA GLY B 219 -50.41 -54.63 -4.15
C GLY B 219 -49.90 -56.04 -4.36
N ALA B 220 -49.19 -56.30 -5.45
CA ALA B 220 -48.66 -57.63 -5.69
C ALA B 220 -47.68 -58.03 -4.59
N LYS B 221 -47.72 -59.30 -4.20
CA LYS B 221 -46.91 -59.79 -3.10
C LYS B 221 -45.44 -59.95 -3.44
N LEU B 222 -45.07 -59.95 -4.73
CA LEU B 222 -43.67 -60.10 -5.09
C LEU B 222 -42.83 -58.90 -4.68
N VAL B 223 -43.47 -57.77 -4.36
CA VAL B 223 -42.70 -56.58 -3.98
C VAL B 223 -41.87 -56.86 -2.74
N LYS B 224 -42.35 -57.73 -1.86
CA LYS B 224 -41.67 -58.03 -0.61
C LYS B 224 -40.89 -59.34 -0.65
N ALA B 225 -41.17 -60.22 -1.61
CA ALA B 225 -40.39 -61.44 -1.76
C ALA B 225 -39.04 -61.16 -2.40
N PHE B 226 -38.92 -60.12 -3.22
CA PHE B 226 -37.69 -59.81 -3.93
C PHE B 226 -36.86 -58.71 -3.27
N ARG B 227 -37.44 -57.94 -2.34
CA ARG B 227 -36.78 -56.72 -1.89
C ARG B 227 -35.51 -57.00 -1.10
N ASN B 228 -35.41 -58.17 -0.46
CA ASN B 228 -34.22 -58.47 0.34
C ASN B 228 -33.04 -58.91 -0.51
N ILE B 229 -33.22 -59.14 -1.80
CA ILE B 229 -32.16 -59.59 -2.68
C ILE B 229 -31.32 -58.39 -3.09
N PRO B 230 -30.01 -58.36 -2.80
CA PRO B 230 -29.22 -57.19 -3.18
C PRO B 230 -29.19 -56.99 -4.69
N GLY B 231 -29.26 -55.72 -5.11
CA GLY B 231 -29.19 -55.37 -6.50
C GLY B 231 -30.50 -55.47 -7.26
N VAL B 232 -31.53 -56.08 -6.69
CA VAL B 232 -32.80 -56.29 -7.36
C VAL B 232 -33.74 -55.16 -6.98
N GLU B 233 -34.26 -54.46 -7.97
CA GLU B 233 -35.20 -53.37 -7.78
C GLU B 233 -36.56 -53.75 -8.35
N ILE B 234 -37.62 -53.29 -7.69
CA ILE B 234 -38.99 -53.55 -8.09
C ILE B 234 -39.68 -52.21 -8.34
N CYS B 235 -40.38 -52.10 -9.47
CA CYS B 235 -41.06 -50.87 -9.82
C CYS B 235 -42.37 -51.20 -10.52
N HIS B 236 -43.41 -50.43 -10.21
CA HIS B 236 -44.69 -50.57 -10.88
C HIS B 236 -44.63 -49.93 -12.26
N VAL B 237 -45.31 -50.56 -13.23
CA VAL B 237 -45.19 -50.13 -14.62
C VAL B 237 -45.73 -48.73 -14.82
N ASP B 238 -46.79 -48.35 -14.09
CA ASP B 238 -47.42 -47.06 -14.27
C ASP B 238 -46.56 -45.89 -13.81
N ARG B 239 -45.49 -46.14 -13.05
CA ARG B 239 -44.66 -45.08 -12.48
C ARG B 239 -43.18 -45.41 -12.63
N LEU B 240 -42.77 -45.78 -13.86
CA LEU B 240 -41.37 -46.08 -14.11
C LEU B 240 -40.50 -44.87 -13.81
N ASN B 241 -39.32 -45.12 -13.25
CA ASN B 241 -38.39 -44.08 -12.80
C ASN B 241 -37.12 -44.16 -13.64
N LEU B 242 -36.71 -43.00 -14.18
CA LEU B 242 -35.52 -42.96 -15.03
C LEU B 242 -34.27 -43.33 -14.25
N LEU B 243 -34.18 -42.91 -12.99
CA LEU B 243 -32.96 -43.18 -12.21
C LEU B 243 -32.71 -44.66 -12.06
N LYS B 244 -33.75 -45.49 -12.14
CA LYS B 244 -33.60 -46.93 -12.12
C LYS B 244 -33.52 -47.55 -13.50
N LEU B 245 -34.08 -46.89 -14.52
CA LEU B 245 -34.01 -47.40 -15.88
C LEU B 245 -32.64 -47.19 -16.50
N ALA B 246 -31.96 -46.10 -16.14
CA ALA B 246 -30.62 -45.80 -16.65
C ALA B 246 -29.74 -45.38 -15.48
N PRO B 247 -29.45 -46.29 -14.56
CA PRO B 247 -28.61 -45.93 -13.40
C PRO B 247 -27.26 -45.41 -13.84
N GLY B 248 -26.81 -44.35 -13.17
CA GLY B 248 -25.59 -43.68 -13.58
C GLY B 248 -25.69 -42.96 -14.89
N GLY B 249 -26.92 -42.72 -15.37
CA GLY B 249 -27.09 -42.13 -16.69
C GLY B 249 -26.63 -43.03 -17.81
N HIS B 250 -26.62 -44.35 -17.60
CA HIS B 250 -26.15 -45.31 -18.60
C HIS B 250 -27.31 -46.15 -19.06
N LEU B 251 -27.50 -46.23 -20.37
CA LEU B 251 -28.57 -47.01 -20.96
C LEU B 251 -28.27 -48.51 -20.87
N GLY B 252 -29.34 -49.30 -20.92
CA GLY B 252 -29.20 -50.74 -21.00
C GLY B 252 -29.44 -51.47 -19.70
N ARG B 253 -30.45 -51.05 -18.94
CA ARG B 253 -30.79 -51.76 -17.71
C ARG B 253 -31.46 -53.09 -18.04
N PHE B 254 -31.09 -54.13 -17.30
CA PHE B 254 -31.70 -55.44 -17.45
C PHE B 254 -33.06 -55.44 -16.75
N ILE B 255 -34.13 -55.63 -17.52
CA ILE B 255 -35.49 -55.48 -17.04
C ILE B 255 -36.23 -56.80 -17.23
N ILE B 256 -36.90 -57.24 -16.17
CA ILE B 256 -37.77 -58.42 -16.22
C ILE B 256 -39.20 -57.91 -16.15
N TRP B 257 -39.95 -58.10 -17.24
CA TRP B 257 -41.34 -57.66 -17.31
C TRP B 257 -42.28 -58.80 -16.94
N THR B 258 -43.27 -58.49 -16.12
CA THR B 258 -44.40 -59.40 -15.99
C THR B 258 -45.31 -59.24 -17.20
N LYS B 259 -46.14 -60.25 -17.45
CA LYS B 259 -47.00 -60.21 -18.62
C LYS B 259 -47.96 -59.04 -18.55
N CYS B 260 -48.56 -58.80 -17.38
CA CYS B 260 -49.50 -57.69 -17.25
C CYS B 260 -48.81 -56.35 -17.47
N ALA B 261 -47.61 -56.17 -16.90
CA ALA B 261 -46.89 -54.91 -17.07
C ALA B 261 -46.50 -54.70 -18.53
N TYR B 262 -46.08 -55.76 -19.21
CA TYR B 262 -45.66 -55.65 -20.60
C TYR B 262 -46.83 -55.24 -21.49
N GLU B 263 -48.02 -55.78 -21.22
CA GLU B 263 -49.18 -55.46 -22.03
C GLU B 263 -49.70 -54.04 -21.79
N LYS B 264 -49.32 -53.40 -20.69
CA LYS B 264 -49.77 -52.05 -20.40
C LYS B 264 -48.91 -50.98 -21.06
N LEU B 265 -47.77 -51.34 -21.65
CA LEU B 265 -46.86 -50.33 -22.17
C LEU B 265 -47.50 -49.53 -23.30
N ASP B 266 -48.29 -50.19 -24.15
CA ASP B 266 -48.95 -49.47 -25.23
C ASP B 266 -49.94 -48.45 -24.68
N ALA B 267 -50.73 -48.83 -23.68
CA ALA B 267 -51.70 -47.92 -23.11
C ALA B 267 -51.01 -46.75 -22.40
N ILE B 268 -49.94 -47.03 -21.66
CA ILE B 268 -49.28 -46.00 -20.87
C ILE B 268 -48.56 -45.01 -21.77
N TYR B 269 -47.78 -45.51 -22.73
CA TYR B 269 -46.94 -44.66 -23.56
C TYR B 269 -47.48 -44.47 -24.97
N GLY B 270 -48.60 -45.11 -25.31
CA GLY B 270 -49.16 -44.92 -26.63
C GLY B 270 -48.25 -45.48 -27.71
N THR B 271 -48.50 -45.02 -28.93
CA THR B 271 -47.73 -45.45 -30.09
C THR B 271 -47.37 -44.26 -30.96
N PHE B 272 -46.81 -44.52 -32.14
CA PHE B 272 -46.52 -43.44 -33.08
C PHE B 272 -47.78 -42.90 -33.75
N ASP B 273 -48.85 -43.69 -33.79
CA ASP B 273 -50.09 -43.30 -34.46
C ASP B 273 -51.10 -42.66 -33.52
N LYS B 274 -51.45 -43.35 -32.43
CA LYS B 274 -52.43 -42.86 -31.47
C LYS B 274 -51.73 -42.47 -30.17
N PRO B 275 -52.34 -41.58 -29.38
CA PRO B 275 -51.67 -41.09 -28.18
C PRO B 275 -51.90 -42.00 -26.97
N SER B 276 -51.18 -41.69 -25.91
CA SER B 276 -51.28 -42.46 -24.67
C SER B 276 -52.65 -42.28 -24.03
N GLN B 277 -53.07 -43.28 -23.26
CA GLN B 277 -54.32 -43.21 -22.53
C GLN B 277 -54.15 -42.58 -21.15
N GLU B 278 -52.96 -42.64 -20.57
CA GLU B 278 -52.70 -42.11 -19.24
C GLU B 278 -51.79 -40.88 -19.24
N LYS B 279 -51.14 -40.58 -20.35
CA LYS B 279 -50.36 -39.35 -20.51
C LYS B 279 -51.10 -38.51 -21.54
N LYS B 280 -51.97 -37.62 -21.05
CA LYS B 280 -52.86 -36.86 -21.90
C LYS B 280 -52.11 -36.15 -23.02
N GLY B 281 -52.47 -36.49 -24.26
CA GLY B 281 -51.90 -35.82 -25.41
C GLY B 281 -50.45 -36.12 -25.69
N TYR B 282 -49.94 -37.26 -25.25
CA TYR B 282 -48.55 -37.62 -25.44
C TYR B 282 -48.40 -38.60 -26.60
N LEU B 283 -47.39 -38.36 -27.42
CA LEU B 283 -47.04 -39.24 -28.53
C LEU B 283 -45.54 -39.54 -28.47
N LEU B 284 -45.18 -40.74 -28.89
CA LEU B 284 -43.78 -41.14 -28.85
C LEU B 284 -42.97 -40.27 -29.81
N PRO B 285 -41.75 -39.86 -29.43
CA PRO B 285 -40.95 -39.01 -30.32
C PRO B 285 -40.49 -39.75 -31.56
N ARG B 286 -40.25 -38.98 -32.63
CA ARG B 286 -39.72 -39.51 -33.87
C ARG B 286 -38.22 -39.24 -33.96
N PRO B 287 -37.45 -40.13 -34.58
CA PRO B 287 -36.04 -39.84 -34.83
C PRO B 287 -35.84 -39.07 -36.13
N LYS B 288 -34.71 -38.36 -36.21
CA LYS B 288 -34.35 -37.64 -37.41
C LYS B 288 -33.95 -38.56 -38.55
N MET B 289 -33.78 -39.85 -38.28
CA MET B 289 -33.33 -40.81 -39.29
C MET B 289 -34.21 -42.05 -39.17
N VAL B 290 -35.03 -42.30 -40.18
CA VAL B 290 -35.96 -43.44 -40.13
C VAL B 290 -35.19 -44.75 -40.06
N ASN B 291 -34.15 -44.89 -40.88
CA ASN B 291 -33.32 -46.09 -40.92
C ASN B 291 -31.90 -45.70 -40.55
N ALA B 292 -31.42 -46.18 -39.40
CA ALA B 292 -30.09 -45.84 -38.93
C ALA B 292 -29.00 -46.75 -39.51
N ASP B 293 -29.36 -47.69 -40.37
CA ASP B 293 -28.39 -48.60 -40.99
C ASP B 293 -27.76 -47.89 -42.18
N LEU B 294 -26.61 -47.26 -41.93
CA LEU B 294 -25.93 -46.53 -43.01
C LEU B 294 -25.55 -47.46 -44.15
N ALA B 295 -25.07 -48.66 -43.83
CA ALA B 295 -24.60 -49.57 -44.87
C ALA B 295 -25.68 -49.81 -45.93
N ARG B 296 -26.93 -49.98 -45.50
CA ARG B 296 -28.00 -50.18 -46.47
C ARG B 296 -28.19 -48.95 -47.36
N ILE B 297 -28.16 -47.76 -46.77
CA ILE B 297 -28.35 -46.54 -47.54
C ILE B 297 -27.16 -46.30 -48.47
N ILE B 298 -25.95 -46.39 -47.93
CA ILE B 298 -24.76 -46.08 -48.72
C ILE B 298 -24.55 -47.10 -49.83
N ASN B 299 -24.78 -48.38 -49.52
CA ASN B 299 -24.57 -49.45 -50.47
C ASN B 299 -25.82 -49.81 -51.26
N SER B 300 -26.84 -48.96 -51.23
CA SER B 300 -28.04 -49.18 -52.00
C SER B 300 -27.77 -48.95 -53.49
N ASP B 301 -28.64 -49.52 -54.32
CA ASP B 301 -28.49 -49.35 -55.77
C ASP B 301 -28.64 -47.88 -56.17
N GLU B 302 -29.56 -47.17 -55.52
CA GLU B 302 -29.80 -45.77 -55.88
C GLU B 302 -28.55 -44.91 -55.65
N VAL B 303 -27.92 -45.07 -54.49
CA VAL B 303 -26.73 -44.27 -54.19
C VAL B 303 -25.56 -44.72 -55.05
N GLN B 304 -25.35 -46.02 -55.16
CA GLN B 304 -24.18 -46.55 -55.87
C GLN B 304 -24.27 -46.34 -57.38
N SER B 305 -25.41 -45.93 -57.91
CA SER B 305 -25.56 -45.68 -59.33
C SER B 305 -25.06 -44.30 -59.74
N VAL B 306 -24.80 -43.41 -58.80
CA VAL B 306 -24.39 -42.05 -59.11
C VAL B 306 -23.01 -41.70 -58.53
N VAL B 307 -22.41 -42.56 -57.71
CA VAL B 307 -21.10 -42.26 -57.16
C VAL B 307 -20.05 -42.36 -58.26
N ARG B 308 -19.06 -41.49 -58.18
CA ARG B 308 -17.95 -41.53 -59.12
C ARG B 308 -17.00 -42.66 -58.77
N PRO B 309 -16.15 -43.07 -59.71
CA PRO B 309 -15.24 -44.20 -59.44
C PRO B 309 -14.34 -43.91 -58.25
N ILE B 310 -14.05 -44.95 -57.47
CA ILE B 310 -13.20 -44.81 -56.30
C ILE B 310 -11.79 -44.43 -56.73
N LYS B 311 -11.19 -43.51 -55.97
CA LYS B 311 -9.82 -43.07 -56.24
C LYS B 311 -8.85 -43.74 -55.28
N ARG B 317 2.65 -39.84 -53.05
CA ARG B 317 3.58 -39.21 -52.13
C ARG B 317 4.48 -38.23 -52.87
N ALA B 318 5.03 -37.26 -52.15
CA ALA B 318 5.82 -36.21 -52.78
C ALA B 318 7.06 -36.80 -53.44
N THR B 319 7.36 -36.31 -54.64
CA THR B 319 8.53 -36.76 -55.38
C THR B 319 9.75 -35.95 -54.95
N LEU B 320 10.77 -36.63 -54.46
CA LEU B 320 12.01 -35.96 -54.08
C LEU B 320 12.55 -35.17 -55.26
N LYS B 321 12.59 -33.84 -55.11
CA LYS B 321 13.06 -32.98 -56.18
C LYS B 321 14.57 -33.17 -56.36
N LYS B 322 14.99 -33.39 -57.60
CA LYS B 322 16.39 -33.54 -57.95
C LYS B 322 16.80 -32.41 -58.89
N ASN B 323 18.07 -32.02 -58.80
CA ASN B 323 18.59 -30.90 -59.57
C ASN B 323 18.83 -31.34 -61.01
N PRO B 324 18.04 -30.87 -61.98
CA PRO B 324 18.30 -31.24 -63.38
C PRO B 324 19.61 -30.72 -63.92
N LEU B 325 20.17 -29.67 -63.33
CA LEU B 325 21.46 -29.16 -63.77
C LEU B 325 22.60 -30.13 -63.50
N LYS B 326 22.37 -31.14 -62.66
CA LYS B 326 23.38 -32.15 -62.35
C LYS B 326 22.96 -33.55 -62.72
N ASN B 327 21.69 -33.90 -62.52
CA ASN B 327 21.19 -35.23 -62.81
C ASN B 327 20.72 -35.30 -64.25
N LEU B 328 21.39 -36.11 -65.07
CA LEU B 328 21.11 -36.13 -66.51
C LEU B 328 19.70 -36.63 -66.79
N ASN B 329 19.31 -37.76 -66.20
CA ASN B 329 18.00 -38.33 -66.49
C ASN B 329 16.88 -37.38 -66.10
N VAL B 330 17.04 -36.67 -64.98
CA VAL B 330 16.03 -35.70 -64.57
C VAL B 330 15.90 -34.60 -65.61
N LEU B 331 17.01 -34.12 -66.15
CA LEU B 331 16.97 -33.08 -67.16
C LEU B 331 16.28 -33.56 -68.43
N LEU B 332 16.59 -34.78 -68.87
CA LEU B 332 15.97 -35.31 -70.09
C LEU B 332 14.47 -35.50 -69.91
N LYS B 333 14.02 -35.80 -68.69
CA LYS B 333 12.59 -35.93 -68.44
C LYS B 333 11.88 -34.61 -68.67
N LEU B 334 12.50 -33.49 -68.28
CA LEU B 334 11.89 -32.18 -68.47
C LEU B 334 12.12 -31.65 -69.89
N ASN B 335 13.35 -31.76 -70.39
CA ASN B 335 13.73 -31.22 -71.69
C ASN B 335 14.39 -32.31 -72.51
N PRO B 336 13.61 -33.08 -73.28
CA PRO B 336 14.22 -34.15 -74.10
C PRO B 336 15.25 -33.64 -75.09
N TYR B 337 15.11 -32.40 -75.57
CA TYR B 337 16.08 -31.85 -76.52
C TYR B 337 17.43 -31.61 -75.88
N ALA B 338 17.52 -31.60 -74.55
CA ALA B 338 18.80 -31.37 -73.89
C ALA B 338 19.83 -32.43 -74.29
N LYS B 339 19.38 -33.65 -74.58
CA LYS B 339 20.33 -34.69 -75.00
C LYS B 339 20.98 -34.34 -76.33
N THR B 340 20.19 -33.85 -77.28
CA THR B 340 20.77 -33.45 -78.57
C THR B 340 21.75 -32.30 -78.40
N ALA B 341 21.40 -31.32 -77.56
CA ALA B 341 22.32 -30.22 -77.31
C ALA B 341 23.60 -30.71 -76.66
N ARG B 342 23.50 -31.64 -75.72
CA ARG B 342 24.68 -32.19 -75.07
C ARG B 342 25.57 -32.92 -76.07
N ARG B 343 24.97 -33.76 -76.93
CA ARG B 343 25.76 -34.51 -77.89
C ARG B 343 26.47 -33.59 -78.88
N MET B 344 25.76 -32.57 -79.38
CA MET B 344 26.38 -31.67 -80.36
C MET B 344 27.53 -30.89 -79.75
N SER B 345 27.37 -30.42 -78.50
CA SER B 345 28.43 -29.67 -77.86
C SER B 345 29.67 -30.54 -77.67
N LEU B 346 29.48 -31.79 -77.24
CA LEU B 346 30.62 -32.70 -77.05
C LEU B 346 31.29 -33.00 -78.38
N LEU B 347 30.50 -33.29 -79.42
CA LEU B 347 31.09 -33.58 -80.73
C LEU B 347 31.79 -32.34 -81.31
N ALA B 348 31.18 -31.17 -81.15
CA ALA B 348 31.79 -29.95 -81.68
C ALA B 348 33.13 -29.68 -81.01
N GLU B 349 33.21 -29.88 -79.68
CA GLU B 349 34.47 -29.66 -78.98
C GLU B 349 35.52 -30.68 -79.44
N ALA B 350 35.12 -31.92 -79.68
CA ALA B 350 36.08 -32.94 -80.11
C ALA B 350 36.71 -32.57 -81.43
N GLN B 351 35.92 -32.06 -82.38
CA GLN B 351 36.47 -31.65 -83.67
C GLN B 351 37.49 -30.53 -83.50
N ARG B 352 37.17 -29.54 -82.66
CA ARG B 352 38.09 -28.42 -82.46
C ARG B 352 39.39 -28.88 -81.83
N VAL B 353 39.31 -29.77 -80.84
CA VAL B 353 40.53 -30.29 -80.22
C VAL B 353 41.36 -31.04 -81.24
N LYS B 354 40.73 -31.88 -82.05
CA LYS B 354 41.45 -32.61 -83.09
C LYS B 354 42.03 -31.65 -84.14
N ALA B 355 41.27 -30.62 -84.50
CA ALA B 355 41.75 -29.69 -85.52
C ALA B 355 43.00 -28.96 -85.06
N LYS B 356 43.04 -28.54 -83.79
CA LYS B 356 44.20 -27.82 -83.29
C LYS B 356 45.44 -28.69 -83.31
N LYS B 357 45.31 -29.96 -82.92
CA LYS B 357 46.48 -30.85 -82.90
C LYS B 357 47.05 -31.05 -84.29
N GLU B 358 46.19 -31.19 -85.29
CA GLU B 358 46.62 -31.37 -86.67
C GLU B 358 47.12 -30.08 -87.32
N LYS B 359 47.02 -28.95 -86.62
CA LYS B 359 47.45 -27.67 -87.18
C LYS B 359 46.69 -27.34 -88.46
N LEU B 360 45.40 -27.68 -88.47
CA LEU B 360 44.57 -27.39 -89.64
C LEU B 360 44.33 -25.88 -89.75
N ASP B 361 44.43 -25.37 -90.97
CA ASP B 361 44.23 -23.95 -91.21
C ASP B 361 42.83 -23.51 -90.81
N HIS B 365 38.79 -17.88 -93.81
CA HIS B 365 38.27 -16.55 -94.13
C HIS B 365 36.78 -16.62 -94.47
N ALA B 366 36.03 -15.63 -93.99
CA ALA B 366 34.61 -15.52 -94.26
C ALA B 366 34.20 -14.12 -94.70
N ILE B 367 35.16 -13.25 -94.98
CA ILE B 367 34.89 -11.87 -95.39
C ILE B 367 35.76 -11.56 -96.60
N THR B 368 35.20 -10.79 -97.53
CA THR B 368 35.96 -10.40 -98.72
C THR B 368 37.14 -9.51 -98.33
N LYS B 369 38.18 -9.55 -99.16
CA LYS B 369 39.39 -8.78 -98.86
C LYS B 369 39.08 -7.30 -98.80
N GLU B 370 38.29 -6.79 -99.73
CA GLU B 370 37.92 -5.37 -99.71
C GLU B 370 37.07 -5.06 -98.48
N GLU B 371 36.15 -5.96 -98.12
CA GLU B 371 35.32 -5.73 -96.94
C GLU B 371 36.16 -5.67 -95.68
N ALA B 372 37.18 -6.52 -95.58
CA ALA B 372 38.04 -6.52 -94.40
C ALA B 372 38.75 -5.18 -94.24
N SER B 373 39.22 -4.60 -95.36
CA SER B 373 39.89 -3.31 -95.28
C SER B 373 38.95 -2.23 -94.78
N ALA B 374 37.69 -2.24 -95.26
CA ALA B 374 36.72 -1.24 -94.81
C ALA B 374 36.42 -1.39 -93.33
N ILE B 375 36.32 -2.64 -92.85
CA ILE B 375 36.02 -2.87 -91.44
C ILE B 375 37.14 -2.32 -90.56
N LYS B 376 38.39 -2.59 -90.95
CA LYS B 376 39.51 -2.09 -90.17
C LYS B 376 39.53 -0.57 -90.14
N GLY B 377 39.28 0.07 -91.29
CA GLY B 377 39.26 1.52 -91.32
C GLY B 377 38.18 2.13 -90.45
N ALA B 378 36.98 1.55 -90.51
CA ALA B 378 35.87 2.08 -89.71
C ALA B 378 36.16 1.94 -88.22
N SER B 379 36.67 0.77 -87.80
CA SER B 379 36.98 0.58 -86.39
C SER B 379 38.11 1.51 -85.94
N HIS B 380 39.13 1.67 -86.79
CA HIS B 380 40.22 2.57 -86.44
C HIS B 380 39.73 4.01 -86.32
N SER B 381 38.86 4.43 -87.24
CA SER B 381 38.29 5.78 -87.15
C SER B 381 37.47 5.94 -85.89
N TRP B 382 36.67 4.92 -85.54
CA TRP B 382 35.87 5.00 -84.33
C TRP B 382 36.74 5.11 -83.08
N TYR B 383 37.86 4.38 -83.05
CA TYR B 383 38.76 4.45 -81.91
C TYR B 383 39.36 5.84 -81.76
N LYS B 384 39.64 6.51 -82.88
CA LYS B 384 40.19 7.87 -82.81
C LYS B 384 39.22 8.82 -82.12
N THR B 385 37.93 8.70 -82.42
CA THR B 385 36.94 9.54 -81.74
C THR B 385 36.81 9.17 -80.27
N MET B 386 37.02 7.89 -79.94
CA MET B 386 36.92 7.48 -78.53
C MET B 386 37.96 8.19 -77.68
N ILE B 387 39.19 8.30 -78.18
CA ILE B 387 40.27 8.91 -77.41
C ILE B 387 40.41 10.40 -77.67
N SER B 388 39.58 10.98 -78.53
CA SER B 388 39.66 12.41 -78.82
C SER B 388 39.36 13.22 -77.57
N ASP B 389 40.07 14.33 -77.41
CA ASP B 389 39.94 15.20 -76.26
C ASP B 389 39.32 16.53 -76.67
N SER B 390 38.74 17.22 -75.68
CA SER B 390 38.21 18.55 -75.91
C SER B 390 39.34 19.55 -76.13
N ASP B 391 39.02 20.63 -76.84
CA ASP B 391 39.99 21.69 -77.05
C ASP B 391 40.14 22.60 -75.85
N TYR B 392 39.20 22.55 -74.90
CA TYR B 392 39.26 23.36 -73.69
C TYR B 392 39.41 24.84 -74.02
N ALA B 393 38.67 25.29 -75.04
CA ALA B 393 38.71 26.69 -75.45
C ALA B 393 37.69 27.54 -74.69
N GLU B 394 36.59 26.95 -74.25
CA GLU B 394 35.57 27.69 -73.51
C GLU B 394 36.03 28.11 -72.13
N PHE B 395 37.13 27.57 -71.63
CA PHE B 395 37.67 27.95 -70.32
C PHE B 395 38.78 28.96 -70.54
N ASP B 396 38.38 30.20 -70.84
CA ASP B 396 39.35 31.24 -71.18
C ASP B 396 40.18 31.67 -69.97
N ASN B 397 39.61 31.56 -68.77
CA ASN B 397 40.33 31.97 -67.56
C ASN B 397 41.36 30.95 -67.10
N PHE B 398 41.34 29.73 -67.64
CA PHE B 398 42.24 28.66 -67.22
C PHE B 398 43.04 28.11 -68.39
N THR B 399 43.29 28.94 -69.41
CA THR B 399 44.05 28.47 -70.57
C THR B 399 45.46 28.07 -70.19
N LYS B 400 46.14 28.90 -69.40
CA LYS B 400 47.50 28.59 -69.00
C LYS B 400 47.54 27.35 -68.10
N TRP B 401 46.62 27.27 -67.13
CA TRP B 401 46.62 26.14 -66.21
C TRP B 401 46.34 24.83 -66.93
N LEU B 402 45.39 24.83 -67.87
CA LEU B 402 45.03 23.63 -68.59
C LEU B 402 46.06 23.25 -69.65
N GLY B 403 46.97 24.14 -70.01
CA GLY B 403 47.97 23.86 -71.01
C GLY B 403 47.40 23.76 -72.41
N SER C 2 33.29 19.40 1.39
CA SER C 2 33.91 20.72 1.31
C SER C 2 35.24 20.74 2.06
N HIS C 3 36.07 21.73 1.75
CA HIS C 3 37.40 21.82 2.33
C HIS C 3 37.33 21.98 3.85
N ARG C 4 38.33 21.42 4.53
CA ARG C 4 38.42 21.60 5.98
C ARG C 4 38.57 23.09 6.31
N LYS C 5 37.94 23.49 7.41
CA LYS C 5 37.85 24.91 7.74
C LYS C 5 39.24 25.52 7.95
N PHE C 6 40.10 24.84 8.70
CA PHE C 6 41.42 25.35 9.02
C PHE C 6 42.47 24.26 8.81
N GLU C 7 43.70 24.68 8.56
CA GLU C 7 44.79 23.78 8.17
C GLU C 7 45.71 23.54 9.35
N HIS C 8 46.01 22.27 9.63
CA HIS C 8 47.11 21.89 10.49
C HIS C 8 47.73 20.61 9.96
N PRO C 9 49.00 20.35 10.27
CA PRO C 9 49.63 19.11 9.80
C PRO C 9 48.97 17.88 10.41
N ARG C 10 49.04 16.76 9.68
CA ARG C 10 48.45 15.53 10.17
C ARG C 10 49.16 15.05 11.43
N HIS C 11 48.44 14.28 12.24
CA HIS C 11 49.01 13.71 13.45
C HIS C 11 49.74 12.42 13.13
N GLY C 12 51.00 12.32 13.54
CA GLY C 12 51.78 11.11 13.36
C GLY C 12 52.41 11.02 11.99
N SER C 13 53.30 10.05 11.85
CA SER C 13 54.03 9.81 10.62
C SER C 13 53.53 8.53 9.96
N LEU C 14 53.28 8.59 8.66
CA LEU C 14 52.92 7.41 7.89
C LEU C 14 54.14 6.61 7.45
N GLY C 15 55.34 7.10 7.73
CA GLY C 15 56.56 6.38 7.42
C GLY C 15 56.98 5.33 8.42
N PHE C 16 56.23 5.16 9.50
CA PHE C 16 56.53 4.15 10.52
C PHE C 16 55.38 3.15 10.64
N LEU C 17 54.72 2.85 9.53
CA LEU C 17 53.62 1.91 9.53
C LEU C 17 54.10 0.52 9.11
N PRO C 18 53.42 -0.56 9.53
CA PRO C 18 52.36 -0.54 10.53
C PRO C 18 52.92 -0.36 11.95
N ARG C 19 52.12 0.15 12.86
CA ARG C 19 52.53 0.29 14.25
C ARG C 19 52.27 -1.00 15.02
N LYS C 20 52.92 -2.06 14.55
CA LYS C 20 52.79 -3.40 15.10
C LYS C 20 53.96 -3.72 16.01
N ARG C 21 53.79 -4.77 16.80
CA ARG C 21 54.92 -5.31 17.56
C ARG C 21 55.99 -5.80 16.60
N ALA C 22 57.23 -5.42 16.86
CA ALA C 22 58.33 -5.86 16.02
C ALA C 22 58.42 -7.38 16.04
N ALA C 23 58.76 -7.96 14.88
CA ALA C 23 58.94 -9.40 14.76
C ALA C 23 60.29 -9.87 15.31
N ARG C 24 60.97 -9.03 16.06
CA ARG C 24 62.27 -9.37 16.63
C ARG C 24 62.45 -8.61 17.93
N HIS C 25 63.31 -9.13 18.79
CA HIS C 25 63.69 -8.46 20.03
C HIS C 25 65.05 -7.77 19.93
N ARG C 26 65.99 -8.40 19.23
CA ARG C 26 67.29 -7.80 18.98
C ARG C 26 67.21 -6.87 17.78
N GLY C 27 67.83 -5.70 17.90
CA GLY C 27 67.83 -4.74 16.82
C GLY C 27 68.54 -5.25 15.58
N LYS C 28 67.85 -5.21 14.45
CA LYS C 28 68.40 -5.69 13.19
C LYS C 28 69.04 -4.53 12.43
N VAL C 29 70.24 -4.77 11.90
CA VAL C 29 70.93 -3.81 11.06
C VAL C 29 70.36 -3.92 9.65
N LYS C 30 69.59 -2.92 9.24
CA LYS C 30 68.99 -2.94 7.91
C LYS C 30 69.99 -2.62 6.82
N ALA C 31 71.01 -1.82 7.12
CA ALA C 31 71.99 -1.41 6.13
C ALA C 31 73.34 -1.20 6.80
N PHE C 32 74.39 -1.79 6.23
CA PHE C 32 75.74 -1.61 6.73
C PHE C 32 76.43 -0.48 5.99
N PRO C 33 77.49 0.08 6.58
CA PRO C 33 78.20 1.17 5.90
C PRO C 33 78.80 0.71 4.57
N LYS C 34 78.87 1.65 3.63
CA LYS C 34 79.48 1.36 2.34
C LYS C 34 80.93 0.95 2.54
N ASP C 35 81.35 -0.08 1.81
CA ASP C 35 82.67 -0.67 1.98
C ASP C 35 83.70 0.11 1.17
N ASP C 36 84.82 0.44 1.80
CA ASP C 36 85.94 1.11 1.14
C ASP C 36 87.13 0.16 1.13
N PRO C 37 87.46 -0.46 -0.02
CA PRO C 37 88.55 -1.45 -0.02
C PRO C 37 89.89 -0.89 0.44
N SER C 38 90.15 0.39 0.22
CA SER C 38 91.46 0.96 0.53
C SER C 38 91.76 1.01 2.03
N LYS C 39 90.76 0.80 2.88
CA LYS C 39 90.95 0.88 4.32
C LYS C 39 91.19 -0.50 4.91
N PRO C 40 91.80 -0.56 6.10
CA PRO C 40 92.02 -1.88 6.73
C PRO C 40 90.71 -2.55 7.11
N CYS C 41 90.76 -3.88 7.20
CA CYS C 41 89.58 -4.63 7.62
C CYS C 41 89.17 -4.21 9.02
N LYS C 42 87.87 -3.96 9.20
CA LYS C 42 87.35 -3.51 10.47
C LYS C 42 85.88 -3.88 10.57
N LEU C 43 85.43 -4.16 11.80
CA LEU C 43 84.03 -4.42 12.04
C LEU C 43 83.23 -3.13 12.00
N THR C 44 81.94 -3.27 11.69
CA THR C 44 81.05 -2.13 11.49
C THR C 44 79.95 -2.01 12.54
N ALA C 45 79.77 -3.01 13.39
CA ALA C 45 78.67 -3.01 14.34
C ALA C 45 79.10 -3.72 15.62
N PHE C 46 78.32 -3.52 16.67
CA PHE C 46 78.62 -4.08 17.98
C PHE C 46 77.32 -4.16 18.77
N LEU C 47 77.25 -5.13 19.68
CA LEU C 47 76.09 -5.30 20.55
C LEU C 47 76.42 -4.79 21.96
N GLY C 48 75.40 -4.23 22.61
CA GLY C 48 75.53 -3.70 23.95
C GLY C 48 74.22 -3.84 24.69
N TYR C 49 74.25 -3.45 25.97
CA TYR C 49 73.09 -3.53 26.85
C TYR C 49 72.91 -2.19 27.56
N LYS C 50 71.70 -1.67 27.53
CA LYS C 50 71.39 -0.37 28.13
C LYS C 50 71.36 -0.51 29.65
N ALA C 51 72.29 0.15 30.33
CA ALA C 51 72.39 0.05 31.77
C ALA C 51 71.57 1.12 32.49
N GLY C 52 71.57 2.34 31.99
CA GLY C 52 70.87 3.42 32.63
C GLY C 52 71.35 4.76 32.10
N MET C 53 70.84 5.81 32.73
CA MET C 53 71.15 7.18 32.34
C MET C 53 71.71 7.96 33.52
N THR C 54 72.48 8.98 33.19
CA THR C 54 72.98 9.96 34.15
C THR C 54 73.25 11.25 33.38
N HIS C 55 73.75 12.25 34.09
CA HIS C 55 74.08 13.53 33.48
C HIS C 55 75.53 13.87 33.77
N ILE C 56 76.13 14.63 32.83
CA ILE C 56 77.52 15.06 32.95
C ILE C 56 77.55 16.58 32.75
N VAL C 57 78.67 17.17 33.16
CA VAL C 57 78.93 18.59 32.95
C VAL C 57 80.25 18.72 32.22
N ARG C 58 80.27 19.55 31.18
CA ARG C 58 81.47 19.78 30.39
C ARG C 58 81.51 21.24 29.97
N GLU C 59 82.72 21.71 29.68
CA GLU C 59 82.91 23.07 29.19
C GLU C 59 82.86 23.05 27.66
N VAL C 60 81.90 23.77 27.09
CA VAL C 60 81.68 23.77 25.66
C VAL C 60 82.75 24.61 24.98
N GLU C 61 83.18 24.16 23.80
CA GLU C 61 84.10 24.92 22.93
C GLU C 61 83.43 25.03 21.57
N LYS C 62 82.59 26.05 21.42
CA LYS C 62 81.81 26.29 20.21
C LYS C 62 81.94 27.76 19.84
N PRO C 63 82.95 28.12 19.06
CA PRO C 63 83.11 29.54 18.69
C PRO C 63 81.85 30.09 18.04
N GLY C 64 81.48 31.30 18.43
CA GLY C 64 80.26 31.93 17.94
C GLY C 64 79.00 31.53 18.65
N SER C 65 79.08 30.68 19.67
CA SER C 65 77.92 30.19 20.39
C SER C 65 77.81 30.87 21.74
N LYS C 66 76.57 30.96 22.25
CA LYS C 66 76.35 31.51 23.57
C LYS C 66 77.04 30.66 24.64
N LEU C 67 77.21 29.37 24.38
CA LEU C 67 77.80 28.44 25.33
C LEU C 67 79.32 28.38 25.26
N HIS C 68 79.94 29.17 24.37
CA HIS C 68 81.39 29.11 24.21
C HIS C 68 82.09 29.38 25.53
N LYS C 69 82.97 28.46 25.93
CA LYS C 69 83.72 28.54 27.18
C LYS C 69 82.81 28.55 28.40
N LYS C 70 81.58 28.10 28.26
CA LYS C 70 80.65 27.93 29.37
C LYS C 70 80.44 26.44 29.63
N GLU C 71 79.77 26.15 30.73
CA GLU C 71 79.46 24.78 31.13
C GLU C 71 78.03 24.44 30.78
N THR C 72 77.80 23.21 30.34
CA THR C 72 76.48 22.72 30.00
C THR C 72 76.26 21.35 30.64
N CYS C 73 75.05 21.11 31.11
CA CYS C 73 74.66 19.83 31.67
C CYS C 73 73.81 19.09 30.64
N GLU C 74 74.22 17.88 30.30
CA GLU C 74 73.53 17.09 29.29
C GLU C 74 73.42 15.65 29.73
N ALA C 75 72.26 15.05 29.45
CA ALA C 75 72.03 13.66 29.80
C ALA C 75 72.85 12.73 28.92
N VAL C 76 73.20 11.57 29.48
CA VAL C 76 73.95 10.55 28.76
C VAL C 76 73.40 9.19 29.15
N THR C 77 73.59 8.22 28.26
CA THR C 77 73.18 6.85 28.49
C THR C 77 74.40 5.95 28.58
N ILE C 78 74.37 5.04 29.55
CA ILE C 78 75.45 4.08 29.75
C ILE C 78 75.06 2.79 29.06
N VAL C 79 75.90 2.34 28.13
CA VAL C 79 75.70 1.08 27.42
C VAL C 79 76.89 0.19 27.74
N GLU C 80 76.64 -0.91 28.45
CA GLU C 80 77.70 -1.83 28.81
C GLU C 80 78.02 -2.73 27.61
N THR C 81 79.27 -2.68 27.15
CA THR C 81 79.69 -3.33 25.91
C THR C 81 80.90 -4.22 26.19
N PRO C 82 80.70 -5.37 26.82
CA PRO C 82 81.80 -6.33 26.97
C PRO C 82 82.21 -6.90 25.63
N PRO C 83 83.45 -7.38 25.50
CA PRO C 83 83.91 -7.85 24.19
C PRO C 83 83.05 -8.99 23.65
N MET C 84 82.91 -9.02 22.34
CA MET C 84 82.19 -10.08 21.64
C MET C 84 83.16 -11.15 21.16
N VAL C 85 82.62 -12.35 20.96
CA VAL C 85 83.40 -13.52 20.56
C VAL C 85 83.00 -13.90 19.13
N ILE C 86 83.99 -13.99 18.25
CA ILE C 86 83.74 -14.42 16.88
C ILE C 86 83.66 -15.94 16.85
N VAL C 87 82.58 -16.47 16.28
CA VAL C 87 82.36 -17.92 16.24
C VAL C 87 82.12 -18.44 14.83
N GLY C 88 82.13 -17.58 13.81
CA GLY C 88 81.92 -18.05 12.47
C GLY C 88 82.06 -16.92 11.46
N VAL C 89 81.96 -17.29 10.19
CA VAL C 89 82.05 -16.36 9.08
C VAL C 89 81.07 -16.80 8.00
N VAL C 90 80.45 -15.83 7.34
CA VAL C 90 79.49 -16.08 6.28
C VAL C 90 79.80 -15.17 5.11
N GLY C 91 79.66 -15.71 3.90
CA GLY C 91 79.94 -14.96 2.68
C GLY C 91 78.71 -14.89 1.79
N TYR C 92 78.55 -13.77 1.11
CA TYR C 92 77.43 -13.53 0.21
C TYR C 92 77.94 -13.24 -1.19
N VAL C 93 77.19 -13.69 -2.20
CA VAL C 93 77.51 -13.44 -3.60
C VAL C 93 76.50 -12.46 -4.16
N LYS C 94 76.98 -11.52 -4.97
CA LYS C 94 76.12 -10.52 -5.59
C LYS C 94 75.45 -11.13 -6.82
N THR C 95 74.12 -11.30 -6.76
CA THR C 95 73.33 -11.90 -7.81
C THR C 95 72.30 -10.90 -8.33
N PRO C 96 71.72 -11.15 -9.51
CA PRO C 96 70.65 -10.27 -9.98
C PRO C 96 69.45 -10.23 -9.06
N ARG C 97 69.33 -11.18 -8.13
CA ARG C 97 68.26 -11.19 -7.14
C ARG C 97 68.77 -10.78 -5.76
N GLY C 98 69.80 -9.94 -5.72
CA GLY C 98 70.37 -9.49 -4.47
C GLY C 98 71.42 -10.45 -3.92
N LEU C 99 71.85 -10.15 -2.70
CA LEU C 99 72.88 -10.96 -2.04
C LEU C 99 72.29 -12.31 -1.64
N ARG C 100 73.03 -13.37 -1.93
CA ARG C 100 72.63 -14.74 -1.57
C ARG C 100 73.71 -15.34 -0.70
N CYS C 101 73.29 -15.96 0.40
CA CYS C 101 74.24 -16.59 1.32
C CYS C 101 74.86 -17.81 0.66
N LEU C 102 76.19 -17.82 0.54
CA LEU C 102 76.90 -18.90 -0.13
C LEU C 102 77.23 -20.04 0.83
N ASN C 103 77.89 -19.74 1.94
CA ASN C 103 78.29 -20.77 2.88
C ASN C 103 78.53 -20.13 4.25
N THR C 104 78.52 -20.97 5.28
CA THR C 104 78.74 -20.53 6.65
C THR C 104 79.75 -21.47 7.31
N VAL C 105 80.88 -20.93 7.74
CA VAL C 105 81.93 -21.69 8.40
C VAL C 105 81.95 -21.28 9.87
N TRP C 106 81.89 -22.26 10.75
CA TRP C 106 81.86 -22.03 12.19
C TRP C 106 83.19 -22.42 12.82
N ALA C 107 83.43 -21.88 14.02
CA ALA C 107 84.63 -22.20 14.78
C ALA C 107 84.51 -23.60 15.39
N GLN C 108 85.66 -24.15 15.77
CA GLN C 108 85.68 -25.49 16.34
C GLN C 108 84.97 -25.54 17.69
N HIS C 109 85.20 -24.55 18.54
CA HIS C 109 84.68 -24.53 19.89
C HIS C 109 83.65 -23.42 20.05
N LEU C 110 82.48 -23.78 20.56
CA LEU C 110 81.42 -22.83 20.84
C LEU C 110 81.07 -22.89 22.33
N SER C 111 80.92 -21.72 22.94
CA SER C 111 80.63 -21.64 24.35
C SER C 111 79.20 -22.13 24.63
N GLU C 112 78.96 -22.47 25.90
CA GLU C 112 77.62 -22.89 26.30
C GLU C 112 76.62 -21.76 26.13
N ASP C 113 77.03 -20.52 26.36
CA ASP C 113 76.10 -19.39 26.26
C ASP C 113 75.56 -19.26 24.85
N ILE C 114 76.42 -19.39 23.84
CA ILE C 114 75.95 -19.29 22.46
C ILE C 114 75.11 -20.51 22.08
N LYS C 115 75.51 -21.70 22.54
CA LYS C 115 74.75 -22.90 22.22
C LYS C 115 73.32 -22.81 22.76
N ARG C 116 73.12 -22.08 23.85
CA ARG C 116 71.77 -21.90 24.37
C ARG C 116 70.87 -21.18 23.37
N ARG C 117 71.45 -20.33 22.52
CA ARG C 117 70.67 -19.61 21.53
C ARG C 117 70.02 -20.55 20.52
N PHE C 118 70.50 -21.77 20.40
CA PHE C 118 69.99 -22.74 19.43
C PHE C 118 68.91 -23.65 20.02
N TYR C 119 68.49 -23.42 21.26
CA TYR C 119 67.52 -24.27 21.92
C TYR C 119 66.42 -23.43 22.56
N LYS C 120 65.23 -24.01 22.62
CA LYS C 120 64.13 -23.42 23.38
C LYS C 120 64.12 -23.88 24.83
N ASN C 121 64.64 -25.07 25.11
CA ASN C 121 64.81 -25.58 26.48
C ASN C 121 66.17 -26.27 26.53
N TRP C 122 67.20 -25.50 26.88
CA TRP C 122 68.57 -26.02 26.87
C TRP C 122 68.76 -27.14 27.88
N CYS C 123 68.22 -26.97 29.09
CA CYS C 123 68.47 -27.94 30.15
C CYS C 123 67.85 -29.30 29.83
N LYS C 124 66.66 -29.31 29.24
CA LYS C 124 65.98 -30.57 28.96
C LYS C 124 66.54 -31.28 27.72
N SER C 125 67.31 -30.59 26.89
CA SER C 125 67.82 -31.18 25.66
C SER C 125 69.08 -31.99 25.95
N LYS C 126 69.49 -32.77 24.95
CA LYS C 126 70.72 -33.54 25.04
C LYS C 126 71.96 -32.71 24.70
N LYS C 127 71.78 -31.49 24.19
CA LYS C 127 72.90 -30.59 23.91
C LYS C 127 73.80 -31.16 22.82
N LYS C 128 73.18 -31.54 21.70
CA LYS C 128 73.88 -32.13 20.57
C LYS C 128 74.33 -31.09 19.55
N ALA C 129 74.00 -29.82 19.75
CA ALA C 129 74.29 -28.80 18.74
C ALA C 129 75.78 -28.74 18.44
N PHE C 130 76.11 -28.74 17.15
CA PHE C 130 77.48 -28.60 16.64
C PHE C 130 78.44 -29.67 17.15
N LEU C 131 77.92 -30.76 17.75
CA LEU C 131 78.83 -31.82 18.19
C LEU C 131 79.44 -32.55 17.00
N LYS C 132 78.61 -32.95 16.04
CA LYS C 132 79.15 -33.59 14.84
C LYS C 132 79.95 -32.61 13.98
N TYR C 133 79.52 -31.35 13.94
CA TYR C 133 80.27 -30.35 13.18
C TYR C 133 81.66 -30.14 13.77
N SER C 134 81.76 -30.13 15.09
CA SER C 134 83.04 -29.88 15.74
C SER C 134 84.04 -31.01 15.53
N LYS C 135 83.57 -32.20 15.13
CA LYS C 135 84.48 -33.34 14.99
C LYS C 135 85.36 -33.23 13.76
N LYS C 136 84.86 -32.64 12.68
CA LYS C 136 85.66 -32.56 11.46
C LYS C 136 86.87 -31.63 11.60
N TYR C 137 86.93 -30.84 12.68
CA TYR C 137 88.17 -30.13 13.00
C TYR C 137 89.24 -31.06 13.55
N GLU C 138 88.89 -32.30 13.89
CA GLU C 138 89.80 -33.22 14.56
C GLU C 138 90.51 -34.17 13.58
N THR C 139 90.23 -34.08 12.30
CA THR C 139 90.84 -34.96 11.29
C THR C 139 91.50 -34.12 10.21
N ASP C 140 92.58 -34.66 9.64
CA ASP C 140 93.28 -33.95 8.58
C ASP C 140 92.38 -33.75 7.36
N GLU C 141 91.64 -34.78 6.98
CA GLU C 141 90.71 -34.64 5.87
C GLU C 141 89.63 -33.61 6.19
N GLY C 142 89.14 -33.60 7.43
CA GLY C 142 88.15 -32.61 7.82
C GLY C 142 88.72 -31.20 7.83
N LYS C 143 89.96 -31.05 8.29
CA LYS C 143 90.59 -29.73 8.28
C LYS C 143 90.76 -29.22 6.85
N LYS C 144 91.12 -30.11 5.92
CA LYS C 144 91.23 -29.70 4.52
C LYS C 144 89.89 -29.21 3.99
N ASP C 145 88.80 -29.89 4.36
CA ASP C 145 87.48 -29.46 3.93
C ASP C 145 87.15 -28.07 4.47
N ILE C 146 87.48 -27.83 5.74
CA ILE C 146 87.23 -26.51 6.33
C ILE C 146 88.00 -25.44 5.57
N GLN C 147 89.28 -25.70 5.28
CA GLN C 147 90.08 -24.75 4.52
C GLN C 147 89.55 -24.58 3.11
N ALA C 148 89.07 -25.66 2.50
CA ALA C 148 88.51 -25.55 1.15
C ALA C 148 87.28 -24.63 1.14
N GLN C 149 86.44 -24.74 2.18
CA GLN C 149 85.29 -23.86 2.26
C GLN C 149 85.71 -22.40 2.39
N LEU C 150 86.77 -22.12 3.16
CA LEU C 150 87.25 -20.76 3.28
C LEU C 150 87.78 -20.23 1.95
N GLU C 151 88.50 -21.08 1.19
CA GLU C 151 88.98 -20.66 -0.12
C GLU C 151 87.81 -20.41 -1.07
N LYS C 152 86.72 -21.15 -0.91
CA LYS C 152 85.54 -20.93 -1.74
C LYS C 152 84.95 -19.55 -1.49
N LEU C 153 84.93 -19.10 -0.24
CA LEU C 153 84.46 -17.75 0.06
C LEU C 153 85.39 -16.71 -0.55
N LYS C 154 86.70 -16.92 -0.48
CA LYS C 154 87.63 -15.95 -1.04
C LYS C 154 87.43 -15.77 -2.54
N LYS C 155 86.96 -16.81 -3.22
CA LYS C 155 86.87 -16.78 -4.68
C LYS C 155 85.57 -16.16 -5.17
N TYR C 156 84.44 -16.43 -4.50
CA TYR C 156 83.14 -16.01 -4.99
C TYR C 156 82.46 -14.96 -4.14
N ALA C 157 82.73 -14.92 -2.84
CA ALA C 157 82.02 -14.00 -1.97
C ALA C 157 82.35 -12.55 -2.30
N CYS C 158 81.34 -11.69 -2.24
CA CYS C 158 81.52 -10.25 -2.38
C CYS C 158 81.32 -9.50 -1.07
N VAL C 159 80.56 -10.05 -0.15
CA VAL C 159 80.33 -9.47 1.17
C VAL C 159 80.65 -10.52 2.21
N ILE C 160 81.44 -10.14 3.21
CA ILE C 160 81.86 -11.04 4.28
C ILE C 160 81.35 -10.46 5.60
N ARG C 161 80.68 -11.31 6.39
CA ARG C 161 80.21 -10.94 7.71
C ARG C 161 80.67 -12.00 8.70
N VAL C 162 80.99 -11.57 9.92
CA VAL C 162 81.43 -12.46 10.98
C VAL C 162 80.25 -12.75 11.88
N LEU C 163 80.21 -13.97 12.41
CA LEU C 163 79.22 -14.35 13.42
C LEU C 163 79.83 -14.09 14.79
N ALA C 164 79.21 -13.16 15.54
CA ALA C 164 79.71 -12.76 16.83
C ALA C 164 78.58 -12.80 17.85
N HIS C 165 78.92 -13.19 19.08
CA HIS C 165 77.94 -13.27 20.15
C HIS C 165 78.49 -12.58 21.40
N THR C 166 77.57 -12.11 22.23
CA THR C 166 77.93 -11.40 23.45
C THR C 166 78.23 -12.39 24.57
N GLN C 167 79.03 -11.93 25.54
CA GLN C 167 79.32 -12.70 26.75
C GLN C 167 78.35 -12.27 27.86
N ILE C 168 77.08 -12.67 27.67
CA ILE C 168 76.00 -12.20 28.52
C ILE C 168 76.17 -12.68 29.96
N ARG C 169 76.91 -13.77 30.19
CA ARG C 169 77.10 -14.26 31.55
C ARG C 169 77.84 -13.26 32.42
N LYS C 170 78.66 -12.41 31.82
CA LYS C 170 79.48 -11.47 32.58
C LYS C 170 78.66 -10.34 33.18
N MET C 171 77.38 -10.22 32.84
CA MET C 171 76.48 -9.21 33.38
C MET C 171 75.38 -9.93 34.13
N LYS C 172 75.63 -10.24 35.40
CA LYS C 172 74.68 -11.02 36.20
C LYS C 172 73.34 -10.32 36.36
N GLY C 173 73.32 -8.99 36.28
CA GLY C 173 72.07 -8.27 36.41
C GLY C 173 71.04 -8.65 35.36
N LEU C 174 71.51 -9.01 34.16
CA LEU C 174 70.59 -9.38 33.09
C LEU C 174 69.84 -10.66 33.39
N LYS C 175 70.35 -11.51 34.28
CA LYS C 175 69.72 -12.77 34.65
C LYS C 175 69.49 -13.69 33.45
N GLN C 176 70.30 -13.55 32.41
CA GLN C 176 70.16 -14.33 31.18
C GLN C 176 71.47 -15.03 30.85
N LYS C 177 71.37 -16.29 30.46
CA LYS C 177 72.53 -17.07 30.03
C LYS C 177 72.57 -17.31 28.54
N LYS C 178 71.47 -17.06 27.82
CA LYS C 178 71.40 -17.27 26.39
C LYS C 178 71.94 -16.03 25.68
N ALA C 179 73.11 -16.17 25.06
CA ALA C 179 73.78 -15.03 24.43
C ALA C 179 73.06 -14.61 23.15
N HIS C 180 73.37 -13.39 22.71
CA HIS C 180 72.82 -12.82 21.49
C HIS C 180 73.83 -12.95 20.36
N LEU C 181 73.38 -13.46 19.22
CA LEU C 181 74.22 -13.68 18.06
C LEU C 181 73.77 -12.78 16.92
N MET C 182 74.72 -12.22 16.17
CA MET C 182 74.40 -11.40 15.02
C MET C 182 75.53 -11.48 14.00
N GLU C 183 75.21 -11.10 12.77
CA GLU C 183 76.19 -11.00 11.70
C GLU C 183 76.70 -9.57 11.63
N ILE C 184 78.02 -9.41 11.68
CA ILE C 184 78.67 -8.10 11.63
C ILE C 184 79.51 -8.05 10.38
N GLN C 185 79.22 -7.09 9.50
CA GLN C 185 79.92 -6.99 8.22
C GLN C 185 81.34 -6.47 8.42
N VAL C 186 82.25 -6.97 7.61
CA VAL C 186 83.66 -6.57 7.62
C VAL C 186 83.90 -5.65 6.43
N ASN C 187 84.36 -4.44 6.71
CA ASN C 187 84.64 -3.45 5.68
C ASN C 187 86.14 -3.19 5.62
N GLY C 188 86.63 -2.95 4.41
CA GLY C 188 88.03 -2.67 4.19
C GLY C 188 88.78 -3.89 3.69
N GLY C 189 89.80 -3.64 2.88
CA GLY C 189 90.62 -4.71 2.34
C GLY C 189 89.91 -5.47 1.23
N SER C 190 90.63 -6.44 0.67
CA SER C 190 90.07 -7.31 -0.35
C SER C 190 89.29 -8.44 0.30
N ILE C 191 88.60 -9.22 -0.54
CA ILE C 191 87.80 -10.33 -0.04
C ILE C 191 88.68 -11.33 0.69
N ALA C 192 89.86 -11.62 0.13
CA ALA C 192 90.77 -12.56 0.78
C ALA C 192 91.18 -12.07 2.15
N GLN C 193 91.49 -10.78 2.28
CA GLN C 193 91.85 -10.23 3.58
C GLN C 193 90.68 -10.32 4.56
N LYS C 194 89.45 -10.08 4.08
CA LYS C 194 88.29 -10.18 4.96
C LYS C 194 88.15 -11.59 5.52
N VAL C 195 88.31 -12.61 4.67
CA VAL C 195 88.21 -13.98 5.14
C VAL C 195 89.33 -14.30 6.13
N ASP C 196 90.56 -13.89 5.79
CA ASP C 196 91.68 -14.09 6.72
C ASP C 196 91.46 -13.31 8.01
N PHE C 197 90.92 -12.09 7.90
CA PHE C 197 90.60 -11.31 9.09
C PHE C 197 89.58 -12.02 9.96
N ALA C 198 88.54 -12.58 9.33
CA ALA C 198 87.48 -13.25 10.10
C ALA C 198 87.98 -14.55 10.71
N TYR C 199 88.66 -15.38 9.92
CA TYR C 199 89.10 -16.68 10.42
C TYR C 199 90.14 -16.53 11.53
N GLY C 200 90.95 -15.46 11.50
CA GLY C 200 91.92 -15.25 12.55
C GLY C 200 91.31 -14.97 13.90
N PHE C 201 90.08 -14.48 13.94
CA PHE C 201 89.40 -14.15 15.19
C PHE C 201 88.55 -15.28 15.73
N PHE C 202 88.52 -16.44 15.07
CA PHE C 202 87.72 -17.56 15.54
C PHE C 202 88.06 -17.88 16.98
N GLU C 203 87.04 -17.83 17.85
CA GLU C 203 87.12 -18.09 19.28
C GLU C 203 87.81 -16.98 20.06
N LYS C 204 88.18 -15.89 19.41
CA LYS C 204 88.83 -14.76 20.08
C LYS C 204 87.81 -13.67 20.38
N GLN C 205 88.23 -12.72 21.22
CA GLN C 205 87.38 -11.62 21.66
C GLN C 205 87.72 -10.34 20.90
N VAL C 206 86.69 -9.60 20.53
CA VAL C 206 86.85 -8.31 19.87
C VAL C 206 86.32 -7.22 20.80
N PRO C 207 87.17 -6.36 21.35
CA PRO C 207 86.68 -5.30 22.24
C PRO C 207 85.90 -4.23 21.47
N VAL C 208 85.06 -3.51 22.21
CA VAL C 208 84.28 -2.43 21.60
C VAL C 208 85.20 -1.36 21.03
N ASP C 209 86.36 -1.17 21.63
CA ASP C 209 87.29 -0.14 21.15
C ASP C 209 87.79 -0.43 19.74
N ALA C 210 87.79 -1.70 19.32
CA ALA C 210 88.21 -2.02 17.96
C ALA C 210 87.18 -1.59 16.93
N VAL C 211 85.95 -1.32 17.34
CA VAL C 211 84.88 -0.91 16.43
C VAL C 211 84.63 0.58 16.50
N PHE C 212 84.41 1.11 17.70
CA PHE C 212 84.10 2.52 17.89
C PHE C 212 85.22 3.18 18.69
N GLN C 213 85.12 4.51 18.80
CA GLN C 213 86.08 5.30 19.56
C GLN C 213 85.36 6.50 20.15
N LYS C 214 86.12 7.34 20.86
CA LYS C 214 85.57 8.51 21.51
C LYS C 214 85.33 9.63 20.50
N ASP C 215 84.24 10.37 20.69
CA ASP C 215 83.88 11.58 19.95
C ASP C 215 83.31 11.31 18.57
N GLU C 216 83.02 10.06 18.21
CA GLU C 216 82.45 9.75 16.90
C GLU C 216 80.95 9.55 17.01
N MET C 217 80.27 9.77 15.88
CA MET C 217 78.82 9.63 15.80
C MET C 217 78.47 8.19 15.42
N ILE C 218 77.52 7.60 16.15
CA ILE C 218 77.08 6.24 15.89
C ILE C 218 75.55 6.22 15.79
N ASP C 219 75.04 5.15 15.22
CA ASP C 219 73.61 4.89 15.15
C ASP C 219 73.25 3.77 16.11
N ILE C 220 72.15 3.96 16.83
CA ILE C 220 71.67 2.97 17.80
C ILE C 220 70.38 2.36 17.26
N ILE C 221 70.33 1.03 17.25
CA ILE C 221 69.20 0.28 16.72
C ILE C 221 68.67 -0.62 17.83
N GLY C 222 67.36 -0.64 17.99
CA GLY C 222 66.75 -1.47 19.01
C GLY C 222 65.24 -1.38 18.93
N VAL C 223 64.60 -2.03 19.88
CA VAL C 223 63.14 -2.08 19.98
C VAL C 223 62.70 -1.19 21.13
N THR C 224 61.77 -0.29 20.87
CA THR C 224 61.32 0.68 21.85
C THR C 224 60.58 -0.01 23.00
N LYS C 225 60.38 0.73 24.09
CA LYS C 225 59.66 0.21 25.23
C LYS C 225 58.22 -0.12 24.85
N GLY C 226 57.75 -1.28 25.30
CA GLY C 226 56.39 -1.70 25.00
C GLY C 226 55.37 -1.04 25.90
N LYS C 227 54.18 -0.80 25.34
CA LYS C 227 53.11 -0.14 26.07
C LYS C 227 51.73 -0.73 25.81
N GLY C 228 51.62 -1.80 25.02
CA GLY C 228 50.36 -2.49 24.86
C GLY C 228 49.31 -1.71 24.06
N TYR C 229 48.07 -2.18 24.18
CA TYR C 229 46.95 -1.55 23.51
C TYR C 229 46.79 -0.11 23.97
N GLU C 230 46.67 0.82 23.02
CA GLU C 230 46.62 2.24 23.34
C GLU C 230 45.66 2.96 22.42
N GLY C 231 45.00 4.00 22.97
CA GLY C 231 44.04 4.77 22.22
C GLY C 231 44.68 5.81 21.31
N VAL C 232 43.85 6.41 20.47
CA VAL C 232 44.36 7.28 19.41
C VAL C 232 45.04 8.51 20.00
N VAL C 233 44.49 9.05 21.10
CA VAL C 233 45.05 10.27 21.68
C VAL C 233 46.51 10.05 22.06
N THR C 234 46.78 8.97 22.80
CA THR C 234 48.15 8.67 23.18
C THR C 234 48.96 8.07 22.02
N ARG C 235 48.33 7.21 21.22
CA ARG C 235 49.06 6.50 20.17
C ARG C 235 49.48 7.44 19.04
N TRP C 236 48.58 8.33 18.61
CA TRP C 236 48.81 9.16 17.44
C TRP C 236 48.91 10.65 17.75
N GLY C 237 48.47 11.09 18.93
CA GLY C 237 48.56 12.49 19.27
C GLY C 237 47.40 13.35 18.79
N VAL C 238 46.26 12.74 18.49
CA VAL C 238 45.09 13.52 18.12
C VAL C 238 44.54 14.22 19.37
N THR C 239 43.98 15.42 19.16
CA THR C 239 43.49 16.22 20.27
C THR C 239 42.22 15.61 20.86
N ARG C 240 42.01 15.84 22.14
CA ARG C 240 40.82 15.35 22.81
C ARG C 240 39.58 16.13 22.38
N LEU C 241 38.43 15.48 22.48
CA LEU C 241 37.15 16.10 22.15
C LEU C 241 36.62 16.87 23.35
N PRO C 242 35.61 17.71 23.16
CA PRO C 242 35.08 18.51 24.27
C PRO C 242 34.61 17.64 25.43
N ARG C 243 34.53 18.28 26.60
CA ARG C 243 34.15 17.58 27.82
C ARG C 243 32.78 16.92 27.68
N LYS C 244 31.84 17.59 27.03
CA LYS C 244 30.44 17.15 26.98
C LYS C 244 30.17 16.16 25.86
N THR C 245 31.18 15.47 25.34
CA THR C 245 30.99 14.54 24.24
C THR C 245 30.33 13.26 24.73
N HIC C 246 29.20 12.90 24.11
CA HIC C 246 28.48 11.64 24.44
C HIC C 246 29.29 10.44 23.92
O HIC C 246 29.77 10.51 22.77
CB HIC C 246 27.07 11.65 23.85
CG HIC C 246 26.26 10.45 24.17
ND1 HIC C 246 26.16 9.94 25.44
CD2 HIC C 246 25.53 9.64 23.37
CE1 HIC C 246 25.38 8.86 25.40
NE2 HIC C 246 24.99 8.66 24.16
CZ HIC C 246 24.13 7.57 23.70
HA HIC C 246 28.43 11.58 25.52
HB2 HIC C 246 27.10 11.75 22.77
HB3 HIC C 246 26.52 12.53 24.20
HD2 HIC C 246 25.36 9.71 22.30
HE1 HIC C 246 25.12 8.25 26.27
HZ1 HIC C 246 23.44 7.24 24.48
HZ2 HIC C 246 24.74 6.72 23.40
HZ3 HIC C 246 23.54 7.89 22.84
N ARG C 247 29.44 9.40 24.74
CA ARG C 247 30.17 8.18 24.38
C ARG C 247 31.69 8.37 24.35
N GLY C 248 32.20 9.37 25.06
CA GLY C 248 33.62 9.53 25.25
C GLY C 248 34.24 10.57 24.34
N LEU C 249 35.39 11.09 24.78
CA LEU C 249 36.09 12.16 24.09
C LEU C 249 37.49 11.82 23.63
N ARG C 250 38.02 10.65 24.00
CA ARG C 250 39.35 10.22 23.55
C ARG C 250 39.21 9.41 22.27
N LYS C 251 38.86 10.12 21.20
CA LYS C 251 38.55 9.50 19.92
C LYS C 251 38.89 10.45 18.78
N VAL C 252 38.92 9.90 17.58
CA VAL C 252 38.87 10.70 16.36
C VAL C 252 37.41 10.85 15.97
N ALA C 253 36.97 12.10 15.78
CA ALA C 253 35.55 12.35 15.54
C ALA C 253 35.10 11.74 14.21
N CYS C 254 35.71 12.16 13.11
CA CYS C 254 35.39 11.67 11.78
C CYS C 254 36.54 10.82 11.27
N ILE C 255 36.27 9.54 11.00
CA ILE C 255 37.28 8.62 10.50
C ILE C 255 37.24 8.51 8.98
N GLY C 256 36.46 9.35 8.30
CA GLY C 256 36.42 9.34 6.87
C GLY C 256 35.20 10.00 6.27
N ALA C 257 35.35 10.55 5.06
CA ALA C 257 34.23 11.09 4.34
C ALA C 257 33.31 9.95 3.86
N TRP C 258 32.16 10.33 3.30
CA TRP C 258 31.24 9.35 2.75
C TRP C 258 31.93 8.55 1.64
N HIS C 259 32.64 9.23 0.75
CA HIS C 259 33.39 8.59 -0.30
C HIS C 259 34.85 8.98 -0.23
N PRO C 260 35.81 8.03 -0.34
CA PRO C 260 35.59 6.60 -0.56
C PRO C 260 34.84 5.92 0.58
N ALA C 261 34.00 4.94 0.26
CA ALA C 261 33.17 4.30 1.26
C ALA C 261 33.97 3.27 2.03
N ARG C 262 35.09 3.69 2.59
CA ARG C 262 36.02 2.81 3.28
C ARG C 262 36.87 3.65 4.22
N VAL C 263 37.26 3.05 5.35
CA VAL C 263 38.25 3.69 6.20
C VAL C 263 39.61 3.58 5.53
N SER C 264 40.33 4.70 5.47
CA SER C 264 41.65 4.73 4.86
C SER C 264 42.72 4.36 5.89
N PHE C 265 43.88 3.96 5.37
CA PHE C 265 45.01 3.59 6.20
C PHE C 265 45.71 4.79 6.83
N THR C 266 45.37 6.00 6.43
CA THR C 266 45.98 7.21 6.96
C THR C 266 45.24 7.75 8.18
N VAL C 267 44.14 7.14 8.59
CA VAL C 267 43.35 7.60 9.73
C VAL C 267 43.89 6.97 11.00
N ALA C 268 44.01 7.77 12.05
CA ALA C 268 44.49 7.26 13.34
C ALA C 268 43.52 6.24 13.91
N ARG C 269 44.07 5.11 14.37
CA ARG C 269 43.29 4.04 14.97
C ARG C 269 44.00 3.55 16.22
N ALA C 270 43.23 3.06 17.17
CA ALA C 270 43.81 2.51 18.40
C ALA C 270 44.41 1.13 18.14
N GLY C 271 45.45 0.80 18.88
CA GLY C 271 46.13 -0.47 18.71
C GLY C 271 47.44 -0.50 19.48
N GLN C 272 48.33 -1.38 19.02
CA GLN C 272 49.62 -1.55 19.67
C GLN C 272 50.42 -0.26 19.68
N ASN C 273 50.98 0.08 20.84
CA ASN C 273 51.86 1.23 20.99
C ASN C 273 53.16 0.76 21.64
N GLY C 274 54.28 1.17 21.09
CA GLY C 274 55.57 0.76 21.61
C GLY C 274 55.99 -0.60 21.10
N TYR C 275 57.16 -1.04 21.56
CA TYR C 275 57.80 -2.27 21.10
C TYR C 275 57.92 -2.26 19.58
N HIS C 276 58.39 -1.15 19.05
CA HIS C 276 58.61 -0.95 17.62
C HIS C 276 60.11 -0.89 17.33
N HIS C 277 60.49 -1.40 16.17
CA HIS C 277 61.88 -1.33 15.73
C HIS C 277 62.21 0.10 15.30
N ARG C 278 63.32 0.64 15.80
CA ARG C 278 63.73 2.00 15.48
C ARG C 278 65.23 2.05 15.24
N THR C 279 65.63 2.96 14.36
CA THR C 279 67.03 3.21 14.04
C THR C 279 67.28 4.70 14.20
N GLU C 280 67.99 5.09 15.26
CA GLU C 280 68.24 6.49 15.56
C GLU C 280 69.67 6.85 15.19
N MET C 281 69.84 8.02 14.59
CA MET C 281 71.10 8.43 13.98
C MET C 281 71.83 9.44 14.84
N ASN C 282 73.15 9.54 14.60
CA ASN C 282 73.98 10.62 15.12
C ASN C 282 73.93 10.71 16.65
N LYS C 283 74.43 9.67 17.29
CA LYS C 283 74.60 9.64 18.74
C LYS C 283 76.10 9.70 19.02
N LYS C 284 76.54 10.80 19.63
CA LYS C 284 77.97 11.02 19.86
C LYS C 284 78.45 10.22 21.05
N VAL C 285 79.66 9.66 20.92
CA VAL C 285 80.28 8.89 21.99
C VAL C 285 81.08 9.86 22.85
N TYR C 286 80.65 10.05 24.09
CA TYR C 286 81.33 10.97 25.00
C TYR C 286 82.48 10.30 25.76
N LYS C 287 82.42 9.00 25.96
CA LYS C 287 83.43 8.33 26.78
C LYS C 287 83.38 6.83 26.50
N LEU C 288 84.56 6.22 26.48
CA LEU C 288 84.70 4.76 26.32
C LEU C 288 85.49 4.24 27.52
N GLY C 289 84.84 3.41 28.32
CA GLY C 289 85.45 2.88 29.53
C GLY C 289 86.07 1.52 29.29
N LYS C 290 87.38 1.43 29.48
CA LYS C 290 88.11 0.18 29.35
C LYS C 290 88.43 -0.35 30.74
N VAL C 291 88.01 -1.60 31.01
CA VAL C 291 88.26 -2.20 32.32
C VAL C 291 89.76 -2.21 32.60
N GLY C 292 90.11 -1.97 33.85
CA GLY C 292 91.50 -1.94 34.27
C GLY C 292 92.21 -0.63 33.99
N GLN C 293 91.52 0.37 33.46
CA GLN C 293 92.10 1.66 33.14
C GLN C 293 91.32 2.76 33.85
N GLU C 294 91.96 3.93 33.99
CA GLU C 294 91.30 5.06 34.62
C GLU C 294 90.08 5.51 33.82
N SER C 295 90.03 5.21 32.53
CA SER C 295 88.87 5.57 31.72
C SER C 295 87.60 4.86 32.17
N HIS C 296 87.73 3.72 32.86
CA HIS C 296 86.55 3.01 33.33
C HIS C 296 85.89 3.68 34.53
N THR C 297 86.62 4.50 35.26
CA THR C 297 86.08 5.21 36.42
C THR C 297 85.47 6.53 35.98
N ALA C 298 84.69 7.13 36.89
CA ALA C 298 84.04 8.41 36.64
C ALA C 298 84.95 9.60 36.96
N LEU C 299 86.26 9.39 37.05
CA LEU C 299 87.18 10.50 37.28
C LEU C 299 87.29 11.38 36.05
N THR C 300 87.57 12.66 36.29
CA THR C 300 87.80 13.63 35.23
C THR C 300 89.02 14.46 35.60
N GLU C 301 89.55 15.18 34.61
CA GLU C 301 90.72 16.03 34.86
C GLU C 301 90.42 17.11 35.89
N PHE C 302 89.15 17.45 36.09
CA PHE C 302 88.78 18.49 37.06
C PHE C 302 88.26 17.91 38.37
N ASP C 303 87.56 16.78 38.32
CA ASP C 303 87.05 16.12 39.52
C ASP C 303 87.91 14.90 39.78
N ARG C 304 88.64 14.91 40.89
CA ARG C 304 89.56 13.83 41.25
C ARG C 304 88.97 12.87 42.26
N THR C 305 87.69 12.99 42.58
CA THR C 305 87.05 12.06 43.49
C THR C 305 87.13 10.64 42.94
N GLU C 306 87.57 9.71 43.77
CA GLU C 306 87.73 8.32 43.36
C GLU C 306 86.36 7.63 43.42
N LYS C 307 85.79 7.33 42.26
CA LYS C 307 84.47 6.72 42.20
C LYS C 307 84.30 6.03 40.85
N ASP C 308 83.39 5.07 40.83
CA ASP C 308 83.10 4.31 39.62
C ASP C 308 81.94 4.93 38.86
N ILE C 309 81.68 4.38 37.67
CA ILE C 309 80.60 4.89 36.83
C ILE C 309 79.24 4.58 37.47
N THR C 310 79.12 3.42 38.10
CA THR C 310 77.83 3.00 38.65
C THR C 310 77.42 3.92 39.79
N PRO C 311 76.19 4.44 39.79
CA PRO C 311 75.73 5.25 40.93
C PRO C 311 75.57 4.39 42.17
N ILE C 312 75.71 5.03 43.33
CA ILE C 312 75.59 4.31 44.59
C ILE C 312 74.21 3.69 44.69
N GLY C 313 74.17 2.42 45.10
CA GLY C 313 72.97 1.64 45.05
C GLY C 313 72.78 0.85 43.79
N GLY C 314 73.65 1.05 42.79
CA GLY C 314 73.56 0.35 41.52
C GLY C 314 72.63 1.04 40.54
N PHE C 315 72.83 0.71 39.27
CA PHE C 315 71.90 1.18 38.24
C PHE C 315 70.54 0.55 38.46
N PRO C 316 69.47 1.33 38.63
CA PRO C 316 68.17 0.72 38.93
C PRO C 316 67.76 -0.27 37.84
N HIS C 317 67.27 -1.43 38.30
CA HIS C 317 66.78 -2.51 37.45
C HIS C 317 67.87 -3.14 36.59
N TYR C 318 69.12 -2.69 36.69
CA TYR C 318 70.19 -3.24 35.87
C TYR C 318 71.28 -3.89 36.71
N GLY C 319 71.90 -3.16 37.63
CA GLY C 319 72.99 -3.71 38.41
C GLY C 319 74.23 -2.84 38.40
N VAL C 320 75.40 -3.46 38.54
CA VAL C 320 76.68 -2.75 38.61
C VAL C 320 77.44 -3.01 37.32
N VAL C 321 77.91 -1.93 36.69
CA VAL C 321 78.67 -2.04 35.45
C VAL C 321 80.12 -2.33 35.79
N LYS C 322 80.62 -3.49 35.35
CA LYS C 322 81.99 -3.90 35.56
C LYS C 322 82.78 -4.11 34.28
N GLU C 323 82.12 -4.21 33.13
CA GLU C 323 82.79 -4.46 31.87
C GLU C 323 83.00 -3.14 31.12
N ASP C 324 83.53 -3.24 29.91
CA ASP C 324 83.66 -2.07 29.05
C ASP C 324 82.29 -1.47 28.78
N TYR C 325 82.24 -0.15 28.67
CA TYR C 325 80.99 0.55 28.46
C TYR C 325 81.24 1.78 27.59
N LEU C 326 80.14 2.30 27.03
CA LEU C 326 80.16 3.51 26.25
C LEU C 326 79.23 4.53 26.90
N LEU C 327 79.69 5.78 26.97
CA LEU C 327 78.88 6.89 27.44
C LEU C 327 78.40 7.65 26.21
N ILE C 328 77.09 7.62 25.96
CA ILE C 328 76.51 8.14 24.73
C ILE C 328 75.61 9.31 25.08
N LYS C 329 75.79 10.43 24.36
CA LYS C 329 74.96 11.59 24.58
C LYS C 329 73.49 11.29 24.28
N GLY C 330 72.61 11.85 25.10
CA GLY C 330 71.18 11.72 24.85
C GLY C 330 70.60 10.43 25.40
N CYS C 331 69.52 9.98 24.78
CA CYS C 331 68.74 8.84 25.22
C CYS C 331 68.82 7.70 24.21
N CYS C 332 68.66 6.48 24.71
CA CYS C 332 68.74 5.28 23.91
C CYS C 332 67.40 4.56 23.88
N VAL C 333 67.12 3.91 22.75
CA VAL C 333 65.87 3.17 22.61
C VAL C 333 65.84 2.00 23.59
N GLY C 334 64.63 1.65 24.02
CA GLY C 334 64.40 0.46 24.80
C GLY C 334 64.46 0.67 26.30
N THR C 335 64.06 -0.37 27.02
CA THR C 335 64.07 -0.38 28.49
C THR C 335 65.49 -0.61 29.00
N LYS C 336 65.65 -0.57 30.32
CA LYS C 336 66.88 -1.05 30.93
C LYS C 336 67.03 -2.54 30.65
N LYS C 337 68.29 -2.96 30.45
CA LYS C 337 68.73 -4.31 30.16
C LYS C 337 68.50 -4.70 28.70
N ARG C 338 67.85 -3.88 27.89
CA ARG C 338 67.56 -4.28 26.52
C ARG C 338 68.83 -4.28 25.69
N VAL C 339 69.02 -5.35 24.92
CA VAL C 339 70.15 -5.43 24.00
C VAL C 339 69.96 -4.41 22.89
N VAL C 340 71.00 -3.63 22.62
CA VAL C 340 70.97 -2.60 21.58
C VAL C 340 72.12 -2.84 20.62
N THR C 341 71.89 -2.48 19.36
CA THR C 341 72.87 -2.67 18.30
C THR C 341 73.50 -1.32 17.96
N LEU C 342 74.82 -1.25 18.06
CA LEU C 342 75.57 -0.05 17.71
C LEU C 342 76.14 -0.23 16.31
N ARG C 343 75.96 0.78 15.46
CA ARG C 343 76.40 0.73 14.08
C ARG C 343 77.18 1.99 13.74
N GLN C 344 78.21 1.82 12.91
CA GLN C 344 78.94 2.97 12.40
C GLN C 344 78.04 3.80 11.48
N SER C 345 78.25 5.11 11.51
CA SER C 345 77.43 6.02 10.72
C SER C 345 77.57 5.72 9.23
N LEU C 346 76.45 5.79 8.52
CA LEU C 346 76.47 5.62 7.07
C LEU C 346 76.85 6.89 6.33
N LEU C 347 76.79 8.04 7.00
CA LEU C 347 77.11 9.32 6.40
C LEU C 347 78.56 9.71 6.70
N ASN C 348 79.04 10.72 5.99
CA ASN C 348 80.36 11.30 6.25
C ASN C 348 80.19 12.40 7.28
N GLN C 349 80.71 12.18 8.48
CA GLN C 349 80.56 13.12 9.59
C GLN C 349 81.53 14.28 9.40
N THR C 350 80.99 15.45 9.03
CA THR C 350 81.80 16.63 8.79
C THR C 350 81.35 17.86 9.57
N SER C 351 80.19 17.84 10.20
CA SER C 351 79.71 18.99 10.93
C SER C 351 80.60 19.26 12.15
N ARG C 352 80.56 20.52 12.61
CA ARG C 352 81.38 20.90 13.76
C ARG C 352 80.99 20.09 15.00
N VAL C 353 79.69 19.85 15.18
CA VAL C 353 79.26 19.05 16.33
C VAL C 353 79.85 17.64 16.25
N ALA C 354 79.94 17.09 15.04
CA ALA C 354 80.51 15.75 14.89
C ALA C 354 81.99 15.73 15.20
N LEU C 355 82.71 16.80 14.87
CA LEU C 355 84.16 16.86 15.09
C LEU C 355 84.53 17.49 16.42
N GLU C 356 83.56 17.89 17.23
CA GLU C 356 83.85 18.53 18.50
C GLU C 356 84.56 17.56 19.44
N GLU C 357 85.57 18.06 20.14
CA GLU C 357 86.35 17.27 21.08
C GLU C 357 85.73 17.40 22.46
N ILE C 358 85.25 16.29 23.01
CA ILE C 358 84.55 16.29 24.29
C ILE C 358 85.56 16.26 25.42
N LYS C 359 85.26 16.98 26.50
CA LYS C 359 86.11 17.02 27.69
C LYS C 359 85.19 17.12 28.90
N LEU C 360 84.93 15.99 29.55
CA LEU C 360 84.02 15.96 30.67
C LEU C 360 84.64 16.58 31.91
N LYS C 361 83.85 17.38 32.62
CA LYS C 361 84.26 17.96 33.90
C LYS C 361 83.75 17.18 35.09
N PHE C 362 82.52 16.67 35.02
CA PHE C 362 81.90 16.00 36.16
C PHE C 362 80.93 14.95 35.65
N ILE C 363 80.91 13.81 36.31
CA ILE C 363 79.99 12.72 36.01
C ILE C 363 79.23 12.42 37.30
N ASP C 364 77.90 12.55 37.25
CA ASP C 364 77.08 12.37 38.45
C ASP C 364 76.92 10.89 38.75
N THR C 365 77.17 10.52 40.00
CA THR C 365 77.03 9.14 40.46
C THR C 365 76.16 9.04 41.69
N SER C 366 75.32 10.03 41.94
CA SER C 366 74.37 9.94 43.04
C SER C 366 73.28 8.93 42.71
N SER C 367 72.58 8.47 43.75
CA SER C 367 71.55 7.47 43.57
C SER C 367 70.45 7.97 42.64
N LYS C 368 70.04 7.13 41.70
CA LYS C 368 68.95 7.43 40.79
C LYS C 368 67.62 6.86 41.26
N PHE C 369 67.59 6.21 42.43
CA PHE C 369 66.37 5.70 43.04
C PHE C 369 65.76 6.70 44.01
N GLY C 370 66.00 7.99 43.79
CA GLY C 370 65.50 9.02 44.67
C GLY C 370 66.22 10.32 44.38
N HIS C 371 66.09 11.26 45.31
CA HIS C 371 66.77 12.55 45.19
C HIS C 371 68.16 12.43 45.82
N GLY C 372 69.00 11.65 45.13
CA GLY C 372 70.35 11.38 45.60
C GLY C 372 71.19 12.62 45.78
N ARG C 373 71.86 12.75 46.93
CA ARG C 373 72.69 13.89 47.23
C ARG C 373 74.12 13.52 47.62
N PHE C 374 74.48 12.24 47.55
CA PHE C 374 75.84 11.79 47.85
C PHE C 374 76.41 11.10 46.62
N GLN C 375 77.60 11.53 46.20
CA GLN C 375 78.24 10.94 45.04
C GLN C 375 78.87 9.59 45.36
N THR C 376 79.27 9.36 46.60
CA THR C 376 79.92 8.12 47.00
C THR C 376 79.34 7.66 48.33
N THR C 377 79.45 6.35 48.57
CA THR C 377 79.00 5.79 49.85
C THR C 377 79.82 6.33 51.01
N GLN C 378 81.13 6.51 50.79
CA GLN C 378 81.97 7.07 51.86
C GLN C 378 81.51 8.47 52.24
N GLU C 379 81.16 9.30 51.25
CA GLU C 379 80.67 10.64 51.54
C GLU C 379 79.42 10.58 52.41
N LYS C 380 78.49 9.67 52.07
CA LYS C 380 77.28 9.53 52.87
C LYS C 380 77.62 9.07 54.29
N GLN C 381 78.53 8.09 54.41
CA GLN C 381 78.89 7.59 55.73
C GLN C 381 79.57 8.67 56.57
N LYS C 382 80.47 9.44 55.95
CA LYS C 382 81.11 10.53 56.68
C LYS C 382 80.11 11.62 57.06
N PHE C 383 79.07 11.80 56.25
CA PHE C 383 78.06 12.82 56.56
C PHE C 383 77.33 12.49 57.85
N TYR C 384 76.98 11.21 58.04
CA TYR C 384 76.24 10.76 59.22
C TYR C 384 77.17 10.27 60.34
N GLY C 385 78.42 10.72 60.36
CA GLY C 385 79.37 10.25 61.35
C GLY C 385 79.57 8.76 61.28
N ARG C 386 79.73 8.23 60.06
CA ARG C 386 79.86 6.82 59.76
C ARG C 386 78.57 6.04 59.99
N LEU C 387 77.49 6.72 60.38
CA LEU C 387 76.18 6.10 60.54
C LEU C 387 76.26 4.78 61.30
N ALA D 2 2.79 72.50 -57.21
CA ALA D 2 4.04 71.75 -57.35
C ALA D 2 3.83 70.52 -58.24
N PHE D 3 4.90 69.76 -58.45
CA PHE D 3 4.80 68.53 -59.21
C PHE D 3 3.87 67.56 -58.49
N ILE D 4 2.95 66.96 -59.23
CA ILE D 4 1.96 66.05 -58.69
C ILE D 4 2.35 64.62 -59.06
N LYS D 5 2.25 63.71 -58.10
CA LYS D 5 2.57 62.32 -58.36
C LYS D 5 1.64 61.75 -59.43
N VAL D 6 2.22 60.98 -60.35
CA VAL D 6 1.42 60.38 -61.41
C VAL D 6 0.42 59.41 -60.79
N GLN D 7 -0.86 59.62 -61.10
CA GLN D 7 -1.90 58.75 -60.54
C GLN D 7 -1.90 57.38 -61.23
N LYS D 8 -1.75 57.35 -62.55
CA LYS D 8 -1.79 56.12 -63.32
C LYS D 8 -0.36 55.66 -63.59
N THR D 9 0.24 55.07 -62.56
CA THR D 9 1.60 54.54 -62.66
C THR D 9 1.56 53.09 -63.16
N ARG D 10 2.74 52.46 -63.21
CA ARG D 10 2.80 51.06 -63.58
C ARG D 10 2.02 50.19 -62.60
N ALA D 11 2.15 50.47 -61.30
CA ALA D 11 1.46 49.67 -60.30
C ALA D 11 -0.06 49.76 -60.48
N TYR D 12 -0.56 50.93 -60.86
CA TYR D 12 -2.00 51.09 -61.04
C TYR D 12 -2.51 50.16 -62.14
N PHE D 13 -1.79 50.06 -63.25
CA PHE D 13 -2.24 49.21 -64.36
C PHE D 13 -1.99 47.74 -64.08
N LYS D 14 -0.96 47.41 -63.29
CA LYS D 14 -0.69 46.01 -62.98
C LYS D 14 -1.85 45.37 -62.24
N ARG D 15 -2.44 46.10 -61.30
CA ARG D 15 -3.51 45.56 -60.44
C ARG D 15 -4.90 45.90 -60.96
N PHE D 16 -5.01 46.58 -62.08
CA PHE D 16 -6.31 46.97 -62.60
C PHE D 16 -7.03 45.76 -63.20
N GLN D 17 -8.28 45.56 -62.81
CA GLN D 17 -9.13 44.51 -63.38
C GLN D 17 -10.19 45.18 -64.25
N VAL D 18 -10.21 44.83 -65.53
CA VAL D 18 -11.21 45.40 -66.43
C VAL D 18 -12.56 44.76 -66.18
N LYS D 19 -13.62 45.57 -66.27
CA LYS D 19 -14.97 45.04 -66.22
C LYS D 19 -15.29 44.32 -67.53
N PHE D 20 -16.43 43.63 -67.54
CA PHE D 20 -16.87 42.97 -68.76
C PHE D 20 -17.01 43.98 -69.89
N LYS D 21 -16.71 43.52 -71.11
CA LYS D 21 -16.70 44.43 -72.25
C LYS D 21 -18.05 45.12 -72.42
N ARG D 22 -19.14 44.37 -72.27
CA ARG D 22 -20.46 44.98 -72.39
C ARG D 22 -20.72 45.98 -71.28
N ARG D 23 -20.16 45.75 -70.09
CA ARG D 23 -20.37 46.69 -68.98
C ARG D 23 -19.61 47.99 -69.23
N ARG D 24 -18.34 47.90 -69.61
CA ARG D 24 -17.57 49.12 -69.85
C ARG D 24 -17.97 49.81 -71.14
N GLU D 25 -18.70 49.14 -72.02
CA GLU D 25 -19.35 49.80 -73.15
C GLU D 25 -20.70 50.40 -72.76
N GLY D 26 -21.17 50.15 -71.54
CA GLY D 26 -22.41 50.73 -71.07
C GLY D 26 -23.64 50.25 -71.80
N LYS D 27 -23.75 48.95 -72.06
CA LYS D 27 -24.88 48.40 -72.80
C LYS D 27 -25.59 47.26 -72.09
N THR D 28 -24.96 46.55 -71.16
CA THR D 28 -25.55 45.40 -70.50
C THR D 28 -25.48 45.57 -68.99
N ASP D 29 -26.61 45.36 -68.31
CA ASP D 29 -26.65 45.31 -66.86
C ASP D 29 -26.63 43.83 -66.47
N TYR D 30 -25.46 43.37 -66.01
CA TYR D 30 -25.28 41.94 -65.77
C TYR D 30 -26.02 41.46 -64.53
N ARG D 31 -26.30 42.34 -63.58
CA ARG D 31 -27.18 41.95 -62.47
C ARG D 31 -28.56 41.57 -62.98
N ALA D 32 -29.12 42.38 -63.88
CA ALA D 32 -30.43 42.06 -64.43
C ALA D 32 -30.34 40.88 -65.39
N ARG D 33 -29.30 40.82 -66.20
CA ARG D 33 -29.17 39.72 -67.16
C ARG D 33 -29.08 38.38 -66.46
N ASN D 34 -28.31 38.30 -65.38
CA ASN D 34 -28.17 37.04 -64.66
C ASN D 34 -29.52 36.55 -64.15
N ARG D 35 -30.31 37.44 -63.55
CA ARG D 35 -31.62 37.08 -63.02
C ARG D 35 -32.66 36.85 -64.11
N LEU D 36 -32.37 37.25 -65.34
CA LEU D 36 -33.30 37.04 -66.45
C LEU D 36 -33.11 35.68 -67.12
N ILE D 37 -31.87 35.22 -67.26
CA ILE D 37 -31.59 34.00 -68.00
C ILE D 37 -31.37 32.79 -67.12
N ASN D 38 -31.09 32.98 -65.83
CA ASN D 38 -30.80 31.85 -64.94
C ASN D 38 -32.05 30.99 -64.79
N GLN D 39 -32.01 29.78 -65.35
CA GLN D 39 -33.11 28.85 -65.31
C GLN D 39 -32.94 27.87 -64.16
N ASP D 40 -34.08 27.41 -63.62
CA ASP D 40 -34.04 26.38 -62.59
C ASP D 40 -33.30 25.15 -63.11
N LYS D 41 -32.43 24.60 -62.27
CA LYS D 41 -31.62 23.46 -62.72
C LYS D 41 -32.45 22.21 -62.90
N ASN D 42 -33.55 22.08 -62.16
CA ASN D 42 -34.45 20.94 -62.36
C ASN D 42 -35.37 21.11 -63.56
N LYS D 43 -35.15 22.15 -64.37
CA LYS D 43 -35.79 22.28 -65.67
C LYS D 43 -34.85 21.95 -66.82
N TYR D 44 -33.55 21.81 -66.55
CA TYR D 44 -32.57 21.30 -67.51
C TYR D 44 -32.56 22.23 -68.72
N ASN D 45 -32.64 21.72 -69.95
CA ASN D 45 -32.54 22.54 -71.15
C ASN D 45 -33.92 23.09 -71.54
N THR D 46 -34.44 23.95 -70.67
CA THR D 46 -35.69 24.65 -70.94
C THR D 46 -35.36 26.10 -71.21
N PRO D 47 -35.40 26.57 -72.47
CA PRO D 47 -35.03 27.95 -72.75
C PRO D 47 -35.90 28.94 -72.00
N LYS D 48 -35.29 30.04 -71.58
CA LYS D 48 -36.00 31.16 -70.97
C LYS D 48 -35.92 32.32 -71.95
N TYR D 49 -37.02 32.59 -72.64
CA TYR D 49 -37.04 33.58 -73.71
C TYR D 49 -37.24 34.98 -73.14
N ARG D 50 -36.48 35.93 -73.67
CA ARG D 50 -36.57 37.33 -73.27
C ARG D 50 -37.20 38.14 -74.41
N PHE D 51 -38.17 38.98 -74.06
CA PHE D 51 -38.74 39.94 -75.00
C PHE D 51 -37.90 41.21 -74.91
N VAL D 52 -36.89 41.29 -75.78
CA VAL D 52 -35.93 42.39 -75.77
C VAL D 52 -36.50 43.53 -76.62
N VAL D 53 -36.64 44.71 -76.01
CA VAL D 53 -37.11 45.90 -76.69
C VAL D 53 -36.07 47.00 -76.48
N ARG D 54 -35.53 47.53 -77.57
CA ARG D 54 -34.53 48.59 -77.52
C ARG D 54 -34.95 49.73 -78.43
N PHE D 55 -34.74 50.96 -77.95
CA PHE D 55 -35.10 52.16 -78.69
C PHE D 55 -33.83 52.91 -79.09
N THR D 56 -33.67 53.15 -80.38
CA THR D 56 -32.62 54.03 -80.87
C THR D 56 -33.20 55.41 -81.11
N ASN D 57 -32.36 56.33 -81.59
CA ASN D 57 -32.83 57.69 -81.86
C ASN D 57 -33.87 57.72 -82.97
N LYS D 58 -33.88 56.73 -83.87
CA LYS D 58 -34.81 56.74 -84.99
C LYS D 58 -35.42 55.38 -85.29
N ASP D 59 -35.23 54.37 -84.44
CA ASP D 59 -35.75 53.04 -84.74
C ASP D 59 -36.06 52.31 -83.43
N ILE D 60 -36.92 51.30 -83.54
CA ILE D 60 -37.27 50.43 -82.43
C ILE D 60 -36.89 49.00 -82.82
N ILE D 61 -36.17 48.32 -81.94
CA ILE D 61 -35.71 46.95 -82.17
C ILE D 61 -36.39 46.05 -81.16
N ALA D 62 -37.04 45.00 -81.65
CA ALA D 62 -37.70 44.01 -80.80
C ALA D 62 -37.22 42.63 -81.21
N GLN D 63 -36.92 41.79 -80.21
CA GLN D 63 -36.36 40.47 -80.46
C GLN D 63 -36.84 39.49 -79.40
N ILE D 64 -37.02 38.24 -79.81
CA ILE D 64 -37.24 37.13 -78.89
C ILE D 64 -35.94 36.35 -78.80
N VAL D 65 -35.36 36.31 -77.60
CA VAL D 65 -33.97 35.87 -77.43
C VAL D 65 -33.92 34.77 -76.37
N SER D 66 -33.11 33.75 -76.63
CA SER D 66 -32.77 32.74 -75.65
C SER D 66 -31.25 32.67 -75.53
N ALA D 67 -30.77 32.33 -74.34
CA ALA D 67 -29.35 32.38 -74.03
C ALA D 67 -28.70 31.02 -74.27
N SER D 68 -27.42 31.05 -74.64
CA SER D 68 -26.63 29.86 -74.84
C SER D 68 -25.17 30.19 -74.58
N ILE D 69 -24.35 29.14 -74.44
CA ILE D 69 -22.93 29.34 -74.16
C ILE D 69 -22.26 30.10 -75.30
N ALA D 70 -22.56 29.72 -76.54
CA ALA D 70 -21.96 30.40 -77.68
C ALA D 70 -22.47 31.84 -77.84
N GLY D 71 -23.62 32.17 -77.23
CA GLY D 71 -24.19 33.48 -77.36
C GLY D 71 -25.71 33.44 -77.41
N ASP D 72 -26.33 34.60 -77.54
CA ASP D 72 -27.78 34.68 -77.60
C ASP D 72 -28.28 34.23 -78.97
N MET D 73 -29.39 33.51 -78.98
CA MET D 73 -30.03 33.02 -80.20
C MET D 73 -31.32 33.78 -80.42
N ILE D 74 -31.50 34.30 -81.63
CA ILE D 74 -32.67 35.10 -81.97
C ILE D 74 -33.74 34.19 -82.55
N LEU D 75 -34.89 34.12 -81.86
CA LEU D 75 -36.01 33.33 -82.35
C LEU D 75 -36.83 34.12 -83.38
N ALA D 76 -37.10 35.39 -83.08
CA ALA D 76 -37.81 36.26 -84.00
C ALA D 76 -37.43 37.70 -83.70
N SER D 77 -37.47 38.55 -84.73
CA SER D 77 -37.10 39.95 -84.59
C SER D 77 -38.09 40.81 -85.36
N ALA D 78 -38.21 42.06 -84.93
CA ALA D 78 -39.09 43.02 -85.59
C ALA D 78 -38.50 44.41 -85.42
N TYR D 79 -38.39 45.13 -86.53
CA TYR D 79 -37.84 46.48 -86.54
C TYR D 79 -38.92 47.47 -86.95
N ALA D 80 -38.94 48.63 -86.29
CA ALA D 80 -39.90 49.67 -86.66
C ALA D 80 -39.60 50.24 -88.04
N ASN D 81 -38.36 50.11 -88.52
CA ASN D 81 -38.01 50.65 -89.82
C ASN D 81 -38.63 49.89 -90.98
N GLU D 82 -39.17 48.69 -90.74
CA GLU D 82 -39.85 47.92 -91.76
C GLU D 82 -41.36 48.05 -91.69
N LEU D 83 -41.87 48.90 -90.79
CA LEU D 83 -43.30 49.18 -90.69
C LEU D 83 -43.83 49.90 -91.92
N PRO D 84 -43.02 50.72 -92.60
CA PRO D 84 -43.52 51.32 -93.85
C PRO D 84 -44.01 50.31 -94.86
N HIS D 85 -43.47 49.09 -94.83
CA HIS D 85 -44.03 48.02 -95.66
C HIS D 85 -45.48 47.73 -95.33
N TYR D 86 -45.93 48.09 -94.12
CA TYR D 86 -47.30 47.86 -93.69
C TYR D 86 -48.17 49.11 -93.76
N GLY D 87 -47.57 50.30 -93.90
CA GLY D 87 -48.34 51.52 -94.05
C GLY D 87 -47.85 52.67 -93.19
N LEU D 88 -47.22 52.37 -92.07
CA LEU D 88 -46.77 53.41 -91.15
C LEU D 88 -45.48 54.03 -91.68
N GLU D 89 -45.55 55.32 -92.05
CA GLU D 89 -44.44 56.00 -92.68
C GLU D 89 -43.72 56.98 -91.76
N VAL D 90 -44.39 57.49 -90.73
CA VAL D 90 -43.83 58.53 -89.87
C VAL D 90 -44.03 58.12 -88.41
N GLY D 91 -43.28 58.80 -87.54
CA GLY D 91 -43.36 58.53 -86.12
C GLY D 91 -42.97 57.12 -85.76
N LEU D 92 -41.86 56.64 -86.31
CA LEU D 92 -41.40 55.27 -86.12
C LEU D 92 -40.73 55.06 -84.76
N THR D 93 -40.82 56.03 -83.85
CA THR D 93 -40.26 55.87 -82.51
C THR D 93 -41.21 56.34 -81.42
N ASN D 94 -42.47 56.59 -81.73
CA ASN D 94 -43.43 57.05 -80.74
C ASN D 94 -44.11 55.87 -80.05
N TYR D 95 -45.05 56.18 -79.16
CA TYR D 95 -45.74 55.13 -78.42
C TYR D 95 -46.51 54.21 -79.35
N ALA D 96 -47.20 54.79 -80.34
CA ALA D 96 -47.99 53.97 -81.26
C ALA D 96 -47.10 53.04 -82.08
N ALA D 97 -45.95 53.54 -82.53
CA ALA D 97 -45.03 52.69 -83.29
C ALA D 97 -44.53 51.54 -82.43
N ALA D 98 -44.25 51.79 -81.16
CA ALA D 98 -43.82 50.72 -80.27
C ALA D 98 -44.89 49.64 -80.15
N TYR D 99 -46.16 50.05 -80.06
CA TYR D 99 -47.25 49.08 -80.03
C TYR D 99 -47.28 48.26 -81.32
N CYS D 100 -47.09 48.91 -82.47
CA CYS D 100 -47.09 48.19 -83.74
C CYS D 100 -45.91 47.22 -83.81
N THR D 101 -44.73 47.66 -83.37
CA THR D 101 -43.56 46.78 -83.40
C THR D 101 -43.77 45.57 -82.50
N GLY D 102 -44.34 45.78 -81.31
CA GLY D 102 -44.61 44.65 -80.43
C GLY D 102 -45.64 43.70 -81.01
N LEU D 103 -46.68 44.25 -81.65
CA LEU D 103 -47.68 43.41 -82.28
C LEU D 103 -47.08 42.59 -83.42
N LEU D 104 -46.21 43.20 -84.23
CA LEU D 104 -45.60 42.49 -85.34
C LEU D 104 -44.75 41.32 -84.85
N LEU D 105 -43.97 41.54 -83.79
CA LEU D 105 -43.14 40.47 -83.25
C LEU D 105 -43.99 39.32 -82.74
N ALA D 106 -45.11 39.64 -82.06
CA ALA D 106 -45.95 38.60 -81.50
C ALA D 106 -46.54 37.71 -82.59
N ARG D 107 -46.98 38.30 -83.69
CA ARG D 107 -47.54 37.50 -84.78
C ARG D 107 -46.46 36.71 -85.50
N ARG D 108 -45.25 37.27 -85.61
CA ARG D 108 -44.18 36.54 -86.29
C ARG D 108 -43.75 35.32 -85.49
N VAL D 109 -43.56 35.47 -84.19
CA VAL D 109 -43.09 34.35 -83.38
C VAL D 109 -44.15 33.25 -83.33
N LEU D 110 -45.42 33.63 -83.20
CA LEU D 110 -46.49 32.63 -83.24
C LEU D 110 -46.57 31.97 -84.61
N LYS D 111 -46.30 32.73 -85.68
CA LYS D 111 -46.23 32.14 -87.01
C LYS D 111 -45.11 31.11 -87.09
N LYS D 112 -43.95 31.43 -86.53
CA LYS D 112 -42.82 30.50 -86.55
C LYS D 112 -43.10 29.27 -85.71
N LEU D 113 -43.81 29.42 -84.60
CA LEU D 113 -44.14 28.30 -83.73
C LEU D 113 -45.36 27.53 -84.19
N GLU D 114 -45.99 27.93 -85.29
CA GLU D 114 -47.14 27.22 -85.85
C GLU D 114 -48.27 27.12 -84.82
N MET D 115 -48.47 28.21 -84.07
CA MET D 115 -49.57 28.27 -83.11
C MET D 115 -50.31 29.60 -83.19
N ASP D 116 -50.22 30.31 -84.32
CA ASP D 116 -50.90 31.59 -84.46
C ASP D 116 -52.40 31.44 -84.64
N GLU D 117 -52.87 30.29 -85.13
CA GLU D 117 -54.31 30.09 -85.29
C GLU D 117 -54.99 29.90 -83.95
N GLU D 118 -54.34 29.21 -83.01
CA GLU D 118 -54.95 28.96 -81.71
C GLU D 118 -55.04 30.24 -80.88
N TYR D 119 -54.08 31.14 -81.02
CA TYR D 119 -54.04 32.39 -80.27
C TYR D 119 -54.07 33.55 -81.26
N GLU D 120 -55.23 34.20 -81.37
CA GLU D 120 -55.38 35.36 -82.23
C GLU D 120 -55.15 36.68 -81.50
N GLY D 121 -54.96 36.65 -80.19
CA GLY D 121 -54.73 37.86 -79.44
C GLY D 121 -56.01 38.60 -79.10
N ASN D 122 -55.85 39.89 -78.81
CA ASN D 122 -56.97 40.73 -78.42
C ASN D 122 -57.61 41.31 -79.67
N LEU D 123 -58.91 41.08 -79.82
CA LEU D 123 -59.65 41.57 -80.97
C LEU D 123 -60.33 42.91 -80.72
N GLU D 124 -60.47 43.32 -79.46
CA GLU D 124 -61.12 44.57 -79.09
C GLU D 124 -60.09 45.39 -78.29
N VAL D 125 -59.30 46.20 -78.99
CA VAL D 125 -58.29 47.04 -78.36
C VAL D 125 -59.01 48.26 -77.77
N ASN D 126 -59.30 48.22 -76.48
CA ASN D 126 -60.00 49.31 -75.80
C ASN D 126 -59.15 49.95 -74.70
N GLY D 127 -57.86 49.64 -74.63
CA GLY D 127 -57.00 50.21 -73.63
C GLY D 127 -57.02 49.51 -72.28
N GLU D 128 -57.85 48.48 -72.12
CA GLU D 128 -57.89 47.73 -70.87
C GLU D 128 -56.76 46.70 -70.84
N ASP D 129 -56.34 46.35 -69.63
CA ASP D 129 -55.31 45.33 -69.47
C ASP D 129 -55.80 44.01 -70.04
N TYR D 130 -54.95 43.35 -70.82
CA TYR D 130 -55.32 42.13 -71.52
C TYR D 130 -54.26 41.07 -71.29
N SER D 131 -54.72 39.81 -71.23
CA SER D 131 -53.84 38.66 -71.10
C SER D 131 -54.50 37.49 -71.81
N VAL D 132 -53.82 36.93 -72.80
CA VAL D 132 -54.42 35.87 -73.60
C VAL D 132 -54.71 34.67 -72.72
N GLU D 133 -55.97 34.23 -72.72
CA GLU D 133 -56.35 33.07 -71.94
C GLU D 133 -55.76 31.80 -72.55
N PRO D 134 -55.38 30.83 -71.73
CA PRO D 134 -54.82 29.58 -72.28
C PRO D 134 -55.83 28.87 -73.18
N ALA D 135 -55.31 28.24 -74.23
CA ALA D 135 -56.13 27.50 -75.17
C ALA D 135 -56.46 26.13 -74.57
N GLU D 136 -57.03 25.25 -75.39
CA GLU D 136 -57.47 23.95 -74.90
C GLU D 136 -56.30 22.98 -74.76
N SER D 137 -55.60 22.72 -75.87
CA SER D 137 -54.55 21.70 -75.91
C SER D 137 -53.16 22.30 -76.01
N ARG D 138 -52.99 23.57 -75.63
CA ARG D 138 -51.68 24.20 -75.75
C ARG D 138 -51.68 25.50 -74.95
N ARG D 139 -50.60 25.70 -74.15
CA ARG D 139 -50.47 26.94 -73.39
C ARG D 139 -49.86 28.03 -74.27
N PRO D 140 -50.13 29.30 -73.97
CA PRO D 140 -49.57 30.38 -74.78
C PRO D 140 -48.07 30.50 -74.60
N PHE D 141 -47.41 30.99 -75.65
CA PHE D 141 -45.98 31.22 -75.58
C PHE D 141 -45.66 32.25 -74.51
N ARG D 142 -44.67 31.95 -73.68
CA ARG D 142 -44.31 32.78 -72.55
C ARG D 142 -42.94 33.41 -72.77
N ALA D 143 -42.83 34.70 -72.49
CA ALA D 143 -41.58 35.43 -72.62
C ALA D 143 -41.50 36.47 -71.54
N LEU D 144 -40.28 36.91 -71.23
CA LEU D 144 -40.01 37.88 -70.19
C LEU D 144 -39.50 39.18 -70.80
N LEU D 145 -40.02 40.30 -70.31
CA LEU D 145 -39.64 41.61 -70.82
C LEU D 145 -38.25 41.99 -70.32
N ASP D 146 -37.37 42.35 -71.24
CA ASP D 146 -36.02 42.80 -70.93
C ASP D 146 -35.91 44.25 -71.38
N VAL D 147 -36.13 45.18 -70.43
CA VAL D 147 -36.19 46.59 -70.78
C VAL D 147 -34.81 47.19 -71.02
N GLY D 148 -33.75 46.58 -70.51
CA GLY D 148 -32.41 47.11 -70.69
C GLY D 148 -32.05 48.17 -69.67
N LEU D 149 -31.39 49.23 -70.12
CA LEU D 149 -30.87 50.27 -69.24
C LEU D 149 -31.77 51.50 -69.16
N LEU D 150 -32.97 51.44 -69.72
CA LEU D 150 -33.87 52.59 -69.69
C LEU D 150 -34.63 52.63 -68.36
N ARG D 151 -35.20 53.80 -68.08
CA ARG D 151 -35.98 54.00 -66.86
C ARG D 151 -37.41 53.52 -67.08
N THR D 152 -37.87 52.62 -66.20
CA THR D 152 -39.21 52.06 -66.32
C THR D 152 -40.20 53.01 -65.65
N THR D 153 -40.54 54.07 -66.38
CA THR D 153 -41.48 55.07 -65.93
C THR D 153 -42.87 54.79 -66.50
N THR D 154 -43.88 55.34 -65.84
CA THR D 154 -45.25 55.18 -66.32
C THR D 154 -45.40 55.84 -67.69
N GLY D 155 -46.02 55.11 -68.61
CA GLY D 155 -46.19 55.61 -69.96
C GLY D 155 -44.98 55.44 -70.86
N ASN D 156 -43.96 54.72 -70.41
CA ASN D 156 -42.77 54.51 -71.22
C ASN D 156 -43.12 53.73 -72.48
N ARG D 157 -42.42 54.04 -73.57
CA ARG D 157 -42.68 53.37 -74.84
C ARG D 157 -42.51 51.86 -74.74
N VAL D 158 -41.62 51.39 -73.88
CA VAL D 158 -41.37 49.96 -73.78
C VAL D 158 -42.65 49.22 -73.37
N PHE D 159 -43.44 49.83 -72.48
CA PHE D 159 -44.70 49.23 -72.09
C PHE D 159 -45.77 49.38 -73.16
N GLY D 160 -45.61 50.31 -74.10
CA GLY D 160 -46.45 50.32 -75.27
C GLY D 160 -46.20 49.12 -76.17
N ALA D 161 -44.94 48.74 -76.33
CA ALA D 161 -44.62 47.51 -77.06
C ALA D 161 -45.06 46.28 -76.29
N LEU D 162 -45.02 46.34 -74.96
CA LEU D 162 -45.53 45.23 -74.16
C LEU D 162 -47.02 45.01 -74.42
N LYS D 163 -47.80 46.09 -74.50
CA LYS D 163 -49.22 45.96 -74.78
C LYS D 163 -49.44 45.35 -76.17
N GLY D 164 -48.65 45.77 -77.15
CA GLY D 164 -48.78 45.20 -78.48
C GLY D 164 -48.47 43.71 -78.50
N ALA D 165 -47.44 43.29 -77.77
CA ALA D 165 -47.12 41.87 -77.68
C ALA D 165 -48.24 41.11 -76.98
N LEU D 166 -48.79 41.68 -75.91
CA LEU D 166 -49.91 41.03 -75.22
C LEU D 166 -51.12 40.92 -76.13
N ASP D 167 -51.45 42.00 -76.86
CA ASP D 167 -52.55 41.96 -77.81
C ASP D 167 -52.28 41.04 -78.98
N GLY D 168 -51.02 40.73 -79.25
CA GLY D 168 -50.67 39.80 -80.31
C GLY D 168 -50.83 38.34 -79.95
N GLY D 169 -51.05 38.03 -78.68
CA GLY D 169 -51.26 36.67 -78.23
C GLY D 169 -50.13 36.06 -77.43
N LEU D 170 -49.17 36.86 -76.96
CA LEU D 170 -48.05 36.36 -76.19
C LEU D 170 -48.32 36.52 -74.70
N ASP D 171 -47.92 35.52 -73.92
CA ASP D 171 -48.01 35.58 -72.47
C ASP D 171 -46.74 36.22 -71.94
N ILE D 172 -46.88 37.39 -71.33
CA ILE D 172 -45.75 38.13 -70.76
C ILE D 172 -46.15 38.56 -69.35
N PRO D 173 -45.48 38.07 -68.30
CA PRO D 173 -45.81 38.53 -66.95
C PRO D 173 -45.69 40.04 -66.86
N HIS D 174 -46.68 40.67 -66.23
CA HIS D 174 -46.74 42.12 -66.19
C HIS D 174 -47.83 42.55 -65.23
N SER D 175 -47.87 43.86 -64.97
CA SER D 175 -48.97 44.51 -64.29
C SER D 175 -49.29 45.80 -65.04
N GLU D 176 -50.42 46.41 -64.69
CA GLU D 176 -50.90 47.59 -65.38
C GLU D 176 -50.38 48.89 -64.78
N LYS D 177 -49.49 48.82 -63.79
CA LYS D 177 -49.04 50.00 -63.08
C LYS D 177 -48.20 50.95 -63.93
N ARG D 178 -47.75 50.52 -65.11
CA ARG D 178 -46.86 51.33 -65.93
C ARG D 178 -47.40 51.62 -67.32
N PHE D 179 -48.57 51.11 -67.68
CA PHE D 179 -49.17 51.46 -68.95
C PHE D 179 -49.57 52.93 -68.97
N ALA D 180 -49.48 53.54 -70.13
CA ALA D 180 -49.90 54.94 -70.28
C ALA D 180 -51.36 55.10 -69.88
N GLY D 181 -51.63 56.08 -69.04
CA GLY D 181 -52.95 56.34 -68.51
C GLY D 181 -53.13 55.91 -67.06
N PHE D 182 -52.22 55.10 -66.54
CA PHE D 182 -52.29 54.72 -65.13
C PHE D 182 -52.01 55.93 -64.24
N SER D 183 -52.77 56.05 -63.16
CA SER D 183 -52.69 57.20 -62.26
C SER D 183 -52.04 56.77 -60.95
N LYS D 184 -51.04 57.55 -60.52
CA LYS D 184 -50.35 57.24 -59.27
C LYS D 184 -51.29 57.34 -58.07
N ASP D 185 -52.12 58.39 -58.04
CA ASP D 185 -52.99 58.62 -56.89
C ASP D 185 -54.20 57.69 -56.90
N SER D 186 -54.91 57.62 -58.04
CA SER D 186 -56.08 56.75 -58.12
C SER D 186 -55.71 55.27 -58.12
N LYS D 187 -54.48 54.94 -58.51
CA LYS D 187 -54.05 53.54 -58.60
C LYS D 187 -54.97 52.74 -59.51
N GLN D 188 -55.40 53.36 -60.60
CA GLN D 188 -56.25 52.70 -61.59
C GLN D 188 -55.73 53.01 -62.97
N LEU D 189 -56.04 52.12 -63.92
CA LEU D 189 -55.67 52.31 -65.32
C LEU D 189 -56.84 52.95 -66.07
N ASP D 190 -56.59 54.10 -66.66
CA ASP D 190 -57.60 54.81 -67.44
C ASP D 190 -57.55 54.27 -68.87
N ALA D 191 -58.57 53.47 -69.24
CA ALA D 191 -58.57 52.83 -70.54
C ALA D 191 -58.60 53.85 -71.67
N ASP D 192 -59.37 54.92 -71.52
CA ASP D 192 -59.49 55.92 -72.58
C ASP D 192 -58.14 56.56 -72.88
N VAL D 193 -57.41 56.95 -71.84
CA VAL D 193 -56.08 57.53 -72.06
C VAL D 193 -55.12 56.51 -72.65
N HIS D 194 -55.17 55.28 -72.14
CA HIS D 194 -54.29 54.24 -72.68
C HIS D 194 -54.61 53.97 -74.15
N ARG D 195 -55.90 53.88 -74.49
CA ARG D 195 -56.28 53.71 -75.89
C ARG D 195 -55.86 54.91 -76.73
N LYS D 196 -55.87 56.11 -76.14
CA LYS D 196 -55.44 57.30 -76.86
C LYS D 196 -53.99 57.17 -77.31
N TYR D 197 -53.12 56.67 -76.42
CA TYR D 197 -51.71 56.55 -76.75
C TYR D 197 -51.46 55.44 -77.77
N ILE D 198 -52.28 54.39 -77.76
CA ILE D 198 -52.07 53.28 -78.67
C ILE D 198 -52.25 53.73 -80.12
N TYR D 199 -53.18 54.63 -80.37
CA TYR D 199 -53.46 55.12 -81.72
C TYR D 199 -52.85 56.48 -81.98
N GLY D 200 -51.89 56.90 -81.16
CA GLY D 200 -51.22 58.17 -81.38
C GLY D 200 -52.08 59.38 -81.08
N GLY D 201 -53.08 59.24 -80.22
CA GLY D 201 -53.93 60.37 -79.89
C GLY D 201 -53.16 61.52 -79.28
N HIS D 202 -52.17 61.21 -78.44
CA HIS D 202 -51.35 62.26 -77.84
C HIS D 202 -50.54 63.00 -78.89
N VAL D 203 -50.06 62.29 -79.92
CA VAL D 203 -49.37 62.96 -81.01
C VAL D 203 -50.33 63.84 -81.80
N ALA D 204 -51.53 63.34 -82.07
CA ALA D 204 -52.53 64.13 -82.79
C ALA D 204 -52.91 65.37 -82.00
N THR D 205 -53.07 65.24 -80.68
CA THR D 205 -53.45 66.39 -79.86
C THR D 205 -52.39 67.48 -79.94
N TYR D 206 -51.11 67.10 -79.90
CA TYR D 206 -50.05 68.09 -80.00
C TYR D 206 -50.01 68.75 -81.37
N MET D 207 -50.27 67.99 -82.42
CA MET D 207 -50.30 68.57 -83.76
C MET D 207 -51.38 69.64 -83.87
N GLN D 208 -52.57 69.36 -83.32
CA GLN D 208 -53.65 70.35 -83.37
C GLN D 208 -53.34 71.55 -82.49
N THR D 209 -52.66 71.35 -81.36
CA THR D 209 -52.33 72.46 -80.48
C THR D 209 -51.41 73.46 -81.18
N LEU D 210 -50.44 72.96 -81.93
CA LEU D 210 -49.51 73.86 -82.61
C LEU D 210 -50.20 74.62 -83.73
N ILE D 211 -51.11 73.96 -84.45
CA ILE D 211 -51.79 74.61 -85.58
C ILE D 211 -52.55 75.83 -85.10
N GLU D 212 -53.30 75.69 -84.00
CA GLU D 212 -54.11 76.80 -83.52
C GLU D 212 -53.25 77.91 -82.94
N ASP D 213 -52.13 77.56 -82.30
CA ASP D 213 -51.31 78.53 -81.59
C ASP D 213 -50.08 78.96 -82.38
N GLU D 214 -49.27 78.01 -82.83
CA GLU D 214 -47.99 78.31 -83.49
C GLU D 214 -47.93 77.58 -84.82
N PRO D 215 -48.62 78.10 -85.84
CA PRO D 215 -48.57 77.44 -87.15
C PRO D 215 -47.17 77.34 -87.72
N GLU D 216 -46.32 78.33 -87.49
CA GLU D 216 -44.95 78.27 -87.98
C GLU D 216 -44.19 77.10 -87.35
N LYS D 217 -44.39 76.88 -86.04
CA LYS D 217 -43.73 75.75 -85.38
C LYS D 217 -44.29 74.42 -85.86
N TYR D 218 -45.59 74.39 -86.22
CA TYR D 218 -46.19 73.15 -86.68
C TYR D 218 -45.54 72.67 -87.98
N GLN D 219 -45.21 73.60 -88.88
CA GLN D 219 -44.62 73.22 -90.17
C GLN D 219 -43.28 72.54 -89.97
N THR D 220 -42.45 73.06 -89.06
CA THR D 220 -41.12 72.50 -88.87
C THR D 220 -41.16 71.25 -87.97
N HIS D 221 -41.91 71.32 -86.87
CA HIS D 221 -41.92 70.21 -85.92
C HIS D 221 -42.52 68.94 -86.51
N PHE D 222 -43.38 69.05 -87.51
CA PHE D 222 -44.04 67.92 -88.13
C PHE D 222 -43.88 67.97 -89.65
N SER D 223 -42.67 68.30 -90.12
CA SER D 223 -42.46 68.44 -91.56
C SER D 223 -42.69 67.12 -92.29
N GLN D 224 -42.20 66.01 -91.74
CA GLN D 224 -42.39 64.73 -92.40
C GLN D 224 -43.84 64.29 -92.40
N TYR D 225 -44.58 64.58 -91.32
CA TYR D 225 -46.01 64.30 -91.31
C TYR D 225 -46.73 65.06 -92.41
N ILE D 226 -46.41 66.34 -92.56
CA ILE D 226 -47.05 67.16 -93.59
C ILE D 226 -46.60 66.71 -94.97
N LYS D 227 -45.32 66.35 -95.11
CA LYS D 227 -44.79 65.95 -96.41
C LYS D 227 -45.52 64.74 -96.98
N LYS D 228 -46.15 63.92 -96.13
CA LYS D 228 -46.84 62.72 -96.57
C LYS D 228 -48.35 62.82 -96.38
N GLY D 229 -48.88 64.04 -96.20
CA GLY D 229 -50.31 64.23 -96.13
C GLY D 229 -50.99 63.50 -95.00
N PHE D 230 -50.40 63.54 -93.80
CA PHE D 230 -50.99 62.95 -92.61
C PHE D 230 -51.47 64.08 -91.70
N GLU D 231 -52.75 64.04 -91.36
CA GLU D 231 -53.36 65.02 -90.48
C GLU D 231 -53.59 64.42 -89.10
N ALA D 232 -53.80 65.31 -88.12
CA ALA D 232 -54.00 64.85 -86.74
C ALA D 232 -55.23 63.97 -86.62
N ASP D 233 -56.30 64.30 -87.34
CA ASP D 233 -57.54 63.52 -87.26
C ASP D 233 -57.45 62.20 -88.01
N GLY D 234 -56.46 62.03 -88.88
CA GLY D 234 -56.31 60.82 -89.66
C GLY D 234 -55.31 59.81 -89.12
N LEU D 235 -54.73 60.06 -87.95
CA LEU D 235 -53.73 59.13 -87.41
C LEU D 235 -54.38 57.87 -86.87
N GLU D 236 -55.52 57.99 -86.18
CA GLU D 236 -56.18 56.83 -85.61
C GLU D 236 -56.56 55.83 -86.69
N GLU D 237 -57.09 56.30 -87.81
CA GLU D 237 -57.44 55.40 -88.90
C GLU D 237 -56.20 54.76 -89.52
N MET D 238 -55.08 55.50 -89.55
CA MET D 238 -53.85 54.94 -90.10
C MET D 238 -53.37 53.75 -89.27
N TYR D 239 -53.29 53.93 -87.96
CA TYR D 239 -52.78 52.86 -87.10
C TYR D 239 -53.71 51.64 -87.13
N LYS D 240 -55.02 51.87 -87.12
CA LYS D 240 -55.95 50.76 -87.21
C LYS D 240 -55.77 49.99 -88.51
N LYS D 241 -55.40 50.69 -89.59
CA LYS D 241 -55.09 50.02 -90.85
C LYS D 241 -53.78 49.27 -90.78
N VAL D 242 -52.78 49.85 -90.11
CA VAL D 242 -51.49 49.16 -89.96
C VAL D 242 -51.65 47.90 -89.13
N HIS D 243 -52.43 47.95 -88.06
CA HIS D 243 -52.64 46.77 -87.22
C HIS D 243 -53.28 45.65 -88.02
N ALA D 244 -54.28 45.97 -88.85
CA ALA D 244 -54.91 44.95 -89.67
C ALA D 244 -53.92 44.37 -90.68
N ALA D 245 -53.06 45.21 -91.26
CA ALA D 245 -52.08 44.73 -92.21
C ALA D 245 -51.09 43.79 -91.55
N ILE D 246 -50.67 44.09 -90.33
CA ILE D 246 -49.70 43.24 -89.64
C ILE D 246 -50.29 41.84 -89.43
N ARG D 247 -51.55 41.76 -88.99
CA ARG D 247 -52.19 40.47 -88.80
C ARG D 247 -52.45 39.75 -90.11
N ALA D 248 -52.42 40.44 -91.25
CA ALA D 248 -52.67 39.79 -92.53
C ALA D 248 -51.48 38.99 -93.01
N ASP D 249 -50.27 39.53 -92.85
CA ASP D 249 -49.06 38.87 -93.34
C ASP D 249 -47.83 39.38 -92.59
N PRO D 250 -47.47 38.77 -91.45
CA PRO D 250 -46.28 39.18 -90.70
C PRO D 250 -45.03 38.42 -91.10
N HIS D 263 -16.10 42.49 -101.11
CA HIS D 263 -16.33 43.56 -100.14
C HIS D 263 -15.14 44.51 -100.08
N LYS D 264 -15.31 45.70 -100.62
CA LYS D 264 -14.27 46.72 -100.53
C LYS D 264 -14.09 47.16 -99.09
N ARG D 265 -12.84 47.39 -98.70
CA ARG D 265 -12.49 47.78 -97.34
C ARG D 265 -12.13 49.26 -97.32
N TYR D 266 -12.67 49.98 -96.34
CA TYR D 266 -12.41 51.40 -96.18
C TYR D 266 -11.62 51.72 -94.91
N ASN D 267 -11.38 50.75 -94.05
CA ASN D 267 -10.60 50.94 -92.84
C ASN D 267 -9.17 50.46 -93.07
N LEU D 268 -8.21 51.20 -92.51
CA LEU D 268 -6.80 50.83 -92.66
C LEU D 268 -6.57 49.42 -92.13
N LYS D 269 -5.50 48.80 -92.60
CA LYS D 269 -5.12 47.45 -92.23
C LYS D 269 -3.82 47.49 -91.44
N LYS D 270 -3.71 46.61 -90.44
CA LYS D 270 -2.54 46.59 -89.57
C LYS D 270 -1.28 46.40 -90.40
N LEU D 271 -0.27 47.22 -90.11
CA LEU D 271 1.01 47.10 -90.79
C LEU D 271 1.68 45.77 -90.42
N THR D 272 2.41 45.21 -91.39
CA THR D 272 3.17 44.00 -91.15
C THR D 272 4.41 44.31 -90.31
N TYR D 273 5.04 43.25 -89.80
CA TYR D 273 6.23 43.44 -88.99
C TYR D 273 7.35 44.12 -89.79
N GLU D 274 7.53 43.70 -91.05
CA GLU D 274 8.59 44.29 -91.87
C GLU D 274 8.34 45.76 -92.13
N GLU D 275 7.09 46.11 -92.46
CA GLU D 275 6.77 47.52 -92.72
C GLU D 275 6.97 48.37 -91.48
N ARG D 276 6.53 47.87 -90.32
CA ARG D 276 6.68 48.63 -89.09
C ARG D 276 8.14 48.82 -88.73
N LYS D 277 8.95 47.77 -88.90
CA LYS D 277 10.37 47.88 -88.61
C LYS D 277 11.06 48.88 -89.53
N ALA D 278 10.71 48.86 -90.82
CA ALA D 278 11.35 49.76 -91.77
C ALA D 278 11.08 51.21 -91.42
N LYS D 279 9.84 51.53 -91.06
CA LYS D 279 9.52 52.91 -90.67
C LYS D 279 10.23 53.29 -89.39
N LEU D 280 10.39 52.35 -88.46
CA LEU D 280 11.10 52.64 -87.22
C LEU D 280 12.56 53.01 -87.51
N ILE D 281 13.20 52.30 -88.43
CA ILE D 281 14.59 52.61 -88.75
C ILE D 281 14.71 54.02 -89.29
N GLU D 282 13.78 54.43 -90.16
CA GLU D 282 13.84 55.77 -90.72
C GLU D 282 13.74 56.84 -89.63
N ARG D 283 12.82 56.65 -88.68
CA ARG D 283 12.72 57.62 -87.58
C ARG D 283 13.98 57.60 -86.72
N LEU D 284 14.53 56.41 -86.47
CA LEU D 284 15.73 56.31 -85.64
C LEU D 284 16.89 57.07 -86.28
N ASN D 285 17.10 56.86 -87.58
CA ASN D 285 18.19 57.55 -88.27
C ASN D 285 17.98 59.05 -88.29
N ALA D 286 16.74 59.49 -88.50
CA ALA D 286 16.46 60.92 -88.52
C ALA D 286 16.76 61.55 -87.17
N LEU D 287 16.37 60.88 -86.09
CA LEU D 287 16.67 61.40 -84.75
C LEU D 287 18.18 61.46 -84.50
N ASN D 288 18.90 60.42 -84.91
CA ASN D 288 20.35 60.42 -84.72
C ASN D 288 21.02 61.50 -85.55
N SER D 289 20.58 61.70 -86.79
CA SER D 289 21.16 62.71 -87.65
C SER D 289 20.88 64.13 -87.18
N ALA D 290 19.91 64.31 -86.29
CA ALA D 290 19.60 65.64 -85.80
C ALA D 290 20.69 66.13 -84.84
N ALA D 291 20.76 67.45 -84.69
CA ALA D 291 21.76 68.07 -83.83
C ALA D 291 23.17 67.67 -84.26
N ALA E 3 25.70 -62.24 -86.03
CA ALA E 3 25.10 -61.08 -85.39
C ALA E 3 26.11 -59.93 -85.30
N LYS E 4 25.67 -58.81 -84.73
CA LYS E 4 26.55 -57.66 -84.60
C LYS E 4 27.72 -57.98 -83.67
N LYS E 5 28.91 -57.54 -84.07
CA LYS E 5 30.13 -57.84 -83.33
C LYS E 5 30.55 -56.71 -82.39
N THR E 6 30.14 -55.48 -82.66
CA THR E 6 30.54 -54.33 -81.86
C THR E 6 29.33 -53.45 -81.57
N ILE E 7 29.43 -52.68 -80.49
CA ILE E 7 28.34 -51.78 -80.12
C ILE E 7 28.07 -50.77 -81.22
N ARG E 8 26.78 -50.54 -81.49
CA ARG E 8 26.40 -49.63 -82.56
C ARG E 8 26.64 -48.17 -82.17
N ASN E 9 26.38 -47.83 -80.90
CA ASN E 9 26.38 -46.44 -80.44
C ASN E 9 27.39 -46.27 -79.31
N PRO E 10 28.63 -45.89 -79.60
CA PRO E 10 29.57 -45.58 -78.53
C PRO E 10 29.13 -44.34 -77.76
N GLU E 11 29.49 -44.32 -76.47
CA GLU E 11 29.04 -43.26 -75.57
C GLU E 11 30.11 -42.16 -75.50
N LEU E 12 29.69 -40.93 -75.81
CA LEU E 12 30.57 -39.79 -75.60
C LEU E 12 30.79 -39.56 -74.11
N ILE E 13 29.71 -39.56 -73.33
CA ILE E 13 29.76 -39.53 -71.88
C ILE E 13 28.84 -40.63 -71.35
N ARG E 14 28.80 -40.76 -70.03
CA ARG E 14 27.97 -41.79 -69.41
C ARG E 14 26.49 -41.46 -69.64
N GLY E 15 25.83 -42.27 -70.45
CA GLY E 15 24.41 -42.11 -70.70
C GLY E 15 24.05 -41.33 -71.94
N VAL E 16 25.02 -40.91 -72.74
CA VAL E 16 24.75 -40.17 -73.98
C VAL E 16 25.51 -40.86 -75.11
N GLY E 17 24.78 -41.36 -76.10
CA GLY E 17 25.41 -42.02 -77.23
C GLY E 17 25.96 -41.03 -78.24
N LYS E 18 26.83 -41.55 -79.12
CA LYS E 18 27.46 -40.71 -80.13
C LYS E 18 26.51 -40.38 -81.28
N PHE E 19 25.53 -41.23 -81.55
CA PHE E 19 24.65 -41.09 -82.70
C PHE E 19 23.22 -40.81 -82.24
N SER E 20 22.50 -40.06 -83.07
CA SER E 20 21.14 -39.66 -82.75
C SER E 20 20.15 -40.77 -83.13
N ARG E 21 18.87 -40.53 -82.83
CA ARG E 21 17.85 -41.51 -83.15
C ARG E 21 17.74 -41.74 -84.66
N SER E 22 17.80 -40.66 -85.44
CA SER E 22 17.72 -40.81 -86.90
C SER E 22 18.88 -41.64 -87.43
N LYS E 23 20.09 -41.38 -86.93
CA LYS E 23 21.24 -42.18 -87.35
C LYS E 23 21.11 -43.63 -86.90
N MET E 24 20.63 -43.85 -85.68
CA MET E 24 20.51 -45.21 -85.18
C MET E 24 19.47 -46.02 -85.95
N TYR E 25 18.42 -45.36 -86.44
CA TYR E 25 17.42 -46.07 -87.23
C TYR E 25 18.07 -46.70 -88.46
N HIS E 26 18.96 -45.95 -89.13
CA HIS E 26 19.70 -46.51 -90.25
C HIS E 26 20.60 -47.66 -89.82
N LYS E 27 21.30 -47.50 -88.69
CA LYS E 27 22.24 -48.52 -88.25
C LYS E 27 21.51 -49.74 -87.69
N LYS E 28 20.38 -49.53 -87.00
CA LYS E 28 19.62 -50.65 -86.48
C LYS E 28 19.10 -51.54 -87.61
N GLY E 29 18.93 -50.98 -88.81
CA GLY E 29 18.41 -51.73 -89.92
C GLY E 29 16.91 -51.91 -89.92
N LEU E 30 16.18 -51.12 -89.12
CA LEU E 30 14.72 -51.27 -89.09
C LEU E 30 14.11 -51.08 -90.47
N TRP E 31 14.73 -50.25 -91.31
CA TRP E 31 14.25 -50.11 -92.68
C TRP E 31 14.33 -51.43 -93.43
N ALA E 32 15.45 -52.16 -93.27
CA ALA E 32 15.57 -53.46 -93.91
C ALA E 32 14.59 -54.46 -93.32
N ILE E 33 14.40 -54.43 -92.00
CA ILE E 33 13.46 -55.34 -91.36
C ILE E 33 12.05 -55.07 -91.84
N LYS E 34 11.71 -53.79 -92.08
CA LYS E 34 10.37 -53.47 -92.54
C LYS E 34 10.07 -54.11 -93.89
N LYS E 35 11.06 -54.09 -94.81
CA LYS E 35 10.84 -54.69 -96.12
C LYS E 35 10.60 -56.19 -96.02
N LYS E 36 11.38 -56.88 -95.20
CA LYS E 36 11.29 -58.34 -95.11
C LYS E 36 9.98 -58.81 -94.50
N ASN E 37 9.26 -57.93 -93.82
CA ASN E 37 8.02 -58.27 -93.13
C ASN E 37 6.83 -57.53 -93.74
N GLY E 38 6.80 -57.46 -95.07
CA GLY E 38 5.68 -56.84 -95.77
C GLY E 38 5.48 -55.38 -95.39
N GLY E 39 6.57 -54.61 -95.33
CA GLY E 39 6.48 -53.21 -95.00
C GLY E 39 5.89 -52.93 -93.64
N LYS E 40 6.18 -53.78 -92.65
CA LYS E 40 5.70 -53.58 -91.30
C LYS E 40 6.71 -54.15 -90.33
N LEU E 41 6.90 -53.47 -89.20
CA LEU E 41 7.79 -53.98 -88.17
C LEU E 41 7.09 -55.12 -87.42
N PRO E 42 7.70 -56.29 -87.32
CA PRO E 42 7.01 -57.42 -86.70
C PRO E 42 6.66 -57.14 -85.24
N LEU E 43 5.48 -57.61 -84.83
CA LEU E 43 5.01 -57.45 -83.46
C LEU E 43 5.08 -58.79 -82.74
N HIS E 44 5.73 -58.81 -81.58
CA HIS E 44 5.87 -60.00 -80.77
C HIS E 44 4.82 -59.99 -79.65
N GLU E 45 4.89 -61.00 -78.80
CA GLU E 45 3.96 -61.16 -77.69
C GLU E 45 4.72 -61.14 -76.37
N LYS E 46 4.06 -60.65 -75.33
CA LYS E 46 4.68 -60.59 -74.01
C LYS E 46 5.05 -61.99 -73.54
N LYS E 47 6.21 -62.09 -72.87
CA LYS E 47 6.69 -63.35 -72.36
C LYS E 47 5.64 -63.98 -71.44
N PRO E 48 5.01 -65.10 -71.84
CA PRO E 48 3.98 -65.70 -70.99
C PRO E 48 4.57 -66.47 -69.81
N VAL E 55 2.67 -71.48 -51.36
CA VAL E 55 1.81 -72.57 -51.82
C VAL E 55 1.42 -73.44 -50.63
N LYS E 56 2.42 -73.90 -49.88
CA LYS E 56 2.16 -74.71 -48.71
C LYS E 56 1.37 -73.88 -47.69
N PRO E 57 0.34 -74.45 -47.06
CA PRO E 57 -0.46 -73.66 -46.11
C PRO E 57 0.41 -73.15 -44.97
N PRO E 58 0.20 -71.91 -44.53
CA PRO E 58 1.00 -71.38 -43.42
C PRO E 58 0.77 -72.16 -42.13
N LYS E 59 1.83 -72.27 -41.34
CA LYS E 59 1.74 -72.86 -40.01
C LYS E 59 1.46 -71.83 -38.93
N PHE E 60 1.44 -70.54 -39.27
CA PHE E 60 1.22 -69.48 -38.30
C PHE E 60 0.84 -68.22 -39.05
N TYR E 61 -0.22 -67.54 -38.59
CA TYR E 61 -0.69 -66.31 -39.20
C TYR E 61 -0.31 -65.13 -38.32
N PRO E 62 0.50 -64.18 -38.79
CA PRO E 62 0.85 -63.04 -37.93
C PRO E 62 -0.34 -62.12 -37.71
N ALA E 63 -0.42 -61.56 -36.51
CA ALA E 63 -1.49 -60.62 -36.20
C ALA E 63 -1.28 -59.28 -36.89
N ASP E 64 -0.03 -58.89 -37.11
CA ASP E 64 0.31 -57.62 -37.73
C ASP E 64 0.78 -57.87 -39.16
N ASP E 65 0.19 -57.14 -40.11
CA ASP E 65 0.56 -57.32 -41.50
C ASP E 65 2.04 -56.99 -41.70
N VAL E 66 2.73 -57.86 -42.42
CA VAL E 66 4.16 -57.66 -42.69
C VAL E 66 4.33 -56.54 -43.71
N LYS E 67 5.36 -55.72 -43.51
CA LYS E 67 5.68 -54.63 -44.42
C LYS E 67 6.96 -54.97 -45.17
N LYS E 68 6.90 -54.87 -46.50
CA LYS E 68 8.06 -55.13 -47.35
C LYS E 68 8.64 -53.82 -47.86
N PRO E 69 9.97 -53.67 -47.84
CA PRO E 69 10.56 -52.40 -48.26
C PRO E 69 10.31 -52.11 -49.73
N LEU E 70 10.23 -50.84 -50.05
CA LEU E 70 10.06 -50.43 -51.44
C LEU E 70 11.29 -50.81 -52.26
N VAL E 71 11.10 -50.86 -53.57
CA VAL E 71 12.16 -51.27 -54.48
C VAL E 71 13.18 -50.15 -54.60
N ASN E 72 14.46 -50.51 -54.54
CA ASN E 72 15.57 -49.59 -54.77
C ASN E 72 16.25 -49.99 -56.08
N LYS E 73 16.33 -49.05 -57.02
CA LYS E 73 16.88 -49.33 -58.34
C LYS E 73 18.39 -49.19 -58.41
N HIS E 74 19.04 -48.74 -57.34
CA HIS E 74 20.48 -48.59 -57.33
C HIS E 74 21.16 -49.92 -57.04
N LYS E 75 22.11 -50.31 -57.89
CA LYS E 75 22.84 -51.55 -57.71
C LYS E 75 24.31 -51.25 -57.40
N PRO E 76 24.91 -51.88 -56.40
CA PRO E 76 26.32 -51.61 -56.12
C PRO E 76 27.21 -51.95 -57.31
N LYS E 77 28.26 -51.15 -57.47
CA LYS E 77 29.26 -51.34 -58.50
C LYS E 77 30.56 -51.85 -57.89
N PRO E 78 31.41 -52.52 -58.69
CA PRO E 78 32.66 -53.03 -58.14
C PRO E 78 33.55 -51.92 -57.62
N THR E 79 34.29 -52.23 -56.55
CA THR E 79 35.22 -51.25 -55.97
C THR E 79 36.25 -50.83 -57.01
N LYS E 80 36.46 -49.53 -57.13
CA LYS E 80 37.42 -49.00 -58.09
C LYS E 80 38.84 -49.12 -57.55
N LEU E 81 39.79 -49.21 -58.48
CA LEU E 81 41.20 -49.34 -58.14
C LEU E 81 41.90 -48.02 -58.38
N ARG E 82 42.61 -47.53 -57.35
CA ARG E 82 43.28 -46.24 -57.45
C ARG E 82 44.29 -46.26 -58.60
N ALA E 83 44.34 -45.16 -59.35
CA ALA E 83 45.22 -45.09 -60.51
C ALA E 83 46.68 -45.26 -60.12
N SER E 84 47.06 -44.80 -58.92
CA SER E 84 48.44 -44.93 -58.48
C SER E 84 48.86 -46.39 -58.27
N ILE E 85 47.90 -47.29 -58.08
CA ILE E 85 48.18 -48.68 -57.76
C ILE E 85 48.08 -49.50 -59.04
N THR E 86 49.19 -50.11 -59.43
CA THR E 86 49.29 -50.98 -60.59
C THR E 86 50.05 -52.23 -60.18
N PRO E 87 49.85 -53.34 -60.89
CA PRO E 87 50.53 -54.58 -60.48
C PRO E 87 52.03 -54.39 -60.40
N GLY E 88 52.62 -54.93 -59.34
CA GLY E 88 54.02 -54.73 -59.05
C GLY E 88 54.35 -53.46 -58.30
N THR E 89 53.35 -52.64 -57.99
CA THR E 89 53.60 -51.41 -57.25
C THR E 89 53.91 -51.71 -55.79
N VAL E 90 54.82 -50.93 -55.22
CA VAL E 90 55.17 -51.05 -53.81
C VAL E 90 54.22 -50.19 -52.99
N LEU E 91 53.56 -50.81 -52.01
CA LEU E 91 52.57 -50.15 -51.17
C LEU E 91 53.09 -50.05 -49.74
N ILE E 92 52.67 -48.99 -49.06
CA ILE E 92 53.00 -48.77 -47.65
C ILE E 92 51.73 -48.99 -46.85
N ILE E 93 51.79 -49.91 -45.89
CA ILE E 93 50.64 -50.20 -45.03
C ILE E 93 50.58 -49.15 -43.93
N LEU E 94 49.39 -48.58 -43.72
CA LEU E 94 49.20 -47.48 -42.80
C LEU E 94 48.54 -47.88 -41.48
N ALA E 95 48.05 -49.11 -41.36
CA ALA E 95 47.33 -49.51 -40.16
C ALA E 95 47.49 -51.02 -39.96
N GLY E 96 47.16 -51.46 -38.76
CA GLY E 96 47.26 -52.87 -38.43
C GLY E 96 48.63 -53.23 -37.88
N ARG E 97 48.83 -54.53 -37.69
CA ARG E 97 50.09 -55.01 -37.14
C ARG E 97 51.26 -54.77 -38.09
N PHE E 98 51.00 -54.70 -39.39
CA PHE E 98 52.02 -54.47 -40.40
C PHE E 98 52.11 -53.01 -40.81
N LYS E 99 51.69 -52.09 -39.94
CA LYS E 99 51.74 -50.67 -40.25
C LYS E 99 53.17 -50.24 -40.51
N GLY E 100 53.39 -49.52 -41.61
CA GLY E 100 54.68 -49.00 -41.98
C GLY E 100 55.49 -49.89 -42.90
N LYS E 101 55.16 -51.17 -42.98
CA LYS E 101 55.91 -52.09 -43.83
C LYS E 101 55.61 -51.85 -45.31
N ARG E 102 56.63 -52.06 -46.14
CA ARG E 102 56.50 -51.90 -47.58
C ARG E 102 56.30 -53.28 -48.21
N VAL E 103 55.21 -53.43 -48.95
CA VAL E 103 54.83 -54.69 -49.57
C VAL E 103 54.70 -54.48 -51.07
N VAL E 104 54.54 -55.60 -51.79
CA VAL E 104 54.41 -55.60 -53.24
C VAL E 104 52.97 -55.91 -53.59
N PHE E 105 52.38 -55.08 -54.44
CA PHE E 105 51.00 -55.29 -54.88
C PHE E 105 50.96 -56.27 -56.04
N LEU E 106 50.12 -57.30 -55.92
CA LEU E 106 50.00 -58.33 -56.93
C LEU E 106 48.78 -58.14 -57.81
N LYS E 107 47.58 -58.10 -57.21
CA LYS E 107 46.35 -57.94 -57.96
C LYS E 107 45.24 -57.51 -57.01
N GLN E 108 44.09 -57.18 -57.60
CA GLN E 108 42.89 -56.85 -56.84
C GLN E 108 41.92 -58.01 -56.90
N LEU E 109 41.42 -58.43 -55.75
CA LEU E 109 40.49 -59.54 -55.68
C LEU E 109 39.09 -59.09 -56.07
N THR E 110 38.19 -60.07 -56.21
CA THR E 110 36.82 -59.77 -56.59
C THR E 110 36.11 -58.93 -55.53
N SER E 111 36.48 -59.09 -54.26
CA SER E 111 35.87 -58.32 -53.19
C SER E 111 36.30 -56.85 -53.21
N GLY E 112 37.27 -56.48 -54.04
CA GLY E 112 37.79 -55.14 -54.08
C GLY E 112 39.03 -54.92 -53.24
N LEU E 113 39.41 -55.89 -52.41
CA LEU E 113 40.62 -55.79 -51.62
C LEU E 113 41.84 -56.04 -52.49
N LEU E 114 42.99 -55.60 -52.00
CA LEU E 114 44.26 -55.74 -52.72
C LEU E 114 45.01 -56.96 -52.18
N LEU E 115 45.58 -57.74 -53.10
CA LEU E 115 46.42 -58.87 -52.74
C LEU E 115 47.87 -58.41 -52.75
N VAL E 116 48.54 -58.54 -51.60
CA VAL E 116 49.91 -58.06 -51.44
C VAL E 116 50.76 -59.17 -50.85
N THR E 117 52.07 -59.06 -51.08
CA THR E 117 53.05 -59.95 -50.49
C THR E 117 54.22 -59.11 -50.02
N GLY E 118 54.90 -59.59 -48.98
CA GLY E 118 55.99 -58.87 -48.38
C GLY E 118 57.07 -58.48 -49.37
N PRO E 119 57.76 -59.48 -49.96
CA PRO E 119 57.56 -60.92 -49.74
C PRO E 119 57.91 -61.37 -48.33
N PHE E 120 57.33 -62.50 -47.91
CA PHE E 120 57.47 -62.95 -46.54
C PHE E 120 58.93 -63.10 -46.13
N LYS E 121 59.80 -63.49 -47.06
CA LYS E 121 61.20 -63.70 -46.72
C LYS E 121 61.88 -62.40 -46.30
N LEU E 122 61.57 -61.30 -46.98
CA LEU E 122 62.28 -60.04 -46.73
C LEU E 122 61.78 -59.33 -45.48
N ASN E 123 60.47 -59.24 -45.28
CA ASN E 123 59.90 -58.50 -44.17
C ASN E 123 58.87 -59.27 -43.36
N GLY E 124 58.63 -60.54 -43.67
CA GLY E 124 57.71 -61.34 -42.88
C GLY E 124 56.25 -61.04 -43.09
N VAL E 125 55.89 -60.43 -44.21
CA VAL E 125 54.49 -60.17 -44.56
C VAL E 125 54.07 -61.20 -45.59
N PRO E 126 53.16 -62.12 -45.27
CA PRO E 126 52.77 -63.16 -46.21
C PRO E 126 51.72 -62.65 -47.19
N LEU E 127 51.24 -63.56 -48.04
CA LEU E 127 50.11 -63.25 -48.90
C LEU E 127 48.93 -62.82 -48.04
N ARG E 128 48.51 -61.57 -48.20
CA ARG E 128 47.52 -60.98 -47.32
C ARG E 128 46.63 -60.04 -48.11
N ARG E 129 45.41 -59.84 -47.61
CA ARG E 129 44.49 -58.87 -48.16
C ARG E 129 44.57 -57.58 -47.36
N VAL E 130 44.71 -56.46 -48.06
CA VAL E 130 44.79 -55.14 -47.43
C VAL E 130 43.78 -54.24 -48.10
N ASN E 131 43.01 -53.52 -47.30
CA ASN E 131 42.03 -52.58 -47.83
C ASN E 131 42.76 -51.40 -48.48
N GLN E 132 42.24 -50.97 -49.63
CA GLN E 132 42.89 -49.90 -50.38
C GLN E 132 42.93 -48.59 -49.61
N ALA E 133 41.96 -48.37 -48.72
CA ALA E 133 41.90 -47.12 -47.96
C ALA E 133 43.01 -47.00 -46.93
N TYR E 134 43.73 -48.08 -46.63
CA TYR E 134 44.75 -48.08 -45.59
C TYR E 134 46.15 -48.29 -46.16
N VAL E 135 46.38 -47.95 -47.44
CA VAL E 135 47.68 -48.10 -48.06
C VAL E 135 47.98 -46.85 -48.88
N ILE E 136 49.27 -46.63 -49.13
CA ILE E 136 49.76 -45.56 -50.00
C ILE E 136 50.56 -46.20 -51.13
N GLY E 137 50.21 -45.86 -52.37
CA GLY E 137 50.92 -46.38 -53.52
C GLY E 137 52.11 -45.52 -53.90
N THR E 138 53.31 -46.09 -53.85
CA THR E 138 54.52 -45.37 -54.17
C THR E 138 54.76 -45.41 -55.69
N SER E 139 55.87 -44.81 -56.11
CA SER E 139 56.25 -44.77 -57.51
C SER E 139 57.17 -45.91 -57.90
N THR E 140 57.54 -46.78 -56.98
CA THR E 140 58.45 -47.88 -57.24
C THR E 140 57.67 -49.09 -57.76
N LYS E 141 58.12 -49.63 -58.88
CA LYS E 141 57.49 -50.78 -59.52
C LYS E 141 58.50 -51.93 -59.58
N VAL E 142 58.05 -53.12 -59.19
CA VAL E 142 58.85 -54.33 -59.29
C VAL E 142 58.14 -55.30 -60.21
N ASP E 143 58.87 -55.86 -61.18
CA ASP E 143 58.27 -56.75 -62.15
C ASP E 143 57.66 -57.96 -61.45
N VAL E 144 56.42 -58.28 -61.83
CA VAL E 144 55.71 -59.43 -61.27
C VAL E 144 55.17 -60.28 -62.41
N SER E 145 55.80 -60.19 -63.58
CA SER E 145 55.35 -60.96 -64.73
C SER E 145 55.46 -62.46 -64.46
N GLY E 146 56.54 -62.88 -63.81
CA GLY E 146 56.74 -64.28 -63.49
C GLY E 146 55.97 -64.78 -62.30
N VAL E 147 55.24 -63.91 -61.61
CA VAL E 147 54.45 -64.29 -60.45
C VAL E 147 53.08 -64.80 -60.92
N ASN E 148 52.69 -65.97 -60.44
CA ASN E 148 51.41 -66.59 -60.78
C ASN E 148 50.59 -66.70 -59.52
N VAL E 149 49.46 -65.99 -59.48
CA VAL E 149 48.58 -65.99 -58.32
C VAL E 149 47.15 -66.28 -58.78
N GLU E 150 47.01 -66.93 -59.94
CA GLU E 150 45.69 -67.27 -60.44
C GLU E 150 44.96 -68.21 -59.49
N LYS E 151 45.70 -68.99 -58.71
CA LYS E 151 45.11 -69.91 -57.75
C LYS E 151 44.58 -69.21 -56.51
N ILE E 152 45.00 -67.98 -56.25
CA ILE E 152 44.62 -67.25 -55.05
C ILE E 152 43.36 -66.45 -55.33
N ASP E 153 42.48 -66.38 -54.34
CA ASP E 153 41.23 -65.64 -54.46
C ASP E 153 40.73 -65.31 -53.06
N ASP E 154 39.51 -64.78 -52.97
CA ASP E 154 38.95 -64.43 -51.65
C ASP E 154 38.81 -65.66 -50.77
N LYS E 155 38.38 -66.79 -51.34
CA LYS E 155 38.19 -68.00 -50.56
C LYS E 155 39.49 -68.49 -49.93
N TYR E 156 40.64 -68.09 -50.48
CA TYR E 156 41.92 -68.52 -49.93
C TYR E 156 42.20 -67.90 -48.57
N PHE E 157 41.50 -66.81 -48.21
CA PHE E 157 41.71 -66.12 -46.95
C PHE E 157 40.49 -66.21 -46.03
N ALA E 158 39.66 -67.22 -46.21
CA ALA E 158 38.42 -67.37 -45.46
C ALA E 158 38.64 -68.30 -44.28
N LYS E 159 38.13 -67.91 -43.12
CA LYS E 159 38.23 -68.75 -41.93
C LYS E 159 37.35 -69.99 -42.08
N GLN E 160 37.49 -70.90 -41.13
CA GLN E 160 36.70 -72.13 -41.11
C GLN E 160 35.76 -72.14 -39.91
N ASN E 181 46.46 -71.57 -32.74
CA ASN E 181 46.18 -71.94 -34.12
C ASN E 181 47.48 -72.17 -34.88
N VAL E 182 47.54 -73.25 -35.66
CA VAL E 182 48.72 -73.63 -36.42
C VAL E 182 48.45 -73.39 -37.89
N LEU E 183 49.37 -72.70 -38.54
CA LEU E 183 49.25 -72.44 -39.97
C LEU E 183 49.55 -73.72 -40.75
N PRO E 184 48.65 -74.20 -41.61
CA PRO E 184 48.93 -75.46 -42.32
C PRO E 184 50.16 -75.32 -43.21
N GLN E 185 50.91 -76.42 -43.32
CA GLN E 185 52.11 -76.42 -44.16
C GLN E 185 51.79 -76.14 -45.62
N GLU E 186 50.55 -76.37 -46.05
CA GLU E 186 50.19 -76.14 -47.44
C GLU E 186 50.33 -74.66 -47.80
N LYS E 187 49.90 -73.76 -46.92
CA LYS E 187 50.01 -72.33 -47.20
C LYS E 187 51.46 -71.87 -47.15
N LYS E 188 52.27 -72.45 -46.28
CA LYS E 188 53.68 -72.06 -46.22
C LYS E 188 54.38 -72.37 -47.54
N ASP E 189 54.12 -73.54 -48.12
CA ASP E 189 54.69 -73.87 -49.41
C ASP E 189 54.16 -72.95 -50.50
N GLU E 190 52.86 -72.63 -50.46
CA GLU E 190 52.28 -71.73 -51.44
C GLU E 190 52.94 -70.36 -51.38
N GLN E 191 53.23 -69.89 -50.16
CA GLN E 191 53.93 -68.61 -50.01
C GLN E 191 55.29 -68.65 -50.68
N LYS E 192 56.03 -69.76 -50.51
CA LYS E 192 57.37 -69.85 -51.06
C LYS E 192 57.36 -69.90 -52.58
N THR E 193 56.38 -70.59 -53.18
CA THR E 193 56.31 -70.66 -54.64
C THR E 193 56.11 -69.27 -55.24
N VAL E 194 55.16 -68.50 -54.70
CA VAL E 194 54.96 -67.13 -55.17
C VAL E 194 56.17 -66.28 -54.81
N ASP E 195 56.71 -66.46 -53.61
CA ASP E 195 57.84 -65.65 -53.17
C ASP E 195 59.06 -65.85 -54.06
N SER E 196 59.34 -67.11 -54.42
CA SER E 196 60.58 -67.42 -55.14
C SER E 196 60.65 -66.66 -56.45
N ALA E 197 59.56 -66.63 -57.22
CA ALA E 197 59.56 -65.93 -58.49
C ALA E 197 59.77 -64.44 -58.32
N LEU E 198 59.41 -63.90 -57.16
CA LEU E 198 59.51 -62.46 -56.92
C LEU E 198 60.88 -62.04 -56.39
N LEU E 199 61.60 -62.93 -55.72
CA LEU E 199 62.89 -62.57 -55.17
C LEU E 199 63.88 -62.22 -56.29
N LYS E 200 63.87 -62.98 -57.38
CA LYS E 200 64.81 -62.72 -58.46
C LYS E 200 64.59 -61.33 -59.05
N ALA E 201 63.33 -60.94 -59.25
CA ALA E 201 63.05 -59.60 -59.77
C ALA E 201 63.53 -58.53 -58.78
N ILE E 202 63.29 -58.75 -57.49
CA ILE E 202 63.69 -57.77 -56.48
C ILE E 202 65.21 -57.64 -56.44
N GLU E 203 65.92 -58.78 -56.50
CA GLU E 203 67.38 -58.74 -56.46
C GLU E 203 67.97 -58.00 -57.65
N GLY E 204 67.23 -57.89 -58.76
CA GLY E 204 67.75 -57.20 -59.91
C GLY E 204 67.95 -55.71 -59.68
N ILE E 205 67.04 -55.08 -58.94
CA ILE E 205 67.12 -53.65 -58.67
C ILE E 205 68.03 -53.44 -57.47
N PRO E 206 69.12 -52.68 -57.60
CA PRO E 206 70.00 -52.47 -56.45
C PRO E 206 69.28 -51.80 -55.28
N GLU E 207 69.62 -52.22 -54.07
CA GLU E 207 69.12 -51.62 -52.85
C GLU E 207 67.61 -51.78 -52.69
N LEU E 208 66.97 -52.55 -53.57
CA LEU E 208 65.54 -52.76 -53.44
C LEU E 208 65.22 -53.76 -52.34
N LYS E 209 66.10 -54.74 -52.11
CA LYS E 209 65.87 -55.71 -51.05
C LYS E 209 65.85 -55.03 -49.69
N ALA E 210 66.81 -54.13 -49.44
CA ALA E 210 66.83 -53.40 -48.18
C ALA E 210 65.65 -52.44 -48.08
N TYR E 211 65.23 -51.85 -49.20
CA TYR E 211 64.09 -50.94 -49.18
C TYR E 211 62.83 -51.65 -48.72
N LEU E 212 62.60 -52.87 -49.21
CA LEU E 212 61.42 -53.64 -48.80
C LEU E 212 61.57 -54.26 -47.42
N SER E 213 62.76 -54.25 -46.83
CA SER E 213 62.99 -54.81 -45.51
C SER E 213 62.89 -53.77 -44.40
N ALA E 214 62.71 -52.49 -44.73
CA ALA E 214 62.63 -51.42 -43.76
C ALA E 214 61.25 -50.79 -43.79
N ARG E 215 60.74 -50.44 -42.61
CA ARG E 215 59.45 -49.80 -42.50
C ARG E 215 59.55 -48.30 -42.76
N PHE E 216 58.51 -47.74 -43.36
CA PHE E 216 58.42 -46.30 -43.54
C PHE E 216 58.00 -45.63 -42.23
N SER E 217 58.59 -44.47 -41.96
CA SER E 217 58.24 -43.72 -40.75
C SER E 217 58.48 -42.24 -41.02
N LEU E 218 57.81 -41.42 -40.22
CA LEU E 218 57.94 -39.97 -40.30
C LEU E 218 58.94 -39.48 -39.26
N LYS E 219 59.91 -38.68 -39.70
CA LYS E 219 60.89 -38.08 -38.82
C LYS E 219 60.57 -36.61 -38.60
N SER E 220 61.42 -35.94 -37.82
CA SER E 220 61.19 -34.53 -37.51
C SER E 220 61.18 -33.69 -38.78
N GLY E 221 60.17 -32.82 -38.88
CA GLY E 221 60.06 -31.94 -40.03
C GLY E 221 59.53 -32.59 -41.28
N MET E 222 59.14 -33.87 -41.22
CA MET E 222 58.64 -34.57 -42.39
C MET E 222 57.14 -34.35 -42.50
N LYS E 223 56.72 -33.69 -43.58
CA LYS E 223 55.32 -33.33 -43.76
C LYS E 223 54.67 -34.28 -44.75
N PRO E 224 53.70 -35.11 -44.32
CA PRO E 224 53.11 -36.06 -45.27
C PRO E 224 52.53 -35.42 -46.52
N HIS E 225 51.91 -34.24 -46.40
CA HIS E 225 51.28 -33.61 -47.53
C HIS E 225 52.29 -33.08 -48.56
N GLU E 226 53.58 -33.05 -48.22
CA GLU E 226 54.62 -32.65 -49.16
C GLU E 226 55.45 -33.83 -49.65
N LEU E 227 55.36 -34.99 -49.02
CA LEU E 227 56.18 -36.13 -49.42
C LEU E 227 55.74 -36.65 -50.79
N VAL E 228 56.72 -36.97 -51.63
CA VAL E 228 56.47 -37.64 -52.89
C VAL E 228 56.66 -39.14 -52.69
N PHE E 229 55.69 -39.93 -53.14
CA PHE E 229 55.76 -41.38 -53.01
C PHE E 229 55.85 -42.04 -54.37
N GLY F 4 -23.05 -77.08 -56.24
CA GLY F 4 -21.60 -77.11 -56.16
C GLY F 4 -21.00 -75.78 -55.78
N GLY F 5 -20.39 -75.73 -54.60
CA GLY F 5 -19.79 -74.52 -54.11
C GLY F 5 -20.80 -73.54 -53.54
N VAL F 6 -20.30 -72.64 -52.69
CA VAL F 6 -21.16 -71.64 -52.07
C VAL F 6 -21.65 -70.68 -53.15
N VAL F 7 -22.96 -70.40 -53.14
CA VAL F 7 -23.55 -69.51 -54.12
C VAL F 7 -23.10 -68.09 -53.82
N VAL F 8 -22.55 -67.41 -54.82
CA VAL F 8 -22.09 -66.04 -54.62
C VAL F 8 -23.30 -65.12 -54.41
N PRO F 9 -23.35 -64.34 -53.33
CA PRO F 9 -24.50 -63.45 -53.12
C PRO F 9 -24.58 -62.37 -54.18
N GLU F 10 -25.80 -61.87 -54.38
CA GLU F 10 -26.04 -60.88 -55.42
C GLU F 10 -25.22 -59.61 -55.19
N SER F 11 -25.05 -59.22 -53.92
CA SER F 11 -24.31 -57.99 -53.63
C SER F 11 -22.87 -58.10 -54.11
N VAL F 12 -22.23 -59.24 -53.88
CA VAL F 12 -20.85 -59.42 -54.34
C VAL F 12 -20.77 -59.35 -55.87
N LEU F 13 -21.74 -59.97 -56.55
CA LEU F 13 -21.72 -59.97 -58.01
C LEU F 13 -21.85 -58.55 -58.55
N LYS F 14 -22.74 -57.75 -57.97
CA LYS F 14 -22.92 -56.38 -58.44
C LYS F 14 -21.65 -55.56 -58.26
N LYS F 15 -20.99 -55.69 -57.10
CA LYS F 15 -19.75 -54.96 -56.88
C LYS F 15 -18.67 -55.43 -57.83
N GLN F 16 -18.56 -56.75 -58.03
CA GLN F 16 -17.52 -57.28 -58.92
C GLN F 16 -17.75 -56.83 -60.36
N LYS F 17 -19.01 -56.79 -60.79
CA LYS F 17 -19.31 -56.36 -62.15
C LYS F 17 -18.86 -54.91 -62.39
N ARG F 18 -19.11 -54.04 -61.42
CA ARG F 18 -18.76 -52.63 -61.58
C ARG F 18 -17.25 -52.43 -61.50
N ASN F 19 -16.55 -53.27 -60.73
CA ASN F 19 -15.11 -53.10 -60.59
C ASN F 19 -14.39 -53.24 -61.93
N GLU F 20 -14.78 -54.25 -62.72
CA GLU F 20 -14.14 -54.44 -64.02
C GLU F 20 -14.51 -53.33 -64.99
N GLU F 21 -15.73 -52.80 -64.91
CA GLU F 21 -16.08 -51.67 -65.75
C GLU F 21 -15.24 -50.44 -65.41
N TRP F 22 -15.06 -50.16 -64.12
CA TRP F 22 -14.16 -49.08 -63.72
C TRP F 22 -12.72 -49.40 -64.13
N ALA F 23 -12.31 -50.65 -63.96
CA ALA F 23 -10.96 -51.04 -64.36
C ALA F 23 -10.77 -50.88 -65.86
N LEU F 24 -11.78 -51.26 -66.66
CA LEU F 24 -11.67 -51.11 -68.11
C LEU F 24 -11.53 -49.65 -68.50
N VAL F 25 -12.41 -48.79 -67.98
CA VAL F 25 -12.31 -47.36 -68.28
C VAL F 25 -10.99 -46.80 -67.76
N LYS F 26 -10.60 -47.20 -66.56
CA LYS F 26 -9.31 -46.76 -66.01
C LYS F 26 -8.15 -47.26 -66.86
N LYS F 27 -8.24 -48.50 -67.35
CA LYS F 27 -7.16 -49.04 -68.18
C LYS F 27 -7.05 -48.31 -69.50
N GLN F 28 -8.18 -47.86 -70.06
CA GLN F 28 -8.14 -47.15 -71.34
C GLN F 28 -7.39 -45.83 -71.20
N GLU F 29 -7.45 -45.20 -70.04
CA GLU F 29 -6.78 -43.91 -69.86
C GLU F 29 -5.28 -44.04 -70.08
N LEU F 30 -4.67 -45.12 -69.59
CA LEU F 30 -3.24 -45.31 -69.80
C LEU F 30 -2.90 -45.39 -71.28
N ALA F 31 -3.69 -46.15 -72.04
CA ALA F 31 -3.44 -46.24 -73.48
C ALA F 31 -3.65 -44.90 -74.16
N VAL F 32 -4.73 -44.20 -73.83
CA VAL F 32 -4.98 -42.89 -74.42
C VAL F 32 -3.95 -41.89 -73.95
N ALA F 33 -3.66 -41.88 -72.64
CA ALA F 33 -2.67 -40.95 -72.11
C ALA F 33 -1.28 -41.26 -72.64
N LYS F 34 -0.94 -42.55 -72.79
CA LYS F 34 0.38 -42.91 -73.29
C LYS F 34 0.59 -42.38 -74.71
N LYS F 35 -0.42 -42.53 -75.57
CA LYS F 35 -0.28 -42.00 -76.93
C LYS F 35 -0.21 -40.48 -76.92
N LYS F 36 -0.99 -39.82 -76.07
CA LYS F 36 -0.91 -38.37 -75.95
C LYS F 36 0.47 -37.95 -75.45
N SER F 37 1.02 -38.68 -74.48
CA SER F 37 2.35 -38.37 -73.97
C SER F 37 3.41 -38.54 -75.07
N VAL F 38 3.30 -39.60 -75.86
CA VAL F 38 4.29 -39.85 -76.91
C VAL F 38 4.32 -38.70 -77.90
N GLU F 39 3.14 -38.23 -78.32
CA GLU F 39 3.09 -37.10 -79.24
C GLU F 39 3.63 -35.83 -78.60
N ASN F 40 3.38 -35.64 -77.30
CA ASN F 40 3.86 -34.43 -76.63
C ASN F 40 5.38 -34.40 -76.56
N ARG F 41 6.02 -35.56 -76.37
CA ARG F 41 7.47 -35.59 -76.31
C ARG F 41 8.08 -35.09 -77.61
N LYS F 42 7.51 -35.50 -78.75
CA LYS F 42 7.97 -34.96 -80.03
C LYS F 42 7.69 -33.47 -80.13
N LEU F 43 6.52 -33.02 -79.64
CA LEU F 43 6.18 -31.61 -79.72
C LEU F 43 7.16 -30.76 -78.93
N ILE F 44 7.38 -31.10 -77.66
CA ILE F 44 8.27 -30.30 -76.83
C ILE F 44 9.70 -30.39 -77.34
N TYR F 45 10.09 -31.55 -77.88
CA TYR F 45 11.43 -31.68 -78.44
C TYR F 45 11.65 -30.69 -79.58
N ASN F 46 10.65 -30.56 -80.47
CA ASN F 46 10.78 -29.64 -81.59
C ASN F 46 10.70 -28.18 -81.13
N ARG F 47 9.83 -27.88 -80.18
CA ARG F 47 9.74 -26.51 -79.66
C ARG F 47 11.06 -26.11 -79.00
N ALA F 48 11.62 -26.99 -78.18
CA ALA F 48 12.90 -26.69 -77.54
C ALA F 48 13.99 -26.50 -78.58
N LYS F 49 14.00 -27.34 -79.62
CA LYS F 49 14.94 -27.15 -80.72
C LYS F 49 14.72 -25.79 -81.39
N GLN F 50 13.45 -25.43 -81.62
CA GLN F 50 13.17 -24.13 -82.22
C GLN F 50 13.60 -22.99 -81.33
N TYR F 51 13.33 -23.08 -80.02
CA TYR F 51 13.72 -22.02 -79.10
C TYR F 51 15.23 -21.86 -79.06
N ALA F 52 15.96 -22.98 -79.02
CA ALA F 52 17.42 -22.90 -78.97
C ALA F 52 17.97 -22.16 -80.20
N LYS F 53 17.42 -22.46 -81.37
CA LYS F 53 17.86 -21.76 -82.57
C LYS F 53 17.55 -20.27 -82.49
N GLU F 54 16.37 -19.91 -81.97
CA GLU F 54 16.00 -18.51 -81.88
C GLU F 54 16.95 -17.74 -80.97
N TYR F 55 17.35 -18.33 -79.85
CA TYR F 55 18.25 -17.63 -78.93
C TYR F 55 19.58 -17.33 -79.60
N SER F 56 20.14 -18.30 -80.33
CA SER F 56 21.41 -18.07 -81.00
C SER F 56 21.28 -17.00 -82.08
N GLU F 57 20.17 -17.02 -82.84
CA GLU F 57 19.99 -16.03 -83.90
C GLU F 57 19.92 -14.62 -83.33
N GLN F 58 19.19 -14.44 -82.23
CA GLN F 58 19.09 -13.11 -81.62
C GLN F 58 20.45 -12.60 -81.18
N GLU F 59 21.26 -13.48 -80.57
CA GLU F 59 22.58 -13.06 -80.13
C GLU F 59 23.44 -12.63 -81.32
N LYS F 60 23.42 -13.42 -82.40
CA LYS F 60 24.19 -13.04 -83.59
C LYS F 60 23.57 -11.86 -84.32
N GLU F 61 22.24 -11.74 -84.27
CA GLU F 61 21.59 -10.60 -84.91
C GLU F 61 22.01 -9.28 -84.25
N LEU F 62 22.10 -9.26 -82.93
CA LEU F 62 22.53 -8.05 -82.24
C LEU F 62 23.97 -7.68 -82.60
N ILE F 63 24.85 -8.68 -82.69
CA ILE F 63 26.24 -8.42 -83.05
C ILE F 63 26.33 -7.84 -84.45
N ARG F 64 25.56 -8.40 -85.39
CA ARG F 64 25.61 -7.91 -86.76
C ARG F 64 25.16 -6.46 -86.84
N LEU F 65 24.07 -6.10 -86.15
CA LEU F 65 23.56 -4.74 -86.21
C LEU F 65 24.57 -3.74 -85.65
N LYS F 66 25.22 -4.09 -84.52
CA LYS F 66 26.21 -3.20 -83.94
C LYS F 66 27.38 -2.99 -84.88
N ARG F 67 27.84 -4.06 -85.53
CA ARG F 67 28.91 -3.93 -86.52
C ARG F 67 28.46 -3.13 -87.73
N GLU F 68 27.22 -3.30 -88.15
CA GLU F 68 26.71 -2.56 -89.30
C GLU F 68 26.69 -1.06 -89.01
N ALA F 69 26.24 -0.67 -87.81
CA ALA F 69 26.24 0.75 -87.45
C ALA F 69 27.66 1.29 -87.39
N ARG F 70 28.60 0.49 -86.87
CA ARG F 70 29.99 0.92 -86.81
C ARG F 70 30.54 1.20 -88.21
N LEU F 71 30.22 0.33 -89.16
CA LEU F 71 30.75 0.50 -90.51
C LEU F 71 30.23 1.77 -91.15
N LYS F 72 28.96 2.11 -90.94
CA LYS F 72 28.36 3.32 -91.49
C LYS F 72 28.70 4.56 -90.69
N GLY F 73 29.38 4.43 -89.55
CA GLY F 73 29.75 5.58 -88.75
C GLY F 73 28.67 6.09 -87.83
N GLY F 74 27.59 5.33 -87.62
CA GLY F 74 26.52 5.72 -86.76
C GLY F 74 26.50 4.94 -85.46
N PHE F 75 25.34 4.96 -84.80
CA PHE F 75 25.15 4.25 -83.55
C PHE F 75 23.92 3.36 -83.66
N TYR F 76 23.97 2.22 -82.98
CA TYR F 76 22.82 1.32 -82.88
C TYR F 76 22.40 1.26 -81.41
N VAL F 77 21.21 1.79 -81.12
CA VAL F 77 20.68 1.75 -79.76
C VAL F 77 20.04 0.38 -79.54
N ASP F 78 20.56 -0.37 -78.57
CA ASP F 78 20.02 -1.68 -78.28
C ASP F 78 18.59 -1.55 -77.74
N PRO F 79 17.72 -2.51 -78.04
CA PRO F 79 16.37 -2.45 -77.48
C PRO F 79 16.40 -2.47 -75.96
N GLU F 80 15.52 -1.69 -75.36
CA GLU F 80 15.47 -1.62 -73.90
C GLU F 80 15.07 -2.96 -73.31
N ALA F 81 15.65 -3.29 -72.17
CA ALA F 81 15.35 -4.57 -71.52
C ALA F 81 13.86 -4.69 -71.25
N LYS F 82 13.30 -5.85 -71.60
CA LYS F 82 11.89 -6.11 -71.36
C LYS F 82 11.64 -6.85 -70.06
N LEU F 83 12.65 -7.50 -69.50
CA LEU F 83 12.51 -8.35 -68.33
C LEU F 83 13.48 -7.92 -67.25
N LEU F 84 13.01 -7.92 -66.01
CA LEU F 84 13.84 -7.65 -64.85
C LEU F 84 13.76 -8.81 -63.88
N PHE F 85 14.84 -9.00 -63.12
CA PHE F 85 14.85 -9.91 -61.98
C PHE F 85 15.14 -9.08 -60.73
N ILE F 86 14.27 -9.18 -59.73
CA ILE F 86 14.34 -8.34 -58.54
C ILE F 86 14.61 -9.25 -57.34
N ILE F 87 15.53 -8.83 -56.49
CA ILE F 87 15.90 -9.57 -55.28
C ILE F 87 15.79 -8.62 -54.10
N ARG F 88 15.12 -9.08 -53.04
CA ARG F 88 15.03 -8.28 -51.82
C ARG F 88 16.30 -8.48 -50.99
N ILE F 89 16.94 -7.37 -50.61
CA ILE F 89 18.21 -7.40 -49.90
C ILE F 89 18.11 -6.90 -48.47
N ARG F 90 16.96 -6.35 -48.05
CA ARG F 90 16.77 -5.90 -46.69
C ARG F 90 15.70 -6.74 -46.00
N GLY F 91 15.76 -6.79 -44.68
CA GLY F 91 14.83 -7.57 -43.90
C GLY F 91 13.47 -6.89 -43.79
N ILE F 92 12.66 -7.44 -42.89
CA ILE F 92 11.28 -7.02 -42.72
C ILE F 92 11.10 -6.13 -41.48
N ASN F 93 12.19 -5.66 -40.88
CA ASN F 93 12.11 -4.82 -39.70
C ASN F 93 12.03 -3.36 -40.07
N ALA F 94 11.20 -2.60 -39.34
CA ALA F 94 11.10 -1.15 -39.48
C ALA F 94 10.73 -0.77 -40.92
N MET F 95 9.57 -1.25 -41.36
CA MET F 95 9.14 -1.05 -42.74
C MET F 95 8.21 0.16 -42.82
N PRO F 96 8.53 1.19 -43.60
CA PRO F 96 7.54 2.23 -43.86
C PRO F 96 6.37 1.67 -44.62
N PRO F 97 5.16 2.20 -44.40
CA PRO F 97 3.96 1.55 -44.97
C PRO F 97 3.96 1.46 -46.49
N GLN F 98 4.46 2.48 -47.18
CA GLN F 98 4.43 2.46 -48.64
C GLN F 98 5.34 1.38 -49.20
N THR F 99 6.58 1.32 -48.71
CA THR F 99 7.51 0.28 -49.14
C THR F 99 6.95 -1.10 -48.84
N LYS F 100 6.35 -1.27 -47.66
CA LYS F 100 5.82 -2.56 -47.28
C LYS F 100 4.74 -3.03 -48.25
N LYS F 101 3.86 -2.12 -48.67
CA LYS F 101 2.81 -2.49 -49.62
C LYS F 101 3.39 -2.85 -50.99
N ILE F 102 4.35 -2.06 -51.48
CA ILE F 102 4.88 -2.31 -52.82
C ILE F 102 5.61 -3.64 -52.87
N LEU F 103 6.41 -3.95 -51.84
CA LEU F 103 7.11 -5.23 -51.82
C LEU F 103 6.12 -6.40 -51.81
N GLN F 104 5.00 -6.24 -51.12
CA GLN F 104 3.96 -7.27 -51.14
C GLN F 104 3.39 -7.44 -52.55
N LEU F 105 3.14 -6.33 -53.24
CA LEU F 105 2.61 -6.42 -54.61
C LEU F 105 3.61 -7.08 -55.54
N LEU F 106 4.91 -6.93 -55.26
CA LEU F 106 5.94 -7.62 -56.04
C LEU F 106 6.18 -9.05 -55.57
N ARG F 107 5.47 -9.50 -54.53
CA ARG F 107 5.64 -10.84 -53.99
C ARG F 107 7.07 -11.06 -53.49
N LEU F 108 7.62 -10.04 -52.83
CA LEU F 108 8.92 -10.13 -52.17
C LEU F 108 8.67 -9.92 -50.67
N ARG F 109 8.29 -11.00 -49.99
CA ARG F 109 7.92 -10.95 -48.58
C ARG F 109 9.04 -11.42 -47.66
N GLN F 110 10.19 -11.80 -48.20
CA GLN F 110 11.28 -12.35 -47.40
C GLN F 110 12.60 -11.95 -48.04
N ILE F 111 13.60 -11.69 -47.22
CA ILE F 111 14.90 -11.26 -47.74
C ILE F 111 15.47 -12.35 -48.63
N PHE F 112 16.09 -11.94 -49.73
CA PHE F 112 16.71 -12.80 -50.74
C PHE F 112 15.68 -13.58 -51.56
N ASN F 113 14.39 -13.32 -51.39
CA ASN F 113 13.41 -13.81 -52.35
C ASN F 113 13.57 -13.06 -53.67
N GLY F 114 13.22 -13.73 -54.76
CA GLY F 114 13.38 -13.16 -56.07
C GLY F 114 12.19 -13.46 -56.96
N VAL F 115 11.94 -12.56 -57.91
CA VAL F 115 10.84 -12.69 -58.86
C VAL F 115 11.23 -11.97 -60.14
N PHE F 116 10.60 -12.39 -61.24
CA PHE F 116 10.69 -11.67 -62.50
C PHE F 116 9.63 -10.58 -62.55
N LEU F 117 9.88 -9.57 -63.38
CA LEU F 117 8.97 -8.44 -63.50
C LEU F 117 9.08 -7.87 -64.92
N LYS F 118 7.94 -7.75 -65.60
CA LYS F 118 7.93 -7.11 -66.90
C LYS F 118 8.22 -5.62 -66.76
N VAL F 119 8.81 -5.04 -67.80
CA VAL F 119 9.23 -3.64 -67.80
C VAL F 119 8.13 -2.82 -68.45
N ASN F 120 7.56 -1.88 -67.68
CA ASN F 120 6.70 -0.84 -68.22
C ASN F 120 6.67 0.29 -67.21
N LYS F 121 6.21 1.45 -67.67
CA LYS F 121 6.28 2.65 -66.83
C LYS F 121 5.57 2.44 -65.51
N ALA F 122 4.48 1.67 -65.50
CA ALA F 122 3.76 1.42 -64.25
C ALA F 122 4.62 0.63 -63.27
N THR F 123 5.26 -0.43 -63.75
CA THR F 123 6.06 -1.27 -62.84
C THR F 123 7.38 -0.60 -62.47
N VAL F 124 8.00 0.12 -63.40
CA VAL F 124 9.29 0.75 -63.13
C VAL F 124 9.14 1.81 -62.04
N ASN F 125 8.04 2.57 -62.07
CA ASN F 125 7.85 3.60 -61.06
C ASN F 125 7.56 3.01 -59.68
N MET F 126 6.88 1.86 -59.63
CA MET F 126 6.75 1.16 -58.36
C MET F 126 8.11 0.73 -57.84
N LEU F 127 8.95 0.19 -58.71
CA LEU F 127 10.27 -0.28 -58.29
C LEU F 127 11.13 0.86 -57.80
N HIS F 128 10.99 2.03 -58.41
CA HIS F 128 11.78 3.19 -58.01
C HIS F 128 11.52 3.58 -56.56
N ARG F 129 10.33 3.27 -56.04
CA ARG F 129 9.94 3.66 -54.68
C ARG F 129 10.39 2.66 -53.62
N VAL F 130 11.02 1.56 -54.02
CA VAL F 130 11.57 0.60 -53.05
C VAL F 130 13.04 0.34 -53.38
N GLU F 131 13.70 1.33 -53.97
CA GLU F 131 15.08 1.16 -54.43
C GLU F 131 16.02 0.65 -53.35
N PRO F 132 16.06 1.22 -52.14
CA PRO F 132 17.05 0.77 -51.14
C PRO F 132 16.78 -0.63 -50.59
N TYR F 133 15.60 -1.19 -50.80
CA TYR F 133 15.27 -2.51 -50.26
C TYR F 133 15.49 -3.65 -51.25
N VAL F 134 15.81 -3.34 -52.52
CA VAL F 134 15.94 -4.37 -53.54
C VAL F 134 17.17 -4.08 -54.40
N THR F 135 17.58 -5.12 -55.13
CA THR F 135 18.54 -4.98 -56.22
C THR F 135 18.01 -5.77 -57.40
N TYR F 136 18.21 -5.26 -58.61
CA TYR F 136 17.62 -5.87 -59.78
C TYR F 136 18.48 -5.60 -61.00
N GLY F 137 18.13 -6.23 -62.10
CA GLY F 137 18.87 -6.06 -63.33
C GLY F 137 18.25 -6.86 -64.45
N TYR F 138 19.03 -7.08 -65.51
CA TYR F 138 18.55 -7.77 -66.69
C TYR F 138 19.06 -9.20 -66.70
N PRO F 139 18.22 -10.20 -66.48
CA PRO F 139 18.71 -11.59 -66.46
C PRO F 139 18.94 -12.14 -67.85
N ASN F 140 20.05 -12.85 -68.02
CA ASN F 140 20.36 -13.49 -69.29
C ASN F 140 19.69 -14.86 -69.35
N LEU F 141 19.84 -15.54 -70.48
CA LEU F 141 19.20 -16.83 -70.66
C LEU F 141 19.67 -17.85 -69.63
N LYS F 142 20.98 -17.86 -69.34
CA LYS F 142 21.50 -18.80 -68.35
C LYS F 142 20.81 -18.62 -67.00
N SER F 143 20.69 -17.38 -66.54
CA SER F 143 20.08 -17.14 -65.24
C SER F 143 18.64 -17.64 -65.20
N ILE F 144 17.87 -17.37 -66.25
CA ILE F 144 16.47 -17.81 -66.27
C ILE F 144 16.39 -19.33 -66.23
N LYS F 145 17.25 -20.01 -66.99
CA LYS F 145 17.25 -21.47 -66.98
C LYS F 145 17.55 -22.00 -65.59
N GLU F 146 18.63 -21.53 -64.98
CA GLU F 146 19.04 -22.08 -63.69
C GLU F 146 17.97 -21.86 -62.63
N LEU F 147 17.38 -20.66 -62.59
CA LEU F 147 16.37 -20.36 -61.58
C LEU F 147 15.17 -21.27 -61.73
N ILE F 148 14.65 -21.42 -62.95
CA ILE F 148 13.45 -22.22 -63.15
C ILE F 148 13.76 -23.70 -62.96
N TYR F 149 14.92 -24.15 -63.43
CA TYR F 149 15.24 -25.58 -63.35
C TYR F 149 15.60 -25.99 -61.93
N LYS F 150 16.39 -25.18 -61.22
CA LYS F 150 16.86 -25.57 -59.89
C LYS F 150 15.89 -25.15 -58.79
N ARG F 151 15.36 -23.93 -58.85
CA ARG F 151 14.53 -23.39 -57.78
C ARG F 151 13.13 -23.03 -58.27
N GLY F 152 12.67 -23.63 -59.36
CA GLY F 152 11.36 -23.34 -59.89
C GLY F 152 10.26 -24.16 -59.24
N TYR F 153 9.27 -23.47 -58.67
CA TYR F 153 8.10 -24.10 -58.08
C TYR F 153 6.85 -23.45 -58.66
N GLY F 154 5.85 -24.26 -58.97
CA GLY F 154 4.61 -23.78 -59.55
C GLY F 154 3.52 -23.66 -58.51
N LYS F 155 2.69 -22.61 -58.66
CA LYS F 155 1.56 -22.38 -57.79
C LYS F 155 0.34 -23.09 -58.37
N VAL F 156 -0.05 -24.19 -57.74
CA VAL F 156 -1.20 -24.99 -58.16
C VAL F 156 -2.21 -24.98 -57.02
N ASP F 157 -3.38 -24.39 -57.28
CA ASP F 157 -4.42 -24.27 -56.25
C ASP F 157 -3.87 -23.60 -55.00
N LYS F 158 -3.05 -22.57 -55.19
CA LYS F 158 -2.44 -21.82 -54.09
C LYS F 158 -1.52 -22.69 -53.25
N GLN F 159 -0.89 -23.68 -53.88
CA GLN F 159 0.09 -24.53 -53.21
C GLN F 159 1.39 -24.52 -54.01
N ARG F 160 2.50 -24.61 -53.30
CA ARG F 160 3.83 -24.56 -53.90
C ARG F 160 4.24 -25.97 -54.31
N ILE F 161 4.34 -26.20 -55.61
CA ILE F 161 4.61 -27.52 -56.17
C ILE F 161 5.91 -27.46 -56.96
N ALA F 162 6.84 -28.36 -56.63
CA ALA F 162 8.10 -28.42 -57.35
C ALA F 162 7.86 -28.84 -58.79
N LEU F 163 8.61 -28.22 -59.72
CA LEU F 163 8.49 -28.52 -61.15
C LEU F 163 9.30 -29.76 -61.49
N THR F 164 8.88 -30.88 -60.90
CA THR F 164 9.57 -32.15 -61.14
C THR F 164 9.22 -32.75 -62.50
N ASP F 165 8.02 -32.48 -63.01
CA ASP F 165 7.59 -33.02 -64.28
C ASP F 165 6.84 -31.95 -65.06
N ASN F 166 6.82 -32.10 -66.38
CA ASN F 166 6.09 -31.17 -67.22
C ASN F 166 4.59 -31.21 -67.00
N ALA F 167 4.08 -32.27 -66.36
CA ALA F 167 2.66 -32.34 -66.08
C ALA F 167 2.22 -31.20 -65.16
N VAL F 168 3.09 -30.80 -64.23
CA VAL F 168 2.75 -29.70 -63.32
C VAL F 168 2.57 -28.41 -64.11
N VAL F 169 3.47 -28.15 -65.06
CA VAL F 169 3.35 -26.94 -65.87
C VAL F 169 2.07 -26.97 -66.70
N GLU F 170 1.76 -28.12 -67.29
CA GLU F 170 0.58 -28.22 -68.14
C GLU F 170 -0.71 -28.12 -67.32
N GLN F 171 -0.68 -28.54 -66.06
CA GLN F 171 -1.90 -28.55 -65.26
C GLN F 171 -2.47 -27.15 -65.09
N VAL F 172 -1.63 -26.13 -65.11
CA VAL F 172 -2.05 -24.75 -64.89
C VAL F 172 -1.96 -23.94 -66.17
N LEU F 173 -0.82 -23.98 -66.85
CA LEU F 173 -0.57 -23.16 -68.02
C LEU F 173 -0.92 -23.87 -69.33
N GLY F 174 -1.51 -25.06 -69.25
CA GLY F 174 -1.82 -25.81 -70.47
C GLY F 174 -2.72 -25.05 -71.42
N LYS F 175 -3.72 -24.35 -70.87
CA LYS F 175 -4.65 -23.61 -71.72
C LYS F 175 -3.98 -22.46 -72.46
N HIS F 176 -2.83 -21.99 -71.98
CA HIS F 176 -2.09 -20.92 -72.64
C HIS F 176 -1.05 -21.44 -73.62
N GLY F 177 -1.00 -22.75 -73.85
CA GLY F 177 -0.05 -23.34 -74.77
C GLY F 177 1.27 -23.76 -74.15
N ILE F 178 1.51 -23.41 -72.89
CA ILE F 178 2.76 -23.77 -72.21
C ILE F 178 2.57 -25.14 -71.59
N ILE F 179 3.23 -26.15 -72.15
CA ILE F 179 3.09 -27.53 -71.70
C ILE F 179 4.38 -28.09 -71.12
N CYS F 180 5.51 -27.43 -71.29
CA CYS F 180 6.78 -27.94 -70.79
C CYS F 180 7.58 -26.80 -70.19
N ILE F 181 8.60 -27.17 -69.41
CA ILE F 181 9.43 -26.16 -68.76
C ILE F 181 10.17 -25.31 -69.78
N GLU F 182 10.48 -25.88 -70.94
CA GLU F 182 11.12 -25.08 -71.99
C GLU F 182 10.18 -24.01 -72.53
N ASP F 183 8.89 -24.35 -72.69
CA ASP F 183 7.92 -23.32 -73.05
C ASP F 183 7.85 -22.23 -71.98
N LEU F 184 7.89 -22.63 -70.71
CA LEU F 184 7.85 -21.66 -69.62
C LEU F 184 9.07 -20.73 -69.68
N VAL F 185 10.25 -21.30 -69.94
CA VAL F 185 11.45 -20.47 -70.06
C VAL F 185 11.30 -19.49 -71.23
N HIS F 186 10.80 -19.98 -72.37
CA HIS F 186 10.66 -19.12 -73.53
C HIS F 186 9.69 -17.97 -73.27
N GLU F 187 8.58 -18.26 -72.59
CA GLU F 187 7.60 -17.21 -72.30
C GLU F 187 8.21 -16.12 -71.42
N ILE F 188 9.00 -16.52 -70.41
CA ILE F 188 9.59 -15.55 -69.50
C ILE F 188 10.63 -14.71 -70.22
N ILE F 189 11.54 -15.35 -70.96
CA ILE F 189 12.67 -14.63 -71.54
C ILE F 189 12.20 -13.63 -72.59
N THR F 190 11.25 -14.03 -73.44
CA THR F 190 10.76 -13.15 -74.50
C THR F 190 9.60 -12.27 -74.03
N VAL F 191 9.11 -12.45 -72.81
CA VAL F 191 7.96 -11.70 -72.33
C VAL F 191 6.82 -11.85 -73.34
N GLY F 192 6.34 -13.09 -73.51
CA GLY F 192 5.34 -13.37 -74.50
C GLY F 192 3.97 -12.85 -74.09
N PRO F 193 2.97 -13.13 -74.92
CA PRO F 193 1.62 -12.63 -74.63
C PRO F 193 1.06 -13.13 -73.31
N HIS F 194 1.44 -14.34 -72.89
CA HIS F 194 0.97 -14.92 -71.64
C HIS F 194 2.00 -14.84 -70.53
N PHE F 195 2.79 -13.76 -70.50
CA PHE F 195 3.79 -13.60 -69.45
C PHE F 195 3.13 -13.49 -68.08
N LYS F 196 2.03 -12.75 -67.99
CA LYS F 196 1.39 -12.51 -66.70
C LYS F 196 1.01 -13.83 -66.03
N GLU F 197 0.36 -14.73 -66.77
CA GLU F 197 -0.04 -16.01 -66.19
C GLU F 197 1.17 -16.89 -65.92
N ALA F 198 2.11 -16.95 -66.88
CA ALA F 198 3.29 -17.78 -66.70
C ALA F 198 4.13 -17.29 -65.52
N ASN F 199 4.32 -15.98 -65.40
CA ASN F 199 5.15 -15.46 -64.32
C ASN F 199 4.46 -15.61 -62.97
N ASN F 200 3.15 -15.32 -62.90
CA ASN F 200 2.43 -15.48 -61.65
C ASN F 200 2.37 -16.95 -61.23
N PHE F 201 2.36 -17.86 -62.21
CA PHE F 201 2.37 -19.29 -61.90
C PHE F 201 3.63 -19.68 -61.13
N LEU F 202 4.74 -19.00 -61.35
CA LEU F 202 5.97 -19.29 -60.66
C LEU F 202 5.92 -18.75 -59.24
N TRP F 203 6.14 -19.61 -58.26
CA TRP F 203 6.28 -19.16 -56.89
C TRP F 203 7.53 -18.31 -56.76
N PRO F 204 7.50 -17.24 -55.95
CA PRO F 204 8.71 -16.43 -55.78
C PRO F 204 9.90 -17.28 -55.38
N PHE F 205 11.03 -17.04 -56.04
CA PHE F 205 12.20 -17.90 -55.87
C PHE F 205 12.83 -17.68 -54.49
N GLN F 206 13.05 -18.78 -53.78
CA GLN F 206 13.64 -18.74 -52.44
C GLN F 206 15.15 -18.93 -52.58
N LEU F 207 15.86 -17.82 -52.80
CA LEU F 207 17.29 -17.87 -53.01
C LEU F 207 18.03 -17.93 -51.67
N LYS F 208 19.28 -18.38 -51.73
CA LYS F 208 20.12 -18.49 -50.55
C LYS F 208 20.94 -17.21 -50.37
N ALA F 209 21.54 -17.09 -49.19
CA ALA F 209 22.44 -15.98 -48.95
C ALA F 209 23.59 -16.03 -49.97
N PRO F 210 24.03 -14.90 -50.50
CA PRO F 210 25.03 -14.94 -51.57
C PRO F 210 26.34 -15.57 -51.10
N LEU F 211 26.86 -16.47 -51.92
CA LEU F 211 28.19 -17.01 -51.68
C LEU F 211 29.22 -15.94 -51.99
N GLY F 212 30.01 -15.56 -50.98
CA GLY F 212 30.93 -14.45 -51.10
C GLY F 212 30.44 -13.16 -50.47
N GLY F 213 29.16 -13.10 -50.11
CA GLY F 213 28.63 -11.96 -49.38
C GLY F 213 28.33 -10.78 -50.27
N LEU F 214 27.84 -9.72 -49.62
CA LEU F 214 27.50 -8.46 -50.27
C LEU F 214 28.52 -7.39 -49.90
N LYS F 215 28.51 -6.30 -50.65
CA LYS F 215 29.43 -5.19 -50.36
C LYS F 215 28.89 -4.31 -49.25
N LYS F 216 27.77 -3.63 -49.50
CA LYS F 216 27.10 -2.80 -48.50
C LYS F 216 25.65 -2.68 -48.91
N LYS F 217 24.76 -3.34 -48.17
CA LYS F 217 23.35 -3.28 -48.53
C LYS F 217 22.74 -1.90 -48.32
N ARG F 218 23.40 -1.04 -47.54
CA ARG F 218 22.86 0.27 -47.20
C ARG F 218 23.11 1.33 -48.26
N ASN F 219 23.97 1.05 -49.25
CA ASN F 219 24.29 2.02 -50.28
C ASN F 219 23.85 1.50 -51.64
N HIS F 220 23.65 2.44 -52.56
CA HIS F 220 23.26 2.10 -53.92
C HIS F 220 24.43 1.45 -54.66
N TYR F 221 24.09 0.56 -55.60
CA TYR F 221 25.12 -0.11 -56.38
C TYR F 221 26.06 0.87 -57.07
N VAL F 222 25.55 2.05 -57.45
CA VAL F 222 26.39 3.06 -58.08
C VAL F 222 27.44 3.56 -57.12
N GLU F 223 27.10 3.68 -55.84
CA GLU F 223 28.04 4.16 -54.82
C GLU F 223 29.00 3.09 -54.35
N GLY F 224 28.94 1.89 -54.92
CA GLY F 224 29.70 0.77 -54.43
C GLY F 224 28.94 -0.16 -53.51
N GLY F 225 27.63 0.06 -53.34
CA GLY F 225 26.81 -0.77 -52.50
C GLY F 225 26.18 -1.91 -53.26
N ASP F 226 24.97 -2.29 -52.85
CA ASP F 226 24.28 -3.43 -53.43
C ASP F 226 22.85 -3.16 -53.86
N ALA F 227 22.30 -1.98 -53.58
CA ALA F 227 20.90 -1.70 -53.87
C ALA F 227 20.75 -1.04 -55.24
N GLY F 228 19.56 -1.21 -55.82
CA GLY F 228 19.23 -0.54 -57.06
C GLY F 228 19.49 -1.38 -58.30
N ASN F 229 19.47 -0.70 -59.43
CA ASN F 229 19.67 -1.33 -60.73
C ASN F 229 21.15 -1.57 -60.98
N ARG F 230 21.53 -2.82 -61.17
CA ARG F 230 22.89 -3.16 -61.59
C ARG F 230 22.92 -3.74 -63.01
N GLU F 231 21.82 -3.64 -63.75
CA GLU F 231 21.75 -3.97 -65.19
C GLU F 231 22.22 -5.40 -65.39
N ASN F 232 23.19 -5.66 -66.27
CA ASN F 232 23.59 -7.03 -66.58
C ASN F 232 24.37 -7.68 -65.46
N PHE F 233 24.81 -6.93 -64.46
CA PHE F 233 25.56 -7.50 -63.35
C PHE F 233 24.68 -8.25 -62.36
N ILE F 234 23.36 -8.23 -62.53
CA ILE F 234 22.49 -9.05 -61.71
C ILE F 234 22.79 -10.53 -61.94
N ASN F 235 23.25 -10.89 -63.14
CA ASN F 235 23.59 -12.27 -63.42
C ASN F 235 24.73 -12.76 -62.53
N GLU F 236 25.76 -11.93 -62.35
CA GLU F 236 26.86 -12.31 -61.47
C GLU F 236 26.35 -12.61 -60.06
N LEU F 237 25.35 -11.86 -59.60
CA LEU F 237 24.78 -12.11 -58.28
C LEU F 237 23.89 -13.34 -58.30
N ILE F 238 23.20 -13.61 -59.41
CA ILE F 238 22.32 -14.77 -59.48
C ILE F 238 23.13 -16.06 -59.38
N ARG F 239 24.34 -16.08 -59.94
CA ARG F 239 25.18 -17.26 -59.82
C ARG F 239 25.48 -17.57 -58.35
N ARG F 240 25.81 -16.55 -57.58
CA ARG F 240 26.23 -16.74 -56.19
C ARG F 240 25.06 -16.95 -55.24
N MET F 241 23.83 -16.70 -55.67
CA MET F 241 22.66 -16.86 -54.82
C MET F 241 21.76 -18.01 -55.23
N ASN F 242 22.03 -18.68 -56.35
CA ASN F 242 21.20 -19.79 -56.79
C ASN F 242 21.88 -21.13 -56.54
N ASN G 22 -63.64 27.89 106.04
CA ASN G 22 -62.24 27.67 106.36
C ASN G 22 -61.40 28.82 105.83
N PRO G 23 -60.70 29.58 106.68
CA PRO G 23 -59.90 30.71 106.17
C PRO G 23 -58.72 30.29 105.32
N LEU G 24 -58.34 29.01 105.33
CA LEU G 24 -57.19 28.55 104.57
C LEU G 24 -57.45 28.52 103.07
N PHE G 25 -58.71 28.46 102.64
CA PHE G 25 -59.04 28.52 101.23
C PHE G 25 -58.98 29.94 100.73
N GLU G 26 -58.51 30.12 99.50
CA GLU G 26 -58.35 31.45 98.92
C GLU G 26 -58.56 31.36 97.42
N LYS G 27 -58.84 32.52 96.82
CA LYS G 27 -58.96 32.63 95.37
C LYS G 27 -57.60 32.97 94.78
N ARG G 28 -57.17 32.19 93.79
CA ARG G 28 -55.92 32.44 93.09
C ARG G 28 -56.22 32.79 91.64
N PRO G 29 -56.72 34.00 91.36
CA PRO G 29 -57.08 34.35 89.99
C PRO G 29 -55.87 34.38 89.07
N LYS G 30 -56.10 34.09 87.80
CA LYS G 30 -55.08 34.13 86.77
C LYS G 30 -55.36 35.29 85.83
N GLN G 31 -54.33 36.10 85.58
CA GLN G 31 -54.43 37.25 84.69
C GLN G 31 -53.97 36.84 83.31
N PHE G 32 -54.92 36.69 82.38
CA PHE G 32 -54.62 36.28 81.03
C PHE G 32 -54.26 37.51 80.19
N GLY G 33 -54.15 37.33 78.88
CA GLY G 33 -53.76 38.39 77.97
C GLY G 33 -52.39 38.13 77.38
N ILE G 34 -51.99 39.04 76.49
CA ILE G 34 -50.71 38.92 75.80
C ILE G 34 -49.60 39.04 76.84
N GLY G 35 -48.73 38.03 76.89
CA GLY G 35 -47.63 38.02 77.84
C GLY G 35 -48.03 37.69 79.26
N GLY G 36 -49.25 37.28 79.49
CA GLY G 36 -49.75 36.95 80.81
C GLY G 36 -49.70 35.46 81.09
N ALA G 37 -50.55 35.01 82.00
CA ALA G 37 -50.61 33.60 82.33
C ALA G 37 -51.00 32.78 81.11
N LEU G 38 -50.40 31.61 80.98
CA LEU G 38 -50.70 30.75 79.83
C LEU G 38 -52.19 30.44 79.79
N PRO G 39 -52.85 30.66 78.66
CA PRO G 39 -54.29 30.41 78.61
C PRO G 39 -54.60 28.93 78.78
N PRO G 40 -55.77 28.59 79.31
CA PRO G 40 -56.12 27.17 79.47
C PRO G 40 -56.39 26.51 78.12
N LYS G 41 -56.70 25.22 78.14
CA LYS G 41 -57.02 24.52 76.90
C LYS G 41 -58.22 25.17 76.24
N LYS G 42 -58.09 25.47 74.96
CA LYS G 42 -59.15 26.10 74.18
C LYS G 42 -59.54 25.20 73.01
N ASP G 43 -60.76 25.41 72.51
CA ASP G 43 -61.25 24.69 71.35
C ASP G 43 -60.63 25.31 70.10
N VAL G 44 -59.79 24.54 69.41
CA VAL G 44 -59.11 25.00 68.20
C VAL G 44 -59.66 24.24 67.01
N THR G 45 -60.94 23.83 67.09
CA THR G 45 -61.51 22.98 66.06
C THR G 45 -61.48 23.67 64.69
N ARG G 46 -61.81 24.96 64.64
CA ARG G 46 -61.87 25.65 63.35
C ARG G 46 -60.50 25.84 62.73
N ASN G 47 -59.42 25.60 63.47
CA ASN G 47 -58.06 25.75 62.96
C ASN G 47 -57.36 24.41 62.74
N VAL G 48 -58.07 23.30 62.93
CA VAL G 48 -57.43 21.99 62.81
C VAL G 48 -57.00 21.76 61.37
N ARG G 49 -55.79 21.22 61.21
CA ARG G 49 -55.28 20.85 59.89
C ARG G 49 -55.83 19.46 59.56
N TRP G 50 -56.98 19.44 58.90
CA TRP G 50 -57.70 18.20 58.69
C TRP G 50 -57.02 17.36 57.60
N PRO G 51 -57.33 16.06 57.56
CA PRO G 51 -56.81 15.22 56.47
C PRO G 51 -57.28 15.73 55.11
N ARG G 52 -56.69 15.15 54.06
CA ARG G 52 -57.04 15.54 52.71
C ARG G 52 -58.51 15.29 52.40
N ASN G 53 -59.04 14.14 52.82
CA ASN G 53 -60.42 13.80 52.51
C ASN G 53 -61.38 14.82 53.10
N VAL G 54 -61.17 15.21 54.36
CA VAL G 54 -62.06 16.19 54.99
C VAL G 54 -61.97 17.52 54.27
N THR G 55 -60.75 17.96 53.93
CA THR G 55 -60.59 19.26 53.30
C THR G 55 -61.29 19.31 51.95
N LEU G 56 -61.16 18.25 51.15
CA LEU G 56 -61.74 18.26 49.81
C LEU G 56 -63.27 18.32 49.86
N GLN G 57 -63.89 17.55 50.76
CA GLN G 57 -65.35 17.55 50.82
C GLN G 57 -65.89 18.88 51.32
N ARG G 58 -65.15 19.58 52.17
CA ARG G 58 -65.59 20.89 52.63
C ARG G 58 -65.42 21.95 51.55
N LYS G 59 -64.30 21.91 50.82
CA LYS G 59 -64.15 22.81 49.69
C LYS G 59 -65.16 22.52 48.59
N LYS G 60 -65.54 21.26 48.42
CA LYS G 60 -66.55 20.91 47.42
C LYS G 60 -67.89 21.57 47.73
N ARG G 61 -68.29 21.54 49.00
CA ARG G 61 -69.54 22.20 49.38
C ARG G 61 -69.48 23.70 49.11
N ILE G 62 -68.36 24.34 49.46
CA ILE G 62 -68.23 25.78 49.27
C ILE G 62 -68.27 26.12 47.78
N LEU G 63 -67.52 25.36 46.97
CA LEU G 63 -67.41 25.70 45.55
C LEU G 63 -68.77 25.65 44.87
N LYS G 64 -69.63 24.70 45.26
CA LYS G 64 -70.93 24.58 44.61
C LYS G 64 -71.76 25.84 44.80
N MET G 65 -71.76 26.41 46.00
CA MET G 65 -72.58 27.59 46.27
C MET G 65 -71.90 28.88 45.81
N ARG G 66 -70.60 28.86 45.55
CA ARG G 66 -69.93 30.04 45.01
C ARG G 66 -70.27 30.25 43.54
N LEU G 67 -70.31 29.17 42.77
CA LEU G 67 -70.60 29.26 41.34
C LEU G 67 -72.11 29.38 41.11
N LYS G 68 -72.46 29.97 39.97
CA LYS G 68 -73.86 30.05 39.58
C LYS G 68 -74.37 28.68 39.19
N VAL G 69 -75.50 28.28 39.77
CA VAL G 69 -76.08 26.96 39.55
C VAL G 69 -77.15 27.08 38.48
N PRO G 70 -77.05 26.35 37.36
CA PRO G 70 -78.08 26.45 36.33
C PRO G 70 -79.42 25.98 36.87
N PRO G 71 -80.52 26.51 36.33
CA PRO G 71 -81.84 26.21 36.93
C PRO G 71 -82.16 24.73 37.03
N ALA G 72 -81.75 23.93 36.04
CA ALA G 72 -82.09 22.50 36.08
C ALA G 72 -81.49 21.82 37.30
N LEU G 73 -80.36 22.31 37.79
CA LEU G 73 -79.75 21.78 39.00
C LEU G 73 -80.22 22.51 40.25
N ASN G 74 -80.61 23.79 40.12
CA ASN G 74 -81.06 24.55 41.27
C ASN G 74 -82.43 24.11 41.78
N GLN G 75 -83.22 23.44 40.95
CA GLN G 75 -84.55 23.00 41.37
C GLN G 75 -84.48 21.91 42.43
N PHE G 76 -83.34 21.24 42.58
CA PHE G 76 -83.21 20.19 43.59
C PHE G 76 -82.95 20.73 44.98
N THR G 77 -82.60 22.01 45.12
CA THR G 77 -82.48 22.62 46.44
C THR G 77 -83.84 22.91 47.05
N LYS G 78 -84.88 23.02 46.24
CA LYS G 78 -86.23 23.33 46.71
C LYS G 78 -86.96 22.03 47.03
N THR G 79 -86.54 21.40 48.13
CA THR G 79 -87.08 20.12 48.52
C THR G 79 -88.44 20.28 49.22
N LEU G 80 -89.11 19.16 49.40
CA LEU G 80 -90.42 19.16 50.05
C LEU G 80 -90.29 19.65 51.49
N ASP G 81 -91.32 20.35 51.96
CA ASP G 81 -91.28 20.92 53.30
C ASP G 81 -91.21 19.81 54.34
N LYS G 82 -90.59 20.15 55.49
CA LYS G 82 -90.42 19.15 56.55
C LYS G 82 -91.77 18.64 57.03
N ASN G 83 -92.74 19.53 57.23
CA ASN G 83 -94.03 19.12 57.76
C ASN G 83 -94.73 18.15 56.81
N LEU G 84 -94.73 18.46 55.52
CA LEU G 84 -95.39 17.58 54.56
C LEU G 84 -94.56 16.33 54.28
N ALA G 85 -93.24 16.41 54.44
CA ALA G 85 -92.40 15.24 54.19
C ALA G 85 -92.74 14.12 55.17
N THR G 86 -92.94 14.45 56.44
CA THR G 86 -93.25 13.43 57.43
C THR G 86 -94.55 12.71 57.09
N THR G 87 -95.57 13.47 56.68
CA THR G 87 -96.83 12.85 56.28
C THR G 87 -96.64 11.93 55.09
N LEU G 88 -95.87 12.38 54.09
CA LEU G 88 -95.64 11.56 52.91
C LEU G 88 -94.85 10.29 53.27
N PHE G 89 -93.80 10.43 54.08
CA PHE G 89 -93.01 9.27 54.46
C PHE G 89 -93.81 8.31 55.34
N LYS G 90 -94.72 8.83 56.16
CA LYS G 90 -95.54 7.96 56.99
C LYS G 90 -96.43 7.06 56.12
N MET G 91 -96.99 7.63 55.04
CA MET G 91 -97.78 6.82 54.13
C MET G 91 -96.93 5.77 53.43
N LEU G 92 -95.71 6.13 53.04
CA LEU G 92 -94.84 5.18 52.35
C LEU G 92 -94.53 3.99 53.26
N LEU G 93 -94.36 4.22 54.55
CA LEU G 93 -94.09 3.12 55.47
C LEU G 93 -95.22 2.11 55.47
N LYS G 94 -96.44 2.53 55.10
CA LYS G 94 -97.57 1.63 55.05
C LYS G 94 -97.60 0.79 53.77
N TYR G 95 -96.70 1.05 52.82
CA TYR G 95 -96.63 0.31 51.57
C TYR G 95 -95.23 -0.24 51.33
N ARG G 96 -94.52 -0.59 52.41
CA ARG G 96 -93.16 -1.08 52.26
C ARG G 96 -93.15 -2.42 51.54
N PRO G 97 -92.16 -2.67 50.68
CA PRO G 97 -92.01 -4.02 50.11
C PRO G 97 -91.66 -5.03 51.20
N GLU G 98 -92.01 -6.29 50.91
CA GLU G 98 -91.75 -7.36 51.85
C GLU G 98 -90.25 -7.59 52.01
N ASP G 99 -89.86 -8.05 53.20
CA ASP G 99 -88.46 -8.30 53.50
C ASP G 99 -88.03 -9.65 52.94
N LYS G 100 -86.73 -9.93 53.06
CA LYS G 100 -86.21 -11.23 52.62
C LYS G 100 -86.85 -12.37 53.41
N ALA G 101 -86.94 -12.22 54.73
CA ALA G 101 -87.59 -13.25 55.54
C ALA G 101 -89.08 -13.34 55.25
N ALA G 102 -89.75 -12.19 55.12
CA ALA G 102 -91.17 -12.19 54.79
C ALA G 102 -91.40 -12.77 53.40
N LYS G 103 -90.52 -12.47 52.44
CA LYS G 103 -90.68 -12.98 51.09
C LYS G 103 -90.59 -14.51 51.07
N LYS G 104 -89.64 -15.07 51.81
CA LYS G 104 -89.53 -16.53 51.89
C LYS G 104 -90.72 -17.14 52.61
N GLU G 105 -91.23 -16.45 53.63
CA GLU G 105 -92.31 -17.02 54.45
C GLU G 105 -93.59 -17.19 53.65
N ARG G 106 -93.86 -16.34 52.65
CA ARG G 106 -95.05 -16.51 51.83
C ARG G 106 -94.87 -17.56 50.75
N LEU G 107 -93.66 -17.73 50.23
CA LEU G 107 -93.42 -18.72 49.19
C LEU G 107 -93.51 -20.14 49.71
N VAL G 108 -93.42 -20.35 51.03
CA VAL G 108 -93.68 -21.66 51.59
C VAL G 108 -95.16 -21.86 51.90
N LYS G 109 -95.87 -20.78 52.22
CA LYS G 109 -97.31 -20.86 52.37
C LYS G 109 -98.02 -21.15 51.05
N ARG G 110 -97.38 -20.84 49.92
CA ARG G 110 -97.93 -21.15 48.61
C ARG G 110 -97.58 -22.57 48.17
N ALA G 111 -96.37 -23.03 48.49
CA ALA G 111 -95.99 -24.39 48.15
C ALA G 111 -96.90 -25.41 48.83
N GLN G 112 -97.18 -25.20 50.11
CA GLN G 112 -98.13 -26.05 50.80
C GLN G 112 -99.53 -25.91 50.21
N ALA G 113 -99.92 -24.68 49.87
CA ALA G 113 -101.23 -24.47 49.26
C ALA G 113 -101.32 -25.19 47.92
N GLU G 114 -100.26 -25.12 47.11
CA GLU G 114 -100.27 -25.85 45.84
C GLU G 114 -100.38 -27.34 46.06
N ALA G 115 -99.68 -27.87 47.07
CA ALA G 115 -99.80 -29.30 47.38
C ALA G 115 -101.22 -29.65 47.80
N GLU G 116 -101.84 -28.80 48.60
CA GLU G 116 -103.22 -29.02 49.04
C GLU G 116 -104.20 -28.41 48.04
N GLY G 117 -104.11 -28.88 46.80
CA GLY G 117 -104.96 -28.41 45.73
C GLY G 117 -104.77 -26.93 45.45
N THR G 122 -103.25 -14.19 46.85
CA THR G 122 -104.31 -14.29 45.86
C THR G 122 -104.73 -12.91 45.37
N LYS G 123 -104.52 -11.90 46.19
CA LYS G 123 -104.83 -10.52 45.85
C LYS G 123 -103.57 -9.78 45.43
N LYS G 124 -103.72 -8.87 44.48
CA LYS G 124 -102.59 -8.10 44.00
C LYS G 124 -102.07 -7.18 45.10
N PRO G 125 -100.79 -7.26 45.46
CA PRO G 125 -100.29 -6.38 46.53
C PRO G 125 -100.21 -4.93 46.10
N ILE G 126 -100.27 -4.05 47.09
CA ILE G 126 -100.14 -2.61 46.89
C ILE G 126 -98.88 -2.19 47.63
N ILE G 127 -97.79 -1.98 46.90
CA ILE G 127 -96.50 -1.64 47.48
C ILE G 127 -95.84 -0.55 46.65
N VAL G 128 -94.81 0.07 47.24
CA VAL G 128 -94.06 1.13 46.57
C VAL G 128 -93.17 0.52 45.50
N LYS G 129 -93.05 1.22 44.38
CA LYS G 129 -92.18 0.82 43.29
C LYS G 129 -90.88 1.61 43.38
N TYR G 130 -89.75 0.91 43.28
CA TYR G 130 -88.43 1.53 43.34
C TYR G 130 -87.60 1.05 42.16
N GLY G 131 -86.43 1.67 42.01
CA GLY G 131 -85.57 1.40 40.87
C GLY G 131 -85.76 2.42 39.78
N LEU G 132 -84.68 3.14 39.44
CA LEU G 132 -84.79 4.21 38.45
C LEU G 132 -85.26 3.66 37.10
N LYS G 133 -84.71 2.52 36.70
CA LYS G 133 -85.10 1.93 35.41
C LYS G 133 -86.58 1.58 35.39
N HIS G 134 -87.09 0.99 36.47
CA HIS G 134 -88.49 0.59 36.51
C HIS G 134 -89.42 1.79 36.66
N ILE G 135 -89.00 2.79 37.46
CA ILE G 135 -89.83 3.97 37.65
C ILE G 135 -89.97 4.75 36.35
N THR G 136 -88.89 4.90 35.60
CA THR G 136 -88.95 5.65 34.35
C THR G 136 -89.92 4.98 33.38
N TYR G 137 -89.95 3.65 33.37
CA TYR G 137 -90.92 2.95 32.52
C TYR G 137 -92.35 3.26 32.95
N LEU G 138 -92.61 3.28 34.26
CA LEU G 138 -93.96 3.57 34.74
C LEU G 138 -94.36 4.99 34.39
N ILE G 139 -93.43 5.94 34.49
CA ILE G 139 -93.74 7.33 34.16
C ILE G 139 -94.08 7.45 32.67
N GLU G 140 -93.28 6.81 31.82
CA GLU G 140 -93.53 6.89 30.38
C GLU G 140 -94.85 6.23 30.01
N GLN G 141 -95.20 5.14 30.68
CA GLN G 141 -96.46 4.46 30.44
C GLN G 141 -97.64 5.15 31.12
N ASN G 142 -97.39 6.19 31.91
CA ASN G 142 -98.44 6.97 32.55
C ASN G 142 -99.20 6.15 33.60
N LYS G 143 -98.53 5.18 34.21
CA LYS G 143 -99.10 4.39 35.30
C LYS G 143 -98.65 4.84 36.67
N ALA G 144 -97.86 5.91 36.75
CA ALA G 144 -97.36 6.43 38.01
C ALA G 144 -98.24 7.58 38.49
N GLN G 145 -98.61 7.55 39.77
CA GLN G 145 -99.43 8.59 40.38
C GLN G 145 -98.65 9.54 41.27
N LEU G 146 -97.42 9.19 41.66
CA LEU G 146 -96.59 10.07 42.47
C LEU G 146 -95.15 9.58 42.38
N VAL G 147 -94.23 10.50 42.10
CA VAL G 147 -92.81 10.19 41.99
C VAL G 147 -92.08 10.98 43.06
N VAL G 148 -91.29 10.27 43.88
CA VAL G 148 -90.48 10.87 44.93
C VAL G 148 -89.03 10.75 44.49
N ILE G 149 -88.34 11.89 44.43
CA ILE G 149 -86.98 11.97 43.91
C ILE G 149 -86.05 12.40 45.03
N ALA G 150 -84.90 11.73 45.12
CA ALA G 150 -83.87 12.11 46.08
C ALA G 150 -83.10 13.32 45.57
N HIS G 151 -82.77 14.23 46.48
CA HIS G 151 -82.07 15.45 46.12
C HIS G 151 -80.56 15.28 46.06
N ASP G 152 -80.03 14.17 46.56
CA ASP G 152 -78.59 13.98 46.72
C ASP G 152 -78.10 12.77 45.93
N VAL G 153 -78.57 12.63 44.69
CA VAL G 153 -78.10 11.56 43.82
C VAL G 153 -76.78 12.00 43.18
N ASP G 154 -75.77 11.15 43.27
CA ASP G 154 -74.45 11.42 42.71
C ASP G 154 -74.04 10.24 41.86
N PRO G 155 -73.85 10.40 40.54
CA PRO G 155 -73.97 11.64 39.76
C PRO G 155 -75.40 12.13 39.62
N ILE G 156 -75.57 13.46 39.58
CA ILE G 156 -76.90 14.04 39.53
C ILE G 156 -77.56 13.86 38.17
N GLU G 157 -76.78 13.55 37.12
CA GLU G 157 -77.37 13.37 35.79
C GLU G 157 -78.37 12.22 35.76
N LEU G 158 -78.33 11.32 36.74
CA LEU G 158 -79.25 10.19 36.74
C LEU G 158 -80.70 10.64 36.91
N VAL G 159 -80.93 11.75 37.63
CA VAL G 159 -82.29 12.20 37.94
C VAL G 159 -82.52 13.66 37.62
N VAL G 160 -81.53 14.36 37.06
CA VAL G 160 -81.70 15.79 36.77
C VAL G 160 -82.80 16.01 35.75
N TRP G 161 -83.15 14.99 34.97
CA TRP G 161 -84.18 15.07 33.95
C TRP G 161 -85.53 14.57 34.41
N LEU G 162 -85.61 13.90 35.56
CA LEU G 162 -86.87 13.33 36.01
C LEU G 162 -87.96 14.39 36.17
N PRO G 163 -87.70 15.54 36.83
CA PRO G 163 -88.78 16.54 36.94
C PRO G 163 -89.36 16.97 35.61
N ALA G 164 -88.52 17.12 34.58
CA ALA G 164 -89.02 17.48 33.26
C ALA G 164 -89.91 16.38 32.70
N LEU G 165 -89.50 15.12 32.85
CA LEU G 165 -90.31 14.01 32.35
C LEU G 165 -91.66 13.95 33.07
N CYS G 166 -91.65 14.12 34.39
CA CYS G 166 -92.91 14.07 35.14
C CYS G 166 -93.81 15.24 34.74
N ARG G 167 -93.24 16.43 34.56
CA ARG G 167 -94.04 17.57 34.14
C ARG G 167 -94.64 17.34 32.77
N LYS G 168 -93.87 16.78 31.84
CA LYS G 168 -94.39 16.54 30.49
C LYS G 168 -95.47 15.48 30.49
N MET G 169 -95.41 14.52 31.40
CA MET G 169 -96.41 13.46 31.50
C MET G 169 -97.54 13.80 32.46
N GLU G 170 -97.54 15.01 33.04
CA GLU G 170 -98.58 15.43 33.98
C GLU G 170 -98.74 14.43 35.12
N ILE G 171 -97.62 14.10 35.75
CA ILE G 171 -97.58 13.21 36.91
C ILE G 171 -96.97 13.99 38.06
N PRO G 172 -97.67 14.17 39.18
CA PRO G 172 -97.10 14.94 40.29
C PRO G 172 -95.82 14.31 40.81
N TYR G 173 -94.85 15.15 41.16
CA TYR G 173 -93.57 14.70 41.67
C TYR G 173 -93.14 15.62 42.80
N CYS G 174 -92.27 15.09 43.67
CA CYS G 174 -91.69 15.86 44.76
C CYS G 174 -90.23 15.47 44.90
N ILE G 175 -89.43 16.42 45.41
CA ILE G 175 -88.02 16.20 45.71
C ILE G 175 -87.87 16.21 47.22
N VAL G 176 -87.48 15.08 47.79
CA VAL G 176 -87.33 14.94 49.22
C VAL G 176 -85.84 14.78 49.55
N LYS G 177 -85.51 15.04 50.81
CA LYS G 177 -84.13 14.97 51.26
C LYS G 177 -83.79 13.56 51.72
N GLY G 178 -82.74 13.00 51.13
CA GLY G 178 -82.22 11.72 51.59
C GLY G 178 -82.52 10.55 50.67
N LYS G 179 -81.53 10.14 49.88
CA LYS G 179 -81.64 8.87 49.17
C LYS G 179 -81.53 7.70 50.13
N ALA G 180 -80.79 7.87 51.23
CA ALA G 180 -80.72 6.84 52.25
C ALA G 180 -82.07 6.63 52.91
N ARG G 181 -82.80 7.72 53.17
CA ARG G 181 -84.13 7.60 53.76
C ARG G 181 -85.07 6.84 52.83
N LEU G 182 -85.02 7.14 51.53
CA LEU G 182 -85.83 6.41 50.57
C LEU G 182 -85.42 4.94 50.52
N GLY G 183 -84.11 4.67 50.56
CA GLY G 183 -83.65 3.29 50.53
C GLY G 183 -84.13 2.49 51.72
N SER G 184 -84.22 3.13 52.89
CA SER G 184 -84.67 2.42 54.08
C SER G 184 -86.10 1.92 53.93
N ILE G 185 -86.93 2.64 53.16
CA ILE G 185 -88.31 2.21 52.97
C ILE G 185 -88.35 0.89 52.21
N VAL G 186 -87.50 0.74 51.20
CA VAL G 186 -87.48 -0.45 50.35
C VAL G 186 -86.41 -1.45 50.79
N HIS G 187 -85.90 -1.32 52.02
CA HIS G 187 -84.93 -2.26 52.58
C HIS G 187 -83.65 -2.28 51.74
N LYS G 188 -83.17 -1.10 51.39
CA LYS G 188 -81.94 -0.95 50.62
C LYS G 188 -81.12 0.18 51.23
N LYS G 189 -79.81 0.16 50.96
CA LYS G 189 -78.95 1.19 51.49
C LYS G 189 -79.34 2.57 50.97
N THR G 190 -79.64 2.67 49.68
CA THR G 190 -80.07 3.93 49.09
C THR G 190 -81.04 3.64 47.95
N ALA G 191 -81.83 4.66 47.62
CA ALA G 191 -82.76 4.59 46.50
C ALA G 191 -82.83 5.97 45.86
N SER G 192 -82.64 6.02 44.53
CA SER G 192 -82.66 7.30 43.84
C SER G 192 -84.05 7.92 43.79
N ALA G 193 -85.08 7.09 43.66
CA ALA G 193 -86.45 7.59 43.57
C ALA G 193 -87.43 6.47 43.87
N LEU G 194 -88.62 6.85 44.30
CA LEU G 194 -89.70 5.93 44.57
C LEU G 194 -90.94 6.34 43.77
N CYS G 195 -91.84 5.39 43.58
CA CYS G 195 -93.05 5.64 42.79
C CYS G 195 -94.23 4.92 43.43
N LEU G 196 -95.41 5.52 43.32
CA LEU G 196 -96.67 4.94 43.77
C LEU G 196 -97.61 4.84 42.59
N THR G 197 -97.81 3.63 42.08
CA THR G 197 -98.73 3.43 40.96
C THR G 197 -100.19 3.51 41.40
N THR G 198 -100.48 3.09 42.62
CA THR G 198 -101.85 3.11 43.14
C THR G 198 -101.82 2.87 44.64
N VAL G 199 -102.65 3.61 45.36
CA VAL G 199 -102.75 3.47 46.80
C VAL G 199 -104.01 2.66 47.12
N LYS G 200 -104.02 2.08 48.31
CA LYS G 200 -105.17 1.29 48.74
C LYS G 200 -106.39 2.19 48.91
N ASN G 201 -107.56 1.66 48.55
CA ASN G 201 -108.78 2.45 48.52
C ASN G 201 -109.14 3.02 49.89
N GLU G 202 -108.68 2.38 50.97
CA GLU G 202 -109.05 2.85 52.31
C GLU G 202 -108.45 4.21 52.64
N ASP G 203 -107.41 4.63 51.93
CA ASP G 203 -106.74 5.90 52.22
C ASP G 203 -106.48 6.66 50.92
N LYS G 204 -107.46 6.71 50.03
CA LYS G 204 -107.35 7.48 48.81
C LYS G 204 -107.72 8.95 49.00
N MET G 205 -108.27 9.31 50.16
CA MET G 205 -108.64 10.70 50.39
C MET G 205 -107.44 11.53 50.85
N GLU G 206 -106.75 11.06 51.90
CA GLU G 206 -105.57 11.77 52.36
C GLU G 206 -104.48 11.77 51.31
N PHE G 207 -104.34 10.67 50.56
CA PHE G 207 -103.36 10.63 49.48
C PHE G 207 -103.70 11.68 48.42
N SER G 208 -104.98 11.87 48.11
CA SER G 208 -105.37 12.87 47.15
C SER G 208 -104.98 14.27 47.63
N ARG G 209 -105.16 14.55 48.91
CA ARG G 209 -104.78 15.86 49.45
C ARG G 209 -103.27 16.08 49.33
N VAL G 210 -102.49 15.03 49.59
CA VAL G 210 -101.03 15.17 49.49
C VAL G 210 -100.63 15.51 48.06
N LEU G 211 -101.33 14.93 47.07
CA LEU G 211 -101.01 15.21 45.68
C LEU G 211 -101.24 16.69 45.35
N GLU G 212 -102.32 17.27 45.87
CA GLU G 212 -102.60 18.67 45.59
C GLU G 212 -101.49 19.57 46.13
N ALA G 213 -101.04 19.32 47.36
CA ALA G 213 -99.96 20.13 47.92
C ALA G 213 -98.66 19.92 47.15
N ILE G 214 -98.35 18.67 46.80
CA ILE G 214 -97.13 18.39 46.06
C ILE G 214 -97.20 19.00 44.66
N LYS G 215 -98.35 18.83 43.99
CA LYS G 215 -98.47 19.35 42.62
C LYS G 215 -98.42 20.87 42.60
N ALA G 216 -98.89 21.53 43.66
CA ALA G 216 -98.87 22.98 43.71
C ALA G 216 -97.49 23.55 44.03
N ASN G 217 -96.57 22.73 44.54
CA ASN G 217 -95.25 23.20 44.93
C ASN G 217 -94.17 22.87 43.90
N PHE G 218 -94.33 21.80 43.14
CA PHE G 218 -93.31 21.37 42.18
C PHE G 218 -93.78 21.47 40.74
N ASN G 219 -94.90 20.81 40.41
CA ASN G 219 -95.37 20.83 39.03
C ASN G 219 -95.81 22.24 38.61
N ASP G 220 -96.53 22.94 39.48
CA ASP G 220 -97.03 24.26 39.10
C ASP G 220 -95.93 25.30 39.03
N LYS G 221 -94.86 25.12 39.81
CA LYS G 221 -93.73 26.05 39.81
C LYS G 221 -92.63 25.65 38.84
N TYR G 222 -92.82 24.58 38.06
CA TYR G 222 -91.74 24.12 37.18
C TYR G 222 -91.37 25.19 36.16
N GLU G 223 -92.37 25.82 35.54
CA GLU G 223 -92.10 26.79 34.49
C GLU G 223 -91.33 28.01 35.03
N GLU G 224 -91.72 28.50 36.21
CA GLU G 224 -91.07 29.67 36.77
C GLU G 224 -89.68 29.36 37.31
N ASN G 225 -89.41 28.10 37.67
CA ASN G 225 -88.10 27.72 38.17
C ASN G 225 -87.08 27.49 37.06
N ARG G 226 -87.51 27.50 35.79
CA ARG G 226 -86.59 27.26 34.69
C ARG G 226 -85.65 28.43 34.43
N LYS G 227 -85.91 29.59 35.04
CA LYS G 227 -85.03 30.76 34.88
C LYS G 227 -84.39 31.18 36.19
N LYS G 228 -84.56 30.41 37.26
CA LYS G 228 -83.99 30.75 38.57
C LYS G 228 -82.59 30.15 38.67
N TRP G 229 -81.58 30.97 38.43
CA TRP G 229 -80.19 30.56 38.64
C TRP G 229 -79.87 30.61 40.13
N GLY G 230 -79.27 29.52 40.63
CA GLY G 230 -78.88 29.43 42.02
C GLY G 230 -77.42 29.79 42.24
N GLY G 231 -76.95 29.53 43.46
CA GLY G 231 -75.56 29.77 43.78
C GLY G 231 -75.24 31.26 43.83
N GLY G 232 -73.96 31.56 43.60
CA GLY G 232 -73.50 32.93 43.67
C GLY G 232 -73.43 33.50 45.06
N ILE G 233 -73.38 32.64 46.08
CA ILE G 233 -73.37 33.08 47.47
C ILE G 233 -71.92 33.16 47.94
N MET G 234 -71.49 34.35 48.34
CA MET G 234 -70.13 34.55 48.81
C MET G 234 -70.00 34.10 50.27
N GLY G 235 -68.76 34.06 50.75
CA GLY G 235 -68.51 33.66 52.11
C GLY G 235 -68.93 34.72 53.12
N SER G 236 -69.01 34.30 54.38
CA SER G 236 -69.47 35.19 55.43
C SER G 236 -68.56 36.40 55.56
N LYS G 237 -67.24 36.19 55.53
CA LYS G 237 -66.32 37.31 55.62
C LYS G 237 -66.46 38.24 54.43
N SER G 238 -66.61 37.66 53.22
CA SER G 238 -66.79 38.50 52.04
C SER G 238 -68.08 39.30 52.10
N GLN G 239 -69.16 38.68 52.57
CA GLN G 239 -70.43 39.40 52.68
C GLN G 239 -70.32 40.56 53.66
N ALA G 240 -69.70 40.31 54.83
CA ALA G 240 -69.53 41.38 55.80
C ALA G 240 -68.66 42.49 55.24
N ARG G 241 -67.59 42.14 54.52
CA ARG G 241 -66.74 43.14 53.91
C ARG G 241 -67.47 43.91 52.82
N THR G 242 -68.36 43.24 52.08
CA THR G 242 -69.11 43.92 51.03
C THR G 242 -70.20 44.81 51.63
N LYS G 243 -70.86 44.34 52.69
CA LYS G 243 -71.90 45.14 53.32
C LYS G 243 -71.34 46.42 53.93
N ALA G 244 -70.10 46.37 54.43
CA ALA G 244 -69.48 47.58 54.96
C ALA G 244 -69.21 48.61 53.86
N LYS G 245 -68.79 48.16 52.68
CA LYS G 245 -68.49 49.08 51.59
C LYS G 245 -69.74 49.81 51.13
N GLU G 246 -70.87 49.11 51.02
CA GLU G 246 -72.09 49.74 50.54
C GLU G 246 -72.70 50.67 51.57
N ARG G 247 -72.41 50.48 52.86
CA ARG G 247 -72.87 51.44 53.86
C ARG G 247 -72.26 52.81 53.64
N VAL G 248 -70.98 52.85 53.25
CA VAL G 248 -70.34 54.13 52.97
C VAL G 248 -71.05 54.82 51.81
N LEU G 249 -71.35 54.07 50.74
CA LEU G 249 -72.09 54.64 49.62
C LEU G 249 -73.48 55.09 50.06
N ALA G 250 -74.17 54.28 50.85
CA ALA G 250 -75.50 54.65 51.33
C ALA G 250 -75.41 55.86 52.25
N LYS G 251 -74.41 55.89 53.13
CA LYS G 251 -74.26 57.01 54.04
C LYS G 251 -73.92 58.30 53.32
N GLU G 252 -73.33 58.22 52.14
CA GLU G 252 -73.02 59.40 51.34
C GLU G 252 -74.16 59.78 50.39
N ALA G 253 -75.21 58.96 50.29
CA ALA G 253 -76.34 59.28 49.44
C ALA G 253 -77.25 60.32 50.06
N ALA G 254 -77.48 60.26 51.37
CA ALA G 254 -78.34 61.23 52.02
C ALA G 254 -77.73 62.61 52.08
N GLN G 255 -76.40 62.72 52.01
CA GLN G 255 -75.73 64.01 52.04
C GLN G 255 -75.31 64.44 50.64
N MET H 1 58.13 14.07 -50.61
CA MET H 1 59.11 14.15 -51.74
C MET H 1 60.49 13.71 -51.27
N LYS H 2 60.85 12.46 -51.58
CA LYS H 2 62.13 11.90 -51.21
C LYS H 2 63.06 11.96 -52.42
N THR H 3 64.11 12.78 -52.32
CA THR H 3 65.11 12.84 -53.38
C THR H 3 65.85 11.51 -53.46
N ILE H 4 66.13 11.07 -54.70
CA ILE H 4 66.75 9.76 -54.90
C ILE H 4 68.14 9.74 -54.26
N LEU H 5 68.94 10.76 -54.50
CA LEU H 5 70.32 10.79 -54.03
C LEU H 5 70.69 12.21 -53.63
N SER H 6 71.16 12.38 -52.39
CA SER H 6 71.75 13.62 -51.91
C SER H 6 73.14 13.29 -51.40
N SER H 7 74.16 13.94 -51.96
CA SER H 7 75.55 13.62 -51.64
C SER H 7 76.35 14.90 -51.50
N GLU H 8 77.32 14.86 -50.59
CA GLU H 8 78.28 15.93 -50.41
C GLU H 8 79.65 15.32 -50.14
N THR H 9 80.71 16.03 -50.53
CA THR H 9 82.07 15.53 -50.43
C THR H 9 82.97 16.60 -49.81
N MET H 10 84.01 16.14 -49.12
CA MET H 10 85.02 17.03 -48.55
C MET H 10 86.40 16.44 -48.83
N ASP H 11 87.40 17.30 -48.86
CA ASP H 11 88.77 16.90 -49.15
C ASP H 11 89.53 16.66 -47.84
N ILE H 12 90.19 15.52 -47.75
CA ILE H 12 90.98 15.16 -46.58
C ILE H 12 92.40 15.69 -46.77
N PRO H 13 92.94 16.47 -45.83
CA PRO H 13 94.31 16.97 -46.00
C PRO H 13 95.32 15.84 -46.16
N ASP H 14 96.54 16.22 -46.55
CA ASP H 14 97.57 15.24 -46.83
C ASP H 14 98.15 14.62 -45.55
N GLY H 15 98.24 15.40 -44.47
CA GLY H 15 98.85 14.91 -43.25
C GLY H 15 97.85 14.47 -42.21
N ILE H 16 96.79 13.79 -42.64
CA ILE H 16 95.74 13.30 -41.75
C ILE H 16 95.47 11.84 -42.06
N THR H 17 95.38 11.03 -41.01
CA THR H 17 95.04 9.61 -41.13
C THR H 17 93.59 9.45 -40.67
N ILE H 18 92.69 9.32 -41.64
CA ILE H 18 91.26 9.19 -41.38
C ILE H 18 90.86 7.75 -41.56
N LYS H 19 90.14 7.20 -40.57
CA LYS H 19 89.69 5.82 -40.60
C LYS H 19 88.18 5.81 -40.35
N VAL H 20 87.45 5.13 -41.23
CA VAL H 20 85.99 5.06 -41.16
C VAL H 20 85.57 3.60 -41.23
N LYS H 21 84.66 3.21 -40.33
CA LYS H 21 84.13 1.85 -40.33
C LYS H 21 82.81 1.87 -39.58
N ALA H 22 81.72 1.54 -40.29
CA ALA H 22 80.39 1.46 -39.69
C ALA H 22 80.03 2.77 -38.97
N LYS H 23 80.25 3.88 -39.67
CA LYS H 23 79.91 5.21 -39.16
C LYS H 23 80.68 5.53 -37.89
N GLN H 24 81.87 4.96 -37.73
CA GLN H 24 82.78 5.25 -36.63
C GLN H 24 84.03 5.86 -37.24
N ILE H 25 84.16 7.19 -37.14
CA ILE H 25 85.24 7.93 -37.78
C ILE H 25 86.31 8.21 -36.75
N GLU H 26 87.56 7.90 -37.11
CA GLU H 26 88.72 8.17 -36.26
C GLU H 26 89.71 8.98 -37.07
N VAL H 27 90.10 10.14 -36.54
CA VAL H 27 91.03 11.05 -37.20
C VAL H 27 92.26 11.20 -36.32
N GLU H 28 93.44 11.02 -36.92
CA GLU H 28 94.71 11.12 -36.22
C GLU H 28 95.57 12.17 -36.91
N GLY H 29 96.22 13.00 -36.09
CA GLY H 29 97.06 14.06 -36.60
C GLY H 29 98.24 14.33 -35.68
N PRO H 30 99.02 15.36 -36.01
CA PRO H 30 100.19 15.69 -35.16
C PRO H 30 99.82 16.04 -33.73
N ARG H 31 98.65 16.62 -33.49
CA ARG H 31 98.25 17.03 -32.15
C ARG H 31 97.64 15.90 -31.34
N GLY H 32 97.08 14.88 -31.97
CA GLY H 32 96.49 13.77 -31.24
C GLY H 32 95.50 13.01 -32.10
N LYS H 33 94.57 12.35 -31.43
CA LYS H 33 93.56 11.52 -32.08
C LYS H 33 92.18 11.89 -31.56
N LEU H 34 91.22 11.98 -32.49
CA LEU H 34 89.84 12.27 -32.17
C LEU H 34 88.94 11.24 -32.82
N THR H 35 87.87 10.85 -32.13
CA THR H 35 86.93 9.87 -32.63
C THR H 35 85.51 10.30 -32.28
N ARG H 36 84.60 10.16 -33.24
CA ARG H 36 83.19 10.48 -33.02
C ARG H 36 82.33 9.34 -33.53
N ASN H 37 81.26 9.06 -32.80
CA ASN H 37 80.32 8.00 -33.16
C ASN H 37 79.17 8.61 -33.95
N PHE H 38 79.04 8.21 -35.21
CA PHE H 38 77.96 8.68 -36.09
C PHE H 38 76.95 7.58 -36.38
N LYS H 39 76.87 6.56 -35.53
CA LYS H 39 75.92 5.47 -35.76
C LYS H 39 74.48 5.94 -35.71
N HIS H 40 74.22 7.12 -35.14
CA HIS H 40 72.87 7.66 -35.08
C HIS H 40 72.43 8.29 -36.40
N LEU H 41 73.32 8.38 -37.39
CA LEU H 41 72.99 8.93 -38.69
C LEU H 41 72.74 7.80 -39.68
N ASN H 42 71.62 7.89 -40.40
CA ASN H 42 71.26 6.87 -41.39
C ASN H 42 71.82 7.25 -42.77
N LEU H 43 73.14 7.39 -42.82
CA LEU H 43 73.86 7.82 -44.00
C LEU H 43 74.89 6.78 -44.41
N ASP H 44 75.51 7.01 -45.56
CA ASP H 44 76.52 6.12 -46.12
C ASP H 44 77.83 6.87 -46.23
N PHE H 45 78.78 6.54 -45.37
CA PHE H 45 80.10 7.17 -45.39
C PHE H 45 81.05 6.32 -46.23
N GLN H 46 81.84 6.98 -47.07
CA GLN H 46 82.77 6.31 -47.95
C GLN H 46 84.00 7.16 -48.17
N LEU H 47 85.18 6.52 -48.13
CA LEU H 47 86.44 7.17 -48.45
C LEU H 47 86.84 6.76 -49.86
N ILE H 48 87.04 7.74 -50.73
CA ILE H 48 87.37 7.51 -52.13
C ILE H 48 88.75 8.10 -52.41
N LYS H 49 89.61 7.30 -53.03
CA LYS H 49 90.98 7.73 -53.31
C LYS H 49 91.55 6.96 -54.49
N LYS H 56 92.60 12.09 -51.38
CA LYS H 56 91.64 11.46 -50.48
C LYS H 56 90.43 12.36 -50.27
N LYS H 57 89.25 11.76 -50.27
CA LYS H 57 88.00 12.49 -50.08
C LYS H 57 87.05 11.63 -49.26
N LEU H 58 86.13 12.31 -48.57
CA LEU H 58 85.08 11.66 -47.80
C LEU H 58 83.74 11.98 -48.44
N LYS H 59 82.98 10.94 -48.78
CA LYS H 59 81.70 11.08 -49.45
C LYS H 59 80.60 10.59 -48.54
N ILE H 60 79.57 11.40 -48.35
CA ILE H 60 78.41 11.06 -47.54
C ILE H 60 77.18 11.15 -48.42
N ASP H 61 76.42 10.05 -48.49
CA ASP H 61 75.25 9.95 -49.34
C ASP H 61 74.01 9.62 -48.52
N ALA H 62 72.88 10.18 -48.95
CA ALA H 62 71.58 9.84 -48.39
C ALA H 62 70.66 9.45 -49.54
N TRP H 63 70.07 8.26 -49.44
CA TRP H 63 69.21 7.72 -50.48
C TRP H 63 67.76 7.80 -50.03
N PHE H 64 66.91 8.38 -50.88
CA PHE H 64 65.47 8.47 -50.62
C PHE H 64 65.20 9.02 -49.23
N GLY H 65 65.89 10.09 -48.89
CA GLY H 65 65.75 10.73 -47.59
C GLY H 65 64.90 11.98 -47.68
N SER H 66 64.09 12.21 -46.66
CA SER H 66 63.32 13.44 -46.58
C SER H 66 64.25 14.63 -46.37
N ARG H 67 63.67 15.83 -46.41
CA ARG H 67 64.48 17.03 -46.24
C ARG H 67 65.16 17.06 -44.87
N LYS H 68 64.53 16.49 -43.85
CA LYS H 68 65.18 16.41 -42.54
C LYS H 68 66.38 15.47 -42.58
N THR H 69 66.23 14.32 -43.23
CA THR H 69 67.32 13.36 -43.28
C THR H 69 68.53 13.94 -44.01
N THR H 70 68.30 14.62 -45.13
CA THR H 70 69.40 15.20 -45.89
C THR H 70 70.07 16.35 -45.15
N ALA H 71 69.40 16.94 -44.15
CA ALA H 71 70.01 18.02 -43.39
C ALA H 71 71.21 17.53 -42.60
N ALA H 72 71.26 16.23 -42.27
CA ALA H 72 72.36 15.67 -41.51
C ALA H 72 73.62 15.47 -42.35
N ILE H 73 73.52 15.54 -43.68
CA ILE H 73 74.69 15.32 -44.52
C ILE H 73 75.73 16.40 -44.25
N ARG H 74 75.31 17.67 -44.29
CA ARG H 74 76.24 18.77 -44.05
C ARG H 74 76.70 18.79 -42.60
N THR H 75 75.82 18.42 -41.67
CA THR H 75 76.23 18.36 -40.27
C THR H 75 77.35 17.36 -40.07
N ALA H 76 77.24 16.19 -40.72
CA ALA H 76 78.28 15.17 -40.58
C ALA H 76 79.61 15.67 -41.13
N LEU H 77 79.59 16.33 -42.29
CA LEU H 77 80.83 16.84 -42.87
C LEU H 77 81.45 17.91 -41.98
N SER H 78 80.64 18.81 -41.43
CA SER H 78 81.17 19.85 -40.58
C SER H 78 81.83 19.26 -39.34
N HIS H 79 81.21 18.24 -38.73
CA HIS H 79 81.82 17.58 -37.58
C HIS H 79 83.15 16.95 -37.96
N VAL H 80 83.21 16.28 -39.11
CA VAL H 80 84.47 15.66 -39.54
C VAL H 80 85.51 16.74 -39.82
N GLU H 81 85.10 17.86 -40.40
CA GLU H 81 86.04 18.94 -40.64
C GLU H 81 86.57 19.50 -39.34
N ASN H 82 85.72 19.61 -38.31
CA ASN H 82 86.18 20.09 -37.02
C ASN H 82 87.22 19.15 -36.42
N LEU H 83 87.01 17.83 -36.56
CA LEU H 83 87.99 16.88 -36.06
C LEU H 83 89.33 17.05 -36.77
N ILE H 84 89.30 17.27 -38.08
CA ILE H 84 90.55 17.45 -38.83
C ILE H 84 91.28 18.69 -38.34
N THR H 85 90.56 19.79 -38.16
CA THR H 85 91.17 21.01 -37.66
C THR H 85 91.64 20.84 -36.22
N GLY H 86 90.94 20.02 -35.43
CA GLY H 86 91.33 19.83 -34.04
C GLY H 86 92.70 19.17 -33.91
N VAL H 87 92.97 18.16 -34.75
CA VAL H 87 94.23 17.44 -34.67
C VAL H 87 95.35 18.11 -35.44
N THR H 88 95.05 19.14 -36.24
CA THR H 88 96.05 19.86 -37.02
C THR H 88 96.40 21.21 -36.42
N LYS H 89 95.40 22.05 -36.18
CA LYS H 89 95.62 23.39 -35.66
C LYS H 89 95.18 23.55 -34.21
N GLY H 90 94.19 22.79 -33.76
CA GLY H 90 93.64 22.95 -32.43
C GLY H 90 92.64 24.08 -32.37
N TYR H 91 92.05 24.24 -31.19
CA TYR H 91 91.05 25.28 -30.95
C TYR H 91 91.44 26.09 -29.72
N ARG H 92 91.26 27.40 -29.82
CA ARG H 92 91.61 28.33 -28.74
C ARG H 92 90.44 29.28 -28.51
N TYR H 93 89.81 29.16 -27.35
CA TYR H 93 88.72 30.05 -26.95
C TYR H 93 89.23 31.02 -25.90
N LYS H 94 89.00 32.31 -26.12
CA LYS H 94 89.44 33.35 -25.21
C LYS H 94 88.23 33.97 -24.52
N MET H 95 88.33 34.14 -23.20
CA MET H 95 87.28 34.74 -22.39
C MET H 95 87.82 35.97 -21.68
N ARG H 96 86.94 36.94 -21.45
CA ARG H 96 87.30 38.19 -20.80
C ARG H 96 86.44 38.38 -19.55
N PHE H 97 87.09 38.75 -18.45
CA PHE H 97 86.36 39.11 -17.23
C PHE H 97 85.75 40.49 -17.41
N VAL H 98 84.47 40.62 -17.06
CA VAL H 98 83.76 41.89 -17.09
C VAL H 98 83.26 42.17 -15.69
N TYR H 99 83.64 43.32 -15.14
CA TYR H 99 83.19 43.71 -13.81
C TYR H 99 83.25 45.24 -13.71
N ALA H 100 82.41 45.78 -12.84
CA ALA H 100 82.33 47.21 -12.62
C ALA H 100 83.08 47.66 -11.37
N HIS H 101 82.88 46.99 -10.25
CA HIS H 101 83.50 47.37 -8.99
C HIS H 101 84.39 46.28 -8.41
N PHE H 102 83.88 45.06 -8.27
CA PHE H 102 84.65 43.99 -7.63
C PHE H 102 85.49 43.27 -8.67
N PRO H 103 86.82 43.29 -8.55
CA PRO H 103 87.65 42.49 -9.47
C PRO H 103 87.35 41.01 -9.32
N ILE H 104 87.43 40.28 -10.43
CA ILE H 104 87.21 38.84 -10.44
C ILE H 104 88.56 38.16 -10.34
N ASN H 105 88.75 37.38 -9.29
CA ASN H 105 90.01 36.69 -9.02
C ASN H 105 89.90 35.25 -9.47
N ALA H 106 90.81 34.84 -10.35
CA ALA H 106 90.85 33.48 -10.87
C ALA H 106 92.09 32.76 -10.36
N SER H 107 91.92 31.47 -10.06
CA SER H 107 93.00 30.64 -9.54
C SER H 107 93.07 29.36 -10.36
N ILE H 108 94.08 29.25 -11.20
CA ILE H 108 94.29 28.04 -12.00
C ILE H 108 95.04 27.02 -11.14
N SER H 109 94.60 25.76 -11.22
CA SER H 109 95.18 24.71 -10.39
C SER H 109 94.95 23.36 -11.09
N GLY H 110 95.63 22.35 -10.59
CA GLY H 110 95.51 21.01 -11.12
C GLY H 110 96.04 20.86 -12.53
N GLY H 111 97.19 21.45 -12.83
CA GLY H 111 97.77 21.35 -14.15
C GLY H 111 96.94 22.02 -15.23
N ASN H 112 96.39 23.19 -14.95
CA ASN H 112 95.57 23.96 -15.88
C ASN H 112 94.28 23.23 -16.24
N LYS H 113 93.86 22.26 -15.43
CA LYS H 113 92.63 21.52 -15.65
C LYS H 113 91.50 21.98 -14.73
N SER H 114 91.67 23.08 -14.02
CA SER H 114 90.65 23.56 -13.11
C SER H 114 90.85 25.06 -12.90
N ILE H 115 89.78 25.72 -12.46
CA ILE H 115 89.81 27.16 -12.19
C ILE H 115 88.81 27.45 -11.09
N GLU H 116 89.16 28.41 -10.23
CA GLU H 116 88.29 28.85 -9.15
C GLU H 116 88.10 30.36 -9.26
N ILE H 117 86.84 30.80 -9.22
CA ILE H 117 86.49 32.20 -9.35
C ILE H 117 86.06 32.71 -7.98
N ARG H 118 86.68 33.81 -7.54
CA ARG H 118 86.39 34.41 -6.26
C ARG H 118 86.10 35.90 -6.44
N ASN H 119 85.32 36.44 -5.50
CA ASN H 119 84.99 37.87 -5.44
C ASN H 119 84.10 38.33 -6.60
N PHE H 120 83.35 37.41 -7.20
CA PHE H 120 82.42 37.79 -8.25
C PHE H 120 81.27 38.59 -7.64
N LEU H 121 81.23 39.89 -7.93
CA LEU H 121 80.26 40.80 -7.33
C LEU H 121 80.36 40.83 -5.81
N GLY H 122 81.55 40.58 -5.28
CA GLY H 122 81.79 40.61 -3.86
C GLY H 122 81.31 39.41 -3.09
N GLU H 123 80.78 38.39 -3.77
CA GLU H 123 80.28 37.21 -3.08
C GLU H 123 81.43 36.43 -2.45
N LYS H 124 81.18 35.86 -1.28
CA LYS H 124 82.16 35.04 -0.60
C LYS H 124 82.18 33.60 -1.10
N LYS H 125 81.15 33.18 -1.84
CA LYS H 125 81.13 31.83 -2.38
C LYS H 125 82.22 31.66 -3.43
N VAL H 126 82.85 30.50 -3.43
CA VAL H 126 83.90 30.17 -4.39
C VAL H 126 83.29 29.28 -5.47
N ARG H 127 83.45 29.71 -6.73
CA ARG H 127 82.93 28.98 -7.88
C ARG H 127 84.06 28.16 -8.49
N LYS H 128 83.88 26.85 -8.56
CA LYS H 128 84.89 25.93 -9.07
C LYS H 128 84.39 25.28 -10.35
N VAL H 129 85.21 25.32 -11.39
CA VAL H 129 84.90 24.72 -12.68
C VAL H 129 86.07 23.84 -13.09
N ASP H 130 85.79 22.61 -13.50
CA ASP H 130 86.79 21.67 -13.95
C ASP H 130 86.73 21.55 -15.46
N MET H 131 87.87 21.73 -16.12
CA MET H 131 87.93 21.62 -17.57
C MET H 131 87.67 20.19 -18.01
N LEU H 132 87.07 20.07 -19.19
CA LEU H 132 86.77 18.76 -19.74
C LEU H 132 88.03 18.10 -20.29
N ASP H 133 87.90 16.83 -20.69
CA ASP H 133 89.05 16.05 -21.12
C ASP H 133 89.76 16.74 -22.28
N GLY H 134 91.08 16.85 -22.17
CA GLY H 134 91.89 17.44 -23.22
C GLY H 134 91.83 18.94 -23.31
N VAL H 135 91.24 19.62 -22.33
CA VAL H 135 91.09 21.06 -22.32
C VAL H 135 91.89 21.63 -21.18
N THR H 136 92.71 22.64 -21.47
CA THR H 136 93.53 23.32 -20.47
C THR H 136 93.19 24.80 -20.49
N VAL H 137 93.11 25.40 -19.29
CA VAL H 137 92.78 26.81 -19.13
C VAL H 137 93.99 27.52 -18.55
N VAL H 138 94.37 28.63 -19.18
CA VAL H 138 95.53 29.42 -18.76
C VAL H 138 95.15 30.89 -18.80
N ARG H 139 95.59 31.64 -17.80
CA ARG H 139 95.37 33.08 -17.77
C ARG H 139 96.34 33.76 -18.74
N SER H 140 95.80 34.61 -19.61
CA SER H 140 96.64 35.33 -20.55
C SER H 140 97.42 36.43 -19.85
N GLU H 141 98.65 36.66 -20.32
CA GLU H 141 99.51 37.71 -19.78
C GLU H 141 99.55 38.95 -20.66
N LYS H 142 99.39 38.79 -21.97
CA LYS H 142 99.43 39.95 -22.86
C LYS H 142 98.21 40.85 -22.66
N VAL H 143 97.05 40.26 -22.37
CA VAL H 143 95.81 40.99 -22.21
C VAL H 143 95.41 40.98 -20.74
N LYS H 144 94.73 42.04 -20.32
CA LYS H 144 94.32 42.18 -18.94
C LYS H 144 93.03 41.41 -18.69
N ASP H 145 93.04 40.53 -17.69
CA ASP H 145 91.85 39.79 -17.28
C ASP H 145 91.28 39.00 -18.46
N GLU H 146 92.08 38.05 -18.95
CA GLU H 146 91.69 37.22 -20.08
C GLU H 146 92.08 35.78 -19.79
N LEU H 147 91.16 34.86 -20.10
CA LEU H 147 91.42 33.43 -20.00
C LEU H 147 91.56 32.83 -21.40
N VAL H 148 92.34 31.76 -21.48
CA VAL H 148 92.60 31.06 -22.74
C VAL H 148 92.36 29.58 -22.52
N LEU H 149 91.44 29.00 -23.28
CA LEU H 149 91.15 27.58 -23.24
C LEU H 149 91.60 26.95 -24.55
N ASP H 150 92.38 25.88 -24.45
CA ASP H 150 92.95 25.21 -25.61
C ASP H 150 92.62 23.72 -25.56
N GLY H 151 92.50 23.12 -26.74
CA GLY H 151 92.21 21.71 -26.84
C GLY H 151 92.05 21.31 -28.29
N ASN H 152 91.77 20.02 -28.49
CA ASN H 152 91.57 19.45 -29.82
C ASN H 152 90.10 19.37 -30.21
N ASP H 153 89.24 18.90 -29.30
CA ASP H 153 87.83 18.76 -29.60
C ASP H 153 87.13 20.10 -29.39
N ILE H 154 86.51 20.62 -30.46
CA ILE H 154 85.84 21.91 -30.38
C ILE H 154 84.68 21.84 -29.38
N GLU H 155 83.97 20.72 -29.35
CA GLU H 155 82.83 20.61 -28.44
C GLU H 155 83.27 20.68 -26.98
N LEU H 156 84.39 20.02 -26.65
CA LEU H 156 84.86 20.06 -25.27
C LEU H 156 85.42 21.43 -24.90
N VAL H 157 86.18 22.06 -25.80
CA VAL H 157 86.73 23.37 -25.51
C VAL H 157 85.61 24.41 -25.42
N SER H 158 84.70 24.40 -26.39
CA SER H 158 83.59 25.35 -26.36
C SER H 158 82.68 25.11 -25.17
N ARG H 159 82.44 23.84 -24.83
CA ARG H 159 81.59 23.53 -23.67
C ARG H 159 82.27 23.92 -22.36
N SER H 160 83.60 23.81 -22.28
CA SER H 160 84.30 24.26 -21.09
C SER H 160 84.12 25.76 -20.88
N ALA H 161 84.19 26.53 -21.95
CA ALA H 161 83.97 27.97 -21.84
C ALA H 161 82.55 28.27 -21.39
N ALA H 162 81.57 27.50 -21.89
CA ALA H 162 80.19 27.71 -21.48
C ALA H 162 80.00 27.44 -20.01
N LEU H 163 80.68 26.42 -19.47
CA LEU H 163 80.57 26.13 -18.05
C LEU H 163 81.05 27.30 -17.20
N ILE H 164 82.17 27.92 -17.60
CA ILE H 164 82.66 29.08 -16.86
C ILE H 164 81.68 30.24 -16.97
N ASN H 165 81.16 30.48 -18.16
CA ASN H 165 80.26 31.62 -18.36
C ASN H 165 78.98 31.48 -17.53
N GLN H 166 78.38 30.29 -17.52
CA GLN H 166 77.14 30.10 -16.80
C GLN H 166 77.33 29.98 -15.30
N LYS H 167 78.55 29.68 -14.85
CA LYS H 167 78.82 29.63 -13.42
C LYS H 167 78.82 31.01 -12.79
N CYS H 168 78.90 32.07 -13.60
CA CYS H 168 78.99 33.43 -13.08
C CYS H 168 77.84 34.29 -13.57
N HIS H 169 76.61 33.77 -13.50
CA HIS H 169 75.44 34.54 -13.86
C HIS H 169 74.99 35.39 -12.68
N VAL H 170 74.67 36.66 -12.95
CA VAL H 170 74.13 37.55 -11.94
C VAL H 170 72.66 37.22 -11.72
N LYS H 171 72.22 37.31 -10.47
CA LYS H 171 70.86 36.94 -10.11
C LYS H 171 70.24 38.00 -9.21
N ASN H 172 68.92 38.15 -9.32
CA ASN H 172 68.16 39.11 -8.53
C ASN H 172 68.60 40.55 -8.83
N LYS H 173 69.07 40.79 -10.03
CA LYS H 173 69.52 42.12 -10.45
C LYS H 173 69.18 42.33 -11.92
N ASP H 174 69.16 43.59 -12.32
CA ASP H 174 68.94 43.95 -13.73
C ASP H 174 70.24 43.68 -14.48
N ILE H 175 70.27 42.58 -15.22
CA ILE H 175 71.49 42.18 -15.92
C ILE H 175 71.89 43.18 -16.98
N ARG H 176 70.97 44.05 -17.41
CA ARG H 176 71.32 45.08 -18.38
C ARG H 176 72.35 46.05 -17.79
N LYS H 177 72.20 46.39 -16.50
CA LYS H 177 73.14 47.28 -15.83
C LYS H 177 74.27 46.51 -15.15
N PHE H 178 73.93 45.43 -14.45
CA PHE H 178 74.92 44.57 -13.81
C PHE H 178 75.47 43.60 -14.84
N LEU H 179 76.41 44.10 -15.64
CA LEU H 179 77.01 43.35 -16.74
C LEU H 179 78.16 42.46 -16.30
N ASP H 180 78.31 42.23 -14.99
CA ASP H 180 79.42 41.41 -14.51
C ASP H 180 79.30 39.98 -15.02
N GLY H 181 80.44 39.38 -15.34
CA GLY H 181 80.46 38.02 -15.82
C GLY H 181 81.71 37.74 -16.62
N ILE H 182 81.85 36.49 -17.02
CA ILE H 182 82.93 36.02 -17.87
C ILE H 182 82.32 35.59 -19.19
N TYR H 183 82.80 36.19 -20.29
CA TYR H 183 82.20 35.98 -21.59
C TYR H 183 83.27 35.60 -22.61
N VAL H 184 82.87 34.81 -23.60
CA VAL H 184 83.76 34.41 -24.68
C VAL H 184 83.92 35.60 -25.63
N SER H 185 85.17 36.00 -25.87
CA SER H 185 85.47 37.14 -26.73
C SER H 185 86.00 36.73 -28.10
N GLU H 186 86.66 35.58 -28.20
CA GLU H 186 87.21 35.13 -29.47
C GLU H 186 87.02 33.63 -29.58
N LYS H 187 86.58 33.17 -30.75
CA LYS H 187 86.49 31.75 -31.08
C LYS H 187 87.45 31.48 -32.22
N GLY H 188 88.68 31.10 -31.88
CA GLY H 188 89.71 30.88 -32.86
C GLY H 188 90.42 29.55 -32.73
N ARG H 189 91.62 29.45 -33.30
CA ARG H 189 92.39 28.23 -33.26
C ARG H 189 93.86 28.56 -33.02
N ILE H 190 94.58 27.61 -32.44
CA ILE H 190 95.98 27.81 -32.08
C ILE H 190 96.81 28.01 -33.35
N GLY I 2 24.32 42.26 -18.09
CA GLY I 2 23.68 43.00 -19.15
C GLY I 2 23.34 42.13 -20.35
N ARG I 3 23.82 42.54 -21.52
CA ARG I 3 23.55 41.79 -22.74
C ARG I 3 24.23 40.43 -22.69
N ARG I 4 23.52 39.41 -23.17
CA ARG I 4 24.03 38.05 -23.16
C ARG I 4 25.17 37.90 -24.16
N PRO I 5 26.05 36.91 -23.97
CA PRO I 5 27.07 36.63 -24.97
C PRO I 5 26.43 36.24 -26.30
N ALA I 6 27.08 36.64 -27.40
CA ALA I 6 26.52 36.45 -28.72
C ALA I 6 26.26 34.97 -29.04
N ARG I 7 26.96 34.05 -28.37
CA ARG I 7 26.76 32.64 -28.65
C ARG I 7 25.33 32.18 -28.39
N CYS I 8 24.60 32.88 -27.51
CA CYS I 8 23.26 32.45 -27.15
C CYS I 8 22.30 32.51 -28.34
N TYR I 9 22.48 33.48 -29.23
CA TYR I 9 21.60 33.66 -30.38
C TYR I 9 22.37 33.58 -31.69
N ARG I 10 23.41 32.74 -31.74
CA ARG I 10 24.21 32.64 -32.96
C ARG I 10 23.47 31.87 -34.05
N GLN I 11 22.79 30.78 -33.68
CA GLN I 11 22.14 29.91 -34.64
C GLN I 11 20.74 30.43 -34.98
N ILE I 12 20.37 30.31 -36.26
CA ILE I 12 19.04 30.68 -36.73
C ILE I 12 18.11 29.51 -36.40
N LYS I 13 17.28 29.69 -35.38
CA LYS I 13 16.40 28.63 -34.90
C LYS I 13 14.92 28.96 -35.04
N ASN I 14 14.55 30.23 -35.09
CA ASN I 14 13.16 30.64 -35.14
C ASN I 14 12.85 31.30 -36.49
N LYS I 15 11.57 31.39 -36.79
CA LYS I 15 11.13 32.11 -37.97
C LYS I 15 11.41 33.60 -37.80
N PRO I 16 11.48 34.35 -38.89
CA PRO I 16 11.73 35.79 -38.77
C PRO I 16 10.70 36.44 -37.86
N TYR I 17 11.18 37.35 -37.00
CA TYR I 17 10.36 38.01 -35.99
C TYR I 17 10.62 39.51 -36.06
N PRO I 18 10.20 40.15 -37.14
CA PRO I 18 10.50 41.57 -37.33
C PRO I 18 9.61 42.47 -36.48
N LYS I 19 10.04 43.72 -36.38
CA LYS I 19 9.23 44.74 -35.71
C LYS I 19 7.97 45.01 -36.53
N SER I 20 6.82 45.00 -35.87
CA SER I 20 5.54 45.20 -36.52
C SER I 20 4.52 45.60 -35.47
N ARG I 21 3.25 45.64 -35.86
CA ARG I 21 2.18 45.94 -34.92
C ARG I 21 1.97 44.83 -33.90
N PHE I 22 2.56 43.65 -34.12
CA PHE I 22 2.46 42.55 -33.16
C PHE I 22 3.62 42.53 -32.17
N CYS I 23 4.80 42.98 -32.58
CA CYS I 23 5.97 43.05 -31.72
C CYS I 23 6.27 44.53 -31.47
N ARG I 24 6.01 44.99 -30.26
CA ARG I 24 6.17 46.39 -29.89
C ARG I 24 7.22 46.51 -28.79
N GLY I 25 7.72 47.73 -28.60
CA GLY I 25 8.76 47.98 -27.63
C GLY I 25 10.10 47.37 -27.99
N VAL I 26 10.48 47.43 -29.26
CA VAL I 26 11.75 46.88 -29.72
C VAL I 26 12.82 47.97 -29.67
N PRO I 27 13.96 47.73 -29.02
CA PRO I 27 15.02 48.75 -29.02
C PRO I 27 15.59 48.96 -30.41
N ASP I 28 16.10 50.17 -30.63
CA ASP I 28 16.63 50.53 -31.93
C ASP I 28 17.92 49.75 -32.21
N PRO I 29 18.22 49.51 -33.50
CA PRO I 29 19.47 48.82 -33.82
C PRO I 29 20.69 49.63 -33.44
N LYS I 30 21.77 48.93 -33.09
CA LYS I 30 23.01 49.61 -32.76
C LYS I 30 23.58 50.33 -33.98
N ILE I 31 23.50 49.71 -35.15
CA ILE I 31 24.00 50.30 -36.38
C ILE I 31 22.89 51.09 -37.04
N ARG I 32 23.16 52.35 -37.36
CA ARG I 32 22.23 53.22 -38.06
C ARG I 32 22.77 53.79 -39.35
N ILE I 33 24.08 53.78 -39.56
CA ILE I 33 24.72 54.28 -40.77
C ILE I 33 25.29 53.11 -41.54
N TYR I 34 24.93 53.01 -42.82
CA TYR I 34 25.36 51.90 -43.65
C TYR I 34 26.31 52.29 -44.77
N ASP I 35 26.50 53.59 -45.00
CA ASP I 35 27.42 54.07 -46.03
C ASP I 35 28.38 55.07 -45.40
N VAL I 36 29.68 54.86 -45.63
CA VAL I 36 30.72 55.68 -45.04
C VAL I 36 31.72 56.05 -46.13
N GLY I 37 32.47 57.12 -45.88
CA GLY I 37 33.42 57.61 -46.86
C GLY I 37 32.75 58.53 -47.87
N MET I 38 33.39 58.62 -49.04
CA MET I 38 32.89 59.45 -50.13
C MET I 38 31.78 58.70 -50.86
N LYS I 39 30.56 58.81 -50.32
CA LYS I 39 29.40 58.18 -50.91
C LYS I 39 28.79 58.98 -52.06
N LYS I 40 29.28 60.19 -52.31
CA LYS I 40 28.82 61.01 -53.42
C LYS I 40 29.68 60.88 -54.66
N LYS I 41 30.75 60.08 -54.61
CA LYS I 41 31.62 59.92 -55.76
C LYS I 41 30.86 59.26 -56.91
N GLY I 42 31.23 59.65 -58.13
CA GLY I 42 30.59 59.09 -59.30
C GLY I 42 30.97 57.64 -59.54
N VAL I 43 30.17 57.00 -60.39
CA VAL I 43 30.40 55.59 -60.70
C VAL I 43 31.75 55.38 -61.37
N ASP I 44 32.22 56.38 -62.10
CA ASP I 44 33.46 56.28 -62.87
C ASP I 44 34.71 56.55 -62.03
N GLU I 45 34.56 56.89 -60.75
CA GLU I 45 35.70 57.25 -59.91
C GLU I 45 36.35 56.04 -59.26
N PHE I 46 35.56 55.05 -58.84
CA PHE I 46 36.06 53.88 -58.10
C PHE I 46 35.75 52.62 -58.89
N PRO I 47 36.66 52.14 -59.73
CA PRO I 47 36.41 50.89 -60.47
C PRO I 47 36.54 49.65 -59.61
N PHE I 48 37.52 49.66 -58.70
CA PHE I 48 37.79 48.48 -57.89
C PHE I 48 36.68 48.25 -56.87
N CYS I 49 36.43 46.98 -56.56
CA CYS I 49 35.41 46.61 -55.59
C CYS I 49 35.79 45.27 -54.95
N VAL I 50 35.72 45.22 -53.62
CA VAL I 50 36.06 44.02 -52.86
C VAL I 50 34.99 43.80 -51.81
N HIS I 51 34.60 42.54 -51.62
CA HIS I 51 33.51 42.19 -50.71
C HIS I 51 34.02 41.32 -49.57
N LEU I 52 33.39 41.48 -48.41
CA LEU I 52 33.56 40.56 -47.28
C LEU I 52 32.33 39.66 -47.26
N VAL I 53 32.50 38.42 -47.67
CA VAL I 53 31.39 37.51 -47.94
C VAL I 53 31.27 36.52 -46.78
N SER I 54 30.04 36.33 -46.30
CA SER I 54 29.79 35.34 -45.26
C SER I 54 29.89 33.94 -45.83
N TRP I 55 30.42 33.02 -45.02
CA TRP I 55 30.55 31.62 -45.41
C TRP I 55 29.80 30.70 -44.47
N GLU I 56 28.89 31.24 -43.66
CA GLU I 56 28.10 30.45 -42.74
C GLU I 56 26.66 30.97 -42.74
N LYS I 57 25.76 30.15 -42.21
CA LYS I 57 24.37 30.53 -42.00
C LYS I 57 24.20 30.79 -40.50
N GLU I 58 24.20 32.06 -40.12
CA GLU I 58 24.19 32.42 -38.72
C GLU I 58 23.52 33.79 -38.54
N ASN I 59 23.24 34.12 -37.28
CA ASN I 59 22.77 35.45 -36.93
C ASN I 59 23.97 36.34 -36.61
N VAL I 60 23.92 37.57 -37.11
CA VAL I 60 24.93 38.59 -36.84
C VAL I 60 24.25 39.74 -36.14
N SER I 61 24.68 40.03 -34.91
CA SER I 61 24.06 41.08 -34.13
C SER I 61 24.32 42.45 -34.75
N SER I 62 23.39 43.38 -34.52
CA SER I 62 23.60 44.74 -34.98
C SER I 62 24.81 45.38 -34.32
N GLU I 63 25.12 44.98 -33.09
CA GLU I 63 26.30 45.50 -32.40
C GLU I 63 27.58 45.14 -33.14
N ALA I 64 27.66 43.89 -33.63
CA ALA I 64 28.86 43.48 -34.37
C ALA I 64 28.96 44.19 -35.71
N LEU I 65 27.82 44.46 -36.37
CA LEU I 65 27.86 45.13 -37.65
C LEU I 65 28.45 46.54 -37.53
N GLU I 66 28.04 47.29 -36.51
CA GLU I 66 28.61 48.62 -36.31
C GLU I 66 30.09 48.54 -35.98
N ALA I 67 30.48 47.58 -35.14
CA ALA I 67 31.88 47.45 -34.78
C ALA I 67 32.74 47.16 -36.00
N ALA I 68 32.27 46.29 -36.89
CA ALA I 68 33.01 46.00 -38.12
C ALA I 68 33.10 47.25 -39.00
N ARG I 69 32.01 48.01 -39.12
CA ARG I 69 32.05 49.21 -39.94
C ARG I 69 33.03 50.23 -39.39
N ILE I 70 33.02 50.45 -38.07
CA ILE I 70 33.92 51.42 -37.47
C ILE I 70 35.37 50.98 -37.65
N ALA I 71 35.65 49.70 -37.39
CA ALA I 71 37.01 49.21 -37.52
C ALA I 71 37.49 49.32 -38.96
N CYS I 72 36.65 48.92 -39.91
CA CYS I 72 37.02 49.03 -41.32
C CYS I 72 37.17 50.50 -41.74
N ASN I 73 36.28 51.36 -41.26
CA ASN I 73 36.33 52.77 -41.66
C ASN I 73 37.61 53.43 -41.17
N LYS I 74 38.01 53.18 -39.92
CA LYS I 74 39.15 53.87 -39.36
C LYS I 74 40.43 53.53 -40.10
N TYR I 75 40.68 52.23 -40.32
CA TYR I 75 41.92 51.84 -41.00
C TYR I 75 41.97 52.39 -42.41
N MET I 76 40.86 52.31 -43.15
CA MET I 76 40.85 52.77 -44.53
C MET I 76 41.08 54.28 -44.60
N THR I 77 40.52 55.04 -43.64
CA THR I 77 40.74 56.48 -43.63
C THR I 77 42.20 56.82 -43.44
N LYS I 78 42.86 56.17 -42.47
CA LYS I 78 44.28 56.43 -42.24
C LYS I 78 45.14 55.91 -43.38
N SER I 79 44.90 54.66 -43.80
CA SER I 79 45.77 54.03 -44.78
C SER I 79 45.66 54.70 -46.15
N ALA I 80 44.45 55.05 -46.56
CA ALA I 80 44.20 55.56 -47.90
C ALA I 80 43.73 57.01 -47.93
N GLY I 81 43.05 57.47 -46.90
CA GLY I 81 42.54 58.84 -46.88
C GLY I 81 41.04 58.90 -46.70
N LYS I 82 40.53 60.08 -46.34
CA LYS I 82 39.10 60.25 -46.10
C LYS I 82 38.27 60.27 -47.37
N ASP I 83 38.89 60.53 -48.52
CA ASP I 83 38.18 60.67 -49.79
C ASP I 83 38.79 59.75 -50.85
N ALA I 84 39.05 58.50 -50.47
CA ALA I 84 39.63 57.53 -51.38
C ALA I 84 38.90 56.19 -51.35
N PHE I 85 37.74 56.10 -50.72
CA PHE I 85 37.02 54.84 -50.62
C PHE I 85 35.55 55.13 -50.34
N HIS I 86 34.74 54.09 -50.52
CA HIS I 86 33.32 54.14 -50.18
C HIS I 86 32.95 52.78 -49.59
N LEU I 87 32.63 52.76 -48.31
CA LEU I 87 32.28 51.54 -47.59
C LEU I 87 30.77 51.46 -47.41
N ARG I 88 30.18 50.33 -47.78
CA ARG I 88 28.75 50.13 -47.66
C ARG I 88 28.49 48.83 -46.90
N VAL I 89 27.68 48.92 -45.85
CA VAL I 89 27.24 47.73 -45.12
C VAL I 89 26.06 47.12 -45.87
N ARG I 90 26.20 45.86 -46.27
CA ARG I 90 25.24 45.21 -47.14
C ARG I 90 24.20 44.40 -46.37
N VAL I 91 24.17 44.48 -45.05
CA VAL I 91 23.28 43.68 -44.21
C VAL I 91 22.56 44.60 -43.24
N HIS I 92 21.26 44.38 -43.08
CA HIS I 92 20.43 45.15 -42.18
C HIS I 92 19.80 44.22 -41.14
N PRO I 93 19.88 44.53 -39.85
CA PRO I 93 19.26 43.67 -38.83
C PRO I 93 17.78 43.96 -38.70
N PHE I 94 16.96 43.02 -39.16
CA PHE I 94 15.51 43.14 -39.08
C PHE I 94 14.87 42.09 -38.18
N HIS I 95 15.66 41.16 -37.64
CA HIS I 95 15.15 40.10 -36.78
C HIS I 95 15.29 40.52 -35.32
N VAL I 96 14.22 40.33 -34.55
CA VAL I 96 14.19 40.71 -33.14
C VAL I 96 14.43 39.47 -32.29
N LEU I 97 15.32 39.59 -31.31
CA LEU I 97 15.64 38.51 -30.39
C LEU I 97 14.87 38.71 -29.08
N ARG I 98 14.35 37.62 -28.54
CA ARG I 98 13.56 37.64 -27.32
C ARG I 98 14.35 37.06 -26.16
N ILE I 99 14.01 37.51 -24.95
CA ILE I 99 14.65 37.05 -23.73
C ILE I 99 13.57 36.78 -22.68
N ASN I 100 13.68 35.65 -22.00
CA ASN I 100 12.77 35.28 -20.92
C ASN I 100 13.47 35.58 -19.60
N LYS I 101 13.15 36.72 -19.00
CA LYS I 101 13.79 37.14 -17.77
C LYS I 101 13.21 36.40 -16.56
N GLY I 114 9.36 30.23 -13.19
CA GLY I 114 9.62 29.00 -13.92
C GLY I 114 9.38 29.15 -15.40
N MET I 115 9.00 28.05 -16.05
CA MET I 115 8.73 28.05 -17.48
C MET I 115 7.30 28.48 -17.83
N ARG I 116 6.47 28.76 -16.83
CA ARG I 116 5.12 29.24 -17.10
C ARG I 116 5.18 30.58 -17.83
N GLY I 117 4.45 30.67 -18.94
CA GLY I 117 4.43 31.89 -19.73
C GLY I 117 5.82 32.42 -20.02
N ALA I 118 6.60 31.65 -20.79
CA ALA I 118 8.01 31.95 -20.99
C ALA I 118 8.28 32.80 -22.23
N PHE I 119 7.25 33.19 -22.99
CA PHE I 119 7.47 33.99 -24.18
C PHE I 119 8.20 35.27 -23.82
N GLY I 120 9.42 35.41 -24.34
CA GLY I 120 10.29 36.48 -23.89
C GLY I 120 9.93 37.83 -24.48
N LYS I 121 10.49 38.87 -23.85
CA LYS I 121 10.37 40.24 -24.32
C LYS I 121 11.48 40.54 -25.31
N PRO I 122 11.28 41.51 -26.20
CA PRO I 122 12.33 41.84 -27.18
C PRO I 122 13.58 42.36 -26.49
N GLN I 123 14.72 41.74 -26.81
CA GLN I 123 16.01 42.13 -26.25
C GLN I 123 16.78 43.04 -27.19
N GLY I 124 17.03 42.59 -28.41
CA GLY I 124 17.75 43.38 -29.39
C GLY I 124 17.39 42.98 -30.80
N VAL I 125 18.26 43.30 -31.76
CA VAL I 125 18.03 42.96 -33.16
C VAL I 125 19.29 42.33 -33.73
N CYS I 126 19.10 41.55 -34.80
CA CYS I 126 20.21 40.88 -35.46
C CYS I 126 19.82 40.63 -36.91
N ALA I 127 20.81 40.29 -37.72
CA ALA I 127 20.63 40.03 -39.13
C ALA I 127 20.79 38.54 -39.40
N ARG I 128 19.87 37.98 -40.20
CA ARG I 128 19.88 36.56 -40.56
C ARG I 128 20.67 36.41 -41.85
N VAL I 129 21.95 36.06 -41.73
CA VAL I 129 22.86 35.97 -42.87
C VAL I 129 22.86 34.54 -43.41
N ALA I 130 23.05 34.42 -44.71
CA ALA I 130 23.12 33.14 -45.40
C ALA I 130 24.51 32.91 -45.94
N ILE I 131 24.74 31.68 -46.42
CA ILE I 131 26.04 31.32 -46.97
C ILE I 131 26.25 32.05 -48.29
N GLY I 132 27.42 32.65 -48.45
CA GLY I 132 27.74 33.38 -49.67
C GLY I 132 27.19 34.78 -49.74
N GLN I 133 26.56 35.27 -48.67
CA GLN I 133 25.98 36.60 -48.68
C GLN I 133 27.02 37.65 -48.34
N VAL I 134 27.02 38.75 -49.10
CA VAL I 134 27.96 39.83 -48.87
C VAL I 134 27.61 40.55 -47.58
N LEU I 135 28.61 40.79 -46.74
CA LEU I 135 28.45 41.56 -45.51
C LEU I 135 28.87 43.02 -45.68
N LEU I 136 30.07 43.24 -46.20
CA LEU I 136 30.60 44.59 -46.42
C LEU I 136 31.15 44.69 -47.83
N SER I 137 31.05 45.87 -48.41
CA SER I 137 31.56 46.16 -49.73
C SER I 137 32.32 47.48 -49.71
N VAL I 138 33.46 47.51 -50.39
CA VAL I 138 34.29 48.70 -50.49
C VAL I 138 34.67 48.89 -51.94
N ARG I 139 34.51 50.11 -52.45
CA ARG I 139 34.95 50.47 -53.80
C ARG I 139 35.93 51.62 -53.70
N CYS I 140 36.99 51.54 -54.50
CA CYS I 140 38.04 52.55 -54.50
C CYS I 140 38.81 52.42 -55.81
N LYS I 141 39.94 53.13 -55.91
CA LYS I 141 40.78 53.06 -57.09
C LYS I 141 41.70 51.84 -57.01
N ASP I 142 42.24 51.45 -58.17
CA ASP I 142 43.08 50.26 -58.23
C ASP I 142 44.32 50.40 -57.35
N GLY I 143 44.79 51.63 -57.14
CA GLY I 143 45.98 51.85 -56.35
C GLY I 143 45.81 51.56 -54.87
N ASN I 144 44.56 51.53 -54.39
CA ASN I 144 44.26 51.29 -52.99
C ASN I 144 43.65 49.92 -52.74
N ALA I 145 43.86 48.97 -53.67
CA ALA I 145 43.30 47.64 -53.51
C ALA I 145 43.87 46.95 -52.27
N ASN I 146 45.18 47.10 -52.03
CA ASN I 146 45.79 46.45 -50.87
C ASN I 146 45.20 46.98 -49.57
N HIS I 147 45.01 48.29 -49.47
CA HIS I 147 44.45 48.86 -48.25
C HIS I 147 43.01 48.38 -48.02
N ALA I 148 42.22 48.31 -49.09
CA ALA I 148 40.84 47.90 -48.95
C ALA I 148 40.74 46.47 -48.41
N GLN I 149 41.56 45.56 -48.95
CA GLN I 149 41.53 44.18 -48.48
C GLN I 149 42.00 44.09 -47.03
N GLU I 150 43.02 44.87 -46.66
CA GLU I 150 43.49 44.86 -45.28
C GLU I 150 42.44 45.39 -44.33
N ALA I 151 41.69 46.42 -44.75
CA ALA I 151 40.64 46.97 -43.90
C ALA I 151 39.57 45.93 -43.62
N LEU I 152 39.18 45.16 -44.63
CA LEU I 152 38.18 44.12 -44.43
C LEU I 152 38.73 42.99 -43.56
N ARG I 153 40.04 42.75 -43.60
CA ARG I 153 40.62 41.71 -42.75
C ARG I 153 40.41 42.03 -41.28
N ARG I 154 40.61 43.30 -40.89
CA ARG I 154 40.38 43.69 -39.50
C ARG I 154 38.91 43.53 -39.12
N ALA I 155 38.00 43.91 -40.02
CA ALA I 155 36.58 43.76 -39.74
C ALA I 155 36.16 42.31 -39.59
N LYS I 156 36.92 41.38 -40.15
CA LYS I 156 36.58 39.96 -40.05
C LYS I 156 36.61 39.50 -38.59
N PHE I 157 37.53 40.04 -37.79
CA PHE I 157 37.62 39.64 -36.39
C PHE I 157 36.44 40.11 -35.54
N LYS I 158 35.60 41.01 -36.08
CA LYS I 158 34.43 41.47 -35.35
C LYS I 158 33.21 40.57 -35.57
N PHE I 159 33.27 39.63 -36.53
CA PHE I 159 32.12 38.79 -36.83
C PHE I 159 32.27 37.40 -36.20
N PRO I 160 31.16 36.75 -35.86
CA PRO I 160 31.26 35.49 -35.11
C PRO I 160 31.68 34.30 -35.95
N GLY I 161 31.24 34.23 -37.20
CA GLY I 161 31.48 33.07 -38.04
C GLY I 161 32.74 33.18 -38.88
N ARG I 162 32.72 32.51 -40.03
CA ARG I 162 33.83 32.51 -40.96
C ARG I 162 33.45 33.28 -42.22
N GLN I 163 34.27 34.26 -42.58
CA GLN I 163 34.06 35.09 -43.75
C GLN I 163 35.17 34.85 -44.76
N LYS I 164 35.08 35.55 -45.90
CA LYS I 164 36.04 35.38 -46.97
C LYS I 164 36.12 36.68 -47.76
N ILE I 165 37.33 37.04 -48.20
CA ILE I 165 37.57 38.25 -48.97
C ILE I 165 37.61 37.87 -50.44
N ILE I 166 36.69 38.44 -51.22
CA ILE I 166 36.59 38.17 -52.65
C ILE I 166 36.66 39.50 -53.39
N VAL I 167 37.56 39.58 -54.37
CA VAL I 167 37.69 40.77 -55.20
C VAL I 167 36.69 40.67 -56.34
N SER I 168 35.79 41.65 -56.42
CA SER I 168 34.75 41.65 -57.42
C SER I 168 35.34 41.92 -58.81
N ARG I 169 34.72 41.31 -59.82
CA ARG I 169 35.05 41.58 -61.21
C ARG I 169 34.15 42.64 -61.83
N LYS I 170 33.27 43.25 -61.04
CA LYS I 170 32.35 44.28 -61.52
C LYS I 170 32.89 45.66 -61.22
N TRP I 171 32.39 46.64 -61.95
CA TRP I 171 32.83 48.03 -61.84
C TRP I 171 32.16 48.64 -60.61
N GLY I 172 32.92 48.80 -59.53
CA GLY I 172 32.38 49.42 -58.34
C GLY I 172 31.16 48.67 -57.84
N PHE I 173 30.11 49.41 -57.52
CA PHE I 173 28.86 48.84 -57.02
C PHE I 173 27.85 48.58 -58.14
N THR I 174 28.24 48.76 -59.40
CA THR I 174 27.34 48.47 -60.50
C THR I 174 27.22 46.97 -60.71
N LYS I 175 26.29 46.58 -61.58
CA LYS I 175 26.06 45.18 -61.91
C LYS I 175 26.75 44.76 -63.19
N PHE I 176 27.56 45.63 -63.78
CA PHE I 176 28.25 45.33 -65.02
C PHE I 176 29.70 44.93 -64.73
N SER I 177 30.21 43.97 -65.49
CA SER I 177 31.61 43.61 -65.40
C SER I 177 32.47 44.77 -65.90
N ARG I 178 33.68 44.87 -65.36
CA ARG I 178 34.56 45.98 -65.75
C ARG I 178 34.78 46.00 -67.25
N THR I 179 34.91 44.83 -67.87
CA THR I 179 35.05 44.78 -69.32
C THR I 179 33.77 45.27 -70.01
N ASP I 180 32.60 44.89 -69.49
CA ASP I 180 31.35 45.32 -70.08
C ASP I 180 31.12 46.81 -69.87
N TYR I 181 31.50 47.34 -68.70
CA TYR I 181 31.29 48.76 -68.42
C TYR I 181 32.04 49.62 -69.42
N LEU I 182 33.30 49.28 -69.71
CA LEU I 182 34.05 50.02 -70.72
C LEU I 182 33.47 49.78 -72.12
N LYS I 183 33.00 48.57 -72.40
CA LYS I 183 32.39 48.29 -73.69
C LYS I 183 31.14 49.15 -73.91
N TYR I 184 30.28 49.25 -72.89
CA TYR I 184 29.08 50.06 -73.03
C TYR I 184 29.41 51.54 -73.03
N LYS I 185 30.34 51.96 -72.18
CA LYS I 185 30.68 53.38 -72.10
C LYS I 185 31.29 53.87 -73.41
N SER I 186 32.15 53.05 -74.02
CA SER I 186 32.71 53.43 -75.32
C SER I 186 31.63 53.57 -76.38
N GLU I 187 30.55 52.81 -76.27
CA GLU I 187 29.43 52.90 -77.19
C GLU I 187 28.43 53.99 -76.81
N ASN I 188 28.67 54.70 -75.71
CA ASN I 188 27.79 55.79 -75.26
C ASN I 188 26.45 55.26 -74.77
N ARG I 189 26.44 54.08 -74.15
CA ARG I 189 25.22 53.47 -73.64
C ARG I 189 25.09 53.61 -72.13
N ILE I 190 25.99 54.33 -71.47
CA ILE I 190 26.02 54.45 -70.03
C ILE I 190 25.58 55.85 -69.64
N VAL I 191 24.57 55.95 -68.80
CA VAL I 191 24.08 57.21 -68.25
C VAL I 191 24.36 57.20 -66.75
N PRO I 192 25.34 57.98 -66.27
CA PRO I 192 25.64 57.97 -64.84
C PRO I 192 24.43 58.36 -64.01
N ASP I 193 24.26 57.69 -62.87
CA ASP I 193 23.15 57.93 -61.95
C ASP I 193 23.69 58.00 -60.52
N GLY I 194 24.75 58.78 -60.33
CA GLY I 194 25.41 58.85 -59.04
C GLY I 194 26.33 57.67 -58.82
N VAL I 195 26.01 56.83 -57.82
CA VAL I 195 26.77 55.61 -57.62
C VAL I 195 26.33 54.50 -58.57
N ASN I 196 25.11 54.57 -59.09
CA ASN I 196 24.60 53.56 -60.01
C ASN I 196 24.95 53.94 -61.45
N ALA I 197 24.73 52.98 -62.35
CA ALA I 197 24.91 53.19 -63.78
C ALA I 197 23.70 52.62 -64.51
N LYS I 198 23.16 53.41 -65.44
CA LYS I 198 21.98 53.02 -66.21
C LYS I 198 22.40 52.64 -67.62
N LEU I 199 21.89 51.52 -68.10
CA LEU I 199 22.18 51.02 -69.44
C LEU I 199 21.02 51.34 -70.36
N LEU I 200 21.31 51.99 -71.48
CA LEU I 200 20.30 52.38 -72.45
C LEU I 200 20.03 51.23 -73.41
N GLY I 201 18.75 50.87 -73.52
CA GLY I 201 18.31 49.82 -74.42
C GLY I 201 17.75 50.37 -75.71
N CYS I 202 16.73 49.70 -76.24
CA CYS I 202 16.06 50.11 -77.47
C CYS I 202 14.54 50.07 -77.28
N HIS I 203 14.09 50.61 -76.14
CA HIS I 203 12.68 50.61 -75.80
C HIS I 203 12.28 51.99 -75.28
N GLY I 204 10.96 52.22 -75.24
CA GLY I 204 10.43 53.49 -74.81
C GLY I 204 10.17 54.44 -75.96
N ARG I 205 9.58 55.57 -75.62
CA ARG I 205 9.29 56.59 -76.63
C ARG I 205 10.58 57.03 -77.32
N LEU I 206 10.53 57.08 -78.65
CA LEU I 206 11.71 57.47 -79.41
C LEU I 206 12.09 58.93 -79.17
N ALA I 207 11.10 59.80 -78.96
CA ALA I 207 11.38 61.21 -78.73
C ALA I 207 12.04 61.47 -77.38
N ALA I 208 11.97 60.51 -76.45
CA ALA I 208 12.61 60.72 -75.15
C ALA I 208 14.13 60.64 -75.24
N ARG I 209 14.66 59.92 -76.23
CA ARG I 209 16.09 59.77 -76.38
C ARG I 209 16.70 61.05 -76.96
N GLN I 210 18.02 61.13 -76.89
CA GLN I 210 18.79 62.24 -77.43
C GLN I 210 19.45 61.83 -78.74
N PRO I 211 19.84 62.80 -79.58
CA PRO I 211 20.43 62.46 -80.89
C PRO I 211 21.47 61.35 -80.82
N GLY I 212 22.35 61.40 -79.83
CA GLY I 212 23.43 60.44 -79.75
C GLY I 212 23.15 59.29 -78.80
N ARG I 213 21.88 59.08 -78.43
CA ARG I 213 21.52 58.05 -77.47
C ARG I 213 20.26 57.32 -77.92
N ALA I 214 20.19 56.99 -79.21
CA ALA I 214 19.13 56.16 -79.76
C ALA I 214 19.76 54.98 -80.47
N PHE I 215 19.28 53.78 -80.16
CA PHE I 215 19.88 52.55 -80.66
C PHE I 215 18.81 51.63 -81.24
N LEU I 216 19.20 50.83 -82.22
CA LEU I 216 18.28 49.92 -82.90
C LEU I 216 18.23 48.55 -82.25
N GLU I 217 19.30 48.12 -81.60
CA GLU I 217 19.40 46.79 -81.01
C GLU I 217 19.78 46.90 -79.55
N ALA I 218 19.36 45.90 -78.78
CA ALA I 218 19.68 45.86 -77.36
C ALA I 218 21.17 45.65 -77.15
N ALA I 219 21.67 46.14 -76.02
CA ALA I 219 23.09 46.02 -75.68
C ALA I 219 23.38 44.57 -75.28
N ASN I 220 23.93 43.81 -76.21
CA ASN I 220 24.26 42.40 -75.98
C ASN I 220 25.74 42.14 -76.21
N LEU J 7 -12.53 72.27 -87.73
CA LEU J 7 -12.26 73.14 -86.59
C LEU J 7 -13.31 74.25 -86.51
N SER J 8 -13.86 74.62 -87.66
CA SER J 8 -14.90 75.63 -87.74
C SER J 8 -16.30 75.02 -87.81
N ASN J 9 -16.43 73.75 -87.46
CA ASN J 9 -17.72 73.08 -87.54
C ASN J 9 -18.71 73.76 -86.59
N PRO J 10 -19.98 73.87 -86.97
CA PRO J 10 -20.96 74.46 -86.05
C PRO J 10 -21.07 73.72 -84.73
N MET J 11 -20.75 72.43 -84.71
CA MET J 11 -20.85 71.63 -83.49
C MET J 11 -19.72 71.92 -82.51
N ARG J 12 -18.79 72.81 -82.84
CA ARG J 12 -17.72 73.20 -81.94
C ARG J 12 -17.98 74.55 -81.27
N ASP J 13 -19.19 75.09 -81.41
CA ASP J 13 -19.50 76.37 -80.79
C ASP J 13 -19.62 76.23 -79.28
N ILE J 14 -18.96 77.11 -78.55
CA ILE J 14 -19.00 77.08 -77.09
C ILE J 14 -20.29 77.73 -76.62
N LYS J 15 -20.79 77.25 -75.47
CA LYS J 15 -22.03 77.76 -74.91
C LYS J 15 -21.98 77.57 -73.41
N VAL J 16 -22.81 78.34 -72.69
CA VAL J 16 -22.89 78.25 -71.24
C VAL J 16 -23.81 77.08 -70.89
N GLN J 17 -23.22 76.02 -70.33
CA GLN J 17 -24.02 74.86 -69.94
C GLN J 17 -24.98 75.20 -68.80
N LYS J 18 -24.46 75.84 -67.75
CA LYS J 18 -25.29 76.19 -66.61
C LYS J 18 -24.60 77.28 -65.81
N LEU J 19 -25.39 77.95 -64.98
CA LEU J 19 -24.91 78.95 -64.03
C LEU J 19 -25.32 78.53 -62.64
N VAL J 20 -24.35 78.44 -61.73
CA VAL J 20 -24.58 78.01 -60.35
C VAL J 20 -24.28 79.17 -59.42
N LEU J 21 -25.26 79.54 -58.60
CA LEU J 21 -25.11 80.60 -57.62
C LEU J 21 -25.08 79.97 -56.24
N ASN J 22 -23.94 80.10 -55.56
CA ASN J 22 -23.72 79.51 -54.25
C ASN J 22 -23.62 80.61 -53.20
N ILE J 23 -24.37 80.47 -52.11
CA ILE J 23 -24.34 81.41 -51.00
C ILE J 23 -24.03 80.58 -49.75
N SER J 24 -22.77 80.61 -49.32
CA SER J 24 -22.34 79.86 -48.14
C SER J 24 -22.42 80.79 -46.93
N VAL J 25 -23.63 80.88 -46.36
CA VAL J 25 -23.82 81.74 -45.19
C VAL J 25 -23.02 81.20 -44.01
N GLY J 26 -22.90 79.89 -43.89
CA GLY J 26 -22.10 79.29 -42.85
C GLY J 26 -22.82 79.04 -41.53
N GLU J 27 -24.14 79.10 -41.53
CA GLU J 27 -24.91 78.86 -40.31
C GLU J 27 -26.38 78.76 -40.68
N SER J 28 -27.11 77.95 -39.90
CA SER J 28 -28.54 77.75 -40.14
C SER J 28 -29.32 78.89 -39.50
N GLY J 29 -30.65 78.74 -39.44
CA GLY J 29 -31.49 79.73 -38.80
C GLY J 29 -32.15 80.68 -39.76
N ASP J 30 -32.46 81.90 -39.28
CA ASP J 30 -33.17 82.87 -40.11
C ASP J 30 -32.33 83.32 -41.29
N ARG J 31 -31.02 83.49 -41.10
CA ARG J 31 -30.17 83.98 -42.19
C ARG J 31 -30.25 83.07 -43.41
N LEU J 32 -30.16 81.76 -43.19
CA LEU J 32 -30.24 80.83 -44.31
C LEU J 32 -31.59 80.91 -45.00
N THR J 33 -32.67 81.02 -44.23
CA THR J 33 -33.99 81.13 -44.82
C THR J 33 -34.10 82.39 -45.67
N ARG J 34 -33.59 83.52 -45.17
CA ARG J 34 -33.60 84.75 -45.95
C ARG J 34 -32.70 84.62 -47.17
N ALA J 35 -31.53 83.99 -47.01
CA ALA J 35 -30.63 83.83 -48.15
C ALA J 35 -31.26 82.99 -49.24
N ALA J 36 -31.97 81.92 -48.87
CA ALA J 36 -32.63 81.10 -49.87
C ALA J 36 -33.67 81.89 -50.64
N LYS J 37 -34.42 82.76 -49.97
CA LYS J 37 -35.43 83.56 -50.65
C LYS J 37 -34.80 84.49 -51.67
N VAL J 38 -33.57 84.95 -51.43
CA VAL J 38 -32.90 85.82 -52.39
C VAL J 38 -32.66 85.08 -53.69
N LEU J 39 -32.16 83.84 -53.61
CA LEU J 39 -31.93 83.06 -54.81
C LEU J 39 -33.21 82.75 -55.55
N GLU J 40 -34.29 82.42 -54.81
CA GLU J 40 -35.53 82.04 -55.44
C GLU J 40 -36.09 83.17 -56.29
N GLN J 41 -36.07 84.40 -55.77
CA GLN J 41 -36.54 85.54 -56.54
C GLN J 41 -35.53 85.95 -57.61
N LEU J 42 -34.24 85.79 -57.33
CA LEU J 42 -33.22 86.17 -58.31
C LEU J 42 -33.14 85.17 -59.44
N SER J 43 -33.45 83.90 -59.18
CA SER J 43 -33.37 82.86 -60.19
C SER J 43 -34.74 82.33 -60.64
N GLY J 44 -35.78 82.53 -59.84
CA GLY J 44 -37.09 82.07 -60.22
C GLY J 44 -37.36 80.60 -59.96
N GLN J 45 -36.51 79.94 -59.17
CA GLN J 45 -36.70 78.52 -58.87
C GLN J 45 -36.21 78.26 -57.44
N SER J 46 -36.73 77.19 -56.86
CA SER J 46 -36.41 76.88 -55.47
C SER J 46 -34.95 76.45 -55.35
N PRO J 47 -34.18 77.03 -54.43
CA PRO J 47 -32.79 76.61 -54.26
C PRO J 47 -32.68 75.34 -53.41
N VAL J 48 -31.46 74.81 -53.36
CA VAL J 48 -31.15 73.62 -52.59
C VAL J 48 -30.36 74.04 -51.35
N PHE J 49 -30.60 73.33 -50.25
CA PHE J 49 -29.92 73.60 -48.98
C PHE J 49 -28.81 72.57 -48.79
N SER J 50 -27.57 73.03 -48.78
CA SER J 50 -26.44 72.15 -48.55
C SER J 50 -26.16 72.02 -47.06
N LYS J 51 -25.69 70.84 -46.66
CA LYS J 51 -25.41 70.53 -45.27
C LYS J 51 -23.92 70.28 -45.07
N ALA J 52 -23.42 70.66 -43.89
CA ALA J 52 -22.00 70.51 -43.59
C ALA J 52 -21.62 69.03 -43.59
N ARG J 53 -20.48 68.73 -44.22
CA ARG J 53 -20.00 67.36 -44.26
C ARG J 53 -19.43 66.93 -42.92
N TYR J 54 -18.67 67.81 -42.27
CA TYR J 54 -18.03 67.52 -40.99
C TYR J 54 -18.23 68.68 -40.04
N THR J 55 -18.38 68.37 -38.76
CA THR J 55 -18.49 69.41 -37.74
C THR J 55 -17.14 70.09 -37.54
N VAL J 56 -17.16 71.43 -37.55
CA VAL J 56 -15.96 72.23 -37.33
C VAL J 56 -16.30 73.30 -36.31
N ARG J 57 -15.64 73.25 -35.15
CA ARG J 57 -15.89 74.24 -34.12
C ARG J 57 -15.29 75.59 -34.47
N SER J 58 -14.17 75.60 -35.20
CA SER J 58 -13.55 76.87 -35.58
C SER J 58 -14.51 77.70 -36.42
N PHE J 59 -15.14 77.08 -37.42
CA PHE J 59 -16.13 77.75 -38.24
C PHE J 59 -17.50 77.81 -37.57
N GLY J 60 -17.72 77.01 -36.52
CA GLY J 60 -18.99 77.01 -35.84
C GLY J 60 -20.10 76.34 -36.62
N ILE J 61 -19.82 75.20 -37.25
CA ILE J 61 -20.79 74.45 -38.04
C ILE J 61 -20.83 73.02 -37.54
N ARG J 62 -22.04 72.49 -37.37
CA ARG J 62 -22.24 71.12 -36.94
C ARG J 62 -22.57 70.24 -38.15
N ARG J 63 -22.20 68.96 -38.04
CA ARG J 63 -22.41 68.03 -39.13
C ARG J 63 -23.91 67.86 -39.40
N ASN J 64 -24.24 67.63 -40.67
CA ASN J 64 -25.62 67.44 -41.10
C ASN J 64 -26.49 68.65 -40.72
N GLU J 65 -25.93 69.84 -40.84
CA GLU J 65 -26.64 71.08 -40.58
C GLU J 65 -26.60 71.95 -41.82
N LYS J 66 -27.75 72.51 -42.19
CA LYS J 66 -27.86 73.36 -43.37
C LYS J 66 -27.08 74.65 -43.14
N ILE J 67 -25.96 74.81 -43.85
CA ILE J 67 -25.12 75.99 -43.72
C ILE J 67 -25.00 76.79 -44.99
N ALA J 68 -25.53 76.30 -46.11
CA ALA J 68 -25.38 76.99 -47.39
C ALA J 68 -26.56 76.65 -48.28
N CYS J 69 -26.74 77.47 -49.32
CA CYS J 69 -27.80 77.25 -50.29
C CYS J 69 -27.28 77.64 -51.67
N TYR J 70 -27.67 76.86 -52.68
CA TYR J 70 -27.24 77.09 -54.04
C TYR J 70 -28.38 76.77 -55.00
N VAL J 71 -28.24 77.19 -56.24
CA VAL J 71 -29.25 76.96 -57.26
C VAL J 71 -28.56 76.91 -58.61
N THR J 72 -29.10 76.09 -59.52
CA THR J 72 -28.57 75.93 -60.87
C THR J 72 -29.56 76.53 -61.86
N VAL J 73 -29.04 77.32 -62.79
CA VAL J 73 -29.84 78.02 -63.78
C VAL J 73 -29.27 77.71 -65.16
N ARG J 74 -30.15 77.39 -66.11
CA ARG J 74 -29.77 77.10 -67.48
C ARG J 74 -30.65 77.89 -68.43
N GLY J 75 -30.15 78.10 -69.65
CA GLY J 75 -30.94 78.74 -70.69
C GLY J 75 -30.76 80.23 -70.75
N GLU J 76 -31.80 80.93 -71.25
CA GLU J 76 -31.70 82.38 -71.40
C GLU J 76 -31.49 83.06 -70.06
N LYS J 77 -32.20 82.62 -69.02
CA LYS J 77 -32.07 83.27 -67.72
C LYS J 77 -30.64 83.19 -67.20
N ALA J 78 -29.92 82.12 -67.54
CA ALA J 78 -28.51 82.03 -67.18
C ALA J 78 -27.71 83.14 -67.86
N MET J 79 -27.98 83.39 -69.14
CA MET J 79 -27.32 84.48 -69.84
C MET J 79 -27.77 85.83 -69.29
N GLN J 80 -29.07 85.99 -69.05
CA GLN J 80 -29.57 87.25 -68.50
C GLN J 80 -28.99 87.51 -67.12
N LEU J 81 -28.90 86.48 -66.29
CA LEU J 81 -28.36 86.63 -64.94
C LEU J 81 -26.84 86.61 -64.91
N LEU J 82 -26.18 86.22 -66.00
CA LEU J 82 -24.73 86.23 -66.05
C LEU J 82 -24.20 87.61 -66.43
N GLU J 83 -24.84 88.27 -67.39
CA GLU J 83 -24.40 89.61 -67.78
C GLU J 83 -24.53 90.59 -66.62
N SER J 84 -25.58 90.44 -65.81
CA SER J 84 -25.74 91.30 -64.64
C SER J 84 -24.56 91.17 -63.69
N GLY J 85 -24.12 89.93 -63.44
CA GLY J 85 -22.97 89.73 -62.58
C GLY J 85 -21.70 90.32 -63.16
N LEU J 86 -21.48 90.11 -64.46
CA LEU J 86 -20.30 90.69 -65.12
C LEU J 86 -20.40 92.21 -65.17
N LYS J 87 -21.61 92.75 -65.36
CA LYS J 87 -21.77 94.20 -65.37
C LYS J 87 -21.35 94.81 -64.05
N VAL J 88 -21.73 94.18 -62.94
CA VAL J 88 -21.26 94.63 -61.63
C VAL J 88 -19.74 94.46 -61.53
N LYS J 89 -19.20 93.43 -62.15
CA LYS J 89 -17.76 93.18 -62.13
C LYS J 89 -17.01 94.02 -63.15
N GLU J 90 -17.71 94.83 -63.94
CA GLU J 90 -17.09 95.72 -64.93
C GLU J 90 -16.47 94.93 -66.08
N TYR J 91 -16.97 93.73 -66.34
CA TYR J 91 -16.52 92.91 -67.47
C TYR J 91 -15.01 92.71 -67.43
N GLU J 92 -14.47 92.53 -66.23
CA GLU J 92 -13.07 92.24 -66.03
C GLU J 92 -12.91 91.08 -65.08
N LEU J 93 -12.04 90.13 -65.43
CA LEU J 93 -11.78 88.97 -64.61
C LEU J 93 -10.28 88.73 -64.56
N LEU J 94 -9.83 88.06 -63.50
CA LEU J 94 -8.42 87.72 -63.36
C LEU J 94 -8.09 86.50 -64.20
N ARG J 95 -6.86 86.45 -64.70
CA ARG J 95 -6.45 85.33 -65.55
C ARG J 95 -6.54 84.01 -64.81
N ARG J 96 -6.42 84.03 -63.48
CA ARG J 96 -6.48 82.80 -62.69
C ARG J 96 -7.90 82.33 -62.43
N ASN J 97 -8.91 83.14 -62.75
CA ASN J 97 -10.29 82.76 -62.50
C ASN J 97 -10.78 81.68 -63.46
N PHE J 98 -10.03 81.37 -64.50
CA PHE J 98 -10.42 80.36 -65.48
C PHE J 98 -9.73 79.04 -65.14
N SER J 99 -10.51 77.99 -64.91
CA SER J 99 -9.96 76.70 -64.57
C SER J 99 -9.44 76.00 -65.84
N GLU J 100 -8.62 74.98 -65.63
CA GLU J 100 -8.05 74.23 -66.75
C GLU J 100 -9.10 73.45 -67.52
N THR J 101 -10.26 73.17 -66.91
CA THR J 101 -11.31 72.40 -67.55
C THR J 101 -12.34 73.28 -68.25
N GLY J 102 -11.95 74.48 -68.69
CA GLY J 102 -12.85 75.34 -69.42
C GLY J 102 -14.00 75.90 -68.61
N CYS J 103 -13.76 76.26 -67.36
CA CYS J 103 -14.78 76.85 -66.50
C CYS J 103 -14.19 78.06 -65.79
N PHE J 104 -15.07 79.00 -65.42
CA PHE J 104 -14.66 80.19 -64.72
C PHE J 104 -15.77 80.63 -63.77
N GLY J 105 -15.41 81.46 -62.81
CA GLY J 105 -16.38 81.96 -61.86
C GLY J 105 -15.89 83.24 -61.20
N PHE J 106 -16.84 83.95 -60.59
CA PHE J 106 -16.53 85.18 -59.87
C PHE J 106 -17.51 85.30 -58.71
N GLY J 107 -17.29 86.31 -57.87
CA GLY J 107 -18.13 86.52 -56.71
C GLY J 107 -18.45 87.97 -56.47
N ILE J 108 -19.71 88.25 -56.14
CA ILE J 108 -20.18 89.59 -55.81
C ILE J 108 -20.50 89.63 -54.33
N GLN J 109 -20.34 90.81 -53.73
CA GLN J 109 -20.56 91.01 -52.30
C GLN J 109 -21.57 92.13 -52.02
N GLU J 110 -22.44 92.43 -52.99
CA GLU J 110 -23.41 93.50 -52.81
C GLU J 110 -24.83 93.00 -53.03
N HIS J 111 -25.00 92.00 -53.89
CA HIS J 111 -26.32 91.48 -54.22
C HIS J 111 -27.25 92.60 -54.67
N THR J 122 -34.88 91.40 -45.97
CA THR J 122 -34.00 90.25 -46.09
C THR J 122 -32.60 90.58 -45.60
N GLY J 123 -31.92 91.48 -46.32
CA GLY J 123 -30.58 91.90 -46.00
C GLY J 123 -29.70 91.88 -47.23
N ILE J 124 -28.39 91.87 -46.99
CA ILE J 124 -27.39 91.84 -48.04
C ILE J 124 -26.57 90.57 -47.89
N TYR J 125 -26.51 89.77 -48.96
CA TYR J 125 -25.76 88.52 -48.97
C TYR J 125 -24.80 88.53 -50.16
N GLY J 126 -23.60 87.99 -49.93
CA GLY J 126 -22.64 87.82 -51.02
C GLY J 126 -22.89 86.51 -51.75
N MET J 127 -22.83 86.58 -53.07
CA MET J 127 -23.11 85.44 -53.93
C MET J 127 -21.83 84.96 -54.59
N ASP J 128 -21.88 83.72 -55.08
CA ASP J 128 -20.75 83.07 -55.74
C ASP J 128 -21.20 82.63 -57.13
N PHE J 129 -20.64 83.26 -58.17
CA PHE J 129 -21.00 82.96 -59.54
C PHE J 129 -19.95 82.04 -60.15
N TYR J 130 -20.40 80.90 -60.67
CA TYR J 130 -19.54 79.96 -61.38
C TYR J 130 -20.23 79.54 -62.67
N VAL J 131 -19.49 79.58 -63.78
CA VAL J 131 -20.03 79.31 -65.11
C VAL J 131 -19.34 78.07 -65.67
N VAL J 132 -20.14 77.17 -66.24
CA VAL J 132 -19.63 75.96 -66.88
C VAL J 132 -19.86 76.10 -68.38
N LEU J 133 -18.77 76.08 -69.15
CA LEU J 133 -18.84 76.19 -70.60
C LEU J 133 -18.67 74.81 -71.23
N GLU J 134 -19.53 74.50 -72.20
CA GLU J 134 -19.47 73.21 -72.87
C GLU J 134 -19.87 73.39 -74.33
N ARG J 135 -19.36 72.50 -75.17
CA ARG J 135 -19.76 72.38 -76.56
C ARG J 135 -20.85 71.32 -76.70
N PRO J 136 -21.64 71.38 -77.76
CA PRO J 136 -22.62 70.30 -77.98
C PRO J 136 -21.91 68.96 -78.14
N GLY J 137 -22.52 67.92 -77.58
CA GLY J 137 -21.92 66.59 -77.57
C GLY J 137 -21.44 66.15 -76.21
N TYR J 138 -21.52 67.00 -75.18
CA TYR J 138 -21.14 66.60 -73.83
C TYR J 138 -22.12 65.60 -73.23
N ARG J 139 -23.26 65.36 -73.89
CA ARG J 139 -24.21 64.37 -73.38
C ARG J 139 -23.58 62.99 -73.29
N VAL J 140 -22.57 62.70 -74.10
CA VAL J 140 -21.97 61.37 -74.12
C VAL J 140 -21.44 61.01 -72.74
N ALA J 141 -20.98 61.99 -71.97
CA ALA J 141 -20.47 61.76 -70.63
C ALA J 141 -21.55 61.89 -69.56
N ARG J 142 -22.77 62.28 -69.93
CA ARG J 142 -23.86 62.47 -68.99
C ARG J 142 -24.97 61.45 -69.12
N ARG J 143 -25.15 60.87 -70.31
CA ARG J 143 -26.20 59.88 -70.52
C ARG J 143 -25.90 58.61 -69.71
N ARG J 144 -26.96 57.84 -69.45
CA ARG J 144 -26.81 56.62 -68.67
C ARG J 144 -26.30 55.45 -69.49
N ARG J 145 -26.74 55.34 -70.75
CA ARG J 145 -26.34 54.24 -71.61
C ARG J 145 -25.19 54.68 -72.52
N CYS J 146 -24.20 53.80 -72.66
CA CYS J 146 -23.02 54.09 -73.48
C CYS J 146 -22.31 55.36 -73.00
N LYS J 147 -22.22 55.52 -71.68
CA LYS J 147 -21.52 56.65 -71.11
C LYS J 147 -20.05 56.58 -71.52
N SER J 148 -19.51 57.70 -72.01
CA SER J 148 -18.17 57.74 -72.57
C SER J 148 -17.49 59.03 -72.12
N ARG J 149 -16.32 59.30 -72.70
CA ARG J 149 -15.56 60.51 -72.43
C ARG J 149 -15.54 61.39 -73.67
N VAL J 150 -15.69 62.70 -73.48
CA VAL J 150 -15.58 63.64 -74.58
C VAL J 150 -14.16 63.62 -75.10
N GLY J 151 -14.02 63.71 -76.44
CA GLY J 151 -12.70 63.74 -77.02
C GLY J 151 -11.88 64.91 -76.51
N ILE J 152 -10.57 64.69 -76.39
CA ILE J 152 -9.69 65.71 -75.84
C ILE J 152 -9.72 66.97 -76.70
N GLN J 153 -9.68 66.81 -78.02
CA GLN J 153 -9.71 67.97 -78.90
C GLN J 153 -11.03 68.71 -78.83
N HIS J 154 -12.12 68.04 -78.45
CA HIS J 154 -13.43 68.65 -78.40
C HIS J 154 -13.73 69.31 -77.05
N ARG J 155 -12.92 69.05 -76.03
CA ARG J 155 -13.14 69.67 -74.73
C ARG J 155 -12.77 71.15 -74.77
N VAL J 156 -13.45 71.93 -73.93
CA VAL J 156 -13.17 73.36 -73.81
C VAL J 156 -11.97 73.54 -72.89
N THR J 157 -10.93 74.18 -73.40
CA THR J 157 -9.70 74.37 -72.65
C THR J 157 -9.70 75.72 -71.95
N LYS J 158 -8.63 75.98 -71.19
CA LYS J 158 -8.50 77.26 -70.51
C LYS J 158 -8.42 78.41 -71.51
N GLU J 159 -7.67 78.22 -72.59
CA GLU J 159 -7.56 79.26 -73.61
C GLU J 159 -8.89 79.53 -74.29
N ASP J 160 -9.64 78.47 -74.59
CA ASP J 160 -10.92 78.65 -75.29
C ASP J 160 -11.90 79.46 -74.45
N SER J 161 -11.95 79.19 -73.15
CA SER J 161 -12.87 79.92 -72.27
C SER J 161 -12.53 81.41 -72.25
N MET J 162 -11.23 81.74 -72.22
CA MET J 162 -10.83 83.14 -72.20
C MET J 162 -11.27 83.86 -73.48
N LYS J 163 -11.06 83.22 -74.63
CA LYS J 163 -11.46 83.84 -75.89
C LYS J 163 -12.97 84.02 -75.96
N TRP J 164 -13.73 83.05 -75.46
CA TRP J 164 -15.18 83.19 -75.44
C TRP J 164 -15.61 84.39 -74.60
N PHE J 165 -14.98 84.58 -73.45
CA PHE J 165 -15.30 85.73 -72.60
C PHE J 165 -14.85 87.04 -73.22
N GLN J 166 -13.84 87.02 -74.08
CA GLN J 166 -13.34 88.23 -74.73
C GLN J 166 -14.11 88.60 -75.99
N VAL J 167 -15.02 87.75 -76.45
CA VAL J 167 -15.80 88.03 -77.66
C VAL J 167 -17.28 88.09 -77.30
N LYS J 168 -17.68 87.34 -76.26
CA LYS J 168 -19.07 87.35 -75.85
C LYS J 168 -19.41 88.64 -75.11
N TYR J 169 -18.52 89.09 -74.24
CA TYR J 169 -18.73 90.32 -73.46
C TYR J 169 -17.62 91.34 -73.67
N GLU J 170 -16.74 91.11 -74.64
CA GLU J 170 -15.59 91.98 -74.89
C GLU J 170 -14.94 92.44 -73.58
N GLY J 171 -14.72 91.47 -72.69
CA GLY J 171 -14.12 91.75 -71.42
C GLY J 171 -12.60 91.79 -71.48
N VAL J 172 -12.00 92.03 -70.32
CA VAL J 172 -10.55 92.14 -70.18
C VAL J 172 -10.08 91.16 -69.13
N ILE J 173 -8.92 90.56 -69.36
CA ILE J 173 -8.31 89.60 -68.45
C ILE J 173 -7.09 90.27 -67.84
N LEU J 174 -7.13 90.49 -66.53
CA LEU J 174 -6.04 91.15 -65.82
C LEU J 174 -5.15 90.11 -65.15
N ASN J 175 -3.91 89.99 -65.63
CA ASN J 175 -2.99 89.03 -65.05
C ASN J 175 -2.65 89.39 -63.61
N LYS J 176 -2.43 90.67 -63.33
CA LYS J 176 -2.04 91.13 -62.00
C LYS J 176 -0.82 90.37 -61.51
N MET K 1 -21.66 0.23 -14.71
CA MET K 1 -22.70 0.03 -15.75
C MET K 1 -22.10 0.21 -17.14
N LYS K 2 -22.38 -0.73 -18.04
CA LYS K 2 -21.68 -0.79 -19.31
C LYS K 2 -22.53 -1.54 -20.33
N HIS K 3 -22.31 -1.23 -21.61
CA HIS K 3 -22.93 -1.95 -22.71
C HIS K 3 -24.42 -1.65 -22.84
N ASN K 4 -25.08 -2.31 -23.78
CA ASN K 4 -26.52 -2.16 -23.99
C ASN K 4 -27.22 -3.28 -23.20
N ASN K 5 -27.77 -2.92 -22.05
CA ASN K 5 -28.51 -3.86 -21.22
C ASN K 5 -29.75 -3.14 -20.68
N VAL K 6 -30.76 -3.94 -20.32
CA VAL K 6 -31.90 -3.38 -19.61
C VAL K 6 -31.41 -2.71 -18.33
N ILE K 7 -32.05 -1.61 -17.96
CA ILE K 7 -31.68 -0.89 -16.75
C ILE K 7 -31.97 -1.80 -15.56
N PRO K 8 -30.98 -2.13 -14.73
CA PRO K 8 -31.25 -3.03 -13.60
C PRO K 8 -32.08 -2.33 -12.52
N ASN K 9 -32.94 -3.12 -11.87
CA ASN K 9 -33.76 -2.61 -10.77
C ASN K 9 -33.88 -3.66 -9.66
N GLY K 10 -32.77 -4.30 -9.32
CA GLY K 10 -32.79 -5.29 -8.26
C GLY K 10 -33.08 -4.66 -6.90
N HIS K 11 -34.08 -5.18 -6.20
CA HIS K 11 -34.47 -4.67 -4.88
C HIS K 11 -33.75 -5.47 -3.79
N PHE K 12 -32.43 -5.31 -3.76
CA PHE K 12 -31.59 -6.06 -2.83
C PHE K 12 -30.67 -5.12 -2.05
N LYS K 13 -31.21 -3.98 -1.60
CA LYS K 13 -30.45 -3.01 -0.84
C LYS K 13 -30.75 -3.06 0.65
N LYS K 14 -31.77 -3.79 1.08
CA LYS K 14 -32.07 -3.97 2.49
C LYS K 14 -31.33 -5.21 3.01
N HIS K 15 -31.65 -5.64 4.23
CA HIS K 15 -31.09 -6.87 4.80
C HIS K 15 -31.92 -8.08 4.36
N TRP K 16 -31.98 -8.28 3.04
CA TRP K 16 -32.89 -9.28 2.49
C TRP K 16 -32.51 -10.70 2.93
N GLN K 17 -31.23 -10.95 3.15
CA GLN K 17 -30.79 -12.29 3.54
C GLN K 17 -31.42 -12.75 4.85
N ASN K 18 -31.92 -11.83 5.66
CA ASN K 18 -32.61 -12.18 6.89
C ASN K 18 -34.09 -12.48 6.67
N TYR K 19 -34.59 -12.33 5.45
CA TYR K 19 -36.01 -12.53 5.15
C TYR K 19 -36.22 -13.49 3.99
N VAL K 20 -35.28 -14.42 3.79
CA VAL K 20 -35.41 -15.42 2.74
C VAL K 20 -36.31 -16.54 3.24
N ARG K 21 -37.30 -16.91 2.44
CA ARG K 21 -38.22 -18.00 2.74
C ARG K 21 -37.88 -19.17 1.84
N THR K 22 -37.31 -20.22 2.42
CA THR K 22 -37.03 -21.45 1.68
C THR K 22 -38.24 -22.36 1.69
N TRP K 23 -38.21 -23.37 0.82
CA TRP K 23 -39.34 -24.28 0.65
C TRP K 23 -38.92 -25.73 0.81
N PHE K 24 -37.88 -25.99 1.61
CA PHE K 24 -37.43 -27.35 1.83
C PHE K 24 -38.46 -28.18 2.58
N ASN K 25 -39.40 -27.54 3.26
CA ASN K 25 -40.48 -28.22 3.95
C ASN K 25 -41.70 -28.45 3.05
N GLN K 26 -41.60 -28.12 1.77
CA GLN K 26 -42.75 -28.28 0.88
C GLN K 26 -43.25 -29.72 0.84
N PRO K 27 -42.41 -30.74 0.65
CA PRO K 27 -42.92 -32.12 0.75
C PRO K 27 -43.53 -32.43 2.11
N ALA K 28 -42.93 -31.92 3.19
CA ALA K 28 -43.48 -32.18 4.52
C ALA K 28 -44.85 -31.53 4.69
N ARG K 29 -45.02 -30.32 4.15
CA ARG K 29 -46.33 -29.67 4.25
C ARG K 29 -47.40 -30.48 3.53
N LYS K 30 -47.07 -31.02 2.35
CA LYS K 30 -48.01 -31.89 1.65
C LYS K 30 -48.37 -33.09 2.50
N THR K 31 -47.39 -33.70 3.15
CA THR K 31 -47.65 -34.84 4.02
C THR K 31 -48.56 -34.47 5.18
N ARG K 32 -48.27 -33.34 5.84
CA ARG K 32 -49.04 -32.95 7.01
C ARG K 32 -50.49 -32.63 6.63
N ARG K 33 -50.69 -31.92 5.52
CA ARG K 33 -52.05 -31.57 5.11
C ARG K 33 -52.84 -32.81 4.69
N ARG K 34 -52.18 -33.77 4.02
CA ARG K 34 -52.87 -35.02 3.68
C ARG K 34 -53.27 -35.79 4.93
N ALA K 35 -52.40 -35.84 5.93
CA ALA K 35 -52.75 -36.51 7.17
C ALA K 35 -53.92 -35.82 7.87
N ALA K 36 -53.94 -34.49 7.86
CA ALA K 36 -55.05 -33.76 8.46
C ALA K 36 -56.36 -34.08 7.76
N ARG K 37 -56.35 -34.11 6.42
CA ARG K 37 -57.56 -34.46 5.68
C ARG K 37 -57.98 -35.89 5.96
N GLN K 38 -57.04 -36.83 6.00
CA GLN K 38 -57.37 -38.21 6.31
C GLN K 38 -57.96 -38.34 7.71
N LYS K 39 -57.37 -37.64 8.68
CA LYS K 39 -57.91 -37.66 10.03
C LYS K 39 -59.28 -37.01 10.09
N LYS K 40 -59.48 -35.91 9.36
CA LYS K 40 -60.78 -35.25 9.36
C LYS K 40 -61.86 -36.14 8.75
N ALA K 41 -61.51 -36.90 7.70
CA ALA K 41 -62.50 -37.74 7.04
C ALA K 41 -63.07 -38.78 7.99
N ALA K 42 -62.22 -39.39 8.82
CA ALA K 42 -62.69 -40.38 9.77
C ALA K 42 -63.54 -39.75 10.86
N THR K 43 -63.22 -38.51 11.26
CA THR K 43 -63.98 -37.85 12.31
C THR K 43 -65.42 -37.59 11.87
N ILE K 44 -65.63 -37.17 10.62
CA ILE K 44 -66.94 -36.77 10.14
C ILE K 44 -67.66 -37.90 9.41
N PHE K 45 -67.12 -39.11 9.46
CA PHE K 45 -67.76 -40.23 8.77
C PHE K 45 -69.19 -40.39 9.29
N PRO K 46 -70.17 -40.66 8.40
CA PRO K 46 -70.09 -40.84 6.96
C PRO K 46 -70.28 -39.57 6.13
N ARG K 47 -70.15 -38.41 6.74
CA ARG K 47 -70.37 -37.17 6.01
C ARG K 47 -69.33 -37.03 4.90
N PRO K 48 -69.71 -36.44 3.76
CA PRO K 48 -68.77 -36.38 2.63
C PRO K 48 -67.50 -35.62 2.97
N THR K 49 -66.37 -36.08 2.42
CA THR K 49 -65.09 -35.45 2.69
C THR K 49 -64.95 -34.11 1.98
N ALA K 50 -65.80 -33.82 0.99
CA ALA K 50 -65.72 -32.55 0.27
C ALA K 50 -66.19 -31.37 1.11
N GLY K 51 -66.89 -31.61 2.22
CA GLY K 51 -67.36 -30.53 3.05
C GLY K 51 -68.77 -30.10 2.69
N SER K 52 -69.10 -28.89 3.14
CA SER K 52 -70.45 -28.37 2.96
C SER K 52 -70.73 -28.06 1.49
N LEU K 53 -72.02 -28.05 1.16
CA LEU K 53 -72.44 -27.68 -0.19
C LEU K 53 -72.25 -26.18 -0.40
N ARG K 54 -71.62 -25.81 -1.51
CA ARG K 54 -71.38 -24.41 -1.83
C ARG K 54 -72.23 -23.98 -3.02
N PRO K 55 -72.63 -22.72 -3.08
CA PRO K 55 -73.45 -22.25 -4.20
C PRO K 55 -72.62 -21.96 -5.44
N ILE K 56 -73.32 -21.72 -6.54
CA ILE K 56 -72.72 -21.30 -7.80
C ILE K 56 -72.79 -19.78 -7.86
N VAL K 57 -71.65 -19.14 -8.12
CA VAL K 57 -71.57 -17.69 -8.20
C VAL K 57 -70.76 -17.31 -9.43
N HIS K 58 -71.01 -16.09 -9.92
CA HIS K 58 -70.29 -15.57 -11.06
C HIS K 58 -68.97 -14.96 -10.63
N GLY K 59 -67.99 -14.99 -11.54
CA GLY K 59 -66.76 -14.27 -11.31
C GLY K 59 -66.98 -12.76 -11.35
N GLN K 60 -66.15 -12.04 -10.62
CA GLN K 60 -66.30 -10.61 -10.47
C GLN K 60 -65.58 -9.86 -11.58
N THR K 61 -66.09 -8.65 -11.87
CA THR K 61 -65.52 -7.77 -12.88
C THR K 61 -65.80 -8.27 -14.29
N LEU K 62 -65.50 -7.42 -15.29
CA LEU K 62 -65.76 -7.76 -16.67
C LEU K 62 -64.87 -8.91 -17.17
N LYS K 63 -63.72 -9.13 -16.54
CA LYS K 63 -62.78 -10.13 -17.05
C LYS K 63 -63.24 -11.55 -16.73
N TYR K 64 -64.01 -11.75 -15.66
CA TYR K 64 -64.37 -13.08 -15.21
C TYR K 64 -65.87 -13.29 -15.05
N ASN K 65 -66.71 -12.41 -15.59
CA ASN K 65 -68.15 -12.56 -15.40
C ASN K 65 -68.76 -13.64 -16.29
N MET K 66 -68.00 -14.22 -17.20
CA MET K 66 -68.50 -15.29 -18.05
C MET K 66 -68.37 -16.67 -17.42
N LYS K 67 -67.67 -16.80 -16.30
CA LYS K 67 -67.47 -18.08 -15.65
C LYS K 67 -68.18 -18.13 -14.31
N VAL K 68 -68.30 -19.35 -13.78
CA VAL K 68 -68.92 -19.58 -12.49
C VAL K 68 -67.95 -20.34 -11.61
N ARG K 69 -68.12 -20.18 -10.30
CA ARG K 69 -67.26 -20.83 -9.32
C ARG K 69 -68.07 -21.07 -8.05
N ALA K 70 -67.44 -21.75 -7.11
CA ALA K 70 -68.04 -21.99 -5.81
C ALA K 70 -68.00 -20.71 -4.98
N GLY K 71 -69.12 -20.38 -4.34
CA GLY K 71 -69.21 -19.26 -3.43
C GLY K 71 -69.08 -19.70 -1.98
N ARG K 72 -69.32 -18.74 -1.08
CA ARG K 72 -69.20 -19.02 0.34
C ARG K 72 -70.39 -19.84 0.84
N GLY K 73 -71.60 -19.33 0.67
CA GLY K 73 -72.77 -20.03 1.16
C GLY K 73 -74.03 -19.53 0.49
N PHE K 74 -75.09 -20.33 0.62
CA PHE K 74 -76.36 -19.98 0.00
C PHE K 74 -77.00 -18.81 0.72
N SER K 75 -77.58 -17.90 -0.05
CA SER K 75 -78.21 -16.72 0.52
C SER K 75 -79.49 -17.09 1.25
N LEU K 76 -79.93 -16.19 2.13
CA LEU K 76 -81.16 -16.43 2.88
C LEU K 76 -82.36 -16.52 1.94
N GLU K 77 -82.38 -15.69 0.89
CA GLU K 77 -83.47 -15.76 -0.06
C GLU K 77 -83.47 -17.10 -0.80
N GLU K 78 -82.29 -17.60 -1.17
CA GLU K 78 -82.22 -18.90 -1.83
C GLU K 78 -82.70 -20.02 -0.91
N LEU K 79 -82.31 -19.98 0.36
CA LEU K 79 -82.73 -21.01 1.31
C LEU K 79 -84.25 -20.99 1.49
N LYS K 80 -84.83 -19.80 1.62
CA LYS K 80 -86.28 -19.71 1.80
C LYS K 80 -87.03 -20.24 0.59
N ALA K 81 -86.53 -19.93 -0.61
CA ALA K 81 -87.17 -20.43 -1.82
C ALA K 81 -87.12 -21.96 -1.87
N ALA K 82 -86.01 -22.55 -1.42
CA ALA K 82 -85.87 -23.99 -1.36
C ALA K 82 -86.59 -24.62 -0.17
N GLY K 83 -87.17 -23.82 0.71
CA GLY K 83 -87.87 -24.33 1.86
C GLY K 83 -86.98 -25.00 2.90
N ILE K 84 -85.81 -24.43 3.14
CA ILE K 84 -84.89 -24.95 4.16
C ILE K 84 -84.64 -23.84 5.18
N PRO K 85 -85.07 -23.99 6.43
CA PRO K 85 -84.81 -22.93 7.41
C PRO K 85 -83.32 -22.70 7.60
N LYS K 86 -82.95 -21.43 7.77
CA LYS K 86 -81.54 -21.06 7.78
C LYS K 86 -80.79 -21.69 8.96
N LYS K 87 -81.47 -21.89 10.08
CA LYS K 87 -80.81 -22.49 11.24
C LYS K 87 -80.57 -23.99 11.06
N LEU K 88 -81.36 -24.65 10.21
CA LEU K 88 -81.17 -26.07 9.94
C LEU K 88 -80.15 -26.34 8.85
N ALA K 89 -79.99 -25.41 7.91
CA ALA K 89 -79.11 -25.65 6.76
C ALA K 89 -77.69 -26.00 7.17
N PRO K 90 -77.01 -25.26 8.05
CA PRO K 90 -75.62 -25.61 8.36
C PRO K 90 -75.45 -26.94 9.05
N THR K 91 -76.50 -27.47 9.68
CA THR K 91 -76.40 -28.74 10.38
C THR K 91 -76.55 -29.94 9.47
N ILE K 92 -76.85 -29.74 8.19
CA ILE K 92 -77.00 -30.83 7.23
C ILE K 92 -76.07 -30.61 6.05
N GLY K 93 -74.96 -29.92 6.28
CA GLY K 93 -73.94 -29.77 5.26
C GLY K 93 -74.22 -28.73 4.20
N ILE K 94 -74.97 -27.68 4.52
CA ILE K 94 -75.26 -26.60 3.59
C ILE K 94 -74.66 -25.32 4.15
N ALA K 95 -73.76 -24.70 3.38
CA ALA K 95 -73.16 -23.45 3.79
C ALA K 95 -74.17 -22.30 3.64
N VAL K 96 -74.15 -21.39 4.60
CA VAL K 96 -75.09 -20.26 4.64
C VAL K 96 -74.28 -18.97 4.63
N ASP K 97 -74.67 -18.05 3.75
CA ASP K 97 -74.04 -16.73 3.67
C ASP K 97 -75.15 -15.69 3.75
N HIS K 98 -75.28 -15.04 4.91
CA HIS K 98 -76.33 -14.05 5.12
C HIS K 98 -76.02 -12.71 4.47
N ARG K 99 -74.82 -12.54 3.92
CA ARG K 99 -74.45 -11.27 3.29
C ARG K 99 -74.79 -11.21 1.80
N ARG K 100 -74.84 -12.35 1.12
CA ARG K 100 -74.96 -12.33 -0.33
C ARG K 100 -76.35 -11.89 -0.76
N ARG K 101 -76.40 -10.97 -1.71
CA ARG K 101 -77.64 -10.47 -2.29
C ARG K 101 -78.00 -11.27 -3.54
N ASN K 102 -79.22 -11.07 -4.02
CA ASN K 102 -79.71 -11.69 -5.25
C ASN K 102 -80.25 -10.60 -6.16
N ARG K 103 -79.44 -10.16 -7.12
CA ARG K 103 -79.84 -9.10 -8.04
C ARG K 103 -80.61 -9.59 -9.25
N SER K 104 -80.64 -10.90 -9.51
CA SER K 104 -81.25 -11.43 -10.72
C SER K 104 -82.01 -12.71 -10.40
N LEU K 105 -82.97 -13.03 -11.25
CA LEU K 105 -83.75 -14.25 -11.10
C LEU K 105 -82.94 -15.48 -11.51
N GLU K 106 -82.10 -15.34 -12.54
CA GLU K 106 -81.33 -16.48 -13.01
C GLU K 106 -80.38 -17.00 -11.93
N GLY K 107 -79.69 -16.09 -11.25
CA GLY K 107 -78.80 -16.51 -10.18
C GLY K 107 -79.54 -17.17 -9.04
N LEU K 108 -80.69 -16.61 -8.67
CA LEU K 108 -81.49 -17.19 -7.60
C LEU K 108 -81.98 -18.58 -7.98
N GLN K 109 -82.44 -18.76 -9.22
CA GLN K 109 -83.00 -20.04 -9.63
C GLN K 109 -81.92 -21.11 -9.76
N THR K 110 -80.71 -20.74 -10.19
CA THR K 110 -79.65 -21.73 -10.34
C THR K 110 -79.32 -22.39 -9.01
N ASN K 111 -79.20 -21.60 -7.94
CA ASN K 111 -78.85 -22.15 -6.64
C ASN K 111 -80.04 -22.84 -5.97
N VAL K 112 -81.27 -22.40 -6.26
CA VAL K 112 -82.44 -23.07 -5.69
C VAL K 112 -82.52 -24.50 -6.20
N GLN K 113 -82.30 -24.70 -7.50
CA GLN K 113 -82.28 -26.05 -8.05
C GLN K 113 -81.13 -26.86 -7.47
N ARG K 114 -79.99 -26.22 -7.24
CA ARG K 114 -78.86 -26.91 -6.63
C ARG K 114 -79.21 -27.44 -5.24
N LEU K 115 -79.92 -26.63 -4.45
CA LEU K 115 -80.35 -27.09 -3.13
C LEU K 115 -81.32 -28.26 -3.23
N LYS K 116 -82.27 -28.19 -4.15
CA LYS K 116 -83.24 -29.27 -4.30
C LYS K 116 -82.57 -30.56 -4.74
N THR K 117 -81.59 -30.46 -5.65
CA THR K 117 -80.84 -31.64 -6.06
C THR K 117 -80.08 -32.23 -4.88
N TYR K 118 -79.48 -31.38 -4.06
CA TYR K 118 -78.76 -31.86 -2.88
C TYR K 118 -79.68 -32.57 -1.91
N LYS K 119 -80.87 -32.00 -1.68
CA LYS K 119 -81.82 -32.63 -0.77
C LYS K 119 -82.33 -33.96 -1.31
N ALA K 120 -82.35 -34.13 -2.64
CA ALA K 120 -82.84 -35.36 -3.23
C ALA K 120 -81.96 -36.54 -2.83
N LYS K 121 -80.64 -36.34 -2.80
CA LYS K 121 -79.68 -37.39 -2.49
C LYS K 121 -79.02 -37.17 -1.14
N LEU K 122 -79.79 -36.70 -0.17
CA LEU K 122 -79.32 -36.47 1.19
C LEU K 122 -80.01 -37.46 2.14
N VAL K 123 -79.21 -38.21 2.88
CA VAL K 123 -79.69 -39.17 3.87
C VAL K 123 -79.37 -38.61 5.25
N ILE K 124 -80.40 -38.44 6.08
CA ILE K 124 -80.25 -37.87 7.41
C ILE K 124 -80.55 -38.97 8.43
N PHE K 125 -79.58 -39.24 9.28
CA PHE K 125 -79.77 -40.21 10.35
C PHE K 125 -80.56 -39.58 11.50
N PRO K 126 -81.39 -40.35 12.20
CA PRO K 126 -82.11 -39.79 13.34
C PRO K 126 -81.17 -39.43 14.48
N ARG K 127 -81.58 -38.43 15.25
CA ARG K 127 -80.77 -38.00 16.39
C ARG K 127 -80.63 -39.11 17.42
N ARG K 128 -81.71 -39.84 17.67
CA ARG K 128 -81.70 -40.97 18.58
C ARG K 128 -82.03 -42.24 17.82
N ALA K 129 -81.54 -43.37 18.33
CA ALA K 129 -81.52 -44.62 17.55
C ALA K 129 -82.91 -45.00 17.05
N LYS K 130 -83.84 -45.23 17.96
CA LYS K 130 -85.10 -45.88 17.58
C LYS K 130 -86.09 -44.89 16.98
N LYS K 131 -86.56 -43.94 17.77
CA LYS K 131 -87.62 -43.05 17.33
C LYS K 131 -87.15 -42.20 16.14
N VAL K 132 -87.98 -42.14 15.11
CA VAL K 132 -87.68 -41.42 13.87
C VAL K 132 -88.54 -40.16 13.81
N LYS K 133 -87.91 -39.05 13.49
CA LYS K 133 -88.56 -37.74 13.44
C LYS K 133 -88.62 -37.23 12.00
N ALA K 134 -89.23 -36.07 11.83
CA ALA K 134 -89.39 -35.49 10.50
C ALA K 134 -88.02 -35.16 9.89
N GLY K 135 -87.89 -35.41 8.59
CA GLY K 135 -86.67 -35.16 7.86
C GLY K 135 -85.69 -36.31 7.84
N ASP K 136 -85.85 -37.30 8.72
CA ASP K 136 -84.94 -38.42 8.77
C ASP K 136 -85.33 -39.46 7.72
N SER K 137 -84.35 -40.25 7.31
CA SER K 137 -84.57 -41.33 6.35
C SER K 137 -84.95 -42.62 7.08
N SER K 138 -85.45 -43.58 6.31
CA SER K 138 -85.86 -44.87 6.85
C SER K 138 -85.47 -45.96 5.87
N ALA K 139 -84.73 -46.95 6.34
CA ALA K 139 -84.23 -48.09 5.56
C ALA K 139 -83.10 -47.70 4.62
N GLU K 140 -82.79 -46.41 4.47
CA GLU K 140 -81.68 -45.96 3.65
C GLU K 140 -80.41 -45.72 4.46
N GLU K 141 -80.47 -45.85 5.78
CA GLU K 141 -79.30 -45.61 6.63
C GLU K 141 -78.25 -46.70 6.46
N LEU K 142 -78.61 -47.85 5.89
CA LEU K 142 -77.68 -48.94 5.70
C LEU K 142 -77.45 -49.30 4.24
N ALA K 143 -78.44 -49.04 3.37
CA ALA K 143 -78.32 -49.44 1.97
C ALA K 143 -77.15 -48.73 1.30
N ASN K 144 -77.20 -47.40 1.22
CA ASN K 144 -76.20 -46.61 0.53
C ASN K 144 -75.65 -45.51 1.42
N ALA K 145 -75.41 -45.83 2.70
CA ALA K 145 -74.86 -44.86 3.64
C ALA K 145 -73.34 -45.04 3.69
N THR K 146 -72.68 -44.45 2.70
CA THR K 146 -71.22 -44.50 2.60
C THR K 146 -70.68 -43.08 2.48
N GLN K 147 -69.41 -42.92 2.83
CA GLN K 147 -68.75 -41.63 2.77
C GLN K 147 -68.26 -41.38 1.35
N VAL K 148 -68.79 -40.35 0.72
CA VAL K 148 -68.42 -40.01 -0.66
C VAL K 148 -67.13 -39.20 -0.64
N GLN K 149 -66.15 -39.63 -1.43
CA GLN K 149 -64.90 -38.91 -1.59
C GLN K 149 -64.95 -38.07 -2.84
N GLY K 150 -64.38 -36.86 -2.75
CA GLY K 150 -64.38 -35.94 -3.86
C GLY K 150 -65.69 -35.22 -3.99
N PRO K 151 -65.79 -34.31 -4.97
CA PRO K 151 -67.03 -33.56 -5.16
C PRO K 151 -68.18 -34.47 -5.56
N TYR K 152 -69.38 -34.08 -5.14
CA TYR K 152 -70.60 -34.79 -5.50
C TYR K 152 -71.55 -33.98 -6.37
N LEU K 153 -71.44 -32.66 -6.35
CA LEU K 153 -72.19 -31.78 -7.25
C LEU K 153 -71.21 -30.80 -7.88
N PRO K 154 -70.32 -31.28 -8.74
CA PRO K 154 -69.26 -30.41 -9.25
C PRO K 154 -69.80 -29.21 -10.02
N ILE K 155 -69.14 -28.08 -9.84
CA ILE K 155 -69.44 -26.86 -10.57
C ILE K 155 -68.52 -26.83 -11.79
N VAL K 156 -69.07 -27.07 -12.97
CA VAL K 156 -68.29 -27.22 -14.19
C VAL K 156 -68.90 -26.39 -15.30
N ARG K 157 -68.10 -26.15 -16.33
CA ARG K 157 -68.54 -25.43 -17.52
C ARG K 157 -69.22 -26.39 -18.48
N ASP K 158 -70.29 -25.91 -19.10
CA ASP K 158 -71.02 -26.65 -20.14
C ASP K 158 -70.96 -25.83 -21.42
N GLN K 159 -69.88 -26.00 -22.18
CA GLN K 159 -69.68 -25.22 -23.39
C GLN K 159 -70.68 -25.68 -24.46
N PRO K 160 -71.48 -24.79 -25.02
CA PRO K 160 -72.42 -25.21 -26.07
C PRO K 160 -71.69 -25.60 -27.35
N ALA K 161 -72.28 -26.55 -28.06
CA ALA K 161 -71.72 -26.95 -29.35
C ALA K 161 -72.03 -25.89 -30.40
N ILE K 162 -71.17 -25.82 -31.42
CA ILE K 162 -71.38 -24.86 -32.50
C ILE K 162 -72.70 -25.18 -33.19
N GLU K 163 -73.55 -24.16 -33.33
CA GLU K 163 -74.83 -24.30 -34.00
C GLU K 163 -74.78 -23.61 -35.35
N LEU K 164 -75.33 -24.28 -36.37
CA LEU K 164 -75.38 -23.76 -37.72
C LEU K 164 -76.76 -23.16 -37.97
N VAL K 165 -76.80 -21.86 -38.27
CA VAL K 165 -78.04 -21.14 -38.47
C VAL K 165 -78.15 -20.76 -39.95
N LYS K 166 -79.33 -20.26 -40.32
CA LYS K 166 -79.60 -19.79 -41.67
C LYS K 166 -79.50 -18.28 -41.68
N ILE K 167 -78.66 -17.75 -42.57
CA ILE K 167 -78.40 -16.31 -42.61
C ILE K 167 -79.55 -15.63 -43.33
N THR K 168 -80.30 -14.81 -42.61
CA THR K 168 -81.40 -14.05 -43.18
C THR K 168 -80.89 -12.70 -43.68
N ASP K 169 -81.65 -12.12 -44.62
CA ASP K 169 -81.28 -10.82 -45.16
C ASP K 169 -81.27 -9.75 -44.09
N GLU K 170 -82.05 -9.91 -43.02
CA GLU K 170 -82.02 -8.95 -41.92
C GLU K 170 -80.65 -8.91 -41.26
N MET K 171 -80.05 -10.07 -41.02
CA MET K 171 -78.75 -10.12 -40.37
C MET K 171 -77.65 -9.60 -41.30
N LYS K 172 -77.77 -9.87 -42.61
CA LYS K 172 -76.75 -9.40 -43.54
C LYS K 172 -76.72 -7.89 -43.64
N SER K 173 -77.87 -7.23 -43.47
CA SER K 173 -77.93 -5.78 -43.54
C SER K 173 -77.53 -5.10 -42.24
N PHE K 174 -77.43 -5.84 -41.14
CA PHE K 174 -77.07 -5.25 -39.86
C PHE K 174 -75.64 -4.73 -39.90
N LYS K 175 -75.46 -3.46 -39.52
CA LYS K 175 -74.15 -2.82 -39.52
C LYS K 175 -73.63 -2.84 -38.09
N ALA K 176 -72.84 -3.88 -37.77
CA ALA K 176 -72.36 -4.05 -36.40
C ALA K 176 -71.46 -2.89 -36.00
N TYR K 177 -70.50 -2.52 -36.85
CA TYR K 177 -69.59 -1.45 -36.50
C TYR K 177 -70.33 -0.12 -36.33
N GLY K 178 -71.27 0.17 -37.23
CA GLY K 178 -72.06 1.39 -37.09
C GLY K 178 -72.82 1.42 -35.79
N LYS K 179 -73.36 0.28 -35.37
CA LYS K 179 -74.08 0.20 -34.10
C LYS K 179 -73.16 0.55 -32.94
N LEU K 180 -71.94 0.00 -32.94
CA LEU K 180 -71.00 0.26 -31.85
C LEU K 180 -70.64 1.74 -31.79
N ARG K 181 -70.34 2.35 -32.93
CA ARG K 181 -69.96 3.75 -32.94
C ARG K 181 -71.10 4.65 -32.48
N ILE K 182 -72.33 4.36 -32.93
CA ILE K 182 -73.48 5.14 -32.51
C ILE K 182 -73.71 4.98 -31.01
N GLU K 183 -73.62 3.76 -30.51
CA GLU K 183 -73.83 3.53 -29.08
C GLU K 183 -72.78 4.23 -28.23
N ARG K 184 -71.51 4.17 -28.66
CA ARG K 184 -70.46 4.88 -27.94
C ARG K 184 -70.72 6.38 -27.93
N THR K 185 -71.12 6.93 -29.09
CA THR K 185 -71.35 8.37 -29.18
C THR K 185 -72.49 8.80 -28.27
N ASN K 186 -73.58 8.03 -28.23
CA ASN K 186 -74.71 8.40 -27.39
C ASN K 186 -74.34 8.35 -25.91
N ALA K 187 -73.39 7.50 -25.53
CA ALA K 187 -73.02 7.39 -24.12
C ALA K 187 -72.25 8.61 -23.65
N ARG K 188 -71.28 9.08 -24.42
CA ARG K 188 -70.44 10.19 -24.00
C ARG K 188 -71.06 11.55 -24.26
N HIS K 189 -72.23 11.61 -24.89
CA HIS K 189 -72.98 12.85 -25.06
C HIS K 189 -74.28 12.83 -24.27
N PHE K 190 -74.50 11.81 -23.45
CA PHE K 190 -75.74 11.74 -22.67
C PHE K 190 -75.85 12.92 -21.71
N GLY K 191 -74.74 13.28 -21.05
CA GLY K 191 -74.79 14.39 -20.11
C GLY K 191 -75.04 15.72 -20.78
N ALA K 192 -74.37 15.99 -21.89
CA ALA K 192 -74.55 17.25 -22.59
C ALA K 192 -75.97 17.40 -23.13
N ARG K 193 -76.51 16.34 -23.71
CA ARG K 193 -77.86 16.42 -24.28
C ARG K 193 -78.91 16.62 -23.19
N LEU K 194 -78.75 15.92 -22.06
CA LEU K 194 -79.68 16.12 -20.95
C LEU K 194 -79.57 17.53 -20.39
N LYS K 195 -78.36 18.11 -20.43
CA LYS K 195 -78.19 19.47 -19.93
C LYS K 195 -79.01 20.46 -20.74
N ARG K 196 -78.86 20.43 -22.08
CA ARG K 196 -79.56 21.40 -22.91
C ARG K 196 -81.07 21.20 -22.86
N ALA K 197 -81.52 19.95 -22.75
CA ALA K 197 -82.95 19.70 -22.62
C ALA K 197 -83.50 20.34 -21.35
N ALA K 198 -82.78 20.20 -20.24
CA ALA K 198 -83.20 20.84 -19.00
C ALA K 198 -83.19 22.36 -19.13
N GLU K 199 -82.13 22.91 -19.75
CA GLU K 199 -82.05 24.35 -19.94
C GLU K 199 -83.19 24.85 -20.82
N ALA K 200 -83.58 24.06 -21.83
CA ALA K 200 -84.70 24.46 -22.68
C ALA K 200 -85.97 24.60 -21.86
N GLU K 201 -86.18 23.72 -20.89
CA GLU K 201 -87.37 23.82 -20.04
C GLU K 201 -87.37 25.11 -19.26
N LYS K 202 -86.21 25.51 -18.73
CA LYS K 202 -86.12 26.77 -17.98
C LYS K 202 -86.50 27.94 -18.86
N GLU K 203 -85.98 27.98 -20.09
CA GLU K 203 -86.34 29.05 -21.01
C GLU K 203 -87.82 28.98 -21.37
N GLU K 204 -88.34 27.77 -21.59
CA GLU K 204 -89.74 27.59 -21.94
C GLU K 204 -90.61 27.50 -20.69
N PRO L 2 79.67 1.74 -48.79
CA PRO L 2 79.62 1.29 -50.19
C PRO L 2 78.69 0.10 -50.39
N PHE L 3 77.58 0.32 -51.08
CA PHE L 3 76.62 -0.76 -51.33
C PHE L 3 77.09 -1.61 -52.50
N LYS L 4 76.72 -2.89 -52.45
CA LYS L 4 77.18 -3.85 -53.45
C LYS L 4 76.25 -3.98 -54.64
N ARG L 5 74.95 -3.82 -54.44
CA ARG L 5 73.96 -4.01 -55.49
C ARG L 5 73.10 -2.75 -55.61
N PHE L 6 72.82 -2.37 -56.85
CA PHE L 6 72.01 -1.18 -57.14
C PHE L 6 70.93 -1.52 -58.14
N VAL L 7 69.82 -0.79 -58.06
CA VAL L 7 68.76 -0.88 -59.06
C VAL L 7 69.21 -0.05 -60.27
N GLU L 8 69.40 -0.71 -61.40
CA GLU L 8 69.82 -0.02 -62.62
C GLU L 8 69.40 -0.84 -63.82
N ILE L 9 69.41 -0.19 -64.99
CA ILE L 9 69.03 -0.86 -66.22
C ILE L 9 70.06 -1.93 -66.54
N GLY L 10 69.60 -3.17 -66.63
CA GLY L 10 70.46 -4.32 -66.84
C GLY L 10 70.62 -5.20 -65.62
N ARG L 11 70.25 -4.70 -64.44
CA ARG L 11 70.35 -5.51 -63.23
C ARG L 11 69.42 -6.72 -63.33
N VAL L 12 69.96 -7.88 -62.97
CA VAL L 12 69.18 -9.12 -62.93
C VAL L 12 68.65 -9.30 -61.51
N ALA L 13 67.35 -9.54 -61.40
CA ALA L 13 66.69 -9.66 -60.10
C ALA L 13 65.95 -10.99 -60.02
N LEU L 14 65.81 -11.48 -58.79
CA LEU L 14 65.09 -12.70 -58.49
C LEU L 14 63.74 -12.34 -57.87
N ILE L 15 62.67 -12.92 -58.38
CA ILE L 15 61.35 -12.73 -57.78
C ILE L 15 61.30 -13.57 -56.51
N ASN L 16 61.20 -12.91 -55.36
CA ASN L 16 61.24 -13.58 -54.07
C ASN L 16 59.86 -13.78 -53.45
N TYR L 17 58.80 -13.42 -54.15
CA TYR L 17 57.46 -13.56 -53.60
C TYR L 17 56.45 -13.67 -54.74
N GLY L 18 55.42 -14.47 -54.53
CA GLY L 18 54.32 -14.58 -55.47
C GLY L 18 54.39 -15.83 -56.32
N LYS L 19 53.66 -15.78 -57.44
CA LYS L 19 53.61 -16.92 -58.35
C LYS L 19 54.90 -17.05 -59.14
N ASP L 20 55.51 -15.93 -59.51
CA ASP L 20 56.75 -15.94 -60.28
C ASP L 20 57.99 -16.20 -59.43
N TYR L 21 57.81 -16.70 -58.21
CA TYR L 21 58.95 -16.94 -57.34
C TYR L 21 59.94 -17.89 -58.00
N GLY L 22 61.23 -17.58 -57.86
CA GLY L 22 62.29 -18.39 -58.41
C GLY L 22 62.72 -18.03 -59.81
N ARG L 23 62.00 -17.14 -60.49
CA ARG L 23 62.34 -16.75 -61.85
C ARG L 23 63.27 -15.55 -61.84
N LEU L 24 64.08 -15.44 -62.89
CA LEU L 24 64.98 -14.32 -63.08
C LEU L 24 64.37 -13.33 -64.07
N VAL L 25 64.49 -12.04 -63.74
CA VAL L 25 64.03 -10.98 -64.60
C VAL L 25 65.12 -9.91 -64.68
N VAL L 26 65.02 -9.07 -65.72
CA VAL L 26 65.97 -8.00 -65.96
C VAL L 26 65.23 -6.67 -65.81
N ILE L 27 65.79 -5.77 -65.00
CA ILE L 27 65.23 -4.44 -64.84
C ILE L 27 65.57 -3.64 -66.08
N VAL L 28 64.56 -3.35 -66.91
CA VAL L 28 64.76 -2.61 -68.15
C VAL L 28 64.37 -1.14 -68.02
N ASP L 29 63.67 -0.76 -66.96
CA ASP L 29 63.30 0.63 -66.74
C ASP L 29 62.74 0.74 -65.33
N VAL L 30 62.79 1.96 -64.79
CA VAL L 30 62.32 2.25 -63.43
C VAL L 30 61.15 3.22 -63.53
N ILE L 31 60.03 2.84 -62.92
CA ILE L 31 58.84 3.69 -62.92
C ILE L 31 58.96 4.75 -61.84
N ASP L 32 59.08 4.32 -60.59
CA ASP L 32 59.22 5.21 -59.45
C ASP L 32 60.05 4.51 -58.38
N GLN L 33 60.02 5.04 -57.16
CA GLN L 33 60.80 4.46 -56.08
C GLN L 33 60.38 3.04 -55.76
N ASN L 34 59.10 2.71 -55.95
CA ASN L 34 58.57 1.43 -55.52
C ASN L 34 58.42 0.41 -56.64
N ARG L 35 58.44 0.84 -57.90
CA ARG L 35 58.13 -0.03 -59.02
C ARG L 35 59.19 0.07 -60.10
N ALA L 36 59.41 -1.05 -60.80
CA ALA L 36 60.32 -1.11 -61.92
C ALA L 36 59.66 -1.87 -63.06
N LEU L 37 60.17 -1.65 -64.27
CA LEU L 37 59.72 -2.36 -65.46
C LEU L 37 60.69 -3.51 -65.71
N VAL L 38 60.19 -4.73 -65.64
CA VAL L 38 61.02 -5.93 -65.73
C VAL L 38 60.60 -6.73 -66.95
N ASP L 39 61.57 -7.43 -67.53
CA ASP L 39 61.33 -8.25 -68.71
C ASP L 39 62.18 -9.51 -68.62
N ALA L 40 61.63 -10.62 -69.09
CA ALA L 40 62.33 -11.90 -69.12
C ALA L 40 62.07 -12.55 -70.47
N PRO L 41 62.93 -13.48 -70.89
CA PRO L 41 62.72 -14.12 -72.20
C PRO L 41 61.37 -14.81 -72.34
N ASP L 42 60.84 -15.38 -71.26
CA ASP L 42 59.63 -16.19 -71.32
C ASP L 42 58.40 -15.48 -70.76
N MET L 43 58.46 -14.16 -70.60
CA MET L 43 57.32 -13.42 -70.05
C MET L 43 57.19 -12.09 -70.77
N VAL L 44 55.99 -11.52 -70.69
CA VAL L 44 55.71 -10.21 -71.28
C VAL L 44 56.24 -9.13 -70.35
N ARG L 45 56.80 -8.08 -70.93
CA ARG L 45 57.31 -6.96 -70.15
C ARG L 45 56.20 -6.38 -69.29
N SER L 46 56.49 -6.19 -68.00
CA SER L 46 55.47 -5.76 -67.04
C SER L 46 56.16 -5.07 -65.88
N GLN L 47 55.35 -4.36 -65.09
CA GLN L 47 55.84 -3.69 -63.90
C GLN L 47 55.63 -4.57 -62.68
N MET L 48 56.48 -4.38 -61.67
CA MET L 48 56.31 -5.06 -60.39
C MET L 48 57.01 -4.26 -59.31
N ASN L 49 56.56 -4.45 -58.08
CA ASN L 49 57.09 -3.74 -56.94
C ASN L 49 58.45 -4.31 -56.53
N PHE L 50 59.32 -3.43 -56.03
CA PHE L 50 60.62 -3.89 -55.54
C PHE L 50 60.48 -4.79 -54.33
N LYS L 51 59.36 -4.73 -53.61
CA LYS L 51 59.17 -5.60 -52.45
C LYS L 51 59.15 -7.07 -52.83
N ARG L 52 58.94 -7.39 -54.11
CA ARG L 52 58.92 -8.76 -54.59
C ARG L 52 60.19 -9.14 -55.35
N LEU L 53 61.24 -8.31 -55.30
CA LEU L 53 62.46 -8.54 -56.05
C LEU L 53 63.66 -8.59 -55.11
N SER L 54 64.57 -9.50 -55.40
CA SER L 54 65.85 -9.61 -54.71
C SER L 54 66.96 -9.40 -55.74
N LEU L 55 67.68 -8.29 -55.63
CA LEU L 55 68.74 -7.99 -56.58
C LEU L 55 69.86 -9.01 -56.46
N THR L 56 70.43 -9.39 -57.60
CA THR L 56 71.56 -10.31 -57.67
C THR L 56 72.81 -9.56 -58.07
N ASP L 57 73.92 -10.28 -58.16
CA ASP L 57 75.20 -9.72 -58.58
C ASP L 57 75.36 -9.68 -60.09
N ILE L 58 74.43 -10.25 -60.84
CA ILE L 58 74.51 -10.29 -62.30
C ILE L 58 73.92 -9.01 -62.87
N LYS L 59 74.58 -8.47 -63.90
CA LYS L 59 74.12 -7.24 -64.53
C LYS L 59 74.55 -7.28 -65.99
N ILE L 60 73.58 -7.36 -66.90
CA ILE L 60 73.86 -7.38 -68.33
C ILE L 60 73.95 -5.95 -68.85
N ASP L 61 74.51 -5.78 -70.04
CA ASP L 61 74.69 -4.46 -70.64
C ASP L 61 73.61 -4.28 -71.72
N ILE L 62 72.56 -3.53 -71.37
CA ILE L 62 71.46 -3.25 -72.28
C ILE L 62 71.09 -1.77 -72.16
N LYS L 63 70.39 -1.29 -73.18
CA LYS L 63 69.81 0.04 -73.15
C LYS L 63 68.40 -0.03 -72.57
N ARG L 64 67.82 1.14 -72.31
CA ARG L 64 66.51 1.21 -71.69
C ARG L 64 65.46 0.58 -72.59
N ILE L 65 64.57 -0.20 -71.98
CA ILE L 65 63.48 -0.91 -72.66
C ILE L 65 63.93 -1.45 -74.01
N PRO L 66 64.82 -2.45 -74.03
CA PRO L 66 65.26 -3.03 -75.30
C PRO L 66 64.22 -3.99 -75.86
N LYS L 67 64.41 -4.35 -77.13
CA LYS L 67 63.57 -5.35 -77.77
C LYS L 67 63.89 -6.73 -77.20
N LYS L 68 62.91 -7.63 -77.34
CA LYS L 68 63.07 -8.97 -76.77
C LYS L 68 64.27 -9.69 -77.38
N LYS L 69 64.46 -9.57 -78.69
CA LYS L 69 65.62 -10.21 -79.32
C LYS L 69 66.92 -9.62 -78.78
N THR L 70 66.97 -8.30 -78.62
CA THR L 70 68.16 -7.67 -78.04
C THR L 70 68.37 -8.10 -76.59
N LEU L 71 67.29 -8.20 -75.82
CA LEU L 71 67.42 -8.63 -74.44
C LEU L 71 67.91 -10.07 -74.35
N VAL L 72 67.38 -10.95 -75.21
CA VAL L 72 67.74 -12.37 -75.13
C VAL L 72 69.22 -12.57 -75.43
N GLU L 73 69.71 -11.94 -76.49
CA GLU L 73 71.12 -12.10 -76.83
C GLU L 73 72.03 -11.51 -75.77
N ALA L 74 71.62 -10.41 -75.13
CA ALA L 74 72.43 -9.83 -74.06
C ALA L 74 72.56 -10.79 -72.89
N MET L 75 71.47 -11.45 -72.52
CA MET L 75 71.53 -12.42 -71.43
C MET L 75 72.42 -13.60 -71.79
N GLU L 76 72.31 -14.10 -73.02
CA GLU L 76 73.14 -15.23 -73.45
C GLU L 76 74.61 -14.82 -73.53
N ALA L 77 74.89 -13.58 -73.95
CA ALA L 77 76.27 -13.11 -74.03
C ALA L 77 76.92 -13.04 -72.66
N ALA L 78 76.15 -12.76 -71.61
CA ALA L 78 76.66 -12.69 -70.25
C ALA L 78 76.49 -13.99 -69.48
N ASP L 79 75.91 -15.01 -70.10
CA ASP L 79 75.68 -16.30 -69.44
C ASP L 79 74.93 -16.11 -68.13
N VAL L 80 73.82 -15.37 -68.19
CA VAL L 80 73.07 -15.06 -66.99
C VAL L 80 72.57 -16.34 -66.32
N LYS L 81 71.95 -17.22 -67.10
CA LYS L 81 71.41 -18.46 -66.52
C LYS L 81 72.51 -19.34 -65.97
N THR L 82 73.61 -19.49 -66.70
CA THR L 82 74.70 -20.33 -66.22
C THR L 82 75.33 -19.77 -64.95
N LYS L 83 75.56 -18.46 -64.92
CA LYS L 83 76.16 -17.85 -63.73
C LYS L 83 75.27 -18.02 -62.51
N TRP L 84 73.96 -17.79 -62.68
CA TRP L 84 73.05 -17.89 -61.54
C TRP L 84 73.00 -19.32 -61.00
N GLU L 85 72.81 -20.30 -61.89
CA GLU L 85 72.69 -21.68 -61.43
C GLU L 85 74.00 -22.20 -60.85
N ASN L 86 75.14 -21.75 -61.37
CA ASN L 86 76.42 -22.16 -60.83
C ASN L 86 76.76 -21.46 -59.51
N SER L 87 76.13 -20.33 -59.23
CA SER L 87 76.39 -19.63 -57.99
C SER L 87 75.75 -20.37 -56.81
N SER L 88 76.31 -20.13 -55.62
CA SER L 88 75.78 -20.77 -54.42
C SER L 88 74.34 -20.34 -54.16
N TRP L 89 74.05 -19.05 -54.34
CA TRP L 89 72.70 -18.56 -54.09
C TRP L 89 71.70 -19.21 -55.05
N GLY L 90 72.03 -19.27 -56.34
CA GLY L 90 71.13 -19.87 -57.30
C GLY L 90 71.01 -21.37 -57.15
N ARG L 91 72.08 -22.02 -56.67
CA ARG L 91 72.01 -23.47 -56.45
C ARG L 91 71.09 -23.82 -55.30
N LYS L 92 70.96 -22.92 -54.32
CA LYS L 92 70.09 -23.20 -53.18
C LYS L 92 68.65 -23.45 -53.62
N LEU L 93 68.15 -22.62 -54.54
CA LEU L 93 66.78 -22.80 -55.02
C LEU L 93 66.63 -24.12 -55.76
N ILE L 94 67.62 -24.49 -56.58
CA ILE L 94 67.54 -25.74 -57.33
C ILE L 94 67.55 -26.93 -56.37
N VAL L 95 68.42 -26.90 -55.36
CA VAL L 95 68.52 -28.03 -54.44
C VAL L 95 67.22 -28.20 -53.66
N GLN L 96 66.59 -27.09 -53.26
CA GLN L 96 65.34 -27.19 -52.51
C GLN L 96 64.26 -27.90 -53.33
N LYS L 97 64.17 -27.59 -54.62
CA LYS L 97 63.21 -28.29 -55.47
C LYS L 97 63.56 -29.77 -55.60
N ARG L 98 64.84 -30.08 -55.75
CA ARG L 98 65.24 -31.48 -55.89
C ARG L 98 64.89 -32.29 -54.65
N ARG L 99 65.16 -31.73 -53.46
CA ARG L 99 64.87 -32.47 -52.23
C ARG L 99 63.38 -32.74 -52.09
N ALA L 100 62.54 -31.77 -52.42
CA ALA L 100 61.10 -31.94 -52.32
C ALA L 100 60.58 -32.93 -53.36
N ALA L 101 61.33 -33.18 -54.42
CA ALA L 101 60.89 -34.06 -55.50
C ALA L 101 61.36 -35.49 -55.34
N LEU L 102 62.11 -35.81 -54.29
CA LEU L 102 62.59 -37.17 -54.08
C LEU L 102 61.44 -38.08 -53.66
N ASN L 103 61.34 -39.24 -54.30
CA ASN L 103 60.32 -40.20 -53.95
C ASN L 103 60.76 -41.04 -52.75
N ASP L 104 59.89 -41.94 -52.30
CA ASP L 104 60.19 -42.70 -51.09
C ASP L 104 61.42 -43.57 -51.27
N PHE L 105 61.55 -44.22 -52.44
CA PHE L 105 62.72 -45.05 -52.68
C PHE L 105 64.01 -44.23 -52.75
N ASP L 106 63.94 -43.06 -53.40
CA ASP L 106 65.12 -42.20 -53.50
C ASP L 106 65.56 -41.73 -52.12
N ARG L 107 64.61 -41.38 -51.26
CA ARG L 107 64.96 -40.96 -49.91
C ARG L 107 65.63 -42.10 -49.14
N PHE L 108 65.20 -43.33 -49.36
CA PHE L 108 65.84 -44.47 -48.70
C PHE L 108 67.29 -44.63 -49.15
N LYS L 109 67.55 -44.47 -50.46
CA LYS L 109 68.92 -44.56 -50.95
C LYS L 109 69.78 -43.45 -50.37
N LEU L 110 69.24 -42.23 -50.30
CA LEU L 110 70.01 -41.12 -49.73
C LEU L 110 70.32 -41.37 -48.27
N MET L 111 69.38 -41.99 -47.54
CA MET L 111 69.62 -42.29 -46.14
C MET L 111 70.80 -43.24 -45.99
N LEU L 112 70.87 -44.27 -46.81
CA LEU L 112 71.98 -45.22 -46.73
C LEU L 112 73.30 -44.55 -47.04
N ALA L 113 73.33 -43.69 -48.07
CA ALA L 113 74.56 -43.01 -48.43
C ALA L 113 75.02 -42.09 -47.30
N LYS L 114 74.08 -41.34 -46.71
CA LYS L 114 74.44 -40.44 -45.61
C LYS L 114 74.92 -41.22 -44.40
N ILE L 115 74.25 -42.33 -44.07
CA ILE L 115 74.64 -43.12 -42.91
C ILE L 115 76.05 -43.68 -43.10
N LYS L 116 76.34 -44.21 -44.29
CA LYS L 116 77.67 -44.74 -44.55
C LYS L 116 78.71 -43.63 -44.60
N ARG L 117 78.35 -42.48 -45.17
CA ARG L 117 79.27 -41.36 -45.22
C ARG L 117 79.63 -40.89 -43.82
N ALA L 118 78.63 -40.78 -42.94
CA ALA L 118 78.88 -40.33 -41.58
C ALA L 118 79.78 -41.30 -40.82
N GLY L 119 79.56 -42.60 -41.00
CA GLY L 119 80.37 -43.58 -40.29
C GLY L 119 81.83 -43.50 -40.65
N VAL L 120 82.13 -43.35 -41.94
CA VAL L 120 83.51 -43.27 -42.38
C VAL L 120 84.15 -41.97 -41.90
N VAL L 121 83.40 -40.86 -41.97
CA VAL L 121 83.96 -39.57 -41.57
C VAL L 121 84.30 -39.58 -40.08
N ARG L 122 83.44 -40.19 -39.25
CA ARG L 122 83.73 -40.24 -37.82
C ARG L 122 85.00 -41.02 -37.54
N GLN L 123 85.23 -42.11 -38.27
CA GLN L 123 86.46 -42.86 -38.10
C GLN L 123 87.68 -42.02 -38.47
N GLU L 124 87.58 -41.25 -39.55
CA GLU L 124 88.68 -40.39 -39.95
C GLU L 124 88.99 -39.34 -38.88
N LEU L 125 87.95 -38.77 -38.27
CA LEU L 125 88.16 -37.78 -37.22
C LEU L 125 88.92 -38.39 -36.04
N ALA L 126 88.55 -39.61 -35.65
CA ALA L 126 89.22 -40.24 -34.51
C ALA L 126 90.72 -40.35 -34.75
N LYS L 127 91.12 -40.71 -35.98
CA LYS L 127 92.54 -40.76 -36.28
C LYS L 127 93.18 -39.38 -36.21
N LEU L 128 92.48 -38.35 -36.67
CA LEU L 128 92.99 -36.99 -36.58
C LEU L 128 93.02 -36.46 -35.14
N LYS L 129 92.36 -37.16 -34.21
CA LYS L 129 92.40 -36.78 -32.80
C LYS L 129 93.57 -37.44 -32.08
N LYS L 130 93.73 -38.75 -32.23
CA LYS L 130 94.84 -39.44 -31.59
C LYS L 130 96.18 -38.95 -32.12
N ILE L 131 96.28 -38.78 -33.44
CA ILE L 131 97.54 -38.38 -34.05
C ILE L 131 97.77 -36.88 -33.90
N ALA L 132 96.87 -36.08 -34.45
CA ALA L 132 96.98 -34.61 -34.37
C ALA L 132 96.19 -34.08 -33.19
N ALA L 133 96.64 -34.47 -32.00
CA ALA L 133 95.99 -34.03 -30.76
C ALA L 133 96.15 -32.53 -30.57
N GLY M 2 -86.45 2.34 31.60
CA GLY M 2 -85.35 2.67 30.73
C GLY M 2 -84.86 4.10 30.89
N ALA M 3 -83.92 4.29 31.80
CA ALA M 3 -83.40 5.61 32.12
C ALA M 3 -82.05 5.91 31.48
N TYR M 4 -81.37 4.89 30.94
CA TYR M 4 -80.01 5.10 30.45
C TYR M 4 -79.98 6.00 29.22
N THR M 5 -81.03 5.96 28.40
CA THR M 5 -81.05 6.80 27.21
C THR M 5 -81.05 8.28 27.59
N TYR M 6 -81.81 8.66 28.61
CA TYR M 6 -81.80 10.04 29.08
C TYR M 6 -80.41 10.46 29.51
N VAL M 7 -79.74 9.61 30.29
CA VAL M 7 -78.39 9.93 30.75
C VAL M 7 -77.43 10.04 29.57
N SER M 8 -77.52 9.09 28.63
CA SER M 8 -76.61 9.11 27.49
C SER M 8 -76.82 10.34 26.62
N GLU M 9 -78.09 10.69 26.36
CA GLU M 9 -78.38 11.87 25.55
C GLU M 9 -77.94 13.15 26.25
N LEU M 10 -78.10 13.19 27.59
CA LEU M 10 -77.64 14.37 28.33
C LEU M 10 -76.13 14.53 28.22
N TRP M 11 -75.39 13.41 28.22
CA TRP M 11 -73.94 13.47 28.07
C TRP M 11 -73.50 13.79 26.66
N ARG M 12 -74.41 13.77 25.68
CA ARG M 12 -74.08 14.25 24.35
C ARG M 12 -74.11 15.78 24.27
N LYS M 13 -74.73 16.45 25.23
CA LYS M 13 -74.76 17.91 25.28
C LYS M 13 -73.75 18.41 26.31
N LYS M 14 -72.47 18.32 25.93
CA LYS M 14 -71.40 18.67 26.84
C LYS M 14 -71.22 20.18 27.00
N GLN M 15 -71.70 20.98 26.06
CA GLN M 15 -71.59 22.42 26.13
C GLN M 15 -72.82 23.09 26.71
N SER M 16 -73.79 22.32 27.19
CA SER M 16 -74.95 22.91 27.86
C SER M 16 -74.56 23.42 29.24
N ASP M 17 -75.42 24.29 29.79
CA ASP M 17 -75.14 24.87 31.10
C ASP M 17 -75.10 23.81 32.19
N VAL M 18 -76.01 22.84 32.13
CA VAL M 18 -76.06 21.81 33.18
C VAL M 18 -74.77 21.01 33.18
N MET M 19 -74.32 20.57 32.00
CA MET M 19 -73.10 19.75 31.94
C MET M 19 -71.86 20.59 32.23
N ARG M 20 -71.81 21.81 31.72
CA ARG M 20 -70.65 22.66 31.98
C ARG M 20 -70.45 22.89 33.47
N PHE M 21 -71.54 23.04 34.21
CA PHE M 21 -71.42 23.21 35.66
C PHE M 21 -70.93 21.93 36.33
N LEU M 22 -71.55 20.79 36.00
CA LEU M 22 -71.16 19.54 36.63
C LEU M 22 -69.73 19.17 36.29
N GLN M 23 -69.34 19.33 35.02
CA GLN M 23 -67.97 19.00 34.63
C GLN M 23 -66.97 19.96 35.26
N ARG M 24 -67.34 21.23 35.42
CA ARG M 24 -66.44 22.19 36.05
C ARG M 24 -66.14 21.81 37.49
N VAL M 25 -67.17 21.40 38.24
CA VAL M 25 -66.97 21.03 39.64
C VAL M 25 -66.18 19.74 39.74
N ARG M 26 -66.50 18.75 38.90
CA ARG M 26 -65.78 17.48 38.95
C ARG M 26 -64.31 17.67 38.55
N CYS M 27 -64.05 18.54 37.57
CA CYS M 27 -62.68 18.75 37.14
C CYS M 27 -61.83 19.32 38.26
N TRP M 28 -62.39 20.24 39.05
CA TRP M 28 -61.66 20.74 40.21
C TRP M 28 -61.39 19.62 41.22
N GLU M 29 -62.41 18.78 41.48
CA GLU M 29 -62.25 17.73 42.48
C GLU M 29 -61.16 16.75 42.08
N TYR M 30 -61.10 16.38 40.80
CA TYR M 30 -60.11 15.40 40.35
C TYR M 30 -58.69 15.94 40.47
N ARG M 31 -58.50 17.25 40.25
CA ARG M 31 -57.16 17.82 40.31
C ARG M 31 -56.54 17.67 41.68
N GLN M 32 -57.35 17.67 42.74
CA GLN M 32 -56.83 17.62 44.09
C GLN M 32 -56.41 16.21 44.52
N LEU M 33 -56.83 15.18 43.81
CA LEU M 33 -56.58 13.80 44.17
C LEU M 33 -55.44 13.22 43.35
N PRO M 34 -54.86 12.10 43.78
CA PRO M 34 -53.73 11.51 43.04
C PRO M 34 -54.12 11.10 41.63
N SER M 35 -53.10 10.78 40.84
CA SER M 35 -53.28 10.52 39.41
C SER M 35 -54.03 9.23 39.13
N ILE M 36 -54.02 8.28 40.05
CA ILE M 36 -54.78 7.03 39.92
C ILE M 36 -55.55 6.82 41.22
N VAL M 37 -56.88 6.74 41.12
CA VAL M 37 -57.74 6.63 42.29
C VAL M 37 -58.84 5.62 42.01
N ARG M 38 -59.10 4.76 42.99
CA ARG M 38 -60.28 3.91 42.96
C ARG M 38 -61.53 4.74 43.18
N VAL M 39 -62.57 4.47 42.40
CA VAL M 39 -63.87 5.11 42.56
C VAL M 39 -64.88 4.04 42.95
N THR M 40 -65.78 4.39 43.87
CA THR M 40 -66.73 3.42 44.39
C THR M 40 -67.65 2.89 43.30
N ARG M 41 -67.97 3.71 42.30
CA ARG M 41 -68.86 3.32 41.22
C ARG M 41 -68.57 4.20 40.02
N PRO M 42 -68.89 3.75 38.80
CA PRO M 42 -68.59 4.56 37.62
C PRO M 42 -69.34 5.88 37.65
N THR M 43 -68.66 6.93 37.20
CA THR M 43 -69.30 8.24 37.05
C THR M 43 -70.33 8.25 35.93
N ARG M 44 -70.20 7.33 34.96
CA ARG M 44 -71.10 7.23 33.82
C ARG M 44 -71.60 5.80 33.72
N PRO M 45 -72.56 5.41 34.56
CA PRO M 45 -73.03 4.02 34.53
C PRO M 45 -73.55 3.59 33.16
N ASP M 46 -74.25 4.47 32.45
CA ASP M 46 -74.75 4.11 31.13
C ASP M 46 -73.61 3.87 30.16
N LYS M 47 -72.59 4.74 30.17
CA LYS M 47 -71.44 4.55 29.29
C LYS M 47 -70.65 3.31 29.69
N ALA M 48 -70.54 3.05 30.99
CA ALA M 48 -69.74 1.92 31.45
C ALA M 48 -70.35 0.59 30.99
N ARG M 49 -71.66 0.43 31.16
CA ARG M 49 -72.29 -0.86 30.88
C ARG M 49 -72.32 -1.19 29.39
N ARG M 50 -72.28 -0.19 28.51
CA ARG M 50 -72.20 -0.49 27.08
C ARG M 50 -70.79 -0.86 26.65
N LEU M 51 -69.79 -0.63 27.50
CA LEU M 51 -68.43 -1.08 27.25
C LEU M 51 -68.12 -2.39 27.97
N GLY M 52 -69.10 -3.00 28.63
CA GLY M 52 -68.95 -4.30 29.27
C GLY M 52 -69.06 -4.30 30.77
N TYR M 53 -69.15 -3.13 31.41
CA TYR M 53 -69.24 -3.10 32.86
C TYR M 53 -70.54 -3.72 33.35
N LYS M 54 -70.46 -4.46 34.46
CA LYS M 54 -71.61 -5.02 35.12
C LYS M 54 -71.51 -4.70 36.61
N ALA M 55 -72.65 -4.42 37.23
CA ALA M 55 -72.70 -4.07 38.65
C ALA M 55 -72.71 -5.35 39.49
N LYS M 56 -71.55 -5.99 39.54
CA LYS M 56 -71.39 -7.23 40.29
C LYS M 56 -69.96 -7.31 40.81
N GLN M 57 -69.78 -8.13 41.84
CA GLN M 57 -68.47 -8.26 42.47
C GLN M 57 -67.45 -8.79 41.49
N GLY M 58 -66.28 -8.14 41.45
CA GLY M 58 -65.23 -8.44 40.49
C GLY M 58 -64.92 -7.28 39.56
N TYR M 59 -65.93 -6.46 39.25
CA TYR M 59 -65.74 -5.27 38.43
C TYR M 59 -65.34 -4.10 39.30
N VAL M 60 -64.27 -3.42 38.93
CA VAL M 60 -63.79 -2.24 39.64
C VAL M 60 -63.51 -1.14 38.64
N VAL M 61 -63.62 0.10 39.10
CA VAL M 61 -63.43 1.28 38.27
C VAL M 61 -62.37 2.16 38.91
N TYR M 62 -61.42 2.63 38.10
CA TYR M 62 -60.39 3.55 38.53
C TYR M 62 -60.40 4.78 37.64
N ARG M 63 -60.18 5.94 38.23
CA ARG M 63 -60.00 7.18 37.48
C ARG M 63 -58.51 7.43 37.30
N VAL M 64 -58.10 7.68 36.06
CA VAL M 64 -56.70 7.89 35.72
C VAL M 64 -56.56 9.29 35.14
N ARG M 65 -55.57 10.04 35.61
CA ARG M 65 -55.25 11.37 35.12
C ARG M 65 -53.98 11.29 34.30
N VAL M 66 -54.00 11.87 33.09
CA VAL M 66 -52.85 11.90 32.20
C VAL M 66 -52.62 13.33 31.74
N LYS M 67 -51.35 13.72 31.62
CA LYS M 67 -51.02 15.06 31.16
C LYS M 67 -51.27 15.18 29.66
N ARG M 68 -51.63 16.39 29.24
CA ARG M 68 -52.00 16.66 27.85
C ARG M 68 -50.79 17.18 27.06
N GLY M 69 -50.95 17.17 25.74
CA GLY M 69 -49.95 17.71 24.84
C GLY M 69 -49.20 16.64 24.10
N GLY M 70 -48.19 17.09 23.34
CA GLY M 70 -47.39 16.22 22.51
C GLY M 70 -46.31 15.51 23.29
N ARG M 71 -45.36 14.95 22.53
CA ARG M 71 -44.24 14.22 23.11
C ARG M 71 -42.95 14.91 22.70
N LYS M 72 -42.40 15.72 23.59
CA LYS M 72 -41.06 16.25 23.38
C LYS M 72 -40.06 15.11 23.34
N ARG M 73 -39.17 15.14 22.36
CA ARG M 73 -38.20 14.06 22.23
C ARG M 73 -37.30 14.04 23.46
N PRO M 74 -37.27 12.95 24.24
CA PRO M 74 -36.52 12.96 25.51
C PRO M 74 -35.02 12.86 25.30
N VAL M 75 -34.45 13.92 24.73
CA VAL M 75 -33.03 13.99 24.41
C VAL M 75 -32.43 15.16 25.15
N SER M 76 -31.20 14.98 25.65
CA SER M 76 -30.59 15.98 26.53
C SER M 76 -30.31 17.27 25.76
N LYS M 77 -30.81 18.38 26.29
CA LYS M 77 -30.57 19.72 25.74
C LYS M 77 -31.15 19.90 24.34
N GLY M 78 -32.05 19.01 23.93
CA GLY M 78 -32.63 19.11 22.60
C GLY M 78 -31.61 18.96 21.49
N ILE M 79 -30.55 18.19 21.72
CA ILE M 79 -29.50 17.98 20.73
C ILE M 79 -29.71 16.62 20.08
N VAL M 80 -29.76 16.60 18.75
CA VAL M 80 -29.89 15.37 17.98
C VAL M 80 -28.64 15.23 17.13
N TYR M 81 -28.01 14.07 17.19
CA TYR M 81 -26.83 13.76 16.39
C TYR M 81 -27.30 13.00 15.17
N GLY M 82 -27.58 13.74 14.10
CA GLY M 82 -28.11 13.12 12.89
C GLY M 82 -28.49 14.18 11.88
N LYS M 83 -29.03 13.68 10.77
CA LYS M 83 -29.34 14.53 9.64
C LYS M 83 -30.53 15.44 9.96
N PRO M 84 -30.68 16.54 9.22
CA PRO M 84 -31.73 17.51 9.58
C PRO M 84 -33.13 16.92 9.64
N THR M 85 -33.44 15.92 8.82
CA THR M 85 -34.77 15.33 8.84
C THR M 85 -35.14 14.81 10.22
N ASN M 86 -34.15 14.43 11.03
CA ASN M 86 -34.40 13.89 12.37
C ASN M 86 -34.07 14.88 13.48
N GLN M 87 -33.79 16.14 13.15
CA GLN M 87 -33.38 17.10 14.17
C GLN M 87 -34.56 17.71 14.92
N GLY M 88 -35.79 17.40 14.54
CA GLY M 88 -36.93 17.95 15.27
C GLY M 88 -36.96 17.45 16.70
N VAL M 89 -37.40 18.32 17.62
CA VAL M 89 -37.48 18.01 19.03
C VAL M 89 -38.90 18.19 19.56
N THR M 90 -39.53 19.31 19.23
CA THR M 90 -40.93 19.55 19.60
C THR M 90 -41.82 19.33 18.38
N GLN M 91 -43.12 19.49 18.59
CA GLN M 91 -44.15 19.21 17.60
C GLN M 91 -44.15 17.75 17.16
N LEU M 92 -43.62 16.86 18.00
CA LEU M 92 -43.64 15.43 17.77
C LEU M 92 -44.78 14.82 18.58
N LYS M 93 -45.50 13.87 17.97
CA LYS M 93 -46.69 13.29 18.58
C LYS M 93 -46.48 11.82 18.88
N PHE M 94 -46.92 11.42 20.06
CA PHE M 94 -46.88 10.01 20.45
C PHE M 94 -47.85 9.21 19.58
N GLN M 95 -47.40 8.04 19.13
CA GLN M 95 -48.25 7.22 18.26
C GLN M 95 -49.44 6.64 19.01
N ARG M 96 -49.36 6.49 20.32
CA ARG M 96 -50.49 6.05 21.12
C ARG M 96 -51.26 7.25 21.66
N SER M 97 -52.53 7.03 21.96
CA SER M 97 -53.41 8.10 22.41
C SER M 97 -53.39 8.24 23.93
N LYS M 98 -53.91 9.36 24.41
CA LYS M 98 -53.99 9.59 25.85
C LYS M 98 -54.85 8.52 26.53
N ARG M 99 -55.91 8.08 25.84
CA ARG M 99 -56.74 7.01 26.39
C ARG M 99 -55.93 5.73 26.58
N SER M 100 -55.07 5.40 25.61
CA SER M 100 -54.20 4.24 25.77
C SER M 100 -53.26 4.41 26.96
N VAL M 101 -52.69 5.61 27.12
CA VAL M 101 -51.76 5.84 28.22
C VAL M 101 -52.46 5.62 29.56
N ALA M 102 -53.70 6.12 29.68
CA ALA M 102 -54.44 5.94 30.93
C ALA M 102 -54.62 4.46 31.24
N GLU M 103 -54.96 3.66 30.23
CA GLU M 103 -55.11 2.22 30.44
C GLU M 103 -53.78 1.59 30.87
N GLU M 104 -52.67 1.97 30.23
CA GLU M 104 -51.38 1.41 30.59
C GLU M 104 -50.99 1.79 32.01
N ARG M 105 -51.25 3.04 32.40
CA ARG M 105 -50.91 3.46 33.76
C ARG M 105 -51.67 2.63 34.80
N ALA M 106 -52.97 2.42 34.58
CA ALA M 106 -53.74 1.61 35.50
C ALA M 106 -53.32 0.14 35.43
N GLY M 107 -53.06 -0.37 34.23
CA GLY M 107 -52.71 -1.77 34.10
C GLY M 107 -51.42 -2.12 34.81
N ARG M 108 -50.38 -1.32 34.61
CA ARG M 108 -49.10 -1.58 35.27
C ARG M 108 -49.23 -1.51 36.79
N LYS M 109 -49.93 -0.48 37.29
CA LYS M 109 -50.09 -0.34 38.73
C LYS M 109 -50.92 -1.48 39.31
N LEU M 110 -52.00 -1.86 38.65
CA LEU M 110 -52.92 -2.88 39.13
C LEU M 110 -52.61 -4.23 38.49
N GLY M 111 -51.42 -4.74 38.79
CA GLY M 111 -50.95 -5.96 38.15
C GLY M 111 -51.81 -7.18 38.42
N GLY M 112 -52.57 -7.18 39.50
CA GLY M 112 -53.42 -8.30 39.84
C GLY M 112 -54.78 -8.31 39.17
N LEU M 113 -55.05 -7.35 38.28
CA LEU M 113 -56.34 -7.24 37.62
C LEU M 113 -56.15 -7.22 36.11
N LYS M 114 -57.24 -7.44 35.38
CA LYS M 114 -57.25 -7.40 33.93
C LYS M 114 -58.02 -6.19 33.44
N VAL M 115 -57.42 -5.43 32.53
CA VAL M 115 -58.06 -4.23 31.99
C VAL M 115 -59.07 -4.65 30.93
N LEU M 116 -60.33 -4.21 31.11
CA LEU M 116 -61.38 -4.53 30.16
C LEU M 116 -61.56 -3.41 29.13
N ASN M 117 -61.84 -2.21 29.60
CA ASN M 117 -62.09 -1.07 28.71
C ASN M 117 -61.96 0.22 29.53
N SER M 118 -62.19 1.35 28.87
CA SER M 118 -62.09 2.65 29.52
C SER M 118 -62.91 3.65 28.71
N TYR M 119 -63.16 4.81 29.32
CA TYR M 119 -63.93 5.86 28.65
C TYR M 119 -63.55 7.22 29.21
N TRP M 120 -63.69 8.24 28.35
CA TRP M 120 -63.43 9.62 28.72
C TRP M 120 -64.46 10.12 29.73
N ILE M 121 -64.02 10.92 30.69
CA ILE M 121 -64.96 11.52 31.65
C ILE M 121 -64.78 13.03 31.80
N ASN M 122 -63.63 13.61 31.52
CA ASN M 122 -63.43 15.04 31.74
C ASN M 122 -62.06 15.43 31.20
N GLU M 123 -61.84 16.73 31.06
CA GLU M 123 -60.55 17.24 30.61
C GLU M 123 -60.44 18.72 30.94
N ASP M 124 -59.21 19.17 31.14
CA ASP M 124 -58.88 20.59 31.21
C ASP M 124 -57.72 20.86 30.26
N SER M 125 -57.15 22.07 30.31
CA SER M 125 -56.05 22.38 29.40
C SER M 125 -54.80 21.56 29.72
N THR M 126 -54.61 21.18 30.98
CA THR M 126 -53.40 20.49 31.41
C THR M 126 -53.57 18.98 31.55
N TYR M 127 -54.75 18.52 31.96
CA TYR M 127 -54.96 17.10 32.25
C TYR M 127 -56.16 16.57 31.48
N LYS M 128 -56.14 15.27 31.26
CA LYS M 128 -57.25 14.53 30.66
C LYS M 128 -57.59 13.37 31.58
N TYR M 129 -58.88 13.14 31.80
CA TYR M 129 -59.35 12.18 32.78
C TYR M 129 -60.11 11.04 32.11
N PHE M 130 -59.78 9.82 32.50
CA PHE M 130 -60.44 8.62 32.00
C PHE M 130 -60.79 7.72 33.17
N GLU M 131 -61.82 6.90 32.96
CA GLU M 131 -62.16 5.83 33.90
C GLU M 131 -61.87 4.50 33.24
N VAL M 132 -61.11 3.66 33.93
CA VAL M 132 -60.68 2.36 33.41
C VAL M 132 -61.47 1.28 34.14
N ILE M 133 -62.07 0.38 33.37
CA ILE M 133 -62.81 -0.75 33.94
C ILE M 133 -61.87 -1.94 34.00
N LEU M 134 -61.67 -2.47 35.20
CA LEU M 134 -60.81 -3.62 35.43
C LEU M 134 -61.61 -4.75 36.05
N VAL M 135 -61.15 -5.97 35.82
CA VAL M 135 -61.84 -7.18 36.26
C VAL M 135 -60.89 -7.99 37.12
N ASP M 136 -61.37 -8.46 38.27
CA ASP M 136 -60.62 -9.39 39.11
C ASP M 136 -60.85 -10.79 38.56
N GLN M 137 -59.93 -11.26 37.72
CA GLN M 137 -60.13 -12.54 37.05
C GLN M 137 -60.15 -13.71 38.03
N ALA M 138 -59.62 -13.52 39.24
CA ALA M 138 -59.59 -14.59 40.24
C ALA M 138 -60.88 -14.70 41.03
N HIS M 139 -61.76 -13.70 40.98
CA HIS M 139 -63.00 -13.76 41.75
C HIS M 139 -63.94 -14.80 41.16
N ALA M 140 -64.61 -15.54 42.04
CA ALA M 140 -65.48 -16.63 41.59
C ALA M 140 -66.63 -16.11 40.74
N ALA M 141 -67.21 -14.97 41.12
CA ALA M 141 -68.32 -14.42 40.35
C ALA M 141 -67.93 -14.16 38.91
N ILE M 142 -66.69 -13.74 38.67
CA ILE M 142 -66.22 -13.53 37.30
C ILE M 142 -65.97 -14.86 36.61
N ARG M 143 -65.32 -15.80 37.29
CA ARG M 143 -64.95 -17.07 36.67
C ARG M 143 -66.15 -17.92 36.33
N ASN M 144 -67.29 -17.71 37.00
CA ASN M 144 -68.51 -18.44 36.73
C ASN M 144 -69.44 -17.72 35.77
N ASP M 145 -69.01 -16.58 35.21
CA ASP M 145 -69.84 -15.81 34.30
C ASP M 145 -69.39 -16.08 32.87
N PRO M 146 -70.18 -16.76 32.04
CA PRO M 146 -69.70 -17.13 30.71
C PRO M 146 -69.42 -15.95 29.79
N ARG M 147 -69.98 -14.77 30.07
CA ARG M 147 -69.80 -13.64 29.17
C ARG M 147 -68.50 -12.88 29.39
N ILE M 148 -67.82 -13.10 30.52
CA ILE M 148 -66.63 -12.32 30.84
C ILE M 148 -65.47 -13.23 31.24
N ASN M 149 -65.76 -14.51 31.52
CA ASN M 149 -64.70 -15.39 32.00
C ASN M 149 -63.67 -15.70 30.93
N TRP M 150 -63.92 -15.31 29.67
CA TRP M 150 -62.88 -15.42 28.65
C TRP M 150 -61.62 -14.65 29.04
N ILE M 151 -61.77 -13.57 29.81
CA ILE M 151 -60.64 -12.75 30.19
C ILE M 151 -59.77 -13.41 31.26
N CYS M 152 -60.22 -14.52 31.83
CA CYS M 152 -59.42 -15.27 32.79
C CYS M 152 -58.36 -16.13 32.11
N ASN M 153 -58.40 -16.28 30.79
CA ASN M 153 -57.45 -17.13 30.10
C ASN M 153 -56.09 -16.43 29.95
N PRO M 154 -55.00 -17.21 29.94
CA PRO M 154 -53.67 -16.59 29.95
C PRO M 154 -53.37 -15.73 28.73
N VAL M 155 -54.03 -15.98 27.59
CA VAL M 155 -53.74 -15.20 26.39
C VAL M 155 -54.13 -13.74 26.56
N HIS M 156 -54.97 -13.41 27.55
CA HIS M 156 -55.44 -12.06 27.77
C HIS M 156 -54.71 -11.36 28.91
N LYS M 157 -53.44 -11.70 29.14
CA LYS M 157 -52.63 -11.01 30.12
C LYS M 157 -52.15 -9.68 29.57
N HIS M 158 -52.35 -8.61 30.34
CA HIS M 158 -51.92 -7.27 29.97
C HIS M 158 -52.33 -6.93 28.54
N ARG M 159 -53.65 -6.92 28.32
CA ARG M 159 -54.18 -6.53 27.01
C ARG M 159 -53.76 -5.12 26.65
N GLU M 160 -53.73 -4.22 27.64
CA GLU M 160 -53.42 -2.82 27.36
C GLU M 160 -51.99 -2.62 26.90
N LEU M 161 -51.06 -3.46 27.38
CA LEU M 161 -49.66 -3.31 27.04
C LEU M 161 -49.30 -3.94 25.70
N ARG M 162 -50.23 -4.67 25.07
CA ARG M 162 -50.05 -5.19 23.72
C ARG M 162 -50.97 -4.52 22.72
N GLY M 163 -51.65 -3.45 23.11
CA GLY M 163 -52.56 -2.75 22.22
C GLY M 163 -53.76 -3.56 21.79
N LEU M 164 -54.36 -4.31 22.72
CA LEU M 164 -55.49 -5.18 22.42
C LEU M 164 -56.81 -4.65 22.98
N THR M 165 -56.81 -3.52 23.68
CA THR M 165 -58.05 -2.93 24.16
C THR M 165 -58.73 -2.17 23.02
N SER M 166 -59.89 -1.58 23.32
CA SER M 166 -60.60 -0.79 22.32
C SER M 166 -59.74 0.39 21.86
N ALA M 167 -59.08 1.08 22.80
CA ALA M 167 -58.16 2.14 22.43
C ALA M 167 -56.96 1.60 21.68
N GLY M 168 -56.52 0.37 22.02
CA GLY M 168 -55.40 -0.21 21.32
C GLY M 168 -55.69 -0.48 19.86
N LYS M 169 -56.89 -0.99 19.57
CA LYS M 169 -57.25 -1.24 18.18
C LYS M 169 -57.29 0.04 17.37
N LYS M 170 -57.70 1.15 17.99
CA LYS M 170 -57.79 2.42 17.27
C LYS M 170 -56.41 2.88 16.80
N TYR M 171 -55.43 2.94 17.70
CA TYR M 171 -54.14 3.51 17.31
C TYR M 171 -53.29 2.54 16.50
N ARG M 172 -53.65 1.26 16.48
CA ARG M 172 -53.00 0.31 15.58
C ARG M 172 -53.57 0.36 14.17
N GLY M 173 -54.66 1.08 13.95
CA GLY M 173 -55.28 1.16 12.64
C GLY M 173 -56.27 0.07 12.34
N LEU M 174 -56.79 -0.62 13.35
CA LEU M 174 -57.69 -1.74 13.15
C LEU M 174 -59.16 -1.35 13.13
N ARG M 175 -59.49 -0.11 13.52
CA ARG M 175 -60.87 0.36 13.46
C ARG M 175 -61.16 0.79 12.03
N GLY M 176 -61.53 -0.19 11.22
CA GLY M 176 -61.71 0.02 9.80
C GLY M 176 -61.02 -1.06 8.98
N ARG M 177 -61.47 -1.24 7.75
CA ARG M 177 -60.92 -2.24 6.84
C ARG M 177 -61.02 -1.71 5.43
N GLY M 178 -60.56 -2.50 4.47
CA GLY M 178 -60.59 -2.08 3.07
C GLY M 178 -59.34 -1.33 2.67
N HIS M 179 -59.48 -0.54 1.60
CA HIS M 179 -58.31 0.08 0.98
C HIS M 179 -57.65 1.12 1.88
N LEU M 180 -58.34 1.64 2.88
CA LEU M 180 -57.76 2.66 3.75
C LEU M 180 -57.08 2.08 4.99
N HIS M 181 -57.34 0.83 5.35
CA HIS M 181 -56.79 0.24 6.56
C HIS M 181 -56.11 -1.11 6.33
N HIS M 182 -55.89 -1.51 5.07
CA HIS M 182 -55.49 -2.89 4.81
C HIS M 182 -54.10 -3.20 5.36
N LYS M 183 -53.20 -2.22 5.39
CA LYS M 183 -51.84 -2.48 5.87
C LYS M 183 -51.78 -2.74 7.38
N ALA M 184 -52.88 -2.52 8.11
CA ALA M 184 -52.87 -2.71 9.55
C ALA M 184 -53.15 -4.16 9.96
N ARG M 185 -53.57 -5.02 9.04
CA ARG M 185 -53.90 -6.40 9.37
C ARG M 185 -52.95 -7.37 8.67
N PRO M 186 -52.55 -8.46 9.34
CA PRO M 186 -52.90 -8.81 10.72
C PRO M 186 -52.18 -7.91 11.73
N SER M 187 -51.06 -7.34 11.31
CA SER M 187 -50.39 -6.27 12.03
C SER M 187 -49.50 -5.52 11.05
N ARG M 188 -49.18 -4.28 11.40
CA ARG M 188 -48.38 -3.47 10.49
C ARG M 188 -47.01 -4.09 10.25
N ARG M 189 -46.36 -4.58 11.30
CA ARG M 189 -45.05 -5.20 11.12
C ARG M 189 -45.15 -6.56 10.45
N ALA M 190 -46.23 -7.31 10.71
CA ALA M 190 -46.43 -8.57 10.00
C ALA M 190 -46.60 -8.32 8.50
N THR M 191 -47.33 -7.27 8.13
CA THR M 191 -47.48 -6.94 6.72
C THR M 191 -46.13 -6.62 6.09
N TRP M 192 -45.31 -5.83 6.78
CA TRP M 192 -44.01 -5.47 6.24
C TRP M 192 -43.15 -6.72 6.02
N LYS M 193 -43.04 -7.57 7.02
CA LYS M 193 -42.23 -8.78 6.89
C LYS M 193 -42.72 -9.66 5.76
N ARG M 194 -44.04 -9.82 5.64
CA ARG M 194 -44.58 -10.65 4.56
C ARG M 194 -44.20 -10.08 3.20
N ASN M 195 -44.35 -8.76 3.03
CA ASN M 195 -44.08 -8.16 1.72
C ASN M 195 -42.59 -8.10 1.43
N GLN M 196 -41.74 -8.05 2.46
CA GLN M 196 -40.31 -8.05 2.25
C GLN M 196 -39.75 -9.45 2.01
N THR M 197 -40.50 -10.49 2.29
CA THR M 197 -39.99 -11.86 2.19
C THR M 197 -39.58 -12.17 0.75
N LEU M 198 -38.38 -12.72 0.60
CA LEU M 198 -37.89 -13.20 -0.70
C LEU M 198 -38.16 -14.70 -0.74
N SER M 199 -39.19 -15.09 -1.49
CA SER M 199 -39.59 -16.49 -1.55
C SER M 199 -38.76 -17.20 -2.61
N LEU M 200 -37.89 -18.10 -2.17
CA LEU M 200 -37.02 -18.87 -3.07
C LEU M 200 -37.52 -20.32 -3.03
N ARG M 201 -38.41 -20.65 -3.96
CA ARG M 201 -38.98 -21.99 -4.03
C ARG M 201 -37.94 -23.00 -4.51
N ARG M 202 -38.22 -24.28 -4.23
CA ARG M 202 -37.32 -25.34 -4.66
C ARG M 202 -37.16 -25.33 -6.17
N TYR M 203 -38.27 -25.34 -6.90
CA TYR M 203 -38.27 -25.36 -8.36
C TYR M 203 -38.58 -23.95 -8.83
N ARG M 204 -37.52 -23.18 -9.12
CA ARG M 204 -37.66 -21.80 -9.53
C ARG M 204 -36.79 -21.49 -10.73
N VAL N 2 47.35 -14.34 -35.56
CA VAL N 2 48.27 -15.24 -34.89
C VAL N 2 47.52 -16.46 -34.39
N SER N 3 47.71 -17.60 -35.06
CA SER N 3 47.07 -18.84 -34.66
C SER N 3 47.96 -19.69 -33.76
N GLY N 4 49.27 -19.55 -33.88
CA GLY N 4 50.19 -20.32 -33.07
C GLY N 4 51.24 -21.04 -33.90
N SER N 5 52.39 -21.34 -33.30
CA SER N 5 53.43 -22.06 -34.02
C SER N 5 52.96 -23.46 -34.41
N GLY N 6 52.31 -24.17 -33.48
CA GLY N 6 51.85 -25.52 -33.73
C GLY N 6 52.94 -26.57 -33.68
N ILE N 7 54.14 -26.23 -33.24
CA ILE N 7 55.24 -27.19 -33.17
C ILE N 7 55.15 -27.98 -31.89
N SER N 8 55.67 -29.21 -31.93
CA SER N 8 55.72 -30.09 -30.76
C SER N 8 57.10 -29.97 -30.13
N ALA N 9 57.17 -29.35 -28.96
CA ALA N 9 58.44 -29.15 -28.27
C ALA N 9 58.21 -29.26 -26.77
N ARG N 10 59.17 -29.86 -26.07
CA ARG N 10 59.10 -29.93 -24.62
C ARG N 10 59.26 -28.55 -23.98
N ARG N 11 59.96 -27.65 -24.65
CA ARG N 11 60.28 -26.34 -24.09
C ARG N 11 60.86 -25.47 -25.20
N ILE N 12 60.53 -24.19 -25.18
CA ILE N 12 61.03 -23.22 -26.14
C ILE N 12 61.73 -22.12 -25.38
N VAL N 13 62.99 -21.86 -25.71
CA VAL N 13 63.79 -20.81 -25.10
C VAL N 13 63.93 -19.68 -26.11
N VAL N 14 63.48 -18.49 -25.73
CA VAL N 14 63.45 -17.33 -26.61
C VAL N 14 64.43 -16.29 -26.10
N ASP N 15 65.29 -15.82 -27.00
CA ASP N 15 66.17 -14.68 -26.71
C ASP N 15 65.42 -13.42 -27.13
N ALA N 16 65.10 -12.57 -26.16
CA ALA N 16 64.26 -11.40 -26.39
C ALA N 16 65.04 -10.16 -26.80
N ARG N 17 66.35 -10.30 -27.03
CA ARG N 17 67.15 -9.14 -27.41
C ARG N 17 66.61 -8.50 -28.68
N HIS N 18 66.39 -7.18 -28.62
CA HIS N 18 65.93 -6.40 -29.76
C HIS N 18 64.62 -6.96 -30.33
N HIS N 19 63.71 -7.34 -29.43
CA HIS N 19 62.34 -7.67 -29.78
C HIS N 19 61.42 -6.57 -29.25
N MET N 20 60.40 -6.22 -30.04
CA MET N 20 59.43 -5.23 -29.59
C MET N 20 58.57 -5.82 -28.48
N LEU N 21 58.43 -5.08 -27.38
CA LEU N 21 57.78 -5.64 -26.21
C LEU N 21 56.38 -6.13 -26.50
N GLY N 22 55.54 -5.28 -27.10
CA GLY N 22 54.15 -5.64 -27.29
C GLY N 22 53.95 -6.76 -28.29
N ARG N 23 54.70 -6.74 -29.39
CA ARG N 23 54.55 -7.78 -30.40
C ARG N 23 55.10 -9.12 -29.91
N LEU N 24 56.19 -9.09 -29.17
CA LEU N 24 56.68 -10.31 -28.52
C LEU N 24 55.65 -10.85 -27.54
N SER N 25 55.02 -9.95 -26.78
CA SER N 25 54.04 -10.37 -25.77
C SER N 25 52.85 -11.07 -26.42
N SER N 26 52.31 -10.50 -27.49
CA SER N 26 51.11 -11.07 -28.10
C SER N 26 51.39 -12.45 -28.67
N ILE N 27 52.54 -12.63 -29.33
CA ILE N 27 52.89 -13.93 -29.90
C ILE N 27 53.07 -14.95 -28.78
N LEU N 28 53.81 -14.59 -27.73
CA LEU N 28 54.03 -15.52 -26.64
C LEU N 28 52.73 -15.83 -25.91
N ALA N 29 51.85 -14.84 -25.76
CA ALA N 29 50.57 -15.09 -25.11
C ALA N 29 49.79 -16.17 -25.86
N LYS N 30 49.78 -16.11 -27.19
CA LYS N 30 49.09 -17.14 -27.96
C LYS N 30 49.78 -18.50 -27.81
N GLU N 31 51.12 -18.51 -27.79
CA GLU N 31 51.84 -19.76 -27.61
C GLU N 31 51.51 -20.39 -26.27
N LEU N 32 51.48 -19.58 -25.20
CA LEU N 32 51.16 -20.10 -23.87
C LEU N 32 49.74 -20.65 -23.82
N LEU N 33 48.78 -19.94 -24.44
CA LEU N 33 47.40 -20.39 -24.41
C LEU N 33 47.21 -21.69 -25.17
N ASN N 34 48.06 -21.97 -26.16
CA ASN N 34 47.98 -23.22 -26.91
C ASN N 34 48.69 -24.37 -26.20
N GLY N 35 49.16 -24.17 -24.97
CA GLY N 35 49.80 -25.23 -24.21
C GLY N 35 51.29 -25.33 -24.37
N GLN N 36 51.94 -24.29 -24.89
CA GLN N 36 53.38 -24.31 -25.11
C GLN N 36 54.11 -23.71 -23.91
N ARG N 37 55.15 -24.40 -23.46
CA ARG N 37 55.99 -23.90 -22.38
C ARG N 37 57.11 -23.06 -22.96
N VAL N 38 57.26 -21.83 -22.46
CA VAL N 38 58.18 -20.85 -23.02
C VAL N 38 59.08 -20.31 -21.92
N VAL N 39 60.36 -20.15 -22.25
CA VAL N 39 61.34 -19.50 -21.38
C VAL N 39 61.92 -18.31 -22.16
N VAL N 40 61.88 -17.14 -21.53
CA VAL N 40 62.38 -15.90 -22.14
C VAL N 40 63.60 -15.45 -21.35
N VAL N 41 64.70 -15.21 -22.07
CA VAL N 41 65.95 -14.77 -21.45
C VAL N 41 66.32 -13.40 -22.03
N ARG N 42 67.16 -12.69 -21.28
CA ARG N 42 67.63 -11.36 -21.68
C ARG N 42 66.45 -10.40 -21.89
N CYS N 43 65.56 -10.35 -20.90
CA CYS N 43 64.42 -9.43 -20.98
C CYS N 43 64.85 -7.98 -20.86
N GLU N 44 66.01 -7.71 -20.27
CA GLU N 44 66.50 -6.33 -20.15
C GLU N 44 66.82 -5.73 -21.52
N GLU N 45 67.01 -6.55 -22.55
CA GLU N 45 67.35 -6.08 -23.88
C GLU N 45 66.13 -5.91 -24.77
N ILE N 46 64.92 -6.16 -24.25
CA ILE N 46 63.72 -5.89 -25.02
C ILE N 46 63.68 -4.41 -25.38
N CYS N 47 63.08 -4.11 -26.53
CA CYS N 47 62.99 -2.75 -27.05
C CYS N 47 61.54 -2.27 -27.02
N LEU N 48 61.36 -1.01 -26.66
CA LEU N 48 60.05 -0.37 -26.63
C LEU N 48 60.08 0.85 -27.55
N SER N 49 59.12 0.92 -28.47
CA SER N 49 59.06 2.04 -29.39
C SER N 49 58.57 3.30 -28.68
N GLY N 50 58.91 4.45 -29.26
CA GLY N 50 58.51 5.74 -28.74
C GLY N 50 59.60 6.46 -27.97
N GLY N 51 60.63 5.76 -27.52
CA GLY N 51 61.75 6.39 -26.85
C GLY N 51 61.63 6.35 -25.33
N LEU N 52 62.76 6.60 -24.67
CA LEU N 52 62.81 6.51 -23.21
C LEU N 52 61.89 7.54 -22.56
N VAL N 53 61.89 8.77 -23.07
CA VAL N 53 61.12 9.83 -22.42
C VAL N 53 59.64 9.48 -22.41
N ARG N 54 59.09 9.06 -23.55
CA ARG N 54 57.68 8.69 -23.61
C ARG N 54 57.40 7.46 -22.73
N GLN N 55 58.25 6.45 -22.82
CA GLN N 55 58.03 5.24 -22.04
C GLN N 55 58.19 5.51 -20.55
N LYS N 56 59.16 6.36 -20.17
CA LYS N 56 59.30 6.73 -18.78
C LYS N 56 58.07 7.45 -18.26
N MET N 57 57.54 8.38 -19.06
CA MET N 57 56.33 9.09 -18.65
C MET N 57 55.16 8.12 -18.47
N LYS N 58 55.05 7.13 -19.37
CA LYS N 58 53.96 6.17 -19.25
C LYS N 58 54.08 5.37 -17.96
N TYR N 59 55.28 4.94 -17.59
CA TYR N 59 55.44 4.17 -16.37
C TYR N 59 55.15 5.03 -15.14
N LEU N 60 55.54 6.30 -15.17
CA LEU N 60 55.24 7.18 -14.05
C LEU N 60 53.74 7.35 -13.87
N ARG N 61 52.99 7.43 -14.97
CA ARG N 61 51.53 7.44 -14.86
C ARG N 61 51.04 6.14 -14.24
N PHE N 62 51.67 5.02 -14.58
CA PHE N 62 51.32 3.74 -13.96
C PHE N 62 51.61 3.78 -12.46
N LEU N 63 52.72 4.38 -12.06
CA LEU N 63 53.05 4.48 -10.64
C LEU N 63 52.04 5.31 -9.86
N ARG N 64 51.31 6.20 -10.52
CA ARG N 64 50.28 6.98 -9.84
C ARG N 64 49.15 6.08 -9.34
N LYS N 65 48.81 5.05 -10.12
CA LYS N 65 47.67 4.22 -9.81
C LYS N 65 47.92 3.44 -8.51
N ARG N 66 47.09 3.68 -7.51
CA ARG N 66 47.18 2.93 -6.26
C ARG N 66 45.86 3.07 -5.51
N MET N 67 45.44 1.99 -4.86
CA MET N 67 44.22 2.03 -4.05
C MET N 67 44.40 3.06 -2.93
N ASN N 68 43.61 4.13 -2.97
CA ASN N 68 43.81 5.25 -2.06
C ASN N 68 43.73 4.79 -0.60
N THR N 69 42.75 3.96 -0.27
CA THR N 69 42.53 3.56 1.13
C THR N 69 43.47 2.45 1.59
N LYS N 70 44.16 1.76 0.68
CA LYS N 70 45.03 0.65 1.05
C LYS N 70 46.01 0.36 -0.07
N PRO N 71 47.13 1.09 -0.16
CA PRO N 71 48.03 0.92 -1.30
C PRO N 71 48.56 -0.50 -1.46
N SER N 72 48.69 -1.26 -0.38
CA SER N 72 49.17 -2.63 -0.50
C SER N 72 48.22 -3.52 -1.29
N HIS N 73 46.96 -3.11 -1.46
CA HIS N 73 45.97 -3.87 -2.21
C HIS N 73 46.13 -3.71 -3.72
N GLY N 74 47.22 -3.11 -4.19
CA GLY N 74 47.48 -2.98 -5.60
C GLY N 74 47.03 -1.66 -6.17
N PRO N 75 47.38 -1.39 -7.45
CA PRO N 75 48.16 -2.27 -8.32
C PRO N 75 49.62 -2.38 -7.91
N ILE N 76 50.25 -3.50 -8.23
CA ILE N 76 51.66 -3.74 -7.91
C ILE N 76 52.51 -3.30 -9.09
N HIS N 77 53.49 -2.45 -8.83
CA HIS N 77 54.32 -1.85 -9.87
C HIS N 77 55.70 -2.50 -9.82
N PHE N 78 55.86 -3.60 -10.56
CA PHE N 78 57.16 -4.26 -10.64
C PHE N 78 58.12 -3.43 -11.48
N ARG N 79 59.38 -3.39 -11.05
CA ARG N 79 60.39 -2.57 -11.71
C ARG N 79 61.33 -3.38 -12.60
N ALA N 80 61.55 -4.66 -12.31
CA ALA N 80 62.52 -5.43 -13.07
C ALA N 80 62.02 -5.71 -14.49
N PRO N 81 62.92 -5.76 -15.47
CA PRO N 81 62.46 -6.04 -16.85
C PRO N 81 61.70 -7.35 -16.98
N SER N 82 62.12 -8.40 -16.27
CA SER N 82 61.44 -9.69 -16.40
C SER N 82 60.00 -9.61 -15.92
N LYS N 83 59.76 -8.91 -14.82
CA LYS N 83 58.40 -8.78 -14.30
C LYS N 83 57.55 -7.88 -15.18
N ILE N 84 58.14 -6.83 -15.76
CA ILE N 84 57.39 -5.97 -16.68
C ILE N 84 56.92 -6.76 -17.88
N LEU N 85 57.80 -7.59 -18.46
CA LEU N 85 57.38 -8.47 -19.54
C LEU N 85 56.31 -9.44 -19.07
N TRP N 86 56.47 -10.00 -17.87
CA TRP N 86 55.47 -10.93 -17.35
C TRP N 86 54.12 -10.24 -17.18
N ARG N 87 54.11 -9.00 -16.67
CA ARG N 87 52.86 -8.29 -16.51
C ARG N 87 52.28 -7.88 -17.85
N THR N 88 53.14 -7.53 -18.82
CA THR N 88 52.65 -7.21 -20.16
C THR N 88 51.94 -8.39 -20.78
N ILE N 89 52.49 -9.60 -20.61
CA ILE N 89 51.84 -10.79 -21.14
C ILE N 89 50.54 -11.08 -20.39
N ARG N 90 50.53 -10.83 -19.08
CA ARG N 90 49.31 -11.08 -18.29
C ARG N 90 48.13 -10.28 -18.82
N GLY N 91 48.37 -9.08 -19.34
CA GLY N 91 47.30 -8.27 -19.89
C GLY N 91 46.71 -8.82 -21.17
N MET N 92 47.40 -9.75 -21.82
CA MET N 92 46.93 -10.37 -23.05
C MET N 92 46.45 -11.81 -22.82
N ILE N 93 46.13 -12.16 -21.58
CA ILE N 93 45.70 -13.51 -21.22
C ILE N 93 44.52 -13.39 -20.27
N PRO N 94 43.50 -14.24 -20.37
CA PRO N 94 42.42 -14.21 -19.37
C PRO N 94 42.88 -14.78 -18.04
N HIS N 95 43.76 -14.05 -17.35
CA HIS N 95 44.47 -14.60 -16.20
C HIS N 95 43.57 -14.84 -15.00
N LYS N 96 42.34 -14.36 -15.01
CA LYS N 96 41.41 -14.59 -13.90
C LYS N 96 40.67 -15.92 -14.01
N THR N 97 40.83 -16.65 -15.11
CA THR N 97 40.27 -17.99 -15.26
C THR N 97 41.35 -19.03 -15.05
N LYS N 98 40.90 -20.27 -14.81
CA LYS N 98 41.85 -21.37 -14.64
C LYS N 98 42.66 -21.59 -15.92
N ARG N 99 42.02 -21.48 -17.08
CA ARG N 99 42.73 -21.64 -18.34
C ARG N 99 43.84 -20.59 -18.46
N GLY N 100 43.53 -19.33 -18.15
CA GLY N 100 44.54 -18.30 -18.21
C GLY N 100 45.64 -18.48 -17.18
N ALA N 101 45.27 -18.86 -15.95
CA ALA N 101 46.26 -19.05 -14.91
C ALA N 101 47.23 -20.16 -15.26
N ALA N 102 46.73 -21.26 -15.82
CA ALA N 102 47.62 -22.33 -16.26
C ALA N 102 48.54 -21.86 -17.37
N ALA N 103 48.04 -21.05 -18.29
CA ALA N 103 48.88 -20.53 -19.36
C ALA N 103 50.02 -19.69 -18.82
N LEU N 104 49.74 -18.83 -17.83
CA LEU N 104 50.79 -18.03 -17.22
C LEU N 104 51.78 -18.89 -16.46
N ALA N 105 51.32 -19.98 -15.85
CA ALA N 105 52.20 -20.87 -15.11
C ALA N 105 53.19 -21.61 -15.99
N ARG N 106 53.01 -21.56 -17.31
CA ARG N 106 53.93 -22.19 -18.25
C ARG N 106 54.99 -21.22 -18.78
N LEU N 107 55.03 -19.99 -18.26
CA LEU N 107 55.97 -18.98 -18.71
C LEU N 107 57.04 -18.75 -17.65
N LYS N 108 58.28 -18.60 -18.10
CA LYS N 108 59.40 -18.23 -17.24
C LYS N 108 60.18 -17.11 -17.90
N VAL N 109 60.53 -16.10 -17.11
CA VAL N 109 61.20 -14.90 -17.60
C VAL N 109 62.41 -14.61 -16.74
N TYR N 110 63.54 -14.30 -17.38
CA TYR N 110 64.78 -14.02 -16.66
C TYR N 110 65.50 -12.84 -17.29
N GLU N 111 66.17 -12.06 -16.46
CA GLU N 111 67.17 -11.12 -16.94
C GLU N 111 68.47 -11.86 -17.20
N GLY N 112 69.16 -11.47 -18.27
CA GLY N 112 70.36 -12.20 -18.62
C GLY N 112 70.04 -13.61 -19.07
N VAL N 113 71.05 -14.47 -18.98
CA VAL N 113 70.91 -15.87 -19.38
C VAL N 113 71.44 -16.76 -18.26
N PRO N 114 70.69 -16.96 -17.18
CA PRO N 114 71.17 -17.81 -16.09
C PRO N 114 71.20 -19.27 -16.50
N PRO N 115 71.97 -20.10 -15.82
CA PRO N 115 71.98 -21.53 -16.13
C PRO N 115 70.61 -22.14 -15.85
N PRO N 116 70.26 -23.25 -16.51
CA PRO N 116 71.07 -23.98 -17.50
C PRO N 116 70.89 -23.44 -18.93
N TYR N 117 70.14 -22.35 -19.07
CA TYR N 117 69.80 -21.85 -20.40
C TYR N 117 70.99 -21.22 -21.11
N ASP N 118 72.10 -20.98 -20.42
CA ASP N 118 73.28 -20.45 -21.10
C ASP N 118 73.88 -21.45 -22.08
N LYS N 119 73.57 -22.73 -21.94
CA LYS N 119 74.06 -23.76 -22.84
C LYS N 119 72.93 -24.42 -23.64
N ILE N 120 71.81 -23.72 -23.81
CA ILE N 120 70.67 -24.22 -24.55
C ILE N 120 70.41 -23.30 -25.73
N LYS N 121 70.07 -23.88 -26.87
CA LYS N 121 69.83 -23.10 -28.07
C LYS N 121 68.68 -22.11 -27.84
N ARG N 122 68.89 -20.87 -28.26
CA ARG N 122 67.92 -19.79 -28.07
C ARG N 122 67.42 -19.32 -29.43
N MET N 123 66.10 -19.24 -29.57
CA MET N 123 65.46 -18.88 -30.82
C MET N 123 64.98 -17.44 -30.78
N VAL N 124 64.61 -16.92 -31.96
CA VAL N 124 64.08 -15.58 -32.10
C VAL N 124 62.73 -15.66 -32.81
N ILE N 125 61.98 -14.57 -32.73
CA ILE N 125 60.64 -14.47 -33.28
C ILE N 125 60.63 -13.34 -34.31
N PRO N 126 60.68 -13.67 -35.60
CA PRO N 126 60.81 -12.61 -36.62
C PRO N 126 59.70 -11.56 -36.58
N ASP N 127 58.47 -11.95 -36.24
CA ASP N 127 57.37 -11.00 -36.24
C ASP N 127 57.49 -9.94 -35.16
N ALA N 128 58.43 -10.09 -34.22
CA ALA N 128 58.64 -9.11 -33.16
C ALA N 128 60.01 -8.45 -33.21
N LEU N 129 60.84 -8.78 -34.21
CA LEU N 129 62.19 -8.24 -34.26
C LEU N 129 62.17 -6.74 -34.60
N LYS N 130 63.04 -5.98 -33.93
CA LYS N 130 63.11 -4.55 -34.17
C LYS N 130 63.58 -4.25 -35.58
N VAL N 131 64.54 -5.03 -36.09
CA VAL N 131 65.10 -4.76 -37.41
C VAL N 131 64.03 -4.85 -38.48
N LEU N 132 62.97 -5.61 -38.24
CA LEU N 132 61.89 -5.76 -39.20
C LEU N 132 60.67 -4.90 -38.89
N ARG N 133 60.49 -4.46 -37.65
CA ARG N 133 59.28 -3.77 -37.23
C ARG N 133 59.46 -2.27 -37.04
N LEU N 134 60.67 -1.80 -36.72
CA LEU N 134 60.91 -0.41 -36.42
C LEU N 134 61.80 0.19 -37.50
N GLN N 135 61.35 1.30 -38.08
CA GLN N 135 62.15 1.98 -39.10
C GLN N 135 63.37 2.63 -38.48
N SER N 136 64.52 2.45 -39.11
CA SER N 136 65.75 3.02 -38.61
C SER N 136 65.61 4.54 -38.49
N GLY N 137 66.03 5.07 -37.34
CA GLY N 137 65.91 6.49 -37.06
C GLY N 137 64.76 6.86 -36.14
N HIS N 138 63.84 5.94 -35.89
CA HIS N 138 62.74 6.20 -34.98
C HIS N 138 63.14 5.85 -33.55
N LYS N 139 62.55 6.56 -32.60
CA LYS N 139 62.94 6.45 -31.20
C LYS N 139 62.59 5.09 -30.63
N TYR N 140 63.46 4.57 -29.78
CA TYR N 140 63.18 3.37 -29.01
C TYR N 140 64.11 3.35 -27.80
N CYS N 141 63.71 2.57 -26.79
CA CYS N 141 64.50 2.41 -25.59
C CYS N 141 64.54 0.94 -25.21
N LEU N 142 65.59 0.57 -24.49
CA LEU N 142 65.73 -0.78 -23.96
C LEU N 142 64.99 -0.89 -22.63
N LEU N 143 64.35 -2.04 -22.41
CA LEU N 143 63.59 -2.22 -21.18
C LEU N 143 64.49 -2.16 -19.96
N GLY N 144 65.73 -2.63 -20.07
CA GLY N 144 66.65 -2.53 -18.95
C GLY N 144 66.96 -1.09 -18.58
N LYS N 145 67.15 -0.23 -19.59
CA LYS N 145 67.37 1.18 -19.31
C LYS N 145 66.15 1.81 -18.63
N LEU N 146 64.96 1.48 -19.12
CA LEU N 146 63.75 2.02 -18.50
C LEU N 146 63.61 1.54 -17.07
N SER N 147 63.89 0.26 -16.82
CA SER N 147 63.74 -0.29 -15.47
C SER N 147 64.70 0.38 -14.50
N SER N 148 65.91 0.69 -14.94
CA SER N 148 66.88 1.31 -14.05
C SER N 148 66.38 2.65 -13.54
N GLU N 149 65.79 3.46 -14.41
CA GLU N 149 65.33 4.79 -14.04
C GLU N 149 64.05 4.78 -13.20
N VAL N 150 63.36 3.64 -13.12
CA VAL N 150 62.14 3.53 -12.31
C VAL N 150 62.37 2.67 -11.07
N GLY N 151 63.61 2.31 -10.77
CA GLY N 151 63.93 1.70 -9.50
C GLY N 151 64.40 0.26 -9.55
N TRP N 152 65.06 -0.13 -10.64
CA TRP N 152 65.69 -1.44 -10.76
C TRP N 152 67.19 -1.23 -10.62
N ASN N 153 67.76 -1.77 -9.55
CA ASN N 153 69.15 -1.50 -9.17
C ASN N 153 70.10 -2.64 -9.51
N HIS N 154 69.65 -3.64 -10.27
CA HIS N 154 70.49 -4.78 -10.62
C HIS N 154 71.04 -4.70 -12.04
N TYR N 155 70.91 -3.56 -12.72
CA TYR N 155 71.34 -3.47 -14.10
C TYR N 155 72.84 -3.75 -14.24
N ASP N 156 73.65 -3.17 -13.35
CA ASP N 156 75.08 -3.40 -13.40
C ASP N 156 75.42 -4.86 -13.18
N THR N 157 74.76 -5.50 -12.21
CA THR N 157 75.05 -6.90 -11.91
C THR N 157 74.80 -7.78 -13.14
N ILE N 158 73.68 -7.56 -13.82
CA ILE N 158 73.38 -8.30 -15.03
C ILE N 158 74.42 -8.01 -16.11
N LYS N 159 74.86 -6.75 -16.20
CA LYS N 159 75.81 -6.37 -17.23
C LYS N 159 77.14 -7.11 -17.05
N GLU N 160 77.63 -7.19 -15.81
CA GLU N 160 78.88 -7.88 -15.56
C GLU N 160 78.75 -9.38 -15.82
N LEU N 161 77.65 -9.99 -15.37
CA LEU N 161 77.47 -11.41 -15.60
C LEU N 161 77.33 -11.74 -17.07
N GLU N 162 76.66 -10.88 -17.84
CA GLU N 162 76.53 -11.10 -19.28
C GLU N 162 77.89 -11.03 -19.97
N ASN N 163 78.74 -10.09 -19.58
CA ASN N 163 80.06 -10.00 -20.17
C ASN N 163 80.87 -11.27 -19.89
N LYS N 164 80.77 -11.79 -18.66
CA LYS N 164 81.47 -13.02 -18.33
C LYS N 164 80.94 -14.19 -19.15
N ARG N 165 79.62 -14.27 -19.33
CA ARG N 165 79.05 -15.36 -20.12
C ARG N 165 79.47 -15.25 -21.58
N LYS N 166 79.48 -14.04 -22.13
CA LYS N 166 79.82 -13.87 -23.54
C LYS N 166 81.27 -14.29 -23.81
N GLU N 167 82.18 -13.93 -22.90
CA GLU N 167 83.58 -14.32 -23.09
C GLU N 167 83.74 -15.83 -23.04
N ARG N 168 83.04 -16.50 -22.11
CA ARG N 168 83.07 -17.96 -22.08
C ARG N 168 82.47 -18.55 -23.35
N ALA N 169 81.38 -17.96 -23.84
CA ALA N 169 80.78 -18.42 -25.09
C ALA N 169 81.74 -18.25 -26.26
N GLN N 170 82.51 -17.15 -26.27
CA GLN N 170 83.48 -16.95 -27.33
C GLN N 170 84.54 -18.04 -27.31
N VAL N 171 85.01 -18.43 -26.12
CA VAL N 171 85.99 -19.50 -26.01
C VAL N 171 85.40 -20.81 -26.55
N ALA N 172 84.16 -21.12 -26.16
CA ALA N 172 83.51 -22.33 -26.66
C ALA N 172 83.32 -22.26 -28.17
N TYR N 173 82.99 -21.08 -28.69
CA TYR N 173 82.82 -20.92 -30.13
C TYR N 173 84.10 -21.23 -30.88
N GLU N 174 85.25 -20.79 -30.33
CA GLU N 174 86.52 -21.08 -30.98
C GLU N 174 86.81 -22.58 -30.98
N ARG N 175 86.48 -23.27 -29.89
CA ARG N 175 86.70 -24.72 -29.86
C ARG N 175 85.89 -25.43 -30.94
N ARG N 176 84.62 -25.06 -31.09
CA ARG N 176 83.82 -25.63 -32.17
C ARG N 176 84.34 -25.20 -33.53
N LYS N 177 84.82 -23.96 -33.63
CA LYS N 177 85.37 -23.49 -34.89
C LYS N 177 86.58 -24.32 -35.31
N GLN N 178 87.47 -24.63 -34.37
CA GLN N 178 88.60 -25.49 -34.67
C GLN N 178 88.16 -26.91 -34.98
N LEU N 179 87.19 -27.43 -34.21
CA LEU N 179 86.68 -28.77 -34.46
C LEU N 179 86.06 -28.89 -35.84
N ALA N 180 85.50 -27.80 -36.36
CA ALA N 180 84.96 -27.83 -37.71
C ALA N 180 86.07 -27.89 -38.75
N LYS N 181 87.15 -27.14 -38.54
CA LYS N 181 88.29 -27.21 -39.44
C LYS N 181 88.92 -28.60 -39.45
N LEU N 182 88.87 -29.28 -38.30
CA LEU N 182 89.41 -30.64 -38.23
C LEU N 182 88.48 -31.65 -38.89
N ARG N 183 87.21 -31.30 -39.11
CA ARG N 183 86.26 -32.21 -39.73
C ARG N 183 86.23 -32.08 -41.24
N VAL N 184 86.55 -30.89 -41.79
CA VAL N 184 86.63 -30.76 -43.24
C VAL N 184 87.79 -31.59 -43.78
N LYS N 185 88.86 -31.75 -42.99
CA LYS N 185 89.94 -32.64 -43.40
C LYS N 185 89.49 -34.09 -43.38
N ALA N 186 88.68 -34.47 -42.40
CA ALA N 186 88.23 -35.86 -42.30
C ALA N 186 87.41 -36.28 -43.51
N GLU N 187 86.48 -35.41 -43.94
CA GLU N 187 85.67 -35.75 -45.11
C GLU N 187 86.52 -35.88 -46.36
N LYS N 188 87.52 -35.01 -46.51
CA LYS N 188 88.41 -35.10 -47.66
C LYS N 188 89.16 -36.42 -47.67
N ALA N 189 89.65 -36.85 -46.51
CA ALA N 189 90.30 -38.15 -46.42
C ALA N 189 89.31 -39.27 -46.74
N ALA N 190 88.08 -39.17 -46.24
CA ALA N 190 87.07 -40.16 -46.52
C ALA N 190 86.56 -40.12 -47.95
N GLU N 191 86.95 -39.10 -48.73
CA GLU N 191 86.45 -38.97 -50.09
C GLU N 191 86.85 -40.18 -50.94
N GLU N 192 88.08 -40.65 -50.78
CA GLU N 192 88.54 -41.79 -51.57
C GLU N 192 87.72 -43.04 -51.28
N LYS N 193 87.44 -43.30 -50.01
CA LYS N 193 86.67 -44.49 -49.65
C LYS N 193 85.25 -44.41 -50.21
N LEU N 194 84.64 -43.23 -50.15
CA LEU N 194 83.23 -43.05 -50.51
C LEU N 194 83.16 -42.49 -51.92
N GLY N 195 83.08 -43.38 -52.91
CA GLY N 195 82.93 -42.99 -54.29
C GLY N 195 81.47 -43.00 -54.71
N PRO N 196 80.80 -44.15 -54.57
CA PRO N 196 79.38 -44.19 -54.92
C PRO N 196 78.51 -43.34 -54.01
N GLN N 197 78.83 -43.26 -52.73
CA GLN N 197 77.98 -42.54 -51.79
C GLN N 197 77.92 -41.05 -52.12
N LEU N 198 79.07 -40.45 -52.46
CA LEU N 198 79.09 -39.03 -52.77
C LEU N 198 78.31 -38.73 -54.05
N ALA N 199 78.27 -39.67 -54.99
CA ALA N 199 77.53 -39.45 -56.23
C ALA N 199 76.04 -39.28 -55.95
N VAL N 200 75.49 -40.08 -55.03
CA VAL N 200 74.08 -39.97 -54.69
C VAL N 200 73.80 -38.64 -54.00
N ILE N 201 74.69 -38.21 -53.11
CA ILE N 201 74.47 -36.99 -52.36
C ILE N 201 74.77 -35.73 -53.15
N GLU N 202 75.51 -35.85 -54.27
CA GLU N 202 75.90 -34.67 -55.02
C GLU N 202 74.71 -33.82 -55.47
N PRO N 203 73.68 -34.36 -56.11
CA PRO N 203 72.55 -33.51 -56.52
C PRO N 203 71.81 -32.87 -55.37
N ILE N 204 71.92 -33.43 -54.16
CA ILE N 204 71.20 -32.90 -53.00
C ILE N 204 72.04 -31.93 -52.18
N LYS N 205 73.36 -32.00 -52.27
CA LYS N 205 74.22 -31.14 -51.47
C LYS N 205 74.10 -29.69 -51.94
N TYR N 206 74.06 -28.77 -50.98
CA TYR N 206 74.01 -27.35 -51.28
C TYR N 206 75.37 -26.84 -51.74
N VAL O 2 18.56 -47.48 22.45
CA VAL O 2 17.93 -48.53 21.64
C VAL O 2 18.75 -48.75 20.37
N LYS O 3 18.53 -47.91 19.37
CA LYS O 3 19.30 -47.96 18.13
C LYS O 3 20.23 -46.76 18.09
N TYR O 4 21.52 -47.02 17.93
CA TYR O 4 22.52 -45.97 17.81
C TYR O 4 22.74 -45.61 16.35
N SER O 5 23.10 -44.35 16.12
CA SER O 5 23.24 -43.86 14.75
C SER O 5 24.22 -44.71 13.95
N ARG O 6 25.26 -45.23 14.61
CA ARG O 6 26.25 -46.09 13.97
C ARG O 6 26.38 -47.38 14.77
N GLU O 7 26.50 -48.49 14.05
CA GLU O 7 26.64 -49.78 14.70
C GLU O 7 28.10 -50.22 14.74
N PRO O 8 28.54 -50.86 15.82
CA PRO O 8 29.92 -51.34 15.87
C PRO O 8 30.18 -52.41 14.82
N ASP O 9 31.40 -52.44 14.31
CA ASP O 9 31.77 -53.46 13.33
C ASP O 9 31.65 -54.86 13.92
N ASN O 10 32.09 -55.03 15.16
CA ASN O 10 32.00 -56.31 15.87
C ASN O 10 31.14 -56.12 17.11
N PRO O 11 29.84 -56.45 17.08
CA PRO O 11 29.01 -56.24 18.27
C PRO O 11 29.49 -56.98 19.49
N THR O 12 30.10 -58.16 19.32
CA THR O 12 30.53 -58.94 20.47
C THR O 12 31.71 -58.29 21.21
N LYS O 13 32.48 -57.45 20.51
CA LYS O 13 33.67 -56.82 21.08
C LYS O 13 33.44 -55.36 21.44
N SER O 14 32.19 -54.91 21.52
CA SER O 14 31.89 -53.51 21.76
C SER O 14 30.86 -53.36 22.88
N CYS O 15 30.94 -52.24 23.57
CA CYS O 15 29.96 -51.84 24.58
C CYS O 15 29.56 -50.40 24.30
N LYS O 16 28.43 -50.00 24.88
CA LYS O 16 27.86 -48.69 24.58
C LYS O 16 27.05 -48.18 25.75
N SER O 17 26.84 -46.87 25.76
CA SER O 17 25.98 -46.22 26.74
C SER O 17 25.45 -44.93 26.13
N ARG O 18 24.33 -44.45 26.67
CA ARG O 18 23.69 -43.26 26.14
C ARG O 18 23.07 -42.46 27.27
N GLY O 19 22.85 -41.18 27.01
CA GLY O 19 22.13 -40.31 27.91
C GLY O 19 21.19 -39.40 27.16
N SER O 20 19.98 -39.19 27.67
CA SER O 20 18.95 -38.42 26.98
C SER O 20 18.52 -37.23 27.81
N SER O 21 18.28 -36.10 27.14
CA SER O 21 17.76 -34.90 27.76
C SER O 21 18.66 -34.44 28.92
N LEU O 22 19.97 -34.53 28.71
CA LEU O 22 20.92 -34.10 29.73
C LEU O 22 20.96 -32.58 29.80
N ARG O 23 20.83 -32.02 31.00
CA ARG O 23 20.79 -30.58 31.20
C ARG O 23 22.22 -30.04 31.13
N VAL O 24 22.74 -29.96 29.90
CA VAL O 24 24.05 -29.40 29.64
C VAL O 24 24.02 -28.81 28.25
N HIS O 25 24.76 -27.72 28.06
CA HIS O 25 24.72 -27.00 26.79
C HIS O 25 25.13 -27.90 25.64
N PHE O 26 24.31 -27.92 24.59
CA PHE O 26 24.60 -28.74 23.43
C PHE O 26 25.92 -28.36 22.78
N LYS O 27 26.13 -27.05 22.56
CA LYS O 27 27.32 -26.60 21.84
C LYS O 27 28.61 -26.97 22.59
N ASN O 28 28.63 -26.76 23.91
CA ASN O 28 29.80 -27.13 24.69
C ASN O 28 30.05 -28.63 24.64
N THR O 29 28.99 -29.42 24.73
CA THR O 29 29.14 -30.88 24.75
C THR O 29 29.60 -31.42 23.41
N ARG O 30 29.17 -30.80 22.30
CA ARG O 30 29.63 -31.25 21.00
C ARG O 30 31.14 -31.06 20.87
N GLU O 31 31.65 -29.92 21.33
CA GLU O 31 33.09 -29.68 21.25
C GLU O 31 33.86 -30.71 22.09
N THR O 32 33.37 -31.02 23.29
CA THR O 32 34.02 -32.02 24.12
C THR O 32 34.01 -33.39 23.44
N ALA O 33 32.85 -33.77 22.88
CA ALA O 33 32.77 -35.05 22.18
C ALA O 33 33.68 -35.07 20.96
N HIS O 34 33.75 -33.94 20.24
CA HIS O 34 34.58 -33.88 19.05
C HIS O 34 36.06 -34.10 19.38
N ALA O 35 36.48 -33.75 20.59
CA ALA O 35 37.87 -33.92 20.99
C ALA O 35 38.18 -35.33 21.46
N LEU O 36 37.17 -36.17 21.70
CA LEU O 36 37.38 -37.51 22.24
C LEU O 36 37.29 -38.61 21.19
N ARG O 37 36.87 -38.29 19.96
CA ARG O 37 36.60 -39.33 18.99
C ARG O 37 37.88 -40.08 18.62
N LYS O 38 37.77 -41.41 18.53
CA LYS O 38 38.87 -42.28 18.16
C LYS O 38 40.01 -42.22 19.17
N MET O 39 39.67 -42.13 20.46
CA MET O 39 40.66 -41.98 21.52
C MET O 39 40.60 -43.19 22.46
N PRO O 40 41.74 -43.71 22.92
CA PRO O 40 41.70 -44.81 23.87
C PRO O 40 40.97 -44.42 25.14
N LEU O 41 40.27 -45.41 25.73
CA LEU O 41 39.45 -45.13 26.91
C LEU O 41 40.30 -44.61 28.07
N ASP O 42 41.47 -45.22 28.29
CA ASP O 42 42.31 -44.78 29.39
C ASP O 42 42.78 -43.34 29.18
N LYS O 43 43.21 -43.00 27.97
CA LYS O 43 43.64 -41.63 27.70
C LYS O 43 42.47 -40.66 27.78
N ALA O 44 41.30 -41.06 27.28
CA ALA O 44 40.14 -40.19 27.31
C ALA O 44 39.75 -39.83 28.74
N LYS O 45 39.75 -40.81 29.64
CA LYS O 45 39.39 -40.54 31.03
C LYS O 45 40.37 -39.57 31.68
N SER O 46 41.67 -39.79 31.48
CA SER O 46 42.66 -38.87 32.03
C SER O 46 42.54 -37.49 31.39
N TYR O 47 42.27 -37.45 30.08
CA TYR O 47 42.14 -36.17 29.39
C TYR O 47 40.99 -35.36 29.96
N LEU O 48 39.84 -36.00 30.19
CA LEU O 48 38.70 -35.29 30.76
C LEU O 48 38.95 -34.86 32.20
N GLU O 49 39.67 -35.68 32.97
CA GLU O 49 40.02 -35.29 34.33
C GLU O 49 40.94 -34.08 34.35
N ASP O 50 41.84 -33.98 33.37
CA ASP O 50 42.69 -32.80 33.27
C ASP O 50 41.89 -31.56 32.91
N VAL O 51 40.81 -31.72 32.14
CA VAL O 51 39.92 -30.59 31.85
C VAL O 51 39.28 -30.10 33.14
N LEU O 52 38.82 -31.01 33.98
CA LEU O 52 38.24 -30.63 35.26
C LEU O 52 39.26 -29.95 36.16
N ALA O 53 40.54 -30.23 35.99
CA ALA O 53 41.61 -29.61 36.76
C ALA O 53 42.19 -28.38 36.08
N HIS O 54 41.64 -27.98 34.94
CA HIS O 54 42.10 -26.80 34.21
C HIS O 54 43.55 -26.95 33.76
N LYS O 55 43.98 -28.18 33.52
CA LYS O 55 45.33 -28.46 33.03
C LYS O 55 45.36 -28.73 31.53
N GLN O 56 44.29 -29.26 30.96
CA GLN O 56 44.14 -29.43 29.52
C GLN O 56 42.82 -28.80 29.09
N ALA O 57 42.84 -28.21 27.90
CA ALA O 57 41.69 -27.49 27.37
C ALA O 57 41.04 -28.28 26.23
N ILE O 58 39.73 -28.08 26.08
CA ILE O 58 38.98 -28.68 24.98
C ILE O 58 38.90 -27.65 23.86
N PRO O 59 39.48 -27.92 22.69
CA PRO O 59 39.41 -26.94 21.60
C PRO O 59 38.00 -26.74 21.09
N PHE O 60 37.71 -25.50 20.70
CA PHE O 60 36.42 -25.11 20.14
C PHE O 60 36.64 -24.76 18.67
N THR O 61 36.08 -25.57 17.78
CA THR O 61 36.30 -25.42 16.34
C THR O 61 35.07 -24.93 15.59
N ARG O 62 33.88 -25.38 15.95
CA ARG O 62 32.65 -25.00 15.25
C ARG O 62 31.91 -23.87 15.97
N PHE O 63 31.52 -24.09 17.23
CA PHE O 63 30.80 -23.08 18.00
C PHE O 63 31.80 -22.28 18.83
N CYS O 64 32.59 -21.48 18.14
CA CYS O 64 33.76 -20.85 18.72
C CYS O 64 33.78 -19.33 18.63
N ARG O 65 32.72 -18.71 18.14
CA ARG O 65 32.74 -17.25 17.99
C ARG O 65 32.78 -16.59 19.36
N GLY O 66 33.80 -15.75 19.58
CA GLY O 66 33.98 -15.08 20.85
C GLY O 66 34.72 -15.89 21.89
N VAL O 67 35.05 -17.15 21.61
CA VAL O 67 35.77 -17.96 22.58
C VAL O 67 37.19 -17.44 22.74
N GLY O 68 37.68 -17.45 23.98
CA GLY O 68 39.00 -16.95 24.26
C GLY O 68 40.09 -17.87 23.74
N ARG O 69 41.32 -17.36 23.79
CA ARG O 69 42.48 -18.06 23.29
C ARG O 69 43.38 -18.48 24.46
N THR O 70 43.85 -19.72 24.40
CA THR O 70 44.65 -20.30 25.48
C THR O 70 45.76 -21.14 24.89
N ALA O 71 46.88 -21.19 25.61
CA ALA O 71 48.01 -22.00 25.16
C ALA O 71 47.77 -23.49 25.33
N GLN O 72 46.86 -23.88 26.23
CA GLN O 72 46.59 -25.30 26.46
C GLN O 72 45.93 -25.99 25.27
N ALA O 73 45.43 -25.24 24.29
CA ALA O 73 44.75 -25.82 23.14
C ALA O 73 45.57 -25.76 21.85
N LYS O 74 46.78 -25.20 21.89
CA LYS O 74 47.54 -25.05 20.65
C LYS O 74 47.95 -26.39 20.07
N ASN O 75 48.20 -27.40 20.92
CA ASN O 75 48.65 -28.69 20.40
C ASN O 75 47.58 -29.33 19.52
N ARG O 76 46.32 -29.22 19.90
CA ARG O 76 45.23 -29.80 19.13
C ARG O 76 44.59 -28.81 18.18
N HIS O 77 44.68 -27.51 18.45
CA HIS O 77 44.03 -26.48 17.64
C HIS O 77 45.00 -25.30 17.54
N SER O 78 45.57 -25.11 16.36
CA SER O 78 46.71 -24.19 16.23
C SER O 78 46.35 -22.77 16.65
N ASN O 79 45.17 -22.28 16.24
CA ASN O 79 44.84 -20.89 16.53
C ASN O 79 44.58 -20.63 18.01
N GLY O 80 44.44 -21.69 18.82
CA GLY O 80 44.44 -21.54 20.26
C GLY O 80 43.08 -21.33 20.91
N GLN O 81 41.98 -21.46 20.17
CA GLN O 81 40.65 -21.32 20.76
C GLN O 81 40.30 -22.58 21.53
N GLY O 82 40.04 -22.43 22.83
CA GLY O 82 39.67 -23.56 23.66
C GLY O 82 39.08 -23.08 24.96
N ARG O 83 38.48 -24.02 25.68
CA ARG O 83 37.84 -23.73 26.95
C ARG O 83 37.89 -24.98 27.83
N TRP O 84 37.27 -24.89 29.00
CA TRP O 84 37.27 -25.97 29.99
C TRP O 84 35.84 -26.24 30.42
N PRO O 85 35.01 -26.78 29.53
CA PRO O 85 33.60 -27.03 29.90
C PRO O 85 33.45 -28.20 30.86
N VAL O 86 33.60 -27.92 32.15
CA VAL O 86 33.61 -29.00 33.15
C VAL O 86 32.26 -29.71 33.17
N LYS O 87 31.16 -28.96 33.03
CA LYS O 87 29.85 -29.58 33.11
C LYS O 87 29.65 -30.60 31.99
N SER O 88 30.06 -30.26 30.77
CA SER O 88 30.00 -31.23 29.67
C SER O 88 30.93 -32.41 29.94
N ALA O 89 32.13 -32.14 30.44
CA ALA O 89 33.08 -33.22 30.72
C ALA O 89 32.53 -34.16 31.77
N GLY O 90 31.83 -33.62 32.77
CA GLY O 90 31.28 -34.47 33.81
C GLY O 90 30.25 -35.46 33.30
N PHE O 91 29.34 -35.00 32.43
CA PHE O 91 28.34 -35.90 31.87
C PHE O 91 28.99 -36.98 31.01
N ILE O 92 29.96 -36.60 30.18
CA ILE O 92 30.62 -37.57 29.32
C ILE O 92 31.46 -38.55 30.14
N LEU O 93 32.08 -38.05 31.21
CA LEU O 93 32.85 -38.95 32.08
C LEU O 93 31.94 -40.02 32.69
N ASP O 94 30.75 -39.62 33.12
CA ASP O 94 29.80 -40.60 33.67
C ASP O 94 29.41 -41.62 32.61
N LEU O 95 29.21 -41.19 31.37
CA LEU O 95 28.88 -42.12 30.30
C LEU O 95 30.02 -43.09 30.04
N LEU O 96 31.27 -42.61 30.06
CA LEU O 96 32.40 -43.50 29.84
C LEU O 96 32.48 -44.56 30.92
N LYS O 97 32.27 -44.18 32.18
CA LYS O 97 32.30 -45.15 33.26
C LYS O 97 31.17 -46.16 33.12
N ASN O 98 29.98 -45.71 32.73
CA ASN O 98 28.87 -46.64 32.52
C ASN O 98 29.18 -47.62 31.40
N ALA O 99 29.75 -47.14 30.30
CA ALA O 99 30.11 -48.04 29.21
C ALA O 99 31.20 -49.01 29.64
N GLU O 100 32.15 -48.54 30.46
CA GLU O 100 33.20 -49.42 30.95
C GLU O 100 32.63 -50.54 31.81
N SER O 101 31.66 -50.23 32.67
CA SER O 101 31.02 -51.26 33.48
C SER O 101 30.30 -52.27 32.59
N ASN O 102 29.68 -51.79 31.52
CA ASN O 102 29.05 -52.72 30.57
C ASN O 102 30.07 -53.64 29.92
N ALA O 103 31.28 -53.13 29.67
CA ALA O 103 32.34 -53.98 29.13
C ALA O 103 32.71 -55.10 30.10
N GLU O 104 32.78 -54.78 31.39
CA GLU O 104 33.14 -55.80 32.38
C GLU O 104 32.13 -56.93 32.41
N VAL O 105 30.84 -56.59 32.33
CA VAL O 105 29.80 -57.63 32.30
C VAL O 105 29.97 -58.51 31.06
N LYS O 106 30.35 -57.91 29.94
CA LYS O 106 30.60 -58.67 28.71
C LYS O 106 31.97 -59.33 28.68
N GLY O 107 32.81 -59.07 29.67
CA GLY O 107 34.14 -59.67 29.69
C GLY O 107 35.05 -59.20 28.58
N LEU O 108 35.05 -57.91 28.28
CA LEU O 108 35.94 -57.35 27.27
C LEU O 108 37.24 -56.90 27.89
N ASP O 109 38.24 -56.67 27.04
CA ASP O 109 39.54 -56.18 27.47
C ASP O 109 39.47 -54.67 27.62
N VAL O 110 39.25 -54.21 28.86
CA VAL O 110 39.07 -52.78 29.09
C VAL O 110 40.31 -52.00 28.73
N ASP O 111 41.50 -52.62 28.84
CA ASP O 111 42.74 -51.91 28.57
C ASP O 111 42.90 -51.56 27.09
N SER O 112 42.18 -52.23 26.20
CA SER O 112 42.31 -52.01 24.77
C SER O 112 41.12 -51.26 24.18
N LEU O 113 40.18 -50.80 25.01
CA LEU O 113 39.00 -50.11 24.48
C LEU O 113 39.36 -48.72 23.99
N TYR O 114 38.72 -48.31 22.89
CA TYR O 114 38.84 -46.96 22.38
C TYR O 114 37.46 -46.48 21.95
N ILE O 115 37.30 -45.16 21.91
CA ILE O 115 36.02 -44.55 21.55
C ILE O 115 35.87 -44.68 20.03
N SER O 116 35.02 -45.61 19.60
CA SER O 116 34.79 -45.83 18.18
C SER O 116 33.63 -44.99 17.64
N HIS O 117 32.75 -44.51 18.50
CA HIS O 117 31.63 -43.68 18.07
C HIS O 117 31.16 -42.84 19.23
N ILE O 118 30.91 -41.55 18.98
CA ILE O 118 30.35 -40.65 19.97
C ILE O 118 29.73 -39.47 19.23
N GLN O 119 28.50 -39.14 19.58
CA GLN O 119 27.81 -38.01 18.94
C GLN O 119 26.87 -37.37 19.94
N VAL O 120 26.60 -36.08 19.72
CA VAL O 120 25.71 -35.30 20.55
C VAL O 120 24.59 -34.77 19.66
N ASN O 121 23.35 -34.99 20.08
CA ASN O 121 22.18 -34.49 19.38
C ASN O 121 21.41 -33.53 20.27
N GLU O 122 20.74 -32.57 19.64
CA GLU O 122 19.93 -31.61 20.38
C GLU O 122 18.67 -32.29 20.91
N ALA O 123 18.37 -32.07 22.19
CA ALA O 123 17.15 -32.56 22.80
C ALA O 123 16.11 -31.45 22.81
N GLN O 124 14.95 -31.74 23.40
CA GLN O 124 13.89 -30.75 23.48
C GLN O 124 14.33 -29.56 24.32
N LYS O 125 14.11 -28.36 23.81
CA LYS O 125 14.46 -27.14 24.53
C LYS O 125 13.52 -26.93 25.70
N GLN O 126 14.07 -26.38 26.79
CA GLN O 126 13.30 -26.05 27.98
C GLN O 126 13.14 -24.54 28.08
N ARG O 127 11.98 -24.10 28.58
CA ARG O 127 11.55 -22.72 28.47
C ARG O 127 11.51 -22.05 29.83
N ARG O 128 12.24 -20.94 29.95
CA ARG O 128 12.05 -19.93 30.97
C ARG O 128 11.83 -18.60 30.25
N ARG O 129 11.77 -17.51 31.00
CA ARG O 129 11.61 -16.19 30.41
C ARG O 129 12.43 -15.17 31.18
N THR O 130 12.79 -14.10 30.48
CA THR O 130 13.53 -12.99 31.06
C THR O 130 12.80 -11.68 30.73
N TYR O 131 13.02 -10.68 31.57
CA TYR O 131 12.30 -9.42 31.48
C TYR O 131 13.19 -8.35 30.87
N ARG O 132 12.66 -7.64 29.89
CA ARG O 132 13.41 -6.65 29.12
C ARG O 132 12.80 -5.27 29.33
N ALA O 133 13.54 -4.26 28.87
CA ALA O 133 13.12 -2.87 29.06
C ALA O 133 11.81 -2.60 28.33
N HIS O 134 11.05 -1.64 28.85
CA HIS O 134 9.77 -1.24 28.28
C HIS O 134 8.71 -2.34 28.40
N GLY O 135 8.76 -3.11 29.49
CA GLY O 135 7.74 -4.11 29.74
C GLY O 135 7.64 -5.18 28.67
N ARG O 136 8.77 -5.72 28.23
CA ARG O 136 8.80 -6.79 27.24
C ARG O 136 9.35 -8.07 27.87
N ILE O 137 8.84 -9.20 27.39
CA ILE O 137 9.27 -10.53 27.84
C ILE O 137 9.89 -11.25 26.66
N ASN O 138 11.09 -11.80 26.86
CA ASN O 138 11.80 -12.58 25.87
C ASN O 138 11.98 -14.02 26.32
N PRO O 139 12.22 -14.94 25.40
CA PRO O 139 12.53 -16.32 25.80
C PRO O 139 13.86 -16.39 26.54
N TYR O 140 13.95 -17.36 27.45
CA TYR O 140 15.16 -17.66 28.21
C TYR O 140 15.30 -19.17 28.20
N MET O 141 15.93 -19.71 27.16
CA MET O 141 15.88 -21.13 26.85
C MET O 141 17.17 -21.82 27.24
N SER O 142 17.06 -23.13 27.47
CA SER O 142 18.19 -24.02 27.63
C SER O 142 18.23 -24.98 26.43
N HIS O 143 19.40 -25.54 26.19
CA HIS O 143 19.65 -26.39 25.02
C HIS O 143 20.25 -27.71 25.49
N PRO O 144 19.44 -28.60 26.05
CA PRO O 144 19.94 -29.92 26.44
C PRO O 144 20.23 -30.78 25.23
N CYS O 145 20.86 -31.93 25.47
CA CYS O 145 21.34 -32.76 24.37
C CYS O 145 21.26 -34.22 24.74
N HIS O 146 21.16 -35.06 23.70
CA HIS O 146 21.34 -36.50 23.82
C HIS O 146 22.79 -36.85 23.51
N ILE O 147 23.33 -37.81 24.26
CA ILE O 147 24.70 -38.26 24.04
C ILE O 147 24.68 -39.79 23.93
N GLU O 148 25.37 -40.30 22.92
CA GLU O 148 25.55 -41.73 22.76
C GLU O 148 27.01 -41.99 22.41
N LEU O 149 27.57 -43.09 22.93
CA LEU O 149 28.94 -43.45 22.62
C LEU O 149 29.06 -44.97 22.59
N ILE O 150 30.04 -45.46 21.83
CA ILE O 150 30.33 -46.87 21.70
C ILE O 150 31.82 -47.07 21.86
N LEU O 151 32.19 -48.04 22.70
CA LEU O 151 33.59 -48.41 22.91
C LEU O 151 33.84 -49.77 22.26
N SER O 152 34.88 -49.84 21.44
CA SER O 152 35.24 -51.06 20.73
C SER O 152 36.65 -51.49 21.12
N GLU O 153 36.86 -52.81 21.19
CA GLU O 153 38.19 -53.34 21.45
C GLU O 153 39.10 -53.07 20.26
N LYS O 154 40.36 -52.78 20.55
CA LYS O 154 41.37 -52.56 19.51
C LYS O 154 41.82 -53.93 19.00
N GLU O 155 41.48 -54.23 17.74
CA GLU O 155 41.81 -55.52 17.17
C GLU O 155 43.27 -55.54 16.70
N GLU O 156 43.93 -56.67 16.92
CA GLU O 156 45.34 -56.82 16.55
C GLU O 156 45.47 -57.09 15.04
N GLY P 2 12.55 -14.04 -41.23
CA GLY P 2 11.19 -13.55 -41.09
C GLY P 2 10.44 -13.53 -42.41
N ILE P 3 9.11 -13.60 -42.32
CA ILE P 3 8.25 -13.60 -43.49
C ILE P 3 7.16 -12.57 -43.27
N ASP P 4 6.96 -11.68 -44.25
CA ASP P 4 5.99 -10.60 -44.14
C ASP P 4 4.60 -11.12 -44.49
N LEU P 5 3.98 -11.76 -43.51
CA LEU P 5 2.62 -12.27 -43.61
C LEU P 5 1.84 -11.86 -42.37
N VAL P 6 0.55 -12.19 -42.35
CA VAL P 6 -0.33 -11.90 -41.23
C VAL P 6 -0.66 -13.23 -40.55
N ALA P 7 -0.38 -13.30 -39.25
CA ALA P 7 -0.62 -14.53 -38.48
C ALA P 7 0.03 -15.73 -39.14
N GLY P 8 1.24 -15.53 -39.66
CA GLY P 8 1.97 -16.60 -40.30
C GLY P 8 1.25 -17.19 -41.49
N GLY P 9 0.42 -16.41 -42.17
CA GLY P 9 -0.31 -16.89 -43.33
C GLY P 9 -1.48 -17.78 -43.02
N LYS P 10 -1.86 -17.92 -41.76
CA LYS P 10 -2.94 -18.81 -41.38
C LYS P 10 -4.27 -18.07 -41.35
N SER P 11 -5.34 -18.82 -41.55
CA SER P 11 -6.69 -18.24 -41.57
C SER P 11 -7.14 -17.88 -40.16
N LYS P 12 -7.84 -16.75 -40.04
CA LYS P 12 -8.43 -16.31 -38.78
C LYS P 12 -9.95 -16.43 -38.80
N LYS P 13 -10.51 -17.16 -39.75
CA LYS P 13 -11.94 -17.38 -39.86
C LYS P 13 -12.33 -18.70 -39.21
N THR P 14 -13.52 -18.72 -38.61
CA THR P 14 -14.04 -19.92 -37.95
C THR P 14 -15.37 -20.29 -38.59
N LYS P 15 -15.48 -21.55 -39.00
CA LYS P 15 -16.73 -22.12 -39.49
C LYS P 15 -16.91 -23.49 -38.86
N ARG P 16 -18.16 -23.95 -38.82
CA ARG P 16 -18.48 -25.24 -38.23
C ARG P 16 -18.09 -26.36 -39.19
N THR P 17 -17.16 -27.21 -38.77
CA THR P 17 -16.77 -28.39 -39.53
C THR P 17 -17.53 -29.64 -39.09
N ALA P 18 -18.41 -29.52 -38.09
CA ALA P 18 -19.18 -30.65 -37.58
C ALA P 18 -20.32 -30.09 -36.74
N PRO P 19 -21.37 -30.86 -36.51
CA PRO P 19 -22.43 -30.41 -35.62
C PRO P 19 -21.93 -30.29 -34.19
N LYS P 20 -22.44 -29.29 -33.47
CA LYS P 20 -22.16 -29.16 -32.06
C LYS P 20 -23.00 -30.11 -31.22
N SER P 21 -24.10 -30.63 -31.77
CA SER P 21 -24.99 -31.52 -31.05
C SER P 21 -24.35 -32.88 -30.85
N ASP P 22 -24.83 -33.59 -29.83
CA ASP P 22 -24.44 -34.97 -29.58
C ASP P 22 -25.50 -35.96 -30.06
N ASP P 23 -26.55 -35.48 -30.72
CA ASP P 23 -27.60 -36.36 -31.24
C ASP P 23 -27.01 -37.44 -32.12
N VAL P 24 -27.20 -38.70 -31.71
CA VAL P 24 -26.61 -39.82 -32.45
C VAL P 24 -27.20 -39.91 -33.85
N TYR P 25 -28.49 -39.60 -34.01
CA TYR P 25 -29.11 -39.68 -35.32
C TYR P 25 -28.58 -38.59 -36.25
N LEU P 26 -28.36 -37.39 -35.72
CA LEU P 26 -27.79 -36.33 -36.56
C LEU P 26 -26.40 -36.70 -37.03
N LYS P 27 -25.59 -37.29 -36.14
CA LYS P 27 -24.23 -37.69 -36.54
C LYS P 27 -24.27 -38.77 -37.62
N LEU P 28 -25.24 -39.67 -37.57
CA LEU P 28 -25.39 -40.65 -38.64
C LEU P 28 -25.75 -39.97 -39.95
N LEU P 29 -26.63 -38.97 -39.90
CA LEU P 29 -26.95 -38.21 -41.12
C LEU P 29 -25.72 -37.48 -41.64
N VAL P 30 -24.90 -36.93 -40.74
CA VAL P 30 -23.68 -36.26 -41.18
C VAL P 30 -22.75 -37.25 -41.86
N LYS P 31 -22.61 -38.45 -41.30
CA LYS P 31 -21.79 -39.48 -41.95
C LYS P 31 -22.35 -39.84 -43.32
N LEU P 32 -23.68 -39.95 -43.42
CA LEU P 32 -24.29 -40.27 -44.71
C LEU P 32 -23.98 -39.21 -45.76
N TYR P 33 -24.10 -37.93 -45.39
CA TYR P 33 -23.91 -36.86 -46.35
C TYR P 33 -22.47 -36.40 -46.48
N ARG P 34 -21.58 -36.78 -45.55
CA ARG P 34 -20.16 -36.67 -45.83
C ARG P 34 -19.77 -37.56 -47.00
N PHE P 35 -20.30 -38.79 -47.01
CA PHE P 35 -20.01 -39.70 -48.12
C PHE P 35 -20.62 -39.20 -49.42
N LEU P 36 -21.87 -38.76 -49.39
CA LEU P 36 -22.54 -38.33 -50.62
C LEU P 36 -21.84 -37.12 -51.23
N ALA P 37 -21.45 -36.15 -50.41
CA ALA P 37 -20.79 -34.96 -50.93
C ALA P 37 -19.44 -35.31 -51.55
N ARG P 38 -18.68 -36.21 -50.92
CA ARG P 38 -17.34 -36.53 -51.41
C ARG P 38 -17.40 -37.34 -52.70
N ARG P 39 -18.26 -38.36 -52.75
CA ARG P 39 -18.25 -39.32 -53.85
C ARG P 39 -19.13 -38.91 -55.02
N THR P 40 -19.84 -37.78 -54.94
CA THR P 40 -20.67 -37.32 -56.04
C THR P 40 -20.30 -35.94 -56.55
N GLY P 41 -19.68 -35.09 -55.72
CA GLY P 41 -19.41 -33.73 -56.14
C GLY P 41 -20.65 -32.91 -56.39
N SER P 42 -21.80 -33.37 -55.90
CA SER P 42 -23.06 -32.65 -56.11
C SER P 42 -23.11 -31.42 -55.23
N LYS P 43 -23.47 -30.28 -55.83
CA LYS P 43 -23.60 -29.06 -55.04
C LYS P 43 -24.73 -29.16 -54.03
N PHE P 44 -25.80 -29.88 -54.37
CA PHE P 44 -26.89 -30.08 -53.42
C PHE P 44 -26.41 -30.80 -52.17
N ASN P 45 -25.62 -31.86 -52.34
CA ASN P 45 -25.13 -32.61 -51.19
C ASN P 45 -24.21 -31.77 -50.33
N ALA P 46 -23.36 -30.95 -50.96
CA ALA P 46 -22.47 -30.09 -50.19
C ALA P 46 -23.25 -29.09 -49.35
N VAL P 47 -24.29 -28.49 -49.91
CA VAL P 47 -25.10 -27.54 -49.16
C VAL P 47 -25.80 -28.24 -48.00
N ILE P 48 -26.37 -29.43 -48.25
CA ILE P 48 -27.06 -30.15 -47.20
C ILE P 48 -26.10 -30.47 -46.06
N LEU P 49 -24.88 -30.89 -46.38
CA LEU P 49 -23.93 -31.24 -45.34
C LEU P 49 -23.61 -30.04 -44.45
N LYS P 50 -23.40 -28.87 -45.06
CA LYS P 50 -23.04 -27.68 -44.28
C LYS P 50 -24.18 -27.29 -43.34
N ARG P 51 -25.42 -27.35 -43.82
CA ARG P 51 -26.55 -26.92 -43.00
C ARG P 51 -26.83 -27.87 -41.84
N LEU P 52 -26.41 -29.13 -41.95
CA LEU P 52 -26.57 -30.05 -40.82
C LEU P 52 -25.67 -29.69 -39.66
N PHE P 53 -24.60 -28.93 -39.89
CA PHE P 53 -23.73 -28.49 -38.81
C PHE P 53 -24.30 -27.33 -38.01
N MET P 54 -25.28 -26.61 -38.56
CA MET P 54 -25.61 -25.28 -38.06
C MET P 54 -26.38 -25.35 -36.74
N SER P 55 -26.30 -24.25 -36.00
CA SER P 55 -26.98 -24.14 -34.71
C SER P 55 -28.49 -24.02 -34.92
N LYS P 56 -29.22 -24.03 -33.79
CA LYS P 56 -30.67 -24.00 -33.85
C LYS P 56 -31.18 -22.75 -34.55
N ILE P 57 -30.65 -21.58 -34.19
CA ILE P 57 -31.12 -20.34 -34.79
C ILE P 57 -30.77 -20.26 -36.27
N ASN P 58 -29.75 -20.98 -36.71
CA ASN P 58 -29.41 -21.05 -38.12
C ASN P 58 -30.19 -22.15 -38.85
N LYS P 59 -31.13 -22.80 -38.18
CA LYS P 59 -32.05 -23.76 -38.80
C LYS P 59 -33.47 -23.39 -38.42
N PRO P 60 -33.95 -22.22 -38.85
CA PRO P 60 -35.25 -21.75 -38.40
C PRO P 60 -36.37 -22.62 -38.94
N PRO P 61 -37.51 -22.65 -38.26
CA PRO P 61 -38.65 -23.43 -38.78
C PRO P 61 -39.27 -22.79 -40.00
N LEU P 62 -39.98 -23.62 -40.77
CA LEU P 62 -40.72 -23.18 -41.95
C LEU P 62 -42.19 -23.53 -41.74
N SER P 63 -43.05 -22.52 -41.79
CA SER P 63 -44.47 -22.74 -41.61
C SER P 63 -45.04 -23.52 -42.80
N LEU P 64 -46.10 -24.28 -42.53
CA LEU P 64 -46.75 -25.05 -43.59
C LEU P 64 -47.34 -24.13 -44.65
N SER P 65 -47.92 -23.01 -44.23
CA SER P 65 -48.51 -22.09 -45.20
C SER P 65 -47.45 -21.55 -46.16
N ARG P 66 -46.29 -21.16 -45.63
CA ARG P 66 -45.22 -20.70 -46.50
C ARG P 66 -44.67 -21.83 -47.36
N LEU P 67 -44.66 -23.05 -46.83
CA LEU P 67 -44.26 -24.21 -47.63
C LEU P 67 -45.20 -24.42 -48.81
N ILE P 68 -46.50 -24.25 -48.58
CA ILE P 68 -47.48 -24.44 -49.65
C ILE P 68 -47.28 -23.40 -50.75
N THR P 69 -47.06 -22.13 -50.37
CA THR P 69 -46.92 -21.08 -51.37
C THR P 69 -45.69 -21.32 -52.25
N TYR P 70 -44.57 -21.70 -51.64
CA TYR P 70 -43.36 -21.95 -52.42
C TYR P 70 -43.43 -23.23 -53.23
N ALA P 71 -44.32 -24.15 -52.87
CA ALA P 71 -44.49 -25.39 -53.59
C ALA P 71 -45.60 -25.33 -54.63
N THR P 72 -46.25 -24.18 -54.79
CA THR P 72 -47.31 -24.05 -55.78
C THR P 72 -46.74 -24.20 -57.18
N GLY P 73 -47.37 -25.05 -57.99
CA GLY P 73 -46.90 -25.30 -59.33
C GLY P 73 -45.67 -26.18 -59.41
N LYS P 74 -45.28 -26.82 -58.32
CA LYS P 74 -44.10 -27.69 -58.26
C LYS P 74 -44.44 -28.98 -57.53
N GLY P 75 -45.55 -29.60 -57.91
CA GLY P 75 -45.97 -30.83 -57.24
C GLY P 75 -44.99 -31.97 -57.42
N ASP P 76 -44.39 -32.09 -58.61
CA ASP P 76 -43.46 -33.18 -58.85
C ASP P 76 -42.21 -33.08 -58.00
N ASN P 77 -41.71 -31.86 -57.77
CA ASN P 77 -40.49 -31.68 -57.00
C ASN P 77 -40.69 -32.07 -55.54
N ILE P 78 -39.60 -32.46 -54.90
CA ILE P 78 -39.60 -32.81 -53.48
C ILE P 78 -39.07 -31.61 -52.70
N VAL P 79 -39.81 -31.18 -51.70
CA VAL P 79 -39.41 -30.05 -50.87
C VAL P 79 -38.42 -30.53 -49.82
N VAL P 80 -37.29 -29.83 -49.68
CA VAL P 80 -36.24 -30.20 -48.75
C VAL P 80 -36.01 -29.02 -47.82
N LEU P 81 -36.01 -29.28 -46.51
CA LEU P 81 -35.78 -28.26 -45.51
C LEU P 81 -34.86 -28.85 -44.43
N VAL P 82 -33.73 -28.19 -44.20
CA VAL P 82 -32.84 -28.58 -43.09
C VAL P 82 -33.34 -27.81 -41.88
N GLY P 83 -34.37 -28.36 -41.25
CA GLY P 83 -35.03 -27.70 -40.14
C GLY P 83 -36.36 -28.36 -39.85
N THR P 84 -37.19 -27.63 -39.11
CA THR P 84 -38.48 -28.13 -38.64
C THR P 84 -39.60 -27.49 -39.43
N VAL P 85 -40.62 -28.29 -39.76
CA VAL P 85 -41.82 -27.82 -40.44
C VAL P 85 -42.93 -27.74 -39.40
N THR P 86 -43.50 -26.55 -39.25
CA THR P 86 -44.58 -26.32 -38.29
C THR P 86 -45.91 -26.18 -39.02
N ASP P 87 -46.99 -26.38 -38.27
CA ASP P 87 -48.34 -26.22 -38.81
C ASP P 87 -48.79 -24.77 -38.71
N ASP P 88 -49.60 -24.36 -39.67
CA ASP P 88 -50.13 -23.00 -39.74
C ASP P 88 -51.64 -23.06 -39.84
N VAL P 89 -52.32 -22.52 -38.82
CA VAL P 89 -53.77 -22.52 -38.80
C VAL P 89 -54.35 -21.58 -39.84
N ARG P 90 -53.55 -20.65 -40.36
CA ARG P 90 -54.02 -19.69 -41.35
C ARG P 90 -54.12 -20.29 -42.75
N ALA P 91 -53.57 -21.49 -42.96
CA ALA P 91 -53.69 -22.18 -44.24
C ALA P 91 -54.84 -23.17 -44.17
N TYR P 92 -55.73 -23.11 -45.15
CA TYR P 92 -56.94 -23.93 -45.17
C TYR P 92 -56.81 -25.14 -46.08
N GLU P 93 -56.35 -24.94 -47.32
CA GLU P 93 -56.23 -26.02 -48.30
C GLU P 93 -54.78 -26.47 -48.36
N VAL P 94 -54.54 -27.75 -48.06
CA VAL P 94 -53.22 -28.35 -48.08
C VAL P 94 -53.18 -29.34 -49.24
N PRO P 95 -52.46 -29.05 -50.32
CA PRO P 95 -52.32 -30.04 -51.40
C PRO P 95 -51.34 -31.14 -51.02
N LYS P 96 -51.43 -32.25 -51.76
CA LYS P 96 -50.49 -33.34 -51.56
C LYS P 96 -49.09 -32.91 -51.98
N ILE P 97 -48.13 -33.15 -51.10
CA ILE P 97 -46.76 -32.68 -51.32
C ILE P 97 -45.80 -33.65 -50.64
N LYS P 98 -44.63 -33.83 -51.26
CA LYS P 98 -43.56 -34.64 -50.70
C LYS P 98 -42.55 -33.71 -50.04
N VAL P 99 -42.38 -33.85 -48.73
CA VAL P 99 -41.57 -32.93 -47.94
C VAL P 99 -40.54 -33.74 -47.15
N CYS P 100 -39.28 -33.35 -47.25
CA CYS P 100 -38.21 -33.91 -46.42
C CYS P 100 -37.73 -32.85 -45.45
N ALA P 101 -37.72 -33.19 -44.17
CA ALA P 101 -37.30 -32.25 -43.14
C ALA P 101 -36.71 -33.02 -41.96
N LEU P 102 -35.90 -32.31 -41.17
CA LEU P 102 -35.33 -32.92 -39.98
C LEU P 102 -36.41 -33.30 -38.98
N LYS P 103 -37.48 -32.52 -38.91
CA LYS P 103 -38.52 -32.74 -37.91
C LYS P 103 -39.84 -32.14 -38.40
N PHE P 104 -40.92 -32.84 -38.12
CA PHE P 104 -42.28 -32.34 -38.38
C PHE P 104 -43.02 -32.25 -37.06
N THR P 105 -43.69 -31.12 -36.83
CA THR P 105 -44.56 -31.02 -35.67
C THR P 105 -45.73 -31.99 -35.83
N GLU P 106 -46.32 -32.36 -34.70
CA GLU P 106 -47.40 -33.36 -34.73
C GLU P 106 -48.56 -32.90 -35.59
N THR P 107 -48.93 -31.62 -35.49
CA THR P 107 -50.03 -31.11 -36.31
C THR P 107 -49.64 -31.02 -37.78
N ALA P 108 -48.41 -30.59 -38.05
CA ALA P 108 -47.97 -30.47 -39.44
C ALA P 108 -47.91 -31.83 -40.12
N ARG P 109 -47.43 -32.85 -39.41
CA ARG P 109 -47.37 -34.20 -39.99
C ARG P 109 -48.78 -34.70 -40.29
N ALA P 110 -49.72 -34.50 -39.37
CA ALA P 110 -51.08 -35.00 -39.58
C ALA P 110 -51.73 -34.36 -40.80
N ARG P 111 -51.58 -33.04 -40.96
CA ARG P 111 -52.20 -32.37 -42.09
C ARG P 111 -51.60 -32.81 -43.41
N ILE P 112 -50.27 -32.95 -43.46
CA ILE P 112 -49.62 -33.38 -44.70
C ILE P 112 -50.04 -34.80 -45.06
N GLU P 113 -50.08 -35.69 -44.08
CA GLU P 113 -50.47 -37.07 -44.35
C GLU P 113 -51.94 -37.19 -44.72
N LYS P 114 -52.80 -36.35 -44.14
CA LYS P 114 -54.21 -36.38 -44.51
C LYS P 114 -54.42 -35.98 -45.95
N ALA P 115 -53.67 -35.00 -46.43
CA ALA P 115 -53.80 -34.51 -47.80
C ALA P 115 -53.17 -35.44 -48.83
N GLY P 116 -52.75 -36.63 -48.44
CA GLY P 116 -52.11 -37.55 -49.36
C GLY P 116 -50.64 -37.32 -49.57
N GLY P 117 -50.03 -36.40 -48.83
CA GLY P 117 -48.61 -36.14 -48.94
C GLY P 117 -47.79 -37.14 -48.14
N GLU P 118 -46.49 -36.88 -48.12
CA GLU P 118 -45.54 -37.76 -47.43
C GLU P 118 -44.51 -36.93 -46.69
N CYS P 119 -44.18 -37.35 -45.48
CA CYS P 119 -43.15 -36.72 -44.66
C CYS P 119 -41.93 -37.63 -44.66
N LEU P 120 -40.83 -37.15 -45.22
CA LEU P 120 -39.62 -37.93 -45.40
C LEU P 120 -38.51 -37.42 -44.49
N THR P 121 -37.59 -38.31 -44.15
CA THR P 121 -36.34 -37.95 -43.50
C THR P 121 -35.22 -37.89 -44.53
N PHE P 122 -34.08 -37.35 -44.11
CA PHE P 122 -32.97 -37.16 -45.04
C PHE P 122 -32.32 -38.47 -45.45
N ASP P 123 -32.50 -39.55 -44.68
CA ASP P 123 -32.02 -40.85 -45.12
C ASP P 123 -32.93 -41.41 -46.21
N GLN P 124 -34.23 -41.14 -46.13
CA GLN P 124 -35.13 -41.53 -47.22
C GLN P 124 -34.91 -40.69 -48.46
N LEU P 125 -34.54 -39.43 -48.30
CA LEU P 125 -34.27 -38.57 -49.45
C LEU P 125 -33.08 -39.09 -50.24
N ALA P 126 -32.04 -39.57 -49.56
CA ALA P 126 -30.88 -40.09 -50.26
C ALA P 126 -31.24 -41.25 -51.18
N LEU P 127 -32.23 -42.05 -50.79
CA LEU P 127 -32.66 -43.16 -51.65
C LEU P 127 -33.48 -42.67 -52.84
N ARG P 128 -34.19 -41.56 -52.70
CA ARG P 128 -35.03 -41.04 -53.78
C ARG P 128 -34.34 -39.97 -54.61
N ALA P 129 -33.42 -39.21 -54.03
CA ALA P 129 -32.71 -38.15 -54.74
C ALA P 129 -31.27 -38.09 -54.23
N PRO P 130 -30.44 -39.04 -54.63
CA PRO P 130 -29.04 -39.04 -54.14
C PRO P 130 -28.27 -37.78 -54.53
N LEU P 131 -28.57 -37.20 -55.69
CA LEU P 131 -27.94 -35.96 -56.11
C LEU P 131 -28.85 -34.75 -55.94
N GLY P 132 -29.97 -34.91 -55.24
CA GLY P 132 -30.91 -33.81 -55.09
C GLY P 132 -31.73 -33.52 -56.33
N GLN P 133 -31.88 -34.50 -57.22
CA GLN P 133 -32.63 -34.28 -58.45
C GLN P 133 -34.08 -33.92 -58.14
N ASN P 134 -34.60 -32.93 -58.86
CA ASN P 134 -36.01 -32.55 -58.75
C ASN P 134 -36.39 -32.22 -57.31
N THR P 135 -35.56 -31.41 -56.66
CA THR P 135 -35.79 -30.98 -55.29
C THR P 135 -35.99 -29.47 -55.23
N LEU P 136 -36.76 -29.04 -54.24
CA LEU P 136 -36.98 -27.63 -53.96
C LEU P 136 -36.37 -27.35 -52.59
N LEU P 137 -35.17 -26.76 -52.59
CA LEU P 137 -34.44 -26.50 -51.37
C LEU P 137 -34.94 -25.18 -50.75
N LEU P 138 -35.41 -25.25 -49.51
CA LEU P 138 -36.01 -24.10 -48.86
C LEU P 138 -35.35 -23.85 -47.51
N ARG P 139 -35.35 -22.59 -47.10
CA ARG P 139 -34.87 -22.16 -45.79
C ARG P 139 -35.93 -21.32 -45.11
N GLY P 140 -36.07 -21.48 -43.79
CA GLY P 140 -36.97 -20.66 -43.02
C GLY P 140 -36.43 -19.28 -42.78
N PRO P 141 -37.29 -18.38 -42.29
CA PRO P 141 -36.86 -17.00 -42.05
C PRO P 141 -35.85 -16.89 -40.92
N LYS P 142 -34.61 -16.53 -41.27
CA LYS P 142 -33.53 -16.53 -40.28
C LYS P 142 -33.63 -15.35 -39.32
N ASN P 143 -34.00 -14.18 -39.83
CA ASN P 143 -33.95 -12.94 -39.05
C ASN P 143 -35.28 -12.56 -38.43
N SER P 144 -36.26 -13.48 -38.41
CA SER P 144 -37.57 -13.21 -37.81
C SER P 144 -37.55 -13.76 -36.38
N ARG P 145 -36.93 -13.01 -35.48
CA ARG P 145 -36.92 -13.37 -34.07
C ARG P 145 -36.64 -12.11 -33.25
N GLU P 146 -36.97 -12.19 -31.96
CA GLU P 146 -36.89 -11.01 -31.11
C GLU P 146 -35.48 -10.45 -31.03
N ALA P 147 -34.48 -11.33 -30.88
CA ALA P 147 -33.11 -10.85 -30.70
C ALA P 147 -32.68 -9.93 -31.82
N VAL P 148 -33.05 -10.26 -33.06
CA VAL P 148 -32.60 -9.47 -34.21
C VAL P 148 -33.14 -8.06 -34.16
N LYS P 149 -34.34 -7.87 -33.60
CA LYS P 149 -34.90 -6.53 -33.51
C LYS P 149 -34.02 -5.59 -32.71
N HIS P 150 -33.22 -6.12 -31.77
CA HIS P 150 -32.33 -5.32 -30.96
C HIS P 150 -30.98 -5.08 -31.61
N PHE P 151 -30.72 -5.64 -32.80
CA PHE P 151 -29.43 -5.52 -33.45
C PHE P 151 -29.41 -4.33 -34.41
N GLY P 152 -28.21 -3.89 -34.76
CA GLY P 152 -28.03 -2.79 -35.67
C GLY P 152 -27.65 -1.51 -34.94
N PRO P 153 -27.91 -0.36 -35.56
CA PRO P 153 -27.58 0.90 -34.89
C PRO P 153 -28.35 1.07 -33.59
N ALA P 154 -27.74 1.76 -32.65
CA ALA P 154 -28.33 1.89 -31.32
C ALA P 154 -29.66 2.63 -31.42
N PRO P 155 -30.59 2.36 -30.48
CA PRO P 155 -31.90 3.03 -30.57
C PRO P 155 -31.82 4.55 -30.56
N GLY P 156 -30.81 5.13 -29.92
CA GLY P 156 -30.74 6.57 -29.76
C GLY P 156 -30.10 7.35 -30.89
N VAL P 157 -29.55 6.68 -31.90
CA VAL P 157 -28.89 7.39 -33.00
C VAL P 157 -29.93 7.76 -34.05
N PRO P 158 -29.67 8.75 -34.90
CA PRO P 158 -30.64 9.11 -35.95
C PRO P 158 -30.87 7.98 -36.93
N HIS P 159 -32.09 7.92 -37.47
CA HIS P 159 -32.47 6.95 -38.49
C HIS P 159 -32.41 5.52 -37.96
N SER P 160 -32.69 5.35 -36.68
CA SER P 160 -32.66 4.04 -36.03
C SER P 160 -34.08 3.61 -35.68
N HIS P 161 -34.43 2.37 -36.04
CA HIS P 161 -35.66 1.75 -35.60
C HIS P 161 -35.37 0.52 -34.74
N THR P 162 -34.17 0.43 -34.19
CA THR P 162 -33.81 -0.69 -33.34
C THR P 162 -34.62 -0.67 -32.05
N LYS P 163 -35.09 -1.83 -31.65
CA LYS P 163 -35.89 -1.94 -30.44
C LYS P 163 -35.00 -1.87 -29.20
N PRO P 164 -35.29 -0.99 -28.25
CA PRO P 164 -34.47 -0.94 -27.03
C PRO P 164 -34.86 -2.02 -26.03
N TYR P 165 -33.97 -2.23 -25.06
CA TYR P 165 -34.20 -3.17 -23.98
C TYR P 165 -34.87 -2.42 -22.83
N VAL P 166 -36.13 -2.74 -22.56
CA VAL P 166 -36.90 -2.12 -21.49
C VAL P 166 -37.64 -3.23 -20.74
N ARG P 167 -37.74 -3.09 -19.41
CA ARG P 167 -38.35 -4.13 -18.60
C ARG P 167 -39.87 -4.13 -18.68
N ALA P 168 -40.49 -3.08 -19.22
CA ALA P 168 -41.93 -3.01 -19.35
C ALA P 168 -42.28 -2.05 -20.47
N LYS P 169 -43.56 -1.98 -20.80
CA LYS P 169 -44.06 -1.14 -21.88
C LYS P 169 -45.15 -0.22 -21.33
N GLY P 170 -44.97 1.07 -21.53
CA GLY P 170 -45.92 2.04 -21.03
C GLY P 170 -45.35 3.44 -21.11
N ARG P 171 -46.18 4.39 -20.67
CA ARG P 171 -45.80 5.81 -20.75
C ARG P 171 -44.56 6.11 -19.91
N LYS P 172 -44.34 5.36 -18.84
CA LYS P 172 -43.26 5.64 -17.91
C LYS P 172 -41.96 4.94 -18.26
N PHE P 173 -41.90 4.20 -19.38
CA PHE P 173 -40.74 3.40 -19.74
C PHE P 173 -40.18 3.91 -21.07
N GLU P 174 -39.20 4.80 -20.99
CA GLU P 174 -38.48 5.32 -22.14
C GLU P 174 -39.43 5.91 -23.18
N ARG P 175 -40.25 6.87 -22.72
CA ARG P 175 -41.08 7.70 -23.60
C ARG P 175 -40.79 9.18 -23.44
N ALA P 176 -39.91 9.54 -22.51
CA ALA P 176 -39.59 10.92 -22.12
C ALA P 176 -38.44 11.47 -22.95
N ARG P 177 -37.70 12.44 -22.37
CA ARG P 177 -36.59 13.11 -23.04
C ARG P 177 -35.78 12.19 -23.94
N GLY P 178 -35.57 12.63 -25.18
CA GLY P 178 -34.91 11.83 -26.20
C GLY P 178 -35.86 11.05 -27.09
N LYS P 179 -37.15 11.00 -26.76
CA LYS P 179 -38.14 10.29 -27.55
C LYS P 179 -39.25 11.19 -28.07
N ARG P 180 -39.16 12.50 -27.83
CA ARG P 180 -40.14 13.43 -28.38
C ARG P 180 -39.61 14.85 -28.24
N ASN P 181 -40.03 15.71 -29.16
CA ASN P 181 -39.54 17.08 -29.20
C ASN P 181 -39.91 17.86 -27.95
N SER P 182 -41.04 17.54 -27.33
CA SER P 182 -41.47 18.26 -26.14
C SER P 182 -40.60 18.00 -24.92
N ARG P 183 -39.69 17.03 -24.99
CA ARG P 183 -38.77 16.70 -23.89
C ARG P 183 -37.35 16.70 -24.46
N GLY P 184 -36.75 17.88 -24.57
CA GLY P 184 -35.38 17.99 -25.02
C GLY P 184 -35.20 17.78 -26.51
N TYR P 185 -35.41 16.55 -26.97
CA TYR P 185 -35.26 16.21 -28.38
C TYR P 185 -35.87 14.83 -28.60
N LYS P 186 -35.98 14.45 -29.87
CA LYS P 186 -36.67 13.22 -30.27
C LYS P 186 -35.74 12.08 -30.62
N ALA P 187 -34.51 12.36 -31.06
CA ALA P 187 -33.57 11.32 -31.47
C ALA P 187 -34.08 10.56 -32.69
N VAL Q 2 23.82 -30.23 59.92
CA VAL Q 2 22.66 -30.23 60.80
C VAL Q 2 22.21 -28.79 61.07
N SER Q 3 21.03 -28.43 60.58
CA SER Q 3 20.50 -27.10 60.77
C SER Q 3 19.98 -26.93 62.19
N LEU Q 4 20.36 -25.83 62.84
CA LEU Q 4 19.89 -25.50 64.18
C LEU Q 4 19.08 -24.21 64.18
N LYS Q 5 18.43 -23.89 63.06
CA LYS Q 5 17.66 -22.65 62.97
C LYS Q 5 16.54 -22.63 64.01
N LEU Q 6 15.83 -23.75 64.16
CA LEU Q 6 14.73 -23.80 65.13
C LEU Q 6 15.24 -23.59 66.55
N GLN Q 7 16.34 -24.24 66.91
CA GLN Q 7 16.85 -24.13 68.27
C GLN Q 7 17.30 -22.70 68.57
N LYS Q 8 17.96 -22.04 67.61
CA LYS Q 8 18.41 -20.68 67.83
C LYS Q 8 17.23 -19.74 68.01
N ARG Q 9 16.17 -19.93 67.20
CA ARG Q 9 14.98 -19.09 67.35
C ARG Q 9 14.33 -19.29 68.71
N LEU Q 10 14.17 -20.55 69.13
CA LEU Q 10 13.55 -20.82 70.42
C LEU Q 10 14.42 -20.32 71.56
N ALA Q 11 15.75 -20.47 71.43
CA ALA Q 11 16.64 -19.99 72.48
C ALA Q 11 16.51 -18.47 72.66
N ALA Q 12 16.39 -17.75 71.55
CA ALA Q 12 16.23 -16.30 71.64
C ALA Q 12 14.98 -15.93 72.42
N SER Q 13 13.86 -16.60 72.12
CA SER Q 13 12.62 -16.31 72.83
C SER Q 13 12.72 -16.72 74.29
N VAL Q 14 13.29 -17.89 74.57
CA VAL Q 14 13.41 -18.33 75.96
C VAL Q 14 14.35 -17.42 76.74
N LEU Q 15 15.48 -17.04 76.14
CA LEU Q 15 16.44 -16.17 76.79
C LEU Q 15 16.03 -14.70 76.77
N LYS Q 16 14.93 -14.36 76.10
CA LYS Q 16 14.44 -12.98 76.02
C LYS Q 16 15.54 -12.06 75.46
N CYS Q 17 16.17 -12.50 74.38
CA CYS Q 17 17.25 -11.74 73.76
C CYS Q 17 17.18 -11.93 72.25
N GLY Q 18 18.02 -11.18 71.54
CA GLY Q 18 18.09 -11.33 70.10
C GLY Q 18 18.87 -12.57 69.69
N ARG Q 19 18.58 -13.04 68.48
CA ARG Q 19 19.26 -14.22 67.97
C ARG Q 19 20.77 -14.01 67.89
N GLY Q 20 21.21 -12.76 67.77
CA GLY Q 20 22.63 -12.47 67.74
C GLY Q 20 23.34 -12.67 69.06
N LYS Q 21 22.60 -12.72 70.17
CA LYS Q 21 23.17 -12.94 71.48
C LYS Q 21 23.02 -14.37 71.96
N VAL Q 22 22.52 -15.28 71.13
CA VAL Q 22 22.37 -16.68 71.49
C VAL Q 22 23.66 -17.41 71.15
N TRP Q 23 24.17 -18.18 72.10
CA TRP Q 23 25.37 -19.00 71.92
C TRP Q 23 24.99 -20.46 72.05
N LEU Q 24 25.09 -21.20 70.95
CA LEU Q 24 24.87 -22.64 70.94
C LEU Q 24 26.22 -23.33 70.93
N ASP Q 25 26.44 -24.22 71.90
CA ASP Q 25 27.72 -24.88 72.05
C ASP Q 25 28.12 -25.58 70.75
N PRO Q 26 29.19 -25.14 70.09
CA PRO Q 26 29.55 -25.78 68.81
C PRO Q 26 29.94 -27.24 68.94
N ASN Q 27 30.34 -27.69 70.12
CA ASN Q 27 30.74 -29.07 70.34
C ASN Q 27 29.58 -29.98 70.71
N GLU Q 28 28.38 -29.45 70.89
CA GLU Q 28 27.19 -30.22 71.24
C GLU Q 28 26.07 -29.98 70.23
N GLY Q 29 26.43 -29.93 68.95
CA GLY Q 29 25.40 -29.73 67.92
C GLY Q 29 24.38 -30.85 67.90
N ASN Q 30 24.85 -32.10 68.03
CA ASN Q 30 23.93 -33.23 68.01
C ASN Q 30 22.97 -33.18 69.19
N GLU Q 31 23.48 -32.89 70.39
CA GLU Q 31 22.63 -32.82 71.56
C GLU Q 31 21.62 -31.69 71.43
N ILE Q 32 22.04 -30.53 70.94
CA ILE Q 32 21.13 -29.40 70.79
C ILE Q 32 20.12 -29.69 69.69
N SER Q 33 20.54 -30.36 68.62
CA SER Q 33 19.64 -30.64 67.51
C SER Q 33 18.46 -31.50 67.92
N MET Q 34 18.56 -32.20 69.05
CA MET Q 34 17.47 -33.04 69.53
C MET Q 34 16.39 -32.26 70.28
N ALA Q 35 16.66 -31.00 70.63
CA ALA Q 35 15.70 -30.18 71.37
C ALA Q 35 14.78 -29.49 70.38
N ASN Q 36 13.52 -29.93 70.33
CA ASN Q 36 12.53 -29.36 69.42
C ASN Q 36 11.39 -28.67 70.14
N SER Q 37 11.51 -28.46 71.46
CA SER Q 37 10.47 -27.81 72.23
C SER Q 37 11.11 -26.82 73.20
N ARG Q 38 10.31 -25.85 73.65
CA ARG Q 38 10.81 -24.85 74.58
C ARG Q 38 11.23 -25.48 75.91
N GLN Q 39 10.57 -26.57 76.32
CA GLN Q 39 11.01 -27.28 77.50
C GLN Q 39 12.41 -27.84 77.32
N ASN Q 40 12.68 -28.44 76.16
CA ASN Q 40 14.02 -28.96 75.90
C ASN Q 40 15.06 -27.83 75.87
N ILE Q 41 14.70 -26.69 75.28
CA ILE Q 41 15.62 -25.57 75.24
C ILE Q 41 15.91 -25.07 76.65
N ARG Q 42 14.87 -24.97 77.49
CA ARG Q 42 15.08 -24.49 78.85
C ARG Q 42 16.03 -25.40 79.62
N LYS Q 43 15.90 -26.71 79.44
CA LYS Q 43 16.83 -27.62 80.09
C LYS Q 43 18.26 -27.38 79.63
N LEU Q 44 18.45 -27.17 78.32
CA LEU Q 44 19.80 -26.94 77.80
C LEU Q 44 20.38 -25.63 78.33
N VAL Q 45 19.52 -24.65 78.65
CA VAL Q 45 20.02 -23.42 79.24
C VAL Q 45 20.60 -23.69 80.63
N LYS Q 46 19.90 -24.49 81.43
CA LYS Q 46 20.41 -24.82 82.75
C LYS Q 46 21.73 -25.60 82.67
N ASP Q 47 21.82 -26.53 81.71
CA ASP Q 47 23.02 -27.34 81.56
C ASP Q 47 24.20 -26.54 81.00
N GLY Q 48 23.98 -25.31 80.56
CA GLY Q 48 25.06 -24.48 80.04
C GLY Q 48 25.39 -24.69 78.59
N PHE Q 49 24.64 -25.53 77.87
CA PHE Q 49 24.87 -25.70 76.45
C PHE Q 49 24.37 -24.53 75.62
N ILE Q 50 23.38 -23.79 76.13
CA ILE Q 50 22.88 -22.59 75.48
C ILE Q 50 23.07 -21.43 76.45
N ILE Q 51 23.74 -20.37 75.98
CA ILE Q 51 24.13 -19.25 76.82
C ILE Q 51 23.81 -17.96 76.09
N ARG Q 52 23.34 -16.96 76.85
CA ARG Q 52 23.18 -15.60 76.32
C ARG Q 52 24.49 -14.86 76.44
N LYS Q 53 25.03 -14.41 75.30
CA LYS Q 53 26.29 -13.70 75.31
C LYS Q 53 26.10 -12.30 75.89
N PRO Q 54 27.16 -11.72 76.47
CA PRO Q 54 27.04 -10.38 77.03
C PRO Q 54 26.85 -9.33 75.94
N THR Q 55 26.23 -8.22 76.33
CA THR Q 55 26.06 -7.10 75.41
C THR Q 55 27.42 -6.55 74.99
N LYS Q 56 27.52 -6.15 73.73
CA LYS Q 56 28.75 -5.55 73.25
C LYS Q 56 29.07 -4.29 74.04
N ILE Q 57 30.36 -4.10 74.33
CA ILE Q 57 30.77 -3.02 75.23
C ILE Q 57 30.62 -1.68 74.54
N HIS Q 58 29.99 -0.73 75.23
CA HIS Q 58 29.93 0.67 74.81
C HIS Q 58 30.04 1.51 76.08
N SER Q 59 31.26 1.89 76.43
CA SER Q 59 31.54 2.57 77.68
C SER Q 59 31.34 4.07 77.53
N ARG Q 60 30.97 4.71 78.63
CA ARG Q 60 30.81 6.15 78.70
C ARG Q 60 32.01 6.85 79.36
N SER Q 61 33.11 6.13 79.57
CA SER Q 61 34.25 6.73 80.25
C SER Q 61 34.78 7.92 79.49
N ARG Q 62 34.87 7.80 78.16
CA ARG Q 62 35.36 8.91 77.34
C ARG Q 62 34.43 10.12 77.44
N ALA Q 63 33.12 9.89 77.38
CA ALA Q 63 32.18 10.99 77.48
C ALA Q 63 32.25 11.65 78.85
N ARG Q 64 32.32 10.85 79.92
CA ARG Q 64 32.44 11.41 81.26
C ARG Q 64 33.76 12.15 81.41
N ARG Q 65 34.84 11.62 80.84
CA ARG Q 65 36.14 12.28 80.95
C ARG Q 65 36.12 13.62 80.23
N MET Q 66 35.46 13.69 79.07
CA MET Q 66 35.39 14.96 78.34
C MET Q 66 34.54 15.98 79.08
N LYS Q 67 33.47 15.54 79.75
CA LYS Q 67 32.63 16.46 80.50
C LYS Q 67 33.40 17.09 81.65
N GLU Q 68 34.34 16.35 82.25
CA GLU Q 68 35.21 16.95 83.25
C GLU Q 68 36.05 18.07 82.66
N ALA Q 69 36.61 17.85 81.46
CA ALA Q 69 37.40 18.88 80.82
C ALA Q 69 36.55 20.10 80.48
N LYS Q 70 35.33 19.89 79.98
CA LYS Q 70 34.44 21.00 79.69
C LYS Q 70 34.09 21.75 80.96
N ARG Q 71 33.87 21.03 82.06
CA ARG Q 71 33.55 21.69 83.33
C ARG Q 71 34.67 22.62 83.77
N LYS Q 72 35.90 22.36 83.32
CA LYS Q 72 37.03 23.22 83.61
C LYS Q 72 37.24 24.30 82.55
N GLY Q 73 36.44 24.30 81.49
CA GLY Q 73 36.55 25.30 80.45
C GLY Q 73 37.31 24.89 79.20
N ARG Q 74 37.67 23.62 79.08
CA ARG Q 74 38.37 23.14 77.89
C ARG Q 74 37.41 23.00 76.72
N HIS Q 75 37.97 23.10 75.50
CA HIS Q 75 37.22 22.86 74.27
C HIS Q 75 36.01 23.79 74.16
N SER Q 76 36.14 25.03 74.63
CA SER Q 76 35.04 25.98 74.63
C SER Q 76 35.38 27.27 73.89
N GLY Q 77 36.45 27.26 73.10
CA GLY Q 77 36.86 28.45 72.37
C GLY Q 77 35.99 28.69 71.14
N TYR Q 78 36.34 29.75 70.42
CA TYR Q 78 35.54 30.13 69.25
C TYR Q 78 35.61 29.08 68.17
N GLY Q 79 36.73 28.38 68.04
CA GLY Q 79 36.86 27.34 67.04
C GLY Q 79 36.10 26.07 67.34
N LYS Q 80 35.41 26.00 68.49
CA LYS Q 80 34.61 24.84 68.86
C LYS Q 80 33.13 25.16 68.92
N ARG Q 81 32.70 26.33 68.42
CA ARG Q 81 31.32 26.75 68.48
C ARG Q 81 30.73 26.76 67.08
N LYS Q 82 29.61 26.05 66.90
CA LYS Q 82 28.92 25.96 65.62
C LYS Q 82 27.58 26.68 65.60
N GLY Q 83 26.84 26.65 66.70
CA GLY Q 83 25.61 27.40 66.80
C GLY Q 83 25.85 28.82 67.28
N THR Q 84 24.89 29.69 67.00
CA THR Q 84 24.97 31.05 67.49
C THR Q 84 24.86 31.08 69.01
N ARG Q 85 25.28 32.20 69.61
CA ARG Q 85 25.16 32.35 71.05
C ARG Q 85 23.72 32.13 71.50
N GLU Q 86 22.75 32.64 70.72
CA GLU Q 86 21.34 32.41 71.03
C GLU Q 86 21.00 30.93 70.95
N ALA Q 87 21.47 30.24 69.91
CA ALA Q 87 21.17 28.81 69.77
C ALA Q 87 21.77 28.02 70.92
N ARG Q 88 23.00 28.34 71.31
CA ARG Q 88 23.64 27.64 72.42
C ARG Q 88 22.91 27.93 73.74
N LEU Q 89 22.52 29.17 73.97
CA LEU Q 89 21.77 29.53 75.17
C LEU Q 89 20.92 30.77 74.90
N PRO Q 90 19.60 30.64 74.77
CA PRO Q 90 18.78 31.78 74.36
C PRO Q 90 18.89 32.94 75.34
N THR Q 91 18.88 34.16 74.80
CA THR Q 91 18.85 35.36 75.64
C THR Q 91 17.61 35.38 76.51
N LYS Q 92 16.49 34.86 76.01
CA LYS Q 92 15.27 34.80 76.81
C LYS Q 92 15.48 33.94 78.05
N VAL Q 93 16.22 32.83 77.92
CA VAL Q 93 16.50 31.99 79.08
C VAL Q 93 17.28 32.75 80.13
N LEU Q 94 18.31 33.50 79.70
CA LEU Q 94 19.09 34.28 80.66
C LEU Q 94 18.22 35.36 81.32
N TRP Q 95 17.38 36.03 80.55
CA TRP Q 95 16.52 37.05 81.12
C TRP Q 95 15.55 36.45 82.13
N MET Q 96 14.97 35.29 81.80
CA MET Q 96 14.04 34.65 82.72
C MET Q 96 14.72 34.25 84.02
N ARG Q 97 15.95 33.72 83.94
CA ARG Q 97 16.68 33.37 85.14
C ARG Q 97 16.90 34.59 86.02
N ARG Q 98 17.30 35.71 85.42
CA ARG Q 98 17.62 36.90 86.20
C ARG Q 98 16.39 37.45 86.90
N LEU Q 99 15.27 37.56 86.18
CA LEU Q 99 14.06 38.12 86.80
C LEU Q 99 13.59 37.25 87.95
N ARG Q 100 13.59 35.93 87.77
CA ARG Q 100 13.15 35.05 88.84
C ARG Q 100 14.07 35.14 90.04
N VAL Q 101 15.38 35.28 89.81
CA VAL Q 101 16.32 35.46 90.92
C VAL Q 101 16.06 36.79 91.62
N LEU Q 102 15.95 37.87 90.84
CA LEU Q 102 15.81 39.19 91.45
C LEU Q 102 14.44 39.35 92.11
N ARG Q 103 13.38 38.86 91.46
CA ARG Q 103 12.06 38.94 92.09
C ARG Q 103 11.98 38.08 93.33
N ARG Q 104 12.65 36.93 93.33
CA ARG Q 104 12.72 36.11 94.54
C ARG Q 104 13.45 36.86 95.65
N LEU Q 105 14.53 37.56 95.32
CA LEU Q 105 15.28 38.30 96.34
C LEU Q 105 14.45 39.44 96.92
N LEU Q 106 13.70 40.14 96.07
CA LEU Q 106 12.88 41.25 96.56
C LEU Q 106 11.78 40.77 97.48
N ARG Q 107 11.15 39.64 97.16
CA ARG Q 107 10.08 39.13 98.01
C ARG Q 107 10.59 38.78 99.40
N LYS Q 108 11.75 38.16 99.50
CA LYS Q 108 12.26 37.76 100.80
C LYS Q 108 12.66 38.97 101.64
N TYR Q 109 13.22 40.00 101.01
CA TYR Q 109 13.52 41.23 101.75
C TYR Q 109 12.25 41.91 102.25
N ARG Q 110 11.19 41.89 101.45
CA ARG Q 110 9.93 42.46 101.90
C ARG Q 110 9.33 41.62 103.03
N GLU Q 111 9.44 40.30 102.94
CA GLU Q 111 8.90 39.43 103.98
C GLU Q 111 9.65 39.63 105.30
N SER Q 112 10.97 39.78 105.24
CA SER Q 112 11.76 40.03 106.44
C SER Q 112 11.72 41.48 106.88
N LYS Q 113 10.99 42.34 106.16
CA LYS Q 113 10.82 43.74 106.49
C LYS Q 113 12.11 44.54 106.36
N LYS Q 114 13.08 44.04 105.59
CA LYS Q 114 14.25 44.86 105.28
C LYS Q 114 13.88 46.04 104.40
N ILE Q 115 12.91 45.86 103.50
CA ILE Q 115 12.36 46.94 102.69
C ILE Q 115 10.86 46.96 102.88
N ASP Q 116 10.27 48.13 102.70
CA ASP Q 116 8.83 48.29 102.77
C ASP Q 116 8.20 48.07 101.40
N LYS Q 117 6.87 48.04 101.38
CA LYS Q 117 6.17 47.82 100.11
C LYS Q 117 6.42 48.94 99.12
N HIS Q 118 6.61 50.17 99.62
CA HIS Q 118 6.88 51.29 98.72
C HIS Q 118 8.22 51.11 98.02
N MET Q 119 9.26 50.68 98.75
CA MET Q 119 10.55 50.43 98.12
C MET Q 119 10.51 49.16 97.27
N TYR Q 120 9.74 48.16 97.70
CA TYR Q 120 9.60 46.95 96.90
C TYR Q 120 9.02 47.26 95.53
N HIS Q 121 7.96 48.06 95.48
CA HIS Q 121 7.35 48.41 94.20
C HIS Q 121 8.34 49.15 93.31
N ASP Q 122 9.08 50.11 93.87
CA ASP Q 122 10.05 50.85 93.08
C ASP Q 122 11.13 49.94 92.52
N MET Q 123 11.66 49.04 93.36
CA MET Q 123 12.68 48.10 92.89
C MET Q 123 12.10 47.09 91.90
N TYR Q 124 10.83 46.70 92.10
CA TYR Q 124 10.22 45.73 91.20
C TYR Q 124 10.18 46.25 89.78
N MET Q 125 9.82 47.52 89.59
CA MET Q 125 9.71 48.07 88.25
C MET Q 125 11.09 48.32 87.64
N LYS Q 126 12.10 48.62 88.46
CA LYS Q 126 13.45 48.81 87.92
C LYS Q 126 14.06 47.48 87.51
N VAL Q 127 13.75 46.39 88.22
CA VAL Q 127 14.22 45.08 87.80
C VAL Q 127 13.61 44.71 86.46
N LYS Q 128 12.30 44.94 86.30
CA LYS Q 128 11.66 44.70 85.02
C LYS Q 128 12.22 45.61 83.94
N GLY Q 129 12.74 46.76 84.31
CA GLY Q 129 13.31 47.72 83.39
C GLY Q 129 14.76 47.48 83.04
N ASN Q 130 15.34 46.37 83.47
CA ASN Q 130 16.72 46.01 83.14
C ASN Q 130 17.72 46.96 83.81
N VAL Q 131 17.42 47.37 85.04
CA VAL Q 131 18.31 48.28 85.75
C VAL Q 131 19.41 47.49 86.46
N PHE Q 132 19.06 46.37 87.08
CA PHE Q 132 20.00 45.57 87.87
C PHE Q 132 20.31 44.29 87.11
N LYS Q 133 21.60 44.04 86.89
CA LYS Q 133 22.03 42.91 86.05
C LYS Q 133 22.31 41.64 86.83
N ASN Q 134 22.29 41.69 88.17
CA ASN Q 134 22.56 40.48 88.95
C ASN Q 134 22.16 40.75 90.40
N LYS Q 135 22.28 39.71 91.22
CA LYS Q 135 21.85 39.78 92.61
C LYS Q 135 22.69 40.77 93.41
N ARG Q 136 24.00 40.80 93.15
CA ARG Q 136 24.90 41.64 93.94
C ARG Q 136 24.56 43.12 93.79
N VAL Q 137 24.41 43.60 92.55
CA VAL Q 137 24.18 45.02 92.32
C VAL Q 137 22.84 45.44 92.92
N LEU Q 138 21.83 44.56 92.85
CA LEU Q 138 20.55 44.88 93.46
C LEU Q 138 20.68 45.06 94.97
N MET Q 139 21.43 44.18 95.62
CA MET Q 139 21.62 44.30 97.06
C MET Q 139 22.34 45.60 97.42
N GLU Q 140 23.37 45.95 96.66
CA GLU Q 140 24.10 47.19 96.94
C GLU Q 140 23.20 48.40 96.77
N ASN Q 141 22.35 48.41 95.73
CA ASN Q 141 21.47 49.54 95.52
C ASN Q 141 20.47 49.69 96.67
N ILE Q 142 19.96 48.57 97.18
CA ILE Q 142 19.02 48.62 98.30
C ILE Q 142 19.70 49.22 99.53
N HIS Q 143 20.92 48.77 99.83
CA HIS Q 143 21.64 49.30 100.97
C HIS Q 143 21.93 50.78 100.79
N LYS Q 144 22.38 51.17 99.59
CA LYS Q 144 22.65 52.58 99.33
C LYS Q 144 21.39 53.43 99.43
N THR Q 145 20.27 52.93 98.88
CA THR Q 145 19.04 53.70 98.91
C THR Q 145 18.51 53.86 100.33
N LYS Q 146 18.67 52.85 101.17
CA LYS Q 146 18.20 52.93 102.55
C LYS Q 146 19.04 53.86 103.41
N ALA Q 147 20.24 54.20 102.97
CA ALA Q 147 21.12 55.09 103.73
C ALA Q 147 20.99 56.52 103.24
N VAL R 2 46.04 -6.11 -66.70
CA VAL R 2 45.09 -7.22 -66.69
C VAL R 2 43.81 -6.79 -65.99
N THR R 3 43.93 -6.42 -64.72
CA THR R 3 42.81 -5.95 -63.93
C THR R 3 43.12 -4.56 -63.41
N TYR R 4 42.16 -3.64 -63.57
CA TYR R 4 42.28 -2.29 -63.08
C TYR R 4 41.11 -1.97 -62.16
N LYS R 5 41.38 -1.18 -61.12
CA LYS R 5 40.31 -0.68 -60.28
C LYS R 5 39.40 0.26 -61.06
N PHE R 6 39.98 1.13 -61.88
CA PHE R 6 39.25 2.14 -62.62
C PHE R 6 39.39 1.91 -64.12
N HIS R 7 38.28 2.02 -64.83
CA HIS R 7 38.25 1.85 -66.27
C HIS R 7 37.81 3.16 -66.93
N GLN R 8 38.33 3.41 -68.12
CA GLN R 8 38.00 4.60 -68.90
C GLN R 8 36.96 4.23 -69.95
N TYR R 9 35.90 5.03 -70.04
CA TYR R 9 34.83 4.79 -70.99
C TYR R 9 34.52 6.06 -71.77
N GLN R 10 34.16 5.90 -73.03
CA GLN R 10 33.48 6.94 -73.79
C GLN R 10 31.99 6.66 -73.74
N VAL R 11 31.23 7.62 -73.22
CA VAL R 11 29.77 7.52 -73.15
C VAL R 11 29.18 8.56 -74.08
N VAL R 12 28.27 8.12 -74.94
CA VAL R 12 27.63 8.98 -75.93
C VAL R 12 26.13 8.95 -75.69
N GLY R 13 25.53 10.13 -75.60
CA GLY R 13 24.10 10.25 -75.36
C GLY R 13 23.56 11.54 -75.93
N ARG R 14 22.24 11.66 -75.85
CA ARG R 14 21.56 12.83 -76.39
C ARG R 14 20.21 12.97 -75.71
N ALA R 15 19.61 14.15 -75.86
CA ALA R 15 18.22 14.34 -75.44
C ALA R 15 17.29 13.58 -76.39
N LEU R 16 16.15 13.16 -75.85
CA LEU R 16 15.19 12.44 -76.66
C LEU R 16 14.71 13.31 -77.82
N PRO R 17 14.60 12.77 -79.03
CA PRO R 17 14.11 13.58 -80.15
C PRO R 17 12.71 14.11 -79.87
N SER R 18 12.46 15.34 -80.30
CA SER R 18 11.19 16.00 -80.11
C SER R 18 10.75 16.64 -81.43
N GLU R 19 9.51 17.14 -81.45
CA GLU R 19 8.99 17.76 -82.66
C GLU R 19 9.77 19.02 -83.01
N ASN R 20 10.21 19.79 -82.01
CA ASN R 20 11.02 20.97 -82.28
C ASN R 20 12.44 20.60 -82.70
N ASP R 21 13.00 19.55 -82.10
CA ASP R 21 14.36 19.09 -82.39
C ASP R 21 14.30 17.59 -82.65
N GLU R 22 14.21 17.22 -83.93
CA GLU R 22 14.23 15.81 -84.29
C GLU R 22 15.64 15.22 -84.29
N HIS R 23 16.67 16.06 -84.32
CA HIS R 23 18.06 15.63 -84.29
C HIS R 23 18.81 16.44 -83.23
N PRO R 24 18.55 16.16 -81.95
CA PRO R 24 19.24 16.91 -80.89
C PRO R 24 20.73 16.61 -80.88
N LYS R 25 21.48 17.55 -80.31
CA LYS R 25 22.92 17.43 -80.27
C LYS R 25 23.34 16.15 -79.56
N ILE R 26 24.41 15.53 -80.06
CA ILE R 26 24.96 14.32 -79.48
C ILE R 26 26.17 14.70 -78.65
N TYR R 27 26.19 14.30 -77.38
CA TYR R 27 27.27 14.63 -76.46
C TYR R 27 28.09 13.39 -76.14
N ARG R 28 29.40 13.57 -76.00
CA ARG R 28 30.30 12.50 -75.62
C ARG R 28 31.13 12.95 -74.43
N MET R 29 31.47 11.98 -73.57
CA MET R 29 32.35 12.23 -72.44
C MET R 29 33.31 11.06 -72.28
N LYS R 30 34.48 11.35 -71.74
CA LYS R 30 35.44 10.33 -71.31
C LYS R 30 35.42 10.29 -69.80
N LEU R 31 34.84 9.23 -69.23
CA LEU R 31 34.60 9.11 -67.81
C LEU R 31 35.36 7.93 -67.24
N TRP R 32 35.73 8.05 -65.97
CA TRP R 32 36.40 6.98 -65.23
C TRP R 32 35.44 6.40 -64.20
N ALA R 33 35.33 5.08 -64.17
CA ALA R 33 34.43 4.40 -63.26
C ALA R 33 34.93 2.97 -63.07
N THR R 34 34.39 2.31 -62.05
CA THR R 34 34.78 0.93 -61.77
C THR R 34 34.10 -0.07 -62.70
N ASN R 35 33.00 0.30 -63.35
CA ASN R 35 32.39 -0.55 -64.36
C ASN R 35 31.43 0.29 -65.21
N GLU R 36 30.81 -0.36 -66.18
CA GLU R 36 29.96 0.35 -67.15
C GLU R 36 28.77 1.01 -66.46
N VAL R 37 28.13 0.30 -65.52
CA VAL R 37 26.94 0.83 -64.89
C VAL R 37 27.23 2.16 -64.21
N ARG R 38 28.35 2.24 -63.48
CA ARG R 38 28.68 3.47 -62.78
C ARG R 38 29.17 4.55 -63.74
N ALA R 39 29.75 4.16 -64.88
CA ALA R 39 30.12 5.14 -65.89
C ALA R 39 28.89 5.83 -66.47
N LYS R 40 27.83 5.06 -66.75
CA LYS R 40 26.61 5.66 -67.28
C LYS R 40 25.99 6.63 -66.27
N SER R 41 25.97 6.25 -65.00
CA SER R 41 25.36 7.11 -63.98
C SER R 41 26.06 8.45 -63.90
N LYS R 42 27.40 8.45 -63.93
CA LYS R 42 28.13 9.70 -63.87
C LYS R 42 28.02 10.50 -65.17
N PHE R 43 27.77 9.83 -66.29
CA PHE R 43 27.52 10.55 -67.54
C PHE R 43 26.27 11.40 -67.44
N TRP R 44 25.18 10.85 -66.88
CA TRP R 44 23.96 11.62 -66.75
C TRP R 44 24.08 12.70 -65.69
N TYR R 45 24.95 12.50 -64.69
CA TYR R 45 25.18 13.54 -63.70
C TYR R 45 25.70 14.82 -64.36
N PHE R 46 26.68 14.68 -65.26
CA PHE R 46 27.25 15.87 -65.90
C PHE R 46 26.30 16.45 -66.94
N LEU R 47 25.64 15.59 -67.72
CA LEU R 47 24.70 16.10 -68.71
C LEU R 47 23.55 16.83 -68.04
N ARG R 48 23.09 16.34 -66.88
CA ARG R 48 22.04 17.03 -66.16
C ARG R 48 22.49 18.41 -65.70
N LYS R 49 23.72 18.52 -65.19
CA LYS R 49 24.19 19.77 -64.60
C LYS R 49 24.94 20.66 -65.58
N LEU R 50 25.36 20.14 -66.73
CA LEU R 50 26.09 20.92 -67.71
C LEU R 50 25.32 21.21 -68.98
N LYS R 51 24.46 20.30 -69.42
CA LYS R 51 23.64 20.50 -70.62
C LYS R 51 22.15 20.47 -70.33
N LYS R 52 21.75 20.34 -69.06
CA LYS R 52 20.33 20.36 -68.69
C LYS R 52 19.55 19.26 -69.38
N VAL R 53 20.16 18.08 -69.50
CA VAL R 53 19.52 16.90 -70.08
C VAL R 53 19.55 15.81 -69.03
N LYS R 54 18.40 15.53 -68.43
CA LYS R 54 18.30 14.47 -67.44
C LYS R 54 18.12 13.12 -68.13
N LYS R 55 18.46 12.06 -67.40
CA LYS R 55 18.31 10.71 -67.95
C LYS R 55 16.86 10.40 -68.31
N SER R 56 15.91 10.94 -67.54
CA SER R 56 14.51 10.67 -67.81
C SER R 56 14.08 11.20 -69.17
N ASN R 57 14.72 12.27 -69.65
CA ASN R 57 14.44 12.83 -70.96
C ASN R 57 15.67 12.77 -71.86
N GLY R 58 16.49 11.72 -71.70
CA GLY R 58 17.69 11.55 -72.49
C GLY R 58 17.76 10.15 -73.07
N GLN R 59 18.75 9.95 -73.93
CA GLN R 59 18.91 8.69 -74.64
C GLN R 59 20.38 8.30 -74.64
N MET R 60 20.66 7.08 -74.19
CA MET R 60 22.02 6.53 -74.19
C MET R 60 22.27 5.88 -75.55
N LEU R 61 23.35 6.32 -76.23
CA LEU R 61 23.64 5.85 -77.58
C LEU R 61 24.73 4.77 -77.58
N ALA R 62 25.90 5.07 -77.04
CA ALA R 62 27.02 4.14 -77.08
C ALA R 62 27.87 4.28 -75.83
N ILE R 63 28.45 3.16 -75.40
CA ILE R 63 29.41 3.14 -74.31
C ILE R 63 30.52 2.15 -74.68
N ASN R 64 31.76 2.63 -74.71
CA ASN R 64 32.90 1.81 -75.06
C ASN R 64 34.04 2.06 -74.09
N GLU R 65 34.75 1.01 -73.72
CA GLU R 65 35.89 1.12 -72.81
C GLU R 65 37.15 1.41 -73.61
N ILE R 66 37.95 2.34 -73.11
CA ILE R 66 39.20 2.75 -73.75
C ILE R 66 40.35 2.05 -73.05
N PHE R 67 41.19 1.37 -73.82
CA PHE R 67 42.32 0.63 -73.30
C PHE R 67 43.63 1.30 -73.70
N GLU R 68 44.63 1.18 -72.82
CA GLU R 68 45.95 1.73 -73.12
C GLU R 68 46.50 1.12 -74.39
N LYS R 69 47.10 1.96 -75.24
CA LYS R 69 47.68 1.46 -76.48
C LYS R 69 48.92 0.63 -76.23
N TYR R 70 49.91 1.19 -75.55
CA TYR R 70 51.15 0.49 -75.26
C TYR R 70 51.26 0.21 -73.76
N PRO R 71 50.65 -0.87 -73.26
CA PRO R 71 50.70 -1.14 -71.82
C PRO R 71 52.04 -1.68 -71.33
N THR R 72 53.05 -1.79 -72.19
CA THR R 72 54.35 -2.30 -71.77
C THR R 72 55.40 -1.22 -71.58
N THR R 73 55.16 -0.02 -72.08
CA THR R 73 56.09 1.09 -71.91
C THR R 73 55.64 2.00 -70.77
N ILE R 74 56.53 2.90 -70.36
CA ILE R 74 56.26 3.86 -69.29
C ILE R 74 55.93 5.21 -69.91
N LYS R 75 54.85 5.83 -69.45
CA LYS R 75 54.44 7.15 -69.89
C LYS R 75 54.26 8.05 -68.68
N ASN R 76 54.41 9.36 -68.91
CA ASN R 76 54.12 10.37 -67.91
C ASN R 76 52.72 10.91 -68.16
N TYR R 77 51.88 10.88 -67.12
CA TYR R 77 50.48 11.26 -67.23
C TYR R 77 50.21 12.48 -66.36
N GLY R 78 49.63 13.51 -66.96
CA GLY R 78 49.17 14.68 -66.24
C GLY R 78 47.65 14.63 -66.10
N ILE R 79 47.18 14.95 -64.90
CA ILE R 79 45.76 14.90 -64.58
C ILE R 79 45.35 16.24 -64.00
N TRP R 80 44.45 16.93 -64.69
CA TRP R 80 43.82 18.14 -64.16
C TRP R 80 42.49 17.74 -63.51
N LEU R 81 42.29 18.15 -62.27
CA LEU R 81 41.13 17.73 -61.51
C LEU R 81 40.59 18.87 -60.67
N ARG R 82 39.32 18.73 -60.32
CA ARG R 82 38.64 19.61 -59.37
C ARG R 82 38.14 18.75 -58.22
N TYR R 83 38.34 19.22 -56.99
CA TYR R 83 37.96 18.46 -55.81
C TYR R 83 37.37 19.39 -54.77
N GLN R 84 36.62 18.80 -53.85
CA GLN R 84 35.99 19.52 -52.76
C GLN R 84 36.71 19.20 -51.45
N SER R 85 37.15 20.25 -50.76
CA SER R 85 37.73 20.11 -49.43
C SER R 85 36.62 20.28 -48.39
N ARG R 86 36.99 20.33 -47.12
CA ARG R 86 36.00 20.54 -46.07
C ARG R 86 35.46 21.96 -46.06
N THR R 87 36.06 22.89 -46.82
CA THR R 87 35.65 24.28 -46.78
C THR R 87 35.38 24.89 -48.16
N GLY R 88 35.51 24.13 -49.24
CA GLY R 88 35.24 24.69 -50.56
C GLY R 88 35.78 23.81 -51.66
N TYR R 89 35.93 24.40 -52.83
CA TYR R 89 36.37 23.70 -54.03
C TYR R 89 37.73 24.25 -54.48
N HIS R 90 38.52 23.38 -55.11
CA HIS R 90 39.87 23.74 -55.51
C HIS R 90 40.22 23.00 -56.80
N ASN R 91 41.18 23.57 -57.54
CA ASN R 91 41.73 22.96 -58.73
C ASN R 91 43.19 22.63 -58.50
N MET R 92 43.62 21.47 -59.01
CA MET R 92 45.02 21.09 -58.89
C MET R 92 45.42 20.23 -60.09
N TYR R 93 46.72 20.28 -60.40
CA TYR R 93 47.31 19.48 -61.47
C TYR R 93 48.30 18.50 -60.86
N LYS R 94 48.21 17.24 -61.26
CA LYS R 94 49.04 16.18 -60.73
C LYS R 94 49.68 15.40 -61.88
N GLU R 95 50.87 14.86 -61.62
CA GLU R 95 51.60 14.06 -62.58
C GLU R 95 51.90 12.69 -61.99
N TYR R 96 51.92 11.67 -62.87
CA TYR R 96 52.20 10.31 -62.44
C TYR R 96 52.94 9.58 -63.55
N ARG R 97 53.67 8.54 -63.15
CA ARG R 97 54.35 7.65 -64.08
C ARG R 97 53.75 6.26 -63.94
N ASP R 98 53.31 5.69 -65.05
CA ASP R 98 52.69 4.36 -65.03
C ASP R 98 52.68 3.80 -66.44
N THR R 99 52.48 2.49 -66.52
CA THR R 99 52.41 1.82 -67.82
C THR R 99 51.07 2.06 -68.52
N THR R 100 50.01 2.32 -67.76
CA THR R 100 48.70 2.61 -68.34
C THR R 100 48.10 3.80 -67.60
N LEU R 101 47.26 4.55 -68.31
CA LEU R 101 46.57 5.67 -67.67
C LEU R 101 45.61 5.19 -66.59
N ASN R 102 45.16 3.94 -66.65
CA ASN R 102 44.33 3.40 -65.59
C ASN R 102 45.09 3.37 -64.27
N GLY R 103 46.36 2.94 -64.31
CA GLY R 103 47.17 2.94 -63.10
C GLY R 103 47.43 4.34 -62.59
N ALA R 104 47.69 5.29 -63.50
CA ALA R 104 47.92 6.66 -63.09
C ALA R 104 46.70 7.26 -62.41
N VAL R 105 45.50 6.96 -62.92
CA VAL R 105 44.28 7.44 -62.29
C VAL R 105 44.09 6.80 -60.93
N GLU R 106 44.41 5.50 -60.81
CA GLU R 106 44.32 4.83 -59.51
C GLU R 106 45.26 5.48 -58.51
N GLN R 107 46.47 5.84 -58.94
CA GLN R 107 47.39 6.55 -58.05
C GLN R 107 46.82 7.90 -57.63
N MET R 108 46.17 8.60 -58.56
CA MET R 108 45.62 9.92 -58.25
C MET R 108 44.59 9.80 -57.13
N TYR R 109 43.66 8.86 -57.25
CA TYR R 109 42.64 8.70 -56.22
C TYR R 109 43.27 8.33 -54.88
N THR R 110 44.27 7.44 -54.89
CA THR R 110 44.94 7.06 -53.67
C THR R 110 45.67 8.25 -53.04
N GLU R 111 46.36 9.06 -53.86
CA GLU R 111 47.06 10.21 -53.34
C GLU R 111 46.08 11.24 -52.76
N MET R 112 44.99 11.52 -53.46
CA MET R 112 44.03 12.49 -52.97
C MET R 112 43.45 12.07 -51.63
N ALA R 113 43.17 10.77 -51.48
CA ALA R 113 42.69 10.26 -50.20
C ALA R 113 43.72 10.45 -49.10
N SER R 114 45.00 10.23 -49.43
CA SER R 114 46.05 10.30 -48.42
C SER R 114 46.36 11.74 -48.03
N ARG R 115 46.74 12.57 -49.00
CA ARG R 115 47.25 13.90 -48.69
C ARG R 115 46.16 14.91 -48.41
N HIS R 116 44.90 14.63 -48.75
CA HIS R 116 43.84 15.60 -48.60
C HIS R 116 42.56 15.04 -48.01
N ARG R 117 42.50 13.74 -47.71
CA ARG R 117 41.30 13.12 -47.14
C ARG R 117 40.09 13.36 -48.03
N VAL R 118 40.31 13.37 -49.35
CA VAL R 118 39.25 13.58 -50.32
C VAL R 118 38.75 12.22 -50.79
N ARG R 119 37.47 11.96 -50.59
CA ARG R 119 36.87 10.72 -51.03
C ARG R 119 36.66 10.73 -52.55
N HIS R 120 36.36 9.56 -53.10
CA HIS R 120 36.26 9.44 -54.56
C HIS R 120 35.16 10.33 -55.12
N HIS R 121 34.00 10.37 -54.48
CA HIS R 121 32.86 11.11 -55.02
C HIS R 121 33.03 12.61 -54.96
N CYS R 122 34.08 13.12 -54.31
CA CYS R 122 34.34 14.56 -54.24
C CYS R 122 35.39 15.02 -55.24
N ILE R 123 35.64 14.23 -56.29
CA ILE R 123 36.65 14.54 -57.29
C ILE R 123 36.01 14.51 -58.66
N GLN R 124 36.32 15.51 -59.48
CA GLN R 124 35.94 15.56 -60.88
C GLN R 124 37.20 15.68 -61.71
N ILE R 125 37.40 14.77 -62.66
CA ILE R 125 38.56 14.80 -63.53
C ILE R 125 38.26 15.73 -64.70
N ILE R 126 39.05 16.80 -64.82
CA ILE R 126 38.82 17.77 -65.89
C ILE R 126 39.50 17.32 -67.18
N LYS R 127 40.76 16.88 -67.08
CA LYS R 127 41.54 16.57 -68.25
C LYS R 127 42.63 15.56 -67.90
N THR R 128 42.96 14.72 -68.87
CA THR R 128 44.09 13.80 -68.77
C THR R 128 44.90 13.89 -70.05
N ALA R 129 46.19 13.59 -69.95
CA ALA R 129 47.05 13.68 -71.12
C ALA R 129 48.36 12.95 -70.84
N THR R 130 48.99 12.47 -71.90
CA THR R 130 50.32 11.88 -71.83
C THR R 130 51.33 13.00 -72.07
N ILE R 131 52.10 13.33 -71.03
CA ILE R 131 53.06 14.43 -71.10
C ILE R 131 54.42 13.89 -71.52
N PRO R 132 55.09 14.48 -72.50
CA PRO R 132 56.48 14.09 -72.77
C PRO R 132 57.39 14.47 -71.63
N ALA R 133 58.51 13.75 -71.53
CA ALA R 133 59.41 13.92 -70.39
C ALA R 133 59.86 15.38 -70.25
N LYS R 134 60.15 16.04 -71.37
CA LYS R 134 60.68 17.39 -71.32
C LYS R 134 59.64 18.43 -70.93
N LEU R 135 58.35 18.08 -70.91
CA LEU R 135 57.29 19.02 -70.58
C LEU R 135 56.68 18.76 -69.19
N CYS R 136 57.26 17.84 -68.42
CA CYS R 136 56.75 17.58 -67.08
C CYS R 136 57.10 18.73 -66.14
N LYS R 137 56.26 18.92 -65.12
CA LYS R 137 56.41 20.01 -64.18
C LYS R 137 56.77 19.57 -62.76
N ARG R 138 56.32 18.40 -62.34
CA ARG R 138 56.55 17.95 -60.97
C ARG R 138 57.93 17.29 -60.86
N GLU R 139 58.64 17.62 -59.77
CA GLU R 139 59.97 17.05 -59.57
C GLU R 139 59.90 15.58 -59.22
N SER R 140 58.80 15.12 -58.62
CA SER R 140 58.65 13.70 -58.34
C SER R 140 58.70 12.87 -59.60
N THR R 141 58.35 13.46 -60.75
CA THR R 141 58.42 12.77 -62.03
C THR R 141 59.74 13.04 -62.75
N LYS R 142 60.31 14.23 -62.58
CA LYS R 142 61.54 14.58 -63.29
C LYS R 142 62.72 13.72 -62.85
N GLN R 143 62.82 13.45 -61.55
CA GLN R 143 64.02 12.79 -61.03
C GLN R 143 64.22 11.40 -61.61
N PHE R 144 63.17 10.79 -62.17
CA PHE R 144 63.29 9.50 -62.81
C PHE R 144 63.52 9.60 -64.31
N HIS R 145 63.66 10.82 -64.84
CA HIS R 145 64.05 11.02 -66.23
C HIS R 145 65.57 11.08 -66.31
N ASP R 146 66.18 9.92 -66.05
CA ASP R 146 67.63 9.79 -66.05
C ASP R 146 68.01 8.51 -66.77
N SER R 147 68.85 8.63 -67.80
CA SER R 147 69.29 7.44 -68.52
C SER R 147 70.13 6.53 -67.63
N LYS R 148 70.83 7.10 -66.65
CA LYS R 148 71.68 6.35 -65.74
C LYS R 148 71.04 6.22 -64.36
N ILE R 149 69.72 6.05 -64.33
CA ILE R 149 69.02 5.90 -63.06
C ILE R 149 69.67 4.78 -62.26
N LYS R 150 70.02 5.06 -61.02
CA LYS R 150 70.75 4.11 -60.19
C LYS R 150 70.51 4.44 -58.73
N PHE R 151 70.12 3.44 -57.95
CA PHE R 151 69.90 3.60 -56.53
C PHE R 151 69.78 2.21 -55.90
N PRO R 152 70.03 2.09 -54.60
CA PRO R 152 69.84 0.81 -53.91
C PRO R 152 68.45 0.71 -53.30
N LEU R 153 68.12 -0.49 -52.83
CA LEU R 153 66.86 -0.74 -52.14
C LEU R 153 67.09 -0.53 -50.65
N VAL R 154 66.80 0.68 -50.17
CA VAL R 154 67.09 1.02 -48.79
C VAL R 154 66.19 0.26 -47.82
N PHE R 155 64.94 0.02 -48.19
CA PHE R 155 63.99 -0.70 -47.34
C PHE R 155 63.55 -1.96 -48.06
N LYS R 156 63.79 -3.11 -47.44
CA LYS R 156 63.38 -4.40 -47.99
C LYS R 156 62.34 -5.03 -47.08
N LYS R 157 61.47 -5.84 -47.67
CA LYS R 157 60.45 -6.57 -46.93
C LYS R 157 60.91 -8.01 -46.80
N VAL R 158 61.18 -8.43 -45.56
CA VAL R 158 61.65 -9.77 -45.28
C VAL R 158 60.44 -10.67 -45.04
N ARG R 159 60.36 -11.77 -45.78
CA ARG R 159 59.24 -12.68 -45.69
C ARG R 159 59.55 -13.94 -46.50
N PRO R 160 58.97 -15.07 -46.17
CA PRO R 160 59.13 -16.26 -47.01
C PRO R 160 58.39 -16.09 -48.33
N PRO R 161 58.77 -16.83 -49.37
CA PRO R 161 58.04 -16.71 -50.64
C PRO R 161 56.56 -16.98 -50.50
N SER R 162 56.18 -17.86 -49.58
CA SER R 162 54.78 -18.16 -49.30
C SER R 162 54.66 -18.47 -47.82
N ARG R 163 53.42 -18.50 -47.34
CA ARG R 163 53.20 -18.80 -45.93
C ARG R 163 53.49 -20.27 -45.62
N LYS R 164 53.72 -21.11 -46.63
CA LYS R 164 54.11 -22.49 -46.36
C LYS R 164 55.43 -22.56 -45.61
N LEU R 165 56.34 -21.63 -45.87
CA LEU R 165 57.64 -21.60 -45.22
C LEU R 165 57.68 -20.64 -44.03
N LYS R 166 56.52 -20.33 -43.45
CA LYS R 166 56.45 -19.45 -42.29
C LYS R 166 56.57 -20.27 -41.02
N THR R 167 57.46 -19.86 -40.13
CA THR R 167 57.60 -20.45 -38.80
C THR R 167 57.66 -19.34 -37.77
N THR R 168 57.05 -19.59 -36.61
CA THR R 168 57.07 -18.59 -35.53
C THR R 168 58.50 -18.37 -35.03
N TYR R 169 59.26 -19.44 -34.89
CA TYR R 169 60.59 -19.38 -34.30
C TYR R 169 61.65 -19.66 -35.36
N LYS R 170 62.77 -18.95 -35.25
CA LYS R 170 63.92 -19.18 -36.12
C LYS R 170 65.19 -19.13 -35.28
N ALA R 171 66.22 -19.85 -35.74
CA ALA R 171 67.45 -19.96 -34.97
C ALA R 171 68.29 -18.70 -35.01
N THR R 172 68.15 -17.88 -36.05
CA THR R 172 68.98 -16.69 -36.21
C THR R 172 68.14 -15.56 -36.78
N LYS R 173 68.62 -14.34 -36.58
CA LYS R 173 67.93 -13.16 -37.06
C LYS R 173 68.15 -12.99 -38.56
N PRO R 174 67.27 -12.24 -39.23
CA PRO R 174 67.47 -12.00 -40.67
C PRO R 174 68.81 -11.33 -40.95
N ASN R 175 69.44 -11.74 -42.03
CA ASN R 175 70.70 -11.16 -42.48
C ASN R 175 70.40 -10.28 -43.69
N LEU R 176 70.49 -8.97 -43.52
CA LEU R 176 70.11 -8.00 -44.53
C LEU R 176 71.28 -7.10 -44.87
N PHE R 177 71.45 -6.82 -46.15
CA PHE R 177 72.49 -5.91 -46.61
C PHE R 177 72.11 -5.37 -47.98
N MET R 178 72.38 -4.09 -48.21
CA MET R 178 72.04 -3.45 -49.47
C MET R 178 73.12 -3.70 -50.51
N PRO S 2 -17.67 25.19 -34.26
CA PRO S 2 -17.92 24.81 -32.87
C PRO S 2 -16.71 24.16 -32.21
N ALA S 3 -16.69 24.14 -30.88
CA ALA S 3 -15.64 23.45 -30.12
C ALA S 3 -14.25 23.94 -30.51
N GLY S 4 -14.10 25.25 -30.65
CA GLY S 4 -12.81 25.87 -30.87
C GLY S 4 -12.54 26.32 -32.29
N HIS S 5 -13.43 26.05 -33.25
CA HIS S 5 -13.21 26.46 -34.62
C HIS S 5 -14.55 26.74 -35.28
N GLY S 6 -14.67 27.93 -35.88
CA GLY S 6 -15.87 28.31 -36.59
C GLY S 6 -15.98 27.63 -37.94
N LEU S 7 -17.12 27.86 -38.59
CA LEU S 7 -17.40 27.18 -39.85
C LEU S 7 -16.36 27.51 -40.92
N ARG S 8 -15.91 28.76 -40.98
CA ARG S 8 -14.98 29.22 -42.00
C ARG S 8 -13.58 29.49 -41.45
N SER S 9 -13.21 28.81 -40.36
CA SER S 9 -11.87 28.98 -39.82
C SER S 9 -10.83 28.44 -40.78
N ARG S 10 -9.72 29.16 -40.91
CA ARG S 10 -8.59 28.77 -41.77
C ARG S 10 -8.95 28.81 -43.25
N THR S 11 -9.87 29.68 -43.65
CA THR S 11 -10.26 29.82 -45.06
C THR S 11 -9.76 31.11 -45.68
N ARG S 12 -8.72 31.73 -45.10
CA ARG S 12 -8.23 32.99 -45.62
C ARG S 12 -7.80 32.86 -47.08
N ASP S 13 -7.08 31.80 -47.42
CA ASP S 13 -6.61 31.59 -48.78
C ASP S 13 -7.55 30.75 -49.62
N SER S 14 -8.14 29.70 -49.02
CA SER S 14 -8.95 28.78 -49.81
C SER S 14 -10.19 29.46 -50.39
N PHE S 15 -10.86 30.31 -49.60
CA PHE S 15 -12.11 30.92 -50.01
C PHE S 15 -11.95 32.30 -50.63
N SER S 16 -10.72 32.77 -50.83
CA SER S 16 -10.49 34.06 -51.46
C SER S 16 -10.49 33.92 -52.98
N ARG S 17 -10.97 34.96 -53.65
CA ARG S 17 -11.02 34.96 -55.11
C ARG S 17 -9.61 35.05 -55.70
N ALA S 18 -9.47 34.63 -56.95
CA ALA S 18 -8.20 34.70 -57.63
C ALA S 18 -7.86 36.16 -57.98
N PHE S 19 -6.57 36.41 -58.14
CA PHE S 19 -6.10 37.77 -58.41
C PHE S 19 -6.68 38.29 -59.72
N ARG S 20 -7.24 39.50 -59.65
CA ARG S 20 -7.84 40.15 -60.81
C ARG S 20 -8.94 39.30 -61.43
N LYS S 21 -9.66 38.55 -60.61
CA LYS S 21 -10.81 37.76 -61.05
C LYS S 21 -11.95 37.90 -60.07
N LYS S 22 -12.21 39.12 -59.61
CA LYS S 22 -13.28 39.42 -58.68
C LYS S 22 -14.42 40.10 -59.42
N GLY S 23 -15.49 40.41 -58.68
CA GLY S 23 -16.62 41.11 -59.24
C GLY S 23 -17.64 40.20 -59.90
N THR S 24 -18.19 40.63 -61.03
CA THR S 24 -19.28 39.91 -61.66
C THR S 24 -18.84 38.51 -62.07
N ILE S 25 -19.72 37.54 -61.82
CA ILE S 25 -19.49 36.16 -62.22
C ILE S 25 -20.01 35.99 -63.64
N ALA S 26 -19.17 35.44 -64.51
CA ALA S 26 -19.57 35.21 -65.89
C ALA S 26 -20.77 34.26 -65.93
N LEU S 27 -21.66 34.50 -66.90
CA LEU S 27 -22.96 33.83 -66.90
C LEU S 27 -22.91 32.41 -67.47
N SER S 28 -21.77 31.98 -68.03
CA SER S 28 -21.65 30.57 -68.41
C SER S 28 -21.76 29.66 -67.19
N THR S 29 -21.49 30.18 -65.99
CA THR S 29 -21.68 29.41 -64.78
C THR S 29 -23.15 29.06 -64.58
N TYR S 30 -24.05 29.99 -64.90
CA TYR S 30 -25.48 29.80 -64.70
C TYR S 30 -26.16 29.10 -65.87
N LEU S 31 -25.44 28.85 -66.96
CA LEU S 31 -26.00 28.13 -68.10
C LEU S 31 -25.60 26.66 -68.14
N ARG S 32 -24.84 26.19 -67.15
CA ARG S 32 -24.47 24.79 -67.11
C ARG S 32 -25.68 23.92 -66.78
N ILE S 33 -25.72 22.73 -67.38
CA ILE S 33 -26.77 21.75 -67.13
C ILE S 33 -26.19 20.61 -66.30
N PHE S 34 -26.87 20.27 -65.21
CA PHE S 34 -26.42 19.22 -64.30
C PHE S 34 -27.46 18.11 -64.27
N LYS S 35 -27.01 16.87 -64.48
CA LYS S 35 -27.87 15.70 -64.44
C LYS S 35 -27.42 14.76 -63.33
N ILE S 36 -28.35 13.89 -62.92
CA ILE S 36 -28.02 12.86 -61.96
C ILE S 36 -26.94 11.96 -62.53
N GLY S 37 -25.92 11.65 -61.71
CA GLY S 37 -24.84 10.80 -62.12
C GLY S 37 -23.63 11.53 -62.68
N ASP S 38 -23.74 12.81 -62.99
CA ASP S 38 -22.59 13.57 -63.48
C ASP S 38 -21.59 13.78 -62.36
N TYR S 39 -20.33 13.93 -62.75
CA TYR S 39 -19.24 14.22 -61.82
C TYR S 39 -18.95 15.71 -61.85
N VAL S 40 -18.79 16.31 -60.67
CA VAL S 40 -18.55 17.73 -60.53
C VAL S 40 -17.42 17.96 -59.53
N ASP S 41 -16.60 18.96 -59.79
CA ASP S 41 -15.56 19.38 -58.86
C ASP S 41 -16.06 20.58 -58.05
N ILE S 42 -15.90 20.51 -56.75
CA ILE S 42 -16.37 21.56 -55.85
C ILE S 42 -15.26 22.61 -55.74
N LYS S 43 -15.58 23.85 -56.14
CA LYS S 43 -14.66 24.97 -56.04
C LYS S 43 -15.44 26.16 -55.49
N VAL S 44 -15.19 26.50 -54.23
CA VAL S 44 -15.96 27.53 -53.55
C VAL S 44 -15.67 28.89 -54.18
N ASN S 45 -16.72 29.60 -54.56
CA ASN S 45 -16.62 30.99 -54.98
C ASN S 45 -16.83 31.87 -53.76
N GLY S 46 -15.86 32.76 -53.50
CA GLY S 46 -15.90 33.56 -52.29
C GLY S 46 -16.98 34.62 -52.29
N ALA S 47 -17.46 35.02 -53.46
CA ALA S 47 -18.47 36.08 -53.53
C ALA S 47 -19.86 35.59 -53.16
N ILE S 48 -20.17 34.33 -53.41
CA ILE S 48 -21.49 33.77 -53.13
C ILE S 48 -21.43 33.14 -51.74
N HIS S 49 -22.18 33.71 -50.81
CA HIS S 49 -22.15 33.27 -49.41
C HIS S 49 -23.24 32.27 -49.07
N LYS S 50 -24.17 32.01 -49.99
CA LYS S 50 -25.26 31.08 -49.76
C LYS S 50 -24.97 29.74 -50.44
N GLY S 51 -25.48 28.67 -49.83
CA GLY S 51 -25.28 27.34 -50.39
C GLY S 51 -23.82 26.96 -50.56
N MET S 52 -22.93 27.54 -49.77
CA MET S 52 -21.52 27.24 -49.97
C MET S 52 -21.10 26.07 -49.09
N PRO S 53 -20.30 25.14 -49.61
CA PRO S 53 -19.92 23.96 -48.84
C PRO S 53 -18.88 24.28 -47.78
N HIS S 54 -18.78 23.37 -46.81
CA HIS S 54 -17.73 23.47 -45.80
C HIS S 54 -16.36 23.34 -46.46
N LYS S 55 -15.36 23.95 -45.83
CA LYS S 55 -14.03 24.03 -46.43
C LYS S 55 -13.49 22.65 -46.80
N PHE S 56 -13.89 21.60 -46.09
CA PHE S 56 -13.39 20.27 -46.39
C PHE S 56 -13.72 19.87 -47.83
N TYR S 57 -14.94 20.13 -48.27
CA TYR S 57 -15.39 19.69 -49.58
C TYR S 57 -14.80 20.51 -50.71
N HIS S 58 -14.16 21.64 -50.41
CA HIS S 58 -13.46 22.40 -51.44
C HIS S 58 -12.33 21.57 -52.02
N GLY S 59 -12.25 21.53 -53.35
CA GLY S 59 -11.22 20.75 -54.01
C GLY S 59 -11.49 19.27 -54.08
N ARG S 60 -12.73 18.84 -53.87
CA ARG S 60 -13.11 17.44 -53.94
C ARG S 60 -14.07 17.22 -55.09
N THR S 61 -14.04 16.02 -55.65
CA THR S 61 -14.91 15.63 -56.75
C THR S 61 -15.97 14.66 -56.23
N GLY S 62 -17.22 14.89 -56.64
CA GLY S 62 -18.33 14.08 -56.19
C GLY S 62 -19.28 13.78 -57.33
N ARG S 63 -20.33 13.03 -57.01
CA ARG S 63 -21.33 12.59 -57.97
C ARG S 63 -22.67 13.23 -57.63
N VAL S 64 -23.38 13.69 -58.66
CA VAL S 64 -24.65 14.38 -58.46
C VAL S 64 -25.74 13.37 -58.17
N TRP S 65 -26.46 13.57 -57.06
CA TRP S 65 -27.56 12.70 -56.67
C TRP S 65 -28.90 13.42 -56.59
N ASN S 66 -28.92 14.74 -56.71
CA ASN S 66 -30.17 15.49 -56.68
C ASN S 66 -29.97 16.83 -57.37
N VAL S 67 -31.06 17.38 -57.92
CA VAL S 67 -31.05 18.67 -58.59
C VAL S 67 -32.23 19.47 -58.07
N THR S 68 -31.96 20.70 -57.63
CA THR S 68 -32.99 21.63 -57.17
C THR S 68 -32.97 22.87 -58.06
N LYS S 69 -33.71 23.91 -57.65
CA LYS S 69 -33.81 25.11 -58.45
C LYS S 69 -32.46 25.80 -58.61
N ARG S 70 -31.72 25.94 -57.51
CA ARG S 70 -30.47 26.69 -57.52
C ARG S 70 -29.27 25.88 -57.04
N ALA S 71 -29.46 24.61 -56.67
CA ALA S 71 -28.39 23.82 -56.08
C ALA S 71 -28.44 22.40 -56.61
N VAL S 72 -27.32 21.69 -56.45
CA VAL S 72 -27.20 20.29 -56.81
C VAL S 72 -26.74 19.51 -55.59
N GLY S 73 -27.36 18.36 -55.36
CA GLY S 73 -26.90 17.46 -54.31
C GLY S 73 -25.69 16.68 -54.80
N VAL S 74 -24.63 16.68 -54.00
CA VAL S 74 -23.36 16.07 -54.38
C VAL S 74 -22.97 15.04 -53.32
N GLU S 75 -22.51 13.88 -53.78
CA GLU S 75 -22.00 12.82 -52.91
C GLU S 75 -20.48 12.89 -52.89
N VAL S 76 -19.90 13.07 -51.71
CA VAL S 76 -18.46 13.21 -51.54
C VAL S 76 -17.99 12.20 -50.52
N ASN S 77 -16.91 11.48 -50.84
CA ASN S 77 -16.31 10.56 -49.89
C ASN S 77 -15.55 11.32 -48.82
N LYS S 78 -15.64 10.84 -47.58
CA LYS S 78 -14.96 11.46 -46.45
C LYS S 78 -14.44 10.35 -45.55
N GLN S 79 -13.13 10.35 -45.33
CA GLN S 79 -12.49 9.32 -44.50
C GLN S 79 -12.57 9.74 -43.03
N VAL S 80 -13.24 8.93 -42.23
CA VAL S 80 -13.35 9.14 -40.78
C VAL S 80 -12.82 7.88 -40.10
N ARG S 81 -11.62 7.98 -39.55
CA ARG S 81 -10.96 6.86 -38.84
C ARG S 81 -10.82 5.70 -39.82
N ASN S 82 -11.43 4.55 -39.59
CA ASN S 82 -11.24 3.36 -40.41
C ASN S 82 -12.32 3.18 -41.47
N LYS S 83 -13.18 4.18 -41.68
CA LYS S 83 -14.28 4.08 -42.63
C LYS S 83 -14.26 5.26 -43.58
N ILE S 84 -14.85 5.04 -44.76
CA ILE S 84 -15.14 6.10 -45.72
C ILE S 84 -16.65 6.35 -45.66
N LEU S 85 -17.03 7.59 -45.42
CA LEU S 85 -18.43 7.96 -45.35
C LEU S 85 -18.86 8.61 -46.66
N ARG S 86 -20.09 8.33 -47.08
CA ARG S 86 -20.69 8.96 -48.25
C ARG S 86 -21.45 10.19 -47.75
N LYS S 87 -20.82 11.35 -47.83
CA LYS S 87 -21.43 12.60 -47.38
C LYS S 87 -22.25 13.19 -48.51
N ARG S 88 -23.54 13.40 -48.26
CA ARG S 88 -24.44 14.01 -49.21
C ARG S 88 -24.69 15.46 -48.80
N ILE S 89 -24.25 16.39 -49.64
CA ILE S 89 -24.39 17.81 -49.38
C ILE S 89 -25.03 18.48 -50.57
N HIS S 90 -25.75 19.57 -50.30
CA HIS S 90 -26.28 20.42 -51.35
C HIS S 90 -25.43 21.67 -51.49
N VAL S 91 -25.15 22.06 -52.71
CA VAL S 91 -24.28 23.18 -53.01
C VAL S 91 -24.88 23.98 -54.16
N ARG S 92 -24.89 25.30 -54.02
CA ARG S 92 -25.32 26.15 -55.12
C ARG S 92 -24.37 26.02 -56.30
N ILE S 93 -24.94 26.08 -57.50
CA ILE S 93 -24.18 25.78 -58.71
C ILE S 93 -23.01 26.73 -58.94
N GLU S 94 -22.98 27.87 -58.24
CA GLU S 94 -21.83 28.76 -58.37
C GLU S 94 -20.55 28.15 -57.85
N HIS S 95 -20.63 27.18 -56.94
CA HIS S 95 -19.47 26.58 -56.31
C HIS S 95 -19.03 25.27 -56.96
N VAL S 96 -19.69 24.84 -58.02
CA VAL S 96 -19.42 23.55 -58.65
C VAL S 96 -19.01 23.76 -60.10
N GLN S 97 -18.02 23.00 -60.55
CA GLN S 97 -17.60 22.96 -61.93
C GLN S 97 -17.74 21.53 -62.44
N GLN S 98 -18.23 21.39 -63.68
CA GLN S 98 -18.34 20.06 -64.27
C GLN S 98 -16.96 19.47 -64.46
N SER S 99 -16.74 18.27 -63.92
CA SER S 99 -15.43 17.67 -63.92
C SER S 99 -15.18 16.89 -65.21
N ARG S 100 -13.93 16.92 -65.67
CA ARG S 100 -13.49 16.17 -66.85
C ARG S 100 -12.71 14.92 -66.46
N CYS S 101 -13.04 14.32 -65.31
CA CYS S 101 -12.33 13.12 -64.86
C CYS S 101 -12.71 11.90 -65.69
N THR S 102 -13.92 11.88 -66.26
CA THR S 102 -14.39 10.76 -67.06
C THR S 102 -14.55 11.13 -68.53
N GLU S 103 -13.86 12.18 -68.99
CA GLU S 103 -14.06 12.65 -70.35
C GLU S 103 -13.61 11.63 -71.39
N GLU S 104 -12.69 10.75 -71.05
CA GLU S 104 -12.17 9.76 -72.00
C GLU S 104 -12.98 8.47 -72.03
N VAL S 105 -13.81 8.22 -71.02
CA VAL S 105 -14.46 6.92 -70.90
C VAL S 105 -15.42 6.70 -72.06
N ARG S 106 -16.33 7.65 -72.29
CA ARG S 106 -17.38 7.43 -73.28
C ARG S 106 -16.79 7.24 -74.68
N GLU S 107 -15.84 8.09 -75.05
CA GLU S 107 -15.21 7.96 -76.37
C GLU S 107 -14.37 6.68 -76.47
N ARG S 108 -13.84 6.19 -75.36
CA ARG S 108 -13.04 4.96 -75.39
C ARG S 108 -13.92 3.73 -75.58
N ILE S 109 -15.11 3.72 -74.98
CA ILE S 109 -15.99 2.56 -75.11
C ILE S 109 -16.39 2.36 -76.57
N LYS S 110 -16.74 3.44 -77.26
CA LYS S 110 -17.16 3.32 -78.66
C LYS S 110 -16.04 2.76 -79.53
N LYS S 111 -14.80 3.25 -79.32
CA LYS S 111 -13.69 2.73 -80.10
C LYS S 111 -13.46 1.25 -79.81
N ASN S 112 -13.55 0.86 -78.54
CA ASN S 112 -13.41 -0.56 -78.20
C ASN S 112 -14.51 -1.39 -78.84
N ASP S 113 -15.74 -0.88 -78.84
CA ASP S 113 -16.85 -1.65 -79.39
C ASP S 113 -16.65 -1.91 -80.89
N GLN S 114 -16.23 -0.89 -81.64
CA GLN S 114 -16.05 -1.07 -83.08
C GLN S 114 -14.85 -1.96 -83.38
N LEU S 115 -13.77 -1.82 -82.61
CA LEU S 115 -12.59 -2.66 -82.83
C LEU S 115 -12.93 -4.13 -82.60
N LYS S 116 -13.70 -4.43 -81.55
CA LYS S 116 -14.13 -5.81 -81.33
C LYS S 116 -15.07 -6.28 -82.43
N ALA S 117 -15.97 -5.39 -82.89
CA ALA S 117 -16.87 -5.75 -83.96
C ALA S 117 -16.11 -6.05 -85.25
N ASP S 118 -15.16 -5.19 -85.60
CA ASP S 118 -14.36 -5.43 -86.80
C ASP S 118 -13.55 -6.71 -86.69
N ALA S 119 -13.18 -7.09 -85.47
CA ALA S 119 -12.42 -8.32 -85.26
C ALA S 119 -13.32 -9.55 -85.17
N LYS S 120 -14.56 -9.39 -84.72
CA LYS S 120 -15.47 -10.53 -84.63
C LYS S 120 -15.81 -11.07 -86.00
N ALA S 121 -16.01 -10.17 -86.99
CA ALA S 121 -16.38 -10.61 -88.32
C ALA S 121 -15.28 -11.45 -88.98
N ARG S 122 -14.02 -11.21 -88.63
CA ARG S 122 -12.90 -11.93 -89.22
C ARG S 122 -12.38 -13.04 -88.30
N GLY S 123 -13.08 -13.33 -87.21
CA GLY S 123 -12.70 -14.43 -86.33
C GLY S 123 -11.30 -14.29 -85.78
N GLU S 124 -10.92 -13.10 -85.34
CA GLU S 124 -9.61 -12.84 -84.75
C GLU S 124 -9.83 -12.24 -83.37
N VAL S 125 -9.57 -13.05 -82.33
CA VAL S 125 -9.74 -12.57 -80.96
C VAL S 125 -8.64 -11.59 -80.62
N ILE S 126 -9.01 -10.41 -80.13
CA ILE S 126 -8.08 -9.35 -79.79
C ILE S 126 -8.43 -8.82 -78.40
N SER S 127 -7.64 -7.86 -77.93
CA SER S 127 -7.86 -7.19 -76.67
C SER S 127 -7.77 -5.69 -76.88
N THR S 128 -8.75 -4.95 -76.37
CA THR S 128 -8.81 -3.51 -76.49
C THR S 128 -8.20 -2.78 -75.30
N LYS S 129 -7.63 -3.51 -74.35
CA LYS S 129 -7.07 -2.88 -73.16
C LYS S 129 -5.92 -1.93 -73.53
N ARG S 130 -5.87 -0.81 -72.84
CA ARG S 130 -4.70 0.06 -72.93
C ARG S 130 -3.51 -0.63 -72.25
N GLN S 131 -2.32 -0.13 -72.55
CA GLN S 131 -1.10 -0.63 -71.92
C GLN S 131 -0.22 0.56 -71.56
N PRO S 132 0.54 0.46 -70.47
CA PRO S 132 1.48 1.54 -70.14
C PRO S 132 2.66 1.54 -71.09
N LEU S 133 3.40 2.64 -71.08
CA LEU S 133 4.56 2.78 -71.94
C LEU S 133 5.52 1.61 -71.72
N GLY S 134 5.79 0.87 -72.78
CA GLY S 134 6.70 -0.25 -72.73
C GLY S 134 8.08 0.11 -73.19
N PRO S 135 8.99 -0.86 -73.20
CA PRO S 135 10.36 -0.59 -73.66
C PRO S 135 10.41 -0.31 -75.16
N LYS S 136 11.31 0.57 -75.55
CA LYS S 136 11.46 0.94 -76.95
C LYS S 136 12.27 -0.12 -77.70
N PRO S 137 12.04 -0.29 -78.99
CA PRO S 137 12.82 -1.24 -79.78
C PRO S 137 14.17 -0.65 -80.18
N GLY S 138 15.03 -1.51 -80.71
CA GLY S 138 16.32 -1.07 -81.19
C GLY S 138 16.20 -0.30 -82.50
N PHE S 139 17.17 0.60 -82.71
CA PHE S 139 17.19 1.42 -83.92
C PHE S 139 18.59 1.98 -84.09
N MET S 140 18.85 2.49 -85.30
CA MET S 140 20.14 3.08 -85.63
C MET S 140 20.01 4.59 -85.70
N VAL S 141 21.01 5.29 -85.17
CA VAL S 141 21.08 6.74 -85.21
C VAL S 141 22.27 7.14 -86.07
N GLU S 142 22.01 7.97 -87.07
CA GLU S 142 23.07 8.38 -87.99
C GLU S 142 24.13 9.20 -87.26
N GLY S 143 25.39 8.95 -87.60
CA GLY S 143 26.47 9.67 -86.96
C GLY S 143 26.42 11.15 -87.27
N ALA S 144 26.89 11.95 -86.32
CA ALA S 144 26.92 13.39 -86.46
C ALA S 144 28.10 13.93 -85.65
N THR S 145 28.31 15.24 -85.74
CA THR S 145 29.38 15.87 -84.97
C THR S 145 29.14 15.65 -83.49
N LEU S 146 30.19 15.25 -82.78
CA LEU S 146 30.11 14.95 -81.35
C LEU S 146 30.68 16.13 -80.57
N GLU S 147 29.87 16.69 -79.66
CA GLU S 147 30.30 17.77 -78.80
C GLU S 147 30.81 17.18 -77.49
N THR S 148 32.05 17.48 -77.13
CA THR S 148 32.66 16.92 -75.94
C THR S 148 32.28 17.75 -74.71
N VAL S 149 31.81 17.07 -73.68
CA VAL S 149 31.45 17.70 -72.40
C VAL S 149 32.48 17.27 -71.37
N THR S 150 33.03 18.23 -70.65
CA THR S 150 34.00 17.99 -69.60
C THR S 150 33.65 18.81 -68.38
N PRO S 151 34.09 18.39 -67.20
CA PRO S 151 33.88 19.21 -66.00
C PRO S 151 34.57 20.56 -66.13
N ILE S 152 33.98 21.58 -65.50
CA ILE S 152 34.46 22.95 -65.61
C ILE S 152 35.40 23.24 -64.44
N PRO S 153 36.53 23.90 -64.67
CA PRO S 153 37.36 24.33 -63.54
C PRO S 153 36.60 25.27 -62.62
N TYR S 154 36.83 25.13 -61.32
CA TYR S 154 36.10 25.90 -60.33
C TYR S 154 36.61 27.34 -60.27
N ASP S 155 35.67 28.26 -60.03
CA ASP S 155 35.99 29.67 -59.85
C ASP S 155 35.09 30.21 -58.74
N VAL S 156 35.70 30.73 -57.67
CA VAL S 156 34.93 31.19 -56.53
C VAL S 156 34.06 32.39 -56.92
N VAL S 157 34.56 33.23 -57.82
CA VAL S 157 33.83 34.44 -58.20
C VAL S 157 32.47 34.12 -58.81
N ASN S 158 32.28 32.90 -59.31
CA ASN S 158 31.03 32.51 -59.94
C ASN S 158 30.05 31.84 -58.98
N ASP S 159 30.38 31.77 -57.69
CA ASP S 159 29.47 31.19 -56.69
C ASP S 159 28.46 32.23 -56.19
N LEU S 160 27.78 32.89 -57.13
CA LEU S 160 26.76 33.86 -56.82
C LEU S 160 26.03 34.21 -58.10
N LYS S 161 24.70 34.34 -58.02
CA LYS S 161 23.90 34.66 -59.19
C LYS S 161 24.45 35.91 -59.85
N GLY S 162 24.98 35.78 -61.06
CA GLY S 162 25.62 36.87 -61.76
C GLY S 162 27.07 37.10 -61.40
N GLY S 163 27.60 36.37 -60.42
CA GLY S 163 28.98 36.53 -60.00
C GLY S 163 29.15 37.64 -58.98
N TYR S 164 30.36 37.70 -58.43
CA TYR S 164 30.72 38.74 -57.47
C TYR S 164 31.30 39.95 -58.20
N GLY T 15 32.21 1.97 110.96
CA GLY T 15 33.14 0.85 110.95
C GLY T 15 32.79 -0.22 109.93
N ALA T 16 33.79 -0.96 109.49
CA ALA T 16 33.58 -2.01 108.50
C ALA T 16 34.63 -3.09 108.68
N SER T 17 34.24 -4.34 108.47
CA SER T 17 35.15 -5.48 108.59
C SER T 17 34.76 -6.50 107.54
N PHE T 18 35.71 -6.84 106.66
CA PHE T 18 35.48 -7.78 105.58
C PHE T 18 36.47 -8.93 105.67
N VAL T 19 36.04 -10.09 105.17
CA VAL T 19 36.80 -11.33 105.28
C VAL T 19 36.95 -11.93 103.89
N ILE T 20 38.12 -12.50 103.62
CA ILE T 20 38.40 -13.21 102.37
C ILE T 20 38.72 -14.65 102.76
N ASP T 21 37.72 -15.52 102.70
CA ASP T 21 37.88 -16.91 103.10
C ASP T 21 38.70 -17.64 102.03
N CYS T 22 39.98 -17.87 102.33
CA CYS T 22 40.88 -18.59 101.44
C CYS T 22 41.12 -19.97 102.04
N SER T 23 40.23 -20.91 101.71
CA SER T 23 40.30 -22.27 102.22
C SER T 23 40.56 -23.29 101.13
N LYS T 24 39.73 -23.29 100.08
CA LYS T 24 39.93 -24.26 98.99
C LYS T 24 41.30 -24.15 98.36
N PRO T 25 41.80 -22.97 98.00
CA PRO T 25 43.13 -22.93 97.36
C PRO T 25 44.27 -23.14 98.34
N VAL T 26 44.13 -22.67 99.58
CA VAL T 26 45.21 -22.85 100.56
C VAL T 26 45.44 -24.32 100.84
N GLU T 27 44.35 -25.08 101.01
CA GLU T 27 44.48 -26.52 101.28
C GLU T 27 45.17 -27.23 100.12
N ASP T 28 44.82 -26.86 98.88
CA ASP T 28 45.40 -27.47 97.69
C ASP T 28 46.72 -26.82 97.29
N SER T 29 47.28 -25.94 98.13
CA SER T 29 48.56 -25.29 97.85
C SER T 29 48.52 -24.54 96.52
N ILE T 30 47.38 -23.92 96.23
CA ILE T 30 47.26 -23.13 95.01
C ILE T 30 47.79 -21.71 95.19
N MET T 31 47.81 -21.20 96.42
CA MET T 31 48.28 -19.85 96.69
C MET T 31 48.93 -19.82 98.07
N GLU T 32 49.47 -18.67 98.43
CA GLU T 32 50.05 -18.42 99.75
C GLU T 32 49.26 -17.30 100.41
N ILE T 33 48.54 -17.63 101.49
CA ILE T 33 47.72 -16.63 102.15
C ILE T 33 48.56 -15.48 102.66
N ALA T 34 49.82 -15.74 103.02
CA ALA T 34 50.70 -14.66 103.45
C ALA T 34 50.95 -13.68 102.32
N SER T 35 51.12 -14.18 101.09
CA SER T 35 51.38 -13.29 99.96
C SER T 35 50.20 -12.35 99.73
N LEU T 36 48.98 -12.86 99.83
CA LEU T 36 47.81 -12.00 99.62
C LEU T 36 47.75 -10.89 100.66
N ASP T 37 48.14 -11.18 101.89
CA ASP T 37 48.15 -10.13 102.92
C ASP T 37 49.11 -9.01 102.52
N LYS T 38 50.29 -9.35 102.02
CA LYS T 38 51.24 -8.33 101.57
C LYS T 38 50.65 -7.51 100.44
N PHE T 39 50.00 -8.18 99.48
CA PHE T 39 49.43 -7.47 98.33
C PHE T 39 48.39 -6.46 98.77
N LEU T 40 47.49 -6.85 99.68
CA LEU T 40 46.44 -5.94 100.12
C LEU T 40 47.02 -4.75 100.86
N GLN T 41 48.01 -4.97 101.72
CA GLN T 41 48.58 -3.87 102.49
C GLN T 41 49.25 -2.85 101.58
N GLU T 42 49.95 -3.31 100.56
CA GLU T 42 50.68 -2.39 99.68
C GLU T 42 49.72 -1.66 98.74
N ARG T 43 48.72 -2.36 98.21
CA ARG T 43 47.89 -1.80 97.14
C ARG T 43 46.66 -1.06 97.65
N ILE T 44 46.19 -1.35 98.86
CA ILE T 44 45.00 -0.67 99.37
C ILE T 44 45.29 0.82 99.47
N LYS T 45 44.35 1.63 98.98
CA LYS T 45 44.48 3.09 98.98
C LYS T 45 43.64 3.67 100.09
N VAL T 46 44.27 4.45 100.96
CA VAL T 46 43.58 5.20 102.01
C VAL T 46 43.91 6.68 101.79
N GLY T 47 42.88 7.50 101.61
CA GLY T 47 43.09 8.89 101.30
C GLY T 47 43.59 9.15 99.90
N GLY T 48 43.43 8.17 99.00
CA GLY T 48 43.86 8.31 97.63
C GLY T 48 45.27 7.85 97.33
N LYS T 49 46.03 7.46 98.35
CA LYS T 49 47.41 7.01 98.18
C LYS T 49 47.54 5.57 98.62
N ALA T 50 48.16 4.74 97.78
CA ALA T 50 48.31 3.33 98.08
C ALA T 50 49.38 3.10 99.14
N GLY T 51 49.12 2.14 100.03
CA GLY T 51 50.07 1.76 101.04
C GLY T 51 50.02 2.57 102.32
N ALA T 52 49.22 3.63 102.37
CA ALA T 52 49.12 4.47 103.56
C ALA T 52 47.94 4.00 104.44
N LEU T 53 48.03 2.74 104.87
CA LEU T 53 46.97 2.16 105.67
C LEU T 53 46.76 2.96 106.96
N GLY T 54 47.85 3.22 107.68
CA GLY T 54 47.75 3.96 108.92
C GLY T 54 46.86 3.25 109.92
N ASP T 55 46.23 4.04 110.79
CA ASP T 55 45.31 3.48 111.77
C ASP T 55 43.96 3.13 111.15
N SER T 56 43.60 3.80 110.04
CA SER T 56 42.28 3.59 109.45
C SER T 56 42.08 2.14 109.02
N VAL T 57 43.02 1.60 108.23
CA VAL T 57 42.91 0.28 107.64
C VAL T 57 43.93 -0.64 108.29
N THR T 58 43.48 -1.81 108.72
CA THR T 58 44.34 -2.84 109.30
C THR T 58 44.05 -4.17 108.61
N VAL T 59 45.09 -4.88 108.24
CA VAL T 59 44.98 -6.17 107.56
C VAL T 59 45.58 -7.22 108.49
N THR T 60 44.77 -8.21 108.86
CA THR T 60 45.18 -9.31 109.71
C THR T 60 44.85 -10.63 109.01
N ARG T 61 45.83 -11.55 108.99
CA ARG T 61 45.68 -12.82 108.32
C ARG T 61 45.62 -13.96 109.33
N ASP T 62 45.19 -15.11 108.84
CA ASP T 62 45.11 -16.33 109.64
C ASP T 62 45.59 -17.49 108.79
N LYS T 63 45.35 -18.71 109.25
CA LYS T 63 45.79 -19.88 108.49
C LYS T 63 45.08 -19.98 107.15
N ASN T 64 43.77 -19.67 107.13
CA ASN T 64 42.99 -19.79 105.90
C ASN T 64 42.00 -18.65 105.71
N LYS T 65 42.18 -17.52 106.40
CA LYS T 65 41.25 -16.41 106.29
C LYS T 65 42.00 -15.09 106.42
N ILE T 66 41.65 -14.13 105.56
CA ILE T 66 42.16 -12.77 105.61
C ILE T 66 41.05 -11.86 106.11
N THR T 67 41.42 -10.91 106.97
CA THR T 67 40.45 -9.97 107.55
C THR T 67 40.94 -8.56 107.30
N VAL T 68 40.04 -7.68 106.86
CA VAL T 68 40.34 -6.27 106.62
C VAL T 68 39.33 -5.45 107.39
N THR T 69 39.82 -4.55 108.25
CA THR T 69 38.98 -3.68 109.06
C THR T 69 39.32 -2.23 108.75
N CYS T 70 38.29 -1.39 108.65
CA CYS T 70 38.45 0.02 108.33
C CYS T 70 37.76 0.86 109.38
N ASN T 71 38.38 1.99 109.72
CA ASN T 71 37.80 2.93 110.67
C ASN T 71 36.70 3.79 110.06
N SER T 72 36.66 3.89 108.73
CA SER T 72 35.64 4.68 108.05
C SER T 72 34.95 3.83 107.00
N THR T 73 34.13 4.46 106.15
CA THR T 73 33.45 3.73 105.10
C THR T 73 34.46 3.06 104.18
N PHE T 74 34.26 1.78 103.91
CA PHE T 74 35.13 1.00 103.05
C PHE T 74 34.26 0.16 102.12
N SER T 75 34.53 0.23 100.83
CA SER T 75 33.72 -0.49 99.85
C SER T 75 34.12 -1.95 99.81
N LYS T 76 33.13 -2.83 99.96
CA LYS T 76 33.39 -4.26 99.87
C LYS T 76 33.86 -4.64 98.47
N ARG T 77 33.23 -4.07 97.44
CA ARG T 77 33.62 -4.39 96.06
C ARG T 77 35.04 -3.93 95.78
N TYR T 78 35.53 -2.91 96.49
CA TYR T 78 36.93 -2.52 96.33
C TYR T 78 37.86 -3.64 96.76
N LEU T 79 37.52 -4.35 97.83
CA LEU T 79 38.31 -5.51 98.24
C LEU T 79 38.29 -6.58 97.16
N LYS T 80 37.14 -6.81 96.54
CA LYS T 80 37.06 -7.77 95.45
C LYS T 80 37.93 -7.33 94.27
N TYR T 81 37.95 -6.03 93.99
CA TYR T 81 38.79 -5.52 92.90
C TYR T 81 40.26 -5.82 93.16
N LEU T 82 40.72 -5.62 94.40
CA LEU T 82 42.12 -5.88 94.70
C LEU T 82 42.42 -7.38 94.69
N VAL T 83 41.53 -8.20 95.25
CA VAL T 83 41.76 -9.64 95.28
C VAL T 83 41.82 -10.20 93.86
N LYS T 84 40.89 -9.77 93.00
CA LYS T 84 40.92 -10.22 91.62
C LYS T 84 42.21 -9.79 90.92
N LYS T 85 42.70 -8.59 91.25
CA LYS T 85 43.97 -8.15 90.68
C LYS T 85 45.12 -9.03 91.13
N TYR T 86 45.10 -9.44 92.40
CA TYR T 86 46.14 -10.35 92.89
C TYR T 86 46.10 -11.69 92.16
N LEU T 87 44.90 -12.22 91.92
CA LEU T 87 44.77 -13.49 91.21
C LEU T 87 45.32 -13.38 89.79
N LYS T 88 45.04 -12.26 89.11
CA LYS T 88 45.54 -12.08 87.75
C LYS T 88 47.06 -12.05 87.72
N LYS T 89 47.67 -11.37 88.69
CA LYS T 89 49.13 -11.25 88.71
C LYS T 89 49.80 -12.61 88.93
N ASN T 90 49.11 -13.54 89.58
CA ASN T 90 49.63 -14.87 89.84
C ASN T 90 49.18 -15.90 88.82
N ASN T 91 48.49 -15.47 87.77
CA ASN T 91 48.03 -16.37 86.70
C ASN T 91 47.17 -17.49 87.26
N VAL T 92 46.22 -17.12 88.12
CA VAL T 92 45.30 -18.07 88.72
C VAL T 92 43.84 -17.70 88.53
N ARG T 93 43.55 -16.62 87.80
CA ARG T 93 42.15 -16.24 87.59
C ARG T 93 41.40 -17.28 86.77
N ASP T 94 42.08 -17.95 85.84
CA ASP T 94 41.43 -19.00 85.06
C ASP T 94 41.02 -20.19 85.89
N TRP T 95 41.53 -20.31 87.11
CA TRP T 95 41.17 -21.40 88.02
C TRP T 95 40.34 -20.94 89.21
N LEU T 96 40.59 -19.74 89.72
CA LEU T 96 39.94 -19.23 90.92
C LEU T 96 39.02 -18.07 90.56
N ARG T 97 38.06 -17.83 91.46
CA ARG T 97 37.10 -16.74 91.27
C ARG T 97 36.58 -16.31 92.63
N VAL T 98 36.45 -15.00 92.83
CA VAL T 98 35.97 -14.43 94.08
C VAL T 98 34.44 -14.41 94.05
N ILE T 99 33.83 -15.01 95.06
CA ILE T 99 32.37 -15.14 95.13
C ILE T 99 31.91 -14.78 96.52
N ALA T 100 30.81 -14.02 96.59
CA ALA T 100 30.23 -13.67 97.88
C ALA T 100 29.57 -14.88 98.52
N SER T 101 29.46 -14.85 99.84
CA SER T 101 28.92 -15.96 100.61
C SER T 101 27.44 -15.69 100.92
N ASN T 102 26.59 -16.68 100.66
CA ASN T 102 25.18 -16.55 101.00
C ASN T 102 24.95 -16.50 102.50
N LYS T 103 25.88 -17.00 103.30
CA LYS T 103 25.71 -17.01 104.75
C LYS T 103 25.95 -15.62 105.34
N ASP T 104 27.14 -15.07 105.11
CA ASP T 104 27.50 -13.75 105.60
C ASP T 104 27.70 -12.80 104.43
N ARG T 105 27.28 -11.55 104.62
CA ARG T 105 27.33 -10.54 103.57
C ARG T 105 28.64 -9.76 103.55
N ASN T 106 29.57 -10.05 104.47
CA ASN T 106 30.84 -9.34 104.54
C ASN T 106 32.01 -10.28 104.28
N VAL T 107 31.77 -11.38 103.56
CA VAL T 107 32.76 -12.41 103.34
C VAL T 107 32.82 -12.73 101.85
N TYR T 108 34.04 -12.84 101.32
CA TYR T 108 34.28 -13.35 99.97
C TYR T 108 34.95 -14.71 100.06
N GLU T 109 34.58 -15.60 99.16
CA GLU T 109 35.12 -16.95 99.13
C GLU T 109 35.79 -17.22 97.79
N LEU T 110 36.88 -17.96 97.82
CA LEU T 110 37.61 -18.35 96.61
C LEU T 110 37.20 -19.75 96.23
N ARG T 111 36.68 -19.90 95.01
CA ARG T 111 36.15 -21.17 94.53
C ARG T 111 36.72 -21.45 93.14
N TYR T 112 36.48 -22.67 92.66
CA TYR T 112 36.92 -23.10 91.34
C TYR T 112 35.75 -23.08 90.36
N PHE T 113 36.09 -23.05 89.08
CA PHE T 113 35.08 -23.12 88.03
C PHE T 113 34.61 -24.56 87.86
N ASN T 114 33.31 -24.73 87.63
CA ASN T 114 32.73 -26.06 87.43
C ASN T 114 32.87 -26.49 85.96
N ILE T 115 34.12 -26.59 85.53
CA ILE T 115 34.43 -26.99 84.16
C ILE T 115 33.91 -28.41 83.92
N ALA U 10 79.09 35.69 19.88
CA ALA U 10 77.78 36.27 20.14
C ALA U 10 76.76 35.16 20.41
N GLY U 11 76.07 34.71 19.38
CA GLY U 11 75.09 33.65 19.50
C GLY U 11 73.71 34.16 19.88
N ASN U 12 72.71 33.36 19.55
CA ASN U 12 71.32 33.66 19.87
C ASN U 12 70.88 32.92 21.13
N LYS U 13 69.81 33.39 21.74
CA LYS U 13 69.32 32.80 22.97
C LYS U 13 68.67 31.46 22.71
N PHE U 14 68.89 30.51 23.62
CA PHE U 14 68.30 29.20 23.51
C PHE U 14 66.84 29.24 23.94
N ARG U 15 66.10 28.20 23.56
CA ARG U 15 64.68 28.15 23.88
C ARG U 15 64.48 28.07 25.39
N MET U 16 63.40 28.68 25.86
CA MET U 16 63.02 28.67 27.26
C MET U 16 61.58 28.20 27.38
N SER U 17 61.25 27.64 28.54
CA SER U 17 59.87 27.26 28.81
C SER U 17 58.97 28.49 28.70
N LEU U 18 57.86 28.35 27.98
CA LEU U 18 56.91 29.43 27.78
C LEU U 18 55.86 29.37 28.87
N GLY U 19 55.77 30.43 29.67
CA GLY U 19 54.86 30.45 30.80
C GLY U 19 53.76 31.49 30.73
N LEU U 20 53.76 32.32 29.68
CA LEU U 20 52.86 33.45 29.59
C LEU U 20 52.09 33.43 28.26
N PRO U 21 50.99 32.68 28.19
CA PRO U 21 50.15 32.71 27.00
C PRO U 21 49.33 34.00 26.93
N VAL U 22 48.70 34.19 25.77
CA VAL U 22 47.82 35.34 25.54
C VAL U 22 46.76 35.37 26.64
N ALA U 23 46.35 36.59 27.02
CA ALA U 23 45.44 36.90 28.12
C ALA U 23 46.18 36.92 29.46
N ALA U 24 47.46 36.57 29.50
CA ALA U 24 48.22 36.67 30.75
C ALA U 24 48.44 38.14 31.10
N THR U 25 48.23 38.46 32.37
CA THR U 25 48.41 39.82 32.87
C THR U 25 49.60 39.84 33.82
N VAL U 26 50.64 40.57 33.44
CA VAL U 26 51.87 40.63 34.21
C VAL U 26 52.05 42.03 34.79
N ASN U 27 52.86 42.11 35.84
CA ASN U 27 53.17 43.38 36.45
C ASN U 27 54.05 44.23 35.55
N CYS U 28 53.88 45.54 35.65
CA CYS U 28 54.74 46.48 34.93
C CYS U 28 55.92 46.86 35.82
N ALA U 29 57.12 46.54 35.38
CA ALA U 29 58.31 46.70 36.20
C ALA U 29 59.01 48.04 35.99
N ASP U 30 58.49 48.91 35.14
CA ASP U 30 59.09 50.22 34.90
C ASP U 30 58.26 51.30 35.60
N ASN U 31 58.69 52.55 35.44
CA ASN U 31 58.05 53.69 36.09
C ASN U 31 57.28 54.55 35.08
N THR U 32 56.72 53.93 34.05
CA THR U 32 55.95 54.67 33.06
C THR U 32 54.58 55.09 33.58
N GLY U 33 54.14 54.53 34.70
CA GLY U 33 52.82 54.78 35.25
C GLY U 33 51.87 53.62 35.13
N ALA U 34 52.15 52.66 34.23
CA ALA U 34 51.33 51.47 34.12
C ALA U 34 51.59 50.53 35.29
N LYS U 35 50.54 49.85 35.73
CA LYS U 35 50.64 48.90 36.83
C LYS U 35 50.59 47.45 36.40
N ASN U 36 50.00 47.15 35.25
CA ASN U 36 49.99 45.80 34.72
C ASN U 36 49.97 45.85 33.20
N LEU U 37 50.35 44.74 32.59
CA LEU U 37 50.37 44.60 31.14
C LEU U 37 49.56 43.36 30.76
N TYR U 38 48.64 43.53 29.81
CA TYR U 38 47.78 42.44 29.35
C TYR U 38 48.27 41.99 27.98
N ILE U 39 48.75 40.76 27.90
CA ILE U 39 49.36 40.25 26.68
C ILE U 39 48.27 39.87 25.69
N ILE U 40 48.35 40.43 24.48
CA ILE U 40 47.41 40.09 23.42
C ILE U 40 48.06 39.31 22.29
N SER U 41 49.39 39.38 22.14
CA SER U 41 50.08 38.60 21.13
C SER U 41 51.57 38.60 21.45
N VAL U 42 52.29 37.69 20.80
CA VAL U 42 53.72 37.52 20.99
C VAL U 42 54.40 37.61 19.63
N LYS U 43 55.44 38.42 19.53
CA LYS U 43 56.15 38.58 18.27
C LYS U 43 56.96 37.31 17.96
N GLY U 44 57.04 37.00 16.67
CA GLY U 44 57.78 35.85 16.21
C GLY U 44 57.00 34.54 16.22
N ILE U 45 55.75 34.56 16.70
CA ILE U 45 54.95 33.34 16.76
C ILE U 45 54.32 33.10 15.39
N LYS U 46 54.61 31.95 14.79
CA LYS U 46 53.94 31.53 13.57
C LYS U 46 52.70 30.71 13.89
N GLY U 47 52.77 29.88 14.92
CA GLY U 47 51.57 29.32 15.52
C GLY U 47 51.17 27.96 14.99
N ARG U 48 50.12 27.44 15.65
CA ARG U 48 49.55 26.15 15.36
C ARG U 48 48.06 26.25 15.66
N LEU U 49 47.26 25.45 14.97
CA LEU U 49 45.83 25.49 15.20
C LEU U 49 45.52 25.26 16.68
N ASN U 50 44.72 26.16 17.26
CA ASN U 50 44.26 26.07 18.64
C ASN U 50 45.36 26.39 19.67
N ARG U 51 46.59 26.60 19.23
CA ARG U 51 47.70 26.84 20.15
C ARG U 51 47.78 28.31 20.48
N LEU U 52 47.66 28.64 21.77
CA LEU U 52 47.77 30.03 22.20
C LEU U 52 49.21 30.50 22.08
N PRO U 53 49.46 31.64 21.45
CA PRO U 53 50.83 32.20 21.48
C PRO U 53 51.27 32.45 22.91
N SER U 54 52.55 32.15 23.19
CA SER U 54 53.09 32.27 24.53
C SER U 54 54.47 32.92 24.47
N ALA U 55 54.84 33.59 25.55
CA ALA U 55 56.09 34.34 25.63
C ALA U 55 56.86 33.92 26.88
N CYS U 56 58.18 34.14 26.82
CA CYS U 56 59.08 33.88 27.92
C CYS U 56 59.92 35.13 28.18
N VAL U 57 60.81 35.04 29.18
CA VAL U 57 61.67 36.18 29.49
C VAL U 57 62.51 36.53 28.28
N GLY U 58 62.53 37.82 27.93
CA GLY U 58 63.24 38.29 26.78
C GLY U 58 62.41 38.41 25.52
N ASP U 59 61.21 37.82 25.49
CA ASP U 59 60.34 37.93 24.33
C ASP U 59 59.66 39.29 24.30
N MET U 60 59.50 39.84 23.09
CA MET U 60 58.73 41.05 22.90
C MET U 60 57.28 40.68 22.62
N VAL U 61 56.35 41.33 23.33
CA VAL U 61 54.94 41.05 23.20
C VAL U 61 54.20 42.36 22.99
N MET U 62 53.02 42.26 22.40
CA MET U 62 52.09 43.38 22.29
C MET U 62 51.11 43.29 23.45
N ALA U 63 50.95 44.39 24.17
CA ALA U 63 50.17 44.38 25.40
C ALA U 63 49.35 45.65 25.50
N THR U 64 48.38 45.62 26.41
CA THR U 64 47.57 46.77 26.77
C THR U 64 47.60 46.96 28.27
N VAL U 65 47.49 48.20 28.70
CA VAL U 65 47.53 48.55 30.12
C VAL U 65 46.10 48.53 30.64
N LYS U 66 45.78 47.52 31.46
CA LYS U 66 44.45 47.42 32.05
C LYS U 66 44.30 48.26 33.31
N LYS U 67 45.40 48.70 33.91
CA LYS U 67 45.35 49.50 35.12
C LYS U 67 46.58 50.39 35.16
N GLY U 68 46.34 51.70 35.18
CA GLY U 68 47.45 52.64 35.18
C GLY U 68 46.96 54.02 34.78
N LYS U 69 47.90 54.86 34.35
CA LYS U 69 47.56 56.20 33.93
C LYS U 69 46.61 56.16 32.74
N PRO U 70 45.61 57.04 32.68
CA PRO U 70 44.69 57.00 31.53
C PRO U 70 45.38 57.19 30.20
N ASP U 71 46.51 57.92 30.17
CA ASP U 71 47.21 58.16 28.93
C ASP U 71 47.77 56.89 28.31
N LEU U 72 47.91 55.82 29.10
CA LEU U 72 48.47 54.56 28.63
C LEU U 72 47.41 53.50 28.36
N ARG U 73 46.16 53.72 28.76
CA ARG U 73 45.12 52.73 28.60
C ARG U 73 44.50 52.79 27.21
N LYS U 74 43.75 51.74 26.87
CA LYS U 74 43.01 51.66 25.61
C LYS U 74 43.95 51.80 24.42
N LYS U 75 45.16 51.27 24.55
CA LYS U 75 46.20 51.42 23.53
C LYS U 75 47.01 50.14 23.45
N VAL U 76 47.56 49.88 22.26
CA VAL U 76 48.39 48.70 22.00
C VAL U 76 49.83 49.16 21.88
N MET U 77 50.70 48.60 22.71
CA MET U 77 52.11 48.96 22.71
C MET U 77 52.95 47.71 22.93
N PRO U 78 54.17 47.69 22.40
CA PRO U 78 55.05 46.55 22.65
C PRO U 78 55.65 46.58 24.05
N ALA U 79 56.02 45.39 24.52
CA ALA U 79 56.61 45.23 25.85
C ALA U 79 57.53 44.03 25.82
N VAL U 80 58.41 43.96 26.82
CA VAL U 80 59.39 42.89 26.94
C VAL U 80 59.23 42.24 28.31
N ILE U 81 59.19 40.92 28.34
CA ILE U 81 59.09 40.16 29.58
C ILE U 81 60.44 40.13 30.25
N VAL U 82 60.48 40.49 31.54
CA VAL U 82 61.72 40.50 32.30
C VAL U 82 61.73 39.46 33.42
N ARG U 83 60.58 39.00 33.90
CA ARG U 83 60.51 37.97 34.92
C ARG U 83 59.34 37.05 34.60
N GLN U 84 59.47 35.79 35.03
CA GLN U 84 58.38 34.83 34.88
C GLN U 84 58.41 33.84 36.03
N ARG U 85 57.23 33.30 36.35
CA ARG U 85 57.13 32.34 37.45
C ARG U 85 57.34 30.90 36.98
N LYS U 86 57.11 30.61 35.70
CA LYS U 86 57.31 29.26 35.18
C LYS U 86 58.79 28.93 35.20
N PRO U 87 59.22 27.86 35.86
CA PRO U 87 60.65 27.52 35.85
C PRO U 87 61.13 27.20 34.43
N TRP U 88 62.38 27.59 34.16
CA TRP U 88 63.03 27.27 32.89
C TRP U 88 64.44 26.79 33.17
N ARG U 89 64.98 26.00 32.24
CA ARG U 89 66.25 25.32 32.43
C ARG U 89 67.39 26.16 31.87
N ARG U 90 68.35 26.49 32.73
CA ARG U 90 69.62 27.03 32.27
C ARG U 90 70.46 25.91 31.67
N LYS U 91 71.38 26.28 30.79
CA LYS U 91 72.22 25.27 30.14
C LYS U 91 73.03 24.48 31.14
N ASP U 92 73.37 25.07 32.28
CA ASP U 92 74.11 24.37 33.32
C ASP U 92 73.25 23.42 34.14
N GLY U 93 72.01 23.18 33.73
CA GLY U 93 71.15 22.20 34.38
C GLY U 93 70.36 22.70 35.57
N VAL U 94 70.43 23.99 35.87
CA VAL U 94 69.71 24.56 37.01
C VAL U 94 68.41 25.18 36.50
N PHE U 95 67.32 24.90 37.20
CA PHE U 95 66.02 25.47 36.88
C PHE U 95 65.77 26.71 37.72
N MET U 96 65.47 27.82 37.06
CA MET U 96 65.28 29.11 37.69
C MET U 96 63.85 29.59 37.53
N TYR U 97 63.40 30.43 38.47
CA TYR U 97 62.11 31.10 38.35
C TYR U 97 62.08 32.28 39.30
N PHE U 98 61.27 33.27 38.95
CA PHE U 98 61.06 34.46 39.75
C PHE U 98 59.79 34.32 40.58
N GLU U 99 59.61 35.27 41.51
CA GLU U 99 58.45 35.26 42.38
C GLU U 99 57.19 35.75 41.68
N ASP U 100 57.31 36.49 40.57
CA ASP U 100 56.15 37.00 39.86
C ASP U 100 56.49 37.12 38.38
N ASN U 101 55.49 37.55 37.60
CA ASN U 101 55.64 37.81 36.18
C ASN U 101 55.66 39.32 35.97
N ALA U 102 56.64 39.81 35.21
CA ALA U 102 56.79 41.24 35.02
C ALA U 102 57.30 41.54 33.62
N GLY U 103 57.04 42.77 33.17
CA GLY U 103 57.52 43.24 31.89
C GLY U 103 57.64 44.74 31.91
N VAL U 104 58.26 45.27 30.85
CA VAL U 104 58.51 46.70 30.72
C VAL U 104 58.04 47.16 29.34
N ILE U 105 57.45 48.34 29.28
CA ILE U 105 56.96 48.90 28.03
C ILE U 105 58.13 49.49 27.24
N VAL U 106 58.21 49.16 25.96
CA VAL U 106 59.26 49.64 25.08
C VAL U 106 58.61 50.12 23.78
N ASN U 107 59.43 50.59 22.86
CA ASN U 107 59.02 50.94 21.51
C ASN U 107 59.39 49.83 20.55
N PRO U 108 58.93 49.89 19.29
CA PRO U 108 59.23 48.81 18.36
C PRO U 108 60.71 48.51 18.21
N LYS U 109 61.59 49.45 18.56
CA LYS U 109 63.03 49.26 18.49
C LYS U 109 63.62 48.74 19.80
N GLY U 110 62.79 48.48 20.80
CA GLY U 110 63.28 47.95 22.06
C GLY U 110 63.80 48.98 23.04
N GLU U 111 63.57 50.27 22.78
CA GLU U 111 63.99 51.31 23.71
C GLU U 111 62.92 51.49 24.79
N MET U 112 63.35 51.55 26.04
CA MET U 112 62.41 51.67 27.14
C MET U 112 61.64 52.97 27.08
N LYS U 113 60.32 52.89 27.33
CA LYS U 113 59.52 54.09 27.44
C LYS U 113 59.76 54.79 28.78
N GLY U 114 59.93 54.02 29.85
CA GLY U 114 60.28 54.57 31.15
C GLY U 114 61.77 54.80 31.26
N SER U 115 62.23 54.95 32.51
CA SER U 115 63.63 55.22 32.78
C SER U 115 64.22 54.36 33.89
N ALA U 116 63.40 53.66 34.68
CA ALA U 116 63.91 52.84 35.76
C ALA U 116 63.13 51.52 35.80
N ILE U 117 63.77 50.50 36.39
CA ILE U 117 63.18 49.18 36.52
C ILE U 117 63.16 48.81 37.99
N THR U 118 62.04 48.25 38.45
CA THR U 118 61.89 47.80 39.82
C THR U 118 62.10 46.29 39.87
N GLY U 119 62.98 45.85 40.77
CA GLY U 119 63.24 44.43 40.95
C GLY U 119 64.27 43.90 39.97
N PRO U 120 64.64 42.63 40.14
CA PRO U 120 65.63 42.02 39.25
C PRO U 120 65.01 41.65 37.91
N ILE U 121 65.88 41.35 36.95
CA ILE U 121 65.46 40.89 35.64
C ILE U 121 66.32 39.70 35.24
N GLY U 122 65.75 38.82 34.43
CA GLY U 122 66.48 37.66 33.97
C GLY U 122 67.64 38.03 33.07
N LYS U 123 68.72 37.24 33.18
CA LYS U 123 69.89 37.49 32.35
C LYS U 123 69.57 37.30 30.87
N GLU U 124 68.64 36.41 30.54
CA GLU U 124 68.30 36.18 29.15
C GLU U 124 67.75 37.45 28.51
N CYS U 125 66.88 38.17 29.22
CA CYS U 125 66.32 39.40 28.67
C CYS U 125 67.37 40.49 28.54
N ALA U 126 68.29 40.57 29.50
CA ALA U 126 69.29 41.63 29.48
C ALA U 126 70.21 41.51 28.27
N ASP U 127 70.59 40.29 27.89
CA ASP U 127 71.48 40.11 26.76
C ASP U 127 70.85 40.57 25.45
N LEU U 128 69.56 40.28 25.25
CA LEU U 128 68.91 40.63 23.98
C LEU U 128 68.60 42.12 23.88
N TRP U 129 68.39 42.80 25.00
CA TRP U 129 67.92 44.18 25.01
C TRP U 129 68.90 45.03 25.82
N PRO U 130 69.94 45.58 25.18
CA PRO U 130 70.91 46.38 25.94
C PRO U 130 70.28 47.60 26.60
N ARG U 131 69.27 48.21 25.99
CA ARG U 131 68.63 49.37 26.60
C ARG U 131 67.97 48.99 27.92
N ILE U 132 67.29 47.85 27.97
CA ILE U 132 66.66 47.40 29.20
C ILE U 132 67.71 47.09 30.26
N ALA U 133 68.81 46.43 29.85
CA ALA U 133 69.87 46.10 30.80
C ALA U 133 70.50 47.35 31.39
N SER U 134 70.55 48.44 30.63
CA SER U 134 71.16 49.66 31.14
C SER U 134 70.40 50.20 32.35
N ALA U 135 69.08 50.14 32.31
CA ALA U 135 68.23 50.65 33.39
C ALA U 135 67.96 49.61 34.47
N ALA U 136 68.52 48.42 34.36
CA ALA U 136 68.25 47.36 35.33
C ALA U 136 69.11 47.54 36.57
N ASN U 137 68.62 47.00 37.70
CA ASN U 137 69.34 47.05 38.96
C ASN U 137 70.20 45.81 39.15
N ALA U 138 69.55 44.64 39.19
CA ALA U 138 70.23 43.36 39.35
C ALA U 138 69.86 42.45 38.19
N ILE U 139 70.87 41.87 37.55
CA ILE U 139 70.68 40.97 36.42
C ILE U 139 71.06 39.58 36.90
N VAL U 140 70.07 38.70 36.99
CA VAL U 140 70.29 37.34 37.49
C VAL U 140 69.94 36.33 36.40
N VAL V 3 89.20 21.45 41.58
CA VAL V 3 88.17 21.12 42.55
C VAL V 3 86.81 21.63 42.05
N LEU V 4 85.79 20.79 42.17
CA LEU V 4 84.46 21.16 41.72
C LEU V 4 83.88 22.28 42.57
N LYS V 5 83.13 23.17 41.93
CA LYS V 5 82.40 24.22 42.63
C LYS V 5 81.01 23.70 42.95
N THR V 6 80.72 23.54 44.25
CA THR V 6 79.43 23.05 44.71
C THR V 6 78.73 24.11 45.52
N GLU V 7 77.44 24.27 45.31
CA GLU V 7 76.63 25.21 46.07
C GLU V 7 76.01 24.51 47.28
N LEU V 8 75.41 25.31 48.15
CA LEU V 8 74.75 24.82 49.36
C LEU V 8 73.27 25.17 49.31
N CYS V 9 72.44 24.24 49.72
CA CYS V 9 71.00 24.48 49.79
C CYS V 9 70.71 25.50 50.89
N ARG V 10 70.01 26.57 50.51
CA ARG V 10 69.72 27.63 51.47
C ARG V 10 68.82 27.13 52.60
N PHE V 11 67.95 26.17 52.32
CA PHE V 11 67.00 25.69 53.31
C PHE V 11 67.64 24.63 54.21
N SER V 12 68.13 23.54 53.62
CA SER V 12 68.63 22.41 54.38
C SER V 12 70.14 22.46 54.61
N GLY V 13 70.87 23.26 53.84
CA GLY V 13 72.32 23.29 53.95
C GLY V 13 73.02 22.16 53.23
N ALA V 14 72.29 21.33 52.49
CA ALA V 14 72.89 20.22 51.78
C ALA V 14 73.75 20.71 50.62
N LYS V 15 74.80 19.96 50.33
CA LYS V 15 75.67 20.29 49.20
C LYS V 15 74.95 19.97 47.89
N ILE V 16 75.03 20.88 46.93
CA ILE V 16 74.40 20.74 45.63
C ILE V 16 75.50 20.56 44.59
N TYR V 17 75.49 19.42 43.92
CA TYR V 17 76.50 19.12 42.90
C TYR V 17 76.09 19.69 41.56
N PRO V 18 77.05 19.95 40.67
CA PRO V 18 76.72 20.61 39.40
C PRO V 18 75.79 19.77 38.55
N GLY V 19 74.95 20.45 37.78
CA GLY V 19 73.99 19.81 36.91
C GLY V 19 72.60 19.67 37.47
N ARG V 20 72.34 20.15 38.68
CA ARG V 20 71.00 20.10 39.26
C ARG V 20 70.84 21.30 40.20
N GLY V 21 69.72 21.34 40.89
CA GLY V 21 69.39 22.41 41.79
C GLY V 21 68.22 23.24 41.30
N ILE V 22 67.54 23.88 42.25
CA ILE V 22 66.41 24.76 41.98
C ILE V 22 66.74 26.13 42.54
N ARG V 23 66.70 27.14 41.69
CA ARG V 23 67.08 28.50 42.05
C ARG V 23 65.84 29.39 42.03
N PHE V 24 65.54 30.01 43.16
CA PHE V 24 64.40 30.90 43.30
C PHE V 24 64.89 32.32 43.57
N ILE V 25 64.36 33.27 42.82
CA ILE V 25 64.70 34.68 42.97
C ILE V 25 63.51 35.37 43.65
N ARG V 26 63.72 35.83 44.87
CA ARG V 26 62.67 36.50 45.60
C ARG V 26 62.52 37.94 45.11
N SER V 27 61.36 38.53 45.40
CA SER V 27 61.04 39.86 44.88
C SER V 27 62.08 40.88 45.29
N ASP V 28 62.77 40.67 46.40
CA ASP V 28 63.81 41.58 46.87
C ASP V 28 65.19 41.22 46.34
N SER V 29 65.26 40.48 45.23
CA SER V 29 66.49 40.09 44.55
C SER V 29 67.30 39.06 45.33
N GLN V 30 66.76 38.51 46.41
CA GLN V 30 67.45 37.44 47.13
C GLN V 30 67.43 36.17 46.30
N VAL V 31 68.56 35.46 46.28
CA VAL V 31 68.73 34.23 45.52
C VAL V 31 68.71 33.05 46.49
N PHE V 32 67.87 32.07 46.20
CA PHE V 32 67.73 30.87 47.05
C PHE V 32 67.97 29.64 46.18
N LEU V 33 68.92 28.82 46.59
CA LEU V 33 69.23 27.55 45.93
C LEU V 33 68.65 26.42 46.77
N PHE V 34 67.83 25.58 46.15
CA PHE V 34 67.24 24.42 46.80
C PHE V 34 67.82 23.15 46.19
N VAL V 35 68.08 22.16 47.04
CA VAL V 35 68.64 20.91 46.55
C VAL V 35 67.57 20.03 45.89
N ASN V 36 66.32 20.16 46.30
CA ASN V 36 65.25 19.34 45.74
C ASN V 36 63.92 20.03 46.03
N SER V 37 62.84 19.45 45.50
CA SER V 37 61.51 20.03 45.66
C SER V 37 61.03 19.96 47.11
N LYS V 38 61.56 19.04 47.90
CA LYS V 38 61.19 18.98 49.32
C LYS V 38 61.54 20.29 50.02
N CYS V 39 62.76 20.77 49.83
CA CYS V 39 63.15 22.04 50.43
C CYS V 39 62.39 23.20 49.80
N LYS V 40 62.16 23.14 48.48
CA LYS V 40 61.40 24.19 47.82
C LYS V 40 60.00 24.31 48.40
N HIS V 41 59.30 23.19 48.55
CA HIS V 41 57.92 23.24 49.05
C HIS V 41 57.88 23.75 50.48
N TYR V 42 58.78 23.25 51.34
CA TYR V 42 58.77 23.68 52.73
C TYR V 42 59.11 25.17 52.85
N PHE V 43 60.00 25.66 51.99
CA PHE V 43 60.32 27.09 52.00
C PHE V 43 59.10 27.92 51.61
N HIS V 44 58.42 27.55 50.53
CA HIS V 44 57.25 28.29 50.10
C HIS V 44 56.06 28.10 51.02
N ASN V 45 56.07 27.05 51.84
CA ASN V 45 55.07 26.86 52.88
C ASN V 45 55.38 27.64 54.15
N LYS V 46 56.48 28.42 54.15
CA LYS V 46 56.84 29.29 55.25
C LYS V 46 57.29 28.51 56.48
N LEU V 47 57.84 27.31 56.29
CA LEU V 47 58.42 26.56 57.39
C LEU V 47 59.84 27.03 57.64
N LYS V 48 60.20 27.17 58.91
CA LYS V 48 61.53 27.64 59.27
C LYS V 48 62.50 26.47 59.36
N PRO V 49 63.66 26.52 58.70
CA PRO V 49 64.62 25.42 58.83
C PRO V 49 65.03 25.14 60.27
N SER V 50 65.09 26.17 61.11
CA SER V 50 65.45 25.98 62.51
C SER V 50 64.49 25.06 63.23
N LYS V 51 63.27 24.91 62.73
CA LYS V 51 62.27 24.07 63.37
C LYS V 51 62.25 22.63 62.86
N LEU V 52 62.94 22.35 61.75
CA LEU V 52 62.95 21.01 61.17
C LEU V 52 64.21 20.29 61.63
N THR V 53 64.02 19.11 62.24
CA THR V 53 65.11 18.43 62.93
C THR V 53 66.25 18.07 62.00
N TRP V 54 65.93 17.70 60.76
CA TRP V 54 66.93 17.17 59.84
C TRP V 54 67.78 18.24 59.16
N THR V 55 67.40 19.51 59.24
CA THR V 55 68.15 20.54 58.54
C THR V 55 69.46 20.84 59.27
N ALA V 56 70.41 21.40 58.50
CA ALA V 56 71.69 21.77 59.09
C ALA V 56 71.54 22.94 60.08
N MET V 57 70.60 23.85 59.81
CA MET V 57 70.39 24.97 60.72
C MET V 57 69.92 24.48 62.08
N TYR V 58 69.01 23.50 62.10
CA TYR V 58 68.55 22.95 63.37
C TYR V 58 69.69 22.31 64.14
N ARG V 59 70.53 21.53 63.45
CA ARG V 59 71.60 20.81 64.13
C ARG V 59 72.66 21.75 64.67
N LYS V 60 72.92 22.86 63.97
CA LYS V 60 73.92 23.82 64.45
C LYS V 60 73.41 24.56 65.69
N GLN V 61 72.12 24.88 65.73
CA GLN V 61 71.57 25.60 66.88
C GLN V 61 71.42 24.68 68.08
N HIS V 62 71.26 23.38 67.86
CA HIS V 62 71.15 22.40 68.94
C HIS V 62 72.46 21.70 69.25
N LYS V 63 73.55 22.14 68.62
CA LYS V 63 74.89 21.58 68.89
C LYS V 63 74.89 20.05 68.72
N LYS V 64 74.24 19.59 67.65
CA LYS V 64 74.21 18.17 67.34
C LYS V 64 75.53 17.73 66.69
N ILE W 38 -64.81 18.60 71.40
CA ILE W 38 -63.90 19.67 71.02
C ILE W 38 -62.50 19.12 70.88
N ARG W 39 -61.66 19.84 70.13
CA ARG W 39 -60.27 19.45 69.89
C ARG W 39 -59.35 20.54 70.45
N THR W 40 -58.39 20.11 71.27
CA THR W 40 -57.40 21.02 71.85
C THR W 40 -56.08 20.99 71.09
N LYS W 41 -55.97 20.18 70.05
CA LYS W 41 -54.76 20.08 69.25
C LYS W 41 -55.07 20.49 67.83
N VAL W 42 -54.25 21.38 67.27
CA VAL W 42 -54.44 21.79 65.87
C VAL W 42 -53.95 20.72 64.90
N THR W 43 -53.08 19.82 65.34
CA THR W 43 -52.59 18.74 64.48
C THR W 43 -53.51 17.54 64.58
N PHE W 44 -54.00 17.07 63.45
CA PHE W 44 -54.86 15.90 63.42
C PHE W 44 -54.01 14.64 63.50
N HIS W 45 -54.40 13.73 64.40
CA HIS W 45 -53.71 12.46 64.57
C HIS W 45 -54.67 11.33 64.22
N ARG W 46 -54.17 10.32 63.53
CA ARG W 46 -54.99 9.19 63.14
C ARG W 46 -55.52 8.51 64.41
N PRO W 47 -56.84 8.33 64.55
CA PRO W 47 -57.35 7.69 65.77
C PRO W 47 -56.96 6.22 65.84
N LYS W 48 -56.86 5.73 67.07
CA LYS W 48 -56.56 4.32 67.28
C LYS W 48 -57.76 3.46 66.87
N THR W 49 -57.48 2.38 66.13
CA THR W 49 -58.52 1.46 65.68
C THR W 49 -58.14 0.05 66.09
N LEU W 50 -59.14 -0.81 66.19
CA LEU W 50 -58.93 -2.17 66.64
C LEU W 50 -58.14 -2.97 65.60
N LYS W 51 -57.26 -3.85 66.09
CA LYS W 51 -56.48 -4.74 65.26
C LYS W 51 -56.65 -6.16 65.77
N LYS W 52 -56.98 -7.08 64.88
CA LYS W 52 -57.15 -8.48 65.25
C LYS W 52 -55.87 -9.27 64.98
N ASP W 53 -55.72 -10.36 65.72
CA ASP W 53 -54.63 -11.31 65.48
C ASP W 53 -55.07 -12.33 64.43
N ARG W 54 -54.09 -12.84 63.68
CA ARG W 54 -54.40 -13.80 62.64
C ARG W 54 -55.00 -15.07 63.23
N SER W 55 -56.07 -15.56 62.62
CA SER W 55 -56.71 -16.82 62.98
C SER W 55 -56.94 -17.61 61.70
N PRO W 56 -55.88 -18.14 61.09
CA PRO W 56 -56.02 -18.75 59.76
C PRO W 56 -56.97 -19.94 59.78
N LYS W 57 -57.71 -20.10 58.68
CA LYS W 57 -58.58 -21.26 58.53
C LYS W 57 -57.81 -22.52 58.20
N TYR W 58 -56.59 -22.40 57.68
CA TYR W 58 -55.71 -23.54 57.46
C TYR W 58 -54.30 -23.12 57.81
N PRO W 59 -53.48 -24.06 58.31
CA PRO W 59 -52.06 -23.74 58.54
C PRO W 59 -51.30 -23.71 57.23
N ARG W 60 -50.41 -22.74 57.10
CA ARG W 60 -49.62 -22.63 55.87
C ARG W 60 -48.68 -23.82 55.71
N VAL W 61 -48.13 -24.34 56.81
CA VAL W 61 -47.31 -25.55 56.80
C VAL W 61 -48.07 -26.64 57.54
N SER W 62 -48.08 -27.83 56.95
CA SER W 62 -48.87 -28.92 57.52
C SER W 62 -48.36 -29.36 58.89
N ALA W 63 -47.04 -29.33 59.10
CA ALA W 63 -46.47 -29.76 60.37
C ALA W 63 -45.14 -29.06 60.56
N PRO W 64 -44.66 -28.97 61.80
CA PRO W 64 -43.35 -28.33 62.03
C PRO W 64 -42.22 -29.11 61.40
N GLY W 65 -41.19 -28.39 60.98
CA GLY W 65 -40.01 -29.04 60.44
C GLY W 65 -39.23 -29.77 61.53
N ARG W 66 -38.52 -30.81 61.11
CA ARG W 66 -37.71 -31.57 62.04
C ARG W 66 -36.50 -30.75 62.49
N ASN W 67 -36.02 -31.04 63.69
CA ASN W 67 -34.88 -30.32 64.24
C ASN W 67 -33.62 -30.72 63.48
N ARG W 68 -32.99 -29.75 62.83
CA ARG W 68 -31.81 -29.98 62.01
C ARG W 68 -30.51 -29.76 62.76
N LEU W 69 -30.58 -29.38 64.04
CA LEU W 69 -29.41 -29.07 64.85
C LEU W 69 -29.50 -29.79 66.19
N ASP W 70 -29.81 -31.08 66.15
CA ASP W 70 -29.89 -31.89 67.35
C ASP W 70 -28.48 -32.12 67.90
N GLN W 71 -28.42 -32.88 69.01
CA GLN W 71 -27.15 -33.10 69.69
C GLN W 71 -26.14 -33.76 68.77
N TYR W 72 -26.56 -34.76 67.99
CA TYR W 72 -25.64 -35.44 67.08
C TYR W 72 -25.22 -34.52 65.95
N ALA W 73 -26.14 -33.69 65.44
CA ALA W 73 -25.78 -32.75 64.40
C ALA W 73 -24.80 -31.70 64.92
N ILE W 74 -25.00 -31.24 66.16
CA ILE W 74 -24.14 -30.20 66.71
C ILE W 74 -22.72 -30.72 66.89
N LEU W 75 -22.57 -31.89 67.51
CA LEU W 75 -21.26 -32.46 67.82
C LEU W 75 -20.92 -33.47 66.74
N LYS W 76 -20.06 -33.07 65.79
CA LYS W 76 -19.70 -33.95 64.69
C LYS W 76 -18.68 -35.00 65.12
N TYR W 77 -17.57 -34.57 65.71
CA TYR W 77 -16.58 -35.52 66.22
C TYR W 77 -15.52 -34.80 67.03
N PRO W 78 -14.90 -35.46 68.00
CA PRO W 78 -13.80 -34.83 68.74
C PRO W 78 -12.55 -34.71 67.89
N LEU W 79 -11.71 -33.73 68.25
CA LEU W 79 -10.45 -33.52 67.57
C LEU W 79 -9.35 -34.28 68.30
N THR W 80 -8.58 -35.07 67.54
CA THR W 80 -7.59 -35.97 68.10
C THR W 80 -6.18 -35.58 67.70
N THR W 81 -5.94 -34.29 67.46
CA THR W 81 -4.60 -33.83 67.15
C THR W 81 -3.75 -33.78 68.41
N GLU W 82 -2.43 -33.74 68.22
CA GLU W 82 -1.51 -33.69 69.35
C GLU W 82 -1.74 -32.42 70.17
N SER W 83 -1.95 -31.29 69.49
CA SER W 83 -2.24 -30.05 70.21
C SER W 83 -3.55 -30.15 70.98
N ALA W 84 -4.56 -30.79 70.39
CA ALA W 84 -5.83 -30.96 71.07
C ALA W 84 -5.71 -31.89 72.28
N MET W 85 -4.92 -32.96 72.15
CA MET W 85 -4.80 -33.92 73.24
C MET W 85 -4.16 -33.30 74.48
N LYS W 86 -3.19 -32.41 74.31
CA LYS W 86 -2.54 -31.80 75.47
C LYS W 86 -3.53 -30.99 76.30
N LYS W 87 -4.60 -30.49 75.69
CA LYS W 87 -5.59 -29.72 76.44
C LYS W 87 -6.53 -30.60 77.25
N ILE W 88 -6.54 -31.91 77.00
CA ILE W 88 -7.40 -32.80 77.78
C ILE W 88 -6.94 -32.86 79.23
N GLU W 89 -5.63 -32.92 79.45
CA GLU W 89 -5.07 -33.02 80.80
C GLU W 89 -4.56 -31.69 81.33
N ASP W 90 -3.95 -30.86 80.49
CA ASP W 90 -3.41 -29.59 80.95
C ASP W 90 -4.53 -28.66 81.41
N ASN W 91 -5.63 -28.60 80.65
CA ASN W 91 -6.70 -27.66 80.90
C ASN W 91 -8.05 -28.32 81.17
N ASN W 92 -8.10 -29.65 81.22
CA ASN W 92 -9.37 -30.36 81.44
C ASN W 92 -10.39 -29.98 80.36
N THR W 93 -9.89 -29.80 79.13
CA THR W 93 -10.68 -29.28 78.03
C THR W 93 -10.82 -30.34 76.94
N LEU W 94 -12.02 -30.41 76.35
CA LEU W 94 -12.29 -31.29 75.23
C LEU W 94 -12.47 -30.44 73.97
N VAL W 95 -11.79 -30.83 72.90
CA VAL W 95 -11.84 -30.10 71.63
C VAL W 95 -12.76 -30.85 70.69
N PHE W 96 -13.80 -30.17 70.20
CA PHE W 96 -14.80 -30.75 69.32
C PHE W 96 -14.88 -29.97 68.02
N ILE W 97 -15.18 -30.69 66.94
CA ILE W 97 -15.58 -30.08 65.67
C ILE W 97 -17.11 -30.09 65.65
N VAL W 98 -17.71 -28.90 65.49
CA VAL W 98 -19.14 -28.73 65.62
C VAL W 98 -19.69 -28.10 64.35
N ASP W 99 -21.01 -28.14 64.22
CA ASP W 99 -21.68 -27.51 63.08
C ASP W 99 -21.46 -26.00 63.13
N ILE W 100 -21.19 -25.42 61.96
CA ILE W 100 -20.86 -24.00 61.90
C ILE W 100 -22.02 -23.14 62.37
N LYS W 101 -23.25 -23.65 62.30
CA LYS W 101 -24.43 -22.90 62.72
C LYS W 101 -24.74 -23.05 64.20
N ALA W 102 -23.92 -23.80 64.94
CA ALA W 102 -24.14 -23.99 66.37
C ALA W 102 -23.47 -22.88 67.17
N ASP W 103 -24.21 -22.30 68.11
CA ASP W 103 -23.67 -21.28 69.00
C ASP W 103 -23.24 -21.92 70.32
N LYS W 104 -22.59 -21.11 71.16
CA LYS W 104 -22.07 -21.61 72.42
C LYS W 104 -23.18 -22.15 73.31
N LYS W 105 -24.35 -21.50 73.29
CA LYS W 105 -25.46 -21.97 74.12
C LYS W 105 -25.91 -23.37 73.70
N LYS W 106 -26.02 -23.61 72.40
CA LYS W 106 -26.45 -24.93 71.93
C LYS W 106 -25.36 -25.98 72.13
N ILE W 107 -24.10 -25.59 71.99
CA ILE W 107 -23.01 -26.53 72.23
C ILE W 107 -23.02 -26.99 73.68
N LYS W 108 -23.26 -26.06 74.61
CA LYS W 108 -23.29 -26.42 76.03
C LYS W 108 -24.40 -27.43 76.30
N ASP W 109 -25.58 -27.23 75.72
CA ASP W 109 -26.68 -28.16 75.94
C ASP W 109 -26.44 -29.49 75.24
N ALA W 110 -25.81 -29.47 74.06
CA ALA W 110 -25.53 -30.71 73.35
C ALA W 110 -24.55 -31.58 74.13
N VAL W 111 -23.52 -30.98 74.72
CA VAL W 111 -22.55 -31.76 75.49
C VAL W 111 -23.22 -32.33 76.74
N LYS W 112 -24.13 -31.58 77.35
CA LYS W 112 -24.84 -32.07 78.53
C LYS W 112 -25.69 -33.29 78.17
N LYS W 113 -26.46 -33.20 77.07
CA LYS W 113 -27.28 -34.34 76.68
C LYS W 113 -26.44 -35.51 76.22
N MET W 114 -25.35 -35.25 75.50
CA MET W 114 -24.56 -36.33 74.91
C MET W 114 -23.79 -37.09 75.98
N TYR W 115 -22.89 -36.41 76.68
CA TYR W 115 -21.97 -37.05 77.61
C TYR W 115 -22.35 -36.84 79.07
N ASP W 116 -23.44 -36.13 79.36
CA ASP W 116 -23.91 -35.93 80.73
C ASP W 116 -22.81 -35.33 81.60
N ILE W 117 -22.24 -34.22 81.13
CA ILE W 117 -21.18 -33.52 81.85
C ILE W 117 -21.49 -32.03 81.83
N GLN W 118 -21.02 -31.33 82.86
CA GLN W 118 -21.19 -29.89 82.98
C GLN W 118 -19.95 -29.16 82.45
N ILE W 119 -20.18 -27.99 81.88
CA ILE W 119 -19.15 -27.21 81.20
C ILE W 119 -18.88 -25.95 82.00
N LYS W 120 -17.61 -25.60 82.13
CA LYS W 120 -17.23 -24.34 82.79
C LYS W 120 -17.36 -23.17 81.82
N LYS W 121 -16.79 -23.31 80.63
CA LYS W 121 -16.93 -22.30 79.59
C LYS W 121 -16.65 -22.95 78.24
N VAL W 122 -17.16 -22.33 77.18
CA VAL W 122 -16.97 -22.79 75.82
C VAL W 122 -16.36 -21.67 75.01
N ASN W 123 -15.22 -21.95 74.36
CA ASN W 123 -14.60 -21.04 73.41
C ASN W 123 -14.68 -21.67 72.03
N THR W 124 -15.03 -20.85 71.03
CA THR W 124 -15.23 -21.33 69.67
C THR W 124 -14.44 -20.48 68.70
N LEU W 125 -14.08 -21.11 67.58
CA LEU W 125 -13.44 -20.40 66.48
C LEU W 125 -13.79 -21.13 65.19
N ILE W 126 -13.69 -20.40 64.08
CA ILE W 126 -13.90 -20.97 62.75
C ILE W 126 -12.53 -21.18 62.13
N ARG W 127 -12.23 -22.43 61.77
CA ARG W 127 -10.93 -22.78 61.26
C ARG W 127 -10.75 -22.29 59.83
N PRO W 128 -9.51 -22.22 59.34
CA PRO W 128 -9.29 -21.77 57.96
C PRO W 128 -9.95 -22.65 56.92
N ASP W 129 -10.28 -23.90 57.25
CA ASP W 129 -10.95 -24.80 56.33
C ASP W 129 -12.47 -24.63 56.35
N GLY W 130 -12.98 -23.65 57.10
CA GLY W 130 -14.40 -23.36 57.10
C GLY W 130 -15.22 -24.09 58.14
N THR W 131 -14.62 -24.97 58.93
CA THR W 131 -15.31 -25.68 59.99
C THR W 131 -15.13 -24.96 61.32
N LYS W 132 -16.02 -25.28 62.26
CA LYS W 132 -16.04 -24.64 63.57
C LYS W 132 -15.46 -25.58 64.62
N LYS W 133 -14.54 -25.07 65.43
CA LYS W 133 -13.91 -25.81 66.51
C LYS W 133 -14.33 -25.22 67.84
N ALA W 134 -14.68 -26.09 68.79
CA ALA W 134 -15.14 -25.66 70.11
C ALA W 134 -14.19 -26.21 71.17
N TYR W 135 -13.64 -25.32 71.99
CA TYR W 135 -12.87 -25.70 73.17
C TYR W 135 -13.83 -25.75 74.35
N VAL W 136 -14.08 -26.96 74.86
CA VAL W 136 -15.05 -27.18 75.92
C VAL W 136 -14.28 -27.55 77.18
N ARG W 137 -14.32 -26.68 78.19
CA ARG W 137 -13.66 -26.92 79.46
C ARG W 137 -14.71 -27.43 80.45
N LEU W 138 -14.45 -28.60 81.03
CA LEU W 138 -15.36 -29.17 82.00
C LEU W 138 -15.10 -28.58 83.38
N THR W 139 -16.12 -28.65 84.23
CA THR W 139 -15.98 -28.19 85.60
C THR W 139 -15.07 -29.14 86.37
N PRO W 140 -14.51 -28.68 87.50
CA PRO W 140 -13.64 -29.56 88.28
C PRO W 140 -14.32 -30.85 88.72
N ASP W 141 -15.64 -30.83 88.88
CA ASP W 141 -16.36 -32.05 89.28
C ASP W 141 -16.19 -33.17 88.27
N TYR W 142 -15.85 -32.86 87.03
CA TYR W 142 -15.66 -33.85 85.97
C TYR W 142 -14.22 -33.81 85.49
N ASP W 143 -13.72 -34.98 85.08
CA ASP W 143 -12.36 -35.14 84.58
C ASP W 143 -12.41 -35.36 83.08
N ALA W 144 -11.76 -34.49 82.32
CA ALA W 144 -11.77 -34.61 80.87
C ALA W 144 -11.12 -35.90 80.42
N LEU W 145 -10.02 -36.29 81.06
CA LEU W 145 -9.35 -37.53 80.68
C LEU W 145 -10.26 -38.73 80.84
N ASP W 146 -11.03 -38.77 81.94
CA ASP W 146 -11.98 -39.87 82.12
C ASP W 146 -13.05 -39.85 81.04
N VAL W 147 -13.57 -38.67 80.71
CA VAL W 147 -14.60 -38.58 79.67
C VAL W 147 -14.01 -38.92 78.32
N ALA W 148 -12.76 -38.54 78.07
CA ALA W 148 -12.13 -38.82 76.78
C ALA W 148 -12.04 -40.33 76.54
N ASN W 149 -11.71 -41.10 77.58
CA ASN W 149 -11.66 -42.55 77.42
C ASN W 149 -13.03 -43.12 77.08
N LYS W 150 -14.08 -42.60 77.72
CA LYS W 150 -15.43 -43.05 77.40
C LYS W 150 -15.79 -42.74 75.95
N ILE W 151 -15.37 -41.59 75.43
CA ILE W 151 -15.65 -41.26 74.04
C ILE W 151 -14.96 -42.25 73.11
N GLY W 152 -13.72 -42.60 73.41
CA GLY W 152 -12.96 -43.53 72.61
C GLY W 152 -11.87 -42.92 71.77
N ILE W 153 -11.28 -41.81 72.20
CA ILE W 153 -10.20 -41.16 71.46
C ILE W 153 -8.87 -41.50 72.11
N ILE W 154 -8.89 -41.75 73.42
CA ILE W 154 -7.68 -42.13 74.14
C ILE W 154 -7.68 -43.64 74.36
N MET X 1 -33.90 -53.97 5.16
CA MET X 1 -34.13 -52.52 5.38
C MET X 1 -35.10 -52.30 6.53
N LYS X 2 -34.84 -51.29 7.35
CA LYS X 2 -35.70 -50.96 8.47
C LYS X 2 -36.79 -49.98 8.03
N TYR X 3 -37.95 -50.07 8.67
CA TYR X 3 -39.06 -49.19 8.39
C TYR X 3 -39.61 -48.46 9.61
N ASN X 4 -39.16 -48.82 10.81
CA ASN X 4 -39.64 -48.16 12.01
C ASN X 4 -39.13 -46.72 12.05
N PRO X 5 -40.00 -45.72 12.12
CA PRO X 5 -39.51 -44.33 12.20
C PRO X 5 -38.75 -44.03 13.47
N ARG X 6 -38.94 -44.80 14.54
CA ARG X 6 -38.24 -44.57 15.79
C ARG X 6 -36.86 -45.19 15.82
N VAL X 7 -36.46 -45.90 14.77
CA VAL X 7 -35.17 -46.58 14.70
C VAL X 7 -34.26 -45.82 13.75
N SER X 8 -33.03 -45.57 14.18
CA SER X 8 -32.05 -44.83 13.39
C SER X 8 -31.07 -45.79 12.74
N SER X 9 -30.70 -45.49 11.50
CA SER X 9 -29.64 -46.20 10.80
C SER X 9 -28.33 -45.41 10.81
N SER X 10 -28.23 -44.38 11.64
CA SER X 10 -27.02 -43.58 11.70
C SER X 10 -25.92 -44.35 12.44
N ARG X 11 -24.75 -44.43 11.82
CA ARG X 11 -23.60 -45.06 12.46
C ARG X 11 -23.22 -44.34 13.75
N ARG X 12 -23.21 -43.01 13.72
CA ARG X 12 -22.85 -42.24 14.90
C ARG X 12 -23.76 -42.54 16.07
N LYS X 13 -25.08 -42.60 15.81
CA LYS X 13 -26.02 -42.84 16.90
C LYS X 13 -25.91 -44.27 17.41
N SER X 14 -25.71 -45.24 16.53
CA SER X 14 -25.58 -46.63 16.97
C SER X 14 -24.39 -46.80 17.90
N ARG X 15 -23.24 -46.24 17.51
CA ARG X 15 -22.04 -46.37 18.34
C ARG X 15 -22.21 -45.68 19.68
N LYS X 16 -22.81 -44.48 19.67
CA LYS X 16 -23.01 -43.77 20.94
C LYS X 16 -23.93 -44.55 21.87
N ALA X 17 -25.02 -45.10 21.33
CA ALA X 17 -25.94 -45.86 22.16
C ALA X 17 -25.29 -47.11 22.74
N HIS X 18 -24.31 -47.69 22.02
CA HIS X 18 -23.66 -48.89 22.50
C HIS X 18 -22.67 -48.59 23.62
N PHE X 19 -21.83 -47.57 23.44
CA PHE X 19 -20.77 -47.30 24.39
C PHE X 19 -21.19 -46.46 25.59
N THR X 20 -22.39 -45.87 25.55
CA THR X 20 -22.95 -45.17 26.70
C THR X 20 -24.08 -45.95 27.35
N ALA X 21 -24.29 -47.20 26.97
CA ALA X 21 -25.42 -47.96 27.48
C ALA X 21 -25.27 -48.21 28.97
N PRO X 22 -26.37 -48.13 29.74
CA PRO X 22 -26.28 -48.40 31.18
C PRO X 22 -26.03 -49.88 31.45
N SER X 23 -25.76 -50.17 32.72
CA SER X 23 -25.37 -51.52 33.11
C SER X 23 -26.47 -52.53 32.78
N SER X 24 -27.73 -52.17 33.01
CA SER X 24 -28.82 -53.09 32.72
C SER X 24 -28.88 -53.40 31.23
N VAL X 25 -28.65 -52.39 30.38
CA VAL X 25 -28.64 -52.62 28.94
C VAL X 25 -27.42 -53.44 28.54
N ARG X 26 -26.27 -53.18 29.14
CA ARG X 26 -25.07 -53.92 28.80
C ARG X 26 -25.23 -55.41 29.07
N ARG X 27 -26.12 -55.77 30.00
CA ARG X 27 -26.36 -57.19 30.28
C ARG X 27 -26.88 -57.91 29.05
N VAL X 28 -27.86 -57.30 28.36
CA VAL X 28 -28.40 -57.92 27.16
C VAL X 28 -27.38 -57.90 26.03
N LEU X 29 -26.64 -56.79 25.90
CA LEU X 29 -25.62 -56.70 24.86
C LEU X 29 -24.53 -57.75 25.05
N MET X 30 -24.31 -58.18 26.28
CA MET X 30 -23.27 -59.18 26.59
C MET X 30 -23.88 -60.57 26.67
N SER X 31 -24.43 -61.02 25.54
CA SER X 31 -25.07 -62.32 25.44
C SER X 31 -24.15 -63.30 24.72
N ALA X 32 -24.33 -64.58 25.02
CA ALA X 32 -23.55 -65.65 24.42
C ALA X 32 -24.48 -66.75 23.91
N PRO X 33 -24.08 -67.44 22.85
CA PRO X 33 -24.91 -68.55 22.35
C PRO X 33 -24.84 -69.76 23.27
N LEU X 34 -25.97 -70.45 23.38
CA LEU X 34 -26.01 -71.72 24.09
C LEU X 34 -25.36 -72.81 23.26
N SER X 35 -24.85 -73.83 23.93
CA SER X 35 -24.26 -74.96 23.22
C SER X 35 -25.33 -75.73 22.47
N SER X 36 -24.89 -76.49 21.46
CA SER X 36 -25.83 -77.27 20.67
C SER X 36 -26.63 -78.22 21.53
N GLU X 37 -26.07 -78.68 22.65
CA GLU X 37 -26.82 -79.56 23.55
C GLU X 37 -27.90 -78.79 24.30
N LEU X 38 -27.56 -77.62 24.82
CA LEU X 38 -28.55 -76.82 25.54
C LEU X 38 -29.59 -76.22 24.60
N ARG X 39 -29.19 -75.88 23.37
CA ARG X 39 -30.15 -75.33 22.42
C ARG X 39 -31.27 -76.31 22.13
N ALA X 40 -30.92 -77.59 21.91
CA ALA X 40 -31.94 -78.60 21.65
C ALA X 40 -32.77 -78.89 22.89
N LYS X 41 -32.22 -78.65 24.07
CA LYS X 41 -32.94 -78.95 25.31
C LYS X 41 -33.96 -77.87 25.63
N TYR X 42 -33.51 -76.62 25.73
CA TYR X 42 -34.38 -75.51 26.09
C TYR X 42 -34.99 -74.81 24.88
N ASN X 43 -34.56 -75.14 23.67
CA ASN X 43 -35.07 -74.49 22.46
C ASN X 43 -34.80 -72.98 22.51
N VAL X 44 -33.62 -72.61 22.98
CA VAL X 44 -33.20 -71.22 23.11
C VAL X 44 -31.83 -71.07 22.45
N ARG X 45 -31.65 -69.97 21.74
CA ARG X 45 -30.41 -69.75 21.00
C ARG X 45 -29.36 -68.99 21.81
N SER X 46 -29.75 -67.88 22.43
CA SER X 46 -28.81 -66.99 23.10
C SER X 46 -29.32 -66.69 24.52
N MET X 47 -28.37 -66.38 25.40
CA MET X 47 -28.67 -66.03 26.79
C MET X 47 -27.64 -65.03 27.28
N PRO X 48 -28.04 -64.08 28.13
CA PRO X 48 -27.04 -63.21 28.77
C PRO X 48 -26.15 -64.02 29.72
N VAL X 49 -24.84 -63.79 29.63
CA VAL X 49 -23.91 -64.54 30.46
C VAL X 49 -24.09 -64.13 31.92
N ARG X 50 -23.91 -65.09 32.82
CA ARG X 50 -24.06 -64.89 34.25
C ARG X 50 -22.76 -65.29 34.95
N LYS X 51 -22.65 -64.89 36.22
CA LYS X 51 -21.40 -65.07 36.95
C LYS X 51 -21.05 -66.55 37.10
N ASP X 52 -22.03 -67.39 37.43
CA ASP X 52 -21.76 -68.78 37.77
C ASP X 52 -21.98 -69.74 36.60
N ASP X 53 -22.14 -69.22 35.38
CA ASP X 53 -22.27 -70.07 34.22
C ASP X 53 -20.93 -70.71 33.86
N GLU X 54 -21.01 -71.83 33.14
CA GLU X 54 -19.85 -72.51 32.60
C GLU X 54 -19.86 -72.33 31.08
N VAL X 55 -18.72 -71.89 30.53
CA VAL X 55 -18.62 -71.56 29.12
C VAL X 55 -17.39 -72.23 28.53
N GLN X 56 -17.38 -72.32 27.20
CA GLN X 56 -16.23 -72.81 26.45
C GLN X 56 -15.85 -71.74 25.42
N VAL X 57 -14.56 -71.42 25.36
CA VAL X 57 -14.07 -70.44 24.41
C VAL X 57 -13.93 -71.08 23.05
N VAL X 58 -14.56 -70.49 22.04
CA VAL X 58 -14.58 -71.02 20.68
C VAL X 58 -13.81 -70.14 19.70
N ARG X 59 -13.29 -69.01 20.15
CA ARG X 59 -12.51 -68.11 19.29
C ARG X 59 -11.34 -67.56 20.08
N GLY X 60 -10.31 -67.14 19.35
CA GLY X 60 -9.14 -66.55 19.96
C GLY X 60 -8.07 -67.56 20.30
N THR X 61 -7.02 -67.06 20.95
CA THR X 61 -5.88 -67.90 21.31
C THR X 61 -6.25 -68.93 22.37
N TYR X 62 -7.32 -68.70 23.14
CA TYR X 62 -7.78 -69.64 24.15
C TYR X 62 -8.91 -70.52 23.63
N LYS X 63 -9.01 -70.69 22.33
CA LYS X 63 -10.04 -71.55 21.74
C LYS X 63 -9.92 -72.96 22.29
N GLY X 64 -11.05 -73.54 22.70
CA GLY X 64 -11.11 -74.86 23.27
C GLY X 64 -11.07 -74.90 24.78
N ARG X 65 -10.62 -73.82 25.41
CA ARG X 65 -10.60 -73.77 26.87
C ARG X 65 -12.02 -73.80 27.42
N GLU X 66 -12.18 -74.48 28.55
CA GLU X 66 -13.46 -74.57 29.25
C GLU X 66 -13.26 -74.17 30.70
N GLY X 67 -14.27 -73.54 31.26
CA GLY X 67 -14.17 -73.08 32.64
C GLY X 67 -15.45 -72.42 33.09
N LYS X 68 -15.42 -71.96 34.34
CA LYS X 68 -16.55 -71.32 34.97
C LYS X 68 -16.36 -69.81 35.00
N VAL X 69 -17.41 -69.08 34.64
CA VAL X 69 -17.37 -67.62 34.73
C VAL X 69 -17.12 -67.21 36.17
N VAL X 70 -16.27 -66.21 36.36
CA VAL X 70 -15.97 -65.71 37.68
C VAL X 70 -16.25 -64.22 37.84
N GLN X 71 -16.39 -63.46 36.76
CA GLN X 71 -16.69 -62.04 36.86
C GLN X 71 -17.20 -61.51 35.53
N VAL X 72 -18.35 -60.86 35.54
CA VAL X 72 -18.92 -60.21 34.36
C VAL X 72 -18.58 -58.73 34.50
N TYR X 73 -17.44 -58.33 33.93
CA TYR X 73 -16.93 -56.96 34.03
C TYR X 73 -17.61 -56.11 32.96
N ARG X 74 -18.85 -55.72 33.24
CA ARG X 74 -19.66 -55.02 32.24
C ARG X 74 -19.02 -53.72 31.80
N LYS X 75 -18.32 -53.03 32.70
CA LYS X 75 -17.68 -51.77 32.34
C LYS X 75 -16.65 -51.97 31.23
N LYS X 76 -16.03 -53.15 31.16
CA LYS X 76 -15.02 -53.45 30.16
C LYS X 76 -15.53 -54.35 29.04
N TRP X 77 -16.81 -54.70 29.03
CA TRP X 77 -17.40 -55.52 27.96
C TRP X 77 -16.73 -56.89 27.86
N VAL X 78 -16.31 -57.47 28.98
CA VAL X 78 -15.64 -58.77 28.96
C VAL X 78 -16.07 -59.58 30.18
N ILE X 79 -15.78 -60.88 30.12
CA ILE X 79 -15.99 -61.78 31.23
C ILE X 79 -14.67 -62.45 31.57
N HIS X 80 -14.52 -62.85 32.83
CA HIS X 80 -13.35 -63.57 33.30
C HIS X 80 -13.73 -65.02 33.58
N ILE X 81 -12.90 -65.94 33.12
CA ILE X 81 -13.17 -67.37 33.20
C ILE X 81 -12.07 -68.02 34.04
N GLU X 82 -12.48 -68.89 34.95
CA GLU X 82 -11.54 -69.54 35.86
C GLU X 82 -10.48 -70.29 35.08
N ARG X 83 -9.22 -70.08 35.46
CA ARG X 83 -8.02 -70.70 34.89
C ARG X 83 -7.63 -70.11 33.55
N ILE X 84 -8.40 -69.19 32.98
CA ILE X 84 -8.04 -68.53 31.72
C ILE X 84 -7.26 -67.29 32.11
N THR X 85 -5.94 -67.46 32.29
CA THR X 85 -5.10 -66.41 32.83
C THR X 85 -3.78 -66.38 32.06
N ARG X 86 -3.04 -65.29 32.26
CA ARG X 86 -1.68 -65.15 31.76
C ARG X 86 -0.80 -64.61 32.87
N GLU X 87 0.50 -64.69 32.66
CA GLU X 87 1.48 -64.28 33.66
C GLU X 87 2.07 -62.92 33.27
N LYS X 88 2.12 -62.01 34.23
CA LYS X 88 2.76 -60.71 34.02
C LYS X 88 4.27 -60.88 34.01
N VAL X 89 4.97 -59.77 33.69
CA VAL X 89 6.42 -59.80 33.68
C VAL X 89 6.97 -60.15 35.06
N ASN X 90 6.25 -59.79 36.11
CA ASN X 90 6.68 -60.07 37.48
C ASN X 90 6.24 -61.43 37.97
N GLY X 91 5.58 -62.24 37.13
CA GLY X 91 5.15 -63.56 37.51
C GLY X 91 3.75 -63.66 38.07
N SER X 92 3.11 -62.53 38.36
CA SER X 92 1.75 -62.56 38.87
C SER X 92 0.78 -63.05 37.80
N THR X 93 -0.35 -63.57 38.26
CA THR X 93 -1.38 -64.12 37.39
C THR X 93 -2.55 -63.16 37.30
N VAL X 94 -2.99 -62.88 36.08
CA VAL X 94 -4.12 -61.99 35.83
C VAL X 94 -5.08 -62.69 34.86
N ASN X 95 -6.38 -62.57 35.13
CA ASN X 95 -7.39 -63.13 34.24
C ASN X 95 -7.42 -62.36 32.92
N VAL X 96 -7.72 -63.09 31.85
CA VAL X 96 -7.82 -62.52 30.50
C VAL X 96 -9.29 -62.31 30.18
N GLY X 97 -9.62 -61.08 29.79
CA GLY X 97 -11.00 -60.78 29.43
C GLY X 97 -11.35 -61.33 28.05
N ILE X 98 -12.55 -61.89 27.94
CA ILE X 98 -13.05 -62.47 26.71
C ILE X 98 -14.45 -61.94 26.45
N ASN X 99 -14.72 -61.59 25.21
CA ASN X 99 -16.04 -61.10 24.85
C ASN X 99 -17.05 -62.24 24.90
N PRO X 100 -18.22 -62.06 25.51
CA PRO X 100 -19.16 -63.17 25.64
C PRO X 100 -19.67 -63.72 24.31
N SER X 101 -19.59 -62.93 23.23
CA SER X 101 -19.99 -63.45 21.92
C SER X 101 -19.00 -64.46 21.36
N LYS X 102 -17.83 -64.60 21.96
CA LYS X 102 -16.80 -65.51 21.49
C LYS X 102 -16.72 -66.79 22.31
N VAL X 103 -17.69 -67.05 23.17
CA VAL X 103 -17.75 -68.26 23.98
C VAL X 103 -19.11 -68.92 23.77
N VAL X 104 -19.22 -70.14 24.26
CA VAL X 104 -20.47 -70.91 24.20
C VAL X 104 -20.79 -71.39 25.61
N VAL X 105 -22.03 -71.19 26.03
CA VAL X 105 -22.46 -71.58 27.37
C VAL X 105 -22.71 -73.08 27.38
N SER X 106 -21.94 -73.81 28.20
CA SER X 106 -22.10 -75.26 28.32
C SER X 106 -23.05 -75.65 29.44
N LYS X 107 -23.03 -74.92 30.55
CA LYS X 107 -23.94 -75.17 31.66
C LYS X 107 -24.47 -73.85 32.17
N LEU X 108 -25.75 -73.84 32.53
CA LEU X 108 -26.44 -72.63 32.97
C LEU X 108 -26.58 -72.62 34.48
N ARG X 109 -26.38 -71.44 35.08
CA ARG X 109 -26.67 -71.23 36.50
C ARG X 109 -28.17 -70.99 36.62
N LEU X 110 -28.91 -72.06 36.83
CA LEU X 110 -30.37 -71.97 36.87
C LEU X 110 -30.83 -71.39 38.20
N ASP X 111 -31.93 -70.65 38.15
CA ASP X 111 -32.58 -70.10 39.33
C ASP X 111 -34.03 -69.83 38.97
N LYS X 112 -34.77 -69.25 39.92
CA LYS X 112 -36.19 -69.01 39.70
C LYS X 112 -36.40 -68.06 38.53
N ASP X 113 -35.61 -67.00 38.44
CA ASP X 113 -35.75 -66.05 37.35
C ASP X 113 -35.19 -66.62 36.05
N ARG X 114 -34.06 -67.34 36.13
CA ARG X 114 -33.45 -67.88 34.92
C ARG X 114 -34.37 -68.88 34.24
N ARG X 115 -35.02 -69.76 35.01
CA ARG X 115 -35.94 -70.72 34.43
C ARG X 115 -37.13 -70.03 33.78
N SER X 116 -37.67 -68.99 34.43
CA SER X 116 -38.78 -68.25 33.84
C SER X 116 -38.35 -67.57 32.55
N LEU X 117 -37.13 -67.03 32.51
CA LEU X 117 -36.64 -66.40 31.29
C LEU X 117 -36.54 -67.42 30.16
N LEU X 118 -36.08 -68.63 30.47
CA LEU X 118 -35.98 -69.66 29.44
C LEU X 118 -37.35 -69.98 28.84
N ASP X 119 -38.39 -70.01 29.68
CA ASP X 119 -39.73 -70.31 29.17
C ASP X 119 -40.19 -69.24 28.20
N ARG X 120 -39.97 -67.96 28.51
CA ARG X 120 -40.40 -66.90 27.63
C ARG X 120 -39.67 -66.94 26.29
N LYS X 121 -38.36 -67.19 26.33
CA LYS X 121 -37.59 -67.28 25.09
C LYS X 121 -38.07 -68.44 24.23
N ALA X 122 -38.37 -69.59 24.85
CA ALA X 122 -38.85 -70.74 24.09
C ALA X 122 -40.30 -70.57 23.65
N LYS X 123 -41.11 -69.84 24.42
CA LYS X 123 -42.52 -69.69 24.09
C LYS X 123 -42.69 -69.02 22.72
N GLY X 124 -41.93 -67.95 22.47
CA GLY X 124 -42.04 -67.27 21.19
C GLY X 124 -41.57 -68.13 20.03
N ARG X 125 -40.43 -68.80 20.21
CA ARG X 125 -39.91 -69.65 19.14
C ARG X 125 -40.86 -70.80 18.84
N ALA X 126 -41.45 -71.40 19.88
CA ALA X 126 -42.36 -72.53 19.67
C ALA X 126 -43.62 -72.12 18.92
N ALA X 127 -43.92 -70.83 18.85
CA ALA X 127 -45.13 -70.35 18.18
C ALA X 127 -44.83 -69.51 16.95
N ALA X 128 -44.02 -68.46 17.09
CA ALA X 128 -43.76 -67.56 15.97
C ALA X 128 -42.91 -68.21 14.88
N ASP X 129 -42.12 -69.23 15.23
CA ASP X 129 -41.23 -69.87 14.28
C ASP X 129 -41.77 -71.20 13.76
N LYS X 130 -42.42 -71.99 14.62
CA LYS X 130 -42.88 -73.31 14.23
C LYS X 130 -44.35 -73.30 13.81
N ASP X 131 -45.24 -72.79 14.65
CA ASP X 131 -46.66 -72.80 14.34
C ASP X 131 -46.99 -71.95 13.12
N LYS X 132 -46.13 -71.00 12.77
CA LYS X 132 -46.36 -70.16 11.59
C LYS X 132 -45.77 -70.83 10.35
N VAL Y 2 -29.87 46.60 113.19
CA VAL Y 2 -30.03 47.60 114.23
C VAL Y 2 -31.42 48.21 114.19
N LYS Y 3 -31.82 48.66 112.99
CA LYS Y 3 -33.13 49.29 112.80
C LYS Y 3 -34.17 48.31 112.27
N PHE Y 4 -33.89 47.65 111.15
CA PHE Y 4 -34.84 46.72 110.55
C PHE Y 4 -34.46 45.26 110.72
N LEU Y 5 -33.21 44.94 111.04
CA LEU Y 5 -32.79 43.57 111.32
C LEU Y 5 -33.05 43.28 112.79
N LYS Y 6 -34.30 43.01 113.10
CA LYS Y 6 -34.78 42.77 114.46
C LYS Y 6 -35.66 41.53 114.46
N PRO Y 7 -35.88 40.93 115.62
CA PRO Y 7 -36.69 39.71 115.68
C PRO Y 7 -38.10 39.95 115.13
N ASN Y 8 -38.65 38.90 114.54
CA ASN Y 8 -39.95 38.86 113.85
C ASN Y 8 -39.84 39.42 112.44
N LYS Y 9 -38.65 39.76 111.97
CA LYS Y 9 -38.46 40.30 110.62
C LYS Y 9 -38.23 39.14 109.66
N ALA Y 10 -39.08 39.01 108.65
CA ALA Y 10 -38.96 37.95 107.67
C ALA Y 10 -37.76 38.22 106.76
N VAL Y 11 -37.01 37.16 106.47
CA VAL Y 11 -35.84 37.24 105.60
C VAL Y 11 -35.88 36.08 104.63
N ILE Y 12 -35.05 36.16 103.60
CA ILE Y 12 -34.89 35.11 102.60
C ILE Y 12 -33.42 34.71 102.55
N LEU Y 13 -33.15 33.43 102.73
CA LEU Y 13 -31.78 32.94 102.68
C LEU Y 13 -31.24 32.99 101.27
N LEU Y 14 -29.98 33.42 101.13
CA LEU Y 14 -29.36 33.61 99.83
C LEU Y 14 -28.29 32.58 99.51
N GLN Y 15 -27.79 31.84 100.50
CA GLN Y 15 -26.72 30.87 100.28
C GLN Y 15 -26.96 29.67 101.17
N GLY Y 16 -26.10 28.67 101.03
CA GLY Y 16 -26.25 27.43 101.77
C GLY Y 16 -27.28 26.51 101.15
N LYS Y 17 -27.55 25.41 101.85
CA LYS Y 17 -28.51 24.43 101.35
C LYS Y 17 -29.94 24.91 101.44
N TYR Y 18 -30.20 26.01 102.16
CA TYR Y 18 -31.55 26.57 102.28
C TYR Y 18 -31.71 27.87 101.50
N ALA Y 19 -30.84 28.11 100.52
CA ALA Y 19 -30.95 29.31 99.70
C ALA Y 19 -32.32 29.36 99.04
N GLY Y 20 -32.96 30.53 99.11
CA GLY Y 20 -34.29 30.70 98.58
C GLY Y 20 -35.40 30.40 99.57
N ARG Y 21 -35.08 29.95 100.78
CA ARG Y 21 -36.09 29.68 101.79
C ARG Y 21 -36.40 30.95 102.57
N LYS Y 22 -37.65 31.06 103.00
CA LYS Y 22 -38.09 32.18 103.82
C LYS Y 22 -37.91 31.85 105.29
N ALA Y 23 -37.48 32.84 106.07
CA ALA Y 23 -37.20 32.63 107.48
C ALA Y 23 -37.50 33.91 108.25
N VAL Y 24 -37.63 33.76 109.56
CA VAL Y 24 -37.91 34.87 110.46
C VAL Y 24 -36.80 34.96 111.49
N ILE Y 25 -36.34 36.19 111.76
CA ILE Y 25 -35.27 36.40 112.72
C ILE Y 25 -35.80 36.19 114.12
N VAL Y 26 -35.08 35.39 114.92
CA VAL Y 26 -35.40 35.17 116.33
C VAL Y 26 -34.52 36.02 117.23
N ARG Y 27 -33.22 36.04 116.97
CA ARG Y 27 -32.28 36.88 117.69
C ARG Y 27 -31.27 37.46 116.70
N ALA Y 28 -30.96 38.73 116.89
CA ALA Y 28 -30.01 39.44 116.04
C ALA Y 28 -28.76 39.79 116.82
N PHE Y 29 -27.60 39.57 116.22
CA PHE Y 29 -26.31 39.90 116.81
C PHE Y 29 -25.59 40.85 115.86
N ASP Y 30 -25.90 42.15 115.97
CA ASP Y 30 -25.27 43.12 115.10
C ASP Y 30 -23.79 43.27 115.43
N GLU Y 31 -23.43 43.29 116.71
CA GLU Y 31 -22.04 43.40 117.09
C GLU Y 31 -21.28 42.11 116.83
N GLY Y 32 -21.96 40.97 116.91
CA GLY Y 32 -21.31 39.69 116.72
C GLY Y 32 -20.74 39.14 118.01
N THR Y 33 -20.98 37.86 118.29
CA THR Y 33 -20.47 37.25 119.50
C THR Y 33 -18.96 37.12 119.42
N ARG Y 34 -18.36 36.63 120.52
CA ARG Y 34 -16.92 36.49 120.56
C ARG Y 34 -16.43 35.48 119.52
N ASP Y 35 -17.15 34.36 119.37
CA ASP Y 35 -16.74 33.35 118.41
C ASP Y 35 -16.95 33.80 116.97
N ARG Y 36 -17.98 34.58 116.71
CA ARG Y 36 -18.29 35.08 115.37
C ARG Y 36 -18.17 36.59 115.35
N PRO Y 37 -17.03 37.15 114.91
CA PRO Y 37 -16.87 38.61 114.88
C PRO Y 37 -17.47 39.28 113.64
N TYR Y 38 -18.71 38.91 113.32
CA TYR Y 38 -19.44 39.53 112.22
C TYR Y 38 -20.93 39.47 112.52
N GLY Y 39 -21.66 40.38 111.89
CA GLY Y 39 -23.10 40.45 112.07
C GLY Y 39 -23.80 39.18 111.64
N HIS Y 40 -24.62 38.62 112.53
CA HIS Y 40 -25.36 37.40 112.23
C HIS Y 40 -26.60 37.36 113.11
N CYS Y 41 -27.50 36.43 112.79
CA CYS Y 41 -28.75 36.32 113.51
C CYS Y 41 -29.16 34.85 113.58
N LEU Y 42 -30.04 34.55 114.53
CA LEU Y 42 -30.64 33.23 114.67
C LEU Y 42 -32.01 33.26 114.03
N VAL Y 43 -32.21 32.42 113.02
CA VAL Y 43 -33.43 32.42 112.22
C VAL Y 43 -34.08 31.05 112.31
N ALA Y 44 -35.40 31.03 112.17
CA ALA Y 44 -36.20 29.81 112.12
C ALA Y 44 -36.97 29.84 110.82
N GLY Y 45 -36.47 29.13 109.81
CA GLY Y 45 -37.07 29.13 108.49
C GLY Y 45 -37.89 27.89 108.20
N ILE Y 46 -38.42 27.84 106.99
CA ILE Y 46 -39.24 26.74 106.51
C ILE Y 46 -38.39 25.91 105.55
N SER Y 47 -38.06 24.68 105.95
CA SER Y 47 -37.35 23.78 105.05
C SER Y 47 -38.31 23.18 104.02
N LYS Y 48 -39.54 22.91 104.41
CA LYS Y 48 -40.55 22.32 103.53
C LYS Y 48 -41.83 23.14 103.64
N TYR Y 49 -42.21 23.80 102.54
CA TYR Y 49 -43.41 24.61 102.55
C TYR Y 49 -44.66 23.72 102.53
N PRO Y 50 -45.77 24.20 103.08
CA PRO Y 50 -47.02 23.46 102.93
C PRO Y 50 -47.50 23.43 101.49
N LYS Y 51 -48.19 22.36 101.13
CA LYS Y 51 -48.68 22.20 99.78
C LYS Y 51 -49.87 23.12 99.52
N LYS Y 52 -50.41 23.03 98.31
CA LYS Y 52 -51.56 23.83 97.91
C LYS Y 52 -52.82 23.18 98.46
N VAL Y 53 -53.49 23.87 99.38
CA VAL Y 53 -54.69 23.35 100.02
C VAL Y 53 -55.90 23.85 99.26
N ILE Y 54 -56.75 22.93 98.80
CA ILE Y 54 -57.91 23.25 97.97
C ILE Y 54 -59.14 22.54 98.54
N ARG Y 55 -60.31 23.06 98.16
CA ARG Y 55 -61.55 22.58 98.74
C ARG Y 55 -61.84 21.13 98.36
N LYS Y 56 -61.54 20.75 97.12
CA LYS Y 56 -61.92 19.41 96.66
C LYS Y 56 -61.16 18.31 97.39
N ASP Y 57 -60.02 18.62 98.01
CA ASP Y 57 -59.29 17.61 98.76
C ASP Y 57 -60.08 17.17 99.98
N SER Y 58 -59.88 15.91 100.36
CA SER Y 58 -60.54 15.37 101.54
C SER Y 58 -59.90 15.93 102.80
N ALA Y 59 -60.61 15.76 103.93
CA ALA Y 59 -60.10 16.27 105.19
C ALA Y 59 -58.76 15.63 105.55
N LYS Y 60 -58.64 14.32 105.37
CA LYS Y 60 -57.37 13.65 105.62
C LYS Y 60 -56.30 14.16 104.67
N LYS Y 61 -56.63 14.33 103.39
CA LYS Y 61 -55.67 14.82 102.42
C LYS Y 61 -55.24 16.25 102.74
N GLN Y 62 -56.20 17.10 103.12
CA GLN Y 62 -55.87 18.48 103.44
C GLN Y 62 -54.95 18.58 104.65
N ALA Y 63 -55.16 17.71 105.65
CA ALA Y 63 -54.33 17.77 106.85
C ALA Y 63 -52.87 17.51 106.51
N LYS Y 64 -52.59 16.52 105.67
CA LYS Y 64 -51.21 16.24 105.27
C LYS Y 64 -50.62 17.40 104.49
N LYS Y 65 -51.41 18.02 103.60
CA LYS Y 65 -50.91 19.11 102.79
C LYS Y 65 -50.68 20.39 103.58
N SER Y 66 -51.16 20.46 104.82
CA SER Y 66 -50.94 21.62 105.67
C SER Y 66 -49.69 21.49 106.53
N ARG Y 67 -48.96 20.39 106.42
CA ARG Y 67 -47.78 20.18 107.23
C ARG Y 67 -46.66 21.13 106.83
N VAL Y 68 -45.86 21.52 107.82
CA VAL Y 68 -44.70 22.38 107.60
C VAL Y 68 -43.51 21.74 108.31
N LYS Y 69 -42.32 21.99 107.79
CA LYS Y 69 -41.08 21.55 108.41
C LYS Y 69 -40.14 22.75 108.49
N ALA Y 70 -39.60 22.98 109.68
CA ALA Y 70 -38.79 24.16 109.96
C ALA Y 70 -37.35 23.77 110.28
N PHE Y 71 -36.46 24.75 110.17
CA PHE Y 71 -35.06 24.58 110.51
C PHE Y 71 -34.60 25.77 111.35
N ILE Y 72 -33.72 25.51 112.30
CA ILE Y 72 -33.12 26.54 113.14
C ILE Y 72 -31.66 26.67 112.74
N LYS Y 73 -31.20 27.90 112.54
CA LYS Y 73 -29.88 28.11 111.97
C LYS Y 73 -29.37 29.50 112.32
N LEU Y 74 -28.04 29.61 112.42
CA LEU Y 74 -27.36 30.89 112.51
C LEU Y 74 -26.84 31.26 111.14
N VAL Y 75 -27.08 32.50 110.72
CA VAL Y 75 -26.77 32.93 109.36
C VAL Y 75 -26.12 34.31 109.41
N ASN Y 76 -25.10 34.50 108.58
CA ASN Y 76 -24.47 35.80 108.41
C ASN Y 76 -25.44 36.78 107.76
N TYR Y 77 -25.32 38.05 108.14
CA TYR Y 77 -26.18 39.08 107.56
C TYR Y 77 -26.01 39.17 106.05
N ASN Y 78 -24.80 38.93 105.56
CA ASN Y 78 -24.54 39.01 104.12
C ASN Y 78 -25.17 37.87 103.35
N HIS Y 79 -25.71 36.86 104.03
CA HIS Y 79 -26.30 35.69 103.39
C HIS Y 79 -27.82 35.65 103.53
N ILE Y 80 -28.44 36.78 103.88
CA ILE Y 80 -29.89 36.87 103.95
C ILE Y 80 -30.33 38.15 103.25
N MET Y 81 -31.58 38.14 102.78
CA MET Y 81 -32.19 39.30 102.14
C MET Y 81 -33.33 39.80 103.00
N PRO Y 82 -33.18 40.91 103.72
CA PRO Y 82 -34.29 41.39 104.56
C PRO Y 82 -35.48 41.80 103.70
N THR Y 83 -36.68 41.53 104.23
CA THR Y 83 -37.92 41.87 103.57
C THR Y 83 -38.71 42.83 104.46
N ARG Y 84 -39.78 43.38 103.90
CA ARG Y 84 -40.67 44.28 104.62
C ARG Y 84 -41.76 43.53 105.38
N TYR Y 85 -41.83 42.21 105.26
CA TYR Y 85 -42.86 41.43 105.91
C TYR Y 85 -42.45 41.08 107.34
N THR Y 86 -43.45 40.77 108.17
CA THR Y 86 -43.27 40.45 109.57
C THR Y 86 -44.05 39.20 109.91
N LEU Y 87 -43.47 38.37 110.78
CA LEU Y 87 -44.11 37.15 111.27
C LEU Y 87 -44.08 37.21 112.79
N ASP Y 88 -45.22 37.49 113.41
CA ASP Y 88 -45.30 37.66 114.86
C ASP Y 88 -45.72 36.33 115.49
N VAL Y 89 -44.72 35.47 115.70
CA VAL Y 89 -44.91 34.19 116.36
C VAL Y 89 -43.91 34.11 117.51
N ASP Y 90 -44.38 33.73 118.69
CA ASP Y 90 -43.54 33.66 119.87
C ASP Y 90 -42.53 32.53 119.72
N LEU Y 91 -41.24 32.87 119.63
CA LEU Y 91 -40.18 31.89 119.52
C LEU Y 91 -38.99 32.20 120.43
N LYS Y 92 -39.12 33.17 121.34
CA LYS Y 92 -38.00 33.52 122.20
C LYS Y 92 -37.58 32.35 123.08
N ASP Y 93 -38.55 31.63 123.65
CA ASP Y 93 -38.25 30.49 124.51
C ASP Y 93 -38.00 29.21 123.72
N VAL Y 94 -38.68 29.02 122.60
CA VAL Y 94 -38.53 27.79 121.83
C VAL Y 94 -37.15 27.71 121.20
N VAL Y 95 -36.72 28.80 120.56
CA VAL Y 95 -35.47 28.84 119.80
C VAL Y 95 -34.46 29.69 120.58
N ASN Y 96 -33.29 29.12 120.83
CA ASN Y 96 -32.24 29.82 121.56
C ASN Y 96 -30.89 29.39 121.02
N ALA Y 97 -29.86 30.18 121.34
CA ALA Y 97 -28.51 29.84 120.91
C ALA Y 97 -28.05 28.53 121.54
N ASP Y 98 -28.38 28.31 122.81
CA ASP Y 98 -27.97 27.08 123.48
C ASP Y 98 -28.58 25.86 122.82
N VAL Y 99 -29.70 26.02 122.12
CA VAL Y 99 -30.38 24.87 121.51
C VAL Y 99 -29.48 24.21 120.47
N LEU Y 100 -28.81 25.01 119.64
CA LEU Y 100 -28.01 24.46 118.56
C LEU Y 100 -26.82 23.64 119.06
N GLN Y 101 -26.46 23.77 120.33
CA GLN Y 101 -25.28 23.06 120.84
C GLN Y 101 -25.47 21.56 120.77
N ALA Y 102 -26.64 21.06 121.14
CA ALA Y 102 -26.91 19.63 121.19
C ALA Y 102 -27.94 19.23 120.14
N ARG Y 103 -27.72 18.07 119.53
CA ARG Y 103 -28.65 17.59 118.51
C ARG Y 103 -30.03 17.34 119.08
N ASP Y 104 -30.11 16.73 120.26
CA ASP Y 104 -31.42 16.45 120.85
C ASP Y 104 -32.18 17.73 121.14
N LYS Y 105 -31.51 18.76 121.64
CA LYS Y 105 -32.16 20.04 121.87
C LYS Y 105 -32.63 20.65 120.56
N LYS Y 106 -31.81 20.56 119.51
CA LYS Y 106 -32.18 21.15 118.23
C LYS Y 106 -33.43 20.49 117.66
N VAL Y 107 -33.53 19.17 117.78
CA VAL Y 107 -34.70 18.47 117.26
C VAL Y 107 -35.96 18.91 118.00
N THR Y 108 -35.89 19.04 119.32
CA THR Y 108 -37.07 19.44 120.09
C THR Y 108 -37.53 20.84 119.71
N ALA Y 109 -36.59 21.77 119.55
CA ALA Y 109 -36.96 23.13 119.18
C ALA Y 109 -37.57 23.17 117.78
N ALA Y 110 -37.03 22.38 116.86
CA ALA Y 110 -37.60 22.33 115.51
C ALA Y 110 -39.03 21.80 115.55
N LYS Y 111 -39.28 20.77 116.36
CA LYS Y 111 -40.64 20.23 116.48
C LYS Y 111 -41.57 21.27 117.11
N GLU Y 112 -41.10 21.98 118.13
CA GLU Y 112 -41.93 23.01 118.74
C GLU Y 112 -42.14 24.19 117.79
N THR Y 113 -41.10 24.60 117.08
CA THR Y 113 -41.25 25.65 116.07
C THR Y 113 -42.18 25.20 114.96
N LYS Y 114 -42.17 23.91 114.62
CA LYS Y 114 -43.08 23.40 113.60
C LYS Y 114 -44.52 23.59 114.02
N ALA Y 115 -44.84 23.32 115.28
CA ALA Y 115 -46.22 23.44 115.74
C ALA Y 115 -46.73 24.87 115.64
N ARG Y 116 -45.89 25.84 115.97
CA ARG Y 116 -46.32 27.23 115.96
C ARG Y 116 -46.42 27.79 114.54
N PHE Y 117 -45.60 27.29 113.61
CA PHE Y 117 -45.76 27.68 112.21
C PHE Y 117 -47.02 27.08 111.60
N GLU Y 118 -47.31 25.82 111.91
CA GLU Y 118 -48.48 25.17 111.33
C GLU Y 118 -49.77 25.83 111.80
N GLU Y 119 -49.87 26.14 113.10
CA GLU Y 119 -51.10 26.76 113.61
C GLU Y 119 -51.29 28.15 113.00
N ARG Y 120 -50.20 28.90 112.83
CA ARG Y 120 -50.31 30.21 112.17
C ARG Y 120 -50.73 30.05 110.71
N PHE Y 121 -50.20 29.03 110.04
CA PHE Y 121 -50.54 28.81 108.64
C PHE Y 121 -52.03 28.51 108.47
N LYS Y 122 -52.58 27.70 109.36
CA LYS Y 122 -53.98 27.31 109.23
C LYS Y 122 -54.94 28.49 109.42
N THR Y 123 -54.50 29.56 110.07
CA THR Y 123 -55.36 30.72 110.28
C THR Y 123 -55.53 31.56 109.02
N GLY Y 124 -54.77 31.28 107.96
CA GLY Y 124 -54.86 32.05 106.74
C GLY Y 124 -54.06 33.34 106.74
N LYS Y 125 -53.36 33.66 107.83
CA LYS Y 125 -52.54 34.86 107.91
C LYS Y 125 -51.12 34.57 107.46
N ASN Y 126 -50.41 35.63 107.11
CA ASN Y 126 -49.01 35.53 106.67
C ASN Y 126 -48.88 34.55 105.51
N ARG Y 127 -49.77 34.70 104.53
CA ARG Y 127 -49.74 33.82 103.37
C ARG Y 127 -48.44 33.92 102.61
N TRP Y 128 -47.82 35.11 102.57
CA TRP Y 128 -46.57 35.27 101.86
C TRP Y 128 -45.47 34.41 102.47
N PHE Y 129 -45.40 34.35 103.81
CA PHE Y 129 -44.33 33.63 104.46
C PHE Y 129 -44.37 32.15 104.13
N PHE Y 130 -45.56 31.57 104.08
CA PHE Y 130 -45.72 30.15 103.80
C PHE Y 130 -45.79 29.84 102.30
N THR Y 131 -45.68 30.85 101.45
CA THR Y 131 -45.67 30.65 100.01
C THR Y 131 -44.24 30.45 99.52
N LYS Y 132 -44.07 29.46 98.63
CA LYS Y 132 -42.76 29.14 98.12
C LYS Y 132 -42.28 30.23 97.18
N LEU Y 133 -41.02 30.65 97.35
CA LEU Y 133 -40.42 31.60 96.43
C LEU Y 133 -39.98 30.87 95.16
N ARG Y 134 -40.32 31.44 94.02
CA ARG Y 134 -40.08 30.82 92.72
C ARG Y 134 -39.02 31.61 91.96
N PHE Y 135 -37.93 30.95 91.62
CA PHE Y 135 -36.81 31.60 90.95
C PHE Y 135 -36.09 30.61 90.03
N THR Z 2 -21.70 -24.55 -12.67
CA THR Z 2 -20.73 -25.63 -12.78
C THR Z 2 -19.32 -25.09 -12.64
N THR Z 3 -18.69 -25.37 -11.51
CA THR Z 3 -17.42 -24.71 -11.17
C THR Z 3 -16.32 -25.10 -12.16
N ARG Z 4 -16.28 -26.37 -12.58
CA ARG Z 4 -15.17 -26.83 -13.41
C ARG Z 4 -15.15 -26.18 -14.79
N PHE Z 5 -16.27 -25.61 -15.25
CA PHE Z 5 -16.30 -24.90 -16.52
C PHE Z 5 -16.09 -23.40 -16.37
N LYS Z 6 -16.05 -22.88 -15.15
CA LYS Z 6 -15.86 -21.45 -14.95
C LYS Z 6 -14.46 -21.04 -15.39
N LYS Z 7 -14.38 -19.91 -16.10
CA LYS Z 7 -13.12 -19.50 -16.70
C LYS Z 7 -12.10 -19.02 -15.68
N ASN Z 8 -12.54 -18.66 -14.46
CA ASN Z 8 -11.57 -18.32 -13.43
C ASN Z 8 -10.60 -19.48 -13.19
N ARG Z 9 -11.09 -20.72 -13.31
CA ARG Z 9 -10.23 -21.88 -13.15
C ARG Z 9 -9.11 -21.88 -14.19
N LYS Z 10 -9.43 -21.51 -15.43
CA LYS Z 10 -8.41 -21.43 -16.46
C LYS Z 10 -7.39 -20.32 -16.18
N LYS Z 11 -7.74 -19.35 -15.34
CA LYS Z 11 -6.89 -18.21 -15.04
C LYS Z 11 -6.06 -18.40 -13.78
N ARG Z 12 -6.19 -19.55 -13.09
CA ARG Z 12 -5.35 -19.82 -11.93
C ARG Z 12 -3.88 -19.76 -12.31
N GLY Z 13 -3.11 -19.01 -11.52
CA GLY Z 13 -1.70 -18.85 -11.78
C GLY Z 13 -1.35 -17.72 -12.73
N HIS Z 14 -2.29 -16.83 -13.04
CA HIS Z 14 -2.05 -15.73 -13.97
C HIS Z 14 -2.15 -14.37 -13.28
N VAL Z 15 -2.08 -14.34 -11.95
CA VAL Z 15 -1.92 -13.10 -11.18
C VAL Z 15 -3.21 -12.30 -11.15
N SER Z 16 -3.53 -11.62 -12.26
CA SER Z 16 -4.59 -10.61 -12.25
C SER Z 16 -5.98 -11.19 -12.45
N ALA Z 17 -6.11 -12.50 -12.67
CA ALA Z 17 -7.41 -13.13 -12.89
C ALA Z 17 -8.16 -12.49 -14.06
N GLY Z 18 -7.42 -12.03 -15.06
CA GLY Z 18 -8.02 -11.49 -16.26
C GLY Z 18 -8.49 -10.05 -16.17
N HIS Z 19 -8.25 -9.36 -15.05
CA HIS Z 19 -8.72 -7.99 -14.88
C HIS Z 19 -7.60 -6.97 -15.09
N GLY Z 20 -6.44 -7.39 -15.55
CA GLY Z 20 -5.40 -6.44 -15.92
C GLY Z 20 -4.53 -6.03 -14.75
N ARG Z 21 -3.29 -5.67 -15.08
CA ARG Z 21 -2.37 -5.15 -14.08
C ARG Z 21 -2.57 -3.66 -13.84
N ILE Z 22 -2.79 -2.91 -14.92
CA ILE Z 22 -2.94 -1.46 -14.82
C ILE Z 22 -4.29 -1.10 -14.19
N GLY Z 23 -5.37 -1.46 -14.88
CA GLY Z 23 -6.69 -1.03 -14.44
C GLY Z 23 -7.12 -1.67 -13.12
N LYS Z 24 -6.81 -2.96 -12.95
CA LYS Z 24 -7.18 -3.71 -11.75
C LYS Z 24 -8.70 -3.87 -11.66
N HIS Z 25 -9.15 -4.63 -10.67
CA HIS Z 25 -10.57 -4.84 -10.41
C HIS Z 25 -10.88 -4.22 -9.04
N ARG Z 26 -11.30 -2.96 -9.07
CA ARG Z 26 -11.62 -2.24 -7.85
C ARG Z 26 -13.11 -2.36 -7.54
N LYS Z 27 -13.55 -1.78 -6.42
CA LYS Z 27 -14.87 -2.08 -5.90
C LYS Z 27 -15.98 -1.51 -6.79
N HIS Z 28 -16.04 -0.18 -6.92
CA HIS Z 28 -17.11 0.48 -7.67
C HIS Z 28 -16.55 1.73 -8.33
N PRO Z 29 -15.64 1.57 -9.28
CA PRO Z 29 -14.94 2.75 -9.85
C PRO Z 29 -15.80 3.63 -10.73
N GLY Z 30 -17.09 3.32 -10.90
CA GLY Z 30 -17.98 4.20 -11.65
C GLY Z 30 -19.29 4.46 -10.92
N GLY Z 31 -19.31 4.19 -9.62
CA GLY Z 31 -20.53 4.31 -8.85
C GLY Z 31 -21.38 3.05 -8.94
N ARG Z 32 -22.36 2.98 -8.05
CA ARG Z 32 -23.19 1.78 -7.93
C ARG Z 32 -24.45 1.89 -8.78
N GLY Z 33 -24.84 0.77 -9.38
CA GLY Z 33 -26.12 0.69 -10.06
C GLY Z 33 -26.23 1.71 -11.18
N ASN Z 34 -27.30 2.50 -11.14
CA ASN Z 34 -27.60 3.49 -12.17
C ASN Z 34 -27.06 4.87 -11.82
N ALA Z 35 -25.97 4.94 -11.07
CA ALA Z 35 -25.40 6.22 -10.70
C ALA Z 35 -24.93 6.99 -11.92
N GLY Z 36 -24.96 8.32 -11.81
CA GLY Z 36 -24.40 9.18 -12.85
C GLY Z 36 -25.07 9.07 -14.19
N GLY Z 37 -26.36 8.74 -14.22
CA GLY Z 37 -27.05 8.60 -15.48
C GLY Z 37 -27.02 9.86 -16.33
N MET Z 38 -26.91 11.02 -15.69
CA MET Z 38 -26.85 12.29 -16.40
C MET Z 38 -25.47 12.90 -16.48
N HIS Z 39 -24.47 12.33 -15.80
CA HIS Z 39 -23.17 13.00 -15.68
C HIS Z 39 -22.03 12.24 -16.34
N HIS Z 40 -21.71 11.02 -15.92
CA HIS Z 40 -20.60 10.30 -16.52
C HIS Z 40 -21.03 9.03 -17.24
N HIS Z 41 -22.30 8.64 -17.12
CA HIS Z 41 -22.90 7.63 -17.98
C HIS Z 41 -23.91 8.23 -18.94
N ARG Z 42 -23.77 9.52 -19.24
CA ARG Z 42 -24.76 10.21 -20.07
C ARG Z 42 -24.83 9.59 -21.46
N ILE Z 43 -23.68 9.33 -22.07
CA ILE Z 43 -23.66 8.80 -23.43
C ILE Z 43 -24.37 7.45 -23.47
N LEU Z 44 -24.10 6.59 -22.49
CA LEU Z 44 -24.71 5.26 -22.47
C LEU Z 44 -26.23 5.36 -22.45
N PHE Z 45 -26.78 6.21 -21.58
CA PHE Z 45 -28.23 6.33 -21.48
C PHE Z 45 -28.84 6.91 -22.76
N ASP Z 46 -28.24 7.96 -23.32
CA ASP Z 46 -28.81 8.57 -24.51
C ASP Z 46 -28.68 7.63 -25.71
N LYS Z 47 -27.59 6.89 -25.81
CA LYS Z 47 -27.36 6.04 -26.97
C LYS Z 47 -28.24 4.80 -26.94
N TYR Z 48 -28.39 4.17 -25.78
CA TYR Z 48 -29.12 2.90 -25.67
C TYR Z 48 -30.48 3.02 -25.01
N HIS Z 49 -30.76 4.09 -24.27
CA HIS Z 49 -32.02 4.25 -23.56
C HIS Z 49 -32.60 5.65 -23.79
N PRO Z 50 -32.91 5.99 -25.04
CA PRO Z 50 -33.59 7.26 -25.29
C PRO Z 50 -34.95 7.27 -24.60
N GLY Z 51 -35.31 8.43 -24.05
CA GLY Z 51 -36.57 8.58 -23.35
C GLY Z 51 -36.54 8.21 -21.88
N TYR Z 52 -35.38 7.82 -21.35
CA TYR Z 52 -35.32 7.31 -19.98
C TYR Z 52 -35.74 8.38 -18.96
N PHE Z 53 -35.16 9.58 -19.07
CA PHE Z 53 -35.43 10.64 -18.10
C PHE Z 53 -36.60 11.50 -18.54
N GLY Z 54 -37.46 11.82 -17.59
CA GLY Z 54 -38.56 12.74 -17.81
C GLY Z 54 -39.91 12.09 -17.55
N LYS Z 55 -40.96 12.88 -17.76
CA LYS Z 55 -42.33 12.51 -17.43
C LYS Z 55 -43.22 12.75 -18.63
N VAL Z 56 -44.16 11.83 -18.87
CA VAL Z 56 -45.06 11.92 -20.02
C VAL Z 56 -46.43 11.39 -19.63
N GLY Z 57 -47.46 12.07 -20.09
CA GLY Z 57 -48.82 11.56 -19.99
C GLY Z 57 -49.49 11.86 -18.65
N MET Z 58 -50.69 11.31 -18.52
CA MET Z 58 -51.54 11.51 -17.36
C MET Z 58 -51.39 10.36 -16.37
N ARG Z 59 -51.43 10.69 -15.08
CA ARG Z 59 -51.49 9.66 -14.05
C ARG Z 59 -52.89 9.05 -14.00
N TYR Z 60 -52.96 7.85 -13.45
CA TYR Z 60 -54.22 7.13 -13.25
C TYR Z 60 -54.12 6.44 -11.89
N PHE Z 61 -54.71 7.08 -10.87
CA PHE Z 61 -54.67 6.52 -9.52
C PHE Z 61 -55.53 5.26 -9.45
N HIS Z 62 -54.99 4.20 -8.85
CA HIS Z 62 -55.72 2.96 -8.61
C HIS Z 62 -56.30 2.42 -9.91
N LYS Z 63 -55.41 2.15 -10.86
CA LYS Z 63 -55.80 1.65 -12.18
C LYS Z 63 -55.93 0.13 -12.12
N LEU Z 64 -57.15 -0.37 -12.34
CA LEU Z 64 -57.42 -1.79 -12.33
C LEU Z 64 -57.46 -2.32 -13.75
N ARG Z 65 -56.69 -3.37 -14.03
CA ARG Z 65 -56.52 -3.87 -15.39
C ARG Z 65 -57.71 -4.65 -15.89
N ASN Z 66 -58.55 -5.18 -15.00
CA ASN Z 66 -59.70 -5.95 -15.46
C ASN Z 66 -60.67 -5.10 -16.27
N LYS Z 67 -60.77 -3.81 -15.95
CA LYS Z 67 -61.64 -2.92 -16.70
C LYS Z 67 -61.23 -2.83 -18.16
N PHE Z 68 -59.94 -2.97 -18.45
CA PHE Z 68 -59.40 -2.82 -19.78
C PHE Z 68 -59.22 -4.15 -20.51
N TYR Z 69 -59.69 -5.25 -19.93
CA TYR Z 69 -59.51 -6.56 -20.54
C TYR Z 69 -60.28 -6.63 -21.87
N CYS Z 70 -59.57 -6.95 -22.94
CA CYS Z 70 -60.17 -6.99 -24.26
C CYS Z 70 -59.33 -7.86 -25.21
N PRO Z 71 -59.29 -9.17 -25.01
CA PRO Z 71 -58.54 -10.03 -25.93
C PRO Z 71 -59.11 -9.97 -27.33
N THR Z 72 -58.23 -10.01 -28.33
CA THR Z 72 -58.60 -9.86 -29.72
C THR Z 72 -58.25 -11.10 -30.52
N VAL Z 73 -59.05 -11.38 -31.54
CA VAL Z 73 -58.80 -12.47 -32.47
C VAL Z 73 -58.98 -11.94 -33.89
N ASN Z 74 -58.08 -12.34 -34.79
CA ASN Z 74 -58.11 -11.87 -36.17
C ASN Z 74 -58.99 -12.77 -37.04
N ILE Z 75 -59.31 -12.27 -38.22
CA ILE Z 75 -60.13 -13.02 -39.16
C ILE Z 75 -59.44 -14.33 -39.55
N ASP Z 76 -58.13 -14.27 -39.81
CA ASP Z 76 -57.41 -15.45 -40.27
C ASP Z 76 -57.42 -16.58 -39.24
N THR Z 77 -57.57 -16.25 -37.96
CA THR Z 77 -57.57 -17.25 -36.90
C THR Z 77 -58.97 -17.71 -36.52
N LEU Z 78 -60.01 -17.10 -37.08
CA LEU Z 78 -61.37 -17.42 -36.68
C LEU Z 78 -61.73 -18.85 -37.04
N TRP Z 79 -61.32 -19.30 -38.23
CA TRP Z 79 -61.69 -20.65 -38.68
C TRP Z 79 -61.04 -21.72 -37.81
N SER Z 80 -59.86 -21.46 -37.25
CA SER Z 80 -59.19 -22.45 -36.44
C SER Z 80 -59.93 -22.73 -35.13
N LEU Z 81 -60.84 -21.85 -34.73
CA LEU Z 81 -61.59 -22.09 -33.50
C LEU Z 81 -62.64 -23.17 -33.69
N VAL Z 82 -63.19 -23.31 -34.89
CA VAL Z 82 -64.24 -24.29 -35.13
C VAL Z 82 -63.66 -25.70 -35.00
N PRO Z 83 -64.32 -26.63 -34.33
CA PRO Z 83 -63.80 -28.00 -34.28
C PRO Z 83 -63.73 -28.64 -35.66
N GLN Z 84 -62.78 -29.55 -35.83
CA GLN Z 84 -62.59 -30.20 -37.13
C GLN Z 84 -63.87 -30.89 -37.59
N GLU Z 85 -64.56 -31.58 -36.68
CA GLU Z 85 -65.81 -32.25 -37.04
C GLU Z 85 -66.85 -31.25 -37.52
N VAL Z 86 -66.82 -30.01 -36.99
CA VAL Z 86 -67.77 -29.01 -37.43
C VAL Z 86 -67.35 -28.38 -38.76
N LYS Z 87 -66.05 -28.39 -39.07
CA LYS Z 87 -65.60 -27.88 -40.35
C LYS Z 87 -66.15 -28.71 -41.50
N ASP Z 88 -66.19 -30.04 -41.33
CA ASP Z 88 -66.73 -30.90 -42.38
C ASP Z 88 -68.21 -30.61 -42.61
N LYS Z 89 -68.97 -30.39 -41.53
CA LYS Z 89 -70.38 -30.05 -41.68
C LYS Z 89 -70.56 -28.74 -42.44
N ALA Z 90 -69.68 -27.77 -42.20
CA ALA Z 90 -69.79 -26.49 -42.88
C ALA Z 90 -69.69 -26.66 -44.39
N ALA Z 91 -68.77 -27.52 -44.86
CA ALA Z 91 -68.62 -27.78 -46.28
C ALA Z 91 -69.64 -28.76 -46.81
N ALA Z 92 -70.42 -29.41 -45.94
CA ALA Z 92 -71.41 -30.39 -46.37
C ALA Z 92 -72.78 -29.78 -46.64
N ASN Z 93 -73.05 -28.58 -46.12
CA ASN Z 93 -74.33 -27.91 -46.34
C ASN Z 93 -74.05 -26.41 -46.48
N LYS Z 94 -74.24 -25.88 -47.68
CA LYS Z 94 -74.00 -24.46 -47.93
C LYS Z 94 -75.19 -23.59 -47.57
N GLY Z 95 -76.35 -24.18 -47.30
CA GLY Z 95 -77.52 -23.37 -46.94
C GLY Z 95 -77.34 -22.68 -45.60
N THR Z 96 -76.82 -23.40 -44.61
CA THR Z 96 -76.58 -22.86 -43.28
C THR Z 96 -75.12 -22.45 -43.13
N ALA Z 97 -74.84 -21.70 -42.07
CA ALA Z 97 -73.50 -21.24 -41.76
C ALA Z 97 -73.21 -21.47 -40.29
N PRO Z 98 -71.98 -21.82 -39.93
CA PRO Z 98 -71.65 -21.99 -38.52
C PRO Z 98 -71.69 -20.68 -37.77
N LEU Z 99 -72.04 -20.76 -36.49
CA LEU Z 99 -72.07 -19.60 -35.61
C LEU Z 99 -70.85 -19.69 -34.70
N ILE Z 100 -69.88 -18.81 -34.92
CA ILE Z 100 -68.64 -18.79 -34.16
C ILE Z 100 -68.79 -17.71 -33.10
N ASP Z 101 -69.01 -18.12 -31.86
CA ASP Z 101 -69.12 -17.20 -30.72
C ASP Z 101 -67.74 -17.09 -30.08
N VAL Z 102 -67.00 -16.04 -30.45
CA VAL Z 102 -65.61 -15.91 -30.02
C VAL Z 102 -65.52 -15.77 -28.51
N THR Z 103 -66.56 -15.24 -27.86
CA THR Z 103 -66.52 -15.09 -26.41
C THR Z 103 -66.42 -16.44 -25.71
N GLN Z 104 -67.02 -17.49 -26.28
CA GLN Z 104 -66.88 -18.82 -25.70
C GLN Z 104 -65.44 -19.32 -25.74
N PHE Z 105 -64.59 -18.71 -26.57
CA PHE Z 105 -63.17 -19.07 -26.66
C PHE Z 105 -62.27 -18.01 -26.03
N GLY Z 106 -62.82 -17.17 -25.17
CA GLY Z 106 -62.03 -16.16 -24.48
C GLY Z 106 -61.56 -15.01 -25.34
N TYR Z 107 -62.42 -14.53 -26.25
CA TYR Z 107 -62.11 -13.37 -27.08
C TYR Z 107 -63.27 -12.39 -27.02
N PHE Z 108 -62.95 -11.10 -26.98
CA PHE Z 108 -63.96 -10.04 -26.96
C PHE Z 108 -64.14 -9.38 -28.32
N LYS Z 109 -63.07 -8.91 -28.94
CA LYS Z 109 -63.12 -8.15 -30.17
C LYS Z 109 -62.55 -8.96 -31.32
N VAL Z 110 -63.12 -8.75 -32.51
CA VAL Z 110 -62.69 -9.43 -33.73
C VAL Z 110 -62.03 -8.39 -34.62
N LEU Z 111 -60.75 -8.58 -34.90
CA LEU Z 111 -60.00 -7.74 -35.81
C LEU Z 111 -59.97 -8.38 -37.19
N GLY Z 112 -59.48 -7.62 -38.18
CA GLY Z 112 -59.62 -8.01 -39.56
C GLY Z 112 -58.35 -8.30 -40.32
N LYS Z 113 -57.38 -8.96 -39.68
CA LYS Z 113 -56.17 -9.37 -40.38
C LYS Z 113 -56.41 -10.69 -41.12
N GLY Z 114 -55.99 -10.75 -42.37
CA GLY Z 114 -56.12 -11.96 -43.14
C GLY Z 114 -57.47 -12.11 -43.82
N VAL Z 115 -57.71 -13.33 -44.30
CA VAL Z 115 -58.92 -13.63 -45.05
C VAL Z 115 -59.59 -14.86 -44.47
N LEU Z 116 -60.86 -15.03 -44.80
CA LEU Z 116 -61.65 -16.19 -44.42
C LEU Z 116 -61.50 -17.30 -45.44
N PRO Z 117 -61.88 -18.52 -45.11
CA PRO Z 117 -61.90 -19.59 -46.11
C PRO Z 117 -62.80 -19.23 -47.27
N THR Z 118 -62.39 -19.61 -48.48
CA THR Z 118 -63.15 -19.29 -49.67
C THR Z 118 -64.48 -20.03 -49.68
N GLY Z 119 -65.53 -19.32 -50.10
CA GLY Z 119 -66.85 -19.92 -50.25
C GLY Z 119 -67.36 -20.55 -48.98
N GLN Z 120 -67.24 -19.84 -47.86
CA GLN Z 120 -67.71 -20.34 -46.57
C GLN Z 120 -68.24 -19.16 -45.76
N PRO Z 121 -69.56 -18.97 -45.71
CA PRO Z 121 -70.12 -17.93 -44.85
C PRO Z 121 -70.07 -18.33 -43.39
N VAL Z 122 -69.80 -17.35 -42.53
CA VAL Z 122 -69.72 -17.55 -41.09
C VAL Z 122 -70.48 -16.44 -40.39
N VAL Z 123 -71.21 -16.80 -39.34
CA VAL Z 123 -71.88 -15.84 -38.48
C VAL Z 123 -71.02 -15.67 -37.23
N VAL Z 124 -70.48 -14.48 -37.05
CA VAL Z 124 -69.53 -14.19 -35.97
C VAL Z 124 -70.27 -13.47 -34.85
N LYS Z 125 -70.15 -13.99 -33.65
CA LYS Z 125 -70.77 -13.42 -32.45
C LYS Z 125 -69.66 -12.91 -31.54
N ALA Z 126 -69.64 -11.60 -31.30
CA ALA Z 126 -68.57 -11.00 -30.52
C ALA Z 126 -69.09 -9.72 -29.85
N LYS Z 127 -68.34 -9.26 -28.84
CA LYS Z 127 -68.67 -8.01 -28.19
C LYS Z 127 -68.35 -6.82 -29.09
N LEU Z 128 -67.18 -6.83 -29.71
CA LEU Z 128 -66.71 -5.72 -30.52
C LEU Z 128 -66.14 -6.27 -31.83
N ILE Z 129 -66.05 -5.40 -32.83
CA ILE Z 129 -65.52 -5.79 -34.13
C ILE Z 129 -65.07 -4.54 -34.85
N SER Z 130 -63.97 -4.66 -35.58
CA SER Z 130 -63.49 -3.57 -36.42
C SER Z 130 -64.28 -3.51 -37.72
N LYS Z 131 -64.23 -2.35 -38.38
CA LYS Z 131 -64.99 -2.19 -39.61
C LYS Z 131 -64.47 -3.09 -40.72
N ASN Z 132 -63.16 -3.25 -40.83
CA ASN Z 132 -62.60 -4.15 -41.84
C ASN Z 132 -63.04 -5.59 -41.59
N ALA Z 133 -63.03 -6.02 -40.33
CA ALA Z 133 -63.46 -7.37 -40.01
C ALA Z 133 -64.90 -7.60 -40.41
N GLU Z 134 -65.78 -6.65 -40.12
CA GLU Z 134 -67.18 -6.79 -40.50
C GLU Z 134 -67.33 -6.82 -42.03
N LYS Z 135 -66.57 -5.98 -42.73
CA LYS Z 135 -66.65 -5.95 -44.19
C LYS Z 135 -66.22 -7.29 -44.78
N LYS Z 136 -65.14 -7.87 -44.27
CA LYS Z 136 -64.68 -9.15 -44.79
C LYS Z 136 -65.67 -10.27 -44.51
N ILE Z 137 -66.30 -10.24 -43.33
CA ILE Z 137 -67.31 -11.25 -43.01
C ILE Z 137 -68.51 -11.11 -43.93
N LYS Z 138 -68.97 -9.88 -44.17
CA LYS Z 138 -70.13 -9.68 -45.03
C LYS Z 138 -69.86 -10.07 -46.47
N GLU Z 139 -68.70 -9.66 -47.01
CA GLU Z 139 -68.38 -9.97 -48.40
C GLU Z 139 -68.18 -11.47 -48.63
N ASN Z 140 -68.02 -12.25 -47.57
CA ASN Z 140 -67.94 -13.70 -47.69
C ASN Z 140 -69.29 -14.37 -47.51
N GLY Z 141 -70.36 -13.60 -47.32
CA GLY Z 141 -71.69 -14.15 -47.16
C GLY Z 141 -72.14 -14.35 -45.72
N GLY Z 142 -71.40 -13.83 -44.75
CA GLY Z 142 -71.71 -14.02 -43.35
C GLY Z 142 -72.46 -12.84 -42.74
N ALA Z 143 -72.50 -12.83 -41.42
CA ALA Z 143 -73.16 -11.78 -40.66
C ALA Z 143 -72.49 -11.67 -39.29
N VAL Z 144 -72.71 -10.52 -38.64
CA VAL Z 144 -72.13 -10.22 -37.35
C VAL Z 144 -73.25 -10.00 -36.35
N VAL Z 145 -73.14 -10.66 -35.19
CA VAL Z 145 -74.08 -10.51 -34.09
C VAL Z 145 -73.31 -9.99 -32.88
N LEU Z 146 -73.91 -9.04 -32.16
CA LEU Z 146 -73.29 -8.43 -31.00
C LEU Z 146 -73.83 -9.04 -29.72
N THR Z 147 -72.96 -9.16 -28.72
CA THR Z 147 -73.32 -9.73 -27.43
C THR Z 147 -72.64 -8.93 -26.33
N ALA Z 148 -72.73 -9.42 -25.10
CA ALA Z 148 -72.12 -8.77 -23.95
C ALA Z 148 -72.08 -9.72 -22.76
N ASN AA 6 -1.37 15.90 -23.76
CA ASN AA 6 -2.63 16.57 -24.06
C ASN AA 6 -3.33 15.92 -25.25
N HIS AA 7 -2.63 15.85 -26.39
CA HIS AA 7 -3.20 15.33 -27.61
C HIS AA 7 -2.09 14.80 -28.51
N THR AA 8 -2.41 13.80 -29.32
CA THR AA 8 -1.49 13.35 -30.36
C THR AA 8 -2.22 12.38 -31.28
N ALA AA 9 -1.88 12.42 -32.56
CA ALA AA 9 -2.41 11.50 -33.55
C ALA AA 9 -1.51 10.29 -33.74
N HIS AA 10 -0.47 10.15 -32.92
CA HIS AA 10 0.45 9.02 -33.04
C HIS AA 10 -0.32 7.70 -32.92
N ASN AA 11 -0.03 6.78 -33.82
CA ASN AA 11 -0.57 5.42 -33.87
C ASN AA 11 -2.00 5.37 -34.38
N GLN AA 12 -2.66 6.51 -34.63
CA GLN AA 12 -4.07 6.47 -35.00
C GLN AA 12 -4.26 5.99 -36.43
N SER AA 13 -3.37 6.39 -37.35
CA SER AA 13 -3.47 5.86 -38.71
C SER AA 13 -3.21 4.35 -38.72
N TYR AA 14 -2.27 3.89 -37.89
CA TYR AA 14 -2.04 2.45 -37.81
C TYR AA 14 -3.28 1.71 -37.33
N LYS AA 15 -3.97 2.26 -36.32
CA LYS AA 15 -5.21 1.65 -35.87
C LYS AA 15 -6.26 1.64 -36.96
N ALA AA 16 -6.38 2.73 -37.70
CA ALA AA 16 -7.40 2.83 -38.74
C ALA AA 16 -7.18 1.79 -39.84
N HIS AA 17 -5.93 1.47 -40.14
CA HIS AA 17 -5.60 0.55 -41.21
C HIS AA 17 -5.60 -0.92 -40.79
N ARG AA 18 -5.80 -1.22 -39.51
CA ARG AA 18 -5.87 -2.62 -39.10
C ARG AA 18 -7.00 -3.34 -39.83
N ASN AA 19 -8.20 -2.76 -39.80
CA ASN AA 19 -9.35 -3.30 -40.50
C ASN AA 19 -9.85 -2.39 -41.62
N GLY AA 20 -9.35 -1.16 -41.72
CA GLY AA 20 -9.71 -0.25 -42.78
C GLY AA 20 -8.65 -0.15 -43.84
N ILE AA 21 -8.83 0.81 -44.75
CA ILE AA 21 -9.98 1.71 -44.80
C ILE AA 21 -11.16 1.00 -45.45
N LYS AA 22 -12.30 0.99 -44.77
CA LYS AA 22 -13.46 0.24 -45.22
C LYS AA 22 -14.37 1.16 -46.05
N LYS AA 23 -14.49 0.86 -47.34
CA LYS AA 23 -15.40 1.65 -48.16
C LYS AA 23 -16.83 1.15 -47.98
N PRO AA 24 -17.82 2.03 -48.01
CA PRO AA 24 -19.20 1.59 -47.83
C PRO AA 24 -19.67 0.73 -49.00
N LYS AA 25 -20.56 -0.21 -48.68
CA LYS AA 25 -21.11 -1.07 -49.71
C LYS AA 25 -21.96 -0.25 -50.67
N SER AA 26 -21.72 -0.43 -51.97
CA SER AA 26 -22.39 0.34 -53.00
C SER AA 26 -23.43 -0.56 -53.69
N HIS AA 27 -24.68 -0.15 -53.64
CA HIS AA 27 -25.77 -0.88 -54.26
C HIS AA 27 -26.21 -0.18 -55.55
N ARG AA 28 -26.86 -0.95 -56.42
CA ARG AA 28 -27.31 -0.41 -57.70
C ARG AA 28 -28.31 0.72 -57.48
N HIS AA 29 -29.21 0.57 -56.53
CA HIS AA 29 -30.23 1.57 -56.22
C HIS AA 29 -29.88 2.25 -54.91
N SER AA 30 -29.89 3.58 -54.90
CA SER AA 30 -29.60 4.38 -53.72
C SER AA 30 -30.88 4.95 -53.14
N SER AA 31 -30.81 5.30 -51.86
CA SER AA 31 -31.98 5.83 -51.17
C SER AA 31 -32.41 7.16 -51.79
N THR AA 32 -33.73 7.39 -51.83
CA THR AA 32 -34.29 8.63 -52.33
C THR AA 32 -34.57 9.63 -51.22
N LYS AA 33 -34.26 9.31 -49.97
CA LYS AA 33 -34.48 10.26 -48.89
C LYS AA 33 -33.64 11.51 -49.09
N GLY AA 34 -34.26 12.66 -48.90
CA GLY AA 34 -33.58 13.93 -49.07
C GLY AA 34 -33.62 14.51 -50.47
N MET AA 35 -34.18 13.79 -51.44
CA MET AA 35 -34.32 14.32 -52.78
C MET AA 35 -35.57 15.18 -52.88
N ASP AA 36 -35.66 15.95 -53.95
CA ASP AA 36 -36.74 16.89 -54.16
C ASP AA 36 -38.10 16.17 -54.02
N PRO AA 37 -38.91 16.53 -53.01
CA PRO AA 37 -40.21 15.85 -52.85
C PRO AA 37 -41.10 15.99 -54.07
N LYS AA 38 -41.04 17.12 -54.77
CA LYS AA 38 -41.86 17.30 -55.95
C LYS AA 38 -41.51 16.28 -57.02
N PHE AA 39 -40.22 16.05 -57.23
CA PHE AA 39 -39.79 15.02 -58.18
C PHE AA 39 -40.18 13.63 -57.70
N LEU AA 40 -39.96 13.34 -56.42
CA LEU AA 40 -40.27 12.00 -55.90
C LEU AA 40 -41.75 11.69 -55.99
N ARG AA 41 -42.60 12.66 -55.64
CA ARG AA 41 -44.03 12.41 -55.65
C ARG AA 41 -44.53 12.08 -57.05
N ASN AA 42 -44.05 12.81 -58.05
CA ASN AA 42 -44.45 12.51 -59.43
C ASN AA 42 -43.94 11.14 -59.87
N GLN AA 43 -42.72 10.78 -59.47
CA GLN AA 43 -42.18 9.48 -59.83
C GLN AA 43 -43.04 8.35 -59.27
N ARG AA 44 -43.54 8.53 -58.03
CA ARG AA 44 -44.39 7.51 -57.44
C ARG AA 44 -45.68 7.35 -58.24
N TYR AA 45 -46.27 8.45 -58.71
CA TYR AA 45 -47.46 8.36 -59.52
C TYR AA 45 -47.16 7.73 -60.87
N ALA AA 46 -46.00 8.02 -61.45
CA ALA AA 46 -45.64 7.45 -62.74
C ALA AA 46 -45.54 5.92 -62.66
N ARG AA 47 -44.94 5.41 -61.57
CA ARG AA 47 -44.88 3.97 -61.39
C ARG AA 47 -46.25 3.38 -61.12
N LYS AA 48 -47.13 4.13 -60.44
CA LYS AA 48 -48.46 3.62 -60.12
C LYS AA 48 -49.24 3.31 -61.40
N HIS AA 49 -49.18 4.19 -62.38
CA HIS AA 49 -49.91 4.02 -63.63
C HIS AA 49 -49.09 3.33 -64.71
N ASN AA 50 -47.88 2.89 -64.39
CA ASN AA 50 -47.06 2.18 -65.35
C ASN AA 50 -47.71 0.86 -65.73
N LYS AA 51 -47.64 0.51 -67.01
CA LYS AA 51 -48.28 -0.70 -67.51
C LYS AA 51 -47.51 -1.26 -68.70
N SER BA 13 -24.93 70.59 89.66
CA SER BA 13 -24.51 69.27 90.11
C SER BA 13 -24.15 69.30 91.60
N ILE BA 14 -23.84 68.12 92.14
CA ILE BA 14 -23.48 67.97 93.55
C ILE BA 14 -21.99 67.73 93.73
N ASN BA 15 -21.18 67.94 92.69
CA ASN BA 15 -19.75 67.70 92.82
C ASN BA 15 -19.11 68.62 93.84
N ASN BA 16 -19.54 69.88 93.90
CA ASN BA 16 -18.98 70.81 94.88
C ASN BA 16 -19.33 70.36 96.30
N ARG BA 17 -20.61 70.05 96.54
CA ARG BA 17 -21.01 69.59 97.86
C ARG BA 17 -20.37 68.25 98.20
N LEU BA 18 -20.29 67.35 97.23
CA LEU BA 18 -19.68 66.04 97.48
C LEU BA 18 -18.19 66.18 97.80
N ALA BA 19 -17.51 67.13 97.17
CA ALA BA 19 -16.09 67.33 97.46
C ALA BA 19 -15.88 67.74 98.91
N LEU BA 20 -16.77 68.57 99.47
CA LEU BA 20 -16.64 68.97 100.85
C LEU BA 20 -16.70 67.78 101.79
N VAL BA 21 -17.56 66.80 101.50
CA VAL BA 21 -17.67 65.63 102.35
C VAL BA 21 -16.37 64.83 102.34
N MET BA 22 -15.69 64.79 101.18
CA MET BA 22 -14.48 63.99 101.07
C MET BA 22 -13.37 64.45 102.01
N LYS BA 23 -13.42 65.71 102.47
CA LYS BA 23 -12.37 66.23 103.32
C LYS BA 23 -12.84 66.62 104.72
N SER BA 24 -14.14 66.70 104.96
CA SER BA 24 -14.67 67.11 106.27
C SER BA 24 -15.67 66.13 106.88
N GLY BA 25 -16.24 65.21 106.10
CA GLY BA 25 -17.24 64.30 106.58
C GLY BA 25 -16.76 62.86 106.61
N LYS BA 26 -17.69 61.98 106.98
CA LYS BA 26 -17.46 60.54 107.02
C LYS BA 26 -18.25 59.86 105.91
N TYR BA 27 -17.63 58.89 105.27
CA TYR BA 27 -18.24 58.22 104.12
C TYR BA 27 -17.62 56.85 103.96
N THR BA 28 -18.32 56.01 103.20
CA THR BA 28 -17.81 54.70 102.80
C THR BA 28 -18.06 54.52 101.31
N LEU BA 29 -17.02 54.10 100.58
CA LEU BA 29 -17.10 53.88 99.15
C LEU BA 29 -17.12 52.40 98.85
N GLY BA 30 -18.06 51.97 98.02
CA GLY BA 30 -18.16 50.58 97.64
C GLY BA 30 -19.49 49.96 97.99
N TYR BA 31 -19.83 48.86 97.32
CA TYR BA 31 -21.14 48.24 97.51
C TYR BA 31 -21.22 47.50 98.84
N LYS BA 32 -20.17 46.79 99.23
CA LYS BA 32 -20.23 45.99 100.45
C LYS BA 32 -20.34 46.86 101.70
N THR BA 33 -19.60 47.98 101.74
CA THR BA 33 -19.67 48.84 102.91
C THR BA 33 -20.96 49.64 102.96
N VAL BA 34 -21.53 49.98 101.80
CA VAL BA 34 -22.79 50.73 101.79
C VAL BA 34 -23.89 49.91 102.44
N LEU BA 35 -23.97 48.62 102.13
CA LEU BA 35 -24.95 47.76 102.79
C LEU BA 35 -24.69 47.67 104.28
N LYS BA 36 -23.41 47.63 104.67
CA LYS BA 36 -23.08 47.58 106.10
C LYS BA 36 -23.60 48.81 106.83
N THR BA 37 -23.42 50.00 106.25
CA THR BA 37 -23.87 51.22 106.91
C THR BA 37 -25.39 51.28 106.98
N ILE BA 38 -26.08 50.75 105.97
CA ILE BA 38 -27.54 50.73 106.01
C ILE BA 38 -28.03 49.77 107.09
N ARG BA 39 -27.35 48.63 107.25
CA ARG BA 39 -27.74 47.68 108.29
C ARG BA 39 -27.60 48.29 109.67
N SER BA 40 -26.52 49.04 109.91
CA SER BA 40 -26.27 49.66 111.20
C SER BA 40 -26.90 51.04 111.32
N SER BA 41 -27.59 51.51 110.30
CA SER BA 41 -28.27 52.81 110.30
C SER BA 41 -27.29 53.98 110.43
N LYS BA 42 -26.02 53.75 110.13
CA LYS BA 42 -25.04 54.83 110.12
C LYS BA 42 -25.09 55.66 108.85
N GLY BA 43 -25.66 55.13 107.77
CA GLY BA 43 -25.73 55.87 106.52
C GLY BA 43 -26.90 56.84 106.52
N LYS BA 44 -26.64 58.07 106.10
CA LYS BA 44 -27.66 59.11 106.01
C LYS BA 44 -28.08 59.42 104.58
N LEU BA 45 -27.20 59.21 103.60
CA LEU BA 45 -27.52 59.44 102.21
C LEU BA 45 -26.72 58.46 101.36
N VAL BA 46 -27.40 57.85 100.38
CA VAL BA 46 -26.79 56.88 99.49
C VAL BA 46 -26.81 57.46 98.08
N ILE BA 47 -25.65 57.44 97.42
CA ILE BA 47 -25.50 57.96 96.06
C ILE BA 47 -25.11 56.80 95.16
N ILE BA 48 -25.80 56.66 94.03
CA ILE BA 48 -25.64 55.52 93.13
C ILE BA 48 -25.32 56.04 91.74
N ALA BA 49 -24.32 55.45 91.09
CA ALA BA 49 -23.97 55.81 89.73
C ALA BA 49 -25.03 55.30 88.75
N ASN BA 50 -25.06 55.92 87.57
CA ASN BA 50 -26.10 55.60 86.59
C ASN BA 50 -25.85 54.29 85.87
N ASN BA 51 -24.62 53.77 85.89
CA ASN BA 51 -24.30 52.49 85.26
C ASN BA 51 -24.16 51.38 86.29
N CYS BA 52 -24.67 51.57 87.50
CA CYS BA 52 -24.67 50.51 88.49
C CYS BA 52 -25.50 49.34 87.98
N PRO BA 53 -25.11 48.10 88.27
CA PRO BA 53 -25.88 46.94 87.78
C PRO BA 53 -27.34 47.07 88.20
N PRO BA 54 -28.29 46.84 87.28
CA PRO BA 54 -29.70 47.04 87.63
C PRO BA 54 -30.15 46.27 88.85
N LEU BA 55 -29.71 45.02 89.00
CA LEU BA 55 -30.08 44.25 90.18
C LEU BA 55 -29.49 44.86 91.45
N ARG BA 56 -28.22 45.27 91.39
CA ARG BA 56 -27.60 45.90 92.54
C ARG BA 56 -28.29 47.21 92.89
N LYS BA 57 -28.68 47.99 91.88
CA LYS BA 57 -29.36 49.24 92.12
C LYS BA 57 -30.69 49.01 92.85
N SER BA 58 -31.44 48.00 92.43
CA SER BA 58 -32.71 47.71 93.09
C SER BA 58 -32.50 47.22 94.52
N GLU BA 59 -31.46 46.42 94.74
CA GLU BA 59 -31.20 45.92 96.10
C GLU BA 59 -30.83 47.06 97.04
N ILE BA 60 -30.00 47.99 96.59
CA ILE BA 60 -29.62 49.12 97.44
C ILE BA 60 -30.84 49.97 97.75
N GLU BA 61 -31.67 50.25 96.75
CA GLU BA 61 -32.86 51.06 96.98
C GLU BA 61 -33.81 50.36 97.95
N TYR BA 62 -33.95 49.04 97.83
CA TYR BA 62 -34.80 48.32 98.77
C TYR BA 62 -34.24 48.38 100.19
N TYR BA 63 -32.92 48.27 100.32
CA TYR BA 63 -32.29 48.42 101.63
C TYR BA 63 -32.53 49.82 102.19
N ALA BA 64 -32.33 50.84 101.34
CA ALA BA 64 -32.51 52.22 101.80
C ALA BA 64 -33.96 52.48 102.20
N MET BA 65 -34.91 51.98 101.41
CA MET BA 65 -36.31 52.14 101.77
C MET BA 65 -36.63 51.43 103.08
N LEU BA 66 -35.99 50.30 103.35
CA LEU BA 66 -36.22 49.58 104.59
C LEU BA 66 -35.66 50.33 105.79
N ALA BA 67 -34.55 51.04 105.61
CA ALA BA 67 -33.91 51.78 106.68
C ALA BA 67 -34.29 53.25 106.71
N LYS BA 68 -35.19 53.69 105.83
CA LYS BA 68 -35.64 55.08 105.79
C LYS BA 68 -34.47 56.02 105.50
N VAL BA 69 -33.68 55.67 104.49
CA VAL BA 69 -32.50 56.44 104.09
C VAL BA 69 -32.72 56.97 102.69
N GLY BA 70 -32.47 58.26 102.49
CA GLY BA 70 -32.65 58.84 101.18
C GLY BA 70 -31.63 58.33 100.19
N VAL BA 71 -32.04 58.22 98.93
CA VAL BA 71 -31.19 57.73 97.85
C VAL BA 71 -31.15 58.79 96.76
N HIS BA 72 -29.94 59.12 96.30
CA HIS BA 72 -29.74 60.06 95.21
C HIS BA 72 -29.10 59.33 94.04
N HIS BA 73 -29.69 59.51 92.85
CA HIS BA 73 -29.16 58.90 91.63
C HIS BA 73 -28.18 59.87 90.99
N TYR BA 74 -26.90 59.55 91.08
CA TYR BA 74 -25.86 60.43 90.55
C TYR BA 74 -25.96 60.54 89.04
N ASN BA 75 -25.69 61.74 88.53
CA ASN BA 75 -25.71 61.99 87.08
C ASN BA 75 -24.32 61.69 86.51
N GLY BA 76 -24.02 60.40 86.44
CA GLY BA 76 -22.76 59.94 85.91
C GLY BA 76 -22.53 58.49 86.23
N ASN BA 77 -21.56 57.90 85.52
CA ASN BA 77 -21.25 56.50 85.71
C ASN BA 77 -20.29 56.32 86.88
N ASN BA 78 -19.92 55.07 87.15
CA ASN BA 78 -19.03 54.79 88.29
C ASN BA 78 -17.68 55.44 88.11
N VAL BA 79 -17.24 55.68 86.87
CA VAL BA 79 -16.00 56.40 86.64
C VAL BA 79 -16.14 57.86 87.07
N ASP BA 80 -17.23 58.50 86.64
CA ASP BA 80 -17.44 59.90 87.00
C ASP BA 80 -17.63 60.09 88.50
N LEU BA 81 -18.39 59.19 89.14
CA LEU BA 81 -18.61 59.31 90.57
C LEU BA 81 -17.30 59.15 91.33
N GLY BA 82 -16.45 58.21 90.92
CA GLY BA 82 -15.16 58.05 91.56
C GLY BA 82 -14.30 59.29 91.43
N THR BA 83 -14.30 59.92 90.25
CA THR BA 83 -13.56 61.16 90.06
C THR BA 83 -14.11 62.27 90.94
N ALA BA 84 -15.44 62.36 91.04
CA ALA BA 84 -16.04 63.39 91.89
C ALA BA 84 -15.60 63.24 93.34
N CYS BA 85 -15.45 62.00 93.81
CA CYS BA 85 -14.97 61.74 95.15
C CYS BA 85 -13.46 61.95 95.29
N GLY BA 86 -12.77 62.35 94.23
CA GLY BA 86 -11.33 62.53 94.29
C GLY BA 86 -10.58 61.23 94.44
N LYS BA 87 -11.00 60.18 93.75
CA LYS BA 87 -10.37 58.88 93.83
C LYS BA 87 -10.02 58.39 92.43
N TYR BA 88 -8.94 57.61 92.33
CA TYR BA 88 -8.46 57.07 91.06
C TYR BA 88 -9.05 55.70 90.75
N TYR BA 89 -10.23 55.38 91.29
CA TYR BA 89 -10.88 54.12 91.01
C TYR BA 89 -12.38 54.34 90.90
N ARG BA 90 -13.05 53.40 90.24
CA ARG BA 90 -14.48 53.50 90.03
C ARG BA 90 -15.24 53.33 91.34
N VAL BA 91 -16.34 54.06 91.48
CA VAL BA 91 -17.22 53.96 92.62
C VAL BA 91 -18.64 53.80 92.10
N SER BA 92 -19.24 52.62 92.31
CA SER BA 92 -20.61 52.41 91.87
C SER BA 92 -21.62 53.04 92.81
N CYS BA 93 -21.33 53.05 94.10
CA CYS BA 93 -22.23 53.64 95.09
C CYS BA 93 -21.42 54.03 96.32
N LEU BA 94 -21.98 54.94 97.11
CA LEU BA 94 -21.34 55.39 98.33
C LEU BA 94 -22.41 55.80 99.32
N SER BA 95 -22.02 55.83 100.60
CA SER BA 95 -22.89 56.25 101.68
C SER BA 95 -22.21 57.35 102.48
N ILE BA 96 -22.98 58.36 102.86
CA ILE BA 96 -22.48 59.47 103.64
C ILE BA 96 -22.91 59.27 105.09
N ILE BA 97 -21.93 59.20 105.99
CA ILE BA 97 -22.21 58.99 107.41
C ILE BA 97 -22.35 60.32 108.14
N ASP BA 98 -21.39 61.21 107.96
CA ASP BA 98 -21.45 62.56 108.54
C ASP BA 98 -21.49 63.56 107.39
N PRO BA 99 -22.56 64.33 107.22
CA PRO BA 99 -22.64 65.22 106.05
C PRO BA 99 -21.51 66.23 105.98
N GLY BA 100 -21.04 66.73 107.11
CA GLY BA 100 -19.96 67.70 107.11
C GLY BA 100 -20.44 69.11 106.88
N ASP BA 101 -20.93 69.42 105.67
CA ASP BA 101 -21.35 70.78 105.34
C ASP BA 101 -22.47 70.70 104.31
N SER BA 102 -23.71 70.78 104.79
CA SER BA 102 -24.89 71.00 103.95
C SER BA 102 -24.88 70.12 102.70
N ASP BA 103 -25.00 68.82 102.92
CA ASP BA 103 -25.16 67.86 101.84
C ASP BA 103 -26.47 67.10 101.90
N ILE BA 104 -26.90 66.71 103.10
CA ILE BA 104 -28.17 66.00 103.25
C ILE BA 104 -29.36 66.95 103.19
N ILE BA 105 -29.17 68.22 103.54
CA ILE BA 105 -30.28 69.17 103.59
C ILE BA 105 -30.78 69.48 102.18
N LYS BA 106 -29.89 69.98 101.33
CA LYS BA 106 -30.26 70.37 99.97
C LYS BA 106 -29.88 69.25 98.99
N SER BA 107 -30.74 68.24 98.97
CA SER BA 107 -30.55 67.11 98.07
C SER BA 107 -31.88 66.67 97.47
N LYS CA 9 62.30 -35.77 52.31
CA LYS CA 9 63.14 -36.48 53.27
C LYS CA 9 62.29 -37.15 54.33
N GLU CA 10 61.61 -36.34 55.14
CA GLU CA 10 60.71 -36.83 56.17
C GLU CA 10 59.34 -36.20 55.95
N GLU CA 11 58.30 -37.04 55.87
CA GLU CA 11 56.97 -36.54 55.58
C GLU CA 11 56.47 -35.60 56.66
N VAL CA 12 56.71 -35.93 57.93
CA VAL CA 12 56.24 -35.13 59.05
C VAL CA 12 57.38 -34.20 59.44
N VAL CA 13 57.24 -32.92 59.11
CA VAL CA 13 58.24 -31.91 59.41
C VAL CA 13 57.53 -30.60 59.72
N SER CA 14 58.08 -29.84 60.66
CA SER CA 14 57.54 -28.54 61.04
C SER CA 14 58.65 -27.50 60.98
N ARG CA 15 58.34 -26.33 60.43
CA ARG CA 15 59.29 -25.24 60.33
C ARG CA 15 58.57 -23.93 60.62
N GLU CA 16 59.36 -22.92 60.99
CA GLU CA 16 58.85 -21.58 61.22
C GLU CA 16 59.37 -20.65 60.12
N TYR CA 17 58.45 -19.94 59.47
CA TYR CA 17 58.76 -19.06 58.37
C TYR CA 17 58.36 -17.63 58.70
N THR CA 18 59.02 -16.68 58.05
CA THR CA 18 58.61 -15.29 58.05
C THR CA 18 58.12 -14.95 56.65
N ILE CA 19 56.83 -14.72 56.52
CA ILE CA 19 56.23 -14.40 55.22
C ILE CA 19 56.17 -12.89 55.08
N ASN CA 20 56.67 -12.37 53.96
CA ASN CA 20 56.62 -10.95 53.66
C ASN CA 20 55.33 -10.68 52.89
N LEU CA 21 54.25 -10.39 53.64
CA LEU CA 21 52.97 -10.12 53.00
C LEU CA 21 52.96 -8.77 52.30
N HIS CA 22 53.81 -7.84 52.74
CA HIS CA 22 53.78 -6.49 52.18
C HIS CA 22 54.04 -6.50 50.68
N LYS CA 23 55.10 -7.20 50.25
CA LYS CA 23 55.42 -7.23 48.83
C LYS CA 23 54.45 -8.11 48.03
N ARG CA 24 53.89 -9.12 48.67
CA ARG CA 24 52.94 -9.99 47.97
C ARG CA 24 51.59 -9.32 47.78
N LEU CA 25 51.21 -8.40 48.67
CA LEU CA 25 49.94 -7.70 48.60
C LEU CA 25 50.08 -6.29 48.05
N HIS CA 26 51.23 -5.96 47.47
CA HIS CA 26 51.47 -4.61 46.98
C HIS CA 26 50.48 -4.24 45.89
N GLY CA 27 49.87 -3.06 46.04
CA GLY CA 27 48.92 -2.58 45.05
C GLY CA 27 47.59 -3.31 45.02
N CYS CA 28 47.29 -4.09 46.05
CA CYS CA 28 46.05 -4.84 46.07
C CYS CA 28 44.87 -3.94 46.43
N THR CA 29 43.69 -4.29 45.92
CA THR CA 29 42.49 -3.54 46.23
C THR CA 29 42.14 -3.68 47.71
N PHE CA 30 41.67 -2.58 48.32
CA PHE CA 30 41.46 -2.56 49.76
C PHE CA 30 40.46 -3.63 50.19
N LYS CA 31 39.35 -3.75 49.47
CA LYS CA 31 38.31 -4.69 49.89
C LYS CA 31 38.72 -6.15 49.72
N LYS CA 32 39.83 -6.42 49.05
CA LYS CA 32 40.32 -7.78 48.84
C LYS CA 32 41.69 -8.01 49.47
N LYS CA 33 42.19 -7.06 50.26
CA LYS CA 33 43.57 -7.16 50.74
C LYS CA 33 43.73 -8.29 51.75
N ALA CA 34 42.98 -8.24 52.86
CA ALA CA 34 43.05 -9.32 53.83
C ALA CA 34 42.62 -10.65 53.24
N PRO CA 35 41.50 -10.75 52.50
CA PRO CA 35 41.19 -12.03 51.83
C PRO CA 35 42.30 -12.52 50.93
N THR CA 36 42.99 -11.61 50.23
CA THR CA 36 44.11 -12.02 49.38
C THR CA 36 45.29 -12.51 50.21
N ALA CA 37 45.45 -11.98 51.43
CA ALA CA 37 46.51 -12.47 52.30
C ALA CA 37 46.31 -13.93 52.64
N ILE CA 38 45.06 -14.35 52.83
CA ILE CA 38 44.79 -15.77 53.10
C ILE CA 38 45.21 -16.62 51.91
N LYS CA 39 44.90 -16.17 50.70
CA LYS CA 39 45.31 -16.91 49.50
C LYS CA 39 46.82 -16.94 49.36
N GLU CA 40 47.49 -15.81 49.62
CA GLU CA 40 48.95 -15.77 49.50
C GLU CA 40 49.60 -16.72 50.51
N ILE CA 41 49.10 -16.75 51.74
CA ILE CA 41 49.64 -17.67 52.73
C ILE CA 41 49.40 -19.11 52.31
N ARG CA 42 48.21 -19.39 51.76
CA ARG CA 42 47.92 -20.74 51.27
C ARG CA 42 48.88 -21.12 50.16
N LYS CA 43 49.16 -20.20 49.24
CA LYS CA 43 50.13 -20.46 48.17
C LYS CA 43 51.53 -20.64 48.75
N PHE CA 44 51.89 -19.84 49.76
CA PHE CA 44 53.22 -19.94 50.35
C PHE CA 44 53.44 -21.32 50.95
N ALA CA 45 52.43 -21.86 51.65
CA ALA CA 45 52.57 -23.17 52.25
C ALA CA 45 52.72 -24.25 51.19
N GLN CA 46 52.00 -24.13 50.07
CA GLN CA 46 52.07 -25.15 49.03
C GLN CA 46 53.47 -25.24 48.45
N LYS CA 47 54.11 -24.10 48.20
CA LYS CA 47 55.46 -24.12 47.65
C LYS CA 47 56.48 -24.60 48.69
N ALA CA 48 56.33 -24.17 49.93
CA ALA CA 48 57.29 -24.53 50.98
C ALA CA 48 57.14 -25.97 51.45
N MET CA 49 55.98 -26.59 51.21
CA MET CA 49 55.73 -27.97 51.64
C MET CA 49 55.30 -28.90 50.52
N GLY CA 50 54.87 -28.39 49.37
CA GLY CA 50 54.45 -29.25 48.29
C GLY CA 50 53.15 -29.98 48.53
N THR CA 51 52.29 -29.44 49.39
CA THR CA 51 51.01 -30.06 49.73
C THR CA 51 49.89 -29.12 49.29
N LYS CA 52 49.02 -29.61 48.40
CA LYS CA 52 47.89 -28.80 47.96
C LYS CA 52 46.95 -28.49 49.12
N ASP CA 53 46.73 -29.46 50.01
CA ASP CA 53 45.80 -29.29 51.12
C ASP CA 53 46.49 -28.48 52.21
N VAL CA 54 46.07 -27.22 52.37
CA VAL CA 54 46.63 -26.32 53.38
C VAL CA 54 45.49 -25.83 54.25
N ARG CA 55 45.65 -25.96 55.56
CA ARG CA 55 44.64 -25.54 56.53
C ARG CA 55 45.22 -24.40 57.37
N VAL CA 56 44.43 -23.34 57.54
CA VAL CA 56 44.86 -22.14 58.25
C VAL CA 56 44.20 -22.14 59.61
N ASP CA 57 45.01 -22.12 60.66
CA ASP CA 57 44.47 -22.10 62.02
C ASP CA 57 43.66 -20.83 62.24
N VAL CA 58 42.59 -20.96 63.02
CA VAL CA 58 41.69 -19.83 63.26
C VAL CA 58 42.44 -18.69 63.94
N LYS CA 59 43.40 -19.00 64.81
CA LYS CA 59 44.18 -17.95 65.45
C LYS CA 59 44.97 -17.15 64.44
N LEU CA 60 45.58 -17.82 63.45
CA LEU CA 60 46.29 -17.10 62.40
C LEU CA 60 45.32 -16.26 61.57
N ASN CA 61 44.15 -16.80 61.25
CA ASN CA 61 43.15 -16.01 60.56
C ASN CA 61 42.77 -14.78 61.37
N LYS CA 62 42.66 -14.94 62.68
CA LYS CA 62 42.35 -13.79 63.54
C LYS CA 62 43.45 -12.74 63.47
N GLN CA 63 44.71 -13.18 63.46
CA GLN CA 63 45.82 -12.22 63.37
C GLN CA 63 45.81 -11.48 62.04
N ILE CA 64 45.49 -12.19 60.94
CA ILE CA 64 45.46 -11.56 59.63
C ILE CA 64 44.41 -10.46 59.59
N TRP CA 65 43.25 -10.70 60.21
CA TRP CA 65 42.16 -9.75 60.22
C TRP CA 65 42.16 -8.83 61.44
N SER CA 66 43.23 -8.84 62.23
CA SER CA 66 43.23 -8.10 63.49
C SER CA 66 43.04 -6.60 63.24
N ARG CA 67 43.69 -6.06 62.22
CA ARG CA 67 43.59 -4.63 61.91
C ARG CA 67 42.64 -4.35 60.75
N GLY CA 68 41.62 -5.17 60.58
CA GLY CA 68 40.63 -4.93 59.55
C GLY CA 68 41.05 -5.45 58.18
N ILE CA 69 40.26 -5.09 57.19
CA ILE CA 69 40.41 -5.66 55.85
C ILE CA 69 41.52 -4.98 55.04
N ARG CA 70 41.98 -3.79 55.45
CA ARG CA 70 42.99 -3.07 54.69
C ARG CA 70 44.41 -3.35 55.17
N SER CA 71 44.67 -3.10 56.47
CA SER CA 71 46.03 -3.07 56.99
C SER CA 71 46.42 -4.46 57.49
N VAL CA 72 46.89 -5.29 56.56
CA VAL CA 72 47.46 -6.59 56.89
C VAL CA 72 48.88 -6.37 57.40
N PRO CA 73 49.38 -7.18 58.33
CA PRO CA 73 50.75 -6.97 58.82
C PRO CA 73 51.77 -7.10 57.69
N ARG CA 74 52.81 -6.26 57.77
CA ARG CA 74 53.84 -6.29 56.74
C ARG CA 74 54.56 -7.63 56.70
N ARG CA 75 54.91 -8.18 57.87
CA ARG CA 75 55.56 -9.47 57.98
C ARG CA 75 54.90 -10.27 59.09
N VAL CA 76 54.74 -11.57 58.86
CA VAL CA 76 54.09 -12.47 59.80
C VAL CA 76 54.97 -13.69 60.00
N ARG CA 77 55.13 -14.10 61.26
CA ARG CA 77 55.90 -15.29 61.61
C ARG CA 77 54.92 -16.43 61.85
N VAL CA 78 55.03 -17.49 61.05
CA VAL CA 78 54.09 -18.60 61.09
C VAL CA 78 54.85 -19.91 61.21
N ARG CA 79 54.15 -20.93 61.70
CA ARG CA 79 54.65 -22.29 61.78
C ARG CA 79 53.83 -23.16 60.82
N ILE CA 80 54.52 -23.85 59.92
CA ILE CA 80 53.89 -24.75 58.96
C ILE CA 80 54.27 -26.17 59.34
N ALA CA 81 53.27 -26.99 59.63
CA ALA CA 81 53.46 -28.37 60.06
C ALA CA 81 52.83 -29.30 59.03
N ARG CA 82 53.67 -30.02 58.28
CA ARG CA 82 53.19 -31.03 57.35
C ARG CA 82 52.96 -32.33 58.10
N LYS CA 83 51.79 -32.94 57.90
CA LYS CA 83 51.41 -34.13 58.65
C LYS CA 83 50.48 -34.97 57.78
N ARG CA 84 50.33 -36.24 58.18
CA ARG CA 84 49.56 -37.21 57.41
C ARG CA 84 48.08 -37.11 57.77
N ASN CA 85 47.23 -37.14 56.76
CA ASN CA 85 45.79 -37.15 56.97
C ASN CA 85 45.31 -38.59 57.13
N ASP CA 86 44.59 -38.85 58.22
CA ASP CA 86 44.19 -40.20 58.61
C ASP CA 86 42.68 -40.36 58.57
N ASP CA 87 42.05 -39.87 57.52
CA ASP CA 87 40.61 -40.00 57.32
C ASP CA 87 40.33 -40.87 56.10
N GLU CA 88 39.21 -41.60 56.17
CA GLU CA 88 38.86 -42.56 55.12
C GLU CA 88 38.88 -41.90 53.75
N ASP CA 89 39.71 -42.44 52.85
CA ASP CA 89 39.79 -41.99 51.47
C ASP CA 89 39.94 -40.47 51.39
N ALA CA 90 41.00 -39.98 52.02
CA ALA CA 90 41.33 -38.56 51.91
C ALA CA 90 41.82 -38.25 50.51
N LYS CA 91 41.42 -37.08 50.00
CA LYS CA 91 41.81 -36.71 48.65
C LYS CA 91 43.32 -36.66 48.49
N GLU CA 92 44.04 -36.31 49.57
CA GLU CA 92 45.50 -36.26 49.55
C GLU CA 92 46.04 -36.96 50.78
N GLU CA 93 47.24 -37.52 50.63
CA GLU CA 93 47.85 -38.25 51.74
C GLU CA 93 48.30 -37.30 52.85
N LEU CA 94 48.88 -36.17 52.48
CA LEU CA 94 49.42 -35.20 53.42
C LEU CA 94 48.65 -33.89 53.35
N TYR CA 95 48.87 -33.05 54.36
CA TYR CA 95 48.32 -31.71 54.38
C TYR CA 95 49.17 -30.85 55.31
N SER CA 96 49.17 -29.55 55.06
CA SER CA 96 49.93 -28.60 55.85
C SER CA 96 49.00 -27.79 56.74
N LEU CA 97 49.41 -27.58 57.98
CA LEU CA 97 48.69 -26.76 58.94
C LEU CA 97 49.53 -25.54 59.28
N VAL CA 98 49.02 -24.36 58.96
CA VAL CA 98 49.72 -23.10 59.21
C VAL CA 98 49.13 -22.48 60.46
N THR CA 99 49.99 -22.16 61.43
CA THR CA 99 49.56 -21.59 62.70
C THR CA 99 50.48 -20.44 63.07
N VAL CA 100 50.08 -19.68 64.09
CA VAL CA 100 50.87 -18.55 64.53
C VAL CA 100 52.11 -19.05 65.27
N ALA CA 101 53.18 -18.27 65.21
CA ALA CA 101 54.43 -18.58 65.89
C ALA CA 101 54.87 -17.40 66.75
N GLU CA 102 55.54 -17.72 67.85
CA GLU CA 102 56.02 -16.68 68.75
C GLU CA 102 57.19 -15.92 68.12
N ILE CA 103 57.25 -14.63 68.41
CA ILE CA 103 58.32 -13.75 67.91
C ILE CA 103 59.28 -13.50 69.06
N PRO CA 104 60.60 -13.67 68.87
CA PRO CA 104 61.53 -13.45 69.98
C PRO CA 104 61.58 -12.01 70.44
N ALA CA 105 62.32 -11.74 71.51
CA ALA CA 105 62.36 -10.40 72.08
C ALA CA 105 62.90 -9.39 71.08
N GLU CA 106 63.96 -9.75 70.36
CA GLU CA 106 64.54 -8.85 69.38
C GLU CA 106 63.64 -8.61 68.17
N GLY CA 107 62.57 -9.40 68.03
CA GLY CA 107 61.65 -9.22 66.93
C GLY CA 107 61.94 -10.13 65.75
N LEU CA 108 61.76 -9.61 64.54
CA LEU CA 108 62.02 -10.37 63.31
C LEU CA 108 63.40 -10.07 62.74
N LYS CA 109 64.31 -9.54 63.55
CA LYS CA 109 65.64 -9.16 63.10
C LYS CA 109 66.57 -10.36 63.18
N GLY CA 110 67.26 -10.64 62.07
CA GLY CA 110 68.18 -11.76 62.02
C GLY CA 110 67.53 -13.11 62.21
N LEU CA 111 66.24 -13.21 61.92
CA LEU CA 111 65.47 -14.43 62.15
C LEU CA 111 65.18 -15.09 60.80
N GLY CA 112 65.88 -16.20 60.52
CA GLY CA 112 65.67 -16.96 59.32
C GLY CA 112 64.68 -18.10 59.53
N THR CA 113 64.71 -19.05 58.60
CA THR CA 113 63.86 -20.23 58.70
C THR CA 113 64.45 -21.19 59.72
N LYS CA 114 63.61 -21.70 60.62
CA LYS CA 114 64.03 -22.61 61.67
C LYS CA 114 63.20 -23.87 61.64
N ILE CA 115 63.86 -25.01 61.81
CA ILE CA 115 63.20 -26.31 61.88
C ILE CA 115 62.84 -26.59 63.32
N ILE CA 116 61.59 -26.96 63.57
CA ILE CA 116 61.12 -27.27 64.91
C ILE CA 116 61.40 -28.74 65.20
N GLU CA 117 61.88 -29.01 66.41
CA GLU CA 117 62.25 -30.36 66.80
C GLU CA 117 60.98 -31.16 67.15
N ASP CA 118 61.17 -32.38 67.62
CA ASP CA 118 60.06 -33.24 67.99
C ASP CA 118 59.33 -32.69 69.22
N ALA DA 2 9.05 -62.34 -27.73
CA ALA DA 2 8.35 -61.44 -28.63
C ALA DA 2 9.33 -60.48 -29.29
N VAL DA 3 9.15 -60.29 -30.60
CA VAL DA 3 10.00 -59.39 -31.39
C VAL DA 3 9.25 -58.08 -31.56
N PRO DA 4 9.78 -56.94 -31.08
CA PRO DA 4 9.05 -55.68 -31.23
C PRO DA 4 8.83 -55.33 -32.69
N LEU DA 5 7.64 -54.79 -32.98
CA LEU DA 5 7.31 -54.41 -34.35
C LEU DA 5 7.98 -53.10 -34.76
N LEU DA 6 8.18 -52.19 -33.81
CA LEU DA 6 8.80 -50.91 -34.12
C LEU DA 6 10.18 -51.11 -34.73
N ASN DA 7 10.49 -50.33 -35.77
CA ASN DA 7 11.78 -50.40 -36.44
C ASN DA 7 12.49 -49.05 -36.55
N LYS DA 8 11.79 -47.93 -36.45
CA LYS DA 8 12.45 -46.63 -36.51
C LYS DA 8 13.12 -46.33 -35.17
N LYS DA 9 14.32 -45.77 -35.25
CA LYS DA 9 15.07 -45.43 -34.05
C LYS DA 9 14.39 -44.32 -33.28
N VAL DA 10 14.51 -44.38 -31.95
CA VAL DA 10 13.92 -43.38 -31.07
C VAL DA 10 14.90 -42.22 -30.96
N VAL DA 11 14.43 -41.02 -31.31
CA VAL DA 11 15.23 -39.80 -31.27
C VAL DA 11 14.60 -38.89 -30.24
N LYS DA 12 15.28 -38.72 -29.10
CA LYS DA 12 14.83 -37.82 -28.06
C LYS DA 12 15.41 -36.43 -28.32
N LYS DA 13 14.54 -35.45 -28.57
CA LYS DA 13 15.01 -34.09 -28.80
C LYS DA 13 15.67 -33.51 -27.56
N ARG DA 14 15.21 -33.92 -26.37
CA ARG DA 14 15.80 -33.46 -25.12
C ARG DA 14 15.59 -34.55 -24.07
N VAL DA 15 16.65 -34.87 -23.33
CA VAL DA 15 16.57 -35.88 -22.28
C VAL DA 15 16.56 -35.25 -20.89
N LYS DA 16 17.12 -34.06 -20.72
CA LYS DA 16 17.01 -33.35 -19.45
C LYS DA 16 15.59 -32.88 -19.20
N ARG DA 17 15.21 -32.81 -17.93
CA ARG DA 17 13.89 -32.33 -17.56
C ARG DA 17 13.87 -30.80 -17.54
N PHE DA 18 12.65 -30.27 -17.56
CA PHE DA 18 12.42 -28.82 -17.46
C PHE DA 18 12.15 -28.48 -16.00
N ILE DA 19 13.16 -27.94 -15.33
CA ILE DA 19 13.09 -27.63 -13.91
C ILE DA 19 12.51 -26.24 -13.72
N ARG DA 20 11.63 -26.11 -12.73
CA ARG DA 20 11.03 -24.81 -12.46
C ARG DA 20 12.10 -23.81 -12.08
N PRO DA 21 12.02 -22.57 -12.57
CA PRO DA 21 13.04 -21.58 -12.21
C PRO DA 21 13.13 -21.36 -10.71
N GLN DA 22 14.36 -21.23 -10.21
CA GLN DA 22 14.67 -20.91 -8.83
C GLN DA 22 14.23 -21.98 -7.83
N SER DA 23 13.82 -23.15 -8.31
CA SER DA 23 13.53 -24.24 -7.38
C SER DA 23 14.77 -24.68 -6.63
N ASP DA 24 15.95 -24.44 -7.19
CA ASP DA 24 17.20 -24.66 -6.46
C ASP DA 24 17.32 -23.72 -5.27
N ARG DA 25 17.00 -22.44 -5.46
CA ARG DA 25 17.18 -21.44 -4.41
C ARG DA 25 16.28 -21.72 -3.21
N ARG DA 26 14.99 -21.94 -3.47
CA ARG DA 26 13.99 -22.03 -2.42
C ARG DA 26 13.50 -23.47 -2.29
N ILE DA 27 13.51 -23.98 -1.05
CA ILE DA 27 12.99 -25.31 -0.80
C ILE DA 27 11.50 -25.38 -1.09
N THR DA 28 10.76 -24.32 -0.73
CA THR DA 28 9.32 -24.33 -0.91
C THR DA 28 8.91 -24.32 -2.38
N VAL DA 29 9.79 -23.91 -3.29
CA VAL DA 29 9.49 -23.90 -4.71
C VAL DA 29 9.89 -25.25 -5.28
N LYS DA 30 8.90 -26.07 -5.63
CA LYS DA 30 9.15 -27.41 -6.12
C LYS DA 30 9.62 -27.39 -7.57
N GLU DA 31 10.17 -28.53 -8.01
CA GLU DA 31 10.79 -28.62 -9.32
C GLU DA 31 9.78 -28.76 -10.46
N SER DA 32 8.56 -29.20 -10.17
CA SER DA 32 7.58 -29.38 -11.23
C SER DA 32 7.38 -28.08 -12.00
N TRP DA 33 7.30 -28.18 -13.32
CA TRP DA 33 7.38 -26.99 -14.16
C TRP DA 33 6.20 -26.05 -13.90
N ARG DA 34 6.52 -24.75 -13.85
CA ARG DA 34 5.51 -23.69 -13.84
C ARG DA 34 5.99 -22.59 -14.77
N ARG DA 35 5.08 -22.13 -15.63
CA ARG DA 35 5.42 -21.04 -16.55
C ARG DA 35 5.58 -19.75 -15.76
N PRO DA 36 6.74 -19.08 -15.81
CA PRO DA 36 6.89 -17.82 -15.06
C PRO DA 36 6.07 -16.71 -15.71
N LYS DA 37 5.24 -16.07 -14.89
CA LYS DA 37 4.34 -15.01 -15.35
C LYS DA 37 4.85 -13.61 -15.05
N GLY DA 38 6.01 -13.48 -14.41
CA GLY DA 38 6.44 -12.16 -13.96
C GLY DA 38 6.72 -11.22 -15.11
N ILE DA 39 6.54 -9.92 -14.82
CA ILE DA 39 6.73 -8.91 -15.87
C ILE DA 39 8.20 -8.83 -16.27
N ASP DA 40 9.11 -8.86 -15.30
CA ASP DA 40 10.54 -8.75 -15.58
C ASP DA 40 11.23 -10.10 -15.74
N SER DA 41 10.52 -11.21 -15.57
CA SER DA 41 11.14 -12.53 -15.56
C SER DA 41 12.06 -12.71 -16.75
N ARG DA 42 13.35 -12.88 -16.48
CA ARG DA 42 14.30 -13.11 -17.56
C ARG DA 42 14.10 -14.48 -18.20
N VAL DA 43 13.60 -15.46 -17.44
CA VAL DA 43 13.30 -16.77 -18.00
C VAL DA 43 12.13 -16.66 -18.99
N ARG DA 44 11.06 -15.96 -18.60
CA ARG DA 44 9.93 -15.77 -19.50
C ARG DA 44 10.38 -15.06 -20.77
N ARG DA 45 11.27 -14.08 -20.64
CA ARG DA 45 11.75 -13.31 -21.78
C ARG DA 45 12.84 -14.03 -22.57
N LYS DA 46 13.27 -15.21 -22.12
CA LYS DA 46 14.16 -16.08 -22.89
C LYS DA 46 15.52 -15.42 -23.14
N PHE DA 47 16.08 -14.83 -22.10
CA PHE DA 47 17.46 -14.38 -22.17
C PHE DA 47 18.40 -15.58 -22.19
N LYS DA 48 19.48 -15.47 -22.97
CA LYS DA 48 20.41 -16.59 -23.09
C LYS DA 48 21.15 -16.81 -21.76
N GLY DA 49 21.49 -18.06 -21.52
CA GLY DA 49 22.10 -18.44 -20.25
C GLY DA 49 21.12 -18.61 -19.12
N CYS DA 50 19.83 -18.74 -19.43
CA CYS DA 50 18.79 -18.90 -18.43
C CYS DA 50 18.09 -20.24 -18.60
N VAL DA 51 17.21 -20.56 -17.64
CA VAL DA 51 16.44 -21.80 -17.72
C VAL DA 51 15.60 -21.79 -18.99
N LEU DA 52 15.48 -22.95 -19.61
CA LEU DA 52 14.69 -23.10 -20.83
C LEU DA 52 13.24 -23.47 -20.50
N MET DA 53 12.33 -23.00 -21.34
CA MET DA 53 10.92 -23.30 -21.14
C MET DA 53 10.45 -24.36 -22.11
N PRO DA 54 9.56 -25.27 -21.70
CA PRO DA 54 9.08 -26.30 -22.62
C PRO DA 54 8.11 -25.73 -23.63
N ASN DA 55 8.29 -26.11 -24.89
CA ASN DA 55 7.39 -25.70 -25.96
C ASN DA 55 7.19 -26.86 -26.92
N ILE DA 56 6.19 -26.72 -27.79
CA ILE DA 56 5.76 -27.82 -28.65
C ILE DA 56 6.86 -28.27 -29.61
N GLY DA 57 7.84 -27.41 -29.88
CA GLY DA 57 8.92 -27.81 -30.78
C GLY DA 57 9.69 -29.03 -30.29
N TYR DA 58 9.68 -29.28 -28.98
CA TYR DA 58 10.36 -30.42 -28.40
C TYR DA 58 9.59 -31.73 -28.58
N GLY DA 59 8.41 -31.69 -29.21
CA GLY DA 59 7.61 -32.88 -29.36
C GLY DA 59 8.32 -34.02 -30.07
N SER DA 60 8.20 -35.23 -29.53
CA SER DA 60 8.88 -36.37 -30.11
C SER DA 60 8.13 -36.88 -31.33
N ASP DA 61 8.85 -37.65 -32.16
CA ASP DA 61 8.26 -38.21 -33.36
C ASP DA 61 7.04 -39.05 -33.01
N LYS DA 62 5.96 -38.84 -33.76
CA LYS DA 62 4.71 -39.54 -33.45
C LYS DA 62 4.84 -41.05 -33.62
N LYS DA 63 5.76 -41.50 -34.48
CA LYS DA 63 5.91 -42.94 -34.70
C LYS DA 63 6.64 -43.62 -33.55
N THR DA 64 7.48 -42.89 -32.81
CA THR DA 64 8.24 -43.45 -31.70
C THR DA 64 7.79 -42.91 -30.35
N ARG DA 65 6.68 -42.19 -30.29
CA ARG DA 65 6.23 -41.57 -29.05
C ARG DA 65 5.66 -42.63 -28.11
N HIS DA 66 6.02 -42.52 -26.82
CA HIS DA 66 5.55 -43.41 -25.76
C HIS DA 66 6.12 -44.81 -25.86
N TYR DA 67 7.18 -45.01 -26.65
CA TYR DA 67 7.81 -46.33 -26.75
C TYR DA 67 8.93 -46.46 -25.72
N LEU DA 68 8.90 -47.54 -24.96
CA LEU DA 68 9.93 -47.80 -23.97
C LEU DA 68 11.24 -48.17 -24.68
N PRO DA 69 12.37 -48.11 -23.97
CA PRO DA 69 13.64 -48.49 -24.59
C PRO DA 69 13.64 -49.90 -25.16
N ASN DA 70 12.86 -50.81 -24.58
CA ASN DA 70 12.80 -52.18 -25.08
C ASN DA 70 12.09 -52.30 -26.42
N GLY DA 71 11.43 -51.24 -26.87
CA GLY DA 71 10.75 -51.25 -28.16
C GLY DA 71 9.26 -51.50 -28.11
N PHE DA 72 8.65 -51.50 -26.92
CA PHE DA 72 7.23 -51.74 -26.76
C PHE DA 72 6.57 -50.56 -26.06
N LYS DA 73 5.25 -50.53 -26.10
CA LYS DA 73 4.45 -49.57 -25.35
C LYS DA 73 3.89 -50.25 -24.11
N LYS DA 74 3.82 -49.50 -23.01
CA LYS DA 74 3.39 -50.07 -21.74
C LYS DA 74 1.88 -50.07 -21.61
N PHE DA 75 1.35 -51.16 -21.06
CA PHE DA 75 -0.04 -51.25 -20.64
C PHE DA 75 -0.07 -51.86 -19.24
N VAL DA 76 -0.74 -51.19 -18.31
CA VAL DA 76 -0.76 -51.62 -16.92
C VAL DA 76 -1.85 -52.66 -16.73
N VAL DA 77 -1.49 -53.79 -16.12
CA VAL DA 77 -2.41 -54.90 -15.89
C VAL DA 77 -2.56 -55.10 -14.39
N HIS DA 78 -3.78 -55.37 -13.95
CA HIS DA 78 -4.08 -55.58 -12.54
C HIS DA 78 -4.47 -57.02 -12.21
N ASN DA 79 -4.66 -57.87 -13.21
CA ASN DA 79 -5.01 -59.27 -12.96
C ASN DA 79 -4.76 -60.06 -14.24
N ALA DA 80 -5.08 -61.36 -14.18
CA ALA DA 80 -4.82 -62.23 -15.32
C ALA DA 80 -5.75 -61.92 -16.50
N SER DA 81 -7.01 -61.58 -16.20
CA SER DA 81 -7.97 -61.31 -17.28
C SER DA 81 -7.52 -60.11 -18.12
N GLU DA 82 -7.10 -59.03 -17.45
CA GLU DA 82 -6.65 -57.85 -18.19
C GLU DA 82 -5.40 -58.14 -19.01
N LEU DA 83 -4.59 -59.11 -18.57
CA LEU DA 83 -3.41 -59.49 -19.34
C LEU DA 83 -3.79 -60.08 -20.69
N GLU DA 84 -4.89 -60.81 -20.77
CA GLU DA 84 -5.29 -61.46 -22.00
C GLU DA 84 -5.64 -60.45 -23.11
N ILE DA 85 -5.91 -59.20 -22.75
CA ILE DA 85 -6.24 -58.18 -23.75
C ILE DA 85 -5.07 -57.93 -24.68
N LEU DA 86 -3.86 -58.25 -24.27
CA LEU DA 86 -2.66 -58.00 -25.05
C LEU DA 86 -2.22 -59.21 -25.89
N MET DA 87 -3.05 -60.25 -25.97
CA MET DA 87 -2.65 -61.44 -26.71
C MET DA 87 -2.38 -61.13 -28.17
N MET DA 88 -3.23 -60.31 -28.79
CA MET DA 88 -3.10 -59.98 -30.21
C MET DA 88 -2.22 -58.75 -30.44
N HIS DA 89 -1.64 -58.18 -29.39
CA HIS DA 89 -0.78 -57.00 -29.52
C HIS DA 89 0.55 -57.23 -28.81
N ASN DA 90 1.00 -58.49 -28.75
CA ASN DA 90 2.21 -58.81 -28.01
C ASN DA 90 3.48 -58.30 -28.69
N ARG DA 91 3.40 -57.94 -29.97
CA ARG DA 91 4.54 -57.33 -30.65
C ARG DA 91 4.56 -55.81 -30.53
N THR DA 92 3.50 -55.22 -30.00
CA THR DA 92 3.41 -53.76 -29.84
C THR DA 92 3.37 -53.33 -28.39
N TYR DA 93 2.58 -54.00 -27.55
CA TYR DA 93 2.37 -53.61 -26.17
C TYR DA 93 2.98 -54.61 -25.22
N CYS DA 94 3.66 -54.10 -24.20
CA CYS DA 94 4.17 -54.91 -23.10
C CYS DA 94 3.36 -54.59 -21.84
N ALA DA 95 3.21 -55.60 -20.99
CA ALA DA 95 2.44 -55.45 -19.76
C ALA DA 95 3.34 -55.02 -18.60
N GLU DA 96 2.78 -54.23 -17.70
CA GLU DA 96 3.42 -53.91 -16.43
C GLU DA 96 2.40 -54.17 -15.32
N ILE DA 97 2.77 -55.01 -14.36
CA ILE DA 97 1.86 -55.33 -13.26
C ILE DA 97 1.73 -54.11 -12.35
N ALA DA 98 0.50 -53.83 -11.94
CA ALA DA 98 0.25 -52.66 -11.10
C ALA DA 98 0.99 -52.77 -9.78
N HIS DA 99 1.41 -51.62 -9.25
CA HIS DA 99 2.30 -51.59 -8.09
C HIS DA 99 1.69 -52.29 -6.88
N ASN DA 100 0.36 -52.30 -6.77
CA ASN DA 100 -0.31 -52.77 -5.57
C ASN DA 100 -0.84 -54.20 -5.68
N VAL DA 101 -0.46 -54.93 -6.73
CA VAL DA 101 -0.88 -56.32 -6.87
C VAL DA 101 -0.06 -57.19 -5.93
N SER DA 102 -0.72 -58.14 -5.27
CA SER DA 102 -0.04 -59.00 -4.33
C SER DA 102 0.93 -59.93 -5.04
N THR DA 103 1.92 -60.41 -4.28
CA THR DA 103 2.91 -61.33 -4.85
C THR DA 103 2.25 -62.62 -5.32
N ARG DA 104 1.22 -63.08 -4.61
CA ARG DA 104 0.52 -64.30 -5.01
C ARG DA 104 -0.14 -64.14 -6.38
N LYS DA 105 -0.78 -63.00 -6.62
CA LYS DA 105 -1.42 -62.76 -7.90
C LYS DA 105 -0.43 -62.39 -8.99
N ARG DA 106 0.77 -61.94 -8.63
CA ARG DA 106 1.80 -61.67 -9.63
C ARG DA 106 2.30 -62.96 -10.27
N LYS DA 107 2.39 -64.04 -9.49
CA LYS DA 107 2.82 -65.32 -10.03
C LYS DA 107 1.86 -65.80 -11.11
N GLU DA 108 0.56 -65.66 -10.88
CA GLU DA 108 -0.42 -66.04 -11.88
C GLU DA 108 -0.28 -65.21 -13.14
N ILE DA 109 -0.09 -63.89 -12.99
CA ILE DA 109 0.05 -63.03 -14.16
C ILE DA 109 1.31 -63.37 -14.93
N VAL DA 110 2.43 -63.55 -14.23
CA VAL DA 110 3.69 -63.86 -14.89
C VAL DA 110 3.59 -65.19 -15.63
N GLU DA 111 3.00 -66.20 -14.99
CA GLU DA 111 2.85 -67.50 -15.64
C GLU DA 111 1.97 -67.39 -16.88
N ARG DA 112 0.87 -66.65 -16.78
CA ARG DA 112 -0.03 -66.49 -17.92
C ARG DA 112 0.65 -65.73 -19.05
N ALA DA 113 1.45 -64.72 -18.72
CA ALA DA 113 2.13 -63.94 -19.75
C ALA DA 113 3.14 -64.78 -20.51
N ALA DA 114 3.79 -65.74 -19.85
CA ALA DA 114 4.70 -66.62 -20.55
C ALA DA 114 3.97 -67.47 -21.59
N GLN DA 115 2.77 -67.94 -21.25
CA GLN DA 115 2.00 -68.72 -22.21
C GLN DA 115 1.56 -67.88 -23.40
N LEU DA 116 1.25 -66.61 -23.18
CA LEU DA 116 0.82 -65.72 -24.24
C LEU DA 116 1.96 -64.98 -24.92
N ASP DA 117 3.20 -65.20 -24.48
CA ASP DA 117 4.37 -64.52 -25.03
C ASP DA 117 4.21 -63.00 -24.93
N VAL DA 118 3.69 -62.55 -23.78
CA VAL DA 118 3.52 -61.13 -23.50
C VAL DA 118 4.66 -60.67 -22.62
N VAL DA 119 5.34 -59.59 -23.03
CA VAL DA 119 6.47 -59.08 -22.26
C VAL DA 119 5.95 -58.44 -20.97
N ILE DA 120 6.63 -58.73 -19.86
CA ILE DA 120 6.34 -58.13 -18.56
C ILE DA 120 7.54 -57.29 -18.16
N THR DA 121 7.31 -56.01 -17.90
CA THR DA 121 8.42 -55.09 -17.62
C THR DA 121 8.98 -55.30 -16.22
N ASN DA 122 8.14 -55.67 -15.25
CA ASN DA 122 8.54 -55.79 -13.85
C ASN DA 122 8.18 -57.18 -13.31
N LYS DA 123 8.57 -58.22 -14.03
CA LYS DA 123 8.18 -59.58 -13.66
C LYS DA 123 8.91 -60.08 -12.42
N LEU DA 124 10.02 -59.46 -12.03
CA LEU DA 124 10.77 -59.89 -10.86
C LEU DA 124 10.34 -59.17 -9.59
N ALA DA 125 9.28 -58.38 -9.65
CA ALA DA 125 8.88 -57.56 -8.51
C ALA DA 125 8.39 -58.43 -7.35
N ARG DA 126 8.85 -58.09 -6.15
CA ARG DA 126 8.39 -58.67 -4.89
C ARG DA 126 8.08 -60.17 -5.02
N LEU DA 127 9.11 -60.93 -5.40
CA LEU DA 127 9.05 -62.38 -5.37
C LEU DA 127 10.09 -63.00 -4.46
N HIS DA 128 11.01 -62.21 -3.90
CA HIS DA 128 12.04 -62.73 -3.01
C HIS DA 128 11.47 -62.93 -1.60
N VAL EA 2 73.45 -43.21 -32.19
CA VAL EA 2 72.69 -44.13 -31.34
C VAL EA 2 72.16 -43.37 -30.12
N LYS EA 3 70.93 -43.69 -29.72
CA LYS EA 3 70.31 -43.08 -28.55
C LYS EA 3 69.88 -44.07 -27.50
N GLY EA 4 69.50 -45.29 -27.86
CA GLY EA 4 68.99 -46.23 -26.89
C GLY EA 4 67.60 -45.93 -26.41
N ARG EA 5 66.84 -45.12 -27.15
CA ARG EA 5 65.50 -44.74 -26.74
C ARG EA 5 64.57 -45.95 -26.75
N GLN EA 6 63.61 -45.93 -25.84
CA GLN EA 6 62.51 -46.90 -25.82
C GLN EA 6 61.22 -46.17 -26.13
N GLY EA 7 60.49 -46.66 -27.12
CA GLY EA 7 59.26 -46.01 -27.53
C GLY EA 7 58.82 -46.54 -28.88
N GLU EA 8 57.79 -45.90 -29.43
CA GLU EA 8 57.29 -46.27 -30.74
C GLU EA 8 58.42 -46.23 -31.76
N ARG EA 9 58.53 -47.29 -32.55
CA ARG EA 9 59.59 -47.39 -33.55
C ARG EA 9 59.19 -46.78 -34.89
N ILE EA 10 57.91 -46.69 -35.18
CA ILE EA 10 57.40 -46.07 -36.41
C ILE EA 10 56.31 -45.08 -36.03
N ARG EA 11 56.37 -43.90 -36.63
CA ARG EA 11 55.33 -42.87 -36.44
C ARG EA 11 54.67 -42.64 -37.80
N LEU EA 12 53.40 -43.03 -37.90
CA LEU EA 12 52.60 -42.84 -39.12
C LEU EA 12 51.51 -41.79 -38.92
N TYR EA 13 51.77 -40.80 -38.07
CA TYR EA 13 50.82 -39.74 -37.80
C TYR EA 13 51.60 -38.47 -37.51
N VAL EA 14 50.89 -37.34 -37.60
CA VAL EA 14 51.44 -36.04 -37.23
C VAL EA 14 50.64 -35.51 -36.06
N ARG EA 15 51.26 -34.69 -35.24
CA ARG EA 15 50.61 -34.16 -34.06
C ARG EA 15 49.76 -32.94 -34.40
N GLY EA 16 48.63 -32.82 -33.75
CA GLY EA 16 47.78 -31.65 -33.88
C GLY EA 16 47.35 -31.14 -32.53
N THR EA 17 47.30 -29.82 -32.39
CA THR EA 17 46.96 -29.18 -31.14
C THR EA 17 45.48 -28.81 -31.12
N VAL EA 18 44.81 -29.13 -30.02
CA VAL EA 18 43.41 -28.76 -29.83
C VAL EA 18 43.36 -27.30 -29.37
N LEU EA 19 42.87 -26.42 -30.23
CA LEU EA 19 42.85 -25.00 -29.94
C LEU EA 19 41.59 -24.56 -29.21
N GLY EA 20 40.48 -25.26 -29.41
CA GLY EA 20 39.22 -24.88 -28.82
C GLY EA 20 38.07 -25.36 -29.70
N TYR EA 21 36.93 -24.70 -29.52
CA TYR EA 21 35.73 -25.02 -30.27
C TYR EA 21 35.42 -23.92 -31.27
N LYS EA 22 34.61 -24.27 -32.27
CA LYS EA 22 34.03 -23.25 -33.14
C LYS EA 22 33.23 -22.28 -32.28
N ARG EA 23 33.49 -20.98 -32.45
CA ARG EA 23 32.93 -20.01 -31.54
C ARG EA 23 32.90 -18.63 -32.18
N SER EA 24 32.10 -17.76 -31.59
CA SER EA 24 32.07 -16.34 -31.86
C SER EA 24 32.62 -15.58 -30.65
N LYS EA 25 32.54 -14.26 -30.71
CA LYS EA 25 32.92 -13.45 -29.55
C LYS EA 25 32.08 -13.75 -28.33
N SER EA 26 30.87 -14.28 -28.51
CA SER EA 26 29.94 -14.44 -27.40
C SER EA 26 29.23 -15.79 -27.35
N ASN EA 27 29.51 -16.72 -28.26
CA ASN EA 27 28.88 -18.03 -28.26
C ASN EA 27 29.90 -19.10 -28.62
N GLN EA 28 29.64 -20.31 -28.16
CA GLN EA 28 30.54 -21.45 -28.36
C GLN EA 28 29.74 -22.63 -28.86
N TYR EA 29 30.34 -23.41 -29.77
CA TYR EA 29 29.67 -24.54 -30.41
C TYR EA 29 30.55 -25.77 -30.23
N PRO EA 30 30.37 -26.50 -29.12
CA PRO EA 30 31.28 -27.61 -28.81
C PRO EA 30 31.22 -28.78 -29.79
N ASN EA 31 30.18 -28.87 -30.63
CA ASN EA 31 30.09 -29.98 -31.56
C ASN EA 31 31.17 -29.94 -32.64
N THR EA 32 31.89 -28.82 -32.76
CA THR EA 32 33.00 -28.70 -33.70
C THR EA 32 34.22 -28.20 -32.96
N SER EA 33 35.38 -28.80 -33.27
CA SER EA 33 36.64 -28.44 -32.64
C SER EA 33 37.60 -27.88 -33.67
N LEU EA 34 38.44 -26.94 -33.23
CA LEU EA 34 39.47 -26.34 -34.08
C LEU EA 34 40.80 -27.00 -33.74
N ILE EA 35 41.43 -27.59 -34.75
CA ILE EA 35 42.68 -28.32 -34.59
C ILE EA 35 43.74 -27.68 -35.47
N GLN EA 36 44.92 -27.45 -34.91
CA GLN EA 36 46.08 -27.01 -35.67
C GLN EA 36 46.98 -28.21 -35.90
N ILE EA 37 47.26 -28.50 -37.16
CA ILE EA 37 48.09 -29.64 -37.56
C ILE EA 37 49.50 -29.14 -37.78
N GLU EA 38 50.47 -29.78 -37.11
CA GLU EA 38 51.86 -29.36 -37.24
C GLU EA 38 52.31 -29.51 -38.69
N GLY EA 39 52.92 -28.44 -39.22
CA GLY EA 39 53.44 -28.42 -40.56
C GLY EA 39 52.49 -27.85 -41.60
N VAL EA 40 51.22 -27.68 -41.26
CA VAL EA 40 50.21 -27.16 -42.19
C VAL EA 40 50.03 -25.69 -41.88
N ASN EA 41 50.41 -24.82 -42.82
CA ASN EA 41 50.42 -23.39 -42.62
C ASN EA 41 49.52 -22.61 -43.56
N THR EA 42 48.76 -23.28 -44.42
CA THR EA 42 47.88 -22.59 -45.36
C THR EA 42 46.62 -23.41 -45.56
N LYS EA 43 45.57 -22.72 -46.03
CA LYS EA 43 44.31 -23.40 -46.35
C LYS EA 43 44.50 -24.40 -47.49
N GLU EA 44 45.35 -24.07 -48.46
CA GLU EA 44 45.57 -24.99 -49.58
C GLU EA 44 46.19 -26.30 -49.12
N GLU EA 45 47.16 -26.25 -48.20
CA GLU EA 45 47.77 -27.46 -47.69
C GLU EA 45 46.78 -28.32 -46.91
N VAL EA 46 45.70 -27.74 -46.40
CA VAL EA 46 44.73 -28.49 -45.61
C VAL EA 46 44.01 -29.52 -46.46
N ASP EA 47 43.93 -29.29 -47.78
CA ASP EA 47 43.14 -30.18 -48.63
C ASP EA 47 43.64 -31.62 -48.56
N TRP EA 48 44.94 -31.82 -48.33
CA TRP EA 48 45.47 -33.18 -48.25
C TRP EA 48 44.93 -33.93 -47.06
N TYR EA 49 44.64 -33.23 -45.96
CA TYR EA 49 44.21 -33.86 -44.72
C TYR EA 49 42.70 -34.00 -44.60
N LEU EA 50 41.93 -33.51 -45.56
CA LEU EA 50 40.48 -33.57 -45.46
C LEU EA 50 40.02 -35.02 -45.41
N GLY EA 51 39.18 -35.34 -44.42
CA GLY EA 51 38.69 -36.69 -44.23
C GLY EA 51 39.61 -37.58 -43.43
N LYS EA 52 40.84 -37.16 -43.15
CA LYS EA 52 41.76 -38.01 -42.41
C LYS EA 52 41.26 -38.26 -41.00
N ARG EA 53 41.52 -39.46 -40.50
CA ARG EA 53 41.06 -39.85 -39.18
C ARG EA 53 41.90 -39.19 -38.08
N LEU EA 54 41.24 -38.83 -36.99
CA LEU EA 54 41.87 -38.19 -35.85
C LEU EA 54 41.68 -39.04 -34.61
N GLY EA 55 42.69 -39.06 -33.74
CA GLY EA 55 42.61 -39.78 -32.49
C GLY EA 55 43.05 -38.94 -31.31
N TYR EA 56 42.16 -38.77 -30.33
CA TYR EA 56 42.46 -38.05 -29.09
C TYR EA 56 42.66 -39.09 -28.00
N ILE EA 57 43.94 -39.36 -27.67
CA ILE EA 57 44.30 -40.36 -26.69
C ILE EA 57 44.59 -39.67 -25.37
N TYR EA 58 43.96 -40.15 -24.30
CA TYR EA 58 44.16 -39.61 -22.96
C TYR EA 58 44.12 -40.75 -21.96
N LYS EA 59 44.48 -40.44 -20.72
CA LYS EA 59 44.58 -41.43 -19.66
C LYS EA 59 43.47 -41.20 -18.63
N ALA EA 60 42.75 -42.26 -18.30
CA ALA EA 60 41.75 -42.25 -17.23
C ALA EA 60 42.31 -42.94 -15.99
N LYS EA 61 41.63 -42.73 -14.87
CA LYS EA 61 42.12 -43.27 -13.60
C LYS EA 61 41.87 -44.77 -13.49
N THR EA 62 40.73 -45.26 -13.99
CA THR EA 62 40.41 -46.67 -13.92
C THR EA 62 40.93 -47.41 -15.14
N LYS EA 63 40.92 -48.74 -15.06
CA LYS EA 63 41.37 -49.60 -16.14
C LYS EA 63 40.18 -50.16 -16.88
N LYS EA 64 40.19 -49.99 -18.20
CA LYS EA 64 39.18 -50.55 -19.09
C LYS EA 64 39.89 -51.39 -20.14
N ASN EA 65 39.50 -52.66 -20.26
CA ASN EA 65 40.19 -53.61 -21.13
C ASN EA 65 41.68 -53.71 -20.76
N ASN EA 66 41.97 -53.60 -19.47
CA ASN EA 66 43.34 -53.73 -18.95
C ASN EA 66 44.24 -52.59 -19.43
N SER EA 67 43.71 -51.37 -19.40
CA SER EA 67 44.49 -50.21 -19.81
C SER EA 67 43.86 -48.95 -19.25
N HIS EA 68 44.71 -47.96 -18.96
CA HIS EA 68 44.25 -46.64 -18.54
C HIS EA 68 44.02 -45.70 -19.72
N TYR EA 69 44.39 -46.10 -20.93
CA TYR EA 69 44.23 -45.24 -22.10
C TYR EA 69 42.79 -45.25 -22.59
N ARG EA 70 42.35 -44.08 -23.06
CA ARG EA 70 41.07 -43.92 -23.73
C ARG EA 70 41.30 -43.19 -25.04
N CYS EA 71 40.48 -43.51 -26.04
CA CYS EA 71 40.59 -42.88 -27.36
C CYS EA 71 39.22 -42.40 -27.81
N ILE EA 72 39.17 -41.16 -28.27
CA ILE EA 72 37.99 -40.59 -28.91
C ILE EA 72 38.36 -40.32 -30.37
N TRP EA 73 37.60 -40.89 -31.29
CA TRP EA 73 37.90 -40.81 -32.70
C TRP EA 73 37.18 -39.63 -33.35
N GLY EA 74 37.83 -39.08 -34.38
CA GLY EA 74 37.25 -38.00 -35.15
C GLY EA 74 37.88 -37.96 -36.53
N LYS EA 75 37.61 -36.89 -37.25
CA LYS EA 75 38.18 -36.71 -38.58
C LYS EA 75 38.20 -35.23 -38.93
N VAL EA 76 39.03 -34.90 -39.91
CA VAL EA 76 39.13 -33.54 -40.42
C VAL EA 76 38.00 -33.30 -41.39
N CYS EA 77 37.21 -32.24 -41.15
CA CYS EA 77 36.03 -31.95 -41.96
C CYS EA 77 36.26 -30.86 -42.99
N ARG EA 78 36.77 -29.70 -42.58
CA ARG EA 78 36.98 -28.59 -43.48
C ARG EA 78 38.05 -27.67 -42.89
N PRO EA 79 38.69 -26.85 -43.72
CA PRO EA 79 39.64 -25.88 -43.18
C PRO EA 79 38.95 -24.74 -42.44
N HIS EA 80 39.71 -24.09 -41.57
CA HIS EA 80 39.24 -22.97 -40.78
C HIS EA 80 40.21 -21.82 -40.94
N GLY EA 81 39.72 -20.70 -41.47
CA GLY EA 81 40.59 -19.55 -41.70
C GLY EA 81 41.52 -19.76 -42.88
N ASN EA 82 42.63 -19.00 -42.85
CA ASN EA 82 43.59 -19.00 -43.93
C ASN EA 82 44.95 -19.56 -43.55
N SER EA 83 45.17 -19.91 -42.27
CA SER EA 83 46.49 -20.25 -41.77
C SER EA 83 46.63 -21.74 -41.45
N GLY EA 84 45.83 -22.60 -42.07
CA GLY EA 84 45.99 -24.03 -41.93
C GLY EA 84 45.23 -24.67 -40.80
N VAL EA 85 44.50 -23.91 -39.98
CA VAL EA 85 43.65 -24.51 -38.97
C VAL EA 85 42.50 -25.25 -39.65
N VAL EA 86 42.01 -26.29 -39.00
CA VAL EA 86 40.96 -27.13 -39.55
C VAL EA 86 39.85 -27.28 -38.52
N ARG EA 87 38.65 -27.60 -39.02
CA ARG EA 87 37.52 -27.94 -38.18
C ARG EA 87 37.39 -29.45 -38.14
N ALA EA 88 37.19 -30.01 -36.94
CA ALA EA 88 37.14 -31.44 -36.74
C ALA EA 88 35.92 -31.83 -35.94
N LYS EA 89 35.38 -33.00 -36.25
CA LYS EA 89 34.25 -33.57 -35.52
C LYS EA 89 34.64 -34.92 -34.96
N PHE EA 90 34.22 -35.17 -33.72
CA PHE EA 90 34.53 -36.41 -33.02
C PHE EA 90 33.23 -37.14 -32.67
N LYS EA 91 33.34 -38.43 -32.37
CA LYS EA 91 32.16 -39.21 -32.01
C LYS EA 91 31.41 -38.57 -30.86
N SER EA 92 32.14 -37.97 -29.93
CA SER EA 92 31.55 -37.14 -28.88
C SER EA 92 32.35 -35.84 -28.82
N ASN EA 93 31.67 -34.76 -28.42
CA ASN EA 93 32.34 -33.48 -28.31
C ASN EA 93 33.51 -33.59 -27.33
N LEU EA 94 34.66 -33.07 -27.73
CA LEU EA 94 35.83 -33.12 -26.86
C LEU EA 94 35.58 -32.29 -25.59
N PRO EA 95 36.10 -32.74 -24.45
CA PRO EA 95 35.94 -31.97 -23.22
C PRO EA 95 36.83 -30.73 -23.25
N PRO EA 96 36.45 -29.66 -22.55
CA PRO EA 96 37.33 -28.48 -22.48
C PRO EA 96 38.69 -28.80 -21.90
N LYS EA 97 38.82 -29.84 -21.10
CA LYS EA 97 40.10 -30.26 -20.56
C LYS EA 97 41.12 -30.56 -21.65
N SER EA 98 40.66 -30.92 -22.85
CA SER EA 98 41.57 -31.28 -23.94
C SER EA 98 42.19 -30.06 -24.62
N MET EA 99 41.75 -28.85 -24.29
CA MET EA 99 42.36 -27.67 -24.88
C MET EA 99 43.85 -27.63 -24.55
N GLY EA 100 44.67 -27.41 -25.58
CA GLY EA 100 46.11 -27.47 -25.44
C GLY EA 100 46.70 -28.86 -25.52
N ALA EA 101 45.87 -29.90 -25.49
CA ALA EA 101 46.36 -31.26 -25.64
C ALA EA 101 46.65 -31.56 -27.10
N LYS EA 102 47.24 -32.72 -27.34
CA LYS EA 102 47.65 -33.14 -28.67
C LYS EA 102 46.78 -34.30 -29.15
N VAL EA 103 46.55 -34.34 -30.46
CA VAL EA 103 45.84 -35.44 -31.10
C VAL EA 103 46.71 -35.97 -32.23
N ARG EA 104 46.46 -37.22 -32.59
CA ARG EA 104 47.19 -37.88 -33.68
C ARG EA 104 46.38 -37.75 -34.96
N VAL EA 105 47.02 -37.22 -36.00
CA VAL EA 105 46.41 -37.07 -37.31
C VAL EA 105 47.00 -38.18 -38.19
N PHE EA 106 46.22 -39.22 -38.43
CA PHE EA 106 46.69 -40.37 -39.20
C PHE EA 106 46.65 -40.06 -40.70
N MET EA 107 47.33 -40.91 -41.46
CA MET EA 107 47.42 -40.75 -42.91
C MET EA 107 46.35 -41.52 -43.66
N TYR EA 108 45.43 -42.16 -42.95
CA TYR EA 108 44.30 -42.88 -43.55
C TYR EA 108 42.99 -42.24 -43.10
N PRO EA 109 41.92 -42.39 -43.90
CA PRO EA 109 41.86 -43.09 -45.18
C PRO EA 109 42.64 -42.39 -46.28
N SER EA 110 43.30 -43.17 -47.13
CA SER EA 110 44.26 -42.65 -48.09
C SER EA 110 43.62 -42.51 -49.46
N ASN EA 111 43.85 -41.36 -50.08
CA ASN EA 111 43.44 -41.12 -51.47
C ASN EA 111 44.63 -41.16 -52.43
N ILE EA 112 45.83 -41.44 -51.93
CA ILE EA 112 47.02 -41.48 -52.79
C ILE EA 112 47.62 -42.88 -52.80
N VAL FA 2 17.49 1.58 74.09
CA VAL FA 2 16.33 1.71 74.95
C VAL FA 2 15.16 0.91 74.36
N GLN FA 3 14.29 0.41 75.23
CA GLN FA 3 13.14 -0.34 74.78
C GLN FA 3 12.17 0.57 74.04
N ARG FA 4 11.69 0.10 72.89
CA ARG FA 4 10.69 0.81 72.10
C ARG FA 4 9.37 0.03 72.15
N LEU FA 5 8.27 0.75 71.99
CA LEU FA 5 6.94 0.23 72.23
C LEU FA 5 6.16 0.08 70.94
N THR FA 6 5.02 -0.60 71.05
CA THR FA 6 4.06 -0.73 69.97
C THR FA 6 2.66 -0.58 70.55
N TYR FA 7 1.72 -0.21 69.69
CA TYR FA 7 0.32 -0.20 70.08
C TYR FA 7 -0.12 -1.61 70.46
N ARG FA 8 -0.94 -1.71 71.49
CA ARG FA 8 -1.47 -3.00 71.95
C ARG FA 8 -2.75 -3.40 71.25
N LYS FA 9 -3.34 -2.52 70.47
CA LYS FA 9 -4.54 -2.80 69.69
C LYS FA 9 -4.20 -2.66 68.20
N ARG FA 10 -5.22 -2.82 67.36
CA ARG FA 10 -5.05 -2.63 65.93
C ARG FA 10 -5.31 -1.18 65.50
N HIS FA 11 -5.37 -0.25 66.44
CA HIS FA 11 -5.44 1.17 66.13
C HIS FA 11 -4.02 1.68 65.88
N SER FA 12 -3.73 2.07 64.65
CA SER FA 12 -2.37 2.40 64.24
C SER FA 12 -2.16 3.91 64.04
N TYR FA 13 -3.15 4.74 64.33
CA TYR FA 13 -3.05 6.17 64.10
C TYR FA 13 -3.23 6.92 65.41
N ALA FA 14 -2.45 8.00 65.58
CA ALA FA 14 -2.38 8.73 66.85
C ALA FA 14 -3.55 9.72 66.94
N THR FA 15 -4.75 9.16 67.05
CA THR FA 15 -5.94 9.96 67.23
C THR FA 15 -6.13 10.30 68.71
N LYS FA 16 -7.03 11.24 68.97
CA LYS FA 16 -7.29 11.65 70.35
C LYS FA 16 -7.77 10.48 71.21
N SER FA 17 -8.49 9.54 70.63
CA SER FA 17 -8.97 8.37 71.35
C SER FA 17 -7.93 7.26 71.43
N ASN FA 18 -6.76 7.45 70.83
CA ASN FA 18 -5.67 6.46 70.88
C ASN FA 18 -4.51 6.95 71.74
N GLN FA 19 -4.81 7.78 72.74
CA GLN FA 19 -3.79 8.27 73.65
C GLN FA 19 -3.38 7.18 74.64
N HIS FA 20 -2.15 7.29 75.15
CA HIS FA 20 -1.57 6.23 75.96
C HIS FA 20 -0.58 6.84 76.96
N ARG FA 21 -0.28 6.05 77.99
CA ARG FA 21 0.79 6.34 78.93
C ARG FA 21 1.71 5.13 78.98
N VAL FA 22 2.97 5.39 79.33
CA VAL FA 22 3.97 4.33 79.44
C VAL FA 22 4.05 3.88 80.89
N VAL FA 23 3.89 2.57 81.10
CA VAL FA 23 3.87 1.97 82.43
C VAL FA 23 4.96 0.90 82.48
N LYS FA 24 5.67 0.85 83.60
CA LYS FA 24 6.66 -0.20 83.85
C LYS FA 24 6.02 -1.27 84.73
N THR FA 25 5.98 -2.49 84.22
CA THR FA 25 5.31 -3.59 84.89
C THR FA 25 6.23 -4.27 85.89
N PRO FA 26 5.68 -5.09 86.78
CA PRO FA 26 6.55 -5.87 87.67
C PRO FA 26 7.50 -6.79 86.95
N GLY FA 27 7.26 -7.09 85.68
CA GLY FA 27 8.18 -7.87 84.88
C GLY FA 27 9.38 -7.11 84.36
N GLY FA 28 9.48 -5.82 84.65
CA GLY FA 28 10.63 -5.04 84.26
C GLY FA 28 10.61 -4.52 82.85
N LYS FA 29 9.44 -4.44 82.21
CA LYS FA 29 9.31 -3.99 80.83
C LYS FA 29 8.33 -2.84 80.73
N LEU FA 30 8.55 -1.98 79.76
CA LEU FA 30 7.62 -0.88 79.48
C LEU FA 30 6.50 -1.37 78.58
N ILE FA 31 5.31 -0.81 78.80
CA ILE FA 31 4.13 -1.19 78.02
C ILE FA 31 3.16 -0.03 78.02
N TYR FA 32 2.33 0.03 76.98
CA TYR FA 32 1.33 1.08 76.86
C TYR FA 32 0.05 0.70 77.59
N GLN FA 33 -0.64 1.71 78.09
CA GLN FA 33 -2.00 1.57 78.59
C GLN FA 33 -2.79 2.77 78.12
N THR FA 34 -3.85 2.51 77.34
CA THR FA 34 -4.63 3.61 76.77
C THR FA 34 -5.21 4.47 77.88
N THR FA 35 -5.11 5.78 77.70
CA THR FA 35 -5.64 6.76 78.66
C THR FA 35 -6.83 7.47 78.04
N LYS FA 36 -7.90 7.62 78.81
CA LYS FA 36 -9.09 8.28 78.31
C LYS FA 36 -8.85 9.78 78.13
N LYS FA 37 -9.58 10.36 77.18
CA LYS FA 37 -9.44 11.77 76.87
C LYS FA 37 -9.85 12.63 78.06
N ARG FA 38 -9.31 13.84 78.09
CA ARG FA 38 -9.68 14.82 79.11
C ARG FA 38 -11.15 15.21 78.95
N ALA FA 39 -11.82 15.38 80.09
CA ALA FA 39 -13.21 15.82 80.12
C ALA FA 39 -13.33 17.17 80.81
N ASN FA 40 -14.31 17.96 80.36
CA ASN FA 40 -14.47 19.31 80.88
C ASN FA 40 -15.13 19.32 82.26
N GLY FA 41 -16.09 18.43 82.50
CA GLY FA 41 -16.90 18.49 83.70
C GLY FA 41 -18.00 19.51 83.57
N PRO FA 42 -18.90 19.56 84.56
CA PRO FA 42 -20.03 20.50 84.48
C PRO FA 42 -19.56 21.94 84.45
N LYS FA 43 -20.32 22.78 83.74
CA LYS FA 43 -20.01 24.19 83.60
C LYS FA 43 -21.30 25.00 83.64
N CYS FA 44 -21.15 26.28 83.99
CA CYS FA 44 -22.30 27.16 84.08
C CYS FA 44 -22.88 27.43 82.69
N PRO FA 45 -24.20 27.64 82.59
CA PRO FA 45 -24.81 27.81 81.27
C PRO FA 45 -24.28 28.99 80.47
N VAL FA 46 -23.93 30.09 81.12
CA VAL FA 46 -23.56 31.34 80.44
C VAL FA 46 -22.09 31.67 80.66
N THR FA 47 -21.68 31.88 81.91
CA THR FA 47 -20.32 32.31 82.17
C THR FA 47 -19.29 31.26 81.75
N GLY FA 48 -19.67 29.98 81.78
CA GLY FA 48 -18.77 28.91 81.41
C GLY FA 48 -17.83 28.45 82.49
N LYS FA 49 -17.87 29.07 83.67
CA LYS FA 49 -17.03 28.62 84.78
C LYS FA 49 -17.48 27.25 85.26
N ARG FA 50 -16.53 26.50 85.82
CA ARG FA 50 -16.84 25.15 86.26
C ARG FA 50 -17.74 25.17 87.48
N ILE FA 51 -18.54 24.12 87.61
CA ILE FA 51 -19.39 23.92 88.79
C ILE FA 51 -18.54 23.23 89.86
N GLN FA 52 -18.41 23.87 91.01
CA GLN FA 52 -17.55 23.33 92.07
C GLN FA 52 -18.14 22.06 92.66
N GLY FA 53 -17.26 21.22 93.19
CA GLY FA 53 -17.66 20.04 93.93
C GLY FA 53 -17.96 18.80 93.11
N ILE FA 54 -17.75 18.84 91.80
CA ILE FA 54 -18.05 17.72 90.91
C ILE FA 54 -16.78 17.38 90.15
N PRO FA 55 -16.35 16.13 90.13
CA PRO FA 55 -15.13 15.77 89.39
C PRO FA 55 -15.35 15.82 87.89
N HIS FA 56 -14.24 15.88 87.16
CA HIS FA 56 -14.26 15.93 85.70
C HIS FA 56 -14.04 14.52 85.17
N LEU FA 57 -15.08 13.95 84.56
CA LEU FA 57 -15.07 12.57 84.11
C LEU FA 57 -15.74 12.46 82.76
N ARG FA 58 -15.46 11.35 82.06
CA ARG FA 58 -16.18 11.07 80.83
C ARG FA 58 -17.65 10.86 81.14
N PRO FA 59 -18.55 11.11 80.17
CA PRO FA 59 -19.99 11.00 80.46
C PRO FA 59 -20.40 9.66 81.05
N ALA FA 60 -19.85 8.55 80.57
CA ALA FA 60 -20.24 7.24 81.09
C ALA FA 60 -19.75 7.03 82.52
N GLU FA 61 -18.70 7.74 82.94
CA GLU FA 61 -18.18 7.59 84.29
C GLU FA 61 -19.05 8.29 85.34
N TYR FA 62 -20.00 9.12 84.93
CA TYR FA 62 -20.96 9.72 85.84
C TYR FA 62 -22.16 8.83 86.13
N LYS FA 63 -22.24 7.67 85.48
CA LYS FA 63 -23.40 6.81 85.63
C LYS FA 63 -23.61 6.46 87.10
N ARG FA 64 -24.88 6.49 87.54
CA ARG FA 64 -25.18 6.33 88.95
C ARG FA 64 -24.56 5.06 89.52
N SER FA 65 -24.57 3.97 88.74
CA SER FA 65 -24.01 2.72 89.21
C SER FA 65 -22.51 2.79 89.43
N ARG FA 66 -21.83 3.73 88.77
CA ARG FA 66 -20.38 3.81 88.82
C ARG FA 66 -19.85 4.97 89.67
N LEU FA 67 -20.71 5.87 90.12
CA LEU FA 67 -20.28 7.04 90.88
C LEU FA 67 -21.23 7.25 92.05
N SER FA 68 -20.66 7.49 93.23
CA SER FA 68 -21.47 7.73 94.42
C SER FA 68 -22.26 9.02 94.28
N ARG FA 69 -23.42 9.05 94.95
CA ARG FA 69 -24.35 10.15 94.77
C ARG FA 69 -23.75 11.48 95.21
N ASN FA 70 -22.98 11.48 96.31
CA ASN FA 70 -22.44 12.72 96.84
C ASN FA 70 -21.46 13.39 95.87
N ARG FA 71 -20.86 12.63 94.96
CA ARG FA 71 -19.88 13.20 94.04
C ARG FA 71 -20.50 13.84 92.80
N ARG FA 72 -21.79 13.64 92.57
CA ARG FA 72 -22.45 14.18 91.38
C ARG FA 72 -23.62 15.09 91.77
N THR FA 73 -23.57 15.69 92.95
CA THR FA 73 -24.62 16.59 93.40
C THR FA 73 -24.03 17.67 94.29
N VAL FA 74 -24.74 18.78 94.38
CA VAL FA 74 -24.42 19.87 95.30
C VAL FA 74 -25.67 20.20 96.09
N ASN FA 75 -25.56 20.24 97.42
CA ASN FA 75 -26.71 20.43 98.30
C ASN FA 75 -27.11 21.89 98.30
N ARG FA 76 -27.85 22.28 97.26
CA ARG FA 76 -28.38 23.62 97.11
C ARG FA 76 -29.32 23.64 95.93
N ALA FA 77 -30.25 24.59 95.94
CA ALA FA 77 -31.15 24.76 94.80
C ALA FA 77 -30.35 25.01 93.54
N TYR FA 78 -30.71 24.31 92.46
CA TYR FA 78 -29.96 24.33 91.21
C TYR FA 78 -28.53 23.83 91.39
N GLY FA 79 -28.32 22.99 92.40
CA GLY FA 79 -27.00 22.45 92.67
C GLY FA 79 -26.49 21.58 91.54
N GLY FA 80 -25.27 21.86 91.08
CA GLY FA 80 -24.71 21.16 89.94
C GLY FA 80 -25.07 21.75 88.60
N VAL FA 81 -25.98 22.74 88.56
CA VAL FA 81 -26.38 23.41 87.34
C VAL FA 81 -25.98 24.87 87.34
N LEU FA 82 -26.19 25.57 88.45
CA LEU FA 82 -25.82 26.96 88.61
C LEU FA 82 -24.85 27.11 89.76
N SER FA 83 -23.92 28.06 89.62
CA SER FA 83 -23.00 28.35 90.71
C SER FA 83 -23.75 29.02 91.87
N GLY FA 84 -23.05 29.14 93.00
CA GLY FA 84 -23.65 29.80 94.14
C GLY FA 84 -23.97 31.26 93.86
N SER FA 85 -23.07 31.95 93.16
CA SER FA 85 -23.31 33.35 92.82
C SER FA 85 -24.52 33.49 91.91
N ALA FA 86 -24.65 32.62 90.92
CA ALA FA 86 -25.79 32.70 90.00
C ALA FA 86 -27.11 32.46 90.73
N VAL FA 87 -27.13 31.48 91.64
CA VAL FA 87 -28.34 31.21 92.41
C VAL FA 87 -28.70 32.42 93.26
N ARG FA 88 -27.71 33.04 93.90
CA ARG FA 88 -27.97 34.23 94.69
C ARG FA 88 -28.56 35.35 93.85
N GLU FA 89 -28.01 35.54 92.64
CA GLU FA 89 -28.52 36.60 91.77
C GLU FA 89 -29.98 36.35 91.40
N ARG FA 90 -30.33 35.09 91.10
CA ARG FA 90 -31.70 34.78 90.71
C ARG FA 90 -32.67 34.98 91.87
N ILE FA 91 -32.29 34.59 93.07
CA ILE FA 91 -33.19 34.71 94.23
C ILE FA 91 -33.50 36.18 94.49
N ILE FA 92 -32.48 37.03 94.49
CA ILE FA 92 -32.69 38.45 94.72
C ILE FA 92 -33.53 39.05 93.59
N ARG FA 93 -33.23 38.67 92.35
CA ARG FA 93 -33.99 39.18 91.22
C ARG FA 93 -35.45 38.77 91.31
N ALA FA 94 -35.71 37.50 91.66
CA ALA FA 94 -37.08 37.03 91.77
C ALA FA 94 -37.84 37.79 92.85
N PHE FA 95 -37.20 38.03 93.99
CA PHE FA 95 -37.87 38.73 95.08
C PHE FA 95 -38.10 40.20 94.74
N LEU FA 96 -37.07 40.89 94.25
CA LEU FA 96 -37.20 42.32 93.96
C LEU FA 96 -38.18 42.58 92.83
N VAL FA 97 -38.13 41.76 91.77
CA VAL FA 97 -39.05 41.96 90.66
C VAL FA 97 -40.49 41.72 91.09
N GLU FA 98 -40.71 40.70 91.94
CA GLU FA 98 -42.06 40.44 92.43
C GLU FA 98 -42.55 41.59 93.31
N GLU FA 99 -41.66 42.15 94.14
CA GLU FA 99 -42.05 43.28 94.96
C GLU FA 99 -42.44 44.48 94.10
N GLN FA 100 -41.67 44.73 93.02
CA GLN FA 100 -41.99 45.85 92.15
C GLN FA 100 -43.34 45.68 91.49
N LYS FA 101 -43.73 44.43 91.17
CA LYS FA 101 -45.06 44.20 90.60
C LYS FA 101 -46.15 44.60 91.58
N ILE FA 102 -45.95 44.32 92.87
CA ILE FA 102 -46.93 44.72 93.87
C ILE FA 102 -47.04 46.24 93.92
N VAL FA 103 -45.92 46.94 93.83
CA VAL FA 103 -45.96 48.40 93.83
C VAL FA 103 -46.72 48.92 92.61
N LYS FA 104 -46.48 48.34 91.44
CA LYS FA 104 -47.21 48.75 90.25
C LYS FA 104 -48.70 48.50 90.41
N LYS FA 105 -49.07 47.33 90.95
CA LYS FA 105 -50.48 47.00 91.12
C LYS FA 105 -51.16 48.02 92.05
N VAL FA 106 -50.55 48.29 93.20
CA VAL FA 106 -51.13 49.24 94.14
C VAL FA 106 -51.17 50.64 93.53
N LEU FA 107 -50.11 51.01 92.81
CA LEU FA 107 -50.02 52.37 92.29
C LEU FA 107 -51.16 52.67 91.32
N LYS FA 108 -51.58 51.69 90.51
CA LYS FA 108 -52.66 51.90 89.57
C LYS FA 108 -54.04 51.86 90.23
N ILE FA 109 -54.16 51.29 91.42
CA ILE FA 109 -55.44 51.33 92.12
C ILE FA 109 -55.72 52.74 92.65
N GLN FA 110 -54.69 53.45 93.10
CA GLN FA 110 -54.89 54.81 93.59
C GLN FA 110 -55.30 55.75 92.46
N LYS FA 111 -54.79 55.52 91.25
CA LYS FA 111 -55.16 56.34 90.09
C LYS FA 111 -56.47 55.91 89.47
N ALA FA 112 -56.85 54.63 89.59
CA ALA FA 112 -58.10 54.15 89.01
C ALA FA 112 -59.30 54.81 89.67
N LYS FA 113 -59.25 54.98 91.00
CA LYS FA 113 -60.37 55.58 91.72
C LYS FA 113 -60.51 57.07 91.46
N GLU FA 114 -59.54 57.70 90.79
CA GLU FA 114 -59.58 59.14 90.54
C GLU FA 114 -60.69 59.42 89.52
N LYS FA 115 -61.82 59.89 90.01
CA LYS FA 115 -62.96 60.19 89.15
C LYS FA 115 -64.08 60.87 89.93
N ALA GA 2 -30.51 -58.91 60.19
CA ALA GA 2 -29.20 -58.43 59.78
C ALA GA 2 -29.24 -56.92 59.50
N ARG GA 3 -29.63 -56.55 58.28
CA ARG GA 3 -29.73 -55.15 57.89
C ARG GA 3 -31.18 -54.69 58.00
N ILE GA 4 -31.38 -53.39 57.84
CA ILE GA 4 -32.70 -52.78 57.96
C ILE GA 4 -33.51 -53.10 56.72
N LYS GA 5 -34.74 -53.57 56.93
CA LYS GA 5 -35.69 -53.82 55.85
C LYS GA 5 -36.84 -52.83 55.97
N VAL GA 6 -37.11 -52.10 54.88
CA VAL GA 6 -38.07 -51.00 54.94
C VAL GA 6 -39.46 -51.52 55.25
N HIS GA 7 -39.87 -52.62 54.61
CA HIS GA 7 -41.22 -53.14 54.83
C HIS GA 7 -41.44 -53.52 56.29
N GLU GA 8 -40.36 -53.88 57.01
CA GLU GA 8 -40.48 -54.15 58.43
C GLU GA 8 -40.62 -52.88 59.24
N LEU GA 9 -40.00 -51.78 58.80
CA LEU GA 9 -40.13 -50.52 59.52
C LEU GA 9 -41.57 -50.01 59.49
N ARG GA 10 -42.26 -50.19 58.37
CA ARG GA 10 -43.61 -49.66 58.24
C ARG GA 10 -44.59 -50.32 59.20
N ASN GA 11 -44.25 -51.48 59.75
CA ASN GA 11 -45.10 -52.14 60.72
C ASN GA 11 -44.83 -51.70 62.15
N LYS GA 12 -43.76 -50.92 62.38
CA LYS GA 12 -43.45 -50.45 63.72
C LYS GA 12 -44.29 -49.23 64.07
N SER GA 13 -44.42 -48.98 65.37
CA SER GA 13 -45.14 -47.82 65.85
C SER GA 13 -44.26 -46.57 65.77
N LYS GA 14 -44.89 -45.42 66.00
CA LYS GA 14 -44.16 -44.16 65.90
C LYS GA 14 -43.05 -44.07 66.94
N THR GA 15 -43.31 -44.52 68.17
CA THR GA 15 -42.29 -44.47 69.21
C THR GA 15 -41.11 -45.36 68.87
N GLU GA 16 -41.36 -46.55 68.32
CA GLU GA 16 -40.28 -47.47 68.00
C GLU GA 16 -39.35 -46.87 66.95
N LEU GA 17 -39.90 -46.21 65.94
CA LEU GA 17 -39.07 -45.62 64.91
C LEU GA 17 -38.15 -44.54 65.49
N LEU GA 18 -38.69 -43.70 66.38
CA LEU GA 18 -37.86 -42.69 67.04
C LEU GA 18 -36.78 -43.34 67.89
N ALA GA 19 -37.12 -44.40 68.62
CA ALA GA 19 -36.13 -45.10 69.43
C ALA GA 19 -35.04 -45.70 68.55
N GLN GA 20 -35.42 -46.34 67.45
CA GLN GA 20 -34.42 -46.90 66.54
C GLN GA 20 -33.59 -45.80 65.90
N LEU GA 21 -34.22 -44.67 65.54
CA LEU GA 21 -33.47 -43.56 64.98
C LEU GA 21 -32.44 -43.04 65.98
N LYS GA 22 -32.81 -42.97 67.26
CA LYS GA 22 -31.87 -42.53 68.28
C LYS GA 22 -30.66 -43.46 68.34
N ASP GA 23 -30.89 -44.78 68.29
CA ASP GA 23 -29.79 -45.72 68.34
C ASP GA 23 -28.89 -45.60 67.12
N LEU GA 24 -29.47 -45.44 65.94
CA LEU GA 24 -28.66 -45.34 64.72
C LEU GA 24 -27.76 -44.12 64.75
N LYS GA 25 -28.29 -42.98 65.19
CA LYS GA 25 -27.47 -41.77 65.26
C LYS GA 25 -26.33 -41.93 66.26
N ALA GA 26 -26.61 -42.56 67.40
CA ALA GA 26 -25.54 -42.81 68.38
C ALA GA 26 -24.50 -43.75 67.79
N GLU GA 27 -24.93 -44.76 67.05
CA GLU GA 27 -23.97 -45.68 66.41
C GLU GA 27 -23.12 -44.95 65.39
N LEU GA 28 -23.73 -44.06 64.60
CA LEU GA 28 -22.97 -43.31 63.60
C LEU GA 28 -21.95 -42.39 64.26
N ALA GA 29 -22.26 -41.84 65.43
CA ALA GA 29 -21.31 -40.99 66.13
C ALA GA 29 -20.05 -41.76 66.50
N LEU GA 30 -20.21 -43.01 66.96
CA LEU GA 30 -19.04 -43.81 67.28
C LEU GA 30 -18.18 -44.07 66.05
N LEU GA 31 -18.82 -44.35 64.91
CA LEU GA 31 -18.07 -44.59 63.68
C LEU GA 31 -17.28 -43.35 63.27
N ARG GA 32 -17.87 -42.16 63.46
CA ARG GA 32 -17.15 -40.93 63.15
C ARG GA 32 -15.90 -40.80 64.02
N VAL GA 33 -16.01 -41.16 65.30
CA VAL GA 33 -14.84 -41.15 66.17
C VAL GA 33 -13.79 -42.12 65.66
N ALA GA 34 -14.22 -43.33 65.26
CA ALA GA 34 -13.26 -44.30 64.74
C ALA GA 34 -12.58 -43.81 63.48
N LYS GA 35 -13.28 -43.01 62.67
CA LYS GA 35 -12.70 -42.51 61.43
C LYS GA 35 -11.52 -41.58 61.68
N VAL GA 36 -11.55 -40.84 62.79
CA VAL GA 36 -10.47 -39.91 63.11
C VAL GA 36 -9.43 -40.52 64.05
N THR GA 37 -9.72 -41.66 64.67
CA THR GA 37 -8.79 -42.35 65.54
C THR GA 37 -8.12 -43.54 64.85
N GLY GA 38 -8.02 -43.51 63.54
CA GLY GA 38 -7.38 -44.59 62.80
C GLY GA 38 -8.12 -45.91 62.94
N GLY GA 39 -9.44 -45.88 62.78
CA GLY GA 39 -10.22 -47.10 62.91
C GLY GA 39 -9.92 -48.08 61.79
N ALA GA 40 -10.29 -49.34 62.05
CA ALA GA 40 -10.00 -50.41 61.09
C ALA GA 40 -10.76 -50.16 59.79
N PRO GA 41 -10.20 -50.57 58.64
CA PRO GA 41 -10.91 -50.34 57.37
C PRO GA 41 -12.29 -50.97 57.34
N ASN GA 42 -12.47 -52.13 57.97
CA ASN GA 42 -13.78 -52.76 57.98
C ASN GA 42 -14.80 -51.90 58.72
N LYS GA 43 -14.37 -51.21 59.77
CA LYS GA 43 -15.29 -50.35 60.52
C LYS GA 43 -15.61 -49.07 59.77
N LEU GA 44 -14.71 -48.61 58.91
CA LEU GA 44 -14.99 -47.43 58.09
C LEU GA 44 -16.02 -47.71 57.01
N SER GA 45 -16.14 -48.97 56.58
CA SER GA 45 -17.16 -49.33 55.60
C SER GA 45 -18.56 -49.37 56.21
N LYS GA 46 -18.66 -49.45 57.54
CA LYS GA 46 -19.95 -49.47 58.20
C LYS GA 46 -20.62 -48.10 58.23
N ILE GA 47 -19.87 -47.03 57.98
CA ILE GA 47 -20.45 -45.69 57.96
C ILE GA 47 -21.52 -45.59 56.88
N LYS GA 48 -21.21 -46.12 55.69
CA LYS GA 48 -22.17 -46.08 54.59
C LYS GA 48 -23.45 -46.83 54.95
N VAL GA 49 -23.32 -47.99 55.60
CA VAL GA 49 -24.49 -48.77 55.95
C VAL GA 49 -25.36 -48.02 56.96
N VAL GA 50 -24.75 -47.45 57.99
CA VAL GA 50 -25.50 -46.76 59.02
C VAL GA 50 -26.16 -45.50 58.46
N ARG GA 51 -25.45 -44.79 57.57
CA ARG GA 51 -26.05 -43.61 56.94
C ARG GA 51 -27.29 -44.00 56.14
N LEU GA 52 -27.24 -45.12 55.43
CA LEU GA 52 -28.41 -45.59 54.71
C LEU GA 52 -29.56 -45.91 55.66
N SER GA 53 -29.25 -46.54 56.80
CA SER GA 53 -30.30 -46.90 57.76
C SER GA 53 -30.99 -45.66 58.32
N ILE GA 54 -30.21 -44.63 58.65
CA ILE GA 54 -30.80 -43.41 59.20
C ILE GA 54 -31.74 -42.76 58.19
N ALA GA 55 -31.32 -42.69 56.93
CA ALA GA 55 -32.18 -42.10 55.90
C ALA GA 55 -33.45 -42.91 55.73
N GLN GA 56 -33.35 -44.25 55.76
CA GLN GA 56 -34.54 -45.08 55.60
C GLN GA 56 -35.54 -44.85 56.73
N VAL GA 57 -35.06 -44.77 57.96
CA VAL GA 57 -35.96 -44.56 59.10
C VAL GA 57 -36.63 -43.19 58.99
N LEU GA 58 -35.86 -42.16 58.65
CA LEU GA 58 -36.44 -40.83 58.49
C LEU GA 58 -37.47 -40.81 57.36
N THR GA 59 -37.19 -41.53 56.26
CA THR GA 59 -38.14 -41.59 55.15
C THR GA 59 -39.47 -42.20 55.59
N VAL GA 60 -39.41 -43.30 56.34
CA VAL GA 60 -40.63 -43.95 56.78
C VAL GA 60 -41.41 -43.03 57.73
N ILE GA 61 -40.70 -42.34 58.63
CA ILE GA 61 -41.37 -41.45 59.56
C ILE GA 61 -42.06 -40.32 58.81
N SER GA 62 -41.37 -39.71 57.86
CA SER GA 62 -41.96 -38.59 57.11
C SER GA 62 -43.12 -39.05 56.25
N GLN GA 63 -43.00 -40.22 55.63
CA GLN GA 63 -44.09 -40.72 54.79
C GLN GA 63 -45.34 -40.98 55.62
N LYS GA 64 -45.18 -41.60 56.79
CA LYS GA 64 -46.32 -41.84 57.66
C LYS GA 64 -46.94 -40.53 58.13
N GLN GA 65 -46.09 -39.57 58.52
CA GLN GA 65 -46.61 -38.28 58.98
C GLN GA 65 -47.38 -37.57 57.88
N LYS GA 66 -46.84 -37.55 56.66
CA LYS GA 66 -47.55 -36.90 55.56
C LYS GA 66 -48.85 -37.62 55.24
N ALA GA 67 -48.84 -38.95 55.26
CA ALA GA 67 -50.04 -39.70 54.94
C ALA GA 67 -51.15 -39.41 55.95
N ALA GA 68 -50.80 -39.36 57.24
CA ALA GA 68 -51.81 -39.07 58.25
C ALA GA 68 -52.38 -37.67 58.08
N LEU GA 69 -51.52 -36.69 57.77
CA LEU GA 69 -51.98 -35.32 57.59
C LEU GA 69 -52.94 -35.22 56.41
N ARG GA 70 -52.62 -35.88 55.30
CA ARG GA 70 -53.50 -35.83 54.14
C ARG GA 70 -54.87 -36.41 54.46
N GLU GA 71 -54.94 -37.39 55.36
CA GLU GA 71 -56.22 -37.95 55.76
C GLU GA 71 -56.99 -37.01 56.67
N VAL GA 72 -56.29 -36.24 57.50
CA VAL GA 72 -56.96 -35.29 58.38
C VAL GA 72 -57.65 -34.21 57.57
N TYR GA 73 -56.98 -33.70 56.53
CA TYR GA 73 -57.51 -32.61 55.72
C TYR GA 73 -58.32 -33.11 54.53
N LYS GA 74 -58.53 -34.42 54.41
CA LYS GA 74 -59.38 -34.93 53.35
C LYS GA 74 -60.79 -34.39 53.52
N ASN GA 75 -61.38 -33.94 52.40
CA ASN GA 75 -62.72 -33.37 52.33
C ASN GA 75 -62.82 -32.00 52.99
N LYS GA 76 -61.71 -31.39 53.37
CA LYS GA 76 -61.72 -30.01 53.84
C LYS GA 76 -61.55 -29.05 52.67
N LYS GA 77 -62.13 -27.86 52.80
CA LYS GA 77 -62.07 -26.89 51.71
C LYS GA 77 -60.66 -26.33 51.54
N TYR GA 78 -60.00 -25.97 52.63
CA TYR GA 78 -58.69 -25.35 52.61
C TYR GA 78 -57.64 -26.30 53.18
N LEU GA 79 -56.59 -26.54 52.41
CA LEU GA 79 -55.50 -27.42 52.80
C LEU GA 79 -54.20 -26.62 52.95
N PRO GA 80 -53.27 -27.09 53.78
CA PRO GA 80 -51.95 -26.44 53.82
C PRO GA 80 -51.27 -26.48 52.46
N LEU GA 81 -50.54 -25.42 52.15
CA LEU GA 81 -49.96 -25.28 50.81
C LEU GA 81 -49.07 -26.47 50.46
N ASP GA 82 -48.39 -27.06 51.44
CA ASP GA 82 -47.51 -28.18 51.16
C ASP GA 82 -48.30 -29.41 50.71
N LEU GA 83 -49.54 -29.56 51.17
CA LEU GA 83 -50.35 -30.71 50.81
C LEU GA 83 -51.20 -30.49 49.56
N ARG GA 84 -51.27 -29.26 49.05
CA ARG GA 84 -52.03 -29.01 47.84
C ARG GA 84 -51.26 -29.52 46.62
N PRO GA 85 -51.96 -29.87 45.53
CA PRO GA 85 -51.25 -30.31 44.34
C PRO GA 85 -50.30 -29.25 43.82
N LYS GA 86 -49.13 -29.70 43.34
CA LYS GA 86 -48.12 -28.78 42.82
C LYS GA 86 -48.42 -28.43 41.37
N LYS GA 87 -48.37 -29.43 40.49
CA LYS GA 87 -48.56 -29.24 39.05
C LYS GA 87 -47.66 -28.08 38.60
N THR GA 88 -48.20 -27.08 37.92
CA THR GA 88 -47.44 -25.89 37.55
C THR GA 88 -48.25 -24.66 37.90
N ARG GA 89 -47.57 -23.51 37.95
CA ARG GA 89 -48.26 -22.26 38.26
C ARG GA 89 -49.40 -22.01 37.28
N ALA GA 90 -49.12 -22.12 35.98
CA ALA GA 90 -50.14 -21.83 34.98
C ALA GA 90 -51.32 -22.79 35.10
N ILE GA 91 -51.06 -24.08 35.34
CA ILE GA 91 -52.14 -25.04 35.43
C ILE GA 91 -53.04 -24.76 36.63
N ARG GA 92 -52.44 -24.28 37.73
CA ARG GA 92 -53.25 -23.99 38.92
C ARG GA 92 -54.16 -22.80 38.72
N LYS GA 93 -53.76 -21.82 37.89
CA LYS GA 93 -54.59 -20.64 37.66
C LYS GA 93 -55.69 -20.87 36.64
N ARG GA 94 -55.71 -22.03 35.98
CA ARG GA 94 -56.67 -22.27 34.91
C ARG GA 94 -58.11 -22.31 35.44
N LEU GA 95 -59.05 -21.94 34.59
CA LEU GA 95 -60.45 -22.17 34.88
C LEU GA 95 -60.73 -23.66 34.98
N THR GA 96 -61.64 -24.02 35.88
CA THR GA 96 -61.99 -25.42 36.04
C THR GA 96 -62.65 -25.94 34.76
N LYS GA 97 -62.82 -27.26 34.70
CA LYS GA 97 -63.43 -27.87 33.53
C LYS GA 97 -64.86 -27.36 33.34
N HIS GA 98 -65.61 -27.25 34.44
CA HIS GA 98 -66.98 -26.75 34.35
C HIS GA 98 -67.00 -25.29 33.89
N GLN GA 99 -66.09 -24.47 34.41
CA GLN GA 99 -66.09 -23.05 34.07
C GLN GA 99 -65.76 -22.83 32.60
N SER GA 100 -64.83 -23.61 32.05
CA SER GA 100 -64.45 -23.45 30.65
C SER GA 100 -65.60 -23.76 29.70
N SER GA 101 -66.52 -24.64 30.12
CA SER GA 101 -67.62 -25.08 29.27
C SER GA 101 -68.89 -24.27 29.50
N LEU GA 102 -68.85 -23.23 30.33
CA LEU GA 102 -70.03 -22.42 30.57
C LEU GA 102 -70.39 -21.63 29.32
N LYS GA 103 -71.70 -21.55 29.03
CA LYS GA 103 -72.20 -20.86 27.86
C LYS GA 103 -73.49 -20.14 28.21
N THR GA 104 -73.86 -19.18 27.37
CA THR GA 104 -75.09 -18.44 27.58
C THR GA 104 -76.31 -19.32 27.27
N GLU GA 105 -77.48 -18.85 27.69
CA GLU GA 105 -78.69 -19.62 27.50
C GLU GA 105 -78.99 -19.84 26.02
N ARG GA 106 -78.81 -18.81 25.19
CA ARG GA 106 -79.07 -18.97 23.77
C ARG GA 106 -78.13 -19.99 23.15
N GLU GA 107 -76.86 -20.00 23.56
CA GLU GA 107 -75.92 -20.99 23.07
C GLU GA 107 -76.34 -22.40 23.48
N LYS GA 108 -76.85 -22.55 24.71
CA LYS GA 108 -77.36 -23.86 25.13
C LYS GA 108 -78.53 -24.31 24.26
N LYS GA 109 -79.44 -23.38 23.94
CA LYS GA 109 -80.61 -23.74 23.15
C LYS GA 109 -80.22 -24.11 21.72
N LYS GA 110 -79.20 -23.44 21.17
CA LYS GA 110 -78.75 -23.78 19.82
C LYS GA 110 -78.21 -25.20 19.78
N GLU GA 111 -77.45 -25.60 20.81
CA GLU GA 111 -76.93 -26.96 20.86
C GLU GA 111 -78.05 -27.99 20.90
N MET GA 112 -79.17 -27.66 21.55
CA MET GA 112 -80.27 -28.61 21.65
C MET GA 112 -81.16 -28.56 20.40
N TYR GA 113 -81.52 -27.37 19.95
CA TYR GA 113 -82.45 -27.25 18.83
C TYR GA 113 -81.80 -27.68 17.52
N PHE GA 114 -80.58 -27.20 17.26
CA PHE GA 114 -79.92 -27.39 15.97
C PHE GA 114 -78.50 -27.89 16.18
N PRO GA 115 -78.33 -29.10 16.69
CA PRO GA 115 -77.00 -29.70 16.73
C PRO GA 115 -76.58 -30.23 15.36
N LEU GA 116 -75.28 -30.45 15.24
CA LEU GA 116 -74.77 -31.09 14.03
C LEU GA 116 -75.43 -32.45 13.84
N ARG GA 117 -75.90 -32.71 12.63
CA ARG GA 117 -76.61 -33.95 12.33
C ARG GA 117 -75.71 -34.91 11.57
N LYS GA 118 -75.97 -36.20 11.74
CA LYS GA 118 -75.29 -37.24 10.99
C LYS GA 118 -76.03 -37.47 9.69
N TYR GA 119 -75.29 -37.42 8.58
CA TYR GA 119 -75.90 -37.52 7.26
C TYR GA 119 -74.87 -38.04 6.28
N ALA GA 120 -75.36 -38.48 5.12
CA ALA GA 120 -74.49 -38.99 4.06
C ALA GA 120 -75.11 -38.64 2.71
N ILE GA 121 -74.26 -38.65 1.69
CA ILE GA 121 -74.68 -38.35 0.32
C ILE GA 121 -74.74 -39.66 -0.46
N LYS GA 122 -75.89 -39.92 -1.06
CA LYS GA 122 -76.07 -41.15 -1.84
C LYS GA 122 -75.12 -41.16 -3.03
N VAL GA 123 -74.51 -42.32 -3.26
CA VAL GA 123 -73.61 -42.48 -4.39
C VAL GA 123 -74.41 -42.71 -5.67
N LYS HA 4 -82.52 3.00 -14.39
CA LYS HA 4 -82.02 1.65 -14.14
C LYS HA 4 -82.82 0.64 -14.96
N GLN HA 5 -82.74 0.78 -16.28
CA GLN HA 5 -83.46 -0.10 -17.19
C GLN HA 5 -82.74 -1.43 -17.33
N PRO HA 6 -83.42 -2.45 -17.86
CA PRO HA 6 -82.73 -3.71 -18.15
C PRO HA 6 -81.61 -3.51 -19.16
N ASN HA 7 -80.58 -4.33 -19.04
CA ASN HA 7 -79.42 -4.22 -19.92
C ASN HA 7 -79.82 -4.46 -21.37
N THR HA 8 -79.18 -3.73 -22.29
CA THR HA 8 -79.49 -3.84 -23.70
C THR HA 8 -78.90 -5.08 -24.35
N GLY HA 9 -77.92 -5.72 -23.69
CA GLY HA 9 -77.24 -6.85 -24.27
C GLY HA 9 -76.03 -6.51 -25.11
N ILE HA 10 -75.69 -5.22 -25.23
CA ILE HA 10 -74.51 -4.78 -25.96
C ILE HA 10 -73.45 -4.39 -24.95
N SER HA 11 -72.18 -4.46 -25.38
CA SER HA 11 -71.06 -4.22 -24.49
C SER HA 11 -70.70 -2.75 -24.35
N VAL HA 12 -71.32 -1.87 -25.14
CA VAL HA 12 -71.08 -0.43 -25.08
C VAL HA 12 -72.42 0.29 -25.02
N GLY HA 13 -72.36 1.61 -24.84
CA GLY HA 13 -73.56 2.42 -24.84
C GLY HA 13 -74.24 2.45 -23.49
N LEU HA 14 -75.35 3.18 -23.45
CA LEU HA 14 -76.14 3.29 -22.23
C LEU HA 14 -76.84 1.97 -21.93
N ASN HA 15 -76.93 1.63 -20.64
CA ASN HA 15 -77.58 0.40 -20.19
C ASN HA 15 -76.91 -0.84 -20.79
N LYS HA 16 -75.59 -0.79 -20.95
CA LYS HA 16 -74.85 -1.93 -21.47
C LYS HA 16 -74.80 -3.04 -20.43
N GLY HA 17 -74.53 -4.25 -20.91
CA GLY HA 17 -74.32 -5.40 -20.05
C GLY HA 17 -75.06 -6.63 -20.54
N HIS HA 18 -74.72 -7.75 -19.91
CA HIS HA 18 -75.34 -9.02 -20.24
C HIS HA 18 -76.82 -9.00 -19.91
N VAL HA 19 -77.64 -9.53 -20.81
CA VAL HA 19 -79.09 -9.54 -20.60
C VAL HA 19 -79.41 -10.47 -19.43
N VAL HA 20 -80.18 -9.96 -18.47
CA VAL HA 20 -80.53 -10.73 -17.28
C VAL HA 20 -81.82 -10.17 -16.73
N THR HA 21 -82.61 -11.03 -16.09
CA THR HA 21 -83.87 -10.63 -15.50
C THR HA 21 -83.59 -10.04 -14.12
N LYS HA 22 -83.67 -8.71 -14.01
CA LYS HA 22 -83.41 -8.05 -12.74
C LYS HA 22 -84.61 -8.16 -11.83
N LYS HA 23 -84.33 -8.24 -10.52
CA LYS HA 23 -85.37 -8.29 -9.51
C LYS HA 23 -84.97 -7.39 -8.35
N GLU HA 24 -85.97 -6.90 -7.63
CA GLU HA 24 -85.71 -6.07 -6.46
C GLU HA 24 -85.08 -6.91 -5.35
N LEU HA 25 -84.09 -6.32 -4.68
CA LEU HA 25 -83.47 -7.01 -3.55
C LEU HA 25 -84.48 -7.23 -2.45
N ALA HA 26 -84.38 -8.38 -1.78
CA ALA HA 26 -85.31 -8.69 -0.71
C ALA HA 26 -85.14 -7.67 0.42
N PRO HA 27 -86.22 -7.27 1.09
CA PRO HA 27 -86.09 -6.30 2.18
C PRO HA 27 -85.21 -6.84 3.30
N ARG HA 28 -84.44 -5.94 3.90
CA ARG HA 28 -83.52 -6.29 4.97
C ARG HA 28 -83.80 -5.44 6.21
N PRO HA 29 -83.51 -5.95 7.41
CA PRO HA 29 -83.67 -5.12 8.60
C PRO HA 29 -82.84 -3.85 8.57
N SER HA 30 -81.65 -3.91 7.94
CA SER HA 30 -80.78 -2.75 7.89
C SER HA 30 -81.32 -1.64 6.99
N ASP HA 31 -82.40 -1.90 6.23
CA ASP HA 31 -82.96 -0.85 5.39
C ASP HA 31 -83.44 0.34 6.21
N ARG HA 32 -83.92 0.11 7.44
CA ARG HA 32 -84.36 1.20 8.31
C ARG HA 32 -83.24 1.73 9.20
N LYS HA 33 -81.99 1.55 8.79
CA LYS HA 33 -80.89 2.19 9.50
C LYS HA 33 -81.03 3.71 9.40
N GLY HA 34 -80.75 4.40 10.50
CA GLY HA 34 -80.96 5.83 10.58
C GLY HA 34 -82.33 6.22 11.09
N LYS HA 35 -83.23 5.26 11.27
CA LYS HA 35 -84.55 5.50 11.86
C LYS HA 35 -84.58 4.91 13.26
N THR HA 36 -85.10 5.69 14.21
CA THR HA 36 -85.22 5.27 15.60
C THR HA 36 -86.68 5.11 15.96
N SER HA 37 -86.92 4.55 17.15
CA SER HA 37 -88.27 4.37 17.64
C SER HA 37 -88.87 5.71 18.06
N LYS HA 38 -90.18 5.70 18.30
CA LYS HA 38 -90.84 6.90 18.80
C LYS HA 38 -90.30 7.31 20.17
N ARG HA 39 -89.93 6.34 21.00
CA ARG HA 39 -89.40 6.66 22.32
C ARG HA 39 -88.10 7.45 22.22
N ILE HA 40 -87.21 7.05 21.30
CA ILE HA 40 -85.92 7.74 21.18
C ILE HA 40 -86.14 9.20 20.80
N HIS HA 41 -87.04 9.45 19.86
CA HIS HA 41 -87.38 10.83 19.51
C HIS HA 41 -87.95 11.57 20.71
N PHE HA 42 -88.80 10.89 21.49
CA PHE HA 42 -89.35 11.49 22.69
C PHE HA 42 -88.24 11.83 23.70
N VAL HA 43 -87.29 10.92 23.89
CA VAL HA 43 -86.21 11.14 24.85
C VAL HA 43 -85.34 12.32 24.41
N ARG HA 44 -84.97 12.35 23.12
CA ARG HA 44 -84.10 13.41 22.63
C ARG HA 44 -84.79 14.77 22.71
N SER HA 45 -86.09 14.81 22.43
CA SER HA 45 -86.83 16.06 22.54
C SER HA 45 -86.83 16.57 23.98
N LEU HA 46 -87.05 15.68 24.95
CA LEU HA 46 -87.07 16.09 26.34
C LEU HA 46 -85.71 16.62 26.78
N ILE HA 47 -84.64 15.92 26.42
CA ILE HA 47 -83.31 16.33 26.84
C ILE HA 47 -82.94 17.68 26.23
N ARG HA 48 -83.43 17.97 25.02
CA ARG HA 48 -83.19 19.27 24.43
C ARG HA 48 -83.75 20.38 25.31
N GLU HA 49 -84.96 20.18 25.86
CA GLU HA 49 -85.54 21.17 26.75
C GLU HA 49 -84.70 21.34 28.01
N VAL HA 50 -84.23 20.23 28.58
CA VAL HA 50 -83.44 20.31 29.82
C VAL HA 50 -82.07 20.89 29.54
N ALA HA 51 -81.43 20.48 28.45
CA ALA HA 51 -80.06 20.88 28.17
C ALA HA 51 -79.98 22.25 27.50
N GLY HA 52 -80.91 22.56 26.61
CA GLY HA 52 -80.83 23.79 25.85
C GLY HA 52 -79.97 23.65 24.61
N PHE HA 53 -79.43 24.78 24.17
CA PHE HA 53 -78.62 24.85 22.96
C PHE HA 53 -77.20 25.28 23.30
N ALA HA 54 -76.26 24.88 22.44
CA ALA HA 54 -74.85 25.19 22.64
C ALA HA 54 -74.55 26.63 22.25
N PRO HA 55 -73.42 27.18 22.72
CA PRO HA 55 -73.11 28.58 22.39
C PRO HA 55 -73.05 28.88 20.90
N TYR HA 56 -72.49 27.98 20.09
CA TYR HA 56 -72.40 28.24 18.66
C TYR HA 56 -73.77 28.14 17.99
N GLU HA 57 -74.63 27.26 18.50
CA GLU HA 57 -76.00 27.19 17.97
C GLU HA 57 -76.75 28.49 18.26
N LYS HA 58 -76.53 29.09 19.43
CA LYS HA 58 -77.11 30.39 19.72
C LYS HA 58 -76.62 31.43 18.72
N ARG HA 59 -75.33 31.37 18.37
CA ARG HA 59 -74.80 32.31 17.39
C ARG HA 59 -75.47 32.12 16.03
N ILE HA 60 -75.74 30.88 15.63
CA ILE HA 60 -76.38 30.64 14.35
C ILE HA 60 -77.78 31.24 14.31
N THR HA 61 -78.56 31.00 15.36
CA THR HA 61 -79.93 31.50 15.36
C THR HA 61 -79.99 33.02 15.43
N GLU HA 62 -79.03 33.65 16.11
CA GLU HA 62 -78.99 35.11 16.13
C GLU HA 62 -78.77 35.67 14.73
N LEU HA 63 -77.91 35.02 13.94
CA LEU HA 63 -77.71 35.45 12.56
C LEU HA 63 -78.95 35.25 11.72
N LEU HA 64 -79.71 34.18 11.96
CA LEU HA 64 -80.92 33.93 11.20
C LEU HA 64 -82.03 34.92 11.55
N LYS HA 65 -81.97 35.55 12.73
CA LYS HA 65 -82.96 36.55 13.08
C LYS HA 65 -82.75 37.83 12.28
N VAL HA 66 -81.49 38.20 12.03
CA VAL HA 66 -81.18 39.41 11.29
C VAL HA 66 -81.15 39.12 9.80
N GLY HA 67 -81.47 37.88 9.42
CA GLY HA 67 -81.54 37.51 8.03
C GLY HA 67 -80.20 37.25 7.36
N LYS HA 68 -79.13 37.11 8.13
CA LYS HA 68 -77.80 36.83 7.55
C LYS HA 68 -77.66 35.32 7.35
N ASP HA 69 -78.45 34.81 6.41
CA ASP HA 69 -78.45 33.37 6.14
C ASP HA 69 -77.08 32.91 5.64
N LYS HA 70 -76.47 33.67 4.73
CA LYS HA 70 -75.18 33.27 4.18
C LYS HA 70 -74.11 33.20 5.27
N ARG HA 71 -74.06 34.22 6.13
CA ARG HA 71 -73.08 34.22 7.20
C ARG HA 71 -73.36 33.13 8.22
N ALA HA 72 -74.64 32.82 8.46
CA ALA HA 72 -74.98 31.76 9.39
C ALA HA 72 -74.44 30.41 8.90
N LEU HA 73 -74.55 30.15 7.60
CA LEU HA 73 -74.05 28.90 7.05
C LEU HA 73 -72.53 28.82 7.15
N LYS HA 74 -71.84 29.93 6.90
CA LYS HA 74 -70.38 29.93 6.98
C LYS HA 74 -69.92 29.66 8.40
N VAL HA 75 -70.60 30.22 9.40
CA VAL HA 75 -70.28 29.92 10.79
C VAL HA 75 -70.52 28.45 11.08
N ALA HA 76 -71.61 27.89 10.57
CA ALA HA 76 -71.91 26.49 10.79
C ALA HA 76 -70.83 25.58 10.17
N LYS HA 77 -70.39 25.90 8.96
CA LYS HA 77 -69.38 25.08 8.31
C LYS HA 77 -68.05 25.16 9.04
N ARG HA 78 -67.67 26.35 9.51
CA ARG HA 78 -66.43 26.48 10.27
C ARG HA 78 -66.49 25.67 11.55
N LYS HA 79 -67.64 25.65 12.22
CA LYS HA 79 -67.80 24.91 13.46
C LYS HA 79 -67.91 23.41 13.21
N LEU HA 80 -68.92 23.00 12.42
CA LEU HA 80 -69.15 21.57 12.22
C LEU HA 80 -68.12 20.96 11.29
N GLY HA 81 -67.74 21.68 10.24
CA GLY HA 81 -66.64 21.23 9.38
C GLY HA 81 -67.00 20.97 7.94
N THR HA 82 -68.19 20.40 7.69
CA THR HA 82 -68.60 20.04 6.34
C THR HA 82 -69.81 20.88 5.93
N HIS HA 83 -69.90 21.14 4.62
CA HIS HA 83 -71.04 21.86 4.09
C HIS HA 83 -72.33 21.08 4.29
N LYS HA 84 -72.27 19.75 4.14
CA LYS HA 84 -73.46 18.92 4.29
C LYS HA 84 -74.04 19.05 5.70
N ARG HA 85 -73.17 18.95 6.71
CA ARG HA 85 -73.63 19.12 8.09
C ARG HA 85 -74.00 20.56 8.39
N ALA HA 86 -73.30 21.51 7.79
CA ALA HA 86 -73.55 22.93 8.08
C ALA HA 86 -74.95 23.34 7.66
N LYS HA 87 -75.36 22.94 6.45
CA LYS HA 87 -76.68 23.35 5.96
C LYS HA 87 -77.79 22.58 6.66
N LYS HA 88 -77.52 21.34 7.09
CA LYS HA 88 -78.49 20.62 7.91
C LYS HA 88 -78.67 21.29 9.26
N LYS HA 89 -77.56 21.75 9.86
CA LYS HA 89 -77.65 22.45 11.13
C LYS HA 89 -78.40 23.77 11.00
N ARG HA 90 -78.17 24.50 9.91
CA ARG HA 90 -78.88 25.76 9.71
C ARG HA 90 -80.38 25.55 9.59
N GLU HA 91 -80.79 24.51 8.88
CA GLU HA 91 -82.21 24.22 8.75
C GLU HA 91 -82.81 23.87 10.11
N GLU HA 92 -82.06 23.14 10.94
CA GLU HA 92 -82.54 22.82 12.28
C GLU HA 92 -82.78 24.09 13.10
N MET HA 93 -81.84 25.04 13.03
CA MET HA 93 -82.01 26.28 13.76
C MET HA 93 -83.17 27.09 13.20
N SER HA 94 -83.36 27.08 11.87
CA SER HA 94 -84.49 27.76 11.28
C SER HA 94 -85.81 27.16 11.74
N SER HA 95 -85.88 25.83 11.82
CA SER HA 95 -87.09 25.17 12.30
C SER HA 95 -87.38 25.56 13.74
N VAL HA 96 -86.35 25.60 14.59
CA VAL HA 96 -86.54 26.01 15.98
C VAL HA 96 -87.06 27.45 16.03
N LEU HA 97 -86.45 28.34 15.24
CA LEU HA 97 -86.88 29.73 15.24
C LEU HA 97 -88.25 29.89 14.58
N ARG HA 98 -88.53 29.09 13.54
CA ARG HA 98 -89.76 29.26 12.80
C ARG HA 98 -90.99 29.02 13.68
N LYS HA 99 -90.94 27.98 14.50
CA LYS HA 99 -92.05 27.67 15.41
C LYS HA 99 -91.92 28.36 16.75
N MET HA 100 -90.84 29.13 16.97
CA MET HA 100 -90.71 29.93 18.17
C MET HA 100 -91.33 31.31 17.99
N ARG HA 101 -91.11 31.94 16.83
CA ARG HA 101 -91.75 33.21 16.54
C ARG HA 101 -93.25 33.08 16.42
N ALA HA 102 -93.76 31.87 16.17
CA ALA HA 102 -95.19 31.61 16.08
C ALA HA 102 -95.80 31.24 17.42
N THR HA 103 -95.17 31.63 18.52
CA THR HA 103 -95.67 31.32 19.85
C THR HA 103 -95.47 32.51 20.79
N GLY IA 2 5.09 9.92 35.84
CA GLY IA 2 4.53 9.24 36.99
C GLY IA 2 3.22 8.54 36.70
N LYS IA 3 2.65 8.81 35.51
CA LYS IA 3 1.35 8.25 35.14
C LYS IA 3 1.39 6.73 34.99
N GLY IA 4 2.57 6.15 34.79
CA GLY IA 4 2.67 4.72 34.54
C GLY IA 4 2.94 3.91 35.78
N THR IA 5 4.16 3.36 35.87
CA THR IA 5 4.48 2.41 36.94
C THR IA 5 4.20 3.00 38.31
N GLY IA 6 4.62 4.25 38.55
CA GLY IA 6 4.42 4.85 39.84
C GLY IA 6 2.96 4.94 40.24
N SER IA 7 2.11 5.29 39.28
CA SER IA 7 0.68 5.41 39.56
C SER IA 7 0.05 4.07 39.89
N PHE IA 8 0.54 2.98 39.29
CA PHE IA 8 0.00 1.66 39.59
C PHE IA 8 0.26 1.26 41.03
N GLY IA 9 1.16 1.93 41.73
CA GLY IA 9 1.43 1.61 43.12
C GLY IA 9 0.26 1.85 44.05
N LYS IA 10 -0.68 2.72 43.66
CA LYS IA 10 -1.82 3.08 44.50
C LYS IA 10 -3.05 2.31 44.03
N ARG IA 11 -3.18 1.09 44.51
CA ARG IA 11 -4.26 0.18 44.12
C ARG IA 11 -4.81 -0.55 45.34
N ARG IA 12 -5.15 0.18 46.41
CA ARG IA 12 -5.61 -0.44 47.64
C ARG IA 12 -7.03 -0.02 48.02
N ASN IA 13 -7.83 0.48 47.08
CA ASN IA 13 -9.24 0.80 47.30
C ASN IA 13 -10.07 0.05 46.27
N LYS IA 14 -11.06 -0.72 46.73
CA LYS IA 14 -11.86 -1.56 45.85
C LYS IA 14 -13.06 -0.78 45.34
N THR IA 15 -13.17 -0.64 44.02
CA THR IA 15 -14.40 -0.10 43.42
C THR IA 15 -15.53 -1.12 43.50
N HIS IA 16 -15.24 -2.37 43.16
CA HIS IA 16 -16.25 -3.42 43.11
C HIS IA 16 -15.97 -4.49 44.15
N THR IA 17 -17.04 -5.04 44.73
CA THR IA 17 -16.98 -6.21 45.59
C THR IA 17 -17.83 -7.31 44.96
N LEU IA 18 -17.98 -8.42 45.68
CA LEU IA 18 -18.78 -9.54 45.15
C LEU IA 18 -20.26 -9.22 45.22
N CYS IA 19 -20.97 -9.49 44.13
CA CYS IA 19 -22.40 -9.26 44.06
C CYS IA 19 -23.15 -10.35 44.82
N VAL IA 20 -24.11 -9.94 45.65
CA VAL IA 20 -24.92 -10.91 46.39
C VAL IA 20 -25.74 -11.78 45.44
N ARG IA 21 -26.10 -11.26 44.27
CA ARG IA 21 -27.02 -11.97 43.39
C ARG IA 21 -26.30 -12.81 42.34
N CYS IA 22 -25.34 -12.23 41.62
CA CYS IA 22 -24.68 -12.92 40.51
C CYS IA 22 -23.30 -13.46 40.87
N GLY IA 23 -22.70 -13.01 41.98
CA GLY IA 23 -21.45 -13.57 42.45
C GLY IA 23 -20.21 -13.05 41.76
N ARG IA 24 -20.34 -12.18 40.77
CA ARG IA 24 -19.16 -11.58 40.15
C ARG IA 24 -18.61 -10.47 41.04
N ARG IA 25 -17.32 -10.19 40.85
CA ARG IA 25 -16.70 -9.04 41.51
C ARG IA 25 -17.04 -7.79 40.69
N SER IA 26 -18.32 -7.43 40.75
CA SER IA 26 -18.86 -6.35 39.92
C SER IA 26 -19.82 -5.45 40.68
N PHE IA 27 -19.94 -5.59 41.99
CA PHE IA 27 -20.87 -4.76 42.77
C PHE IA 27 -20.18 -3.44 43.12
N HIS IA 28 -20.50 -2.40 42.37
CA HIS IA 28 -19.92 -1.08 42.61
C HIS IA 28 -20.35 -0.57 43.98
N LEU IA 29 -19.39 -0.37 44.87
CA LEU IA 29 -19.72 -0.09 46.27
C LEU IA 29 -20.39 1.25 46.45
N GLN IA 30 -19.84 2.31 45.85
CA GLN IA 30 -20.39 3.64 46.06
C GLN IA 30 -21.73 3.81 45.35
N LYS IA 31 -21.91 3.20 44.19
CA LYS IA 31 -23.19 3.24 43.49
C LYS IA 31 -24.19 2.25 44.07
N SER IA 32 -23.75 1.31 44.91
CA SER IA 32 -24.62 0.26 45.44
C SER IA 32 -25.33 -0.47 44.30
N ARG IA 33 -24.58 -0.76 43.23
CA ARG IA 33 -25.16 -1.27 42.00
C ARG IA 33 -24.19 -2.23 41.35
N CYS IA 34 -24.69 -3.40 40.96
CA CYS IA 34 -23.88 -4.38 40.25
C CYS IA 34 -23.80 -4.03 38.77
N SER IA 35 -22.58 -3.95 38.25
CA SER IA 35 -22.39 -3.63 36.84
C SER IA 35 -22.66 -4.81 35.92
N ALA IA 36 -22.79 -6.01 36.47
CA ALA IA 36 -23.03 -7.22 35.67
C ALA IA 36 -24.50 -7.60 35.60
N CYS IA 37 -25.22 -7.57 36.73
CA CYS IA 37 -26.62 -7.98 36.76
C CYS IA 37 -27.56 -6.88 37.21
N ALA IA 38 -27.06 -5.69 37.54
CA ALA IA 38 -27.86 -4.53 37.94
C ALA IA 38 -28.59 -4.74 39.27
N TYR IA 39 -28.19 -5.73 40.06
CA TYR IA 39 -28.69 -5.81 41.42
C TYR IA 39 -28.36 -4.51 42.15
N PRO IA 40 -29.27 -3.98 42.97
CA PRO IA 40 -30.54 -4.52 43.47
C PRO IA 40 -31.78 -4.25 42.62
N ALA IA 41 -31.62 -3.83 41.36
CA ALA IA 41 -32.79 -3.68 40.49
C ALA IA 41 -33.51 -5.01 40.35
N ALA IA 42 -34.84 -4.97 40.37
CA ALA IA 42 -35.62 -6.21 40.37
C ALA IA 42 -35.34 -7.04 39.13
N ARG IA 43 -35.19 -6.40 37.98
CA ARG IA 43 -34.94 -7.10 36.73
C ARG IA 43 -33.44 -7.26 36.48
N LEU IA 44 -33.08 -8.38 35.85
CA LEU IA 44 -31.69 -8.64 35.52
C LEU IA 44 -31.23 -7.75 34.37
N ARG IA 45 -29.92 -7.53 34.32
CA ARG IA 45 -29.29 -6.73 33.28
C ARG IA 45 -29.01 -7.62 32.08
N SER IA 46 -29.67 -7.35 30.96
CA SER IA 46 -29.48 -8.12 29.73
C SER IA 46 -29.54 -7.18 28.54
N TYR IA 47 -28.69 -7.40 27.55
CA TYR IA 47 -28.63 -6.56 26.36
C TYR IA 47 -28.47 -7.43 25.13
N ASN IA 48 -29.27 -7.14 24.10
CA ASN IA 48 -29.20 -7.89 22.85
C ASN IA 48 -27.94 -7.60 22.06
N TRP IA 49 -27.17 -6.58 22.42
CA TRP IA 49 -25.95 -6.28 21.69
C TRP IA 49 -24.76 -7.09 22.18
N SER IA 50 -24.95 -8.01 23.12
CA SER IA 50 -23.90 -8.92 23.57
C SER IA 50 -24.48 -10.34 23.54
N VAL IA 51 -24.34 -11.01 22.40
CA VAL IA 51 -24.80 -12.40 22.30
C VAL IA 51 -24.02 -13.28 23.28
N LYS IA 52 -22.71 -13.08 23.37
CA LYS IA 52 -21.89 -13.89 24.28
C LYS IA 52 -22.33 -13.70 25.72
N ALA IA 53 -22.57 -12.46 26.14
CA ALA IA 53 -22.98 -12.22 27.52
C ALA IA 53 -24.27 -12.95 27.84
N ILE IA 54 -25.22 -12.96 26.90
CA ILE IA 54 -26.50 -13.62 27.13
C ILE IA 54 -26.29 -15.11 27.39
N ARG IA 55 -25.53 -15.77 26.52
CA ARG IA 55 -25.40 -17.22 26.63
C ARG IA 55 -24.50 -17.63 27.80
N ARG IA 56 -23.66 -16.74 28.30
CA ARG IA 56 -22.89 -17.06 29.50
C ARG IA 56 -23.79 -17.25 30.71
N LYS IA 57 -24.86 -16.46 30.79
CA LYS IA 57 -25.69 -16.38 32.00
C LYS IA 57 -27.11 -16.88 31.80
N THR IA 58 -27.46 -17.35 30.61
CA THR IA 58 -28.85 -17.71 30.33
C THR IA 58 -29.23 -19.00 31.04
N THR IA 59 -30.52 -19.35 30.94
CA THR IA 59 -31.01 -20.59 31.53
C THR IA 59 -30.27 -21.78 30.94
N GLY IA 60 -29.98 -22.75 31.80
CA GLY IA 60 -29.26 -23.95 31.41
C GLY IA 60 -27.77 -23.90 31.68
N THR IA 61 -27.20 -22.70 31.83
CA THR IA 61 -25.80 -22.59 32.20
C THR IA 61 -25.54 -22.97 33.64
N GLY IA 62 -26.60 -23.06 34.46
CA GLY IA 62 -26.45 -23.40 35.86
C GLY IA 62 -26.97 -24.79 36.18
N ARG IA 63 -27.63 -24.91 37.33
CA ARG IA 63 -28.03 -26.21 37.85
C ARG IA 63 -29.41 -26.66 37.36
N MET IA 64 -30.29 -25.71 37.03
CA MET IA 64 -31.67 -26.03 36.66
C MET IA 64 -32.31 -26.94 37.70
N ARG IA 65 -32.16 -26.53 38.96
CA ARG IA 65 -32.51 -27.37 40.10
C ARG IA 65 -33.94 -27.88 39.99
N TYR IA 66 -34.89 -27.00 39.69
CA TYR IA 66 -36.30 -27.35 39.60
C TYR IA 66 -36.77 -27.58 38.17
N LEU IA 67 -36.31 -26.75 37.22
CA LEU IA 67 -36.81 -26.82 35.86
C LEU IA 67 -36.42 -28.12 35.15
N ARG IA 68 -35.36 -28.79 35.61
CA ARG IA 68 -34.91 -30.01 34.94
C ARG IA 68 -35.90 -31.16 35.10
N ASN IA 69 -36.77 -31.12 36.11
CA ASN IA 69 -37.70 -32.21 36.36
C ASN IA 69 -39.09 -31.97 35.78
N VAL IA 70 -39.36 -30.77 35.24
CA VAL IA 70 -40.67 -30.51 34.67
C VAL IA 70 -40.98 -31.44 33.50
N PRO IA 71 -40.06 -31.67 32.55
CA PRO IA 71 -40.39 -32.58 31.44
C PRO IA 71 -40.82 -33.96 31.88
N ARG IA 72 -40.18 -34.51 32.93
CA ARG IA 72 -40.58 -35.82 33.43
C ARG IA 72 -42.01 -35.79 33.97
N ARG IA 73 -42.34 -34.75 34.74
CA ARG IA 73 -43.68 -34.67 35.31
C ARG IA 73 -44.72 -34.41 34.24
N PHE IA 74 -44.36 -33.69 33.17
CA PHE IA 74 -45.30 -33.47 32.07
C PHE IA 74 -45.67 -34.79 31.41
N LYS IA 75 -44.70 -35.68 31.20
CA LYS IA 75 -44.99 -36.94 30.53
C LYS IA 75 -46.02 -37.76 31.28
N THR IA 76 -46.03 -37.68 32.61
CA THR IA 76 -47.03 -38.35 33.43
C THR IA 76 -48.27 -37.50 33.66
N ASN IA 77 -48.38 -36.37 32.96
CA ASN IA 77 -49.51 -35.45 33.13
C ASN IA 77 -49.57 -34.90 34.56
N PHE IA 78 -48.39 -34.71 35.17
CA PHE IA 78 -48.30 -34.14 36.51
C PHE IA 78 -49.16 -34.92 37.51
N ARG IA 79 -49.11 -36.26 37.40
CA ARG IA 79 -49.86 -37.10 38.32
C ARG IA 79 -49.29 -36.97 39.73
N GLU IA 80 -50.17 -36.99 40.72
CA GLU IA 80 -49.77 -36.81 42.11
C GLU IA 80 -50.74 -37.58 43.01
N GLY IA 81 -50.28 -37.87 44.23
CA GLY IA 81 -51.13 -38.51 45.20
C GLY IA 81 -51.41 -39.97 44.95
N THR IA 82 -50.55 -40.65 44.19
CA THR IA 82 -50.71 -42.08 43.92
C THR IA 82 -49.35 -42.74 43.90
N GLU IA 83 -49.35 -44.07 43.87
CA GLU IA 83 -48.11 -44.84 43.83
C GLU IA 83 -48.35 -46.11 43.03
N ALA IA 84 -47.24 -46.72 42.59
CA ALA IA 84 -47.33 -47.98 41.89
C ALA IA 84 -47.91 -49.06 42.79
N ALA IA 85 -48.65 -49.99 42.19
CA ALA IA 85 -49.24 -51.07 42.96
C ALA IA 85 -48.14 -51.92 43.58
N PRO IA 86 -48.30 -52.37 44.83
CA PRO IA 86 -47.24 -53.17 45.45
C PRO IA 86 -47.00 -54.47 44.67
N ARG IA 87 -45.74 -54.87 44.62
CA ARG IA 87 -45.37 -56.06 43.86
C ARG IA 87 -45.99 -57.31 44.49
N LYS IA 88 -46.35 -58.26 43.63
CA LYS IA 88 -46.97 -59.51 44.06
C LYS IA 88 -45.94 -60.63 44.06
N PRO JA 2 -8.71 -5.73 95.62
CA PRO JA 2 -8.22 -6.04 96.96
C PRO JA 2 -8.41 -4.88 97.94
N LYS JA 3 -8.90 -5.18 99.14
CA LYS JA 3 -9.11 -4.20 100.19
C LYS JA 3 -8.33 -4.58 101.42
N GLN JA 4 -7.98 -3.58 102.22
CA GLN JA 4 -7.20 -3.76 103.44
C GLN JA 4 -8.09 -3.57 104.66
N ILE JA 5 -8.05 -4.52 105.58
CA ILE JA 5 -8.76 -4.42 106.85
C ILE JA 5 -7.78 -3.88 107.88
N HIS JA 6 -8.22 -2.85 108.62
CA HIS JA 6 -7.35 -2.20 109.59
C HIS JA 6 -7.55 -2.68 111.01
N GLU JA 7 -8.71 -3.26 111.33
CA GLU JA 7 -9.02 -3.70 112.69
C GLU JA 7 -9.13 -5.22 112.73
N ILE JA 8 -8.52 -5.83 113.75
CA ILE JA 8 -8.61 -7.28 113.91
C ILE JA 8 -10.05 -7.71 114.12
N LYS JA 9 -10.82 -6.90 114.85
CA LYS JA 9 -12.23 -7.22 115.06
C LYS JA 9 -12.98 -7.28 113.74
N ASP JA 10 -12.72 -6.33 112.84
CA ASP JA 10 -13.37 -6.35 111.54
C ASP JA 10 -12.96 -7.56 110.73
N PHE JA 11 -11.69 -7.95 110.81
CA PHE JA 11 -11.23 -9.12 110.07
C PHE JA 11 -11.95 -10.38 110.51
N LEU JA 12 -12.16 -10.54 111.82
CA LEU JA 12 -12.87 -11.70 112.31
C LEU JA 12 -14.30 -11.74 111.79
N LEU JA 13 -14.96 -10.58 111.74
CA LEU JA 13 -16.34 -10.54 111.25
C LEU JA 13 -16.42 -11.01 109.81
N THR JA 14 -15.50 -10.55 108.96
CA THR JA 14 -15.51 -10.97 107.57
C THR JA 14 -15.04 -12.41 107.40
N ALA JA 15 -14.27 -12.94 108.35
CA ALA JA 15 -13.86 -14.34 108.29
C ALA JA 15 -15.02 -15.29 108.55
N ARG JA 16 -16.05 -14.83 109.24
CA ARG JA 16 -17.23 -15.66 109.52
C ARG JA 16 -18.27 -15.60 108.41
N ARG JA 17 -18.05 -14.78 107.38
CA ARG JA 17 -18.98 -14.72 106.26
C ARG JA 17 -19.08 -16.08 105.59
N LYS JA 18 -20.28 -16.39 105.09
CA LYS JA 18 -20.49 -17.69 104.45
C LYS JA 18 -19.78 -17.80 103.11
N ASP JA 19 -19.41 -16.68 102.50
CA ASP JA 19 -18.70 -16.69 101.22
C ASP JA 19 -17.19 -16.65 101.38
N ALA JA 20 -16.67 -16.65 102.62
CA ALA JA 20 -15.24 -16.67 102.84
C ALA JA 20 -14.70 -18.06 102.48
N ARG JA 21 -14.07 -18.17 101.32
CA ARG JA 21 -13.64 -19.48 100.83
C ARG JA 21 -12.42 -20.00 101.58
N THR JA 22 -11.44 -19.15 101.86
CA THR JA 22 -10.21 -19.60 102.49
C THR JA 22 -9.49 -18.42 103.11
N VAL JA 23 -8.55 -18.73 104.00
CA VAL JA 23 -7.68 -17.75 104.64
C VAL JA 23 -6.24 -18.20 104.44
N LYS JA 24 -5.36 -17.26 104.11
CA LYS JA 24 -3.95 -17.55 103.89
C LYS JA 24 -3.10 -16.67 104.80
N ILE JA 25 -2.08 -17.27 105.40
CA ILE JA 25 -1.19 -16.58 106.32
C ILE JA 25 0.14 -16.36 105.61
N LYS JA 26 0.50 -15.09 105.43
CA LYS JA 26 1.78 -14.71 104.82
C LYS JA 26 2.62 -14.07 105.90
N LYS JA 27 3.77 -14.69 106.19
CA LYS JA 27 4.68 -14.21 107.23
C LYS JA 27 5.88 -13.55 106.56
N ASN JA 28 5.95 -12.22 106.66
CA ASN JA 28 7.08 -11.47 106.12
C ASN JA 28 8.14 -11.31 107.20
N LYS JA 29 9.22 -10.58 106.86
CA LYS JA 29 10.31 -10.35 107.80
C LYS JA 29 9.99 -9.29 108.84
N ASP JA 30 8.87 -8.58 108.71
CA ASP JA 30 8.53 -7.54 109.67
C ASP JA 30 7.07 -7.52 110.06
N MET JA 31 6.24 -8.45 109.59
CA MET JA 31 4.84 -8.50 109.97
C MET JA 31 4.23 -9.78 109.39
N VAL JA 32 2.97 -10.01 109.75
CA VAL JA 32 2.20 -11.15 109.28
C VAL JA 32 0.93 -10.62 108.63
N LYS JA 33 0.65 -11.10 107.41
CA LYS JA 33 -0.53 -10.68 106.67
C LYS JA 33 -1.56 -11.79 106.67
N PHE JA 34 -2.78 -11.46 107.09
CA PHE JA 34 -3.91 -12.39 107.04
C PHE JA 34 -4.80 -12.02 105.87
N LYS JA 35 -4.92 -12.94 104.91
CA LYS JA 35 -5.67 -12.70 103.68
C LYS JA 35 -6.83 -13.67 103.63
N VAL JA 36 -8.04 -13.15 103.50
CA VAL JA 36 -9.26 -13.94 103.43
C VAL JA 36 -9.92 -13.70 102.08
N ARG JA 37 -10.21 -14.78 101.37
CA ARG JA 37 -10.78 -14.70 100.02
C ARG JA 37 -12.30 -14.73 100.13
N CYS JA 38 -12.93 -13.61 99.78
CA CYS JA 38 -14.39 -13.52 99.75
C CYS JA 38 -14.87 -13.52 98.30
N SER JA 39 -16.19 -13.38 98.13
CA SER JA 39 -16.78 -13.48 96.81
C SER JA 39 -16.27 -12.38 95.89
N LYS JA 40 -16.29 -11.13 96.37
CA LYS JA 40 -15.94 -9.98 95.53
C LYS JA 40 -14.52 -9.49 95.74
N TYR JA 41 -14.03 -9.49 96.97
CA TYR JA 41 -12.73 -8.89 97.29
C TYR JA 41 -11.88 -9.84 98.11
N LEU JA 42 -10.57 -9.65 98.01
CA LEU JA 42 -9.60 -10.32 98.87
C LEU JA 42 -9.21 -9.32 99.96
N TYR JA 43 -9.66 -9.58 101.19
CA TYR JA 43 -9.38 -8.70 102.31
C TYR JA 43 -8.08 -9.11 102.99
N THR JA 44 -7.23 -8.13 103.28
CA THR JA 44 -5.93 -8.37 103.89
C THR JA 44 -5.82 -7.60 105.20
N LEU JA 45 -5.29 -8.27 106.22
CA LEU JA 45 -5.05 -7.66 107.53
C LEU JA 45 -3.57 -7.79 107.85
N CYS JA 46 -2.94 -6.68 108.23
CA CYS JA 46 -1.53 -6.66 108.57
C CYS JA 46 -1.38 -6.56 110.09
N VAL JA 47 -0.58 -7.47 110.65
CA VAL JA 47 -0.33 -7.52 112.08
C VAL JA 47 1.19 -7.47 112.29
N SER JA 48 1.69 -6.32 112.74
CA SER JA 48 3.13 -6.17 112.90
C SER JA 48 3.66 -7.06 114.01
N ASP JA 49 2.93 -7.17 115.12
CA ASP JA 49 3.39 -7.96 116.27
C ASP JA 49 3.19 -9.44 115.98
N PHE JA 50 4.30 -10.19 115.93
CA PHE JA 50 4.21 -11.61 115.64
C PHE JA 50 3.42 -12.35 116.72
N GLU JA 51 3.69 -12.04 117.99
CA GLU JA 51 2.99 -12.73 119.07
C GLU JA 51 1.48 -12.45 119.00
N LYS JA 52 1.10 -11.21 118.71
CA LYS JA 52 -0.32 -10.88 118.59
C LYS JA 52 -0.97 -11.58 117.40
N ALA JA 53 -0.18 -11.99 116.40
CA ALA JA 53 -0.74 -12.68 115.25
C ALA JA 53 -1.09 -14.13 115.56
N ASP JA 54 -0.32 -14.78 116.45
CA ASP JA 54 -0.61 -16.17 116.78
C ASP JA 54 -1.98 -16.30 117.45
N LYS JA 55 -2.32 -15.35 118.33
CA LYS JA 55 -3.62 -15.39 118.99
C LYS JA 55 -4.75 -15.35 117.97
N LEU JA 56 -4.63 -14.50 116.95
CA LEU JA 56 -5.65 -14.45 115.91
C LEU JA 56 -5.66 -15.72 115.06
N LYS JA 57 -4.49 -16.36 114.90
CA LYS JA 57 -4.41 -17.53 114.04
C LYS JA 57 -5.28 -18.67 114.56
N GLN JA 58 -5.30 -18.87 115.88
CA GLN JA 58 -6.08 -19.94 116.48
C GLN JA 58 -7.51 -19.52 116.80
N SER JA 59 -7.89 -18.27 116.51
CA SER JA 59 -9.23 -17.78 116.77
C SER JA 59 -10.11 -17.80 115.53
N LEU JA 60 -9.65 -18.39 114.44
CA LEU JA 60 -10.44 -18.43 113.22
C LEU JA 60 -11.54 -19.48 113.32
N PRO JA 61 -12.67 -19.26 112.66
CA PRO JA 61 -13.78 -20.21 112.76
C PRO JA 61 -13.39 -21.57 112.21
N PRO JA 62 -13.86 -22.66 112.82
CA PRO JA 62 -13.59 -23.98 112.26
C PRO JA 62 -14.22 -24.14 110.89
N GLY JA 63 -13.58 -24.94 110.04
CA GLY JA 63 -14.05 -25.25 108.71
C GLY JA 63 -13.50 -24.35 107.62
N LEU JA 64 -12.87 -23.24 107.99
CA LEU JA 64 -12.30 -22.32 107.01
C LEU JA 64 -10.88 -22.77 106.67
N SER JA 65 -10.60 -22.91 105.38
CA SER JA 65 -9.32 -23.44 104.91
C SER JA 65 -8.21 -22.44 105.23
N VAL JA 66 -7.42 -22.75 106.25
CA VAL JA 66 -6.29 -21.91 106.63
C VAL JA 66 -5.03 -22.47 105.99
N GLN JA 67 -4.25 -21.59 105.36
CA GLN JA 67 -3.02 -21.98 104.69
C GLN JA 67 -1.89 -21.05 105.14
N ASP JA 68 -0.68 -21.60 105.16
CA ASP JA 68 0.52 -20.86 105.55
C ASP JA 68 1.40 -20.65 104.33
N LEU JA 69 1.78 -19.39 104.09
CA LEU JA 69 2.60 -19.04 102.95
C LEU JA 69 4.00 -18.60 103.38
N PRO KA 2 -6.74 -9.07 54.58
CA PRO KA 2 -6.25 -8.56 55.87
C PRO KA 2 -6.78 -9.35 57.06
N SER KA 3 -6.26 -9.07 58.26
CA SER KA 3 -6.76 -9.72 59.46
C SER KA 3 -8.25 -9.44 59.65
N HIS KA 4 -8.66 -8.18 59.47
CA HIS KA 4 -10.07 -7.82 59.44
C HIS KA 4 -10.68 -8.33 58.14
N LYS KA 5 -11.51 -9.36 58.24
CA LYS KA 5 -12.17 -9.92 57.06
C LYS KA 5 -13.58 -10.33 57.43
N SER KA 6 -14.46 -10.31 56.43
CA SER KA 6 -15.85 -10.70 56.64
C SER KA 6 -15.96 -12.23 56.70
N PHE KA 7 -17.06 -12.68 57.27
CA PHE KA 7 -17.34 -14.12 57.30
C PHE KA 7 -17.46 -14.68 55.89
N MET KA 8 -18.16 -13.95 55.00
CA MET KA 8 -18.37 -14.43 53.65
C MET KA 8 -17.05 -14.65 52.93
N ILE KA 9 -16.14 -13.68 53.01
CA ILE KA 9 -14.87 -13.79 52.31
C ILE KA 9 -14.05 -14.96 52.86
N LYS KA 10 -14.02 -15.09 54.20
CA LYS KA 10 -13.26 -16.18 54.80
C LYS KA 10 -13.77 -17.54 54.35
N LYS KA 11 -15.09 -17.68 54.23
CA LYS KA 11 -15.65 -18.94 53.73
C LYS KA 11 -15.20 -19.21 52.30
N LYS KA 12 -15.21 -18.20 51.44
CA LYS KA 12 -14.76 -18.39 50.07
C LYS KA 12 -13.30 -18.80 50.02
N LEU KA 13 -12.47 -18.16 50.85
CA LEU KA 13 -11.05 -18.51 50.87
C LEU KA 13 -10.84 -19.93 51.34
N ALA KA 14 -11.66 -20.41 52.27
CA ALA KA 14 -11.53 -21.78 52.74
C ALA KA 14 -11.79 -22.77 51.61
N LYS KA 15 -12.83 -22.53 50.81
CA LYS KA 15 -13.12 -23.42 49.69
C LYS KA 15 -11.99 -23.44 48.68
N LYS KA 16 -11.41 -22.28 48.39
CA LYS KA 16 -10.30 -22.23 47.44
C LYS KA 16 -9.12 -23.05 47.93
N GLN KA 17 -8.84 -23.01 49.24
CA GLN KA 17 -7.77 -23.83 49.78
C GLN KA 17 -8.05 -25.32 49.57
N ARG KA 18 -9.29 -25.75 49.79
CA ARG KA 18 -9.62 -27.16 49.62
C ARG KA 18 -9.43 -27.59 48.17
N GLN KA 19 -9.78 -26.73 47.22
CA GLN KA 19 -9.66 -27.05 45.80
C GLN KA 19 -8.22 -27.02 45.32
N ASN KA 20 -7.28 -26.51 46.11
CA ASN KA 20 -5.90 -26.35 45.68
C ASN KA 20 -5.05 -27.54 46.17
N ARG KA 21 -5.38 -28.71 45.63
CA ARG KA 21 -4.72 -29.94 46.00
C ARG KA 21 -4.45 -30.78 44.75
N PRO KA 22 -3.51 -31.72 44.81
CA PRO KA 22 -3.35 -32.66 43.70
C PRO KA 22 -4.50 -33.63 43.63
N ILE KA 23 -4.70 -34.19 42.44
CA ILE KA 23 -5.73 -35.20 42.24
C ILE KA 23 -5.29 -36.49 42.95
N PRO KA 24 -6.21 -37.28 43.49
CA PRO KA 24 -5.81 -38.57 44.08
C PRO KA 24 -5.16 -39.47 43.04
N TYR KA 25 -4.19 -40.26 43.49
CA TYR KA 25 -3.45 -41.10 42.57
C TYR KA 25 -4.34 -42.16 41.92
N TRP KA 26 -5.31 -42.68 42.68
CA TRP KA 26 -6.17 -43.74 42.15
C TRP KA 26 -7.13 -43.24 41.07
N ILE KA 27 -7.23 -41.92 40.87
CA ILE KA 27 -8.07 -41.41 39.79
C ILE KA 27 -7.48 -41.78 38.43
N ARG KA 28 -6.15 -41.74 38.31
CA ARG KA 28 -5.49 -42.02 37.04
C ARG KA 28 -5.52 -43.50 36.67
N MET KA 29 -5.92 -44.38 37.58
CA MET KA 29 -5.99 -45.81 37.30
C MET KA 29 -7.40 -46.29 36.96
N ARG KA 30 -8.37 -45.38 36.87
CA ARG KA 30 -9.72 -45.78 36.51
C ARG KA 30 -9.78 -46.21 35.04
N THR KA 31 -10.85 -46.92 34.71
CA THR KA 31 -11.05 -47.35 33.33
C THR KA 31 -11.48 -46.18 32.47
N ASP KA 32 -10.78 -45.98 31.35
CA ASP KA 32 -11.08 -44.91 30.39
C ASP KA 32 -10.84 -43.53 31.00
N ASN KA 33 -9.73 -43.40 31.73
CA ASN KA 33 -9.40 -42.14 32.39
C ASN KA 33 -8.55 -41.26 31.48
N THR KA 34 -8.88 -39.97 31.46
CA THR KA 34 -8.11 -38.97 30.73
C THR KA 34 -7.65 -37.82 31.61
N ILE KA 35 -7.93 -37.85 32.91
CA ILE KA 35 -7.52 -36.80 33.83
C ILE KA 35 -6.05 -37.05 34.21
N ARG KA 36 -5.16 -36.21 33.71
CA ARG KA 36 -3.73 -36.38 33.96
C ARG KA 36 -3.29 -35.70 35.25
N TYR KA 37 -3.82 -34.53 35.55
CA TYR KA 37 -3.45 -33.76 36.73
C TYR KA 37 -4.54 -32.72 36.97
N ASN KA 38 -4.35 -31.93 38.03
CA ASN KA 38 -5.30 -30.87 38.35
C ASN KA 38 -4.96 -29.65 37.49
N ALA KA 39 -5.82 -29.34 36.53
CA ALA KA 39 -5.60 -28.23 35.62
C ALA KA 39 -5.97 -26.89 36.21
N LYS KA 40 -6.54 -26.86 37.42
CA LYS KA 40 -7.00 -25.63 38.04
C LYS KA 40 -6.19 -25.30 39.30
N ARG KA 41 -4.94 -25.75 39.36
CA ARG KA 41 -4.09 -25.41 40.50
C ARG KA 41 -3.80 -23.91 40.50
N ARG KA 42 -3.79 -23.34 41.70
CA ARG KA 42 -3.58 -21.90 41.89
C ARG KA 42 -2.48 -21.70 42.91
N HIS KA 43 -1.56 -20.77 42.62
CA HIS KA 43 -0.55 -20.35 43.57
C HIS KA 43 -0.79 -18.90 43.98
N TRP KA 44 -0.70 -18.64 45.28
CA TRP KA 44 -1.08 -17.33 45.81
C TRP KA 44 -0.31 -16.20 45.17
N ARG KA 45 0.91 -16.46 44.70
CA ARG KA 45 1.76 -15.40 44.16
C ARG KA 45 1.67 -15.26 42.66
N ARG KA 46 1.18 -16.28 41.95
CA ARG KA 46 1.17 -16.27 40.49
C ARG KA 46 -0.15 -15.72 39.93
N THR KA 47 -1.27 -16.24 40.42
CA THR KA 47 -2.60 -15.82 39.96
C THR KA 47 -3.43 -15.42 41.16
N LYS KA 48 -4.03 -14.24 41.11
CA LYS KA 48 -4.81 -13.71 42.21
C LYS KA 48 -6.28 -14.11 42.10
N LEU KA 49 -6.94 -14.15 43.25
CA LEU KA 49 -8.32 -14.62 43.31
C LEU KA 49 -9.31 -13.60 42.76
N GLY KA 50 -8.92 -12.34 42.64
CA GLY KA 50 -9.80 -11.34 42.09
C GLY KA 50 -10.89 -10.86 43.02
N PHE KA 51 -10.87 -11.28 44.29
CA PHE KA 51 -11.79 -10.75 45.28
C PHE KA 51 -11.07 -10.62 46.62
N ILE LA 77 83.25 51.33 -13.21
CA ILE LA 77 83.33 51.68 -14.63
C ILE LA 77 83.78 50.45 -15.42
N ILE LA 78 83.18 50.27 -16.59
CA ILE LA 78 83.49 49.16 -17.48
C ILE LA 78 84.00 49.74 -18.80
N GLU LA 79 85.02 49.12 -19.36
CA GLU LA 79 85.59 49.60 -20.60
C GLU LA 79 84.54 49.53 -21.71
N PRO LA 80 84.53 50.50 -22.65
CA PRO LA 80 83.53 50.44 -23.73
C PRO LA 80 83.57 49.14 -24.52
N SER LA 81 84.76 48.60 -24.78
CA SER LA 81 84.86 47.36 -25.53
C SER LA 81 84.30 46.19 -24.73
N LEU LA 82 84.58 46.15 -23.42
CA LEU LA 82 84.12 45.03 -22.61
C LEU LA 82 82.61 45.08 -22.39
N MET LA 83 82.07 46.27 -22.15
CA MET LA 83 80.62 46.38 -21.92
C MET LA 83 79.84 46.09 -23.20
N ALA LA 84 80.43 46.37 -24.37
CA ALA LA 84 79.81 45.95 -25.62
C ALA LA 84 79.78 44.44 -25.73
N LEU LA 85 80.84 43.77 -25.30
CA LEU LA 85 80.85 42.31 -25.28
C LEU LA 85 79.80 41.77 -24.31
N ALA LA 86 79.67 42.39 -23.14
CA ALA LA 86 78.70 41.91 -22.16
C ALA LA 86 77.27 42.08 -22.66
N ARG LA 87 76.98 43.22 -23.31
CA ARG LA 87 75.64 43.45 -23.81
C ARG LA 87 75.28 42.54 -24.98
N LYS LA 88 76.28 41.91 -25.62
CA LYS LA 88 75.98 40.92 -26.64
C LYS LA 88 75.23 39.73 -26.06
N TYR LA 89 75.39 39.47 -24.77
CA TYR LA 89 74.75 38.33 -24.12
C TYR LA 89 73.55 38.71 -23.28
N ASN LA 90 73.51 39.93 -22.74
CA ASN LA 90 72.46 40.32 -21.81
C ASN LA 90 71.47 41.33 -22.39
N GLN LA 91 71.82 42.04 -23.47
CA GLN LA 91 70.97 43.10 -24.00
C GLN LA 91 70.49 42.81 -25.42
N GLU LA 92 71.40 42.44 -26.33
CA GLU LA 92 71.06 42.25 -27.74
C GLU LA 92 70.28 40.95 -27.88
N LYS LA 93 68.97 41.02 -27.65
CA LYS LA 93 68.12 39.84 -27.68
C LYS LA 93 66.73 40.24 -28.16
N MET LA 94 66.00 39.23 -28.62
CA MET LA 94 64.59 39.37 -28.96
C MET LA 94 63.75 38.62 -27.93
N ILE LA 95 62.62 39.20 -27.54
CA ILE LA 95 61.76 38.65 -26.50
C ILE LA 95 60.44 38.25 -27.15
N CYS LA 96 60.01 37.01 -26.89
CA CYS LA 96 58.71 36.55 -27.34
C CYS LA 96 57.61 37.25 -26.53
N ARG LA 97 56.60 37.76 -27.23
CA ARG LA 97 55.51 38.45 -26.56
C ARG LA 97 54.53 37.50 -25.87
N LYS LA 98 54.61 36.20 -26.14
CA LYS LA 98 53.71 35.23 -25.51
C LYS LA 98 54.34 34.50 -24.34
N CYS LA 99 55.63 34.16 -24.42
CA CYS LA 99 56.29 33.36 -23.39
C CYS LA 99 57.51 34.05 -22.77
N TYR LA 100 57.91 35.22 -23.27
CA TYR LA 100 59.00 36.02 -22.73
C TYR LA 100 60.38 35.38 -22.93
N ALA LA 101 60.49 34.37 -23.79
CA ALA LA 101 61.75 33.69 -23.99
C ALA LA 101 62.79 34.61 -24.62
N ARG LA 102 64.06 34.41 -24.24
CA ARG LA 102 65.17 35.15 -24.81
C ARG LA 102 65.60 34.49 -26.12
N LEU LA 103 65.64 35.27 -27.18
CA LEU LA 103 65.97 34.77 -28.51
C LEU LA 103 67.10 35.60 -29.11
N HIS LA 104 67.79 35.01 -30.08
CA HIS LA 104 68.89 35.70 -30.73
C HIS LA 104 68.36 36.90 -31.51
N PRO LA 105 69.20 37.92 -31.73
CA PRO LA 105 68.69 39.17 -32.31
C PRO LA 105 68.03 39.00 -33.67
N ARG LA 106 68.46 38.04 -34.47
CA ARG LA 106 67.91 37.81 -35.80
C ARG LA 106 66.75 36.83 -35.79
N ALA LA 107 66.24 36.47 -34.62
CA ALA LA 107 65.14 35.50 -34.55
C ALA LA 107 63.90 36.03 -35.23
N VAL LA 108 63.15 35.13 -35.87
CA VAL LA 108 61.89 35.48 -36.52
C VAL LA 108 60.76 34.74 -35.82
N ASN LA 109 61.07 33.57 -35.25
CA ASN LA 109 60.09 32.76 -34.55
C ASN LA 109 60.66 32.31 -33.21
N CYS LA 110 59.79 32.19 -32.22
CA CYS LA 110 60.19 31.68 -30.92
C CYS LA 110 60.39 30.17 -30.99
N ARG LA 111 61.41 29.69 -30.29
CA ARG LA 111 61.72 28.26 -30.28
C ARG LA 111 60.89 27.47 -29.30
N LYS LA 112 60.07 28.12 -28.47
CA LYS LA 112 59.33 27.44 -27.42
C LYS LA 112 58.08 26.78 -27.98
N ARG LA 113 57.77 25.59 -27.46
CA ARG LA 113 56.58 24.86 -27.86
C ARG LA 113 55.32 25.36 -27.16
N LYS LA 114 55.45 25.99 -25.99
CA LYS LA 114 54.28 26.41 -25.25
C LYS LA 114 53.51 27.51 -25.95
N CYS LA 115 54.21 28.41 -26.65
CA CYS LA 115 53.57 29.49 -27.39
C CYS LA 115 53.26 29.13 -28.82
N GLY LA 116 53.54 27.90 -29.25
CA GLY LA 116 53.29 27.51 -30.62
C GLY LA 116 54.25 28.11 -31.61
N HIS LA 117 55.49 28.38 -31.20
CA HIS LA 117 56.50 28.98 -32.07
C HIS LA 117 56.01 30.30 -32.65
N SER LA 118 55.51 31.16 -31.77
CA SER LA 118 54.94 32.44 -32.19
C SER LA 118 55.99 33.29 -32.88
N ASN LA 119 55.55 34.06 -33.88
CA ASN LA 119 56.39 35.00 -34.58
C ASN LA 119 56.22 36.43 -34.08
N GLN LA 120 55.48 36.62 -32.97
CA GLN LA 120 55.27 37.94 -32.38
C GLN LA 120 56.43 38.21 -31.43
N LEU LA 121 57.48 38.85 -31.95
CA LEU LA 121 58.68 39.11 -31.19
C LEU LA 121 58.92 40.61 -31.08
N ARG LA 122 59.53 41.01 -29.97
CA ARG LA 122 59.90 42.40 -29.74
C ARG LA 122 61.36 42.47 -29.29
N PRO LA 123 62.04 43.57 -29.54
CA PRO LA 123 63.39 43.73 -29.00
C PRO LA 123 63.38 43.83 -27.49
N LYS LA 124 64.47 43.38 -26.87
CA LYS LA 124 64.62 43.54 -25.43
C LYS LA 124 64.90 45.00 -25.10
N LYS LA 125 64.06 45.59 -24.26
CA LYS LA 125 64.15 47.02 -23.99
C LYS LA 125 65.48 47.37 -23.34
N LYS LA 126 66.03 48.51 -23.74
CA LYS LA 126 67.27 49.01 -23.19
C LYS LA 126 66.98 49.96 -22.02
N ILE LA 127 68.05 50.45 -21.39
CA ILE LA 127 67.92 51.38 -20.28
C ILE LA 127 67.69 52.78 -20.85
N LYS LA 128 66.42 53.13 -21.06
CA LYS LA 128 66.05 54.41 -21.66
C LYS LA 128 66.66 54.56 -23.04
N VAL MA 2 -33.69 48.28 -28.61
CA VAL MA 2 -34.57 47.61 -29.56
C VAL MA 2 -35.96 48.26 -29.51
N ASN MA 3 -36.45 48.66 -30.68
CA ASN MA 3 -37.76 49.27 -30.82
C ASN MA 3 -38.62 48.40 -31.74
N VAL MA 4 -39.84 48.13 -31.32
CA VAL MA 4 -40.77 47.28 -32.07
C VAL MA 4 -42.03 48.07 -32.36
N PRO MA 5 -42.59 47.99 -33.58
CA PRO MA 5 -43.81 48.74 -33.87
C PRO MA 5 -45.00 48.24 -33.07
N LYS MA 6 -45.96 49.14 -32.86
CA LYS MA 6 -47.16 48.79 -32.10
C LYS MA 6 -47.98 47.72 -32.82
N THR MA 7 -48.10 47.82 -34.14
CA THR MA 7 -48.86 46.88 -34.94
C THR MA 7 -47.93 46.13 -35.89
N LYS MA 8 -48.36 44.94 -36.28
CA LYS MA 8 -47.55 44.08 -37.14
C LYS MA 8 -48.49 43.18 -37.93
N LYS MA 9 -48.25 43.09 -39.23
CA LYS MA 9 -49.06 42.27 -40.13
C LYS MA 9 -48.34 40.95 -40.34
N THR MA 10 -48.83 39.89 -39.72
CA THR MA 10 -48.18 38.59 -39.76
C THR MA 10 -49.22 37.50 -40.00
N TYR MA 11 -48.72 36.27 -40.18
CA TYR MA 11 -49.59 35.14 -40.45
C TYR MA 11 -50.38 34.76 -39.19
N CYS MA 12 -51.64 34.38 -39.40
CA CYS MA 12 -52.52 33.93 -38.33
C CYS MA 12 -52.85 32.46 -38.53
N LYS MA 13 -52.59 31.65 -37.50
CA LYS MA 13 -52.79 30.21 -37.60
C LYS MA 13 -54.25 29.80 -37.41
N SER MA 14 -55.11 30.69 -36.93
CA SER MA 14 -56.50 30.35 -36.69
C SER MA 14 -57.14 29.83 -37.98
N LYS MA 15 -57.93 28.77 -37.86
CA LYS MA 15 -58.62 28.22 -39.02
C LYS MA 15 -59.56 29.23 -39.66
N GLU MA 16 -60.00 30.24 -38.89
CA GLU MA 16 -60.83 31.29 -39.47
C GLU MA 16 -60.05 32.09 -40.50
N CYS MA 17 -58.78 32.42 -40.22
CA CYS MA 17 -57.98 33.29 -41.06
C CYS MA 17 -57.01 32.51 -41.94
N LYS MA 18 -56.08 31.78 -41.34
CA LYS MA 18 -55.02 31.10 -42.08
C LYS MA 18 -54.40 32.02 -43.13
N LYS MA 19 -54.16 33.27 -42.76
CA LYS MA 19 -53.64 34.26 -43.69
C LYS MA 19 -52.99 35.38 -42.90
N HIS MA 20 -52.36 36.31 -43.62
CA HIS MA 20 -51.75 37.46 -42.98
C HIS MA 20 -52.81 38.46 -42.55
N THR MA 21 -52.76 38.88 -41.29
CA THR MA 21 -53.71 39.83 -40.74
C THR MA 21 -52.96 40.79 -39.82
N LEU MA 22 -53.66 41.85 -39.44
CA LEU MA 22 -53.08 42.85 -38.54
C LEU MA 22 -53.07 42.33 -37.11
N HIS MA 23 -51.95 42.56 -36.41
CA HIS MA 23 -51.79 42.13 -35.04
C HIS MA 23 -51.33 43.30 -34.18
N LYS MA 24 -51.78 43.31 -32.93
CA LYS MA 24 -51.34 44.29 -31.94
C LYS MA 24 -50.23 43.69 -31.11
N VAL MA 25 -49.14 44.45 -30.93
CA VAL MA 25 -47.93 43.97 -30.28
C VAL MA 25 -47.95 44.39 -28.83
N THR MA 26 -47.82 43.43 -27.92
CA THR MA 26 -47.64 43.69 -26.50
C THR MA 26 -46.60 42.71 -25.96
N GLN MA 27 -45.99 43.08 -24.83
CA GLN MA 27 -44.93 42.29 -24.24
C GLN MA 27 -45.52 41.25 -23.30
N TYR MA 28 -45.04 40.01 -23.42
CA TYR MA 28 -45.48 38.94 -22.53
C TYR MA 28 -44.89 39.12 -21.14
N LYS MA 29 -45.70 38.82 -20.12
CA LYS MA 29 -45.28 38.86 -18.73
C LYS MA 29 -45.72 37.56 -18.06
N LYS MA 30 -44.79 36.91 -17.37
CA LYS MA 30 -45.11 35.67 -16.69
C LYS MA 30 -46.17 35.91 -15.62
N GLY MA 31 -47.16 35.02 -15.58
CA GLY MA 31 -48.25 35.14 -14.63
C GLY MA 31 -47.87 34.71 -13.24
N LYS MA 32 -48.80 34.91 -12.31
CA LYS MA 32 -48.57 34.59 -10.90
C LYS MA 32 -48.65 33.08 -10.69
N ASP MA 33 -47.74 32.57 -9.87
CA ASP MA 33 -47.72 31.13 -9.59
C ASP MA 33 -48.91 30.76 -8.71
N SER MA 34 -49.63 29.73 -9.11
CA SER MA 34 -50.80 29.27 -8.37
C SER MA 34 -50.39 28.35 -7.24
N LEU MA 35 -51.09 28.46 -6.11
CA LEU MA 35 -50.86 27.55 -5.00
C LEU MA 35 -51.45 26.17 -5.26
N ALA MA 36 -52.41 26.07 -6.18
CA ALA MA 36 -53.08 24.80 -6.45
C ALA MA 36 -52.36 23.95 -7.49
N ALA MA 37 -51.32 24.47 -8.13
CA ALA MA 37 -50.58 23.68 -9.11
C ALA MA 37 -49.95 22.47 -8.44
N GLN MA 38 -50.05 21.32 -9.10
CA GLN MA 38 -49.59 20.07 -8.51
C GLN MA 38 -48.13 20.17 -8.05
N GLY MA 39 -47.28 20.81 -8.84
CA GLY MA 39 -45.89 20.98 -8.44
C GLY MA 39 -45.75 21.79 -7.17
N LYS MA 40 -46.58 22.83 -7.03
CA LYS MA 40 -46.58 23.60 -5.78
C LYS MA 40 -47.16 22.79 -4.63
N ARG MA 41 -48.21 22.01 -4.90
CA ARG MA 41 -48.79 21.18 -3.85
C ARG MA 41 -47.79 20.16 -3.33
N ARG MA 42 -47.04 19.52 -4.24
CA ARG MA 42 -46.03 18.56 -3.81
C ARG MA 42 -44.91 19.24 -3.04
N TYR MA 43 -44.44 20.39 -3.53
CA TYR MA 43 -43.35 21.09 -2.86
C TYR MA 43 -43.73 21.48 -1.44
N ASP MA 44 -44.95 22.02 -1.26
CA ASP MA 44 -45.38 22.40 0.08
C ASP MA 44 -45.44 21.18 1.01
N ARG MA 45 -45.92 20.05 0.50
CA ARG MA 45 -45.92 18.83 1.30
C ARG MA 45 -44.51 18.40 1.66
N LYS MA 46 -43.59 18.47 0.70
CA LYS MA 46 -42.20 18.06 0.96
C LYS MA 46 -41.54 18.98 1.98
N GLN MA 47 -41.85 20.28 1.93
CA GLN MA 47 -41.23 21.25 2.81
C GLN MA 47 -41.77 21.21 4.23
N SER MA 48 -42.94 20.63 4.44
CA SER MA 48 -43.55 20.63 5.76
C SER MA 48 -42.76 19.73 6.71
N GLY MA 49 -42.91 19.99 8.01
CA GLY MA 49 -42.20 19.22 9.00
C GLY MA 49 -40.71 19.57 9.01
N TYR MA 50 -39.93 18.62 9.51
CA TYR MA 50 -38.50 18.82 9.71
C TYR MA 50 -37.70 18.28 8.53
N GLY MA 51 -36.51 18.85 8.34
CA GLY MA 51 -35.65 18.47 7.24
C GLY MA 51 -35.08 19.68 6.51
N GLY MA 52 -35.61 20.86 6.80
CA GLY MA 52 -35.12 22.07 6.16
C GLY MA 52 -35.47 22.12 4.69
N GLN MA 53 -34.67 22.90 3.95
CA GLN MA 53 -34.87 23.07 2.52
C GLN MA 53 -34.63 21.74 1.80
N THR MA 54 -35.64 21.28 1.07
CA THR MA 54 -35.60 19.96 0.43
C THR MA 54 -35.35 20.02 -1.07
N LYS MA 55 -35.24 21.21 -1.65
CA LYS MA 55 -35.03 21.37 -3.08
C LYS MA 55 -33.87 22.32 -3.33
N PRO MA 56 -33.23 22.23 -4.49
CA PRO MA 56 -32.16 23.19 -4.81
C PRO MA 56 -32.71 24.61 -4.92
N VAL MA 57 -31.85 25.57 -4.64
CA VAL MA 57 -32.16 26.99 -4.78
C VAL MA 57 -31.05 27.61 -5.60
N PHE MA 58 -31.36 27.98 -6.85
CA PHE MA 58 -30.34 28.49 -7.75
C PHE MA 58 -29.74 29.79 -7.23
N HIS MA 59 -28.41 29.89 -7.28
CA HIS MA 59 -27.69 31.04 -6.78
C HIS MA 59 -26.76 31.68 -7.80
N LYS MA 60 -26.21 30.92 -8.73
CA LYS MA 60 -25.15 31.41 -9.62
C LYS MA 60 -25.75 32.01 -10.89
N LYS MA 61 -26.51 33.08 -10.70
CA LYS MA 61 -27.08 33.82 -11.83
C LYS MA 61 -25.97 34.35 -12.73
N ALA MA 62 -26.15 34.19 -14.03
CA ALA MA 62 -25.16 34.63 -15.02
C ALA MA 62 -25.73 35.53 -16.09
N LYS MA 63 -26.96 35.28 -16.53
CA LYS MA 63 -27.57 36.10 -17.58
C LYS MA 63 -27.85 37.50 -17.08
N THR MA 64 -27.58 38.50 -17.92
CA THR MA 64 -27.89 39.89 -17.63
C THR MA 64 -29.11 40.38 -18.40
N THR MA 65 -29.77 39.49 -19.14
CA THR MA 65 -30.92 39.86 -19.96
C THR MA 65 -31.89 38.69 -19.98
N LYS MA 66 -33.02 38.88 -20.67
CA LYS MA 66 -34.00 37.83 -20.86
C LYS MA 66 -34.50 37.89 -22.31
N LYS MA 67 -35.01 36.76 -22.77
CA LYS MA 67 -35.60 36.67 -24.11
C LYS MA 67 -37.00 37.25 -24.05
N ILE MA 68 -37.16 38.47 -24.54
CA ILE MA 68 -38.46 39.12 -24.54
C ILE MA 68 -39.36 38.45 -25.56
N VAL MA 69 -40.61 38.22 -25.17
CA VAL MA 69 -41.59 37.54 -26.01
C VAL MA 69 -42.67 38.54 -26.40
N LEU MA 70 -42.92 38.67 -27.70
CA LEU MA 70 -43.95 39.55 -28.22
C LEU MA 70 -45.28 38.80 -28.26
N ARG MA 71 -46.32 39.43 -27.71
CA ARG MA 71 -47.66 38.88 -27.70
C ARG MA 71 -48.44 39.54 -28.84
N LEU MA 72 -48.73 38.76 -29.89
CA LEU MA 72 -49.39 39.28 -31.08
C LEU MA 72 -50.85 38.81 -31.08
N GLN MA 73 -51.78 39.74 -30.90
CA GLN MA 73 -53.20 39.44 -30.87
C GLN MA 73 -53.80 39.78 -32.23
N CYS MA 74 -54.32 38.78 -32.92
CA CYS MA 74 -54.96 39.00 -34.21
C CYS MA 74 -56.23 39.82 -34.03
N GLN MA 75 -56.42 40.79 -34.93
CA GLN MA 75 -57.60 41.64 -34.87
C GLN MA 75 -58.84 41.02 -35.50
N GLY MA 76 -58.67 39.96 -36.30
CA GLY MA 76 -59.80 39.29 -36.90
C GLY MA 76 -60.42 38.26 -35.97
N CYS MA 77 -59.63 37.28 -35.54
CA CYS MA 77 -60.12 36.20 -34.69
C CYS MA 77 -59.89 36.47 -33.21
N LYS MA 78 -59.18 37.53 -32.86
CA LYS MA 78 -58.93 37.89 -31.45
C LYS MA 78 -58.14 36.80 -30.73
N HIS MA 79 -57.29 36.08 -31.46
CA HIS MA 79 -56.43 35.05 -30.89
C HIS MA 79 -55.00 35.57 -30.80
N VAL MA 80 -54.22 34.93 -29.93
CA VAL MA 80 -52.88 35.38 -29.59
C VAL MA 80 -51.86 34.39 -30.11
N SER MA 81 -50.72 34.91 -30.53
CA SER MA 81 -49.55 34.11 -30.88
C SER MA 81 -48.32 34.74 -30.23
N GLN MA 82 -47.33 33.90 -29.94
CA GLN MA 82 -46.14 34.33 -29.22
C GLN MA 82 -44.92 34.25 -30.13
N HIS MA 83 -44.12 35.30 -30.13
CA HIS MA 83 -42.94 35.40 -31.00
C HIS MA 83 -41.76 35.92 -30.17
N PRO MA 84 -40.85 35.05 -29.75
CA PRO MA 84 -39.67 35.54 -29.03
C PRO MA 84 -38.71 36.28 -29.95
N ILE MA 85 -37.95 37.20 -29.35
CA ILE MA 85 -36.91 37.93 -30.06
C ILE MA 85 -35.59 37.70 -29.33
N LYS MA 86 -34.51 38.20 -29.93
CA LYS MA 86 -33.19 38.01 -29.37
C LYS MA 86 -33.04 38.79 -28.06
N ARG MA 87 -32.02 38.41 -27.30
CA ARG MA 87 -31.75 39.07 -26.02
C ARG MA 87 -31.45 40.55 -26.24
N CYS MA 88 -31.96 41.38 -25.34
CA CYS MA 88 -31.70 42.81 -25.41
C CYS MA 88 -31.88 43.40 -24.01
N LYS MA 89 -31.11 44.45 -23.73
CA LYS MA 89 -31.20 45.12 -22.43
C LYS MA 89 -32.27 46.20 -22.41
N HIS MA 90 -32.44 46.93 -23.50
CA HIS MA 90 -33.44 47.98 -23.62
C HIS MA 90 -34.46 47.58 -24.67
N PHE MA 91 -35.73 47.61 -24.29
CA PHE MA 91 -36.81 47.20 -25.18
C PHE MA 91 -38.02 48.11 -24.98
N GLU MA 92 -38.69 48.44 -26.07
CA GLU MA 92 -39.89 49.26 -26.02
C GLU MA 92 -40.77 48.93 -27.23
N ILE MA 93 -42.05 49.24 -27.09
CA ILE MA 93 -43.04 49.02 -28.14
C ILE MA 93 -43.64 50.37 -28.52
N GLY MA 94 -43.61 50.69 -29.81
CA GLY MA 94 -44.20 51.93 -30.29
C GLY MA 94 -43.37 53.16 -30.04
N GLY MA 95 -42.06 53.02 -29.84
CA GLY MA 95 -41.21 54.17 -29.66
C GLY MA 95 -41.03 54.95 -30.94
N ASP MA 96 -40.50 56.16 -30.80
CA ASP MA 96 -40.28 57.02 -31.95
C ASP MA 96 -39.27 56.39 -32.89
N LYS MA 97 -39.59 56.38 -34.18
CA LYS MA 97 -38.72 55.77 -35.17
C LYS MA 97 -37.50 56.66 -35.43
N LYS MA 98 -36.45 56.04 -35.97
CA LYS MA 98 -35.22 56.77 -36.26
C LYS MA 98 -35.49 57.89 -37.25
N GLY MA 99 -34.87 59.04 -37.02
CA GLY MA 99 -35.06 60.20 -37.90
C GLY MA 99 -36.30 61.01 -37.60
N LYS MA 100 -37.43 60.34 -37.45
CA LYS MA 100 -38.69 61.03 -37.13
C LYS MA 100 -38.66 61.55 -35.69
N THR NA 2 13.12 52.06 72.71
CA THR NA 2 13.41 52.98 71.62
C THR NA 2 12.30 52.97 70.58
N LYS NA 3 12.39 53.88 69.60
CA LYS NA 3 11.44 53.91 68.51
C LYS NA 3 11.89 52.90 67.45
N ARG NA 4 11.19 51.77 67.38
CA ARG NA 4 11.63 50.69 66.51
C ARG NA 4 11.30 50.96 65.04
N THR NA 5 10.17 51.62 64.77
CA THR NA 5 9.80 51.99 63.41
C THR NA 5 9.41 53.46 63.37
N LYS NA 6 9.84 54.16 62.32
CA LYS NA 6 9.54 55.58 62.21
C LYS NA 6 8.05 55.81 62.02
N LYS NA 7 7.43 55.12 61.07
CA LYS NA 7 6.01 55.31 60.78
C LYS NA 7 5.23 54.03 60.55
N ALA NA 8 5.86 52.91 60.23
CA ALA NA 8 5.11 51.71 59.86
C ALA NA 8 4.18 51.28 60.98
N GLY NA 9 4.67 51.25 62.21
CA GLY NA 9 3.84 50.83 63.32
C GLY NA 9 3.42 49.38 63.18
N ILE NA 10 2.12 49.13 63.43
CA ILE NA 10 1.62 47.76 63.49
C ILE NA 10 1.69 47.06 62.13
N VAL NA 11 1.74 47.80 61.03
CA VAL NA 11 1.75 47.18 59.71
C VAL NA 11 3.17 46.80 59.31
N GLY NA 12 4.10 46.88 60.26
CA GLY NA 12 5.44 46.39 60.02
C GLY NA 12 5.51 44.88 59.83
N LYS NA 13 4.46 44.15 60.24
CA LYS NA 13 4.41 42.72 60.06
C LYS NA 13 4.28 42.31 58.60
N TYR NA 14 3.95 43.24 57.70
CA TYR NA 14 3.81 42.95 56.28
C TYR NA 14 5.10 43.16 55.50
N GLY NA 15 6.17 43.60 56.15
CA GLY NA 15 7.43 43.79 55.45
C GLY NA 15 7.29 44.80 54.33
N THR NA 16 7.77 44.43 53.15
CA THR NA 16 7.78 45.30 51.98
C THR NA 16 6.67 44.96 50.99
N ARG NA 17 5.66 44.22 51.42
CA ARG NA 17 4.64 43.68 50.53
C ARG NA 17 3.41 44.57 50.48
N TYR NA 18 2.69 44.50 49.36
CA TYR NA 18 1.34 45.01 49.13
C TYR NA 18 1.27 46.50 48.84
N GLY NA 19 2.38 47.23 48.90
CA GLY NA 19 2.34 48.65 48.57
C GLY NA 19 2.08 49.52 49.78
N ALA NA 20 2.65 50.72 49.75
CA ALA NA 20 2.54 51.63 50.88
C ALA NA 20 1.09 52.06 51.11
N SER NA 21 0.36 52.36 50.03
CA SER NA 21 -1.01 52.86 50.19
C SER NA 21 -1.91 51.83 50.85
N LEU NA 22 -1.80 50.55 50.44
CA LEU NA 22 -2.62 49.53 51.07
C LEU NA 22 -2.22 49.32 52.53
N ARG NA 23 -0.91 49.36 52.82
CA ARG NA 23 -0.48 49.27 54.21
C ARG NA 23 -0.95 50.49 55.00
N LYS NA 24 -0.85 51.68 54.42
CA LYS NA 24 -1.38 52.87 55.08
C LYS NA 24 -2.88 52.77 55.27
N GLN NA 25 -3.59 52.30 54.25
CA GLN NA 25 -5.05 52.19 54.33
C GLN NA 25 -5.47 51.18 55.40
N ILE NA 26 -4.79 50.03 55.46
CA ILE NA 26 -5.18 48.99 56.40
C ILE NA 26 -4.75 49.32 57.82
N LYS NA 27 -3.82 50.26 58.00
CA LYS NA 27 -3.33 50.57 59.34
C LYS NA 27 -4.45 51.07 60.24
N LYS NA 28 -5.32 51.94 59.71
CA LYS NA 28 -6.41 52.47 60.52
C LYS NA 28 -7.24 51.35 61.13
N MET NA 29 -7.69 50.40 60.31
CA MET NA 29 -8.52 49.32 60.82
C MET NA 29 -7.70 48.32 61.63
N GLU NA 30 -6.43 48.13 61.29
CA GLU NA 30 -5.59 47.22 62.06
C GLU NA 30 -5.43 47.70 63.50
N VAL NA 31 -5.26 49.01 63.69
CA VAL NA 31 -5.14 49.56 65.03
C VAL NA 31 -6.48 49.47 65.76
N SER NA 32 -7.56 49.87 65.09
CA SER NA 32 -8.85 49.98 65.76
C SER NA 32 -9.36 48.63 66.23
N GLN NA 33 -9.23 47.59 65.40
CA GLN NA 33 -9.83 46.30 65.74
C GLN NA 33 -9.05 45.58 66.85
N HIS NA 34 -7.81 45.97 67.10
CA HIS NA 34 -6.99 45.34 68.13
C HIS NA 34 -6.88 46.18 69.40
N SER NA 35 -7.64 47.26 69.50
CA SER NA 35 -7.57 48.14 70.66
C SER NA 35 -8.68 47.81 71.66
N LYS NA 36 -8.47 48.25 72.89
CA LYS NA 36 -9.46 48.10 73.95
C LYS NA 36 -10.43 49.27 73.91
N TYR NA 37 -11.69 48.98 74.20
CA TYR NA 37 -12.75 49.98 74.16
C TYR NA 37 -13.45 50.06 75.50
N PHE NA 38 -14.01 51.24 75.78
CA PHE NA 38 -14.69 51.50 77.04
C PHE NA 38 -16.00 50.71 77.10
N CYS NA 39 -16.22 50.02 78.22
CA CYS NA 39 -17.46 49.29 78.45
C CYS NA 39 -18.44 50.20 79.19
N GLU NA 40 -19.54 50.56 78.52
CA GLU NA 40 -20.53 51.41 79.16
C GLU NA 40 -21.18 50.74 80.37
N PHE NA 41 -21.16 49.40 80.42
CA PHE NA 41 -21.86 48.70 81.50
C PHE NA 41 -21.04 48.70 82.79
N CYS NA 42 -19.78 48.28 82.72
CA CYS NA 42 -18.95 48.17 83.91
C CYS NA 42 -18.01 49.35 84.10
N GLY NA 43 -17.75 50.13 83.07
CA GLY NA 43 -16.89 51.29 83.19
C GLY NA 43 -15.40 51.03 83.02
N LYS NA 44 -15.03 49.90 82.43
CA LYS NA 44 -13.63 49.54 82.25
C LYS NA 44 -13.28 49.53 80.77
N TYR NA 45 -12.00 49.77 80.48
CA TYR NA 45 -11.47 49.66 79.12
C TYR NA 45 -11.03 48.21 78.86
N ALA NA 46 -12.04 47.35 78.76
CA ALA NA 46 -11.81 45.91 78.63
C ALA NA 46 -12.65 45.28 77.54
N VAL NA 47 -13.07 46.05 76.54
CA VAL NA 47 -13.86 45.53 75.42
C VAL NA 47 -12.92 45.27 74.26
N LYS NA 48 -12.88 44.04 73.78
CA LYS NA 48 -12.08 43.64 72.65
C LYS NA 48 -12.92 42.83 71.68
N ARG NA 49 -12.52 42.85 70.41
CA ARG NA 49 -13.29 42.17 69.37
C ARG NA 49 -13.07 40.66 69.46
N LYS NA 50 -14.18 39.91 69.48
CA LYS NA 50 -14.11 38.46 69.37
C LYS NA 50 -14.07 38.03 67.91
N ALA NA 51 -15.05 38.47 67.13
CA ALA NA 51 -15.07 38.28 65.69
C ALA NA 51 -15.63 39.56 65.07
N VAL NA 52 -15.61 39.60 63.73
CA VAL NA 52 -16.07 40.79 63.02
C VAL NA 52 -17.50 41.12 63.47
N GLY NA 53 -17.67 42.32 64.03
CA GLY NA 53 -18.97 42.77 64.48
C GLY NA 53 -19.34 42.37 65.90
N ILE NA 54 -18.51 41.61 66.58
CA ILE NA 54 -18.80 41.11 67.92
C ILE NA 54 -17.75 41.65 68.88
N TRP NA 55 -18.20 42.27 69.97
CA TRP NA 55 -17.32 42.91 70.94
C TRP NA 55 -17.74 42.49 72.34
N GLY NA 56 -16.83 41.83 73.05
CA GLY NA 56 -17.12 41.32 74.38
C GLY NA 56 -16.23 41.96 75.43
N CYS NA 57 -16.82 42.28 76.58
CA CYS NA 57 -16.09 42.83 77.70
C CYS NA 57 -15.49 41.70 78.52
N LYS NA 58 -14.19 41.79 78.78
CA LYS NA 58 -13.50 40.75 79.55
C LYS NA 58 -14.02 40.68 80.98
N ASP NA 59 -14.38 41.82 81.57
CA ASP NA 59 -14.68 41.88 82.99
C ASP NA 59 -16.11 41.43 83.29
N CYS NA 60 -17.10 42.18 82.79
CA CYS NA 60 -18.49 41.91 83.11
C CYS NA 60 -19.13 40.86 82.19
N GLY NA 61 -18.46 40.48 81.11
CA GLY NA 61 -18.98 39.45 80.22
C GLY NA 61 -20.07 39.91 79.27
N LYS NA 62 -20.35 41.20 79.19
CA LYS NA 62 -21.33 41.70 78.23
C LYS NA 62 -20.77 41.62 76.82
N VAL NA 63 -21.55 41.02 75.92
CA VAL NA 63 -21.17 40.89 74.51
C VAL NA 63 -22.08 41.81 73.71
N LYS NA 64 -21.47 42.65 72.88
CA LYS NA 64 -22.17 43.69 72.15
C LYS NA 64 -21.91 43.55 70.66
N ALA NA 65 -22.95 43.78 69.86
CA ALA NA 65 -22.84 43.78 68.41
C ALA NA 65 -22.50 45.20 67.94
N GLY NA 66 -21.33 45.35 67.32
CA GLY NA 66 -20.85 46.64 66.88
C GLY NA 66 -20.37 46.58 65.44
N GLY NA 67 -19.43 47.47 65.13
CA GLY NA 67 -18.89 47.55 63.79
C GLY NA 67 -17.89 46.44 63.48
N ALA NA 68 -17.53 46.36 62.21
CA ALA NA 68 -16.60 45.32 61.77
C ALA NA 68 -15.23 45.48 62.44
N TYR NA 69 -14.75 46.71 62.55
CA TYR NA 69 -13.41 46.97 63.07
C TYR NA 69 -13.38 48.00 64.18
N THR NA 70 -14.52 48.61 64.53
CA THR NA 70 -14.63 49.51 65.67
C THR NA 70 -15.88 49.15 66.44
N LEU NA 71 -15.87 49.42 67.75
CA LEU NA 71 -17.02 49.12 68.57
C LEU NA 71 -18.25 49.87 68.08
N ASN NA 72 -18.11 51.16 67.83
CA ASN NA 72 -19.21 52.01 67.38
C ASN NA 72 -18.83 52.66 66.06
N THR NA 73 -19.66 52.45 65.04
CA THR NA 73 -19.46 53.11 63.76
C THR NA 73 -20.09 54.50 63.80
N ALA NA 74 -19.66 55.35 62.85
CA ALA NA 74 -20.20 56.70 62.79
C ALA NA 74 -21.70 56.68 62.50
N SER NA 75 -22.14 55.83 61.58
CA SER NA 75 -23.57 55.75 61.28
C SER NA 75 -24.36 55.21 62.45
N ALA NA 76 -23.75 54.38 63.30
CA ALA NA 76 -24.46 53.83 64.45
C ALA NA 76 -24.90 54.94 65.40
N VAL NA 77 -24.04 55.92 65.63
CA VAL NA 77 -24.38 57.03 66.51
C VAL NA 77 -25.54 57.84 65.92
N THR NA 78 -25.47 58.10 64.61
CA THR NA 78 -26.53 58.88 63.96
C THR NA 78 -27.87 58.15 64.02
N VAL NA 79 -27.85 56.84 63.85
CA VAL NA 79 -29.10 56.07 63.89
C VAL NA 79 -29.73 56.17 65.27
N ARG NA 80 -28.92 56.05 66.33
CA ARG NA 80 -29.47 56.11 67.68
C ARG NA 80 -30.14 57.46 67.94
N SER NA 81 -29.50 58.56 67.53
CA SER NA 81 -30.10 59.87 67.72
C SER NA 81 -31.35 60.04 66.85
N THR NA 82 -31.30 59.52 65.63
CA THR NA 82 -32.47 59.60 64.75
C THR NA 82 -33.66 58.84 65.34
N ILE NA 83 -33.40 57.62 65.82
CA ILE NA 83 -34.47 56.84 66.43
C ILE NA 83 -34.98 57.51 67.69
N ARG NA 84 -34.07 58.07 68.50
CA ARG NA 84 -34.49 58.74 69.72
C ARG NA 84 -35.40 59.92 69.43
N ARG NA 85 -35.06 60.72 68.41
CA ARG NA 85 -35.90 61.86 68.06
C ARG NA 85 -37.29 61.40 67.64
N LEU NA 86 -37.38 60.35 66.82
CA LEU NA 86 -38.67 59.85 66.38
C LEU NA 86 -39.49 59.31 67.55
N ARG NA 87 -38.84 58.61 68.48
CA ARG NA 87 -39.57 58.07 69.62
C ARG NA 87 -40.19 59.17 70.47
N GLU NA 88 -39.47 60.27 70.69
CA GLU NA 88 -39.99 61.35 71.51
C GLU NA 88 -41.25 61.96 70.90
N GLN NA 89 -41.25 62.17 69.58
CA GLN NA 89 -42.42 62.73 68.92
C GLN NA 89 -43.62 61.80 69.06
N THR NA 90 -43.42 60.49 68.84
CA THR NA 90 -44.52 59.55 68.92
C THR NA 90 -45.01 59.40 70.36
N GLU NA 91 -44.09 59.41 71.32
CA GLU NA 91 -44.45 59.26 72.73
C GLU NA 91 -44.88 60.56 73.39
N SER NA 92 -44.89 61.67 72.65
CA SER NA 92 -45.33 62.94 73.20
C SER NA 92 -46.74 62.85 73.76
N1 THC OA 2 -27.82 -57.28 -31.38
CN THC OA 2 -27.65 -57.67 -30.12
ON THC OA 2 -27.81 -56.90 -29.16
CM THC OA 2 -27.22 -59.10 -29.91
CA THC OA 2 -28.22 -55.93 -31.72
CB THC OA 2 -27.13 -55.18 -32.51
OG1 THC OA 2 -27.74 -54.34 -33.48
CG2 THC OA 2 -26.15 -56.12 -33.17
C THC OA 2 -29.52 -55.95 -32.51
O THC OA 2 -29.55 -56.25 -33.69
HN THC OA 2 -27.70 -57.94 -32.14
HM1 THC OA 2 -27.54 -59.46 -28.94
HM2 THC OA 2 -26.14 -59.22 -29.97
HM3 THC OA 2 -27.67 -59.76 -30.66
HA THC OA 2 -28.43 -55.34 -30.83
HB THC OA 2 -26.63 -54.48 -31.84
HG1 THC OA 2 -27.78 -54.83 -34.35
HG21 THC OA 2 -25.43 -55.57 -33.78
HG22 THC OA 2 -26.65 -56.82 -33.83
HG23 THC OA 2 -25.57 -56.72 -32.47
N THR OA 3 -30.60 -55.62 -31.82
CA THR OA 3 -31.93 -55.61 -32.43
C THR OA 3 -32.16 -54.33 -33.22
N VAL OA 4 -31.32 -53.33 -32.98
CA VAL OA 4 -31.34 -52.09 -33.75
C VAL OA 4 -30.13 -52.10 -34.67
N PRO OA 5 -30.03 -51.19 -35.64
CA PRO OA 5 -28.88 -51.21 -36.55
C PRO OA 5 -27.56 -51.09 -35.79
N GLY OA 6 -26.55 -51.80 -36.27
CA GLY OA 6 -25.25 -51.77 -35.61
C GLY OA 6 -24.61 -50.40 -35.60
N GLN OA 7 -24.80 -49.64 -36.67
CA GLN OA 7 -24.23 -48.29 -36.72
C GLN OA 7 -24.77 -47.43 -35.59
N LEU OA 8 -26.07 -47.55 -35.29
CA LEU OA 8 -26.65 -46.82 -34.16
C LEU OA 8 -26.03 -47.26 -32.84
N VAL OA 9 -25.84 -48.56 -32.66
CA VAL OA 9 -25.26 -49.06 -31.41
C VAL OA 9 -23.86 -48.51 -31.21
N TRP OA 10 -23.07 -48.44 -32.29
CA TRP OA 10 -21.71 -47.93 -32.16
C TRP OA 10 -21.71 -46.48 -31.68
N GLU OA 11 -22.64 -45.67 -32.17
CA GLU OA 11 -22.75 -44.29 -31.72
C GLU OA 11 -22.98 -44.21 -30.22
N ILE OA 12 -23.66 -45.19 -29.64
CA ILE OA 12 -24.00 -45.17 -28.23
C ILE OA 12 -22.87 -45.71 -27.37
N VAL OA 13 -22.29 -46.85 -27.73
CA VAL OA 13 -21.33 -47.54 -26.89
C VAL OA 13 -19.89 -47.13 -27.15
N LYS OA 14 -19.61 -46.36 -28.20
CA LYS OA 14 -18.23 -46.00 -28.49
C LYS OA 14 -17.63 -45.07 -27.44
N LYS OA 15 -18.45 -44.33 -26.71
CA LYS OA 15 -17.95 -43.43 -25.68
C LYS OA 15 -17.76 -44.13 -24.34
N ASN OA 16 -18.66 -45.04 -23.98
CA ASN OA 16 -18.61 -45.67 -22.67
C ASN OA 16 -19.37 -46.98 -22.71
N ASN OA 17 -18.71 -48.05 -22.29
CA ASN OA 17 -19.36 -49.34 -22.07
C ASN OA 17 -18.52 -50.13 -21.09
N SER OA 18 -19.12 -51.16 -20.50
CA SER OA 18 -18.47 -51.90 -19.43
C SER OA 18 -17.22 -52.64 -19.92
N PHE OA 19 -17.09 -52.87 -21.23
CA PHE OA 19 -15.93 -53.56 -21.79
C PHE OA 19 -14.83 -52.62 -22.24
N LEU OA 20 -15.04 -51.31 -22.17
CA LEU OA 20 -14.04 -50.34 -22.63
C LEU OA 20 -12.95 -50.19 -21.57
N VAL OA 21 -11.71 -50.43 -21.97
CA VAL OA 21 -10.56 -50.29 -21.09
C VAL OA 21 -9.71 -49.13 -21.62
N LYS OA 22 -9.61 -48.07 -20.83
CA LYS OA 22 -8.81 -46.91 -21.19
C LYS OA 22 -7.77 -46.66 -20.10
N GLU OA 23 -6.56 -46.28 -20.52
CA GLU OA 23 -5.48 -45.98 -19.59
C GLU OA 23 -4.72 -44.76 -20.07
N PHE OA 24 -4.09 -44.07 -19.12
CA PHE OA 24 -3.21 -42.94 -19.39
C PHE OA 24 -3.97 -41.71 -19.90
N GLY OA 25 -5.20 -41.53 -19.46
CA GLY OA 25 -5.91 -40.30 -19.74
C GLY OA 25 -6.35 -40.17 -21.20
N ASN OA 26 -6.72 -38.94 -21.56
CA ASN OA 26 -7.25 -38.64 -22.88
C ASN OA 26 -6.31 -37.74 -23.69
N GLY OA 27 -5.04 -37.71 -23.34
CA GLY OA 27 -4.03 -37.00 -24.10
C GLY OA 27 -3.37 -37.91 -25.12
N THR OA 28 -2.11 -37.59 -25.43
CA THR OA 28 -1.37 -38.41 -26.38
C THR OA 28 -1.05 -39.79 -25.82
N ALA OA 29 -0.91 -39.90 -24.50
CA ALA OA 29 -0.57 -41.18 -23.88
C ALA OA 29 -1.73 -42.15 -23.87
N GLY OA 30 -2.95 -41.72 -24.22
CA GLY OA 30 -4.12 -42.56 -24.14
C GLY OA 30 -4.02 -43.85 -24.93
N VAL OA 31 -4.36 -44.96 -24.28
CA VAL OA 31 -4.44 -46.27 -24.92
C VAL OA 31 -5.82 -46.84 -24.62
N VAL OA 32 -6.47 -47.38 -25.65
CA VAL OA 32 -7.85 -47.87 -25.53
C VAL OA 32 -7.90 -49.31 -26.03
N PHE OA 33 -8.55 -50.18 -25.26
CA PHE OA 33 -8.80 -51.55 -25.67
C PHE OA 33 -10.23 -51.92 -25.30
N SER OA 34 -10.75 -52.95 -25.97
CA SER OA 34 -12.06 -53.50 -25.69
C SER OA 34 -11.92 -54.99 -25.39
N LYS OA 35 -12.62 -55.47 -24.38
CA LYS OA 35 -12.42 -56.82 -23.86
C LYS OA 35 -13.67 -57.69 -23.93
N GLU OA 36 -14.58 -57.40 -24.88
CA GLU OA 36 -15.71 -58.29 -25.06
C GLU OA 36 -15.25 -59.57 -25.75
N PRO OA 37 -15.84 -60.72 -25.39
CA PRO OA 37 -15.30 -62.00 -25.88
C PRO OA 37 -15.36 -62.16 -27.39
N ASN OA 38 -16.24 -61.44 -28.09
CA ASN OA 38 -16.38 -61.57 -29.53
C ASN OA 38 -15.67 -60.45 -30.29
N ASN OA 39 -14.58 -59.94 -29.75
CA ASN OA 39 -13.73 -58.95 -30.41
C ASN OA 39 -12.38 -59.59 -30.66
N LEU OA 40 -12.09 -59.91 -31.92
CA LEU OA 40 -10.91 -60.71 -32.24
C LEU OA 40 -9.63 -60.02 -31.78
N TYR OA 41 -9.47 -58.74 -32.11
CA TYR OA 41 -8.26 -58.00 -31.78
C TYR OA 41 -8.40 -57.17 -30.50
N ASN OA 42 -9.54 -57.24 -29.82
CA ASN OA 42 -9.77 -56.47 -28.59
C ASN OA 42 -9.60 -54.97 -28.84
N LEU OA 43 -9.85 -54.53 -30.07
CA LEU OA 43 -9.72 -53.13 -30.43
C LEU OA 43 -11.06 -52.42 -30.29
N HIS OA 44 -11.01 -51.16 -29.85
CA HIS OA 44 -12.21 -50.34 -29.71
C HIS OA 44 -12.46 -49.63 -31.03
N SER OA 45 -13.09 -50.35 -31.95
CA SER OA 45 -13.42 -49.81 -33.26
C SER OA 45 -14.72 -50.43 -33.74
N TYR OA 46 -15.39 -49.72 -34.64
CA TYR OA 46 -16.63 -50.24 -35.22
C TYR OA 46 -16.39 -51.53 -35.99
N LYS OA 47 -15.21 -51.68 -36.60
CA LYS OA 47 -14.90 -52.89 -37.36
C LYS OA 47 -14.89 -54.12 -36.45
N HIS OA 48 -14.14 -54.06 -35.36
CA HIS OA 48 -13.95 -55.23 -34.49
C HIS OA 48 -14.94 -55.30 -33.35
N SER OA 49 -15.82 -54.31 -33.20
CA SER OA 49 -16.71 -54.28 -32.04
C SER OA 49 -17.59 -55.51 -32.01
N GLY OA 50 -17.66 -56.14 -30.84
CA GLY OA 50 -18.58 -57.25 -30.63
C GLY OA 50 -19.97 -56.85 -30.21
N LEU OA 51 -20.20 -55.56 -29.98
CA LEU OA 51 -21.51 -55.06 -29.58
C LEU OA 51 -22.30 -54.45 -30.72
N ALA OA 52 -21.63 -53.84 -31.69
CA ALA OA 52 -22.29 -53.07 -32.75
C ALA OA 52 -22.31 -53.80 -34.08
N ASN OA 53 -22.11 -55.12 -34.09
CA ASN OA 53 -22.15 -55.91 -35.32
C ASN OA 53 -23.02 -57.13 -35.10
N LYS OA 54 -23.95 -57.35 -36.03
CA LYS OA 54 -24.75 -58.58 -35.98
C LYS OA 54 -23.89 -59.81 -36.21
N LYS OA 55 -22.95 -59.73 -37.14
CA LYS OA 55 -22.08 -60.85 -37.50
C LYS OA 55 -20.72 -60.63 -36.84
N THR OA 56 -20.39 -61.47 -35.86
CA THR OA 56 -19.15 -61.37 -35.12
C THR OA 56 -18.53 -62.76 -34.97
N VAL OA 57 -17.22 -62.78 -34.75
CA VAL OA 57 -16.44 -64.01 -34.66
C VAL OA 57 -15.82 -64.09 -33.28
N THR OA 58 -15.97 -65.25 -32.63
CA THR OA 58 -15.36 -65.52 -31.34
C THR OA 58 -14.44 -66.72 -31.47
N ILE OA 59 -13.19 -66.56 -31.03
CA ILE OA 59 -12.20 -67.63 -31.02
C ILE OA 59 -11.47 -67.56 -29.69
N GLN OA 60 -11.60 -68.59 -28.88
CA GLN OA 60 -10.99 -68.62 -27.55
C GLN OA 60 -10.85 -70.07 -27.12
N PRO OA 61 -10.01 -70.33 -26.11
CA PRO OA 61 -9.89 -71.71 -25.62
C PRO OA 61 -11.21 -72.24 -25.08
N ASP OA 62 -11.43 -73.54 -25.29
CA ASP OA 62 -12.66 -74.22 -24.88
C ASP OA 62 -12.31 -75.31 -23.87
N GLY OA 63 -12.67 -75.11 -22.61
CA GLY OA 63 -12.54 -76.14 -21.62
C GLY OA 63 -11.13 -76.68 -21.46
N LYS OA 64 -10.92 -77.92 -21.89
CA LYS OA 64 -9.65 -78.62 -21.71
C LYS OA 64 -9.22 -79.27 -23.02
N ASP OA 65 -8.06 -79.91 -22.97
CA ASP OA 65 -7.55 -80.74 -24.07
C ASP OA 65 -7.32 -79.92 -25.34
N LYS OA 66 -6.77 -78.72 -25.16
CA LYS OA 66 -6.35 -77.88 -26.29
C LYS OA 66 -7.49 -77.66 -27.28
N SER OA 67 -8.72 -77.70 -26.81
CA SER OA 67 -9.86 -77.44 -27.67
C SER OA 67 -10.02 -75.94 -27.90
N VAL OA 68 -10.38 -75.57 -29.13
CA VAL OA 68 -10.58 -74.18 -29.50
C VAL OA 68 -12.03 -74.00 -29.92
N LEU OA 69 -12.71 -73.02 -29.32
CA LEU OA 69 -14.10 -72.71 -29.64
C LEU OA 69 -14.16 -71.71 -30.78
N LEU OA 70 -14.96 -72.03 -31.79
CA LEU OA 70 -15.25 -71.13 -32.91
C LEU OA 70 -16.74 -70.87 -32.90
N ALA OA 71 -17.14 -69.70 -32.41
CA ALA OA 71 -18.54 -69.33 -32.29
C ALA OA 71 -18.82 -68.09 -33.13
N THR OA 72 -19.90 -68.14 -33.90
CA THR OA 72 -20.38 -67.00 -34.66
C THR OA 72 -21.80 -66.67 -34.23
N SER OA 73 -22.12 -65.38 -34.24
CA SER OA 73 -23.44 -64.92 -33.83
C SER OA 73 -24.46 -65.22 -34.93
N LYS OA 74 -25.59 -65.79 -34.53
CA LYS OA 74 -26.66 -66.11 -35.47
C LYS OA 74 -27.41 -64.85 -35.86
N THR OA 75 -27.65 -64.67 -37.16
CA THR OA 75 -28.25 -63.43 -37.64
C THR OA 75 -29.70 -63.29 -37.22
N LYS OA 76 -30.44 -64.40 -37.11
CA LYS OA 76 -31.86 -64.36 -36.77
C LYS OA 76 -32.12 -64.49 -35.27
N LYS OA 77 -31.08 -64.57 -34.45
CA LYS OA 77 -31.24 -64.76 -33.01
C LYS OA 77 -30.65 -63.59 -32.21
N GLN OA 78 -30.69 -62.39 -32.79
CA GLN OA 78 -30.10 -61.23 -32.14
C GLN OA 78 -30.81 -60.87 -30.84
N ASN OA 79 -32.06 -61.30 -30.66
CA ASN OA 79 -32.83 -60.99 -29.47
C ASN OA 79 -32.89 -62.15 -28.48
N LYS OA 80 -32.07 -63.19 -28.68
CA LYS OA 80 -32.05 -64.36 -27.82
C LYS OA 80 -30.60 -64.59 -27.36
N PRO OA 81 -30.18 -63.94 -26.28
CA PRO OA 81 -28.76 -64.08 -25.87
C PRO OA 81 -28.32 -65.51 -25.62
N SER OA 82 -29.18 -66.35 -25.04
CA SER OA 82 -28.78 -67.71 -24.70
C SER OA 82 -28.60 -68.58 -25.94
N ARG OA 83 -29.13 -68.17 -27.09
CA ARG OA 83 -29.01 -68.94 -28.33
C ARG OA 83 -28.40 -68.12 -29.45
N LEU OA 84 -27.70 -67.04 -29.11
CA LEU OA 84 -27.12 -66.18 -30.14
C LEU OA 84 -25.88 -66.80 -30.78
N LEU OA 85 -25.15 -67.63 -30.05
CA LEU OA 85 -23.86 -68.15 -30.51
C LEU OA 85 -24.04 -69.52 -31.14
N ASN OA 86 -23.42 -69.72 -32.30
CA ASN OA 86 -23.33 -71.02 -32.97
C ASN OA 86 -21.94 -71.58 -32.69
N LYS OA 87 -21.83 -72.33 -31.59
CA LYS OA 87 -20.53 -72.80 -31.13
C LYS OA 87 -20.08 -74.02 -31.92
N SER OA 88 -18.77 -74.13 -32.09
CA SER OA 88 -18.16 -75.28 -32.77
C SER OA 88 -16.81 -75.53 -32.13
N VAL OA 89 -16.74 -76.54 -31.27
CA VAL OA 89 -15.50 -76.89 -30.58
C VAL OA 89 -14.62 -77.71 -31.52
N MET OA 90 -13.40 -77.26 -31.72
CA MET OA 90 -12.44 -77.90 -32.63
C MET OA 90 -11.27 -78.43 -31.82
N LYS OA 91 -10.91 -79.69 -32.05
CA LYS OA 91 -9.80 -80.33 -31.36
C LYS OA 91 -8.98 -81.16 -32.34
N LYS OA 92 -8.69 -80.61 -33.50
CA LYS OA 92 -7.88 -81.26 -34.53
C LYS OA 92 -6.62 -80.42 -34.78
N GLU OA 93 -5.86 -80.82 -35.80
CA GLU OA 93 -4.64 -80.11 -36.13
C GLU OA 93 -4.94 -78.66 -36.48
N PHE OA 94 -3.89 -77.83 -36.46
CA PHE OA 94 -4.05 -76.42 -36.78
C PHE OA 94 -4.53 -76.23 -38.21
N SER OA 95 -4.01 -77.02 -39.15
CA SER OA 95 -4.41 -76.87 -40.55
C SER OA 95 -5.90 -77.13 -40.72
N ARG OA 96 -6.43 -78.17 -40.06
CA ARG OA 96 -7.85 -78.42 -40.12
C ARG OA 96 -8.65 -77.27 -39.51
N MET OA 97 -8.18 -76.76 -38.37
CA MET OA 97 -8.87 -75.64 -37.73
C MET OA 97 -8.78 -74.38 -38.59
N ALA OA 98 -7.65 -74.16 -39.26
CA ALA OA 98 -7.51 -72.99 -40.11
C ALA OA 98 -8.51 -73.03 -41.26
N LYS OA 99 -8.71 -74.20 -41.87
CA LYS OA 99 -9.69 -74.32 -42.95
C LYS OA 99 -11.10 -74.07 -42.44
N ALA OA 100 -11.42 -74.56 -41.25
CA ALA OA 100 -12.76 -74.35 -40.70
C ALA OA 100 -13.05 -72.88 -40.48
N VAL OA 101 -12.06 -72.14 -39.95
CA VAL OA 101 -12.25 -70.70 -39.74
C VAL OA 101 -12.44 -69.99 -41.07
N THR OA 102 -11.62 -70.32 -42.07
CA THR OA 102 -11.76 -69.70 -43.38
C THR OA 102 -13.11 -70.04 -43.99
N ASN OA 103 -13.66 -71.22 -43.70
CA ASN OA 103 -14.94 -71.62 -44.26
C ASN OA 103 -16.10 -70.88 -43.59
N GLN OA 104 -16.03 -70.66 -42.29
CA GLN OA 104 -17.11 -70.08 -41.52
C GLN OA 104 -17.04 -68.56 -41.41
N VAL OA 105 -16.00 -67.93 -41.97
CA VAL OA 105 -15.80 -66.50 -41.87
C VAL OA 105 -15.74 -65.85 -43.25
N GLY OA 106 -14.97 -66.43 -44.17
CA GLY OA 106 -14.76 -65.83 -45.47
C GLY OA 106 -15.50 -66.49 -46.62
N ASP OA 107 -15.52 -67.82 -46.63
CA ASP OA 107 -16.11 -68.53 -47.77
C ASP OA 107 -17.60 -68.27 -47.88
N ASN OA 108 -18.30 -68.21 -46.76
CA ASN OA 108 -19.74 -67.97 -46.74
C ASN OA 108 -20.07 -66.48 -46.72
N TYR OA 109 -19.08 -65.61 -46.85
CA TYR OA 109 -19.30 -64.17 -46.85
C TYR OA 109 -19.95 -63.70 -45.55
N TYR OA 110 -19.54 -64.31 -44.43
CA TYR OA 110 -20.05 -63.91 -43.13
C TYR OA 110 -19.39 -62.61 -42.67
N ARG OA 111 -18.07 -62.62 -42.52
CA ARG OA 111 -17.29 -61.41 -42.24
C ARG OA 111 -15.95 -61.53 -42.95
N PRO OA 112 -15.94 -61.37 -44.27
CA PRO OA 112 -14.66 -61.48 -45.00
C PRO OA 112 -13.61 -60.50 -44.53
N ASP OA 113 -14.02 -59.33 -44.04
CA ASP OA 113 -13.07 -58.35 -43.53
C ASP OA 113 -12.38 -58.80 -42.25
N LEU OA 114 -12.87 -59.85 -41.60
CA LEU OA 114 -12.28 -60.36 -40.37
C LEU OA 114 -11.54 -61.68 -40.58
N LYS OA 115 -11.33 -62.10 -41.83
CA LYS OA 115 -10.65 -63.37 -42.07
C LYS OA 115 -9.22 -63.33 -41.57
N LYS OA 116 -8.48 -62.24 -41.87
CA LYS OA 116 -7.12 -62.14 -41.40
C LYS OA 116 -7.04 -62.12 -39.88
N ALA OA 117 -7.92 -61.35 -39.24
CA ALA OA 117 -7.92 -61.29 -37.78
C ALA OA 117 -8.27 -62.63 -37.16
N ALA OA 118 -9.26 -63.33 -37.74
CA ALA OA 118 -9.68 -64.61 -37.18
C ALA OA 118 -8.55 -65.64 -37.25
N LEU OA 119 -7.86 -65.71 -38.39
CA LEU OA 119 -6.75 -66.67 -38.51
C LEU OA 119 -5.62 -66.33 -37.54
N ALA OA 120 -5.29 -65.04 -37.41
CA ALA OA 120 -4.29 -64.65 -36.43
C ALA OA 120 -4.77 -64.95 -35.01
N ARG OA 121 -6.04 -64.68 -34.72
CA ARG OA 121 -6.60 -65.02 -33.42
C ARG OA 121 -6.53 -66.52 -33.17
N LEU OA 122 -6.86 -67.32 -34.17
CA LEU OA 122 -6.73 -68.77 -34.03
C LEU OA 122 -5.28 -69.17 -33.82
N SER OA 123 -4.37 -68.53 -34.56
CA SER OA 123 -2.94 -68.84 -34.42
C SER OA 123 -2.45 -68.50 -33.03
N ALA OA 124 -2.86 -67.35 -32.49
CA ALA OA 124 -2.43 -66.97 -31.14
C ALA OA 124 -3.01 -67.91 -30.08
N VAL OA 125 -4.30 -68.23 -30.19
CA VAL OA 125 -4.92 -69.11 -29.21
C VAL OA 125 -4.30 -70.50 -29.26
N HIS OA 126 -4.09 -71.02 -30.47
CA HIS OA 126 -3.52 -72.36 -30.60
C HIS OA 126 -2.12 -72.43 -30.00
N ARG OA 127 -1.29 -71.41 -30.25
CA ARG OA 127 0.07 -71.43 -29.74
C ARG OA 127 0.08 -71.42 -28.21
N SER OA 128 -0.80 -70.61 -27.60
CA SER OA 128 -0.84 -70.54 -26.15
C SER OA 128 -1.26 -71.86 -25.52
N LEU OA 129 -2.12 -72.62 -26.21
CA LEU OA 129 -2.53 -73.92 -25.69
C LEU OA 129 -1.36 -74.89 -25.68
N LYS OA 130 -0.52 -74.85 -26.71
CA LYS OA 130 0.66 -75.72 -26.76
C LYS OA 130 1.62 -75.40 -25.62
N VAL OA 131 1.86 -74.11 -25.37
CA VAL OA 131 2.80 -73.72 -24.32
C VAL OA 131 2.25 -74.11 -22.95
N THR OA 132 0.94 -73.99 -22.76
CA THR OA 132 0.37 -74.35 -21.46
C THR OA 132 0.58 -75.83 -21.16
N LYS OA 133 0.39 -76.69 -22.15
CA LYS OA 133 0.54 -78.12 -21.94
C LYS OA 133 1.98 -78.49 -21.57
N SER OA 134 2.94 -77.91 -22.29
CA SER OA 134 4.36 -78.26 -22.11
C SER OA 134 5.14 -77.21 -21.34
N GLY OA 135 4.90 -75.94 -21.62
CA GLY OA 135 5.64 -74.87 -20.97
C GLY OA 135 6.52 -74.12 -21.96
N ALA OA 136 6.96 -72.93 -21.59
CA ALA OA 136 7.80 -72.13 -22.48
C ALA OA 136 9.13 -72.84 -22.72
N LYS OA 137 9.54 -72.91 -23.99
CA LYS OA 137 10.81 -73.51 -24.36
C LYS OA 137 11.69 -72.60 -25.20
N LYS OA 138 11.13 -71.60 -25.86
CA LYS OA 138 11.90 -70.61 -26.61
C LYS OA 138 11.41 -69.23 -26.23
N ARG OA 139 12.35 -68.28 -26.20
CA ARG OA 139 12.01 -66.91 -25.80
C ARG OA 139 11.43 -66.09 -26.94
N ASN OA 140 11.56 -66.55 -28.18
CA ASN OA 140 11.00 -65.87 -29.34
C ASN OA 140 11.51 -64.44 -29.47
N ARG OA 141 12.76 -64.20 -29.10
CA ARG OA 141 13.35 -62.86 -29.15
C ARG OA 141 14.21 -62.63 -30.37
N GLN OA 142 14.59 -63.67 -31.10
CA GLN OA 142 15.44 -63.49 -32.27
C GLN OA 142 14.67 -62.84 -33.40
N ALA OA 143 15.40 -62.16 -34.28
CA ALA OA 143 14.83 -61.42 -35.41
C ALA OA 143 14.18 -60.14 -34.91
N1 PSU QA 35 -25.36 6.45 4.61
C2 PSU QA 35 -26.66 6.53 4.22
N3 PSU QA 35 -27.15 5.39 3.61
C4 PSU QA 35 -26.45 4.22 3.37
C5 PSU QA 35 -25.07 4.24 3.82
C6 PSU QA 35 -24.59 5.35 4.41
O2 PSU QA 35 -27.35 7.53 4.37
O4 PSU QA 35 -27.00 3.28 2.82
C1' PSU QA 35 -24.22 3.02 3.59
C2' PSU QA 35 -23.77 2.87 2.14
O2' PSU QA 35 -23.66 1.48 1.84
C3' PSU QA 35 -22.40 3.53 2.18
C4' PSU QA 35 -21.88 3.07 3.53
O3' PSU QA 35 -21.55 3.17 1.11
O4' PSU QA 35 -23.06 3.11 4.39
C5' PSU QA 35 -20.77 3.93 4.12
O5' PSU QA 35 -21.19 5.27 4.27
P PSU QA 35 -20.37 6.28 5.19
OP1 PSU QA 35 -19.00 6.37 4.65
OP2 PSU QA 35 -21.16 7.52 5.34
HN1 PSU QA 35 -24.94 7.27 5.05
HN3 PSU QA 35 -28.13 5.41 3.33
H6 PSU QA 35 -23.57 5.43 4.76
H1' PSU QA 35 -24.77 2.16 3.96
H2' PSU QA 35 -24.48 3.31 1.44
HO2' PSU QA 35 -24.60 1.19 1.93
H3' PSU QA 35 -22.54 4.60 2.20
H4' PSU QA 35 -21.52 2.06 3.50
H5' PSU QA 35 -19.94 3.93 3.43
H5'' PSU QA 35 -20.41 3.56 5.07
N1 OMU QA 44 -31.83 6.80 1.82
C2 OMU QA 44 -30.53 6.87 2.29
N3 OMU QA 44 -30.34 7.70 3.37
C4 OMU QA 44 -31.30 8.46 4.01
C5 OMU QA 44 -32.63 8.33 3.47
C6 OMU QA 44 -32.84 7.52 2.41
O2 OMU QA 44 -29.60 6.26 1.79
O4 OMU QA 44 -30.98 9.17 4.97
C1' OMU QA 44 -32.07 5.93 0.65
C2' OMU QA 44 -32.22 4.46 1.03
O2' OMU QA 44 -31.67 3.67 -0.02
CM2 OMU QA 44 -30.26 3.54 0.02
C3' OMU QA 44 -33.74 4.29 1.10
C4' OMU QA 44 -34.24 5.26 0.03
O3' OMU QA 44 -34.17 2.96 0.87
O4' OMU QA 44 -33.27 6.34 0.03
C5' OMU QA 44 -35.62 5.82 0.25
O5' OMU QA 44 -35.76 6.35 1.55
P OMU QA 44 -37.07 7.15 2.00
OP1 OMU QA 44 -38.23 6.29 1.72
OP2 OMU QA 44 -36.85 7.65 3.37
HN3 OMU QA 44 -29.41 7.78 3.72
H5 OMU QA 44 -33.43 8.89 3.93
H6 OMU QA 44 -33.82 7.41 1.97
H1' OMU QA 44 -31.31 6.11 -0.10
H2' OMU QA 44 -31.73 4.24 1.98
HM21 OMU QA 44 -30.02 2.91 -0.84
HM22 OMU QA 44 -29.73 4.48 -0.08
HM23 OMU QA 44 -29.92 3.03 0.92
H3' OMU QA 44 -34.07 4.64 2.07
H4' OMU QA 44 -34.21 4.80 -0.96
H5' OMU QA 44 -36.34 5.00 0.19
H5'' OMU QA 44 -35.89 6.57 -0.48
N1 OMU QA 48 -34.68 -0.37 10.60
C2 OMU QA 48 -33.53 0.36 10.83
N3 OMU QA 48 -33.73 1.62 11.30
C4 OMU QA 48 -34.93 2.21 11.60
C5 OMU QA 48 -36.08 1.40 11.35
C6 OMU QA 48 -35.92 0.15 10.86
O2 OMU QA 48 -32.40 -0.08 10.61
O4 OMU QA 48 -34.96 3.38 12.04
C1' OMU QA 48 -34.51 -1.73 10.03
C2' OMU QA 48 -34.07 -2.76 11.07
O2' OMU QA 48 -33.28 -3.76 10.42
CM2 OMU QA 48 -31.95 -3.35 10.14
C3' OMU QA 48 -35.41 -3.34 11.51
C4' OMU QA 48 -36.23 -3.32 10.23
O3' OMU QA 48 -35.30 -4.64 12.08
O4' OMU QA 48 -35.75 -2.15 9.51
C5' OMU QA 48 -37.72 -3.25 10.40
O5' OMU QA 48 -38.08 -2.48 11.54
P OMU QA 48 -39.37 -1.55 11.54
OP1 OMU QA 48 -40.56 -2.37 11.24
OP2 OMU QA 48 -39.34 -0.77 12.80
HN3 OMU QA 48 -32.91 2.20 11.40
H5 OMU QA 48 -37.06 1.81 11.56
H6 OMU QA 48 -36.76 -0.50 10.67
H1' OMU QA 48 -33.85 -1.67 9.17
H2' OMU QA 48 -33.52 -2.31 11.90
HM21 OMU QA 48 -31.48 -4.25 9.74
HM22 OMU QA 48 -31.86 -2.55 9.41
HM23 OMU QA 48 -31.41 -3.07 11.05
H3' OMU QA 48 -35.85 -2.66 12.23
H4' OMU QA 48 -36.01 -4.19 9.60
H5' OMU QA 48 -38.09 -4.25 10.58
H5'' OMU QA 48 -38.23 -2.85 9.51
N1 PSU QA 68 -66.25 -0.22 -4.80
C2 PSU QA 68 -67.55 0.18 -4.73
N3 PSU QA 68 -68.45 -0.66 -5.34
C4 PSU QA 68 -68.15 -1.84 -5.99
C5 PSU QA 68 -66.75 -2.20 -6.02
C6 PSU QA 68 -65.87 -1.37 -5.42
O2 PSU QA 68 -67.90 1.21 -4.15
O4 PSU QA 68 -69.05 -2.50 -6.51
C1' PSU QA 68 -66.37 -3.50 -6.65
C2' PSU QA 68 -66.36 -3.48 -8.18
O2' PSU QA 68 -66.83 -4.73 -8.65
C3' PSU QA 68 -64.87 -3.32 -8.48
C4' PSU QA 68 -64.21 -4.10 -7.36
O3' PSU QA 68 -64.50 -3.77 -9.78
O4' PSU QA 68 -65.07 -3.88 -6.22
C5' PSU QA 68 -62.80 -3.72 -7.02
O5' PSU QA 68 -62.77 -2.71 -6.01
P PSU QA 68 -61.52 -2.55 -5.03
OP1 PSU QA 68 -60.28 -2.72 -5.81
OP2 PSU QA 68 -61.74 -1.31 -4.25
HN1 PSU QA 68 -65.54 0.37 -4.37
HN3 PSU QA 68 -69.42 -0.38 -5.31
H6 PSU QA 68 -64.79 -1.58 -5.41
H1' PSU QA 68 -67.03 -4.27 -6.25
H2' PSU QA 68 -67.00 -2.70 -8.58
HO2' PSU QA 68 -67.73 -4.77 -8.22
H3' PSU QA 68 -64.61 -2.27 -8.38
H4' PSU QA 68 -64.22 -5.17 -7.56
H5' PSU QA 68 -62.31 -3.31 -7.90
H5'' PSU QA 68 -62.20 -4.56 -6.67
N1 OMU QA 144 -83.04 -2.75 42.67
C2 OMU QA 144 -84.33 -3.16 42.41
N3 OMU QA 144 -84.64 -4.42 42.88
C4 OMU QA 144 -83.81 -5.27 43.59
C5 OMU QA 144 -82.50 -4.76 43.83
C6 OMU QA 144 -82.16 -3.54 43.38
O2 OMU QA 144 -85.13 -2.48 41.79
O4 OMU QA 144 -84.24 -6.36 43.97
C1' OMU QA 144 -82.63 -1.41 42.20
C2' OMU QA 144 -82.24 -0.45 43.33
O2' OMU QA 144 -83.36 0.24 43.83
CM2 OMU QA 144 -83.06 1.15 44.88
C3' OMU QA 144 -81.20 0.43 42.63
C4' OMU QA 144 -80.50 -0.56 41.71
O3' OMU QA 144 -81.85 1.43 41.85
O4' OMU QA 144 -81.47 -1.59 41.40
C5' OMU QA 144 -79.28 -1.23 42.30
O5' OMU QA 144 -78.16 -0.35 42.34
P OMU QA 144 -76.82 -0.79 43.05
OP1 OMU QA 144 -75.72 0.05 42.50
OP2 OMU QA 144 -77.05 -0.80 44.52
HN3 OMU QA 144 -85.58 -4.74 42.69
H5 OMU QA 144 -81.80 -5.38 44.38
H6 OMU QA 144 -81.17 -3.12 43.53
H1' OMU QA 144 -83.38 -1.00 41.53
H2' OMU QA 144 -81.77 -0.99 44.15
HM21 OMU QA 144 -83.10 2.13 44.41
HM22 OMU QA 144 -82.08 1.00 45.33
HM23 OMU QA 144 -83.83 1.12 45.66
H3' OMU QA 144 -80.51 0.85 43.35
H4' OMU QA 144 -80.21 -0.10 40.77
H5' OMU QA 144 -78.97 -2.05 41.64
H5'' OMU QA 144 -79.45 -1.63 43.29
P A2M QA 369 -4.37 -53.27 18.17
OP1 A2M QA 369 -4.25 -53.93 16.85
O5' A2M QA 369 -5.39 -54.04 19.09
C5' A2M QA 369 -6.82 -54.08 18.93
C4' A2M QA 369 -7.38 -55.17 19.81
O4' A2M QA 369 -6.89 -56.46 19.35
C3' A2M QA 369 -6.97 -55.11 21.28
O3' A2M QA 369 -7.84 -54.26 22.02
C2' A2M QA 369 -7.10 -56.57 21.71
O2' A2M QA 369 -8.44 -56.89 22.01
C1' A2M QA 369 -6.64 -57.32 20.45
CM' A2M QA 369 -8.63 -58.20 22.54
N9 A2M QA 369 -5.23 -57.67 20.44
C8 A2M QA 369 -4.23 -57.07 19.72
N7 A2M QA 369 -3.05 -57.62 19.89
C5 A2M QA 369 -3.29 -58.64 20.79
C6 A2M QA 369 -2.45 -59.61 21.37
N6 A2M QA 369 -1.14 -59.71 21.12
N1 A2M QA 369 -3.00 -60.49 22.24
C2 A2M QA 369 -4.31 -60.40 22.49
N3 A2M QA 369 -5.20 -59.53 22.00
C4 A2M QA 369 -4.63 -58.68 21.15
H5' A2M QA 369 -7.09 -54.23 17.89
H5'' A2M QA 369 -7.14 -53.08 19.22
H4' A2M QA 369 -8.46 -55.22 19.71
H3' A2M QA 369 -5.94 -54.79 21.36
H2' A2M QA 369 -6.44 -56.77 22.56
H1' A2M QA 369 -7.19 -58.23 20.23
HM'1 A2M QA 369 -9.67 -58.21 22.87
HM'2 A2M QA 369 -8.50 -58.98 21.81
HM'3 A2M QA 369 -7.99 -58.42 23.39
H8 A2M QA 369 -4.40 -56.23 19.05
OP2 A2M QA 369 -4.82 -51.87 18.00
H61 A2M QA 369 -0.67 -59.08 20.48
H62 A2M QA 369 -0.59 -60.44 21.57
H2 A2M QA 369 -4.70 -61.13 23.20
N1 PSU QA 378 21.38 -54.53 38.53
C2 PSU QA 378 20.87 -53.48 37.84
N3 PSU QA 378 21.64 -53.03 36.81
C4 PSU QA 378 22.86 -53.53 36.42
C5 PSU QA 378 23.35 -54.65 37.21
C6 PSU QA 378 22.58 -55.10 38.22
O2 PSU QA 378 19.78 -52.97 38.12
O4 PSU QA 378 23.47 -53.03 35.46
C1' PSU QA 378 24.69 -55.21 36.86
C2' PSU QA 378 25.86 -54.40 37.41
O2' PSU QA 378 26.97 -54.54 36.55
C3' PSU QA 378 26.11 -55.11 38.73
C4' PSU QA 378 25.90 -56.57 38.36
O3' PSU QA 378 27.39 -54.85 39.29
O4' PSU QA 378 24.80 -56.52 37.40
C5' PSU QA 378 25.56 -57.51 39.49
O5' PSU QA 378 24.40 -57.08 40.18
P PSU QA 378 23.55 -58.11 41.06
OP1 PSU QA 378 24.48 -58.78 42.00
OP2 PSU QA 378 22.37 -57.40 41.60
HN1 PSU QA 378 20.84 -54.92 39.30
HN3 PSU QA 378 21.28 -52.24 36.28
H6 PSU QA 378 22.88 -55.94 38.84
H1' PSU QA 378 24.74 -55.34 35.79
H2' PSU QA 378 25.62 -53.34 37.50
HO2' PSU QA 378 26.60 -54.15 35.71
H3' PSU QA 378 25.34 -54.82 39.44
H4' PSU QA 378 26.76 -56.98 37.84
H5' PSU QA 378 26.38 -57.53 40.20
H5'' PSU QA 378 25.39 -58.53 39.15
P OMG QA 399 2.70 -39.80 28.25
OP1 OMG QA 399 4.01 -39.59 28.90
OP2 OMG QA 399 1.50 -39.12 28.79
O5' OMG QA 399 2.83 -39.38 26.72
C5' OMG QA 399 1.93 -39.88 25.75
C4' OMG QA 399 1.69 -38.88 24.65
O4' OMG QA 399 0.70 -37.92 25.12
C3' OMG QA 399 2.91 -38.06 24.23
O3' OMG QA 399 2.83 -37.78 22.83
C2' OMG QA 399 2.74 -36.78 25.03
O2' OMG QA 399 3.42 -35.66 24.52
CM2 OMG QA 399 4.59 -35.29 25.23
C1' OMG QA 399 1.24 -36.60 24.98
N9 OMG QA 399 0.66 -35.75 26.03
C8 OMG QA 399 1.13 -35.54 27.30
N7 OMG QA 399 0.37 -34.71 27.99
C5 OMG QA 399 -0.64 -34.36 27.11
C6 OMG QA 399 -1.77 -33.50 27.28
O6 OMG QA 399 -2.08 -32.85 28.28
N1 OMG QA 399 -2.54 -33.42 26.14
C2 OMG QA 399 -2.28 -34.09 24.96
N2 OMG QA 399 -3.14 -33.92 23.96
N3 OMG QA 399 -1.24 -34.91 24.81
C4 OMG QA 399 -0.47 -34.99 25.90
H5' OMG QA 399 1.02 -40.23 26.22
H5'' OMG QA 399 2.44 -40.76 25.31
H4' OMG QA 399 1.23 -39.43 23.83
H3' OMG QA 399 3.83 -38.58 24.50
H2' OMG QA 399 3.16 -36.85 26.03
HM21 OMG QA 399 4.99 -34.46 24.67
HM22 OMG QA 399 4.43 -34.94 26.26
HM23 OMG QA 399 5.34 -36.09 25.25
H1' OMG QA 399 0.86 -36.21 24.04
H8 OMG QA 399 2.02 -36.02 27.70
HN1 OMG QA 399 -3.35 -32.82 26.19
HN21 OMG QA 399 -3.95 -33.32 24.01
HN22 OMG QA 399 -2.97 -34.39 23.07
P 1MA QA 656 11.86 -2.13 -16.76
OP1 1MA QA 656 12.21 -3.37 -17.47
OP2 1MA QA 656 10.46 -1.93 -16.33
O5' 1MA QA 656 12.79 -2.03 -15.47
C5' 1MA QA 656 14.20 -2.16 -15.57
C4' 1MA QA 656 14.82 -2.71 -14.30
O4' 1MA QA 656 14.64 -1.73 -13.23
C3' 1MA QA 656 14.22 -4.02 -13.80
O3' 1MA QA 656 15.25 -4.85 -13.25
C2' 1MA QA 656 13.28 -3.56 -12.68
O2' 1MA QA 656 13.02 -4.53 -11.70
C1' 1MA QA 656 14.07 -2.37 -12.11
N9 1MA QA 656 13.25 -1.40 -11.38
C8 1MA QA 656 11.90 -1.42 -11.16
N7 1MA QA 656 11.47 -0.39 -10.47
C5 1MA QA 656 12.62 0.34 -10.21
C6 1MA QA 656 12.80 1.54 -9.48
N6 1MA QA 656 11.76 2.17 -8.92
N1 1MA QA 656 14.09 1.96 -9.43
CM1 1MA QA 656 14.38 3.20 -8.70
C2 1MA QA 656 15.11 1.28 -10.02
N3 1MA QA 656 15.00 0.17 -10.70
C4 1MA QA 656 13.72 -0.26 -10.76
H5' 1MA QA 656 14.62 -1.19 -15.82
H5'' 1MA QA 656 14.38 -2.82 -16.43
H4' 1MA QA 656 15.90 -2.76 -14.44
H3' 1MA QA 656 13.67 -4.52 -14.58
H2' 1MA QA 656 12.30 -3.29 -13.06
HO2' 1MA QA 656 12.58 -5.26 -12.22
H1' 1MA QA 656 14.88 -2.67 -11.44
H8 1MA QA 656 11.26 -2.21 -11.54
HN61 1MA QA 656 11.14 1.65 -8.32
HM11 1MA QA 656 15.42 3.28 -8.41
HM12 1MA QA 656 14.16 4.07 -9.29
HM13 1MA QA 656 13.82 3.26 -7.77
H2 1MA QA 656 16.11 1.68 -9.94
P A2M QA 660 16.63 3.69 -5.48
OP1 A2M QA 660 16.43 2.51 -6.35
O5' A2M QA 660 15.72 3.56 -4.20
C5' A2M QA 660 15.11 2.34 -3.73
C4' A2M QA 660 13.61 2.49 -3.86
O4' A2M QA 660 13.24 2.48 -5.27
C3' A2M QA 660 12.79 1.37 -3.23
O3' A2M QA 660 12.56 1.66 -1.86
C2' A2M QA 660 11.51 1.41 -4.05
O2' A2M QA 660 10.68 2.48 -3.62
C1' A2M QA 660 12.05 1.72 -5.45
CM' A2M QA 660 9.29 2.29 -3.86
N9 A2M QA 660 12.38 0.53 -6.22
C8 A2M QA 660 13.63 0.17 -6.67
N7 A2M QA 660 13.65 -0.95 -7.37
C5 A2M QA 660 12.32 -1.34 -7.36
C6 A2M QA 660 11.67 -2.45 -7.94
N6 A2M QA 660 12.29 -3.40 -8.66
N1 A2M QA 660 10.33 -2.56 -7.76
C2 A2M QA 660 9.71 -1.61 -7.05
N3 A2M QA 660 10.22 -0.53 -6.47
C4 A2M QA 660 11.53 -0.45 -6.66
H5' A2M QA 660 15.38 2.13 -2.70
H5'' A2M QA 660 15.53 1.55 -4.35
H4' A2M QA 660 13.29 3.46 -3.49
H3' A2M QA 660 13.29 0.42 -3.38
H2' A2M QA 660 10.98 0.47 -4.01
H1' A2M QA 660 11.40 2.34 -6.07
HM'1 A2M QA 660 8.81 3.18 -3.45
HM'2 A2M QA 660 9.05 2.22 -4.92
HM'3 A2M QA 660 8.88 1.41 -3.35
H8 A2M QA 660 14.52 0.76 -6.48
OP2 A2M QA 660 16.30 4.93 -6.19
H61 A2M QA 660 11.78 -4.18 -9.06
H62 A2M QA 660 13.29 -3.33 -8.81
H2 A2M QA 660 8.63 -1.76 -6.94
N1 OMC QA 674 -23.22 -16.89 -5.06
C2 OMC QA 674 -23.69 -15.63 -4.71
N3 OMC QA 674 -23.35 -14.57 -5.49
C4 OMC QA 674 -22.56 -14.73 -6.57
C5 OMC QA 674 -22.07 -16.02 -6.94
C6 OMC QA 674 -22.42 -17.06 -6.17
O2 OMC QA 674 -24.40 -15.51 -3.72
N4 OMC QA 674 -22.25 -13.66 -7.30
C1' OMC QA 674 -23.57 -18.04 -4.20
C2' OMC QA 674 -24.95 -18.61 -4.54
O2' OMC QA 674 -25.53 -19.16 -3.37
CM2 OMC QA 674 -26.04 -18.19 -2.46
C3' OMC QA 674 -24.59 -19.71 -5.53
C4' OMC QA 674 -23.29 -20.25 -4.94
O4' OMC QA 674 -22.63 -19.08 -4.39
O3' OMC QA 674 -25.58 -20.70 -5.67
C5' OMC QA 674 -22.36 -20.96 -5.90
O5' OMC QA 674 -22.08 -20.18 -7.04
P OMC QA 674 -20.77 -20.42 -7.91
OP1 OMC QA 674 -20.77 -21.84 -8.32
OP2 OMC QA 674 -20.71 -19.38 -8.95
H5 OMC QA 674 -21.44 -16.16 -7.82
H6 OMC QA 674 -22.09 -18.07 -6.39
HN41 OMC QA 674 -22.61 -12.75 -7.07
HN42 OMC QA 674 -21.64 -13.75 -8.10
H1' OMC QA 674 -23.46 -17.77 -3.15
H2' OMC QA 674 -25.62 -17.87 -4.99
HM21 OMC QA 674 -25.21 -17.96 -1.80
HM22 OMC QA 674 -26.36 -17.27 -2.95
HM23 OMC QA 674 -26.88 -18.54 -1.85
H3' OMC QA 674 -24.36 -19.26 -6.49
H4' OMC QA 674 -23.49 -20.92 -4.11
H5' OMC QA 674 -22.85 -21.86 -6.27
H5'' OMC QA 674 -21.42 -21.27 -5.43
N1 OMU QA 675 -27.19 -15.26 -6.42
C2 OMU QA 675 -27.09 -13.90 -6.67
N3 OMU QA 675 -26.15 -13.57 -7.63
C4 OMU QA 675 -25.33 -14.43 -8.32
C5 OMU QA 675 -25.49 -15.81 -7.99
C6 OMU QA 675 -26.40 -16.18 -7.07
O2 OMU QA 675 -27.77 -13.07 -6.12
O4 OMU QA 675 -24.53 -13.98 -9.14
C1' OMU QA 675 -28.20 -15.68 -5.40
C2' OMU QA 675 -29.59 -15.79 -6.02
O2' OMU QA 675 -30.55 -15.49 -5.02
CM2 OMU QA 675 -30.69 -14.10 -4.73
C3' OMU QA 675 -29.63 -17.27 -6.37
C4' OMU QA 675 -28.91 -17.90 -5.19
O3' OMU QA 675 -30.94 -17.77 -6.57
O4' OMU QA 675 -27.85 -16.96 -4.90
C5' OMU QA 675 -28.33 -19.27 -5.40
O5' OMU QA 675 -27.51 -19.33 -6.56
P OMU QA 675 -26.64 -20.61 -6.89
OP1 OMU QA 675 -27.52 -21.80 -6.82
OP2 OMU QA 675 -25.88 -20.35 -8.13
HN3 OMU QA 675 -26.08 -12.59 -7.85
H5 OMU QA 675 -24.86 -16.54 -8.51
H6 OMU QA 675 -26.57 -17.22 -6.82
H1' OMU QA 675 -28.14 -15.02 -4.55
H2' OMU QA 675 -29.71 -15.16 -6.88
HM21 OMU QA 675 -29.92 -13.91 -3.99
HM22 OMU QA 675 -31.66 -13.83 -4.32
HM23 OMU QA 675 -30.47 -13.48 -5.60
H3' OMU QA 675 -29.03 -17.44 -7.26
H4' OMU QA 675 -29.55 -17.94 -4.31
H5' OMU QA 675 -27.67 -19.51 -4.57
H5'' OMU QA 675 -29.10 -20.05 -5.47
N1 OMU QA 804 -20.71 -15.30 -20.02
C2 OMU QA 804 -21.83 -14.61 -20.45
N3 OMU QA 804 -22.98 -14.87 -19.74
C4 OMU QA 804 -23.12 -15.73 -18.67
C5 OMU QA 804 -21.92 -16.41 -18.28
C6 OMU QA 804 -20.78 -16.18 -18.95
O2 OMU QA 804 -21.81 -13.82 -21.38
O4 OMU QA 804 -24.23 -15.86 -18.13
C1' OMU QA 804 -19.46 -15.05 -20.75
C2' OMU QA 804 -18.78 -13.76 -20.28
O2' OMU QA 804 -18.04 -13.22 -21.36
CM2 OMU QA 804 -18.84 -12.55 -22.33
C3' OMU QA 804 -17.84 -14.31 -19.21
C4' OMU QA 804 -17.39 -15.62 -19.81
O3' OMU QA 804 -16.77 -13.44 -18.88
O4' OMU QA 804 -18.56 -16.12 -20.50
C5' OMU QA 804 -16.91 -16.67 -18.82
O5' OMU QA 804 -17.81 -16.81 -17.74
P OMU QA 804 -17.73 -18.05 -16.76
OP1 OMU QA 804 -16.39 -18.05 -16.14
OP2 OMU QA 804 -18.93 -18.03 -15.90
HN3 OMU QA 804 -23.79 -14.38 -20.05
H5 OMU QA 804 -21.97 -17.10 -17.44
H6 OMU QA 804 -19.85 -16.66 -18.69
H1' OMU QA 804 -19.64 -15.09 -21.81
H2' OMU QA 804 -19.49 -13.04 -19.88
HM21 OMU QA 804 -18.12 -12.09 -23.00
HM22 OMU QA 804 -19.49 -13.20 -22.91
HM23 OMU QA 804 -19.44 -11.75 -21.88
H3' OMU QA 804 -18.43 -14.51 -18.32
H4' OMU QA 804 -16.61 -15.48 -20.55
H5' OMU QA 804 -15.97 -16.33 -18.39
H5'' OMU QA 804 -16.74 -17.63 -19.29
P OMG QA 815 -10.46 -6.66 6.55
OP1 OMG QA 815 -10.88 -6.82 7.96
OP2 OMG QA 815 -11.50 -6.58 5.51
O5' OMG QA 815 -9.56 -5.35 6.43
C5' OMG QA 815 -8.33 -5.24 7.14
C4' OMG QA 815 -7.61 -3.96 6.80
O4' OMG QA 815 -7.13 -4.00 5.44
C3' OMG QA 815 -8.46 -2.70 6.85
O3' OMG QA 815 -8.65 -2.21 8.17
C2' OMG QA 815 -7.68 -1.74 5.95
O2' OMG QA 815 -6.58 -1.15 6.62
CM2 OMG QA 815 -6.06 0.00 5.99
C1' OMG QA 815 -7.16 -2.71 4.88
N9 OMG QA 815 -8.02 -2.70 3.69
C8 OMG QA 815 -9.13 -3.47 3.45
N7 OMG QA 815 -9.70 -3.22 2.29
C5 OMG QA 815 -8.91 -2.22 1.74
C6 OMG QA 815 -9.02 -1.52 0.51
O6 OMG QA 815 -9.89 -1.64 -0.35
N1 OMG QA 815 -7.99 -0.60 0.34
C2 OMG QA 815 -6.99 -0.37 1.24
N2 OMG QA 815 -6.06 0.52 0.89
N3 OMG QA 815 -6.88 -1.00 2.40
C4 OMG QA 815 -7.86 -1.91 2.58
H5' OMG QA 815 -7.72 -6.13 6.97
H5'' OMG QA 815 -8.61 -5.23 8.19
H4' OMG QA 815 -6.74 -3.90 7.45
H3' OMG QA 815 -9.42 -2.91 6.39
H2' OMG QA 815 -8.24 -0.89 5.58
HM21 OMG QA 815 -5.69 -0.36 5.03
HM22 OMG QA 815 -6.77 0.79 5.77
HM23 OMG QA 815 -5.22 0.44 6.54
H1' OMG QA 815 -6.15 -2.48 4.53
H8 OMG QA 815 -9.49 -4.22 4.16
HN1 OMG QA 815 -8.01 -0.11 -0.53
HN21 OMG QA 815 -6.06 1.02 0.01
HN22 OMG QA 815 -5.32 0.75 1.54
P A2M QA 817 -9.80 3.45 11.74
OP1 A2M QA 817 -9.23 2.93 12.99
O5' A2M QA 817 -9.56 5.00 11.64
C5' A2M QA 817 -8.29 5.64 11.57
C4' A2M QA 817 -8.51 7.08 11.17
O4' A2M QA 817 -8.84 7.14 9.76
C3' A2M QA 817 -9.71 7.75 11.84
O3' A2M QA 817 -9.34 8.26 13.12
C2' A2M QA 817 -10.08 8.85 10.85
O2' A2M QA 817 -9.46 10.07 11.23
C1' A2M QA 817 -9.49 8.37 9.51
CM' A2M QA 817 -9.96 11.21 10.56
N9 A2M QA 817 -10.51 8.17 8.48
C8 A2M QA 817 -10.63 8.87 7.32
N7 A2M QA 817 -11.64 8.48 6.58
C5 A2M QA 817 -12.22 7.46 7.30
C6 A2M QA 817 -13.34 6.64 7.07
N6 A2M QA 817 -14.12 6.74 6.00
N1 A2M QA 817 -13.65 5.71 8.00
C2 A2M QA 817 -12.88 5.62 9.09
N3 A2M QA 817 -11.81 6.34 9.42
C4 A2M QA 817 -11.52 7.24 8.48
H5' A2M QA 817 -7.63 5.14 10.86
H5'' A2M QA 817 -7.86 5.53 12.56
H4' A2M QA 817 -7.61 7.67 11.29
H3' A2M QA 817 -10.54 7.05 11.92
H2' A2M QA 817 -11.17 8.97 10.81
H1' A2M QA 817 -8.74 9.02 9.09
HM'1 A2M QA 817 -11.00 11.30 10.89
HM'2 A2M QA 817 -9.96 11.12 9.48
HM'3 A2M QA 817 -9.44 12.12 10.83
H8 A2M QA 817 -9.96 9.67 7.03
OP2 A2M QA 817 -11.25 3.16 11.66
H61 A2M QA 817 -14.92 6.12 5.85
H62 A2M QA 817 -13.94 7.45 5.30
H2 A2M QA 817 -13.18 4.85 9.80
P A2M QA 827 -11.76 6.73 43.11
OP1 A2M QA 827 -12.92 6.17 43.84
O5' A2M QA 827 -10.99 5.58 42.32
C5' A2M QA 827 -10.86 4.21 42.73
C4' A2M QA 827 -9.46 3.96 43.26
O4' A2M QA 827 -9.34 2.58 43.66
C3' A2M QA 827 -8.35 4.13 42.23
O3' A2M QA 827 -7.10 4.33 42.89
C2' A2M QA 827 -8.37 2.76 41.53
O2' A2M QA 827 -7.14 2.48 40.87
C1' A2M QA 827 -8.53 1.87 42.75
CM' A2M QA 827 -6.83 3.36 39.81
N9 A2M QA 827 -9.16 0.59 42.46
C8 A2M QA 827 -10.40 0.39 41.89
N7 A2M QA 827 -10.75 -0.87 41.79
C5 A2M QA 827 -9.67 -1.55 42.34
C6 A2M QA 827 -9.43 -2.91 42.55
N6 A2M QA 827 -10.28 -3.89 42.21
N1 A2M QA 827 -8.26 -3.26 43.13
C2 A2M QA 827 -7.40 -2.30 43.47
N3 A2M QA 827 -7.52 -0.98 43.32
C4 A2M QA 827 -8.69 -0.67 42.74
H5' A2M QA 827 -11.09 3.53 41.91
H5'' A2M QA 827 -11.63 4.07 43.48
H4' A2M QA 827 -9.27 4.56 44.14
H3' A2M QA 827 -8.58 4.92 41.53
H2' A2M QA 827 -9.20 2.70 40.83
H1' A2M QA 827 -7.59 1.64 43.28
HM'1 A2M QA 827 -6.48 2.72 39.01
HM'2 A2M QA 827 -7.69 3.92 39.45
HM'3 A2M QA 827 -6.04 4.08 40.06
H8 A2M QA 827 -11.02 1.21 41.53
OP2 A2M QA 827 -10.86 7.42 44.04
H61 A2M QA 827 -10.08 -4.87 42.40
H62 A2M QA 827 -11.16 -3.65 41.76
H2 A2M QA 827 -6.48 -2.65 43.92
N1 PSU QA 829 -7.90 10.19 40.38
C2 PSU QA 829 -9.16 10.33 39.90
N3 PSU QA 829 -9.25 11.04 38.73
C4 PSU QA 829 -8.21 11.62 38.03
C5 PSU QA 829 -6.90 11.43 38.62
C6 PSU QA 829 -6.81 10.71 39.76
O2 PSU QA 829 -10.15 9.86 40.44
O4 PSU QA 829 -8.42 12.26 37.00
C1' PSU QA 829 -5.74 12.06 37.93
C2' PSU QA 829 -5.53 13.52 38.34
O2' PSU QA 829 -4.97 14.22 37.23
C3' PSU QA 829 -4.52 13.37 39.46
C4' PSU QA 829 -3.63 12.25 38.94
O3' PSU QA 829 -3.81 14.56 39.77
O4' PSU QA 829 -4.54 11.37 38.25
C5' PSU QA 829 -2.86 11.48 40.00
O5' PSU QA 829 -3.72 11.03 41.03
P PSU QA 829 -3.24 9.91 42.06
OP1 PSU QA 829 -1.93 10.31 42.61
OP2 PSU QA 829 -4.36 9.63 42.96
HN1 PSU QA 829 -7.77 9.67 41.25
HN3 PSU QA 829 -10.17 11.14 38.33
H6 PSU QA 829 -5.85 10.52 40.25
H1' PSU QA 829 -5.88 11.94 36.86
H2' PSU QA 829 -6.46 14.02 38.61
HO2' PSU QA 829 -5.76 14.71 36.88
H3' PSU QA 829 -5.05 13.01 40.35
H4' PSU QA 829 -2.90 12.61 38.22
H5' PSU QA 829 -2.11 12.12 40.43
H5'' PSU QA 829 -2.35 10.60 39.57
P A2M QA 886 25.43 10.50 29.58
OP1 A2M QA 886 26.23 10.08 28.41
O5' A2M QA 886 25.30 9.32 30.63
C5' A2M QA 886 26.39 8.74 31.34
C4' A2M QA 886 25.85 7.86 32.44
O4' A2M QA 886 25.02 8.64 33.33
C3' A2M QA 886 24.95 6.71 31.98
O3' A2M QA 886 25.69 5.56 31.62
C2' A2M QA 886 24.09 6.47 33.21
O2' A2M QA 886 24.78 5.69 34.17
C1' A2M QA 886 23.89 7.89 33.73
CM' A2M QA 886 23.96 4.84 34.95
N9 A2M QA 886 22.69 8.53 33.21
C8 A2M QA 886 22.62 9.64 32.41
N7 A2M QA 886 21.40 10.00 32.11
C5 A2M QA 886 20.61 9.07 32.76
C6 A2M QA 886 19.21 8.90 32.84
N6 A2M QA 886 18.32 9.69 32.25
N1 A2M QA 886 18.76 7.85 33.58
C2 A2M QA 886 19.63 7.05 34.17
N3 A2M QA 886 20.97 7.12 34.18
C4 A2M QA 886 21.40 8.16 33.44
H5' A2M QA 886 27.03 8.16 30.67
H5'' A2M QA 886 26.97 9.58 31.71
H4' A2M QA 886 26.66 7.48 33.06
H3' A2M QA 886 24.32 7.05 31.15
H2' A2M QA 886 23.15 5.99 32.93
H1' A2M QA 886 23.85 7.98 34.82
HM'1 A2M QA 886 24.66 4.33 35.63
HM'2 A2M QA 886 23.24 5.40 35.56
HM'3 A2M QA 886 23.42 4.10 34.37
H8 A2M QA 886 23.49 10.17 32.04
OP2 A2M QA 886 24.09 10.91 29.13
H61 A2M QA 886 17.32 9.53 32.33
H62 A2M QA 886 18.64 10.48 31.70
H2 A2M QA 886 19.20 6.24 34.74
N1 PSU QA 895 13.61 8.38 34.85
C2 PSU QA 895 14.81 8.54 34.22
N3 PSU QA 895 15.72 7.56 34.46
C4 PSU QA 895 15.56 6.45 35.25
C5 PSU QA 895 14.25 6.33 35.88
C6 PSU QA 895 13.35 7.31 35.64
O2 PSU QA 895 15.06 9.52 33.51
O4 PSU QA 895 16.47 5.65 35.41
C1' PSU QA 895 13.98 5.14 36.73
C2' PSU QA 895 14.55 5.25 38.13
O2' PSU QA 895 14.83 3.95 38.63
C3' PSU QA 895 13.38 5.89 38.88
C4' PSU QA 895 12.17 5.22 38.24
O3' PSU QA 895 13.44 5.73 40.28
O4' PSU QA 895 12.58 4.98 36.86
C5' PSU QA 895 10.89 6.02 38.25
O5' PSU QA 895 11.14 7.41 38.07
P PSU QA 895 10.04 8.37 37.45
OP1 PSU QA 895 8.71 7.92 37.89
OP2 PSU QA 895 10.47 9.76 37.75
HN1 PSU QA 895 12.89 9.07 34.71
HN3 PSU QA 895 16.59 7.65 33.96
H6 PSU QA 895 12.36 7.29 36.09
H1' PSU QA 895 14.34 4.26 36.20
H2' PSU QA 895 15.47 5.83 38.16
HO2' PSU QA 895 14.05 3.43 38.31
H3' PSU QA 895 13.37 6.95 38.64
H4' PSU QA 895 11.96 4.26 38.69
H5' PSU QA 895 10.41 5.90 39.22
H5'' PSU QA 895 10.19 5.70 37.48
P OMG QA 918 -21.39 11.78 24.71
OP1 OMG QA 918 -22.62 11.06 25.12
OP2 OMG QA 918 -21.02 11.83 23.28
O5' OMG QA 918 -21.48 13.26 25.27
C5' OMG QA 918 -22.27 14.25 24.62
C4' OMG QA 918 -21.77 15.63 24.95
O4' OMG QA 918 -20.35 15.69 24.74
C3' OMG QA 918 -22.35 16.76 24.13
O3' OMG QA 918 -22.34 17.97 24.89
C2' OMG QA 918 -21.40 16.84 22.95
O2' OMG QA 918 -21.36 18.10 22.31
CM2 OMG QA 918 -22.63 18.60 21.92
C1' OMG QA 918 -20.05 16.49 23.60
N9 OMG QA 918 -19.16 15.71 22.74
C8 OMG QA 918 -18.80 14.39 22.94
N7 OMG QA 918 -17.97 13.94 22.03
C5 OMG QA 918 -17.75 15.02 21.20
C6 OMG QA 918 -16.94 15.16 20.05
O6 OMG QA 918 -16.22 14.31 19.53
N1 OMG QA 918 -17.01 16.43 19.51
C2 OMG QA 918 -17.77 17.46 19.99
N2 OMG QA 918 -17.72 18.62 19.33
N3 OMG QA 918 -18.54 17.34 21.07
C4 OMG QA 918 -18.48 16.12 21.62
H5' OMG QA 918 -23.32 14.11 24.86
H5'' OMG QA 918 -22.13 14.08 23.56
H4' OMG QA 918 -21.93 15.76 26.02
H3' OMG QA 918 -23.36 16.51 23.81
H2' OMG QA 918 -21.68 16.18 22.13
HM21 OMG QA 918 -23.05 17.82 21.29
HM22 OMG QA 918 -23.34 18.80 22.73
HM23 OMG QA 918 -22.54 19.51 21.32
H1' OMG QA 918 -19.49 17.35 23.94
H8 OMG QA 918 -19.20 13.80 23.77
HN1 OMG QA 918 -16.42 16.59 18.70
HN21 OMG QA 918 -17.15 18.77 18.50
HN22 OMG QA 918 -18.27 19.41 19.65
P A2M QA 946 -16.90 0.27 -1.74
OP1 A2M QA 946 -17.46 0.12 -3.10
O5' A2M QA 946 -15.62 1.17 -1.82
C5' A2M QA 946 -15.59 2.42 -2.54
C4' A2M QA 946 -14.38 3.20 -2.10
O4' A2M QA 946 -14.23 3.11 -0.67
C3' A2M QA 946 -13.04 2.67 -2.60
O3' A2M QA 946 -12.80 3.11 -3.94
C2' A2M QA 946 -12.06 3.30 -1.61
O2' A2M QA 946 -11.70 4.61 -2.02
C1' A2M QA 946 -12.88 3.38 -0.33
CM' A2M QA 946 -10.49 4.71 -2.77
N9 A2M QA 946 -12.47 2.45 0.70
C8 A2M QA 946 -13.09 1.29 1.09
N7 A2M QA 946 -12.53 0.68 2.10
C5 A2M QA 946 -11.44 1.50 2.40
C6 A2M QA 946 -10.46 1.43 3.41
N6 A2M QA 946 -10.41 0.47 4.35
N1 A2M QA 946 -9.54 2.41 3.45
C2 A2M QA 946 -9.61 3.40 2.55
N3 A2M QA 946 -10.49 3.57 1.57
C4 A2M QA 946 -11.40 2.59 1.55
H5' A2M QA 946 -16.49 3.00 -2.38
H5'' A2M QA 946 -15.56 2.14 -3.60
H4' A2M QA 946 -14.50 4.26 -2.32
H3' A2M QA 946 -13.00 1.59 -2.53
H2' A2M QA 946 -11.18 2.67 -1.51
H1' A2M QA 946 -12.89 4.37 0.13
HM'1 A2M QA 946 -10.70 4.17 -3.70
HM'2 A2M QA 946 -10.22 5.73 -3.01
HM'3 A2M QA 946 -9.65 4.24 -2.27
H8 A2M QA 946 -13.99 0.91 0.59
OP2 A2M QA 946 -16.58 -1.05 -1.15
H61 A2M QA 946 -9.69 0.47 5.06
H62 A2M QA 946 -11.10 -0.27 4.34
H2 A2M QA 946 -8.83 4.14 2.63
N1 PSU QA 970 -14.54 18.82 -14.05
C2 PSU QA 970 -14.65 19.58 -15.18
N3 PSU QA 970 -14.52 18.91 -16.36
C4 PSU QA 970 -14.30 17.55 -16.50
C5 PSU QA 970 -14.21 16.79 -15.26
C6 PSU QA 970 -14.33 17.48 -14.09
O2 PSU QA 970 -14.84 20.79 -15.14
O4 PSU QA 970 -14.17 17.05 -17.62
C1' PSU QA 970 -14.03 15.32 -15.35
C2' PSU QA 970 -12.78 14.77 -14.63
O2' PSU QA 970 -12.07 13.94 -15.53
C3' PSU QA 970 -13.38 13.95 -13.49
C4' PSU QA 970 -14.74 13.53 -14.03
O3' PSU QA 970 -12.58 12.83 -13.12
O4' PSU QA 970 -15.16 14.68 -14.80
C5' PSU QA 970 -15.80 13.16 -13.02
O5' PSU QA 970 -15.99 14.20 -12.06
P PSU QA 970 -16.85 13.94 -10.76
OP1 PSU QA 970 -18.29 13.83 -11.11
OP2 PSU QA 970 -16.21 12.83 -10.03
HN1 PSU QA 970 -14.62 19.27 -13.15
HN3 PSU QA 970 -14.59 19.45 -17.20
H6 PSU QA 970 -14.26 16.97 -13.13
H1' PSU QA 970 -14.03 15.05 -16.40
H2' PSU QA 970 -12.11 15.57 -14.31
HO2' PSU QA 970 -11.81 14.59 -16.24
H3' PSU QA 970 -13.54 14.59 -12.63
H4' PSU QA 970 -14.65 12.69 -14.72
H5' PSU QA 970 -15.48 12.27 -12.48
H5'' PSU QA 970 -16.76 12.95 -13.48
N1 PSU QA 1002 -4.83 14.29 -64.21
C2 PSU QA 1002 -4.77 14.02 -62.87
N3 PSU QA 1002 -5.95 14.17 -62.20
C4 PSU QA 1002 -7.16 14.56 -62.73
C5 PSU QA 1002 -7.14 14.84 -64.15
C6 PSU QA 1002 -5.98 14.68 -64.82
O2 PSU QA 1002 -3.73 13.68 -62.31
O4 PSU QA 1002 -8.15 14.65 -62.01
C1' PSU QA 1002 -8.41 15.31 -64.78
C2' PSU QA 1002 -8.70 16.80 -64.52
O2' PSU QA 1002 -10.10 16.98 -64.46
C3' PSU QA 1002 -8.12 17.43 -65.79
C4' PSU QA 1002 -8.51 16.41 -66.86
O3' PSU QA 1002 -8.60 18.72 -66.05
O4' PSU QA 1002 -8.35 15.13 -66.18
C5' PSU QA 1002 -7.71 16.44 -68.13
O5' PSU QA 1002 -6.33 16.19 -67.89
P PSU QA 1002 -5.36 15.82 -69.10
OP1 PSU QA 1002 -5.56 16.81 -70.17
OP2 PSU QA 1002 -3.99 15.62 -68.55
HN1 PSU QA 1002 -3.98 14.20 -64.75
HN3 PSU QA 1002 -5.92 13.97 -61.20
H6 PSU QA 1002 -5.90 14.87 -65.88
H1' PSU QA 1002 -9.22 14.67 -64.44
H2' PSU QA 1002 -8.25 17.15 -63.60
HO2' PSU QA 1002 -10.33 16.46 -63.64
H3' PSU QA 1002 -7.03 17.44 -65.71
H4' PSU QA 1002 -9.55 16.50 -67.13
H5' PSU QA 1002 -7.79 17.43 -68.58
H5'' PSU QA 1002 -8.06 15.72 -68.87
N1 PSU QA 1016 3.30 46.26 -50.34
C2 PSU QA 1016 4.19 45.45 -49.70
N3 PSU QA 1016 3.78 44.96 -48.50
C4 PSU QA 1016 2.56 45.20 -47.89
C5 PSU QA 1016 1.67 46.07 -48.62
C6 PSU QA 1016 2.08 46.56 -49.81
O2 PSU QA 1016 5.30 45.18 -50.17
O4 PSU QA 1016 2.31 44.70 -46.79
C1' PSU QA 1016 0.36 46.43 -48.00
C2' PSU QA 1016 0.49 47.45 -46.88
O2' PSU QA 1016 -0.57 47.25 -45.95
C3' PSU QA 1016 0.31 48.75 -47.65
C4' PSU QA 1016 -0.79 48.38 -48.63
O3' PSU QA 1016 0.01 49.87 -46.84
O4' PSU QA 1016 -0.49 47.00 -48.97
C5' PSU QA 1016 -0.86 49.22 -49.87
O5' PSU QA 1016 0.42 49.44 -50.45
P PSU QA 1016 0.60 50.31 -51.76
OP1 PSU QA 1016 -0.14 51.59 -51.55
OP2 PSU QA 1016 2.04 50.36 -52.10
HN1 PSU QA 1016 3.55 46.63 -51.25
HN3 PSU QA 1016 4.42 44.36 -48.02
H6 PSU QA 1016 1.46 47.21 -50.42
H1' PSU QA 1016 -0.13 45.51 -47.67
H2' PSU QA 1016 1.43 47.36 -46.34
HO2' PSU QA 1016 -0.37 47.95 -45.28
H3' PSU QA 1016 1.23 48.94 -48.20
H4' PSU QA 1016 -1.77 48.41 -48.16
H5' PSU QA 1016 -1.47 48.71 -50.62
H5'' PSU QA 1016 -1.32 50.20 -49.70
N1 PSU QA 1054 15.88 52.02 -55.94
C2 PSU QA 1054 15.44 52.37 -54.69
N3 PSU QA 1054 16.43 52.52 -53.75
C4 PSU QA 1054 17.79 52.34 -53.96
C5 PSU QA 1054 18.16 51.96 -55.30
C6 PSU QA 1054 17.19 51.82 -56.22
O2 PSU QA 1054 14.26 52.55 -54.42
O4 PSU QA 1054 18.57 52.49 -53.03
C1' PSU QA 1054 19.62 51.74 -55.59
C2' PSU QA 1054 20.14 50.39 -55.09
O2' PSU QA 1054 21.49 50.54 -54.73
C3' PSU QA 1054 20.01 49.56 -56.36
C4' PSU QA 1054 20.41 50.55 -57.45
O3' PSU QA 1054 20.79 48.38 -56.36
O4' PSU QA 1054 19.84 51.80 -56.99
C5' PSU QA 1054 19.93 50.23 -58.83
O5' PSU QA 1054 18.56 49.87 -58.85
P PSU QA 1054 17.81 49.56 -60.21
OP1 PSU QA 1054 18.56 48.49 -60.91
OP2 PSU QA 1054 16.37 49.38 -59.91
HN1 PSU QA 1054 15.19 51.89 -56.67
HN3 PSU QA 1054 16.13 52.79 -52.83
H6 PSU QA 1054 17.41 51.54 -57.25
H1' PSU QA 1054 20.16 52.58 -55.17
H2' PSU QA 1054 19.58 50.01 -54.25
HO2' PSU QA 1054 21.42 51.15 -53.95
H3' PSU QA 1054 18.96 49.30 -56.51
H4' PSU QA 1054 21.49 50.69 -57.49
H5' PSU QA 1054 20.49 49.40 -59.23
H5'' PSU QA 1054 20.07 51.08 -59.52
N1 PSU QA 1064 2.92 34.07 -55.45
C2 PSU QA 1064 4.00 33.62 -54.76
N3 PSU QA 1064 5.13 33.41 -55.52
C4 PSU QA 1064 5.24 33.61 -56.88
C5 PSU QA 1064 4.04 34.09 -57.54
C6 PSU QA 1064 2.94 34.29 -56.78
O2 PSU QA 1064 3.99 33.41 -53.55
O4 PSU QA 1064 6.31 33.37 -57.45
C1' PSU QA 1064 4.11 34.32 -59.01
C2' PSU QA 1064 4.07 33.04 -59.85
O2' PSU QA 1064 4.93 33.20 -60.98
C3' PSU QA 1064 2.62 33.00 -60.28
C4' PSU QA 1064 2.29 34.47 -60.49
O3' PSU QA 1064 2.38 32.21 -61.43
O4' PSU QA 1064 3.01 35.12 -59.41
C5' PSU QA 1064 0.83 34.85 -60.45
O5' PSU QA 1064 0.27 34.66 -59.16
P PSU QA 1064 -1.18 35.23 -58.80
OP1 PSU QA 1064 -2.13 34.79 -59.85
OP2 PSU QA 1064 -1.44 34.92 -57.39
HN1 PSU QA 1064 2.06 34.24 -54.93
HN3 PSU QA 1064 5.95 33.09 -55.03
H6 PSU QA 1064 2.01 34.65 -57.22
H1' PSU QA 1064 5.00 34.93 -59.21
H2' PSU QA 1064 4.41 32.17 -59.28
HO2' PSU QA 1064 5.81 33.32 -60.52
H3' PSU QA 1064 2.01 32.62 -59.45
H4' PSU QA 1064 2.70 34.84 -61.43
H5' PSU QA 1064 0.28 34.22 -61.15
H5'' PSU QA 1064 0.67 35.89 -60.75
N1 OMU QA 1068 4.98 16.56 -51.72
C2 OMU QA 1068 4.12 17.19 -50.85
N3 OMU QA 1068 3.17 17.99 -51.43
C4 OMU QA 1068 2.99 18.22 -52.78
C5 OMU QA 1068 3.93 17.53 -53.62
C6 OMU QA 1068 4.88 16.74 -53.08
O2 OMU QA 1068 4.18 17.04 -49.64
O4 OMU QA 1068 2.08 18.95 -53.17
C1' OMU QA 1068 5.99 15.65 -51.14
C2' OMU QA 1068 5.37 14.29 -50.79
O2' OMU QA 1068 6.10 13.72 -49.71
CM2 OMU QA 1068 5.70 14.19 -48.43
C3' OMU QA 1068 5.62 13.51 -52.07
C4' OMU QA 1068 7.02 13.99 -52.46
O3' OMU QA 1068 5.52 12.11 -51.92
O4' OMU QA 1068 7.01 15.40 -52.09
C5' OMU QA 1068 7.41 13.84 -53.90
O5' OMU QA 1068 6.48 14.46 -54.77
P OMU QA 1068 6.86 14.85 -56.27
OP1 OMU QA 1068 7.31 13.62 -56.95
OP2 OMU QA 1068 5.74 15.63 -56.83
HN3 OMU QA 1068 2.53 18.45 -50.80
H5 OMU QA 1068 3.85 17.68 -54.70
H6 OMU QA 1068 5.60 16.23 -53.69
H1' OMU QA 1068 6.49 16.13 -50.30
H2' OMU QA 1068 4.31 14.37 -50.54
HM21 OMU QA 1068 6.34 13.65 -47.73
HM22 OMU QA 1068 5.84 15.26 -48.29
HM23 OMU QA 1068 4.67 13.93 -48.19
H3' OMU QA 1068 4.92 13.86 -52.82
H4' OMU QA 1068 7.79 13.51 -51.85
H5' OMU QA 1068 8.35 14.36 -54.06
H5'' OMU QA 1068 7.54 12.80 -54.19
N1 PSU QA 1133 13.32 14.46 -36.78
C2 PSU QA 1133 12.04 14.47 -36.31
N3 PSU QA 1133 11.07 14.50 -37.28
C4 PSU QA 1133 11.28 14.54 -38.64
C5 PSU QA 1133 12.66 14.54 -39.07
C6 PSU QA 1133 13.61 14.49 -38.10
O2 PSU QA 1133 11.77 14.48 -35.12
O4 PSU QA 1133 10.31 14.56 -39.41
C1' PSU QA 1133 12.97 14.65 -40.52
C2' PSU QA 1133 12.90 16.08 -41.04
O2' PSU QA 1133 12.49 16.06 -42.40
C3' PSU QA 1133 14.35 16.51 -40.90
C4' PSU QA 1133 15.11 15.26 -41.27
O3' PSU QA 1133 14.70 17.64 -41.68
O4' PSU QA 1133 14.28 14.18 -40.77
C5' PSU QA 1133 16.51 15.12 -40.73
O5' PSU QA 1133 16.54 15.30 -39.32
P PSU QA 1133 17.75 14.75 -38.45
OP1 PSU QA 1133 19.00 15.34 -38.97
OP2 PSU QA 1133 17.41 14.92 -37.02
HN1 PSU QA 1133 14.07 14.44 -36.10
HN3 PSU QA 1133 10.12 14.47 -36.95
H6 PSU QA 1133 14.67 14.46 -38.36
H1' PSU QA 1133 12.30 13.97 -41.06
H2' PSU QA 1133 12.18 16.68 -40.49
HO2' PSU QA 1133 12.99 15.27 -42.76
H3' PSU QA 1133 14.54 16.72 -39.84
H4' PSU QA 1133 15.18 15.13 -42.36
H5' PSU QA 1133 17.14 15.91 -41.17
H5'' PSU QA 1133 16.96 14.16 -40.96
N1 PSU QA 1134 11.36 17.93 -37.31
C2 PSU QA 1134 10.41 17.75 -36.34
N3 PSU QA 1134 9.13 18.03 -36.72
C4 PSU QA 1134 8.72 18.49 -37.95
C5 PSU QA 1134 9.79 18.65 -38.94
C6 PSU QA 1134 11.05 18.36 -38.56
O2 PSU QA 1134 10.69 17.38 -35.20
O4 PSU QA 1134 7.54 18.74 -38.17
C1' PSU QA 1134 9.40 19.19 -40.28
C2' PSU QA 1134 9.28 20.71 -40.28
O2' PSU QA 1134 8.27 21.10 -41.22
C3' PSU QA 1134 10.67 21.11 -40.75
C4' PSU QA 1134 10.98 20.04 -41.78
O3' PSU QA 1134 10.74 22.44 -41.25
O4' PSU QA 1134 10.39 18.85 -41.22
C5' PSU QA 1134 12.44 19.83 -42.10
O5' PSU QA 1134 13.19 19.52 -40.93
P PSU QA 1134 14.72 19.11 -41.03
OP1 PSU QA 1134 15.39 20.02 -41.98
OP2 PSU QA 1134 15.25 19.00 -39.65
HN1 PSU QA 1134 12.32 17.72 -37.09
HN3 PSU QA 1134 8.41 17.88 -36.03
H6 PSU QA 1134 11.89 18.47 -39.24
H1' PSU QA 1134 8.49 18.68 -40.59
H2' PSU QA 1134 8.99 21.10 -39.31
HO2' PSU QA 1134 8.42 20.45 -41.96
H3' PSU QA 1134 11.36 21.00 -39.91
H4' PSU QA 1134 10.48 20.24 -42.73
H5' PSU QA 1134 12.86 20.72 -42.54
H5'' PSU QA 1134 12.59 19.02 -42.82
N1 PSU QA 1135 11.89 20.71 -36.01
C2 PSU QA 1135 12.06 20.19 -34.76
N3 PSU QA 1135 10.99 20.35 -33.93
C4 PSU QA 1135 9.80 20.95 -34.23
C5 PSU QA 1135 9.69 21.48 -35.57
C6 PSU QA 1135 10.75 21.33 -36.40
O2 PSU QA 1135 13.10 19.65 -34.40
O4 PSU QA 1135 8.90 21.02 -33.38
C1' PSU QA 1135 8.44 22.20 -35.95
C2' PSU QA 1135 8.39 23.62 -35.41
O2' PSU QA 1135 7.03 23.97 -35.16
C3' PSU QA 1135 8.93 24.41 -36.58
C4' PSU QA 1135 8.32 23.69 -37.77
O3' PSU QA 1135 8.64 25.79 -36.53
O4' PSU QA 1135 8.36 22.29 -37.37
C5' PSU QA 1135 9.02 23.88 -39.10
O5' PSU QA 1135 10.40 23.57 -39.02
P PSU QA 1135 11.33 23.61 -40.32
OP1 PSU QA 1135 11.12 24.90 -41.01
OP2 PSU QA 1135 12.70 23.22 -39.90
HN1 PSU QA 1135 12.66 20.62 -36.68
HN3 PSU QA 1135 11.09 19.97 -32.99
H6 PSU QA 1135 10.73 21.69 -37.42
H1' PSU QA 1135 7.59 21.59 -35.65
H2' PSU QA 1135 8.95 23.72 -34.48
HO2' PSU QA 1135 6.80 23.32 -34.44
H3' PSU QA 1135 10.02 24.26 -36.61
H4' PSU QA 1135 7.28 23.96 -37.91
H5' PSU QA 1135 8.94 24.93 -39.39
H5'' PSU QA 1135 8.57 23.28 -39.89
P A2M QA 1144 10.16 16.85 -20.31
OP1 A2M QA 1144 9.43 15.91 -19.43
O5' A2M QA 1144 9.20 18.05 -20.71
C5' A2M QA 1144 8.49 18.85 -19.74
C4' A2M QA 1144 7.70 19.93 -20.45
O4' A2M QA 1144 8.58 20.88 -21.06
C3' A2M QA 1144 6.84 19.45 -21.62
O3' A2M QA 1144 5.64 18.81 -21.23
C2' A2M QA 1144 6.59 20.77 -22.35
O2' A2M QA 1144 5.64 21.57 -21.66
C1' A2M QA 1144 7.98 21.40 -22.25
CM' A2M QA 1144 5.24 22.73 -22.36
N9 A2M QA 1144 8.83 21.08 -23.38
C8 A2M QA 1144 9.80 20.12 -23.45
N7 A2M QA 1144 10.41 20.05 -24.61
C5 A2M QA 1144 9.79 21.04 -25.37
C6 A2M QA 1144 9.97 21.46 -26.69
N6 A2M QA 1144 10.87 20.94 -27.53
N1 A2M QA 1144 9.18 22.46 -27.14
C2 A2M QA 1144 8.28 22.99 -26.31
N3 A2M QA 1144 8.03 22.67 -25.04
C4 A2M QA 1144 8.83 21.68 -24.62
H5' A2M QA 1144 9.17 19.29 -19.01
H5'' A2M QA 1144 7.86 18.15 -19.20
H4' A2M QA 1144 7.11 20.49 -19.74
H3' A2M QA 1144 7.44 18.80 -22.26
H2' A2M QA 1144 6.28 20.59 -23.38
H1' A2M QA 1144 8.00 22.49 -22.14
HM'1 A2M QA 1144 4.55 23.24 -21.68
HM'2 A2M QA 1144 6.05 23.41 -22.59
HM'3 A2M QA 1144 4.70 22.50 -23.29
H8 A2M QA 1144 10.03 19.45 -22.62
OP2 A2M QA 1144 10.64 16.16 -21.53
H61 A2M QA 1144 10.97 21.27 -28.48
H62 A2M QA 1144 11.48 20.19 -27.21
H2 A2M QA 1144 7.68 23.79 -26.73
N1 PSU QA 1230 60.74 34.96 -61.63
C2 PSU QA 1230 61.11 33.68 -61.35
N3 PSU QA 1230 62.16 33.56 -60.48
C4 PSU QA 1230 62.86 34.60 -59.88
C5 PSU QA 1230 62.40 35.93 -60.22
C6 PSU QA 1230 61.37 36.04 -61.10
O2 PSU QA 1230 60.56 32.70 -61.83
O4 PSU QA 1230 63.79 34.36 -59.12
C1' PSU QA 1230 63.10 37.10 -59.61
C2' PSU QA 1230 64.43 37.45 -60.28
O2' PSU QA 1230 65.31 37.98 -59.30
C3' PSU QA 1230 63.99 38.53 -61.27
C4' PSU QA 1230 62.95 39.29 -60.45
O3' PSU QA 1230 65.04 39.34 -61.74
O4' PSU QA 1230 62.28 38.24 -59.69
C5' PSU QA 1230 61.95 40.11 -61.23
O5' PSU QA 1230 61.15 39.28 -62.06
P PSU QA 1230 59.80 39.85 -62.71
OP1 PSU QA 1230 60.12 41.15 -63.35
OP2 PSU QA 1230 59.19 38.76 -63.52
HN1 PSU QA 1230 59.98 35.10 -62.27
HN3 PSU QA 1230 62.45 32.62 -60.24
H6 PSU QA 1230 60.98 37.01 -61.40
H1' PSU QA 1230 63.22 36.89 -58.55
H2' PSU QA 1230 64.90 36.58 -60.74
HO2' PSU QA 1230 66.10 38.20 -59.85
H3' PSU QA 1230 63.48 38.05 -62.10
H4' PSU QA 1230 63.43 39.95 -59.72
H5' PSU QA 1230 61.29 40.61 -60.53
H5'' PSU QA 1230 62.43 40.86 -61.85
P A2M QA 1378 5.14 -16.85 -33.52
OP1 A2M QA 1378 4.37 -17.07 -32.28
O5' A2M QA 1378 6.53 -16.17 -33.15
C5' A2M QA 1378 7.49 -16.74 -32.25
C4' A2M QA 1378 7.92 -15.71 -31.24
O4' A2M QA 1378 8.29 -14.49 -31.93
C3' A2M QA 1378 6.84 -15.29 -30.24
O3' A2M QA 1378 6.87 -16.13 -29.09
C2' A2M QA 1378 7.23 -13.86 -29.91
O2' A2M QA 1378 8.25 -13.83 -28.93
C1' A2M QA 1378 7.78 -13.35 -31.24
CM' A2M QA 1378 8.50 -12.55 -28.35
N9 A2M QA 1378 6.78 -12.72 -32.08
C8 A2M QA 1378 6.44 -13.06 -33.36
N7 A2M QA 1378 5.50 -12.32 -33.90
C5 A2M QA 1378 5.20 -11.41 -32.89
C6 A2M QA 1378 4.29 -10.33 -32.82
N6 A2M QA 1378 3.47 -9.99 -33.82
N1 A2M QA 1378 4.24 -9.62 -31.67
C2 A2M QA 1378 5.06 -9.96 -30.68
N3 A2M QA 1378 5.96 -10.95 -30.63
C4 A2M QA 1378 5.98 -11.64 -31.77
H5' A2M QA 1378 8.35 -17.12 -32.81
H5'' A2M QA 1378 6.98 -17.59 -31.80
H4' A2M QA 1378 8.82 -16.02 -30.72
H3' A2M QA 1378 5.86 -15.30 -30.72
H2' A2M QA 1378 6.36 -13.30 -29.57
H1' A2M QA 1378 8.61 -12.66 -31.16
HM'1 A2M QA 1378 9.33 -12.71 -27.66
HM'2 A2M QA 1378 8.79 -11.81 -29.08
HM'3 A2M QA 1378 7.65 -12.17 -27.78
H8 A2M QA 1378 6.91 -13.89 -33.90
OP2 A2M QA 1378 4.38 -16.00 -34.46
H61 A2M QA 1378 2.82 -9.21 -33.74
H62 A2M QA 1378 3.48 -10.52 -34.69
H2 A2M QA 1378 4.97 -9.35 -29.79
N1 OMC QA 1448 0.03 -14.03 4.11
C2 OMC QA 1448 -0.70 -15.23 4.08
N3 OMC QA 1448 -0.06 -16.38 3.74
C4 OMC QA 1448 1.25 -16.36 3.42
C5 OMC QA 1448 2.01 -15.16 3.46
C6 OMC QA 1448 1.37 -14.03 3.80
O2 OMC QA 1448 -1.90 -15.21 4.36
N4 OMC QA 1448 1.83 -17.51 3.09
C1' OMC QA 1448 -0.68 -12.77 4.44
C2' OMC QA 1448 -1.25 -12.77 5.86
O2' OMC QA 1448 -2.33 -11.85 5.88
CM2 OMC QA 1448 -3.52 -12.34 6.50
C3' OMC QA 1448 -0.06 -12.22 6.64
C4' OMC QA 1448 0.55 -11.21 5.68
O4' OMC QA 1448 0.26 -11.72 4.36
O3' OMC QA 1448 -0.42 -11.64 7.89
C5' OMC QA 1448 2.03 -10.98 5.83
O5' OMC QA 1448 2.35 -10.41 7.09
P OMC QA 1448 3.85 -10.37 7.62
OP1 OMC QA 1448 3.85 -9.71 8.95
OP2 OMC QA 1448 4.44 -11.71 7.48
H5 OMC QA 1448 3.06 -15.15 3.21
H6 OMC QA 1448 1.89 -13.08 3.84
HN41 OMC QA 1448 1.33 -18.38 3.06
HN42 OMC QA 1448 2.80 -17.53 2.83
H1' OMC QA 1448 -1.42 -12.54 3.69
H2' OMC QA 1448 -1.54 -13.75 6.22
HM21 OMC QA 1448 -3.63 -11.71 7.38
HM22 OMC QA 1448 -4.39 -12.18 5.87
HM23 OMC QA 1448 -3.50 -13.38 6.80
H3' OMC QA 1448 0.65 -13.03 6.80
H4' OMC QA 1448 0.05 -10.24 5.78
H5' OMC QA 1448 2.37 -10.26 5.09
H5'' OMC QA 1448 2.62 -11.89 5.69
P A2M QA 1460 29.84 -10.83 24.53
OP1 A2M QA 1460 31.10 -10.06 24.70
O5' A2M QA 1460 28.61 -9.85 24.43
C5' A2M QA 1460 28.45 -8.82 23.45
C4' A2M QA 1460 27.11 -8.15 23.65
O4' A2M QA 1460 26.05 -9.06 23.32
C3' A2M QA 1460 26.79 -7.74 25.08
O3' A2M QA 1460 27.41 -6.51 25.43
C2' A2M QA 1460 25.27 -7.65 25.05
O2' A2M QA 1460 24.85 -6.45 24.41
C1' A2M QA 1460 24.93 -8.85 24.16
CM' A2M QA 1460 23.50 -6.09 24.67
N9 A2M QA 1460 24.70 -10.08 24.92
C8 A2M QA 1460 25.57 -11.11 25.12
N7 A2M QA 1460 25.07 -12.11 25.81
C5 A2M QA 1460 23.77 -11.71 26.09
C6 A2M QA 1460 22.72 -12.32 26.78
N6 A2M QA 1460 22.80 -13.53 27.33
N1 A2M QA 1460 21.55 -11.64 26.88
C2 A2M QA 1460 21.47 -10.43 26.32
N3 A2M QA 1460 22.39 -9.76 25.64
C4 A2M QA 1460 23.53 -10.45 25.56
H5' A2M QA 1460 29.26 -8.09 23.52
H5'' A2M QA 1460 28.54 -9.32 22.49
H4' A2M QA 1460 26.99 -7.30 22.97
H3' A2M QA 1460 27.09 -8.53 25.77
H2' A2M QA 1460 24.83 -7.72 26.04
H1' A2M QA 1460 24.07 -8.71 23.51
HM'1 A2M QA 1460 22.91 -6.94 24.34
HM'2 A2M QA 1460 23.31 -5.94 25.74
HM'3 A2M QA 1460 23.18 -5.20 24.14
H8 A2M QA 1460 26.59 -11.11 24.74
OP2 A2M QA 1460 29.62 -11.76 25.66
H61 A2M QA 1460 22.01 -13.95 27.82
H62 A2M QA 1460 23.65 -14.05 27.27
H2 A2M QA 1460 20.51 -9.93 26.45
P OMG QA 1461 28.48 -6.45 26.63
OP1 OMG QA 1461 28.83 -5.04 26.84
OP2 OMG QA 1461 29.56 -7.44 26.36
O5' OMG QA 1461 27.66 -6.94 27.90
C5' OMG QA 1461 26.44 -6.30 28.26
C4' OMG QA 1461 25.42 -7.28 28.76
O4' OMG QA 1461 25.47 -8.50 27.97
C3' OMG QA 1461 25.62 -7.77 30.18
O3' OMG QA 1461 25.18 -6.84 31.15
C2' OMG QA 1461 24.82 -9.08 30.19
O2' OMG QA 1461 23.44 -8.83 30.39
CM2 OMG QA 1461 22.64 -9.99 30.58
C1' OMG QA 1461 25.03 -9.58 28.75
N9 OMG QA 1461 26.04 -10.65 28.69
C8 OMG QA 1461 27.31 -10.60 28.19
N7 OMG QA 1461 27.95 -11.75 28.28
C5 OMG QA 1461 27.03 -12.60 28.88
C6 OMG QA 1461 27.14 -13.98 29.23
O6 OMG QA 1461 28.10 -14.72 29.08
N1 OMG QA 1461 25.97 -14.45 29.79
C2 OMG QA 1461 24.84 -13.71 30.02
N2 OMG QA 1461 23.79 -14.34 30.54
N3 OMG QA 1461 24.73 -12.42 29.69
C4 OMG QA 1461 25.85 -11.94 29.12
H5' OMG QA 1461 26.08 -5.69 27.43
H5'' OMG QA 1461 26.72 -5.63 29.07
H4' OMG QA 1461 24.44 -6.82 28.59
H3' OMG QA 1461 26.67 -8.01 30.33
H2' OMG QA 1461 25.08 -9.77 30.98
HM21 OMG QA 1461 23.07 -10.47 31.47
HM22 OMG QA 1461 21.59 -9.81 30.80
HM23 OMG QA 1461 22.71 -10.70 29.75
H1' OMG QA 1461 24.13 -9.97 28.27
H8 OMG QA 1461 27.73 -9.69 27.76
HN1 OMG QA 1461 25.98 -15.42 30.05
HN21 OMG QA 1461 23.78 -15.33 30.76
HN22 OMG QA 1461 22.94 -13.83 30.74
N1 PSU QA 1474 29.94 -32.01 56.77
C2 PSU QA 1474 29.93 -31.18 55.69
N3 PSU QA 1474 28.70 -30.75 55.30
C4 PSU QA 1474 27.48 -31.10 55.87
C5 PSU QA 1474 27.57 -31.99 57.00
C6 PSU QA 1474 28.79 -32.40 57.40
O2 PSU QA 1474 30.96 -30.83 55.12
O4 PSU QA 1474 26.44 -30.65 55.40
C1' PSU QA 1474 26.30 -32.42 57.66
C2' PSU QA 1474 25.61 -33.61 56.98
O2' PSU QA 1474 24.21 -33.47 57.13
C3' PSU QA 1474 26.14 -34.76 57.82
C4' PSU QA 1474 26.17 -34.17 59.22
O3' PSU QA 1474 25.33 -35.94 57.75
O4' PSU QA 1474 26.57 -32.79 59.00
C5' PSU QA 1474 27.11 -34.82 60.20
O5' PSU QA 1474 28.42 -34.92 59.67
P PSU QA 1474 29.66 -35.27 60.60
OP1 PSU QA 1474 29.34 -36.54 61.30
OP2 PSU QA 1474 30.89 -35.18 59.79
HN1 PSU QA 1474 30.82 -32.36 57.11
HN3 PSU QA 1474 28.68 -30.13 54.50
H6 PSU QA 1474 28.92 -33.07 58.24
H1' PSU QA 1474 25.64 -31.55 57.72
H2' PSU QA 1474 25.85 -33.68 55.93
HO2' PSU QA 1474 23.89 -34.28 56.66
H3' PSU QA 1474 27.15 -35.00 57.52
H4' PSU QA 1474 25.18 -34.15 59.68
H5' PSU QA 1474 26.77 -35.83 60.41
H5'' PSU QA 1474 27.17 -34.27 61.15
N1 OMC QA 1480 26.71 -20.47 47.20
C2 OMC QA 1480 26.11 -19.95 46.05
N3 OMC QA 1480 26.59 -20.33 44.83
C4 OMC QA 1480 27.63 -21.19 44.74
C5 OMC QA 1480 28.25 -21.72 45.89
C6 OMC QA 1480 27.77 -21.34 47.09
O2 OMC QA 1480 25.16 -19.18 46.17
N4 OMC QA 1480 28.04 -21.53 43.52
C1' OMC QA 1480 26.17 -20.11 48.51
C2' OMC QA 1480 25.71 -21.30 49.34
O2' OMC QA 1480 24.39 -21.68 49.01
CM2 OMC QA 1480 24.00 -22.95 49.52
C3' OMC QA 1480 25.87 -20.77 50.77
C4' OMC QA 1480 27.10 -19.87 50.67
O4' OMC QA 1480 27.21 -19.50 49.26
O3' OMC QA 1480 24.73 -20.02 51.15
C5' OMC QA 1480 28.39 -20.51 51.10
O5' OMC QA 1480 28.62 -21.74 50.43
P OMC QA 1480 29.92 -22.60 50.72
OP1 OMC QA 1480 29.98 -22.87 52.18
OP2 OMC QA 1480 29.96 -23.72 49.77
H5 OMC QA 1480 29.10 -22.40 45.82
H6 OMC QA 1480 28.20 -21.70 48.02
HN41 OMC QA 1480 27.61 -21.17 42.68
HN42 OMC QA 1480 28.82 -22.18 43.42
H1' OMC QA 1480 25.41 -19.33 48.43
H2' OMC QA 1480 26.35 -22.17 49.21
HM21 OMC QA 1480 24.03 -22.84 50.60
HM22 OMC QA 1480 22.99 -23.21 49.22
HM23 OMC QA 1480 24.64 -23.77 49.23
H3' OMC QA 1480 26.07 -21.59 51.46
H4' OMC QA 1480 26.96 -18.95 51.23
H5' OMC QA 1480 28.34 -20.76 52.17
H5'' OMC QA 1480 29.25 -19.86 50.96
N1 PSU QA 1482 26.28 -23.29 57.42
C2 PSU QA 1482 27.52 -23.79 57.67
N3 PSU QA 1482 27.58 -24.67 58.72
C4 PSU QA 1482 26.52 -25.08 59.51
C5 PSU QA 1482 25.24 -24.51 59.17
C6 PSU QA 1482 25.18 -23.63 58.14
O2 PSU QA 1482 28.52 -23.48 57.03
O4 PSU QA 1482 26.71 -25.87 60.43
C1' PSU QA 1482 24.05 -24.91 59.98
C2' PSU QA 1482 23.95 -24.15 61.31
O2' PSU QA 1482 23.26 -24.97 62.24
C3' PSU QA 1482 23.09 -22.97 60.90
C4' PSU QA 1482 22.09 -23.61 59.93
O3' PSU QA 1482 22.47 -22.30 61.98
O4' PSU QA 1482 22.87 -24.62 59.25
C5' PSU QA 1482 21.47 -22.67 58.93
O5' PSU QA 1482 22.45 -21.84 58.33
P PSU QA 1482 22.10 -20.99 57.02
OP1 PSU QA 1482 20.97 -20.10 57.36
OP2 PSU QA 1482 23.36 -20.41 56.51
HN1 PSU QA 1482 26.18 -22.63 56.66
HN3 PSU QA 1482 28.49 -25.07 58.92
H6 PSU QA 1482 24.25 -23.16 57.83
H1' PSU QA 1482 24.08 -25.98 60.11
H2' PSU QA 1482 24.92 -23.90 61.72
HO2' PSU QA 1482 23.89 -25.74 62.33
H3' PSU QA 1482 23.71 -22.27 60.34
H4' PSU QA 1482 21.29 -24.11 60.46
H5' PSU QA 1482 20.76 -22.04 59.43
H5'' PSU QA 1482 20.95 -23.22 58.14
N1 OMU QA 1537 -13.89 -7.48 79.74
C2 OMU QA 1537 -13.68 -7.29 81.09
N3 OMU QA 1537 -13.91 -8.40 81.87
C4 OMU QA 1537 -14.30 -9.65 81.44
C5 OMU QA 1537 -14.51 -9.77 80.04
C6 OMU QA 1537 -14.30 -8.70 79.24
O2 OMU QA 1537 -13.31 -6.23 81.57
O4 OMU QA 1537 -14.43 -10.56 82.27
C1' OMU QA 1537 -13.65 -6.34 78.84
C2' OMU QA 1537 -12.65 -6.65 77.72
O2' OMU QA 1537 -11.32 -6.47 78.15
CM2 OMU QA 1537 -10.34 -6.91 77.21
C3' OMU QA 1537 -13.09 -5.67 76.64
C4' OMU QA 1537 -14.61 -5.65 76.81
O3' OMU QA 1537 -12.55 -4.37 76.90
O4' OMU QA 1537 -14.86 -6.01 78.20
C5' OMU QA 1537 -15.37 -6.60 75.92
O5' OMU QA 1537 -14.83 -7.91 76.00
P OMU QA 1537 -15.44 -9.11 75.15
OP1 OMU QA 1537 -15.43 -8.70 73.73
OP2 OMU QA 1537 -14.75 -10.35 75.56
HN3 OMU QA 1537 -13.80 -8.27 82.87
H5 OMU QA 1537 -14.83 -10.73 79.63
H6 OMU QA 1537 -14.46 -8.74 78.17
H1' OMU QA 1537 -13.39 -5.46 79.41
H2' OMU QA 1537 -12.75 -7.67 77.36
HM21 OMU QA 1537 -9.40 -6.59 77.64
HM22 OMU QA 1537 -10.32 -7.99 77.06
HM23 OMU QA 1537 -10.46 -6.42 76.25
H3' OMU QA 1537 -12.82 -6.03 75.66
H4' OMU QA 1537 -15.01 -4.65 76.65
H5' OMU QA 1537 -15.21 -6.29 74.88
H5'' OMU QA 1537 -16.43 -6.62 76.12
N1 OMC QA 1849 1.70 -5.12 48.19
C2 OMC QA 1849 2.18 -3.90 47.70
N3 OMC QA 1849 3.53 -3.74 47.56
C4 OMC QA 1849 4.37 -4.71 47.89
C5 OMC QA 1849 3.91 -5.96 48.40
C6 OMC QA 1849 2.58 -6.13 48.53
O2 OMC QA 1849 1.38 -3.02 47.41
N4 OMC QA 1849 5.68 -4.50 47.74
C1' OMC QA 1849 0.24 -5.30 48.33
C2' OMC QA 1849 -0.48 -5.35 46.99
O2' OMC QA 1849 -1.81 -4.87 47.16
CM2 OMC QA 1849 -1.93 -3.46 47.13
C3' OMC QA 1849 -0.48 -6.85 46.72
C4' OMC QA 1849 -0.66 -7.46 48.10
O4' OMC QA 1849 -0.01 -6.52 49.00
O3' OMC QA 1849 -1.47 -7.27 45.80
C5' OMC QA 1849 -0.04 -8.82 48.29
O5' OMC QA 1849 1.28 -8.86 47.76
P OMC QA 1849 2.02 -10.22 47.45
OP1 OMC QA 1849 1.05 -11.16 46.83
OP2 OMC QA 1849 3.26 -9.90 46.73
H5 OMC QA 1849 4.60 -6.76 48.68
H6 OMC QA 1849 2.16 -7.05 48.92
HN41 OMC QA 1849 6.04 -3.63 47.38
HN42 OMC QA 1849 6.35 -5.20 48.00
H1' OMC QA 1849 -0.17 -4.53 49.00
H2' OMC QA 1849 0.02 -4.80 46.20
HM21 OMC QA 1849 -1.61 -3.17 46.13
HM22 OMC QA 1849 -2.95 -3.13 47.27
HM23 OMC QA 1849 -1.31 -2.93 47.87
H3' OMC QA 1849 0.51 -7.12 46.33
H4' OMC QA 1849 -1.70 -7.51 48.39
H5' OMC QA 1849 -0.60 -9.55 47.71
H5'' OMC QA 1849 -0.03 -9.15 49.32
N1 OMC QA 1852 3.53 -8.79 31.99
C2 OMC QA 1852 3.03 -9.60 30.96
N3 OMC QA 1852 3.41 -9.36 29.68
C4 OMC QA 1852 4.27 -8.36 29.41
C5 OMC QA 1852 4.79 -7.53 30.43
C6 OMC QA 1852 4.40 -7.76 31.69
O2 OMC QA 1852 2.24 -10.51 31.25
N4 OMC QA 1852 4.63 -8.18 28.14
C1' OMC QA 1852 3.12 -9.08 33.37
C2' OMC QA 1852 4.26 -9.06 34.39
O2' OMC QA 1852 4.92 -10.30 34.43
CM2 OMC QA 1852 5.49 -10.72 33.19
C3' OMC QA 1852 3.52 -8.72 35.69
C4' OMC QA 1852 2.30 -7.92 35.22
O4' OMC QA 1852 2.22 -8.09 33.78
O3' OMC QA 1852 3.12 -9.91 36.34
C5' OMC QA 1852 2.37 -6.44 35.54
O5' OMC QA 1852 3.64 -5.90 35.26
P OMC QA 1852 3.80 -4.45 34.61
OP1 OMC QA 1852 5.17 -4.01 34.86
OP2 OMC QA 1852 3.30 -4.52 33.23
H5 OMC QA 1852 5.48 -6.72 30.20
H6 OMC QA 1852 4.73 -7.14 32.53
HN41 OMC QA 1852 4.28 -8.76 27.39
HN42 OMC QA 1852 5.27 -7.45 27.88
H1' OMC QA 1852 2.54 -9.99 33.42
H2' OMC QA 1852 5.00 -8.30 34.20
HM21 OMC QA 1852 4.64 -11.07 32.60
HM22 OMC QA 1852 6.17 -11.57 33.33
HM23 OMC QA 1852 6.02 -9.94 32.65
H3' OMC QA 1852 4.17 -8.11 36.33
H4' OMC QA 1852 1.39 -8.32 35.65
H5' OMC QA 1852 2.21 -6.30 36.60
H5'' OMC QA 1852 1.60 -5.87 35.01
P OMG QA 1857 13.33 1.69 44.71
OP1 OMG QA 1857 13.71 2.76 45.66
OP2 OMG QA 1857 12.76 0.43 45.23
O5' OMG QA 1857 12.27 2.30 43.68
C5' OMG QA 1857 12.58 3.43 42.87
C4' OMG QA 1857 11.41 3.78 41.99
O4' OMG QA 1857 11.13 2.69 41.09
C3' OMG QA 1857 10.10 4.05 42.73
O3' OMG QA 1857 9.98 5.40 43.16
C2' OMG QA 1857 9.05 3.63 41.71
O2' OMG QA 1857 8.82 4.65 40.74
CM2 OMG QA 1857 7.80 4.37 39.80
C1' OMG QA 1857 9.74 2.45 41.04
N9 OMG QA 1857 9.47 1.19 41.75
C8 OMG QA 1857 10.37 0.35 42.34
N7 OMG QA 1857 9.81 -0.69 42.93
C5 OMG QA 1857 8.45 -0.51 42.70
C6 OMG QA 1857 7.33 -1.30 43.09
O6 OMG QA 1857 7.34 -2.34 43.74
N1 OMG QA 1857 6.14 -0.75 42.64
C2 OMG QA 1857 6.02 0.40 41.92
N2 OMG QA 1857 4.79 0.77 41.57
N3 OMG QA 1857 7.05 1.15 41.54
C4 OMG QA 1857 8.23 0.64 41.97
H5' OMG QA 1857 13.50 3.24 42.31
H5'' OMG QA 1857 12.77 4.24 43.57
H4' OMG QA 1857 11.73 4.63 41.39
H3' OMG QA 1857 10.04 3.38 43.57
H2' OMG QA 1857 8.06 3.43 42.12
HM21 OMG QA 1857 6.99 3.94 40.39
HM22 OMG QA 1857 7.38 5.23 39.28
HM23 OMG QA 1857 8.10 3.63 39.05
H1' OMG QA 1857 9.48 2.28 40.00
H8 OMG QA 1857 11.44 0.54 42.31
HN1 OMG QA 1857 5.31 -1.25 42.91
HN21 OMG QA 1857 3.95 0.24 41.80
HN22 OMG QA 1857 4.65 1.62 41.04
N1 OMC QA 1862 3.82 3.84 64.73
C2 OMC QA 1862 4.54 2.66 64.88
N3 OMC QA 1862 5.34 2.24 63.86
C4 OMC QA 1862 5.44 2.97 62.74
C5 OMC QA 1862 4.72 4.18 62.56
C6 OMC QA 1862 3.92 4.58 63.57
O2 OMC QA 1862 4.42 2.02 65.93
N4 OMC QA 1862 6.23 2.51 61.76
C1' OMC QA 1862 2.92 4.29 65.82
C2' OMC QA 1862 3.69 4.95 66.96
O2' OMC QA 1862 2.98 4.75 68.17
CM2 OMC QA 1862 3.16 3.46 68.76
C3' OMC QA 1862 3.63 6.42 66.55
C4' OMC QA 1862 2.23 6.53 65.94
O4' OMC QA 1862 2.01 5.24 65.31
O3' OMC QA 1862 3.82 7.32 67.63
C5' OMC QA 1862 2.03 7.64 64.94
O5' OMC QA 1862 3.02 7.62 63.94
P OMC QA 1862 3.09 8.74 62.80
OP1 OMC QA 1862 3.05 10.05 63.46
OP2 OMC QA 1862 4.23 8.41 61.92
H5 OMC QA 1862 4.80 4.78 61.65
H6 OMC QA 1862 3.34 5.49 63.51
HN41 OMC QA 1862 6.76 1.66 61.86
HN42 OMC QA 1862 6.34 3.04 60.90
H1' OMC QA 1862 2.30 3.46 66.15
H2' OMC QA 1862 4.72 4.61 67.06
HM21 OMC QA 1862 4.24 3.38 68.91
HM22 OMC QA 1862 2.66 3.37 69.72
HM23 OMC QA 1862 2.83 2.63 68.14
H3' OMC QA 1862 4.36 6.60 65.76
H4' OMC QA 1862 1.47 6.64 66.71
H5' OMC QA 1862 2.13 8.61 65.43
H5'' OMC QA 1862 1.04 7.62 64.47
N1 OMU QA 1894 37.24 2.26 26.32
C2 OMU QA 1894 36.18 1.54 26.85
N3 OMU QA 1894 36.42 0.95 28.06
C4 OMU QA 1894 37.58 1.00 28.79
C5 OMU QA 1894 38.64 1.75 28.18
C6 OMU QA 1894 38.44 2.34 27.00
O2 OMU QA 1894 35.10 1.46 26.29
O4 OMU QA 1894 37.65 0.43 29.89
C1' OMU QA 1894 37.00 2.98 25.06
C2' OMU QA 1894 36.32 4.32 25.32
O2' OMU QA 1894 35.53 4.66 24.19
CM2 OMU QA 1894 34.27 4.00 24.13
C3' OMU QA 1894 37.51 5.24 25.44
C4' OMU QA 1894 38.41 4.72 24.33
O3' OMU QA 1894 37.20 6.62 25.34
O4' OMU QA 1894 38.24 3.27 24.43
C5' OMU QA 1894 39.88 5.07 24.42
O5' OMU QA 1894 40.36 4.94 25.75
P OMU QA 1894 41.91 5.16 26.07
OP1 OMU QA 1894 42.33 6.45 25.47
OP2 OMU QA 1894 42.09 4.94 27.51
HN3 OMU QA 1894 35.65 0.43 28.46
H5 OMU QA 1894 39.60 1.81 28.70
H6 OMU QA 1894 39.22 2.92 26.51
H1' OMU QA 1894 36.47 2.34 24.36
H2' OMU QA 1894 35.71 4.30 26.22
HM21 OMU QA 1894 33.80 4.40 23.23
HM22 OMU QA 1894 34.34 2.91 24.05
HM23 OMU QA 1894 33.64 4.26 24.97
H3' OMU QA 1894 38.00 5.04 26.39
H4' OMU QA 1894 38.05 5.02 23.34
H5' OMU QA 1894 39.98 6.13 24.17
H5'' OMU QA 1894 40.49 4.49 23.74
N1 PSU QA 1909 34.34 30.53 23.84
C2 PSU QA 1909 33.67 31.46 24.57
N3 PSU QA 1909 32.51 31.01 25.14
C4 PSU QA 1909 31.99 29.74 25.05
C5 PSU QA 1909 32.75 28.81 24.25
C6 PSU QA 1909 33.89 29.25 23.68
O2 PSU QA 1909 34.07 32.61 24.72
O4 PSU QA 1909 30.93 29.47 25.63
C1' PSU QA 1909 32.22 27.42 24.06
C2' PSU QA 1909 31.06 27.35 23.06
O2' PSU QA 1909 30.21 26.27 23.42
C3' PSU QA 1909 31.80 27.05 21.77
C4' PSU QA 1909 32.92 26.10 22.24
O3' PSU QA 1909 30.98 26.48 20.77
O4' PSU QA 1909 33.27 26.61 23.56
C5' PSU QA 1909 34.15 26.04 21.37
O5' PSU QA 1909 34.70 27.32 21.15
P PSU QA 1909 36.20 27.51 20.64
OP1 PSU QA 1909 36.39 26.70 19.42
OP2 PSU QA 1909 36.49 28.96 20.61
HN1 PSU QA 1909 35.21 30.81 23.39
HN3 PSU QA 1909 31.99 31.69 25.69
H6 PSU QA 1909 34.51 28.61 23.07
H1' PSU QA 1909 31.99 27.03 25.04
H2' PSU QA 1909 30.48 28.27 23.05
HO2' PSU QA 1909 30.15 26.37 24.41
H3' PSU QA 1909 32.26 27.97 21.40
H4' PSU QA 1909 32.55 25.09 22.36
H5' PSU QA 1909 33.88 25.63 20.40
H5'' PSU QA 1909 34.92 25.41 21.80
N1 OMU QA 2116 51.46 30.40 62.42
C2 OMU QA 2116 50.89 31.64 62.62
N3 OMU QA 2116 51.57 32.46 63.49
C4 OMU QA 2116 52.74 32.15 64.16
C5 OMU QA 2116 53.27 30.85 63.90
C6 OMU QA 2116 52.62 30.03 63.05
O2 OMU QA 2116 49.86 32.00 62.07
O4 OMU QA 2116 53.25 32.99 64.92
C1' OMU QA 2116 50.77 29.48 61.50
C2' OMU QA 2116 51.49 29.27 60.16
O2' OMU QA 2116 51.19 30.31 59.25
CM2 OMU QA 2116 51.83 30.18 57.98
C3' OMU QA 2116 50.97 27.90 59.75
C4' OMU QA 2116 50.88 27.18 61.09
O3' OMU QA 2116 49.67 28.02 59.18
O4' OMU QA 2116 50.73 28.20 62.10
C5' OMU QA 2116 52.10 26.34 61.42
O5' OMU QA 2116 53.30 27.08 61.22
P OMU QA 2116 54.63 26.71 62.00
OP1 OMU QA 2116 55.75 27.36 61.30
OP2 OMU QA 2116 54.41 26.95 63.43
HN3 OMU QA 2116 51.17 33.38 63.65
H5 OMU QA 2116 54.18 30.55 64.41
H6 OMU QA 2116 52.97 29.03 62.82
H1' OMU QA 2116 49.73 29.77 61.38
H2' OMU QA 2116 52.56 29.25 60.31
HM21 OMU QA 2116 51.52 31.07 57.44
HM22 OMU QA 2116 51.53 29.29 57.44
HM23 OMU QA 2116 52.91 30.20 58.07
H3' OMU QA 2116 51.67 27.41 59.08
H4' OMU QA 2116 50.02 26.52 61.14
H5' OMU QA 2116 52.07 26.10 62.48
H5'' OMU QA 2116 52.13 25.40 60.87
P OMG QA 2126 26.52 29.16 46.71
OP1 OMG QA 2126 25.61 28.49 45.75
OP2 OMG QA 2126 27.82 28.54 47.03
O5' OMG QA 2126 26.77 30.65 46.20
C5' OMG QA 2126 27.94 30.99 45.48
C4' OMG QA 2126 28.81 31.93 46.26
O4' OMG QA 2126 30.19 31.80 45.83
C3' OMG QA 2126 28.51 33.43 46.11
O3' OMG QA 2126 27.47 33.89 46.94
C2' OMG QA 2126 29.86 34.06 46.40
O2' OMG QA 2126 30.14 34.04 47.79
CM2 OMG QA 2126 31.24 34.86 48.17
C1' OMG QA 2126 30.77 33.07 45.69
N9 OMG QA 2126 30.87 33.37 44.26
C8 OMG QA 2126 30.22 32.76 43.21
N7 OMG QA 2126 30.51 33.28 42.04
C5 OMG QA 2126 31.41 34.30 42.35
C6 OMG QA 2126 32.07 35.24 41.50
O6 OMG QA 2126 31.98 35.33 40.28
N1 OMG QA 2126 32.88 36.10 42.22
C2 OMG QA 2126 33.04 36.07 43.57
N2 OMG QA 2126 33.87 36.98 44.10
N3 OMG QA 2126 32.43 35.21 44.37
C4 OMG QA 2126 31.63 34.36 43.70
H5' OMG QA 2126 27.67 31.38 44.50
H5'' OMG QA 2126 28.48 30.05 45.34
H4' OMG QA 2126 28.76 31.61 47.30
H3' OMG QA 2126 28.25 33.61 45.07
H2' OMG QA 2126 29.96 35.10 46.11
HM21 OMG QA 2126 30.88 35.88 48.00
HM22 OMG QA 2126 31.55 34.80 49.21
HM23 OMG QA 2126 32.11 34.71 47.54
H1' OMG QA 2126 31.79 33.02 46.08
H8 OMG QA 2126 29.53 31.93 43.36
HN1 OMG QA 2126 33.37 36.78 41.67
HN21 OMG QA 2126 34.38 37.67 43.56
HN22 OMG QA 2126 34.02 37.00 45.11
P OMG QA 2127 26.46 35.02 46.42
OP1 OMG QA 2127 25.42 35.24 47.45
OP2 OMG QA 2127 26.03 34.68 45.03
O5' OMG QA 2127 27.35 36.34 46.33
C5' OMG QA 2127 27.94 36.90 47.50
C4' OMG QA 2127 28.92 37.99 47.15
O4' OMG QA 2127 30.00 37.44 46.35
C3' OMG QA 2127 28.39 39.12 46.29
O3' OMG QA 2127 27.63 40.08 47.01
C2' OMG QA 2127 29.67 39.68 45.68
O2' OMG QA 2127 30.41 40.45 46.64
CM2 OMG QA 2127 31.54 41.12 46.10
C1' OMG QA 2127 30.42 38.38 45.39
N9 OMG QA 2127 30.08 37.89 44.05
C8 OMG QA 2127 29.30 36.82 43.69
N7 OMG QA 2127 29.16 36.69 42.40
C5 OMG QA 2127 29.92 37.71 41.86
C6 OMG QA 2127 30.17 38.09 40.52
O6 OMG QA 2127 29.73 37.56 39.50
N1 OMG QA 2127 30.99 39.20 40.42
C2 OMG QA 2127 31.52 39.87 41.50
N2 OMG QA 2127 32.34 40.89 41.22
N3 OMG QA 2127 31.29 39.53 42.76
C4 OMG QA 2127 30.50 38.46 42.87
H5' OMG QA 2127 28.37 36.11 48.11
H5'' OMG QA 2127 27.10 37.34 48.05
H4' OMG QA 2127 29.34 38.33 48.09
H3' OMG QA 2127 27.79 38.70 45.49
H2' OMG QA 2127 29.53 40.36 44.84
HM21 OMG QA 2127 31.12 41.75 45.32
HM22 OMG QA 2127 32.07 41.77 46.79
HM23 OMG QA 2127 32.26 40.44 45.65
H1' OMG QA 2127 31.51 38.44 45.45
H8 OMG QA 2127 28.82 36.18 44.44
HN1 OMG QA 2127 31.21 39.50 39.49
HN21 OMG QA 2127 32.58 41.18 40.28
HN22 OMG QA 2127 32.74 41.44 41.98
P A2M QA 2129 26.11 46.26 43.53
OP1 A2M QA 2129 25.61 47.37 44.38
O5' A2M QA 2129 26.59 46.80 42.12
C5' A2M QA 2129 27.55 47.85 41.88
C4' A2M QA 2129 27.55 48.20 40.43
O4' A2M QA 2129 28.13 47.13 39.65
C3' A2M QA 2129 26.18 48.40 39.81
O3' A2M QA 2129 25.66 49.70 40.07
C2' A2M QA 2129 26.46 48.16 38.33
O2' A2M QA 2129 27.04 49.31 37.72
C1' A2M QA 2129 27.49 47.03 38.39
CM' A2M QA 2129 27.04 49.29 36.30
N9 A2M QA 2129 26.89 45.70 38.27
C8 A2M QA 2129 26.51 44.88 39.30
N7 A2M QA 2129 25.98 43.75 38.91
C5 A2M QA 2129 26.01 43.83 37.52
C6 A2M QA 2129 25.60 42.95 36.52
N6 A2M QA 2129 25.04 41.76 36.75
N1 A2M QA 2129 25.76 43.34 35.23
C2 A2M QA 2129 26.32 44.53 34.99
N3 A2M QA 2129 26.76 45.44 35.87
C4 A2M QA 2129 26.57 45.03 37.13
H5' A2M QA 2129 27.33 48.72 42.50
H5'' A2M QA 2129 28.49 47.43 42.24
H4' A2M QA 2129 28.19 49.07 40.24
H3' A2M QA 2129 25.49 47.64 40.17
H2' A2M QA 2129 25.54 47.87 37.80
H1' A2M QA 2129 28.27 47.09 37.64
HM'1 A2M QA 2129 27.51 50.23 36.01
HM'2 A2M QA 2129 27.63 48.46 35.90
HM'3 A2M QA 2129 26.04 49.24 35.87
H8 A2M QA 2129 26.63 45.14 40.35
OP2 A2M QA 2129 25.05 45.25 43.32
H61 A2M QA 2129 24.74 41.15 35.99
H62 A2M QA 2129 24.89 41.45 37.69
H2 A2M QA 2129 26.43 44.79 33.94
N1 PSU QA 2137 2.23 35.52 45.17
C2 PSU QA 2137 0.93 35.12 45.29
N3 PSU QA 2137 0.63 34.41 46.42
C4 PSU QA 2137 1.52 34.06 47.42
C5 PSU QA 2137 2.88 34.50 47.22
C6 PSU QA 2137 3.17 35.22 46.11
O2 PSU QA 2137 0.09 35.38 44.44
O4 PSU QA 2137 1.14 33.40 48.39
C1' PSU QA 2137 3.91 34.06 48.22
C2' PSU QA 2137 4.24 32.58 48.09
O2' PSU QA 2137 4.43 32.03 49.38
C3' PSU QA 2137 5.53 32.62 47.28
C4' PSU QA 2137 6.21 33.87 47.81
O3' PSU QA 2137 6.33 31.45 47.39
O4' PSU QA 2137 5.11 34.79 48.03
C5' PSU QA 2137 7.25 34.51 46.91
O5' PSU QA 2137 6.76 34.70 45.60
P PSU QA 2137 7.63 35.48 44.51
OP1 PSU QA 2137 9.01 34.95 44.55
OP2 PSU QA 2137 6.88 35.46 43.24
HN1 PSU QA 2137 2.50 36.05 44.37
HN3 PSU QA 2137 -0.33 34.13 46.53
H6 PSU QA 2137 4.17 35.58 45.91
H1' PSU QA 2137 3.55 34.34 49.21
H2' PSU QA 2137 3.42 32.03 47.61
HO2' PSU QA 2137 5.41 32.13 49.51
H3' PSU QA 2137 5.28 32.79 46.23
H4' PSU QA 2137 6.68 33.71 48.78
H5' PSU QA 2137 8.12 33.85 46.85
H5'' PSU QA 2137 7.59 35.47 47.29
N1 PSU QA 2139 3.23 29.14 40.68
C2 PSU QA 2139 3.60 29.37 39.39
N3 PSU QA 2139 2.69 28.96 38.45
C4 PSU QA 2139 1.47 28.36 38.69
C5 PSU QA 2139 1.16 28.14 40.09
C6 PSU QA 2139 2.06 28.56 41.01
O2 PSU QA 2139 4.66 29.91 39.08
O4 PSU QA 2139 0.74 28.05 37.75
C1' PSU QA 2139 -0.13 27.48 40.43
C2' PSU QA 2139 -0.26 26.05 39.89
O2' PSU QA 2139 -1.62 25.81 39.56
C3' PSU QA 2139 0.16 25.23 41.10
C4' PSU QA 2139 -0.40 26.03 42.26
O3' PSU QA 2139 -0.32 23.89 41.07
O4' PSU QA 2139 -0.27 27.41 41.83
C5' PSU QA 2139 0.28 25.84 43.58
O5' PSU QA 2139 1.67 26.10 43.49
P PSU QA 2139 2.61 26.08 44.77
OP1 PSU QA 2139 2.48 24.77 45.45
OP2 PSU QA 2139 3.95 26.55 44.34
HN1 PSU QA 2139 3.86 29.45 41.41
HN3 PSU QA 2139 2.98 29.06 37.49
H6 PSU QA 2139 1.88 28.42 42.07
H1' PSU QA 2139 -0.93 28.14 40.09
H2' PSU QA 2139 0.33 25.89 39.00
HO2' PSU QA 2139 -1.77 26.49 38.85
H3' PSU QA 2139 1.25 25.24 41.16
H4' PSU QA 2139 -1.47 25.83 42.41
H5' PSU QA 2139 0.16 24.81 43.90
H5'' PSU QA 2139 -0.13 26.48 44.37
N1 PSU QA 2194 -0.45 55.64 39.80
C2 PSU QA 2194 -0.66 54.86 38.71
N3 PSU QA 2194 -0.05 55.30 37.56
C4 PSU QA 2194 0.73 56.44 37.42
C5 PSU QA 2194 0.90 57.21 38.64
C6 PSU QA 2194 0.30 56.77 39.77
O2 PSU QA 2194 -1.31 53.83 38.74
O4 PSU QA 2194 1.21 56.72 36.33
C1' PSU QA 2194 1.76 58.44 38.58
C2' PSU QA 2194 1.20 59.56 37.73
O2' PSU QA 2194 2.28 60.31 37.18
C3' PSU QA 2194 0.45 60.38 38.77
C4' PSU QA 2194 1.35 60.27 39.99
O3' PSU QA 2194 0.21 61.72 38.38
O4' PSU QA 2194 1.92 58.94 39.89
C5' PSU QA 2194 0.67 60.44 41.32
O5' PSU QA 2194 1.26 59.60 42.29
P PSU QA 2194 0.41 59.06 43.53
OP1 PSU QA 2194 0.20 60.18 44.46
OP2 PSU QA 2194 -0.76 58.32 43.02
HN1 PSU QA 2194 -0.88 55.37 40.68
HN3 PSU QA 2194 -0.20 54.75 36.73
H6 PSU QA 2194 0.39 57.31 40.71
H1' PSU QA 2194 2.76 58.13 38.27
H2' PSU QA 2194 0.58 59.20 36.91
HO2' PSU QA 2194 1.79 60.97 36.63
H3' PSU QA 2194 -0.49 59.88 38.98
H4' PSU QA 2194 2.18 60.98 39.95
H5' PSU QA 2194 -0.37 60.16 41.23
H5'' PSU QA 2194 0.71 61.46 41.69
N1 OMC QA 2200 -20.50 56.05 20.27
C2 OMC QA 2200 -20.44 54.65 20.28
N3 OMC QA 2200 -20.07 54.02 21.43
C4 OMC QA 2200 -19.76 54.72 22.52
C5 OMC QA 2200 -19.81 56.15 22.53
C6 OMC QA 2200 -20.17 56.76 21.40
O2 OMC QA 2200 -20.73 54.03 19.26
N4 OMC QA 2200 -19.42 54.06 23.62
C1' OMC QA 2200 -20.94 56.69 19.02
C2' OMC QA 2200 -21.54 58.08 19.14
O2' OMC QA 2200 -22.86 58.03 19.62
CM2 OMC QA 2200 -23.38 59.29 20.04
C3' OMC QA 2200 -21.41 58.57 17.70
C4' OMC QA 2200 -20.08 57.95 17.26
O4' OMC QA 2200 -19.82 56.84 18.17
O3' OMC QA 2200 -22.46 58.00 16.91
C5' OMC QA 2200 -18.90 58.89 17.29
O5' OMC QA 2200 -18.78 59.57 18.54
P OMC QA 2200 -18.28 61.08 18.60
OP1 OMC QA 2200 -19.23 61.90 17.82
OP2 OMC QA 2200 -18.02 61.42 20.02
H5 OMC QA 2200 -19.55 56.72 23.42
H6 OMC QA 2200 -20.21 57.84 21.35
HN41 OMC QA 2200 -19.37 53.04 23.65
HN42 OMC QA 2200 -19.19 54.56 24.45
H1' OMC QA 2200 -21.60 56.02 18.47
H2' OMC QA 2200 -20.97 58.76 19.76
HM21 OMC QA 2200 -23.37 59.90 19.13
HM22 OMC QA 2200 -24.42 59.21 20.39
HM23 OMC QA 2200 -22.81 59.79 20.81
H3' OMC QA 2200 -21.37 59.65 17.65
H4' OMC QA 2200 -20.16 57.54 16.26
H5' OMC QA 2200 -19.03 59.69 16.55
H5'' OMC QA 2200 -17.95 58.40 17.07
N1 PSU QA 2214 -45.28 48.36 9.30
C2 PSU QA 2214 -44.91 47.93 10.53
N3 PSU QA 2214 -43.84 47.07 10.55
C4 PSU QA 2214 -43.13 46.63 9.45
C5 PSU QA 2214 -43.58 47.13 8.17
C6 PSU QA 2214 -44.64 47.98 8.16
O2 PSU QA 2214 -45.49 48.26 11.56
O4 PSU QA 2214 -42.17 45.86 9.59
C1' PSU QA 2214 -42.89 46.68 6.93
C2' PSU QA 2214 -43.31 45.28 6.48
O2' PSU QA 2214 -42.20 44.62 5.87
C3' PSU QA 2214 -44.40 45.62 5.46
C4' PSU QA 2214 -43.85 46.86 4.80
O3' PSU QA 2214 -44.67 44.57 4.55
O4' PSU QA 2214 -43.17 47.57 5.87
C5' PSU QA 2214 -44.87 47.78 4.17
O5' PSU QA 2214 -45.93 48.05 5.07
P PSU QA 2214 -46.87 49.33 4.87
OP1 PSU QA 2214 -47.47 49.24 3.52
OP2 PSU QA 2214 -47.74 49.46 6.04
HN1 PSU QA 2214 -46.07 49.00 9.23
HN3 PSU QA 2214 -43.54 46.74 11.45
H6 PSU QA 2214 -45.03 48.40 7.24
H1' PSU QA 2214 -41.81 46.75 7.11
H2' PSU QA 2214 -43.64 44.67 7.31
HO2' PSU QA 2214 -41.80 45.36 5.32
H3' PSU QA 2214 -45.30 45.87 6.01
H4' PSU QA 2214 -43.11 46.63 4.03
H5' PSU QA 2214 -45.30 47.29 3.30
H5'' PSU QA 2214 -44.45 48.72 3.84
P A2M QA 2223 -71.37 40.62 -0.58
OP1 A2M QA 2223 -72.62 41.27 -1.02
O5' A2M QA 2223 -70.64 40.00 -1.84
C5' A2M QA 2223 -70.29 40.74 -3.02
C4' A2M QA 2223 -69.36 39.91 -3.87
O4' A2M QA 2223 -68.12 39.68 -3.15
C3' A2M QA 2223 -69.84 38.51 -4.20
O3' A2M QA 2223 -70.78 38.49 -5.27
C2' A2M QA 2223 -68.53 37.81 -4.56
O2' A2M QA 2223 -68.10 38.16 -5.87
C1' A2M QA 2223 -67.59 38.42 -3.51
CM' A2M QA 2223 -67.01 37.40 -6.35
N9 A2M QA 2223 -67.48 37.60 -2.31
C8 A2M QA 2223 -68.22 37.70 -1.17
N7 A2M QA 2223 -67.90 36.81 -0.25
C5 A2M QA 2223 -66.88 36.08 -0.83
C6 A2M QA 2223 -66.13 34.99 -0.38
N6 A2M QA 2223 -66.27 34.41 0.82
N1 A2M QA 2223 -65.19 34.49 -1.22
C2 A2M QA 2223 -65.03 35.05 -2.41
N3 A2M QA 2223 -65.69 36.07 -2.95
C4 A2M QA 2223 -66.61 36.55 -2.11
H5' A2M QA 2223 -69.84 41.69 -2.76
H5'' A2M QA 2223 -71.24 40.95 -3.50
H4' A2M QA 2223 -69.08 40.45 -4.77
H3' A2M QA 2223 -70.26 38.04 -3.31
H2' A2M QA 2223 -68.65 36.73 -4.46
H1' A2M QA 2223 -66.57 38.60 -3.87
HM'1 A2M QA 2223 -66.84 37.77 -7.36
HM'2 A2M QA 2223 -66.10 37.54 -5.77
HM'3 A2M QA 2223 -67.22 36.33 -6.40
H8 A2M QA 2223 -69.00 38.44 -1.03
OP2 A2M QA 2223 -71.67 39.57 0.43
H61 A2M QA 2223 -65.71 33.64 1.12
H62 A2M QA 2223 -66.97 34.78 1.46
H2 A2M QA 2223 -64.26 34.60 -3.04
N1 PSU QA 2228 -63.00 30.03 0.75
C2 PSU QA 2228 -63.54 31.27 0.60
N3 PSU QA 2228 -63.27 31.88 -0.60
C4 PSU QA 2228 -62.53 31.36 -1.63
C5 PSU QA 2228 -61.98 30.05 -1.40
C6 PSU QA 2228 -62.24 29.44 -0.21
O2 PSU QA 2228 -64.22 31.81 1.47
O4 PSU QA 2228 -62.37 32.01 -2.66
C1' PSU QA 2228 -61.14 29.41 -2.45
C2' PSU QA 2228 -59.88 30.21 -2.81
O2' PSU QA 2228 -59.53 29.91 -4.15
C3' PSU QA 2228 -58.87 29.60 -1.85
C4' PSU QA 2228 -59.27 28.13 -1.82
O3' PSU QA 2228 -57.52 29.79 -2.22
O4' PSU QA 2228 -60.71 28.13 -2.00
C5' PSU QA 2228 -58.93 27.39 -0.55
O5' PSU QA 2228 -59.69 26.20 -0.42
P PSU QA 2228 -60.35 25.80 0.96
OP1 PSU QA 2228 -59.39 24.95 1.70
OP2 PSU QA 2228 -60.89 27.02 1.60
HN1 PSU QA 2228 -63.17 29.53 1.62
HN3 PSU QA 2228 -63.65 32.81 -0.71
H6 PSU QA 2228 -61.87 28.45 0.02
H1' PSU QA 2228 -61.77 29.21 -3.32
H2' PSU QA 2228 -60.02 31.28 -2.71
HO2' PSU QA 2228 -60.30 30.29 -4.64
H3' PSU QA 2228 -59.04 30.02 -0.86
H4' PSU QA 2228 -58.83 27.58 -2.65
H5' PSU QA 2228 -57.87 27.10 -0.58
H5'' PSU QA 2228 -59.08 28.00 0.35
P OMG QA 2239 -32.68 47.71 12.40
OP1 OMG QA 2239 -31.28 47.76 11.91
OP2 OMG QA 2239 -32.96 47.95 13.84
O5' OMG QA 2239 -33.53 48.76 11.55
C5' OMG QA 2239 -33.55 48.71 10.13
C4' OMG QA 2239 -34.60 49.64 9.57
O4' OMG QA 2239 -35.92 49.19 9.97
C3' OMG QA 2239 -34.53 51.08 10.05
O3' OMG QA 2239 -33.57 51.85 9.36
C2' OMG QA 2239 -35.96 51.56 9.84
O2' OMG QA 2239 -36.20 51.90 8.49
CM2 OMG QA 2239 -37.43 52.58 8.26
C1' OMG QA 2239 -36.76 50.30 10.19
N9 OMG QA 2239 -37.19 50.29 11.60
C8 OMG QA 2239 -36.61 49.64 12.65
N7 OMG QA 2239 -37.23 49.82 13.79
C5 OMG QA 2239 -38.30 50.65 13.47
C6 OMG QA 2239 -39.33 51.20 14.28
O6 OMG QA 2239 -39.50 51.04 15.49
N1 OMG QA 2239 -40.20 51.98 13.54
C2 OMG QA 2239 -40.10 52.23 12.21
N2 OMG QA 2239 -41.04 53.01 11.66
N3 OMG QA 2239 -39.14 51.72 11.44
C4 OMG QA 2239 -38.28 50.95 12.12
H5' OMG QA 2239 -33.67 47.69 9.79
H5'' OMG QA 2239 -32.56 49.06 9.82
H4' OMG QA 2239 -34.54 49.56 8.48
H3' OMG QA 2239 -34.31 51.08 11.12
H2' OMG QA 2239 -36.23 52.47 10.39
HM21 OMG QA 2239 -37.29 53.54 8.76
HM22 OMG QA 2239 -38.31 52.12 8.69
HM23 OMG QA 2239 -37.60 52.77 7.20
H1' OMG QA 2239 -37.65 50.16 9.60
H8 OMG QA 2239 -35.71 49.02 12.53
HN1 OMG QA 2239 -40.95 52.40 14.07
HN21 OMG QA 2239 -41.81 53.42 12.18
HN22 OMG QA 2239 -41.01 53.21 10.66
N1 PSU QA 2257 8.69 75.83 4.11
C2 PSU QA 2257 8.61 75.32 5.38
N3 PSU QA 2257 8.33 76.25 6.35
C4 PSU QA 2257 8.10 77.60 6.17
C5 PSU QA 2257 8.19 78.05 4.79
C6 PSU QA 2257 8.48 77.15 3.83
O2 PSU QA 2257 8.80 74.14 5.63
O4 PSU QA 2257 7.85 78.32 7.13
C1' PSU QA 2257 7.96 79.50 4.51
C2' PSU QA 2257 9.11 80.40 4.95
O2' PSU QA 2257 8.58 81.65 5.35
C3' PSU QA 2257 9.89 80.54 3.65
C4' PSU QA 2257 8.79 80.60 2.61
O3' PSU QA 2257 10.76 81.66 3.62
O4' PSU QA 2257 7.77 79.69 3.13
C5' PSU QA 2257 9.16 80.19 1.21
O5' PSU QA 2257 9.66 78.86 1.17
P PSU QA 2257 10.01 78.15 -0.21
OP1 PSU QA 2257 10.80 79.11 -1.03
OP2 PSU QA 2257 10.56 76.81 0.08
HN1 PSU QA 2257 8.89 75.19 3.36
HN3 PSU QA 2257 8.27 75.90 7.30
H6 PSU QA 2257 8.57 77.42 2.78
H1' PSU QA 2257 7.01 79.78 4.99
H2' PSU QA 2257 9.68 79.99 5.78
HO2' PSU QA 2257 9.40 82.11 5.68
H3' PSU QA 2257 10.46 79.62 3.50
H4' PSU QA 2257 8.34 81.59 2.55
H5' PSU QA 2257 9.95 80.85 0.85
H5'' PSU QA 2257 8.32 80.26 0.51
P A2M QA 2259 15.94 84.29 5.64
OP1 A2M QA 2259 15.55 84.59 4.24
O5' A2M QA 2259 17.21 85.14 6.05
C5' A2M QA 2259 17.21 86.55 6.31
C4' A2M QA 2259 18.62 86.99 6.59
O4' A2M QA 2259 18.62 88.13 7.47
C3' A2M QA 2259 19.48 85.97 7.33
O3' A2M QA 2259 20.03 85.01 6.42
C2' A2M QA 2259 20.55 86.84 7.97
O2' A2M QA 2259 21.62 87.06 7.07
C1' A2M QA 2259 19.81 88.16 8.23
CM' A2M QA 2259 22.91 86.89 7.64
N9 A2M QA 2259 19.45 88.38 9.63
C8 A2M QA 2259 19.14 87.43 10.56
N7 A2M QA 2259 18.87 87.92 11.75
C5 A2M QA 2259 19.00 89.29 11.58
C6 A2M QA 2259 18.82 90.36 12.47
N6 A2M QA 2259 18.48 90.24 13.74
N1 A2M QA 2259 19.04 91.61 11.98
C2 A2M QA 2259 19.38 91.75 10.69
N3 A2M QA 2259 19.58 90.80 9.77
C4 A2M QA 2259 19.36 89.58 10.28
H5' A2M QA 2259 16.78 87.11 5.48
H5'' A2M QA 2259 16.53 86.68 7.17
H4' A2M QA 2259 19.11 87.32 5.68
H3' A2M QA 2259 18.88 85.48 8.10
H2' A2M QA 2259 20.92 86.38 8.88
H1' A2M QA 2259 20.35 89.05 7.90
HM'1 A2M QA 2259 22.95 87.61 8.45
HM'2 A2M QA 2259 23.71 87.11 6.94
HM'3 A2M QA 2259 23.08 85.89 8.04
H8 A2M QA 2259 19.14 86.37 10.35
OP2 A2M QA 2259 16.24 82.84 5.80
H61 A2M QA 2259 18.31 89.33 14.17
H62 A2M QA 2259 18.37 91.07 14.33
H2 A2M QA 2259 19.53 92.78 10.37
N1 PSU QA 2261 21.27 78.70 7.63
C2 PSU QA 2261 21.44 78.04 8.80
N3 PSU QA 2261 22.14 76.86 8.70
C4 PSU QA 2261 22.67 76.32 7.55
C5 PSU QA 2261 22.46 77.09 6.35
C6 PSU QA 2261 21.76 78.24 6.44
O2 PSU QA 2261 20.99 78.44 9.87
O4 PSU QA 2261 23.29 75.25 7.59
C1' PSU QA 2261 23.02 76.58 5.05
C2' PSU QA 2261 22.36 75.29 4.56
O2' PSU QA 2261 23.33 74.54 3.84
C3' PSU QA 2261 21.29 75.84 3.62
C4' PSU QA 2261 21.98 77.04 2.99
O3' PSU QA 2261 20.83 74.90 2.67
O4' PSU QA 2261 22.84 77.55 4.05
C5' PSU QA 2261 21.07 78.14 2.51
O5' PSU QA 2261 21.66 79.41 2.70
P PSU QA 2261 20.77 80.73 2.79
OP1 PSU QA 2261 20.12 80.95 1.47
OP2 PSU QA 2261 19.92 80.62 4.01
HN1 PSU QA 2261 20.75 79.58 7.64
HN3 PSU QA 2261 22.27 76.35 9.57
H6 PSU QA 2261 21.56 78.87 5.57
H1' PSU QA 2261 24.09 76.48 5.18
H2' PSU QA 2261 21.99 74.68 5.37
HO2' PSU QA 2261 22.81 73.74 3.60
H3' PSU QA 2261 20.45 76.19 4.22
H4' PSU QA 2261 22.62 76.75 2.17
H5' PSU QA 2261 20.89 78.01 1.45
H5'' PSU QA 2261 20.10 78.13 3.02
N1 PSU QA 2263 15.64 75.19 6.95
C2 PSU QA 2263 15.21 76.44 7.32
N3 PSU QA 2263 14.81 76.53 8.63
C4 PSU QA 2263 14.82 75.53 9.57
C5 PSU QA 2263 15.30 74.24 9.11
C6 PSU QA 2263 15.68 74.14 7.81
O2 PSU QA 2263 15.17 77.38 6.55
O4 PSU QA 2263 14.45 75.76 10.72
C1' PSU QA 2263 15.36 73.12 10.08
C2' PSU QA 2263 14.00 72.58 10.51
O2' PSU QA 2263 14.10 72.12 11.85
C3' PSU QA 2263 13.82 71.42 9.55
C4' PSU QA 2263 15.23 70.86 9.43
O3' PSU QA 2263 12.89 70.45 9.99
O4' PSU QA 2263 16.08 72.04 9.51
C5' PSU QA 2263 15.55 70.10 8.17
O5' PSU QA 2263 15.50 70.94 7.02
P PSU QA 2263 16.30 70.57 5.70
OP1 PSU QA 2263 15.99 69.17 5.35
OP2 PSU QA 2263 16.05 71.65 4.70
HN1 PSU QA 2263 15.94 75.06 5.99
HN3 PSU QA 2263 14.49 77.45 8.92
H6 PSU QA 2263 16.06 73.20 7.39
H1' PSU QA 2263 15.96 73.44 10.92
H2' PSU QA 2263 13.22 73.34 10.46
HO2' PSU QA 2263 13.16 71.84 12.03
H3' PSU QA 2263 13.52 71.81 8.58
H4' PSU QA 2263 15.49 70.22 10.26
H5' PSU QA 2263 14.81 69.31 8.03
H5'' PSU QA 2263 16.53 69.63 8.19
N1 PSU QA 2267 1.31 76.97 8.06
C2 PSU QA 2267 1.76 76.12 7.09
N3 PSU QA 2267 1.81 76.65 5.83
C4 PSU QA 2267 1.47 77.93 5.46
C5 PSU QA 2267 1.00 78.78 6.54
C6 PSU QA 2267 0.94 78.25 7.79
O2 PSU QA 2267 2.09 74.96 7.32
O4 PSU QA 2267 1.56 78.29 4.29
C1' PSU QA 2267 0.62 80.19 6.23
C2' PSU QA 2267 -0.75 80.32 5.57
O2' PSU QA 2267 -0.74 81.42 4.67
C3' PSU QA 2267 -1.63 80.61 6.77
C4' PSU QA 2267 -0.74 81.51 7.62
O3' PSU QA 2267 -2.88 81.22 6.44
O4' PSU QA 2267 0.58 80.95 7.42
C5' PSU QA 2267 -1.06 81.55 9.09
O5' PSU QA 2267 -0.98 80.26 9.69
P PSU QA 2267 -0.96 80.09 11.27
OP1 PSU QA 2267 -2.09 80.87 11.83
OP2 PSU QA 2267 -0.85 78.64 11.57
HN1 PSU QA 2267 1.25 76.62 9.00
HN3 PSU QA 2267 2.15 76.04 5.09
H6 PSU QA 2267 0.60 78.83 8.65
H1' PSU QA 2267 1.41 80.61 5.62
H2' PSU QA 2267 -1.03 79.43 5.00
HO2' PSU QA 2267 -0.07 81.10 4.00
H3' PSU QA 2267 -1.82 79.68 7.31
H4' PSU QA 2267 -0.73 82.53 7.26
H5' PSU QA 2267 -0.34 82.19 9.60
H5'' PSU QA 2267 -2.05 81.95 9.29
N1 PSU QA 2269 -4.74 74.13 4.24
C2 PSU QA 2269 -4.15 73.04 4.82
N3 PSU QA 2269 -3.75 72.07 3.94
C4 PSU QA 2269 -3.90 72.09 2.56
C5 PSU QA 2269 -4.55 73.28 2.04
C6 PSU QA 2269 -4.93 74.24 2.91
O2 PSU QA 2269 -3.96 72.94 6.03
O4 PSU QA 2269 -3.51 71.15 1.88
C1' PSU QA 2269 -4.77 73.35 0.56
C2' PSU QA 2269 -6.03 72.64 0.09
O2' PSU QA 2269 -5.81 72.12 -1.21
C3' PSU QA 2269 -7.03 73.80 0.05
C4' PSU QA 2269 -6.17 74.95 -0.46
O3' PSU QA 2269 -8.17 73.55 -0.75
O4' PSU QA 2269 -4.87 74.71 0.17
C5' PSU QA 2269 -6.65 76.33 -0.14
O5' PSU QA 2269 -6.83 76.52 1.26
P PSU QA 2269 -6.95 77.98 1.89
OP1 PSU QA 2269 -8.03 78.69 1.16
OP2 PSU QA 2269 -7.03 77.84 3.36
HN1 PSU QA 2269 -5.05 74.88 4.85
HN3 PSU QA 2269 -3.30 71.25 4.34
H6 PSU QA 2269 -5.42 75.16 2.57
H1' PSU QA 2269 -3.87 72.98 0.07
H2' PSU QA 2269 -6.32 71.83 0.75
HO2' PSU QA 2269 -6.67 71.65 -1.38
H3' PSU QA 2269 -7.33 74.03 1.07
H4' PSU QA 2269 -6.02 74.88 -1.54
H5' PSU QA 2269 -5.91 77.06 -0.48
H5'' PSU QA 2269 -7.59 76.57 -0.64
P 5MC QA 2281 12.52 55.52 26.31
OP1 5MC QA 2281 13.60 55.04 27.25
OP2 5MC QA 2281 12.49 56.98 25.88
O5' 5MC QA 2281 12.61 54.64 24.98
C5' 5MC QA 2281 12.43 53.24 25.02
C4' 5MC QA 2281 12.19 52.67 23.64
O4' 5MC QA 2281 11.05 53.32 23.04
C3' 5MC QA 2281 13.30 52.89 22.63
O3' 5MC QA 2281 14.37 51.96 22.78
C2' 5MC QA 2281 12.57 52.75 21.30
O2' 5MC QA 2281 12.40 51.38 20.96
C1' 5MC QA 2281 11.20 53.34 21.64
N1 5MC QA 2281 11.06 54.73 21.16
C2 5MC QA 2281 10.92 54.95 19.79
O2 5MC QA 2281 10.95 53.98 19.03
N3 5MC QA 2281 10.76 56.23 19.33
C4 5MC QA 2281 10.74 57.25 20.20
N4 5MC QA 2281 10.60 58.48 19.69
C5 5MC QA 2281 10.88 57.06 21.61
C6 5MC QA 2281 11.04 55.80 22.02
CM5 5MC QA 2281 10.86 58.24 22.55
H5' 5MC QA 2281 11.62 52.98 25.69
H5'' 5MC QA 2281 13.32 52.79 25.46
H4' 5MC QA 2281 11.91 51.63 23.72
H3' 5MC QA 2281 13.71 53.90 22.73
H2' 5MC QA 2281 13.10 53.29 20.52
HO2' 5MC QA 2281 13.30 50.97 20.95
H1' 5MC QA 2281 10.40 52.73 21.24
HN41 5MC QA 2281 10.48 58.63 18.70
HN42 5MC QA 2281 10.59 59.30 20.28
H6 5MC QA 2281 11.19 55.58 23.07
HM51 5MC QA 2281 10.75 57.93 23.59
HM52 5MC QA 2281 11.76 58.84 22.49
HM53 5MC QA 2281 10.03 58.91 22.32
P A2M QA 2284 14.69 44.19 24.21
OP1 A2M QA 2284 15.25 44.08 25.58
O5' A2M QA 2284 13.55 43.12 23.97
C5' A2M QA 2284 13.79 41.74 23.66
C4' A2M QA 2284 12.52 41.09 23.14
O4' A2M QA 2284 11.86 40.39 24.21
C3' A2M QA 2284 11.46 42.05 22.53
O3' A2M QA 2284 11.20 41.71 21.17
C2' A2M QA 2284 10.21 41.79 23.39
O2' A2M QA 2284 9.03 41.82 22.61
C1' A2M QA 2284 10.49 40.38 23.86
CM' A2M QA 2284 8.18 42.93 22.87
N9 A2M QA 2284 9.68 39.96 25.00
C8 A2M QA 2284 9.16 40.74 26.01
N7 A2M QA 2284 8.39 40.09 26.84
C5 A2M QA 2284 8.41 38.79 26.36
C6 A2M QA 2284 7.74 37.63 26.77
N6 A2M QA 2284 6.86 37.58 27.77
N1 A2M QA 2284 7.97 36.50 26.08
C2 A2M QA 2284 8.80 36.53 25.03
N3 A2M QA 2284 9.46 37.58 24.53
C4 A2M QA 2284 9.21 38.69 25.25
H5' A2M QA 2284 14.15 41.21 24.52
H5'' A2M QA 2284 14.59 41.76 22.92
H4' A2M QA 2284 12.77 40.32 22.42
H3' A2M QA 2284 11.76 43.09 22.62
H2' A2M QA 2284 10.17 42.52 24.20
H1' A2M QA 2284 10.38 39.61 23.10
HM'1 A2M QA 2284 7.37 42.85 22.15
HM'2 A2M QA 2284 7.75 42.90 23.88
HM'3 A2M QA 2284 8.68 43.90 22.75
H8 A2M QA 2284 9.38 41.81 26.10
OP2 A2M QA 2284 15.78 44.01 23.21
H61 A2M QA 2284 6.39 36.71 28.04
H62 A2M QA 2284 6.64 38.43 28.29
H2 A2M QA 2284 8.95 35.58 24.52
P OMG QA 2291 22.57 48.34 13.32
OP1 OMG QA 2291 22.93 48.54 14.74
OP2 OMG QA 2291 21.25 47.78 12.97
O5' OMG QA 2291 22.73 49.74 12.57
C5' OMG QA 2291 22.59 49.83 11.17
C4' OMG QA 2291 21.99 51.16 10.78
O4' OMG QA 2291 20.62 51.21 11.24
C3' OMG QA 2291 22.65 52.38 11.40
O3' OMG QA 2291 23.78 52.83 10.65
C2' OMG QA 2291 21.52 53.40 11.44
O2' OMG QA 2291 21.35 54.04 10.18
CM2 OMG QA 2291 20.52 55.19 10.22
C1' OMG QA 2291 20.31 52.50 11.71
N9 OMG QA 2291 19.97 52.40 13.14
C8 OMG QA 2291 19.79 51.26 13.87
N7 OMG QA 2291 19.47 51.49 15.12
C5 OMG QA 2291 19.44 52.87 15.21
C6 OMG QA 2291 19.16 53.72 16.32
O6 OMG QA 2291 18.86 53.39 17.47
N1 OMG QA 2291 19.24 55.06 15.98
C2 OMG QA 2291 19.55 55.53 14.74
N2 OMG QA 2291 19.61 56.86 14.59
N3 OMG QA 2291 19.82 54.75 13.69
C4 OMG QA 2291 19.75 53.44 14.01
H5' OMG QA 2291 22.04 48.98 10.78
H5'' OMG QA 2291 23.61 49.78 10.78
H4' OMG QA 2291 21.98 51.19 9.69
H3' OMG QA 2291 22.94 52.15 12.42
H2' OMG QA 2291 21.67 54.23 12.13
HM21 OMG QA 2291 21.11 55.91 10.80
HM22 OMG QA 2291 20.31 55.66 9.26
HM23 OMG QA 2291 19.59 55.02 10.75
H1' OMG QA 2291 19.40 52.82 11.20
H8 OMG QA 2291 19.90 50.26 13.44
HN1 OMG QA 2291 19.05 55.71 16.73
HN21 OMG QA 2291 19.42 57.52 15.33
HN22 OMG QA 2291 19.84 57.26 13.68
N1 OMC QA 2296 32.21 49.70 25.93
C2 OMC QA 2296 31.40 48.88 25.15
N3 OMC QA 2296 31.28 49.15 23.82
C4 OMC QA 2296 31.94 50.18 23.27
C5 OMC QA 2296 32.76 51.03 24.05
C6 OMC QA 2296 32.87 50.77 25.36
O2 OMC QA 2296 30.82 47.94 25.68
N4 OMC QA 2296 31.80 50.38 21.96
C1' OMC QA 2296 32.36 49.39 27.37
C2' OMC QA 2296 33.65 48.63 27.67
O2' OMC QA 2296 33.41 47.71 28.71
CM2 OMC QA 2296 33.28 46.36 28.28
C3' OMC QA 2296 34.57 49.75 28.14
C4' OMC QA 2296 33.60 50.67 28.89
O4' OMC QA 2296 32.39 50.60 28.10
O3' OMC QA 2296 35.64 49.31 28.95
C5' OMC QA 2296 34.04 52.10 29.05
O5' OMC QA 2296 34.52 52.63 27.83
P OMC QA 2296 34.79 54.19 27.68
OP1 OMC QA 2296 35.67 54.62 28.79
OP2 OMC QA 2296 35.20 54.46 26.28
H5 OMC QA 2296 33.29 51.88 23.61
H6 OMC QA 2296 33.47 51.38 26.02
HN41 OMC QA 2296 31.22 49.79 21.38
HN42 OMC QA 2296 32.28 51.15 21.51
H1' OMC QA 2296 31.47 48.88 27.74
H2' OMC QA 2296 34.07 48.13 26.80
HM21 OMC QA 2296 34.29 46.06 28.02
HM22 OMC QA 2296 32.90 45.71 29.07
HM23 OMC QA 2296 32.63 46.22 27.41
H3' OMC QA 2296 34.95 50.29 27.27
H4' OMC QA 2296 33.37 50.26 29.88
H5' OMC QA 2296 34.89 52.15 29.73
H5'' OMC QA 2296 33.26 52.74 29.45
N1 PSU QA 2317 -5.35 48.53 22.34
C2 PSU QA 2317 -5.24 48.18 21.03
N3 PSU QA 2317 -5.77 46.95 20.71
C4 PSU QA 2317 -6.40 46.09 21.58
C5 PSU QA 2317 -6.48 46.54 22.95
C6 PSU QA 2317 -5.95 47.74 23.26
O2 PSU QA 2317 -4.68 48.88 20.19
O4 PSU QA 2317 -6.86 45.03 21.16
C1' PSU QA 2317 -7.14 45.62 23.95
C2' PSU QA 2317 -6.19 44.58 24.54
O2' PSU QA 2317 -6.86 43.33 24.60
C3' PSU QA 2317 -5.95 45.14 25.94
C4' PSU QA 2317 -7.26 45.82 26.26
O3' PSU QA 2317 -5.57 44.17 26.90
O4' PSU QA 2317 -7.68 46.38 24.99
C5' PSU QA 2317 -7.23 46.90 27.32
O5' PSU QA 2317 -8.53 47.36 27.64
P PSU QA 2317 -9.39 46.67 28.79
OP1 PSU QA 2317 -10.79 47.16 28.66
OP2 PSU QA 2317 -9.14 45.22 28.76
HN1 PSU QA 2317 -4.98 49.43 22.63
HN3 PSU QA 2317 -5.70 46.67 19.74
H6 PSU QA 2317 -5.99 48.13 24.28
H1' PSU QA 2317 -7.99 45.17 23.44
H2' PSU QA 2317 -5.29 44.45 23.95
HO2' PSU QA 2317 -7.74 43.57 25.00
H3' PSU QA 2317 -5.17 45.91 25.88
H4' PSU QA 2317 -8.03 45.10 26.57
H5' PSU QA 2317 -6.66 47.75 26.95
H5'' PSU QA 2317 -6.75 46.56 28.24
N1 PSU QA 2321 5.73 50.81 35.46
C2 PSU QA 2321 5.18 50.40 36.63
N3 PSU QA 2321 5.41 51.20 37.71
C4 PSU QA 2321 6.15 52.38 37.70
C5 PSU QA 2321 6.71 52.75 36.42
C6 PSU QA 2321 6.47 51.95 35.36
O2 PSU QA 2321 4.51 49.37 36.72
O4 PSU QA 2321 6.28 53.03 38.74
C1' PSU QA 2321 7.54 54.00 36.36
C2' PSU QA 2321 8.79 53.94 37.24
O2' PSU QA 2321 9.06 55.25 37.72
C3' PSU QA 2321 9.85 53.49 36.24
C4' PSU QA 2321 9.42 54.19 34.96
O3' PSU QA 2321 11.17 53.79 36.62
O4' PSU QA 2321 7.96 54.20 35.03
C5' PSU QA 2321 9.86 53.53 33.68
O5' PSU QA 2321 9.37 54.23 32.56
P PSU QA 2321 9.35 53.56 31.11
OP1 PSU QA 2321 10.64 53.84 30.46
OP2 PSU QA 2321 8.88 52.18 31.26
HN1 PSU QA 2321 5.59 50.25 34.62
HN3 PSU QA 2321 5.01 50.92 38.59
H6 PSU QA 2321 6.86 52.18 34.37
H1' PSU QA 2321 6.90 54.84 36.59
H2' PSU QA 2321 8.66 53.30 38.10
HO2' PSU QA 2321 8.92 55.82 36.93
H3' PSU QA 2321 9.74 52.41 36.09
H4' PSU QA 2321 9.76 55.22 34.93
H5' PSU QA 2321 9.46 52.52 33.64
H5'' PSU QA 2321 10.94 53.46 33.59
P A2M QA 2324 15.82 46.61 46.21
OP1 A2M QA 2324 17.13 46.55 46.90
O5' A2M QA 2324 14.82 45.55 46.85
C5' A2M QA 2324 14.53 45.42 48.25
C4' A2M QA 2324 13.44 44.39 48.47
O4' A2M QA 2324 12.19 44.88 47.94
C3' A2M QA 2324 13.62 43.05 47.78
O3' A2M QA 2324 14.49 42.16 48.47
C2' A2M QA 2324 12.19 42.53 47.77
O2' A2M QA 2324 11.82 42.06 49.05
C1' A2M QA 2324 11.42 43.80 47.43
CM' A2M QA 2324 10.63 41.27 49.08
N9 A2M QA 2324 11.26 44.01 46.00
C8 A2M QA 2324 12.05 44.75 45.15
N7 A2M QA 2324 11.68 44.72 43.90
C5 A2M QA 2324 10.57 43.89 43.91
C6 A2M QA 2324 9.71 43.45 42.88
N6 A2M QA 2324 9.85 43.78 41.60
N1 A2M QA 2324 8.68 42.65 43.24
C2 A2M QA 2324 8.53 42.31 44.52
N3 A2M QA 2324 9.28 42.66 45.56
C4 A2M QA 2324 10.28 43.46 45.20
H5' A2M QA 2324 14.26 46.37 48.68
H5'' A2M QA 2324 15.49 45.13 48.69
H4' A2M QA 2324 13.27 44.26 49.54
H3' A2M QA 2324 13.96 43.21 46.76
H2' A2M QA 2324 12.08 41.75 47.01
H1' A2M QA 2324 10.44 43.88 47.89
HM'1 A2M QA 2324 10.49 41.02 50.12
HM'2 A2M QA 2324 9.76 41.82 48.73
HM'3 A2M QA 2324 10.71 40.35 48.49
H8 A2M QA 2324 12.92 45.32 45.51
OP2 A2M QA 2324 16.00 46.38 44.77
H61 A2M QA 2324 9.21 43.44 40.89
H62 A2M QA 2324 10.62 44.38 41.31
H2 A2M QA 2324 7.68 41.66 44.73
P A2M QA 2329 16.72 31.76 32.13
OP1 A2M QA 2329 17.33 30.52 31.60
O5' A2M QA 2329 16.70 32.88 31.00
C5' A2M QA 2329 16.18 32.68 29.68
C4' A2M QA 2329 16.28 33.97 28.90
O4' A2M QA 2329 15.41 34.97 29.46
C3' A2M QA 2329 17.65 34.65 28.90
O3' A2M QA 2329 18.56 34.06 27.99
C2' A2M QA 2329 17.27 36.07 28.52
O2' A2M QA 2329 16.96 36.17 27.14
C1' A2M QA 2329 16.00 36.25 29.35
CM' A2M QA 2329 16.85 37.50 26.65
N9 A2M QA 2329 16.27 36.74 30.70
C8 A2M QA 2329 16.17 36.05 31.88
N7 A2M QA 2329 16.51 36.73 32.94
C5 A2M QA 2329 16.88 37.97 32.43
C6 A2M QA 2329 17.34 39.14 33.03
N6 A2M QA 2329 17.57 39.27 34.34
N1 A2M QA 2329 17.62 40.20 32.23
C2 A2M QA 2329 17.42 40.08 30.92
N3 A2M QA 2329 16.98 39.02 30.23
C4 A2M QA 2329 16.73 37.99 31.05
H5' A2M QA 2329 15.16 32.32 29.71
H5'' A2M QA 2329 16.79 31.88 29.27
H4' A2M QA 2329 15.94 33.82 27.87
H3' A2M QA 2329 18.05 34.63 29.92
H2' A2M QA 2329 18.06 36.76 28.80
H1' A2M QA 2329 15.25 36.90 28.91
HM'1 A2M QA 2329 16.63 37.38 25.59
HM'2 A2M QA 2329 16.04 38.05 27.12
HM'3 A2M QA 2329 17.76 38.08 26.77
H8 A2M QA 2329 15.82 35.01 31.92
OP2 A2M QA 2329 17.49 32.25 33.30
H61 A2M QA 2329 17.90 40.13 34.75
H62 A2M QA 2329 17.37 38.48 34.96
H2 A2M QA 2329 17.65 40.97 30.33
N1 OMC QA 2340 41.51 25.54 28.40
C2 OMC QA 2340 42.57 26.29 28.92
N3 OMC QA 2340 43.04 25.99 30.16
C4 OMC QA 2340 42.51 24.99 30.86
C5 OMC QA 2340 41.43 24.21 30.36
C6 OMC QA 2340 40.96 24.52 29.13
O2 OMC QA 2340 43.05 27.20 28.24
N4 OMC QA 2340 43.02 24.73 32.06
C1' OMC QA 2340 41.02 25.88 27.04
C2' OMC QA 2340 42.00 25.45 25.95
O2' OMC QA 2340 41.87 26.33 24.84
CM2 OMC QA 2340 42.46 27.61 25.00
C3' OMC QA 2340 41.48 24.06 25.61
C4' OMC QA 2340 39.97 24.25 25.71
O4' OMC QA 2340 39.81 25.19 26.80
O3' OMC QA 2340 41.89 23.59 24.34
C5' OMC QA 2340 39.16 23.01 25.98
O5' OMC QA 2340 39.60 22.35 27.16
P OMC QA 2340 38.74 21.20 27.84
OP1 OMC QA 2340 38.50 20.15 26.82
OP2 OMC QA 2340 39.40 20.83 29.11
H5 OMC QA 2340 40.99 23.40 30.94
H6 OMC QA 2340 40.14 23.97 28.68
HN41 OMC QA 2340 43.78 25.27 32.45
HN42 OMC QA 2340 42.65 23.97 32.63
H1' OMC QA 2340 40.76 26.93 26.99
H2' OMC QA 2340 43.04 25.41 26.28
HM21 OMC QA 2340 43.49 27.39 25.32
HM22 OMC QA 2340 42.51 28.15 24.07
HM23 OMC QA 2340 41.98 28.24 25.74
H3' OMC QA 2340 41.80 23.36 26.39
H4' OMC QA 2340 39.58 24.73 24.82
H5' OMC QA 2340 38.09 23.19 26.04
N1 OMU QA 2350 34.30 -2.08 33.49
C2 OMU QA 2350 34.68 -1.33 32.40
N3 OMU QA 2350 36.03 -1.09 32.30
C4 OMU QA 2350 37.00 -1.49 33.17
C5 OMU QA 2350 36.54 -2.26 34.29
C6 OMU QA 2350 35.23 -2.53 34.42
O2 OMU QA 2350 33.88 -0.93 31.56
O4 OMU QA 2350 38.19 -1.18 32.96
C1' OMU QA 2350 32.86 -2.37 33.65
C2' OMU QA 2350 32.34 -3.35 32.58
O2' OMU QA 2350 31.00 -3.02 32.27
CM2 OMU QA 2350 30.86 -1.94 31.36
C3' OMU QA 2350 32.42 -4.67 33.34
C4' OMU QA 2350 32.03 -4.27 34.75
O3' OMU QA 2350 31.57 -5.68 32.80
O4' OMU QA 2350 32.63 -2.96 34.91
C5' OMU QA 2350 32.50 -5.18 35.85
O5' OMU QA 2350 31.97 -4.76 37.09
P OMU QA 2350 32.53 -5.34 38.46
OP1 OMU QA 2350 31.65 -6.45 38.87
OP2 OMU QA 2350 33.98 -5.58 38.31
HN3 OMU QA 2350 36.31 -0.54 31.50
H5 OMU QA 2350 37.28 -2.62 35.02
H6 OMU QA 2350 34.84 -3.11 35.25
H1' OMU QA 2350 32.30 -1.44 33.68
H2' OMU QA 2350 32.96 -3.34 31.69
HM21 OMU QA 2350 29.78 -1.84 31.24
HM22 OMU QA 2350 31.27 -1.00 31.73
HM23 OMU QA 2350 31.28 -2.17 30.39
H3' OMU QA 2350 33.45 -5.02 33.34
H4' OMU QA 2350 30.95 -4.15 34.84
H5' OMU QA 2350 33.58 -5.09 35.93
H5'' OMU QA 2350 32.25 -6.22 35.67
N1 PSU QA 2352 36.14 -8.42 31.65
C2 PSU QA 2352 36.85 -8.75 32.77
N3 PSU QA 2352 38.20 -8.87 32.58
C4 PSU QA 2352 38.89 -8.70 31.39
C5 PSU QA 2352 38.06 -8.34 30.26
C6 PSU QA 2352 36.73 -8.21 30.44
O2 PSU QA 2352 36.32 -8.92 33.86
O4 PSU QA 2352 40.10 -8.86 31.35
C1' PSU QA 2352 38.75 -8.09 28.95
C2' PSU QA 2352 39.21 -9.36 28.24
O2' PSU QA 2352 40.42 -9.09 27.54
C3' PSU QA 2352 38.07 -9.59 27.27
C4' PSU QA 2352 37.69 -8.18 26.87
O3' PSU QA 2352 38.41 -10.40 26.16
O4' PSU QA 2352 37.89 -7.41 28.07
C5' PSU QA 2352 36.29 -7.98 26.36
O5' PSU QA 2352 35.34 -8.56 27.24
P PSU QA 2352 33.78 -8.28 27.06
OP1 PSU QA 2352 33.41 -8.69 25.70
OP2 PSU QA 2352 33.08 -8.84 28.22
HN1 PSU QA 2352 35.14 -8.31 31.73
HN3 PSU QA 2352 38.75 -9.10 33.40
H6 PSU QA 2352 36.06 -7.96 29.62
H1' PSU QA 2352 39.58 -7.41 29.15
H2' PSU QA 2352 39.39 -10.19 28.93
HO2' PSU QA 2352 40.64 -10.00 27.20
H3' PSU QA 2352 37.23 -10.04 27.80
H4' PSU QA 2352 38.37 -7.77 26.11
H5' PSU QA 2352 36.18 -8.47 25.39
H5'' PSU QA 2352 36.03 -6.93 26.24
N1 OMC QA 2368 37.22 -6.85 -2.79
C2 OMC QA 2368 38.02 -6.44 -3.88
N3 OMC QA 2368 37.80 -7.00 -5.09
C4 OMC QA 2368 36.84 -7.92 -5.25
C5 OMC QA 2368 36.02 -8.34 -4.17
C6 OMC QA 2368 36.25 -7.79 -2.97
O2 OMC QA 2368 38.90 -5.60 -3.69
N4 OMC QA 2368 36.66 -8.44 -6.47
C1' OMC QA 2368 37.47 -6.23 -1.46
C2' OMC QA 2368 36.85 -4.85 -1.35
O2' OMC QA 2368 37.63 -4.09 -0.43
CM2 OMC QA 2368 38.71 -3.40 -1.01
C3' OMC QA 2368 35.49 -5.18 -0.76
C4' OMC QA 2368 35.80 -6.32 0.19
O4' OMC QA 2368 36.87 -7.05 -0.48
O3' OMC QA 2368 34.86 -4.09 -0.11
C5' OMC QA 2368 34.65 -7.26 0.48
O5' OMC QA 2368 33.95 -7.59 -0.70
P OMC QA 2368 33.33 -9.04 -0.92
OP1 OMC QA 2368 33.03 -9.19 -2.36
OP2 OMC QA 2368 34.19 -10.03 -0.24
H5 OMC QA 2368 35.24 -9.10 -4.30
H6 OMC QA 2368 35.66 -8.07 -2.09
HN41 OMC QA 2368 37.22 -8.16 -7.26
HN42 OMC QA 2368 35.95 -9.15 -6.63
H1' OMC QA 2368 38.53 -6.25 -1.23
H2' OMC QA 2368 36.76 -4.32 -2.29
HM21 OMC QA 2368 38.28 -2.52 -1.47
HM22 OMC QA 2368 39.43 -3.06 -0.25
HM23 OMC QA 2368 39.26 -3.95 -1.76
H3' OMC QA 2368 34.85 -5.54 -1.56
H4' OMC QA 2368 36.19 -5.96 1.13
H5' OMC QA 2368 33.93 -6.76 1.12
H5'' OMC QA 2368 34.96 -8.17 0.99
P OMG QA 2394 36.56 -5.75 23.21
OP1 OMG QA 2394 36.31 -5.32 24.59
OP2 OMG QA 2394 35.44 -6.21 22.36
O5' OMG QA 2394 37.30 -4.53 22.49
C5' OMG QA 2394 36.58 -3.45 21.91
C4' OMG QA 2394 37.52 -2.66 21.05
O4' OMG QA 2394 38.16 -3.56 20.12
C3' OMG QA 2394 36.89 -1.61 20.16
O3' OMG QA 2394 36.64 -0.39 20.85
C2' OMG QA 2394 37.91 -1.46 19.03
O2' OMG QA 2394 38.95 -0.56 19.40
CM2 OMG QA 2394 39.80 -0.19 18.33
C1' OMG QA 2394 38.50 -2.87 18.95
N9 OMG QA 2394 37.99 -3.62 17.78
C8 OMG QA 2394 37.25 -4.77 17.76
N7 OMG QA 2394 36.97 -5.17 16.54
C5 OMG QA 2394 37.56 -4.22 15.72
C6 OMG QA 2394 37.61 -4.11 14.30
O6 OMG QA 2394 37.11 -4.87 13.48
N1 OMG QA 2394 38.32 -2.99 13.90
C2 OMG QA 2394 38.91 -2.09 14.74
N2 OMG QA 2394 39.58 -1.08 14.17
N3 OMG QA 2394 38.87 -2.18 16.06
C4 OMG QA 2394 38.19 -3.26 16.48
H5' OMG QA 2394 36.10 -2.86 22.69
H5'' OMG QA 2394 35.82 -3.91 21.29
H4' OMG QA 2394 38.29 -2.26 21.71
H3' OMG QA 2394 35.96 -2.00 19.74
H2' OMG QA 2394 37.53 -1.05 18.10
HM21 OMG QA 2394 40.46 0.54 18.78
HM22 OMG QA 2394 39.31 0.28 17.48
HM23 OMG QA 2394 40.41 -1.02 17.98
H1' OMG QA 2394 39.59 -2.90 18.87
H8 OMG QA 2394 36.94 -5.29 18.67
HN1 OMG QA 2394 38.36 -2.85 12.92
HN21 OMG QA 2394 39.70 -0.97 13.18
HN22 OMG QA 2394 40.02 -0.38 14.75
P OMG QA 2398 29.47 6.86 6.06
OP1 OMG QA 2398 28.77 8.02 5.48
OP2 OMG QA 2398 29.20 6.44 7.45
O5' OMG QA 2398 29.21 5.61 5.12
C5' OMG QA 2398 29.47 5.68 3.73
C4' OMG QA 2398 29.54 4.31 3.11
O4' OMG QA 2398 30.59 3.52 3.73
C3' OMG QA 2398 28.31 3.44 3.25
O3' OMG QA 2398 27.26 3.78 2.35
C2' OMG QA 2398 28.87 2.04 3.03
O2' OMG QA 2398 29.12 1.80 1.66
CM2 OMG QA 2398 29.42 0.44 1.35
C1' OMG QA 2398 30.21 2.17 3.77
N9 OMG QA 2398 30.07 1.74 5.18
C8 OMG QA 2398 30.03 2.50 6.31
N7 OMG QA 2398 29.83 1.80 7.39
C5 OMG QA 2398 29.72 0.49 6.94
C6 OMG QA 2398 29.44 -0.74 7.63
O6 OMG QA 2398 29.26 -0.88 8.84
N1 OMG QA 2398 29.40 -1.81 6.78
C2 OMG QA 2398 29.59 -1.76 5.42
N2 OMG QA 2398 29.52 -2.90 4.75
N3 OMG QA 2398 29.83 -0.63 4.77
C4 OMG QA 2398 29.87 0.44 5.58
H5' OMG QA 2398 30.37 6.27 3.55
H5'' OMG QA 2398 28.62 6.21 3.31
H4' OMG QA 2398 29.83 4.46 2.06
H3' OMG QA 2398 27.95 3.51 4.28
H2' OMG QA 2398 28.23 1.22 3.34
HM21 OMG QA 2398 28.48 -0.08 1.54
HM22 OMG QA 2398 29.70 0.25 0.32
HM23 OMG QA 2398 30.18 0.02 2.01
H1' OMG QA 2398 31.03 1.58 3.34
H8 OMG QA 2398 30.16 3.58 6.29
HN1 OMG QA 2398 29.20 -2.69 7.21
HN21 OMG QA 2398 29.34 -3.80 5.18
HN22 OMG QA 2398 29.66 -2.91 3.74
P OMG QA 2412 -8.11 15.88 -5.64
OP1 OMG QA 2412 -8.99 16.16 -6.78
OP2 OMG QA 2412 -8.05 16.85 -4.51
O5' OMG QA 2412 -8.51 14.48 -5.02
C5' OMG QA 2412 -8.53 13.30 -5.82
C4' OMG QA 2412 -8.98 12.10 -5.02
O4' OMG QA 2412 -8.11 11.97 -3.86
C3' OMG QA 2412 -10.40 12.18 -4.48
O3' OMG QA 2412 -10.98 10.89 -4.43
C2' OMG QA 2412 -10.19 12.72 -3.06
O2' OMG QA 2412 -11.24 12.41 -2.16
CM2 OMG QA 2412 -11.68 13.51 -1.37
C1' OMG QA 2412 -8.88 12.03 -2.67
N9 OMG QA 2412 -8.10 12.75 -1.66
C8 OMG QA 2412 -7.52 13.98 -1.77
N7 OMG QA 2412 -6.89 14.35 -0.68
C5 OMG QA 2412 -7.07 13.30 0.20
C6 OMG QA 2412 -6.63 13.10 1.54
O6 OMG QA 2412 -5.96 13.88 2.22
N1 OMG QA 2412 -7.04 11.90 2.06
C2 OMG QA 2412 -7.79 10.96 1.37
N2 OMG QA 2412 -8.10 9.84 2.03
N3 OMG QA 2412 -8.21 11.13 0.12
C4 OMG QA 2412 -7.82 12.30 -0.39
H5' OMG QA 2412 -9.15 13.46 -6.70
H5'' OMG QA 2412 -7.51 13.14 -6.14
H4' OMG QA 2412 -8.82 11.23 -5.65
H3' OMG QA 2412 -10.99 12.89 -5.06
H2' OMG QA 2412 -10.15 13.81 -3.01
HM21 OMG QA 2412 -10.78 13.82 -0.83
HM22 OMG QA 2412 -12.04 14.38 -1.93
HM23 OMG QA 2412 -12.43 13.22 -0.65
H1' OMG QA 2412 -9.00 11.01 -2.32
H8 OMG QA 2412 -7.58 14.58 -2.68
HN1 OMG QA 2412 -6.77 11.72 3.00
HN21 OMG QA 2412 -7.82 9.66 2.98
HN22 OMG QA 2412 -8.64 9.13 1.57
N1 OMU QA 2413 -16.75 14.33 -5.88
C2 OMU QA 2413 -17.52 15.46 -6.03
N3 OMU QA 2413 -18.62 15.32 -6.85
C4 OMU QA 2413 -19.02 14.17 -7.50
C5 OMU QA 2413 -18.17 13.04 -7.30
C6 OMU QA 2413 -17.08 13.15 -6.51
O2 OMU QA 2413 -17.25 16.53 -5.49
O4 OMU QA 2413 -20.04 14.18 -8.20
C1' OMU QA 2413 -15.53 14.44 -5.04
C2' OMU QA 2413 -15.81 14.19 -3.56
O2' OMU QA 2413 -14.96 15.03 -2.79
CM2 OMU QA 2413 -15.46 16.33 -2.55
C3' OMU QA 2413 -15.43 12.72 -3.41
C4' OMU QA 2413 -14.26 12.58 -4.38
O3' OMU QA 2413 -15.08 12.36 -2.08
O4' OMU QA 2413 -14.59 13.47 -5.47
C5' OMU QA 2413 -14.02 11.20 -4.91
O5' OMU QA 2413 -13.01 11.19 -5.90
P OMU QA 2413 -11.71 10.29 -5.73
OP1 OMU QA 2413 -12.15 8.91 -5.42
OP2 OMU QA 2413 -10.84 10.55 -6.89
HN3 OMU QA 2413 -19.18 16.14 -6.99
H5 OMU QA 2413 -18.43 12.11 -7.80
H6 OMU QA 2413 -16.42 12.31 -6.32
H1' OMU QA 2413 -15.06 15.40 -5.23
H2' OMU QA 2413 -16.86 14.37 -3.31
HM21 OMU QA 2413 -15.59 16.76 -3.55
HM22 OMU QA 2413 -14.79 16.97 -1.97
HM23 OMU QA 2413 -16.44 16.32 -2.07
H3' OMU QA 2413 -16.25 12.11 -3.77
H4' OMU QA 2413 -13.33 12.94 -3.94
H5' OMU QA 2413 -13.64 10.58 -4.10
H5'' OMU QA 2413 -14.92 10.72 -5.29
N1 PSU QA 2419 -16.25 26.42 13.24
C2 PSU QA 2419 -16.81 26.59 12.01
N3 PSU QA 2419 -16.61 27.82 11.45
C4 PSU QA 2419 -15.89 28.86 11.98
C5 PSU QA 2419 -15.32 28.60 13.29
C6 PSU QA 2419 -15.52 27.40 13.85
O2 PSU QA 2419 -17.45 25.71 11.43
O4 PSU QA 2419 -15.76 29.92 11.36
C1' PSU QA 2419 -14.49 29.69 13.92
C2' PSU QA 2419 -15.27 30.96 14.23
O2' PSU QA 2419 -14.43 32.08 14.04
C3' PSU QA 2419 -15.59 30.76 15.71
C4' PSU QA 2419 -14.34 30.08 16.23
O3' PSU QA 2419 -15.87 31.98 16.39
O4' PSU QA 2419 -13.94 29.22 15.13
C5' PSU QA 2419 -14.48 29.28 17.49
O5' PSU QA 2419 -15.44 28.24 17.35
P PSU QA 2419 -15.69 27.19 18.52
OP1 PSU QA 2419 -16.02 27.94 19.75
OP2 PSU QA 2419 -16.64 26.19 18.02
HN1 PSU QA 2419 -16.36 25.53 13.70
HN3 PSU QA 2419 -17.11 28.00 10.59
H6 PSU QA 2419 -15.14 27.14 14.84
H1' PSU QA 2419 -13.64 29.87 13.26
H2' PSU QA 2419 -16.14 31.08 13.59
HO2' PSU QA 2419 -14.20 31.97 13.07
H3' PSU QA 2419 -16.43 30.08 15.80
H4' PSU QA 2419 -13.54 30.80 16.39
H5' PSU QA 2419 -13.53 28.82 17.73
H5'' PSU QA 2419 -14.78 29.89 18.34
N1 OMU QA 2424 -28.85 24.84 6.93
C2 OMU QA 2424 -28.53 24.26 8.13
N3 OMU QA 2424 -27.85 25.07 9.01
C4 OMU QA 2424 -27.46 26.37 8.80
C5 OMU QA 2424 -27.83 26.91 7.53
C6 OMU QA 2424 -28.51 26.15 6.65
O2 OMU QA 2424 -28.83 23.11 8.41
O4 OMU QA 2424 -26.86 26.98 9.70
C1' OMU QA 2424 -29.62 24.03 5.96
C2' OMU QA 2424 -31.11 24.04 6.28
O2' OMU QA 2424 -31.67 22.79 5.89
CM2 OMU QA 2424 -31.47 21.73 6.82
C3' OMU QA 2424 -31.61 25.16 5.38
C4' OMU QA 2424 -30.76 24.95 4.13
O3' OMU QA 2424 -33.00 25.13 5.14
O4' OMU QA 2424 -29.46 24.57 4.66
C5' OMU QA 2424 -30.62 26.16 3.23
O5' OMU QA 2424 -30.32 27.33 3.97
P OMU QA 2424 -29.95 28.69 3.22
OP1 OMU QA 2424 -31.05 28.99 2.27
OP2 OMU QA 2424 -29.57 29.69 4.24
HN3 OMU QA 2424 -27.63 24.66 9.90
H5 OMU QA 2424 -27.55 27.95 7.31
H6 OMU QA 2424 -28.82 26.54 5.68
H1' OMU QA 2424 -29.19 23.03 5.90
H2' OMU QA 2424 -31.31 24.23 7.33
HM21 OMU QA 2424 -31.96 20.88 6.36
HM22 OMU QA 2424 -30.42 21.51 7.01
HM23 OMU QA 2424 -31.97 21.93 7.77
H3' OMU QA 2424 -31.33 26.11 5.84
H4' OMU QA 2424 -31.13 24.13 3.52
H5' OMU QA 2424 -31.59 26.35 2.76
H5'' OMU QA 2424 -29.88 26.02 2.45
N1 PSU QA 2435 -56.41 30.41 26.09
C2 PSU QA 2435 -55.33 30.48 26.92
N3 PSU QA 2435 -54.88 29.28 27.39
C4 PSU QA 2435 -55.40 28.04 27.10
C5 PSU QA 2435 -56.55 28.05 26.22
C6 PSU QA 2435 -57.00 29.23 25.76
O2 PSU QA 2435 -54.79 31.55 27.22
O4 PSU QA 2435 -54.90 27.03 27.58
C1' PSU QA 2435 -57.19 26.73 25.88
C2' PSU QA 2435 -58.08 26.19 27.00
O2' PSU QA 2435 -58.00 24.77 27.01
C3' PSU QA 2435 -59.46 26.67 26.53
C4' PSU QA 2435 -59.36 26.53 25.02
O3' PSU QA 2435 -60.53 25.94 27.09
O4' PSU QA 2435 -57.97 26.87 24.72
C5' PSU QA 2435 -60.29 27.41 24.22
O5' PSU QA 2435 -60.15 28.77 24.58
P PSU QA 2435 -60.98 29.92 23.83
OP1 PSU QA 2435 -62.40 29.50 23.78
OP2 PSU QA 2435 -60.62 31.21 24.46
HN1 PSU QA 2435 -56.79 31.28 25.72
HN3 PSU QA 2435 -54.08 29.32 28.01
H6 PSU QA 2435 -57.86 29.30 25.10
H1' PSU QA 2435 -56.38 26.04 25.61
H2' PSU QA 2435 -57.78 26.56 27.98
HO2' PSU QA 2435 -58.04 24.55 26.06
H3' PSU QA 2435 -59.55 27.72 26.78
H4' PSU QA 2435 -59.52 25.50 24.69
H5' PSU QA 2435 -61.32 27.12 24.42
H5'' PSU QA 2435 -60.12 27.33 23.15
N1 PSU QA 2521 -57.02 29.63 42.36
C2 PSU QA 2521 -56.70 30.91 42.69
N3 PSU QA 2521 -55.89 31.55 41.78
C4 PSU QA 2521 -55.40 31.02 40.60
C5 PSU QA 2521 -55.81 29.66 40.32
C6 PSU QA 2521 -56.60 29.03 41.22
O2 PSU QA 2521 -57.08 31.46 43.72
O4 PSU QA 2521 -54.68 31.70 39.88
C1' PSU QA 2521 -55.33 29.03 39.06
C2' PSU QA 2521 -53.88 28.52 39.14
O2' PSU QA 2521 -53.31 28.59 37.84
C3' PSU QA 2521 -54.10 27.08 39.57
C4' PSU QA 2521 -55.33 26.70 38.78
O3' PSU QA 2521 -53.00 26.23 39.35
O4' PSU QA 2521 -56.13 27.91 38.75
C5' PSU QA 2521 -56.15 25.56 39.33
O5' PSU QA 2521 -56.45 25.74 40.71
P PSU QA 2521 -57.58 24.88 41.43
OP1 PSU QA 2521 -57.27 23.45 41.21
OP2 PSU QA 2521 -57.76 25.38 42.80
HN1 PSU QA 2521 -57.62 29.11 43.00
HN3 PSU QA 2521 -55.64 32.51 41.98
H6 PSU QA 2521 -56.94 28.01 41.07
H1' PSU QA 2521 -55.47 29.74 38.25
H2' PSU QA 2521 -53.27 29.13 39.82
HO2' PSU QA 2521 -52.40 28.25 38.01
H3' PSU QA 2521 -54.36 27.07 40.63
H4' PSU QA 2521 -55.09 26.44 37.75
H5' PSU QA 2521 -55.59 24.63 39.23
H5'' PSU QA 2521 -57.10 25.43 38.81
N1 PSU QA 2617 -15.78 22.18 3.41
C2 PSU QA 2617 -15.33 22.76 4.56
N3 PSU QA 2617 -15.14 24.11 4.48
C4 PSU QA 2617 -15.36 24.92 3.39
C5 PSU QA 2617 -15.84 24.23 2.20
C6 PSU QA 2617 -16.01 22.89 2.27
O2 PSU QA 2617 -15.10 22.12 5.58
O4 PSU QA 2617 -15.16 26.13 3.45
C1' PSU QA 2617 -16.11 25.04 0.97
C2' PSU QA 2617 -14.86 25.38 0.16
O2' PSU QA 2617 -14.99 26.68 -0.38
C3' PSU QA 2617 -14.89 24.31 -0.93
C4' PSU QA 2617 -16.38 24.12 -1.17
O3' PSU QA 2617 -14.19 24.69 -2.11
O4' PSU QA 2617 -16.99 24.34 0.13
C5' PSU QA 2617 -16.79 22.75 -1.69
O5' PSU QA 2617 -16.39 21.72 -0.80
P PSU QA 2617 -16.98 20.25 -0.92
OP1 PSU QA 2617 -16.84 19.82 -2.33
OP2 PSU QA 2617 -16.39 19.42 0.15
HN1 PSU QA 2617 -15.94 21.18 3.40
HN3 PSU QA 2617 -14.79 24.56 5.32
H6 PSU QA 2617 -16.37 22.32 1.42
H1' PSU QA 2617 -16.65 25.93 1.28
H2' PSU QA 2617 -13.95 25.37 0.77
HO2' PSU QA 2617 -15.90 26.65 -0.78
H3' PSU QA 2617 -14.48 23.39 -0.52
H4' PSU QA 2617 -16.78 24.86 -1.86
H5' PSU QA 2617 -16.29 22.58 -2.64
H5'' PSU QA 2617 -17.85 22.67 -1.85
P OMG QA 2623 5.50 23.83 -11.23
OP1 OMG QA 2623 5.20 25.27 -11.07
OP2 OMG QA 2623 6.79 23.30 -10.72
O5' OMG QA 2623 4.33 23.02 -10.53
C5' OMG QA 2623 4.23 21.61 -10.66
C4' OMG QA 2623 3.79 20.97 -9.35
O4' OMG QA 2623 4.90 21.01 -8.41
C3' OMG QA 2623 2.64 21.66 -8.63
O3' OMG QA 2623 1.38 21.25 -9.12
C2' OMG QA 2623 2.89 21.26 -7.17
O2' OMG QA 2623 2.41 19.95 -6.93
CM2 OMG QA 2623 2.61 19.47 -5.60
C1' OMG QA 2623 4.41 21.27 -7.11
N9 OMG QA 2623 4.96 22.57 -6.67
C8 OMG QA 2623 5.72 23.44 -7.41
N7 OMG QA 2623 6.09 24.49 -6.75
C5 OMG QA 2623 5.55 24.32 -5.48
C6 OMG QA 2623 5.61 25.14 -4.32
O6 OMG QA 2623 6.20 26.21 -4.19
N1 OMG QA 2623 4.92 24.59 -3.26
C2 OMG QA 2623 4.24 23.40 -3.29
N2 OMG QA 2623 3.60 23.03 -2.18
N3 OMG QA 2623 4.18 22.62 -4.37
C4 OMG QA 2623 4.84 23.14 -5.42
H5' OMG QA 2623 5.15 21.20 -11.04
H5'' OMG QA 2623 3.45 21.45 -11.41
H4' OMG QA 2623 3.59 19.93 -9.58
H3' OMG QA 2623 2.76 22.73 -8.73
H2' OMG QA 2623 2.37 21.88 -6.44
HM21 OMG QA 2623 2.38 20.34 -4.97
HM22 OMG QA 2623 1.94 18.67 -5.28
HM23 OMG QA 2623 3.63 19.16 -5.40
H1' OMG QA 2623 4.86 20.52 -6.46
H8 OMG QA 2623 5.99 23.23 -8.44
HN1 OMG QA 2623 4.93 25.12 -2.40
HN21 OMG QA 2623 3.62 23.57 -1.32
HN22 OMG QA 2623 3.06 22.18 -2.17
P A2M QA 2644 -9.50 21.29 -40.64
OP1 A2M QA 2644 -10.53 22.15 -40.03
O5' A2M QA 2644 -9.06 20.17 -39.60
C5' A2M QA 2644 -9.91 19.17 -39.02
C4' A2M QA 2644 -9.05 18.18 -38.26
O4' A2M QA 2644 -8.21 17.45 -39.19
C3' A2M QA 2644 -8.06 18.80 -37.27
O3' A2M QA 2644 -8.68 19.06 -36.02
C2' A2M QA 2644 -6.99 17.73 -37.18
O2' A2M QA 2644 -7.39 16.69 -36.31
C1' A2M QA 2644 -6.94 17.22 -38.62
CM' A2M QA 2644 -6.36 15.77 -35.97
N9 A2M QA 2644 -5.93 17.89 -39.44
C8 A2M QA 2644 -6.15 18.92 -40.33
N7 A2M QA 2644 -5.06 19.33 -40.93
C5 A2M QA 2644 -4.06 18.51 -40.42
C6 A2M QA 2644 -2.68 18.43 -40.67
N6 A2M QA 2644 -2.03 19.20 -41.54
N1 A2M QA 2644 -1.98 17.49 -39.99
C2 A2M QA 2644 -2.62 16.71 -39.13
N3 A2M QA 2644 -3.92 16.69 -38.82
C4 A2M QA 2644 -4.58 17.61 -39.50
H5' A2M QA 2644 -10.49 18.67 -39.78
H5'' A2M QA 2644 -10.60 19.72 -38.38
H4' A2M QA 2644 -9.67 17.43 -37.77
H3' A2M QA 2644 -7.63 19.71 -37.70
H2' A2M QA 2644 -6.05 18.16 -36.86
H1' A2M QA 2644 -6.76 16.15 -38.72
HM'1 A2M QA 2644 -6.83 15.07 -35.28
HM'2 A2M QA 2644 -5.98 15.23 -36.82
HM'3 A2M QA 2644 -5.52 16.24 -35.46
H8 A2M QA 2644 -7.12 19.36 -40.51
OP2 A2M QA 2644 -8.34 22.08 -41.06
H61 A2M QA 2644 -1.03 19.11 -41.70
H62 A2M QA 2644 -2.54 19.91 -42.06
H2 A2M QA 2644 -1.99 15.98 -38.62
N1 OMU QA 2654 -16.69 36.94 -26.87
C2 OMU QA 2654 -16.70 35.63 -26.43
N3 OMU QA 2654 -15.67 35.29 -25.58
C4 OMU QA 2654 -14.66 36.12 -25.13
C5 OMU QA 2654 -14.72 37.46 -25.62
C6 OMU QA 2654 -15.70 37.81 -26.47
O2 OMU QA 2654 -17.55 34.83 -26.76
O4 OMU QA 2654 -13.81 35.67 -24.35
C1' OMU QA 2654 -17.76 37.36 -27.79
C2' OMU QA 2654 -18.96 37.96 -27.05
O2' OMU QA 2654 -20.15 37.57 -27.70
CM2 OMU QA 2654 -20.67 36.33 -27.24
C3' OMU QA 2654 -18.71 39.46 -27.22
C4' OMU QA 2654 -18.08 39.54 -28.60
O3' OMU QA 2654 -19.88 40.25 -27.13
O4' OMU QA 2654 -17.26 38.34 -28.68
C5' OMU QA 2654 -17.23 40.75 -28.85
O5' OMU QA 2654 -16.34 40.99 -27.78
P OMU QA 2654 -15.45 42.32 -27.73
OP1 OMU QA 2654 -16.33 43.48 -27.91
OP2 OMU QA 2654 -14.59 42.23 -26.54
HN3 OMU QA 2654 -15.65 34.34 -25.27
H5 OMU QA 2654 -13.94 38.16 -25.30
H6 OMU QA 2654 -15.78 38.82 -26.86
H1' OMU QA 2654 -18.04 36.53 -28.43
H2' OMU QA 2654 -18.97 37.66 -26.00
HM21 OMU QA 2654 -19.87 35.61 -27.43
HM22 OMU QA 2654 -21.57 36.00 -27.77
HM23 OMU QA 2654 -20.87 36.33 -26.18
H3' OMU QA 2654 -17.96 39.78 -26.49
H4' OMU QA 2654 -18.83 39.47 -29.39
H5' OMU QA 2654 -16.60 40.57 -29.72
H5'' OMU QA 2654 -17.83 41.65 -29.06
P OMG QA 2655 -20.27 40.96 -25.74
OP1 OMG QA 2655 -20.88 42.27 -26.06
OP2 OMG QA 2655 -19.10 40.92 -24.82
O5' OMG QA 2655 -21.39 40.02 -25.13
C5' OMG QA 2655 -22.52 39.63 -25.91
C4' OMG QA 2655 -23.43 38.72 -25.11
O4' OMG QA 2655 -22.71 37.52 -24.79
C3' OMG QA 2655 -23.90 39.30 -23.78
O3' OMG QA 2655 -25.15 38.71 -23.43
C2' OMG QA 2655 -22.83 38.79 -22.83
O2' OMG QA 2655 -23.20 38.75 -21.47
CM2 OMG QA 2655 -23.33 40.03 -20.86
C1' OMG QA 2655 -22.59 37.39 -23.39
N9 OMG QA 2655 -21.29 36.82 -23.08
C8 OMG QA 2655 -20.05 37.40 -23.10
N7 OMG QA 2655 -19.09 36.59 -22.75
C5 OMG QA 2655 -19.73 35.39 -22.49
C6 OMG QA 2655 -19.22 34.13 -22.05
O6 OMG QA 2655 -18.05 33.83 -21.83
N1 OMG QA 2655 -20.23 33.20 -21.89
C2 OMG QA 2655 -21.56 33.43 -22.12
N2 OMG QA 2655 -22.40 32.42 -21.85
N3 OMG QA 2655 -22.04 34.60 -22.53
C4 OMG QA 2655 -21.08 35.52 -22.68
H5' OMG QA 2655 -22.18 39.17 -26.84
H5'' OMG QA 2655 -23.03 40.55 -26.15
H4' OMG QA 2655 -24.26 38.46 -25.78
H3' OMG QA 2655 -23.93 40.38 -23.80
H2' OMG QA 2655 -21.93 39.42 -22.80
HM21 OMG QA 2655 -23.62 39.79 -19.83
HM22 OMG QA 2655 -22.42 40.63 -20.82
HM23 OMG QA 2655 -24.13 40.61 -21.32
H1' OMG QA 2655 -23.34 36.66 -23.07
H8 OMG QA 2655 -19.91 38.45 -23.38
HN1 OMG QA 2655 -19.91 32.30 -21.57
HN21 OMG QA 2655 -22.11 31.54 -21.47
HN22 OMG QA 2655 -23.38 32.52 -22.04
N1 OMC QA 2686 -18.83 74.69 -54.29
C2 OMC QA 2686 -17.63 75.11 -54.88
N3 OMC QA 2686 -16.47 74.56 -54.44
C4 OMC QA 2686 -16.47 73.64 -53.47
C5 OMC QA 2686 -17.68 73.19 -52.87
C6 OMC QA 2686 -18.83 73.74 -53.30
O2 OMC QA 2686 -17.67 75.97 -55.76
N4 OMC QA 2686 -15.30 73.13 -53.07
C1' OMC QA 2686 -20.10 75.29 -54.78
C2' OMC QA 2686 -20.59 74.65 -56.07
O2' OMC QA 2686 -21.29 75.62 -56.83
CM2 OMC QA 2686 -20.44 76.53 -57.53
C3' OMC QA 2686 -21.55 73.60 -55.53
C4' OMC QA 2686 -22.19 74.32 -54.35
O4' OMC QA 2686 -21.10 75.10 -53.79
O3' OMC QA 2686 -22.50 73.15 -56.48
C5' OMC QA 2686 -22.79 73.44 -53.29
O5' OMC QA 2686 -21.87 72.43 -52.87
P OMC QA 2686 -22.10 71.62 -51.53
OP1 OMC QA 2686 -23.41 70.92 -51.64
OP2 OMC QA 2686 -20.88 70.83 -51.25
H5 OMC QA 2686 -17.68 72.43 -52.09
H6 OMC QA 2686 -19.79 73.45 -52.90
HN41 OMC QA 2686 -15.23 72.42 -52.35
HN42 OMC QA 2686 -14.44 73.45 -53.50
H1' OMC QA 2686 -19.99 76.38 -54.84
H2' OMC QA 2686 -19.80 74.20 -56.66
HM21 OMC QA 2686 -19.82 75.90 -58.16
HM22 OMC QA 2686 -21.01 77.19 -58.18
HM23 OMC QA 2686 -19.80 77.15 -56.91
H3' OMC QA 2686 -20.97 72.76 -55.15
H4' OMC QA 2686 -22.95 75.02 -54.68
H5' OMC QA 2686 -23.63 72.90 -53.69
H5'' OMC QA 2686 -23.12 74.00 -52.41
N1 PSU QA 2716 -41.53 50.52 -45.19
C2 PSU QA 2716 -40.41 50.17 -44.51
N3 PSU QA 2716 -40.11 48.83 -44.56
C4 PSU QA 2716 -40.82 47.85 -45.21
C5 PSU QA 2716 -42.00 48.31 -45.92
C6 PSU QA 2716 -42.29 49.63 -45.87
O2 PSU QA 2716 -39.71 50.97 -43.90
O4 PSU QA 2716 -40.44 46.68 -45.19
C1' PSU QA 2716 -42.81 47.31 -46.68
C2' PSU QA 2716 -43.35 46.15 -45.85
O2' PSU QA 2716 -43.15 44.94 -46.56
C3' PSU QA 2716 -44.84 46.48 -45.74
C4' PSU QA 2716 -45.13 47.25 -47.02
O3' PSU QA 2716 -45.66 45.32 -45.62
O4' PSU QA 2716 -43.90 47.97 -47.28
C5' PSU QA 2716 -46.28 48.22 -46.97
O5' PSU QA 2716 -46.31 49.02 -48.14
P PSU QA 2716 -46.87 50.50 -48.12
OP1 PSU QA 2716 -48.35 50.43 -48.14
OP2 PSU QA 2716 -46.19 51.23 -47.03
HN1 PSU QA 2716 -41.81 51.50 -45.18
HN3 PSU QA 2716 -39.30 48.54 -44.03
H6 PSU QA 2716 -43.17 50.04 -46.37
H1' PSU QA 2716 -42.20 46.97 -47.51
H2' PSU QA 2716 -42.85 46.07 -44.89
HO2' PSU QA 2716 -43.89 44.99 -47.22
H3' PSU QA 2716 -45.00 47.15 -44.89
H4' PSU QA 2716 -45.30 46.58 -47.87
H5' PSU QA 2716 -47.21 47.67 -46.92
H5'' PSU QA 2716 -46.24 48.88 -46.11
N1 OMU QA 2721 -45.66 29.40 -41.19
C2 OMU QA 2721 -45.77 28.67 -42.35
N3 OMU QA 2721 -44.65 28.68 -43.16
C4 OMU QA 2721 -43.47 29.35 -42.92
C5 OMU QA 2721 -43.43 30.10 -41.70
C6 OMU QA 2721 -44.51 30.10 -40.89
O2 OMU QA 2721 -46.77 28.03 -42.65
O4 OMU QA 2721 -42.55 29.27 -43.75
C1' OMU QA 2721 -46.83 29.43 -40.29
C2' OMU QA 2721 -46.89 28.18 -39.39
O2' OMU QA 2721 -48.26 27.86 -39.16
CM2 OMU QA 2721 -48.89 27.17 -40.22
C3' OMU QA 2721 -46.24 28.71 -38.13
C4' OMU QA 2721 -46.74 30.14 -38.06
O3' OMU QA 2721 -46.56 27.96 -36.96
O4' OMU QA 2721 -46.76 30.56 -39.46
C5' OMU QA 2721 -45.92 31.10 -37.24
O5' OMU QA 2721 -44.55 31.04 -37.59
P OMU QA 2721 -43.47 31.94 -36.83
OP1 OMU QA 2721 -43.77 31.86 -35.38
OP2 OMU QA 2721 -42.13 31.58 -37.32
HN3 OMU QA 2721 -44.73 28.17 -44.02
H5 OMU QA 2721 -42.53 30.63 -41.46
H6 OMU QA 2721 -44.51 30.64 -39.94
H1' OMU QA 2721 -47.73 29.57 -40.89
H2' OMU QA 2721 -46.36 27.34 -39.82
HM21 OMU QA 2721 -49.90 26.98 -39.85
HM22 OMU QA 2721 -48.96 27.73 -41.15
HM23 OMU QA 2721 -48.42 26.21 -40.42
H3' OMU QA 2721 -45.16 28.73 -38.27
H4' OMU QA 2721 -47.77 30.19 -37.70
H5' OMU QA 2721 -45.98 30.80 -36.20
H5'' OMU QA 2721 -46.28 32.13 -37.32
N1 OMU QA 2733 -24.26 12.79 -29.93
C2 OMU QA 2733 -24.25 13.73 -28.93
N3 OMU QA 2733 -23.16 14.57 -28.93
C4 OMU QA 2733 -22.10 14.55 -29.80
C5 OMU QA 2733 -22.17 13.54 -30.81
C6 OMU QA 2733 -23.24 12.71 -30.85
O2 OMU QA 2733 -25.14 13.84 -28.10
O4 OMU QA 2733 -21.18 15.37 -29.67
C1' OMU QA 2733 -25.44 11.88 -30.00
C2' OMU QA 2733 -26.73 12.62 -30.32
O2' OMU QA 2733 -27.82 11.88 -29.80
CM2 OMU QA 2733 -28.08 12.11 -28.42
C3' OMU QA 2733 -26.72 12.57 -31.84
C4' OMU QA 2733 -26.17 11.17 -32.11
O3' OMU QA 2733 -27.99 12.78 -32.43
O4' OMU QA 2733 -25.22 10.94 -31.03
C5' OMU QA 2733 -25.48 10.97 -33.44
O5' OMU QA 2733 -24.93 9.67 -33.53
P OMU QA 2733 -24.62 9.01 -34.95
OP1 OMU QA 2733 -24.66 7.54 -34.78
OP2 OMU QA 2733 -25.47 9.65 -35.97
HN3 OMU QA 2733 -23.15 15.28 -28.22
H5 OMU QA 2733 -21.36 13.47 -31.53
H6 OMU QA 2733 -23.32 11.94 -31.61
H1' OMU QA 2733 -25.48 11.29 -29.08
H2' OMU QA 2733 -26.73 13.65 -29.95
HM21 OMU QA 2733 -28.40 13.15 -28.37
HM22 OMU QA 2733 -28.85 11.47 -28.00
HM23 OMU QA 2733 -27.17 12.01 -27.81
H3' OMU QA 2733 -26.00 13.30 -32.22
H4' OMU QA 2733 -26.94 10.41 -32.02
H5' OMU QA 2733 -24.64 11.66 -33.49
H5'' OMU QA 2733 -26.14 11.17 -34.28
N1 OMU QA 2739 -28.77 25.33 -45.08
C2 OMU QA 2739 -29.44 24.11 -45.13
N3 OMU QA 2739 -30.48 23.98 -44.25
C4 OMU QA 2739 -30.94 24.92 -43.36
C5 OMU QA 2739 -30.22 26.16 -43.37
C6 OMU QA 2739 -29.19 26.32 -44.21
O2 OMU QA 2739 -29.10 23.21 -45.88
O4 OMU QA 2739 -31.91 24.66 -42.63
C1' OMU QA 2739 -27.63 25.52 -45.99
C2' OMU QA 2739 -28.08 25.77 -47.43
O2' OMU QA 2739 -27.11 25.24 -48.32
CM2 OMU QA 2739 -27.09 23.82 -48.39
C3' OMU QA 2739 -28.06 27.29 -47.47
C4' OMU QA 2739 -26.85 27.63 -46.61
O3' OMU QA 2739 -27.99 27.83 -48.77
O4' OMU QA 2739 -26.87 26.63 -45.57
C5' OMU QA 2739 -26.85 29.01 -46.01
O5' OMU QA 2739 -28.02 29.25 -45.23
P OMU QA 2739 -28.11 30.50 -44.26
OP1 OMU QA 2739 -27.92 31.71 -45.09
OP2 OMU QA 2739 -29.33 30.36 -43.46
HN3 OMU QA 2739 -30.98 23.10 -44.29
H5 OMU QA 2739 -30.54 26.95 -42.69
H6 OMU QA 2739 -28.63 27.25 -44.27
H1' OMU QA 2739 -26.95 24.67 -45.88
H2' OMU QA 2739 -29.06 25.36 -47.63
HM21 OMU QA 2739 -26.63 23.62 -49.35
HM22 OMU QA 2739 -26.51 23.34 -47.60
HM23 OMU QA 2739 -28.10 23.40 -48.41
H3' OMU QA 2739 -28.96 27.66 -46.97
H4' OMU QA 2739 -25.93 27.51 -47.17
H5' OMU QA 2739 -26.88 29.74 -46.82
H5'' OMU QA 2739 -25.96 29.21 -45.41
N1 PSU QA 2748 -44.33 42.01 -53.73
C2 PSU QA 2748 -43.91 41.01 -54.54
N3 PSU QA 2748 -42.59 41.05 -54.88
C4 PSU QA 2748 -41.67 41.99 -54.49
C5 PSU QA 2748 -42.19 43.03 -53.63
C6 PSU QA 2748 -43.49 42.99 -53.29
O2 PSU QA 2748 -44.66 40.12 -54.94
O4 PSU QA 2748 -40.50 41.91 -54.87
C1' PSU QA 2748 -41.24 44.11 -53.16
C2' PSU QA 2748 -41.14 45.28 -54.12
O2' PSU QA 2748 -39.83 45.83 -54.02
C3' PSU QA 2748 -42.16 46.23 -53.53
C4' PSU QA 2748 -41.98 46.02 -52.04
O3' PSU QA 2748 -42.01 47.58 -53.93
O4' PSU QA 2748 -41.69 44.61 -51.91
C5' PSU QA 2748 -43.16 46.38 -51.17
O5' PSU QA 2748 -44.38 45.89 -51.74
P PSU QA 2748 -45.69 45.78 -50.86
OP1 PSU QA 2748 -46.07 47.14 -50.44
OP2 PSU QA 2748 -46.66 44.94 -51.60
HN1 PSU QA 2748 -45.30 42.03 -53.43
HN3 PSU QA 2748 -42.26 40.30 -55.49
H6 PSU QA 2748 -43.94 43.74 -52.65
H1' PSU QA 2748 -40.28 43.63 -52.96
H2' PSU QA 2748 -41.31 45.01 -55.16
HO2' PSU QA 2748 -39.87 46.55 -54.70
H3' PSU QA 2748 -43.15 45.88 -53.81
H4' PSU QA 2748 -41.12 46.57 -51.66
H5' PSU QA 2748 -43.04 45.92 -50.20
H5'' PSU QA 2748 -43.26 47.46 -51.03
P OMG QA 2795 -40.53 25.38 -29.92
OP1 OMG QA 2795 -39.40 25.38 -30.88
OP2 OMG QA 2795 -40.43 24.56 -28.68
O5' OMG QA 2795 -40.83 26.88 -29.50
C5' OMG QA 2795 -40.08 27.53 -28.50
C4' OMG QA 2795 -40.76 28.80 -28.05
O4' OMG QA 2795 -42.16 28.53 -27.76
C3' OMG QA 2795 -40.22 29.43 -26.77
O3' OMG QA 2795 -39.08 30.23 -26.98
C2' OMG QA 2795 -41.42 30.21 -26.26
O2' OMG QA 2795 -41.58 31.44 -26.97
CM2 OMG QA 2795 -42.53 32.33 -26.40
C1' OMG QA 2795 -42.57 29.27 -26.64
N9 OMG QA 2795 -42.90 28.33 -25.55
C8 OMG QA 2795 -42.80 26.97 -25.57
N7 OMG QA 2795 -43.17 26.41 -24.44
C5 OMG QA 2795 -43.53 27.48 -23.64
C6 OMG QA 2795 -44.02 27.51 -22.30
O6 OMG QA 2795 -44.23 26.55 -21.56
N1 OMG QA 2795 -44.26 28.79 -21.88
C2 OMG QA 2795 -44.07 29.93 -22.61
N2 OMG QA 2795 -44.36 31.09 -22.03
N3 OMG QA 2795 -43.61 29.92 -23.87
C4 OMG QA 2795 -43.37 28.67 -24.30
H5' OMG QA 2795 -39.05 27.69 -28.84
H5'' OMG QA 2795 -40.05 26.83 -27.66
H4' OMG QA 2795 -40.73 29.47 -28.90
H3' OMG QA 2795 -39.99 28.64 -26.06
H2' OMG QA 2795 -41.39 30.51 -25.22
HM21 OMG QA 2795 -42.09 32.60 -25.44
HM22 OMG QA 2795 -42.69 33.25 -26.96
HM23 OMG QA 2795 -43.49 31.85 -26.22
H1' OMG QA 2795 -43.50 29.77 -26.92
H8 OMG QA 2795 -42.45 26.42 -26.45
HN1 OMG QA 2795 -44.63 28.86 -20.94
HN21 OMG QA 2795 -44.70 31.17 -21.08
HN22 OMG QA 2795 -44.22 31.96 -22.54
P OMG QA 2797 -36.20 33.23 -21.25
OP1 OMG QA 2797 -35.26 34.37 -21.37
OP2 OMG QA 2797 -35.78 31.90 -21.72
O5' OMG QA 2797 -36.61 33.11 -19.72
C5' OMG QA 2797 -36.95 34.25 -18.95
C4' OMG QA 2797 -37.24 33.89 -17.52
O4' OMG QA 2797 -38.44 33.09 -17.46
C3' OMG QA 2797 -36.19 33.02 -16.84
O3' OMG QA 2797 -35.09 33.76 -16.35
C2' OMG QA 2797 -36.98 32.30 -15.75
O2' OMG QA 2797 -37.16 33.13 -14.61
CM2 OMG QA 2797 -37.41 32.42 -13.42
C1' OMG QA 2797 -38.34 32.11 -16.45
N9 OMG QA 2797 -38.45 30.77 -17.06
C8 OMG QA 2797 -38.22 30.43 -18.36
N7 OMG QA 2797 -38.41 29.14 -18.59
C5 OMG QA 2797 -38.76 28.62 -17.36
C6 OMG QA 2797 -39.08 27.30 -16.96
O6 OMG QA 2797 -39.10 26.29 -17.67
N1 OMG QA 2797 -39.38 27.22 -15.61
C2 OMG QA 2797 -39.38 28.27 -14.74
N2 OMG QA 2797 -39.69 28.00 -13.47
N3 OMG QA 2797 -39.08 29.52 -15.10
C4 OMG QA 2797 -38.79 29.61 -16.41
H5' OMG QA 2797 -37.77 34.79 -19.42
H5'' OMG QA 2797 -36.07 34.89 -18.98
H4' OMG QA 2797 -37.43 34.81 -16.98
H3' OMG QA 2797 -35.84 32.27 -17.55
H2' OMG QA 2797 -36.52 31.41 -15.35
HM21 OMG QA 2797 -38.30 31.83 -13.65
HM22 OMG QA 2797 -36.63 31.73 -13.10
HM23 OMG QA 2797 -37.65 33.08 -12.59
H1' OMG QA 2797 -39.19 32.22 -15.79
H8 OMG QA 2797 -37.92 31.15 -19.12
HN1 OMG QA 2797 -39.63 26.30 -15.28
HN21 OMG QA 2797 -39.93 27.09 -13.13
HN22 OMG QA 2797 -39.69 28.76 -12.79
P OMG QA 2819 1.59 4.60 -2.88
OP1 OMG QA 2819 1.97 3.44 -3.72
OP2 OMG QA 2819 2.30 4.83 -1.61
O5' OMG QA 2819 1.78 5.91 -3.77
C5' OMG QA 2819 0.98 6.15 -4.92
C4' OMG QA 2819 1.15 7.57 -5.39
O4' OMG QA 2819 0.58 8.46 -4.39
C3' OMG QA 2819 2.58 8.04 -5.56
O3' OMG QA 2819 3.12 7.71 -6.83
C2' OMG QA 2819 2.49 9.54 -5.31
O2' OMG QA 2819 2.05 10.23 -6.47
CM2 OMG QA 2819 2.36 11.62 -6.47
C1' OMG QA 2819 1.39 9.61 -4.25
N9 OMG QA 2819 1.93 9.63 -2.87
C8 OMG QA 2819 2.01 8.59 -1.98
N7 OMG QA 2819 2.53 8.93 -0.83
C5 OMG QA 2819 2.81 10.29 -0.97
C6 OMG QA 2819 3.38 11.22 -0.06
O6 OMG QA 2819 3.76 11.02 1.10
N1 OMG QA 2819 3.50 12.47 -0.62
C2 OMG QA 2819 3.09 12.82 -1.88
N2 OMG QA 2819 3.25 14.09 -2.24
N3 OMG QA 2819 2.55 11.96 -2.74
C4 OMG QA 2819 2.45 10.73 -2.22
H5' OMG QA 2819 -0.05 5.87 -4.72
H5'' OMG QA 2819 1.37 5.47 -5.69
H4' OMG QA 2819 0.55 7.67 -6.29
H3' OMG QA 2819 3.19 7.60 -4.77
H2' OMG QA 2819 3.42 10.03 -5.06
HM21 OMG QA 2819 1.87 11.99 -5.57
HM22 OMG QA 2819 3.41 11.87 -6.40
HM23 OMG QA 2819 1.93 12.12 -7.33
H1' OMG QA 2819 0.73 10.47 -4.33
H8 OMG QA 2819 1.67 7.58 -2.22
HN1 OMG QA 2819 3.93 13.17 -0.03
HN21 OMG QA 2819 3.64 14.80 -1.64
HN22 OMG QA 2819 2.93 14.38 -3.16
N1 PSU QA 2830 23.47 21.12 -15.92
C2 PSU QA 2830 22.97 21.80 -14.85
N3 PSU QA 2830 21.98 22.71 -15.16
C4 PSU QA 2830 21.48 22.98 -16.40
C5 PSU QA 2830 22.06 22.21 -17.49
C6 PSU QA 2830 23.03 21.32 -17.19
O2 PSU QA 2830 23.36 21.61 -13.69
O4 PSU QA 2830 20.59 23.83 -16.54
C1' PSU QA 2830 21.53 22.43 -18.86
C2' PSU QA 2830 22.27 23.53 -19.63
O2' PSU QA 2830 21.33 24.25 -20.43
C3' PSU QA 2830 23.22 22.72 -20.50
C4' PSU QA 2830 22.42 21.48 -20.82
O3' PSU QA 2830 23.64 23.41 -21.68
O4' PSU QA 2830 21.64 21.24 -19.61
C5' PSU QA 2830 23.23 20.25 -21.14
O5' PSU QA 2830 24.22 20.01 -20.15
P PSU QA 2830 25.03 18.65 -20.11
OP1 PSU QA 2830 25.75 18.50 -21.39
OP2 PSU QA 2830 25.79 18.63 -18.84
HN1 PSU QA 2830 24.21 20.44 -15.75
HN3 PSU QA 2830 21.59 23.22 -14.37
H6 PSU QA 2830 23.51 20.71 -17.95
H1' PSU QA 2830 20.46 22.63 -18.79
H2' PSU QA 2830 22.76 24.25 -18.97
HO2' PSU QA 2830 21.00 24.90 -19.77
H3' PSU QA 2830 24.09 22.45 -19.90
H4' PSU QA 2830 21.71 21.64 -21.64
H5' PSU QA 2830 23.75 20.40 -22.09
H5'' PSU QA 2830 22.62 19.35 -21.25
N1 OMC QA 2840 40.89 41.75 -31.39
C2 OMC QA 2840 39.87 42.59 -30.93
N3 OMC QA 2840 39.73 42.76 -29.59
C4 OMC QA 2840 40.54 42.13 -28.73
C5 OMC QA 2840 41.59 41.28 -29.18
C6 OMC QA 2840 41.72 41.12 -30.51
O2 OMC QA 2840 39.14 43.13 -31.75
N4 OMC QA 2840 40.33 42.33 -27.42
C1' OMC QA 2840 41.01 41.53 -32.85
C2' OMC QA 2840 41.89 42.59 -33.54
O2' OMC QA 2840 41.33 42.88 -34.81
CM2 OMC QA 2840 40.21 43.76 -34.76
C3' OMC QA 2840 43.21 41.84 -33.70
C4' OMC QA 2840 42.78 40.40 -33.91
O4' OMC QA 2840 41.59 40.26 -33.08
O3' OMC QA 2840 44.01 42.32 -34.76
C5' OMC QA 2840 43.78 39.35 -33.52
O5' OMC QA 2840 44.27 39.57 -32.20
P OMC QA 2840 45.32 38.58 -31.54
OP1 OMC QA 2840 46.44 38.40 -32.49
OP2 OMC QA 2840 45.59 39.06 -30.16
H5 OMC QA 2840 42.25 40.78 -28.47
H6 OMC QA 2840 42.50 40.48 -30.92
HN41 OMC QA 2840 39.60 42.92 -27.07
HN42 OMC QA 2840 40.93 41.86 -26.74
H1' OMC QA 2840 40.02 41.45 -33.29
H2' OMC QA 2840 42.01 43.49 -32.95
HM21 OMC QA 2840 39.94 43.91 -35.81
HM22 OMC QA 2840 40.47 44.72 -34.33
HM23 OMC QA 2840 39.34 43.37 -34.24
H3' OMC QA 2840 43.76 41.91 -32.76
H4' OMC QA 2840 42.48 40.22 -34.93
H5' OMC QA 2840 44.67 39.43 -34.16
H5'' OMC QA 2840 43.40 38.34 -33.60
N1 PSU QA 2847 56.62 57.73 -23.05
C2 PSU QA 2847 57.41 56.62 -23.14
N3 PSU QA 2847 58.15 56.52 -24.28
C4 PSU QA 2847 58.17 57.42 -25.33
C5 PSU QA 2847 57.30 58.57 -25.17
C6 PSU QA 2847 56.56 58.66 -24.04
O2 PSU QA 2847 57.47 55.77 -22.24
O4 PSU QA 2847 58.88 57.21 -26.31
C1' PSU QA 2847 57.30 59.62 -26.24
C2' PSU QA 2847 56.88 59.12 -27.63
O2' PSU QA 2847 57.70 59.76 -28.60
C3' PSU QA 2847 55.44 59.60 -27.72
C4' PSU QA 2847 55.45 60.89 -26.92
O3' PSU QA 2847 55.01 59.79 -29.07
O4' PSU QA 2847 56.42 60.66 -25.87
C5' PSU QA 2847 54.13 61.29 -26.30
O5' PSU QA 2847 53.81 60.47 -25.20
P PSU QA 2847 52.42 60.64 -24.43
OP1 PSU QA 2847 51.48 61.35 -25.34
OP2 PSU QA 2847 52.03 59.33 -23.86
HN1 PSU QA 2847 56.04 57.85 -22.23
HN3 PSU QA 2847 58.74 55.70 -24.37
H6 PSU QA 2847 55.89 59.49 -23.85
H1' PSU QA 2847 58.29 60.07 -26.25
H2' PSU QA 2847 57.01 58.05 -27.74
HO2' PSU QA 2847 58.60 59.38 -28.38
H3' PSU QA 2847 54.79 58.88 -27.22
H4' PSU QA 2847 55.81 61.73 -27.52
H5' PSU QA 2847 54.20 62.32 -25.95
H5'' PSU QA 2847 53.31 61.25 -27.02
N1 PSU QA 2858 32.81 39.90 -27.60
C2 PSU QA 2858 33.75 39.55 -26.68
N3 PSU QA 2858 34.76 38.75 -27.15
C4 PSU QA 2858 34.91 38.31 -28.45
C5 PSU QA 2858 33.87 38.72 -29.37
C6 PSU QA 2858 32.87 39.51 -28.90
O2 PSU QA 2858 33.69 39.89 -25.51
O4 PSU QA 2858 35.87 37.61 -28.76
C1' PSU QA 2858 33.94 38.23 -30.79
C2' PSU QA 2858 33.48 36.79 -30.95
O2' PSU QA 2858 34.19 36.21 -32.04
C3' PSU QA 2858 32.01 36.98 -31.30
C4' PSU QA 2858 32.05 38.22 -32.18
O3' PSU QA 2858 31.42 35.86 -31.93
O4' PSU QA 2858 33.11 39.04 -31.60
C5' PSU QA 2858 30.77 39.01 -32.27
O5' PSU QA 2858 30.28 39.33 -30.98
P PSU QA 2858 29.16 40.45 -30.78
OP1 PSU QA 2858 28.01 40.09 -31.63
OP2 PSU QA 2858 28.95 40.65 -29.34
HN1 PSU QA 2858 32.04 40.48 -27.30
HN3 PSU QA 2858 35.47 38.48 -26.49
H6 PSU QA 2858 32.07 39.86 -29.54
H1' PSU QA 2858 34.95 38.40 -31.15
H2' PSU QA 2858 33.67 36.18 -30.06
HO2' PSU QA 2858 35.11 36.22 -31.69
H3' PSU QA 2858 31.47 37.22 -30.39
H4' PSU QA 2858 32.35 37.98 -33.20
H5' PSU QA 2858 30.96 39.95 -32.78
H5'' PSU QA 2858 29.99 38.48 -32.81
N1 PSU QA 2869 14.25 22.27 -11.51
C2 PSU QA 2869 15.14 21.43 -10.92
N3 PSU QA 2869 15.57 20.40 -11.71
C4 PSU QA 2869 15.20 20.16 -13.02
C5 PSU QA 2869 14.26 21.11 -13.58
C6 PSU QA 2869 13.83 22.12 -12.80
O2 PSU QA 2869 15.52 21.57 -9.77
O4 PSU QA 2869 15.66 19.19 -13.63
C1' PSU QA 2869 13.84 20.94 -15.00
C2' PSU QA 2869 12.67 19.96 -15.21
O2' PSU QA 2869 12.90 19.20 -16.39
C3' PSU QA 2869 11.50 20.93 -15.41
C4' PSU QA 2869 12.14 22.11 -16.11
O3' PSU QA 2869 10.43 20.36 -16.16
O4' PSU QA 2869 13.46 22.19 -15.54
C5' PSU QA 2869 11.43 23.43 -15.96
O5' PSU QA 2869 11.35 23.81 -14.59
P PSU QA 2869 10.94 25.29 -14.18
OP1 PSU QA 2869 9.59 25.58 -14.76
OP2 PSU QA 2869 11.14 25.44 -12.72
HN1 PSU QA 2869 13.90 23.05 -10.97
HN3 PSU QA 2869 16.23 19.75 -11.29
H6 PSU QA 2869 13.11 22.86 -13.15
H1' PSU QA 2869 14.72 20.64 -15.58
H2' PSU QA 2869 12.56 19.28 -14.37
HO2' PSU QA 2869 13.71 18.69 -16.13
H3' PSU QA 2869 11.13 21.24 -14.43
H4' PSU QA 2869 12.26 21.93 -17.18
H5' PSU QA 2869 10.41 23.34 -16.33
H5'' PSU QA 2869 11.92 24.23 -16.51
P 5MC QA 2874 9.98 5.87 -2.14
OP1 5MC QA 2874 9.69 4.64 -1.30
OP2 5MC QA 2874 9.52 5.92 -3.58
O5' 5MC QA 2874 9.38 7.12 -1.37
C5' 5MC QA 2874 9.63 7.32 0.00
C4' 5MC QA 2874 8.64 8.27 0.63
O4' 5MC QA 2874 8.66 9.53 -0.06
C3' 5MC QA 2874 7.17 7.85 0.57
O3' 5MC QA 2874 6.82 7.01 1.67
C2' 5MC QA 2874 6.40 9.18 0.55
O2' 5MC QA 2874 5.82 9.45 1.80
C1' 5MC QA 2874 7.50 10.22 0.30
N1 5MC QA 2874 7.17 11.20 -0.77
C2 5MC QA 2874 7.48 12.54 -0.54
O2 5MC QA 2874 8.03 12.84 0.52
N3 5MC QA 2874 7.17 13.45 -1.49
C4 5MC QA 2874 6.56 13.07 -2.63
N4 5MC QA 2874 6.27 14.02 -3.53
C5 5MC QA 2874 6.25 11.71 -2.90
C6 5MC QA 2874 6.58 10.83 -1.94
CM5 5MC QA 2874 5.55 11.32 -4.16
H5' 5MC QA 2874 10.65 7.69 0.16
H5'' 5MC QA 2874 9.60 6.35 0.50
H4' 5MC QA 2874 8.95 8.51 1.63
H3' 5MC QA 2874 7.00 7.31 -0.36
H2' 5MC QA 2874 5.62 9.14 -0.21
HO2' 5MC QA 2874 5.23 8.69 2.00
H1' 5MC QA 2874 7.75 10.73 1.22
HN41 5MC QA 2874 6.48 14.99 -3.36
HN42 5MC QA 2874 5.82 13.80 -4.40
H6 5MC QA 2874 6.40 9.76 -2.09
HM51 5MC QA 2874 5.36 10.25 -4.21
HM52 5MC QA 2874 4.58 11.81 -4.27
HM53 5MC QA 2874 6.14 11.62 -5.04
N1 OMC QA 2883 33.53 20.52 15.20
C2 OMC QA 2883 32.96 19.25 15.24
N3 OMC QA 2883 32.46 18.72 14.08
C4 OMC QA 2883 32.52 19.41 12.94
C5 OMC QA 2883 33.11 20.71 12.88
C6 OMC QA 2883 33.60 21.22 14.02
O2 OMC QA 2883 32.91 18.65 16.32
N4 OMC QA 2883 32.02 18.86 11.84
C1' OMC QA 2883 34.08 21.09 16.46
C2' OMC QA 2883 35.53 20.68 16.71
O2' OMC QA 2883 35.74 20.50 18.10
CM2 OMC QA 2883 35.25 19.27 18.62
C3' OMC QA 2883 36.28 21.90 16.20
C4' OMC QA 2883 35.35 23.05 16.55
O4' OMC QA 2883 34.02 22.50 16.40
O3' OMC QA 2883 37.58 22.04 16.77
C5' OMC QA 2883 35.50 24.29 15.71
O5' OMC QA 2883 35.40 23.97 14.33
P OMC QA 2883 35.40 25.10 13.20
OP1 OMC QA 2883 36.58 25.96 13.41
OP2 OMC QA 2883 35.23 24.42 11.91
H5 OMC QA 2883 33.17 21.27 11.95
H6 OMC QA 2883 34.06 22.21 14.06
HN41 OMC QA 2883 31.59 17.93 11.85
HN42 OMC QA 2883 32.05 19.35 10.95
H1' OMC QA 2883 33.42 20.84 17.29
H2' OMC QA 2883 35.82 19.78 16.17
HM21 OMC QA 2883 36.13 18.79 19.04
HM22 OMC QA 2883 34.52 19.41 19.42
HM23 OMC QA 2883 34.81 18.61 17.87
H3' OMC QA 2883 36.36 21.83 15.12
H4' OMC QA 2883 35.46 23.34 17.60
H5' OMC QA 2883 36.49 24.72 15.84
H5'' OMC QA 2883 34.77 25.06 15.95
N1 PSU QA 2884 36.36 19.44 12.46
C2 PSU QA 2884 35.66 18.76 11.50
N3 PSU QA 2884 35.43 17.44 11.78
C4 PSU QA 2884 35.84 16.76 12.92
C5 PSU QA 2884 36.58 17.55 13.88
C6 PSU QA 2884 36.81 18.85 13.60
O2 PSU QA 2884 35.28 19.29 10.47
O4 PSU QA 2884 35.58 15.57 13.04
C1' PSU QA 2884 37.05 16.89 15.14
C2' PSU QA 2884 38.40 16.18 15.02
O2' PSU QA 2884 38.38 15.01 15.83
C3' PSU QA 2884 39.36 17.23 15.57
C4' PSU QA 2884 38.53 17.89 16.67
O3' PSU QA 2884 40.57 16.70 16.04
O4' PSU QA 2884 37.17 17.86 16.16
C5' PSU QA 2884 38.90 19.31 16.99
O5' PSU QA 2884 38.90 20.12 15.82
P PSU QA 2884 38.89 21.71 15.91
OP1 PSU QA 2884 40.08 22.12 16.70
OP2 PSU QA 2884 38.72 22.23 14.55
HN1 PSU QA 2884 36.57 20.42 12.30
HN3 PSU QA 2884 34.92 16.92 11.09
H6 PSU QA 2884 37.35 19.50 14.29
H1' PSU QA 2884 36.25 16.24 15.49
H2' PSU QA 2884 38.60 15.87 13.99
HO2' PSU QA 2884 38.00 15.35 16.68
H3' PSU QA 2884 39.54 17.97 14.78
H4' PSU QA 2884 38.56 17.33 17.59
H5' PSU QA 2884 39.92 19.34 17.40
H5'' PSU QA 2884 38.24 19.77 17.72
N1 OMU QA 2887 42.46 13.97 2.28
C2 OMU QA 2887 41.44 14.77 1.82
N3 OMU QA 2887 41.44 16.06 2.30
C4 OMU QA 2887 42.36 16.61 3.17
C5 OMU QA 2887 43.40 15.71 3.60
C6 OMU QA 2887 43.41 14.45 3.15
O2 OMU QA 2887 40.58 14.38 1.03
O4 OMU QA 2887 42.24 17.80 3.52
C1' OMU QA 2887 42.49 12.56 1.79
C2' OMU QA 2887 43.21 12.44 0.45
O2' OMU QA 2887 42.71 11.31 -0.23
CM2 OMU QA 2887 41.41 11.47 -0.80
C3' OMU QA 2887 44.63 12.18 0.91
C4' OMU QA 2887 44.41 11.23 2.08
O3' OMU QA 2887 45.49 11.67 -0.08
O4' OMU QA 2887 43.22 11.77 2.72
C5' OMU QA 2887 45.53 11.12 3.09
O5' OMU QA 2887 45.83 12.36 3.70
P OMU QA 2887 46.43 12.42 5.17
OP1 OMU QA 2887 47.69 11.65 5.17
OP2 OMU QA 2887 46.46 13.84 5.58
HN3 OMU QA 2887 40.69 16.65 1.99
H5 OMU QA 2887 44.15 16.10 4.29
H6 OMU QA 2887 44.18 13.75 3.45
H1' OMU QA 2887 41.49 12.15 1.81
H2' OMU QA 2887 43.11 13.34 -0.16
HM21 OMU QA 2887 41.54 12.21 -1.59
HM22 OMU QA 2887 41.01 10.56 -1.24
HM23 OMU QA 2887 40.68 11.87 -0.10
H3' OMU QA 2887 45.04 13.11 1.31
H4' OMU QA 2887 44.16 10.24 1.74
H5' OMU QA 2887 46.43 10.82 2.56
H5'' OMU QA 2887 45.32 10.37 3.86
N1 PSU QA 2898 62.40 32.59 -10.64
C2 PSU QA 2898 61.12 32.94 -10.99
N3 PSU QA 2898 60.73 32.54 -12.23
C4 PSU QA 2898 61.50 31.86 -13.15
C5 PSU QA 2898 62.84 31.52 -12.72
C6 PSU QA 2898 63.22 31.91 -11.48
O2 PSU QA 2898 60.38 33.56 -10.23
O4 PSU QA 2898 61.03 31.57 -14.25
C1' PSU QA 2898 63.72 30.77 -13.66
C2' PSU QA 2898 64.18 31.59 -14.86
O2' PSU QA 2898 64.35 30.73 -15.98
C3' PSU QA 2898 65.51 32.11 -14.35
C4' PSU QA 2898 66.06 30.93 -13.57
O3' PSU QA 2898 66.39 32.54 -15.38
O4' PSU QA 2898 64.87 30.34 -12.97
C5' PSU QA 2898 67.05 31.26 -12.48
O5' PSU QA 2898 67.32 30.12 -11.69
P PSU QA 2898 68.04 30.25 -10.28
OP1 PSU QA 2898 69.50 30.32 -10.49
OP2 PSU QA 2898 67.35 31.32 -9.51
HN1 PSU QA 2898 62.74 32.86 -9.72
HN3 PSU QA 2898 59.79 32.76 -12.50
H6 PSU QA 2898 64.22 31.70 -11.09
H1' PSU QA 2898 63.19 29.86 -13.96
H2' PSU QA 2898 63.46 32.36 -15.13
HO2' PSU QA 2898 64.49 31.40 -16.69
H3' PSU QA 2898 65.33 32.93 -13.66
H4' PSU QA 2898 66.51 30.19 -14.22
H5' PSU QA 2898 67.99 31.58 -12.94
H5'' PSU QA 2898 66.70 32.05 -11.83
P A2M QA 2915 52.90 19.74 -9.18
OP1 A2M QA 2915 52.83 18.27 -9.09
O5' A2M QA 2915 52.55 20.36 -7.77
C5' A2M QA 2915 53.40 20.26 -6.62
C4' A2M QA 2915 52.55 20.08 -5.40
O4' A2M QA 2915 51.79 21.28 -5.14
C3' A2M QA 2915 51.51 18.95 -5.51
O3' A2M QA 2915 51.34 18.31 -4.26
C2' A2M QA 2915 50.24 19.69 -5.94
O2' A2M QA 2915 49.11 18.98 -5.45
C1' A2M QA 2915 50.40 21.02 -5.19
CM' A2M QA 2915 47.87 19.66 -5.61
N9 A2M QA 2915 49.74 22.15 -5.83
C8 A2M QA 2915 49.32 22.28 -7.12
N7 A2M QA 2915 48.77 23.43 -7.40
C5 A2M QA 2915 48.85 24.12 -6.21
C6 A2M QA 2915 48.45 25.42 -5.83
N6 A2M QA 2915 47.84 26.28 -6.64
N1 A2M QA 2915 48.68 25.81 -4.55
C2 A2M QA 2915 49.27 24.95 -3.72
N3 A2M QA 2915 49.69 23.71 -3.96
C4 A2M QA 2915 49.45 23.35 -5.22
H5' A2M QA 2915 54.03 21.15 -6.51
H5'' A2M QA 2915 54.06 19.42 -6.83
H4' A2M QA 2915 53.15 19.92 -4.51
H3' A2M QA 2915 51.80 18.25 -6.29
H2' A2M QA 2915 50.22 19.77 -7.02
H1' A2M QA 2915 50.07 20.99 -4.15
HM'1 A2M QA 2915 47.85 19.95 -6.66
HM'2 A2M QA 2915 47.80 20.53 -4.98
HM'3 A2M QA 2915 47.01 19.02 -5.41
H8 A2M QA 2915 49.42 21.48 -7.87
OP2 A2M QA 2915 51.97 20.24 -10.22
H61 A2M QA 2915 47.56 27.21 -6.34
H62 A2M QA 2915 47.66 26.02 -7.61
H2 A2M QA 2915 49.43 25.33 -2.71
P OMG QA 2921 44.01 29.17 15.08
OP1 OMG QA 2921 43.49 28.06 15.90
OP2 OMG QA 2921 43.10 29.87 14.14
O5' OMG QA 2921 44.60 30.28 16.06
C5' OMG QA 2921 45.51 29.95 17.08
C4' OMG QA 2921 45.64 31.09 18.06
O4' OMG QA 2921 46.32 32.20 17.43
C3' OMG QA 2921 44.32 31.68 18.55
O3' OMG QA 2921 43.73 30.93 19.59
C2' OMG QA 2921 44.72 33.10 18.92
O2' OMG QA 2921 45.37 33.13 20.19
CM2 OMG QA 2921 44.83 34.07 21.10
C1' OMG QA 2921 45.74 33.42 17.84
N9 OMG QA 2921 45.11 34.04 16.66
C8 OMG QA 2921 44.81 33.46 15.46
N7 OMG QA 2921 44.24 34.27 14.61
C5 OMG QA 2921 44.15 35.48 15.30
C6 OMG QA 2921 43.61 36.73 14.91
O6 OMG QA 2921 43.10 37.03 13.83
N1 OMG QA 2921 43.71 37.67 15.92
C2 OMG QA 2921 44.26 37.45 17.15
N2 OMG QA 2921 44.29 38.48 18.00
N3 OMG QA 2921 44.77 36.28 17.52
C4 OMG QA 2921 44.67 35.35 16.56
H5' OMG QA 2921 46.47 29.64 16.66
H5'' OMG QA 2921 45.08 29.09 17.60
H4' OMG QA 2921 46.27 30.73 18.88
H3' OMG QA 2921 43.63 31.73 17.70
H2' OMG QA 2921 43.90 33.81 19.04
HM21 OMG QA 2921 44.98 35.04 20.61
HM22 OMG QA 2921 43.76 33.98 21.31
HM23 OMG QA 2921 45.37 34.09 22.05
H1' OMG QA 2921 46.54 34.08 18.15
H8 OMG QA 2921 45.04 32.41 15.25
HN1 OMG QA 2921 43.34 38.58 15.70
HN21 OMG QA 2921 43.92 39.39 17.78
HN22 OMG QA 2921 44.69 38.37 18.92
N1 OMU QA 2925 28.59 36.59 15.24
C2 OMU QA 2925 29.19 36.09 14.10
N3 OMU QA 2925 30.41 35.49 14.29
C4 OMU QA 2925 31.07 35.34 15.49
C5 OMU QA 2925 30.41 35.89 16.63
C6 OMU QA 2925 29.20 36.47 16.47
O2 OMU QA 2925 28.67 36.17 13.00
O4 OMU QA 2925 32.17 34.78 15.51
C1' OMU QA 2925 27.27 37.24 15.10
C2' OMU QA 2925 26.12 36.25 15.26
O2' OMU QA 2925 25.06 36.63 14.40
CM2 OMU QA 2925 24.06 35.64 14.20
C3' OMU QA 2925 25.76 36.46 16.73
C4' OMU QA 2925 25.97 37.95 16.91
O3' OMU QA 2925 24.44 36.03 17.07
O4' OMU QA 2925 27.13 38.23 16.08
C5' OMU QA 2925 26.23 38.40 18.33
O5' OMU QA 2925 27.24 37.62 18.94
P OMU QA 2925 27.91 38.05 20.31
OP1 OMU QA 2925 26.84 38.19 21.33
OP2 OMU QA 2925 29.04 37.13 20.56
HN3 OMU QA 2925 30.85 35.11 13.46
H5 OMU QA 2925 30.88 35.80 17.60
H6 OMU QA 2925 28.66 36.89 17.31
H1' OMU QA 2925 27.24 37.78 14.15
H2' OMU QA 2925 26.43 35.22 15.05
HM21 OMU QA 2925 23.51 35.99 13.34
HM22 OMU QA 2925 23.38 35.52 15.04
HM23 OMU QA 2925 24.51 34.67 13.96
H3' OMU QA 2925 26.48 35.92 17.34
H4' OMU QA 2925 25.14 38.53 16.52
H5' OMU QA 2925 26.61 39.42 18.30
H5'' OMU QA 2925 25.33 38.39 18.95
P OMG QA 2926 24.23 34.89 18.18
OP1 OMG QA 2926 22.78 34.71 18.37
OP2 OMG QA 2926 25.09 35.23 19.33
O5' OMG QA 2926 24.80 33.58 17.49
C5' OMG QA 2926 24.97 32.38 18.23
C4' OMG QA 2926 25.01 31.19 17.31
O4' OMG QA 2926 23.67 30.88 16.84
C3' OMG QA 2926 25.81 31.35 16.03
O3' OMG QA 2926 27.20 31.16 16.21
C2' OMG QA 2926 25.18 30.30 15.12
O2' OMG QA 2926 25.65 28.99 15.43
CM2 OMG QA 2926 25.94 28.19 14.31
C1' OMG QA 2926 23.70 30.41 15.52
N9 OMG QA 2926 22.97 31.35 14.66
C8 OMG QA 2926 22.67 32.66 14.90
N7 OMG QA 2926 22.01 33.24 13.93
C5 OMG QA 2926 21.85 32.24 12.98
C6 OMG QA 2926 21.22 32.25 11.71
O6 OMG QA 2926 20.65 33.20 11.16
N1 OMG QA 2926 21.30 31.02 11.07
C2 OMG QA 2926 21.90 29.91 11.59
N2 OMG QA 2926 21.88 28.81 10.84
N3 OMG QA 2926 22.51 29.89 12.78
C4 OMG QA 2926 22.45 31.07 13.41
H5' OMG QA 2926 24.21 32.30 18.99
H5'' OMG QA 2926 25.94 32.48 18.71
H4' OMG QA 2926 25.33 30.34 17.91
H3' OMG QA 2926 25.61 32.33 15.61
H2' OMG QA 2926 25.39 30.40 14.06
HM21 OMG QA 2926 26.81 28.68 13.86
HM22 OMG QA 2926 25.17 28.13 13.54
HM23 OMG QA 2926 26.24 27.17 14.59
H1' OMG QA 2926 23.15 29.47 15.48
H8 OMG QA 2926 22.96 33.15 15.83
HN1 OMG QA 2926 20.86 30.98 10.16
HN21 OMG QA 2926 21.44 28.75 9.93
HN22 OMG QA 2926 22.33 27.96 11.18
N1 PSU QA 2927 24.11 34.90 10.33
C2 PSU QA 2927 23.41 34.60 9.19
N3 PSU QA 2927 23.45 33.29 8.82
C4 PSU QA 2927 24.10 32.27 9.47
C5 PSU QA 2927 24.81 32.65 10.67
C6 PSU QA 2927 24.79 33.95 11.04
O2 PSU QA 2927 22.79 35.45 8.56
O4 PSU QA 2927 24.06 31.12 9.02
C1' PSU QA 2927 25.50 31.58 11.47
C2' PSU QA 2927 26.62 30.85 10.74
O2' PSU QA 2927 26.56 29.47 11.08
C3' PSU QA 2927 27.86 31.51 11.32
C4' PSU QA 2927 27.46 31.79 12.75
O3' PSU QA 2927 29.03 30.70 11.22
O4' PSU QA 2927 26.05 32.16 12.64
C5' PSU QA 2927 28.23 32.88 13.45
O5' PSU QA 2927 27.69 33.17 14.74
P PSU QA 2927 28.22 32.41 16.04
OP1 PSU QA 2927 29.56 31.86 15.77
OP2 PSU QA 2927 28.02 33.30 17.20
HN1 PSU QA 2927 24.12 35.85 10.65
HN3 PSU QA 2927 22.94 33.05 7.97
H6 PSU QA 2927 25.31 34.31 11.92
H1' PSU QA 2927 24.73 30.91 11.83
H2' PSU QA 2927 26.52 30.92 9.65
HO2' PSU QA 2927 25.68 29.21 10.70
H3' PSU QA 2927 28.02 32.46 10.81
H4' PSU QA 2927 27.51 30.90 13.37
H5' PSU QA 2927 28.15 33.79 12.86
H5'' PSU QA 2927 29.28 32.64 13.55
N1 PSU QA 2948 31.37 17.81 7.23
C2 PSU QA 2948 32.33 18.45 7.95
N3 PSU QA 2948 33.09 17.65 8.76
C4 PSU QA 2948 32.95 16.29 8.92
C5 PSU QA 2948 31.91 15.68 8.13
C6 PSU QA 2948 31.17 16.48 7.32
O2 PSU QA 2948 32.53 19.67 7.88
O4 PSU QA 2948 33.70 15.68 9.68
C1' PSU QA 2948 31.70 14.20 8.27
C2' PSU QA 2948 30.73 13.80 9.38
O2' PSU QA 2948 31.29 12.71 10.10
C3' PSU QA 2948 29.49 13.38 8.59
C4' PSU QA 2948 30.07 12.84 7.29
O3' PSU QA 2948 28.72 12.41 9.27
O4' PSU QA 2948 31.24 13.67 7.05
C5' PSU QA 2948 29.16 12.91 6.09
O5' PSU QA 2948 28.77 14.25 5.82
P PSU QA 2948 28.12 14.65 4.42
OP1 PSU QA 2948 27.03 13.68 4.12
OP2 PSU QA 2948 27.83 16.09 4.44
HN1 PSU QA 2948 30.80 18.36 6.60
HN3 PSU QA 2948 33.80 18.11 9.31
H6 PSU QA 2948 30.37 16.08 6.69
H1' PSU QA 2948 32.69 13.76 8.40
H2' PSU QA 2948 30.56 14.62 10.08
HO2' PSU QA 2948 31.48 12.06 9.39
H3' PSU QA 2948 28.90 14.26 8.38
H4' PSU QA 2948 30.42 11.81 7.38
H5' PSU QA 2948 28.26 12.33 6.30
H5'' PSU QA 2948 29.62 12.50 5.19
P A2M QA 2950 25.59 9.21 12.54
OP1 A2M QA 2950 26.46 8.79 11.44
O5' A2M QA 2950 25.61 8.12 13.70
C5' A2M QA 2950 25.09 8.37 15.01
C4' A2M QA 2950 25.01 7.09 15.80
O4' A2M QA 2950 24.10 6.16 15.18
C3' A2M QA 2950 26.28 6.26 15.91
O3' A2M QA 2950 27.26 6.78 16.80
C2' A2M QA 2950 25.73 4.92 16.39
O2' A2M QA 2950 25.41 4.97 17.77
C1' A2M QA 2950 24.45 4.83 15.56
CM' A2M QA 2950 25.10 3.71 18.35
N9 A2M QA 2950 24.63 4.03 14.35
C8 A2M QA 2950 25.07 4.44 13.13
N7 A2M QA 2950 25.18 3.49 12.24
C5 A2M QA 2950 24.79 2.35 12.94
C6 A2M QA 2950 24.69 1.00 12.58
N6 A2M QA 2950 24.99 0.53 11.36
N1 A2M QA 2950 24.27 0.12 13.51
C2 A2M QA 2950 23.97 0.58 14.73
N3 A2M QA 2950 24.02 1.83 15.19
C4 A2M QA 2950 24.43 2.67 14.24
H5' A2M QA 2950 24.12 8.84 14.96
H5'' A2M QA 2950 25.78 9.09 15.45
H4' A2M QA 2950 24.59 7.27 16.80
H3' A2M QA 2950 26.71 6.13 14.90
H2' A2M QA 2950 26.43 4.12 16.17
H1' A2M QA 2950 23.60 4.43 16.10
HM'1 A2M QA 2950 24.85 3.93 19.38
HM'2 A2M QA 2950 24.25 3.22 17.88
HM'3 A2M QA 2950 25.95 3.01 18.34
H8 A2M QA 2950 25.31 5.49 12.91
OP2 A2M QA 2950 24.18 9.40 12.10
H61 A2M QA 2950 24.90 -0.45 11.14
H62 A2M QA 2950 25.32 1.17 10.63
H2 A2M QA 2950 23.63 -0.19 15.43
N1 OMC QA 2952 29.22 15.52 17.82
C2 OMC QA 2952 29.40 16.84 17.40
N3 OMC QA 2952 28.91 17.21 16.18
C4 OMC QA 2952 28.26 16.32 15.42
C5 OMC QA 2952 28.06 14.97 15.84
C6 OMC QA 2952 28.56 14.63 17.03
O2 OMC QA 2952 30.00 17.62 18.13
N4 OMC QA 2952 27.80 16.73 14.23
C1' OMC QA 2952 29.78 15.11 19.13
C2' OMC QA 2952 28.97 15.64 20.32
O2' OMC QA 2952 29.86 15.87 21.40
CM2 OMC QA 2952 30.67 17.03 21.27
C3' OMC QA 2952 28.05 14.46 20.61
C4' OMC QA 2952 28.91 13.25 20.28
O4' OMC QA 2952 29.77 13.70 19.21
O3' OMC QA 2952 27.58 14.43 21.95
C5' OMC QA 2952 28.16 12.02 19.83
O5' OMC QA 2952 27.31 12.30 18.73
P OMC QA 2952 26.87 11.16 17.70
OP1 OMC QA 2952 25.81 10.36 18.34
OP2 OMC QA 2952 26.57 11.83 16.42
H5 OMC QA 2952 27.52 14.26 15.22
H6 OMC QA 2952 28.44 13.61 17.40
HN41 OMC QA 2952 27.90 17.67 13.92
HN42 OMC QA 2952 27.32 16.08 13.62
H1' OMC QA 2952 30.84 15.37 19.18
H2' OMC QA 2952 28.40 16.54 20.08
HM21 OMC QA 2952 30.01 17.81 20.92
HM22 OMC QA 2952 31.09 17.34 22.22
HM23 OMC QA 2952 31.50 16.92 20.57
H3' OMC QA 2952 27.20 14.50 19.92
H4' OMC QA 2952 29.54 12.97 21.11
H5' OMC QA 2952 27.49 11.69 20.62
H5'' OMC QA 2952 28.81 11.18 19.59
P UR3 QA 2957 15.13 30.28 15.20
OP1 UR3 QA 2957 14.40 31.58 15.15
OP2 UR3 QA 2957 14.95 29.41 16.38
O5' UR3 QA 2957 14.74 29.45 13.91
C5' UR3 QA 2957 15.05 29.92 12.60
C4' UR3 QA 2957 15.11 28.79 11.60
O4' UR3 QA 2957 16.22 27.90 11.92
C1' UR3 QA 2957 15.86 26.57 11.61
N1 UR3 QA 2957 15.88 25.77 12.86
C6 UR3 QA 2957 15.92 26.38 14.10
C2 UR3 QA 2957 15.86 24.40 12.73
O2 UR3 QA 2957 15.80 23.84 11.64
N3 UR3 QA 2957 15.91 23.67 13.91
C3U UR3 QA 2957 15.89 22.22 13.80
C4 UR3 QA 2957 15.97 24.25 15.18
O4 UR3 QA 2957 16.02 23.51 16.17
C5 UR3 QA 2957 15.97 25.67 15.22
C2' UR3 QA 2957 14.49 26.61 10.95
O2' UR3 QA 2957 14.66 26.75 9.55
C3' UR3 QA 2957 13.90 27.88 11.56
O3' UR3 QA 2957 12.82 28.42 10.82
H5' UR3 QA 2957 16.03 30.40 12.66
H5'' UR3 QA 2957 14.32 30.69 12.33
H4' UR3 QA 2957 15.32 29.24 10.62
H1' UR3 QA 2957 16.67 26.20 10.97
H6 UR3 QA 2957 15.92 27.47 14.13
H3U1 UR3 QA 2957 14.88 21.81 13.82
H3U2 UR3 QA 2957 16.42 21.73 14.62
H3U3 UR3 QA 2957 16.37 21.88 12.89
H5 UR3 QA 2957 16.02 26.15 16.20
H2' UR3 QA 2957 13.89 25.73 11.16
HO2' UR3 QA 2957 13.75 26.87 9.19
H3' UR3 QA 2957 13.59 27.67 12.58
N1 PSU QA 2959 8.89 20.19 18.53
C2 PSU QA 2959 8.50 19.58 19.69
N3 PSU QA 2959 7.18 19.20 19.74
C4 PSU QA 2959 6.24 19.39 18.74
C5 PSU QA 2959 6.73 20.05 17.54
C6 PSU QA 2959 8.03 20.41 17.50
O2 PSU QA 2959 9.26 19.39 20.62
O4 PSU QA 2959 5.08 19.00 18.91
C1' PSU QA 2959 5.76 20.34 16.45
C2' PSU QA 2959 4.69 21.35 16.85
O2' PSU QA 2959 3.50 21.10 16.10
C3' PSU QA 2959 5.35 22.65 16.42
C4' PSU QA 2959 6.05 22.26 15.12
O3' PSU QA 2959 4.47 23.75 16.28
O4' PSU QA 2959 6.44 20.87 15.34
C5' PSU QA 2959 7.24 23.08 14.74
O5' PSU QA 2959 8.17 23.16 15.82
P PSU QA 2959 9.35 24.23 15.80
OP1 PSU QA 2959 8.75 25.55 15.52
OP2 PSU QA 2959 10.17 24.03 17.00
HN1 PSU QA 2959 9.85 20.48 18.45
HN3 PSU QA 2959 6.87 18.74 20.57
H6 PSU QA 2959 8.46 20.90 16.63
H1' PSU QA 2959 5.34 19.38 16.11
H2' PSU QA 2959 4.44 21.30 17.90
HO2' PSU QA 2959 3.54 21.77 15.38
H3' PSU QA 2959 6.12 22.88 17.15
H4' PSU QA 2959 5.36 22.27 14.27
H5' PSU QA 2959 6.92 24.09 14.50
H5'' PSU QA 2959 7.77 22.68 13.87
N1 OMC QA 2963 4.70 36.59 23.23
C2 OMC QA 2963 5.64 36.86 22.23
N3 OMC QA 2963 5.61 36.11 21.10
C4 OMC QA 2963 4.72 35.13 20.96
C5 OMC QA 2963 3.77 34.83 21.97
C6 OMC QA 2963 3.80 35.58 23.08
O2 OMC QA 2963 6.44 37.79 22.39
N4 OMC QA 2963 4.74 34.42 19.82
C1' OMC QA 2963 4.73 37.42 24.46
C2' OMC QA 2963 3.96 38.73 24.29
O2' OMC QA 2963 4.54 39.72 25.12
CM2 OMC QA 2963 5.70 40.33 24.57
C3' OMC QA 2963 2.59 38.34 24.81
C4' OMC QA 2963 2.94 37.44 25.99
O4' OMC QA 2963 4.11 36.71 25.52
O3' OMC QA 2963 1.77 39.43 25.17
C5' OMC QA 2963 1.88 36.48 26.45
O5' OMC QA 2963 1.34 35.75 25.36
P OMC QA 2963 0.22 34.64 25.60
OP1 OMC QA 2963 -0.91 35.26 26.30
OP2 OMC QA 2963 0.00 33.99 24.29
H5 OMC QA 2963 3.04 34.02 21.85
H6 OMC QA 2963 3.09 35.42 23.89
HN41 OMC QA 2963 5.41 34.60 19.08
HN42 OMC QA 2963 4.07 33.67 19.67
H1' OMC QA 2963 5.75 37.57 24.80
H2' OMC QA 2963 3.91 39.08 23.25
HM21 OMC QA 2963 5.39 41.35 24.37
HM22 OMC QA 2963 6.51 40.37 25.29
HM23 OMC QA 2963 6.08 39.89 23.65
H3' OMC QA 2963 2.09 37.73 24.06
H4' OMC QA 2963 3.26 38.03 26.85
H5' OMC QA 2963 1.04 37.04 26.86
H5'' OMC QA 2963 2.22 35.79 27.21
N1 PSU QA 2979 11.74 32.44 21.54
C2 PSU QA 2979 10.69 31.59 21.35
N3 PSU QA 2979 10.02 31.23 22.49
C4 PSU QA 2979 10.30 31.65 23.78
C5 PSU QA 2979 11.44 32.55 23.90
C6 PSU QA 2979 12.10 32.90 22.76
O2 PSU QA 2979 10.37 31.15 20.25
O4 PSU QA 2979 9.62 31.26 24.72
C1' PSU QA 2979 11.85 33.01 25.26
C2' PSU QA 2979 12.70 31.98 26.01
O2' PSU QA 2979 12.48 32.12 27.39
C3' PSU QA 2979 14.10 32.45 25.63
C4' PSU QA 2979 13.94 33.96 25.67
O3' PSU QA 2979 15.12 31.96 26.47
O4' PSU QA 2979 12.61 34.19 25.15
C5' PSU QA 2979 14.95 34.76 24.89
O5' PSU QA 2979 14.97 34.38 23.51
P PSU QA 2979 15.60 35.34 22.42
OP1 PSU QA 2979 16.90 35.83 22.94
OP2 PSU QA 2979 15.57 34.62 21.12
HN1 PSU QA 2979 12.26 32.74 20.72
HN3 PSU QA 2979 9.24 30.61 22.37
H6 PSU QA 2979 12.94 33.58 22.78
H1' PSU QA 2979 10.94 33.28 25.81
H2' PSU QA 2979 12.47 30.96 25.72
HO2' PSU QA 2979 11.53 31.83 27.46
H3' PSU QA 2979 14.30 32.16 24.60
H4' PSU QA 2979 13.97 34.33 26.70
H5' PSU QA 2979 15.95 34.58 25.29
H5'' PSU QA 2979 14.76 35.83 24.93
N1 PSU QA 2996 47.31 -13.43 13.88
C2 PSU QA 2996 46.46 -14.11 13.06
N3 PSU QA 2996 45.86 -15.21 13.62
C4 PSU QA 2996 46.04 -15.67 14.90
C5 PSU QA 2996 46.97 -14.91 15.70
C6 PSU QA 2996 47.55 -13.82 15.16
O2 PSU QA 2996 46.24 -13.77 11.90
O4 PSU QA 2996 45.45 -16.68 15.28
C1' PSU QA 2996 47.25 -15.37 17.11
C2' PSU QA 2996 48.01 -16.69 17.17
O2' PSU QA 2996 47.69 -17.34 18.40
C3' PSU QA 2996 49.45 -16.19 17.18
C4' PSU QA 2996 49.36 -14.94 18.04
O3' PSU QA 2996 50.37 -17.14 17.68
O4' PSU QA 2996 48.04 -14.40 17.77
C5' PSU QA 2996 50.40 -13.88 17.76
O5' PSU QA 2996 50.11 -12.70 18.47
P PSU QA 2996 50.96 -11.37 18.27
OP1 PSU QA 2996 52.14 -11.44 19.16
OP2 PSU QA 2996 51.16 -11.15 16.83
HN1 PSU QA 2996 47.77 -12.60 13.52
HN3 PSU QA 2996 45.22 -15.70 13.02
H6 PSU QA 2996 48.25 -13.20 15.71
H1' PSU QA 2996 46.31 -15.40 17.65
H2' PSU QA 2996 47.75 -17.35 16.36
HO2' PSU QA 2996 46.72 -17.52 18.27
H3' PSU QA 2996 49.72 -15.90 16.16
H4' PSU QA 2996 49.41 -15.17 19.10
H5' PSU QA 2996 50.39 -13.63 16.70
H5'' PSU QA 2996 51.41 -14.20 18.01
N1 PSU QA 3114 75.67 24.81 -30.81
C2 PSU QA 3114 74.51 24.21 -31.21
N3 PSU QA 3114 74.65 22.91 -31.64
C4 PSU QA 3114 75.83 22.20 -31.71
C5 PSU QA 3114 77.02 22.91 -31.28
C6 PSU QA 3114 76.87 24.18 -30.85
O2 PSU QA 3114 73.42 24.77 -31.20
O4 PSU QA 3114 75.83 21.04 -32.12
C1' PSU QA 3114 78.34 22.21 -31.38
C2' PSU QA 3114 78.86 22.18 -32.81
O2' PSU QA 3114 79.65 21.00 -32.99
C3' PSU QA 3114 79.72 23.43 -32.83
C4' PSU QA 3114 80.35 23.42 -31.44
O3' PSU QA 3114 80.67 23.47 -33.88
O4' PSU QA 3114 79.29 22.89 -30.60
C5' PSU QA 3114 80.83 24.74 -30.91
O5' PSU QA 3114 79.77 25.70 -30.90
P PSU QA 3114 79.76 26.87 -29.82
OP1 PSU QA 3114 81.03 27.62 -29.95
OP2 PSU QA 3114 78.47 27.59 -29.95
HN1 PSU QA 3114 75.62 25.76 -30.48
HN3 PSU QA 3114 73.81 22.45 -31.94
H6 PSU QA 3114 77.71 24.77 -30.49
H1' PSU QA 3114 78.23 21.23 -30.94
H2' PSU QA 3114 78.07 22.16 -33.55
HO2' PSU QA 3114 80.11 20.93 -32.11
H3' PSU QA 3114 79.06 24.30 -32.90
H4' PSU QA 3114 81.19 22.72 -31.38
H5' PSU QA 3114 81.61 25.12 -31.56
H5'' PSU QA 3114 81.23 24.66 -29.91
N1 OMU QA 3305 60.77 -12.82 26.85
C2 OMU QA 3305 60.59 -12.80 28.22
N3 OMU QA 3305 59.67 -13.69 28.70
C4 OMU QA 3305 58.93 -14.59 27.98
C5 OMU QA 3305 59.16 -14.56 26.56
C6 OMU QA 3305 60.06 -13.69 26.06
O2 OMU QA 3305 61.21 -12.04 28.96
O4 OMU QA 3305 58.12 -15.33 28.56
C1' OMU QA 3305 61.73 -11.85 26.27
C2' OMU QA 3305 63.17 -12.39 26.27
O2' OMU QA 3305 64.05 -11.29 26.47
CM2 OMU QA 3305 64.25 -10.94 27.83
C3' OMU QA 3305 63.28 -12.92 24.85
C4' OMU QA 3305 62.45 -11.95 24.04
O3' OMU QA 3305 64.62 -13.01 24.38
O4' OMU QA 3305 61.35 -11.59 24.94
C5' OMU QA 3305 61.89 -12.49 22.75
O5' OMU QA 3305 61.35 -13.79 22.94
P OMU QA 3305 60.65 -14.57 21.74
OP1 OMU QA 3305 61.62 -14.65 20.63
OP2 OMU QA 3305 60.07 -15.81 22.31
HN3 OMU QA 3305 59.51 -13.67 29.70
H5 OMU QA 3305 58.60 -15.25 25.93
H6 OMU QA 3305 60.27 -13.64 24.99
H1' OMU QA 3305 61.62 -10.90 26.78
H2' OMU QA 3305 63.32 -13.14 27.03
HM21 OMU QA 3305 64.79 -11.79 28.24
HM22 OMU QA 3305 64.83 -10.03 27.96
HM23 OMU QA 3305 63.30 -10.85 28.37
H3' OMU QA 3305 62.82 -13.90 24.82
H4' OMU QA 3305 63.00 -11.04 23.82
H5' OMU QA 3305 62.72 -12.62 22.05
H5'' OMU QA 3305 61.15 -11.84 22.29
N1 PSU SA 23 -0.28 -35.92 9.37
C2 PSU SA 23 -0.14 -37.18 9.88
N3 PSU SA 23 0.20 -38.14 8.97
C4 PSU SA 23 0.38 -37.96 7.62
C5 PSU SA 23 0.21 -36.60 7.14
C6 PSU SA 23 -0.11 -35.66 8.04
O2 PSU SA 23 -0.29 -37.43 11.08
O4 PSU SA 23 0.68 -38.92 6.91
C1' PSU SA 23 0.38 -36.35 5.68
C2' PSU SA 23 -0.79 -36.87 4.84
O2' PSU SA 23 -0.29 -37.25 3.57
C3' PSU SA 23 -1.67 -35.64 4.74
C4' PSU SA 23 -0.66 -34.51 4.65
O3' PSU SA 23 -2.57 -35.66 3.64
O4' PSU SA 23 0.46 -34.96 5.46
C5' PSU SA 23 -1.14 -33.16 5.14
O5' PSU SA 23 -1.63 -33.23 6.46
P PSU SA 23 -2.02 -31.92 7.28
OP1 PSU SA 23 -2.94 -31.13 6.46
OP2 PSU SA 23 -2.43 -32.35 8.64
HN1 PSU SA 23 -0.51 -35.17 10.00
HN3 PSU SA 23 0.30 -39.08 9.33
H6 PSU SA 23 -0.25 -34.61 7.76
H1' PSU SA 23 1.34 -36.75 5.38
H2' PSU SA 23 -1.26 -37.74 5.29
HO2' PSU SA 23 0.32 -36.52 3.34
H3' PSU SA 23 -2.22 -35.53 5.67
H4' PSU SA 23 -0.29 -34.37 3.64
H5' PSU SA 23 -1.96 -32.82 4.51
H5'' PSU SA 23 -0.36 -32.39 5.10
P A2M SA 48 -25.13 -19.90 37.88
OP1 A2M SA 48 -23.88 -20.13 37.10
O5' A2M SA 48 -24.84 -19.06 39.20
C5' A2M SA 48 -24.25 -17.76 39.23
C4' A2M SA 48 -24.27 -17.20 40.63
O4' A2M SA 48 -25.63 -17.13 41.12
C3' A2M SA 48 -23.56 -18.02 41.69
O3' A2M SA 48 -22.15 -17.87 41.66
C2' A2M SA 48 -24.18 -17.46 42.97
O2' A2M SA 48 -23.63 -16.19 43.29
C1' A2M SA 48 -25.64 -17.31 42.54
CM' A2M SA 48 -23.99 -15.69 44.56
N9 A2M SA 48 -26.44 -18.48 42.85
C8 A2M SA 48 -26.96 -19.39 41.96
N7 A2M SA 48 -27.63 -20.36 42.53
C5 A2M SA 48 -27.53 -20.08 43.89
C6 A2M SA 48 -28.01 -20.75 45.04
N6 A2M SA 48 -28.72 -21.88 45.00
N1 A2M SA 48 -27.73 -20.20 46.24
C2 A2M SA 48 -27.03 -19.07 46.29
N3 A2M SA 48 -26.52 -18.36 45.27
C4 A2M SA 48 -26.81 -18.92 44.10
H5' A2M SA 48 -24.77 -17.08 38.54
H5'' A2M SA 48 -23.24 -17.90 38.85
H4' A2M SA 48 -23.92 -16.17 40.63
H3' A2M SA 48 -23.84 -19.06 41.58
H2' A2M SA 48 -24.04 -18.17 43.80
H1' A2M SA 48 -26.15 -16.45 42.95
HM'1 A2M SA 48 -23.48 -14.73 44.63
HM'2 A2M SA 48 -25.07 -15.52 44.66
HM'3 A2M SA 48 -23.67 -16.32 45.38
H8 A2M SA 48 -26.84 -19.32 40.89
OP2 A2M SA 48 -25.71 -21.21 38.27
H61 A2M SA 48 -29.06 -22.34 45.84
H62 A2M SA 48 -28.95 -22.30 44.11
H2 A2M SA 48 -26.84 -18.69 47.29
N1 PSU SA 79 -16.92 -54.39 38.14
C2 PSU SA 79 -16.20 -55.54 38.15
N3 PSU SA 79 -15.06 -55.49 38.92
C4 PSU SA 79 -14.60 -54.42 39.65
C5 PSU SA 79 -15.43 -53.22 39.58
C6 PSU SA 79 -16.55 -53.27 38.82
O2 PSU SA 79 -16.53 -56.54 37.53
O4 PSU SA 79 -13.57 -54.51 40.29
C1' PSU SA 79 -14.98 -52.02 40.33
C2' PSU SA 79 -13.82 -51.28 39.66
O2' PSU SA 79 -13.02 -50.68 40.67
C3' PSU SA 79 -14.57 -50.22 38.86
C4' PSU SA 79 -15.70 -49.84 39.80
O3' PSU SA 79 -13.77 -49.11 38.47
O4' PSU SA 79 -16.05 -51.10 40.44
C5' PSU SA 79 -16.92 -49.24 39.16
O5' PSU SA 79 -17.43 -50.07 38.12
P PSU SA 79 -18.87 -49.80 37.50
OP1 PSU SA 79 -18.92 -48.40 37.03
OP2 PSU SA 79 -19.16 -50.90 36.55
HN1 PSU SA 79 -17.78 -54.36 37.59
HN3 PSU SA 79 -14.50 -56.34 38.94
H6 PSU SA 79 -17.21 -52.41 38.73
H1' PSU SA 79 -14.75 -52.32 41.35
H2' PSU SA 79 -13.18 -51.94 39.08
HO2' PSU SA 79 -12.72 -51.47 41.19
H3' PSU SA 79 -14.99 -50.70 37.98
H4' PSU SA 79 -15.37 -49.17 40.58
H5' PSU SA 79 -16.65 -48.28 38.71
H5'' PSU SA 79 -17.72 -49.05 39.87
P OMG SA 80 -12.57 -49.32 37.42
OP1 OMG SA 80 -12.17 -47.97 36.92
OP2 OMG SA 80 -12.97 -50.35 36.46
O5' OMG SA 80 -11.38 -49.89 38.32
C5' OMG SA 80 -10.06 -49.98 37.81
C4' OMG SA 80 -9.05 -49.49 38.82
O4' OMG SA 80 -9.26 -48.09 39.06
C3' OMG SA 80 -9.14 -50.13 40.20
O3' OMG SA 80 -8.49 -51.39 40.26
C2' OMG SA 80 -8.51 -49.07 41.09
O2' OMG SA 80 -7.10 -49.11 41.01
CM2 OMG SA 80 -6.42 -48.30 41.96
C1' OMG SA 80 -9.02 -47.79 40.42
N9 OMG SA 80 -10.27 -47.32 41.04
C8 OMG SA 80 -11.51 -47.21 40.45
N7 OMG SA 80 -12.42 -46.76 41.27
C5 OMG SA 80 -11.75 -46.57 42.47
C6 OMG SA 80 -12.22 -46.10 43.73
O6 OMG SA 80 -13.35 -45.76 44.03
N1 OMG SA 80 -11.20 -46.07 44.68
C2 OMG SA 80 -9.90 -46.44 44.45
N2 OMG SA 80 -9.06 -46.33 45.47
N3 OMG SA 80 -9.46 -46.87 43.27
C4 OMG SA 80 -10.43 -46.90 42.33
H5' OMG SA 80 -9.99 -49.47 36.85
H5'' OMG SA 80 -9.91 -51.05 37.62
H4' OMG SA 80 -8.08 -49.61 38.35
H3' OMG SA 80 -10.18 -50.24 40.47
H2' OMG SA 80 -8.73 -49.17 42.15
HM21 OMG SA 80 -6.78 -48.67 42.93
HM22 OMG SA 80 -5.34 -48.39 41.98
HM23 OMG SA 80 -6.69 -47.25 41.88
H1' OMG SA 80 -8.32 -46.95 40.45
H8 OMG SA 80 -11.68 -47.46 39.40
HN1 OMG SA 80 -11.47 -45.76 45.60
HN21 OMG SA 80 -9.32 -46.02 46.40
HN22 OMG SA 80 -8.08 -46.58 45.35
K K TA . -11.76 26.85 43.29
K K UA . -10.38 35.45 21.68
K K VA . 41.31 19.59 22.72
MG MG WA . 43.68 23.06 3.39
MG MG XA . 11.44 -18.78 -47.83
K K YA . 35.30 36.04 -38.05
MG MG ZA . 11.84 28.47 -31.29
K K AB . -39.83 -22.84 5.08
K K BB . -25.70 -7.05 -23.40
MG MG CB . -26.98 -2.98 3.33
MG MG DB . 15.79 -7.41 32.39
MG MG EB . 19.15 25.92 71.57
MG MG FB . 40.12 26.45 17.67
K K GB . -20.23 17.12 95.38
MG MG HB . -24.95 0.82 49.53
ZN ZN IB . -24.59 -9.04 40.10
ZN ZN JB . 57.51 32.11 -27.34
K K KB . -39.60 17.87 5.42
ZN ZN LB . -56.85 35.66 -37.10
ZN ZN MB . -17.84 45.51 81.07
K K NB . -10.87 -22.55 18.28
K K OB . -12.83 2.31 -21.51
K K PB . 55.57 12.21 22.65
K K QB . -2.20 -4.70 57.23
K K RB . 11.72 31.34 38.16
K K SB . -4.20 -12.72 82.99
K K TB . 58.50 11.23 39.73
K K UB . 28.59 4.75 -11.90
K K VB . -15.05 -37.29 -10.69
K K WB . 9.29 -44.09 -6.81
K K XB . -26.48 29.26 16.57
K K YB . -4.41 -13.06 67.24
K K ZB . -15.38 -46.37 -8.40
K K AC . -75.23 6.61 1.61
K K BC . 8.38 35.66 -56.79
K K CC . 9.12 -2.46 46.01
K K DC . 50.18 23.65 -42.49
K K EC . -9.72 8.62 -8.94
K K FC . -37.79 29.27 18.34
K K GC . -8.10 0.00 83.49
K K HC . 66.99 13.01 67.84
K K IC . -80.44 -2.48 19.49
K K JC . 61.03 8.52 72.03
K K KC . -54.71 33.92 31.65
K K LC . 31.18 -18.17 30.82
K K MC . -26.71 -1.44 60.63
K K NC . -8.39 35.89 36.80
K K OC . -74.04 -21.22 50.00
K K PC . -29.25 9.95 16.07
K K QC . 31.27 -34.02 4.93
K K RC . 27.45 -39.33 -49.29
K K SC . 35.93 -20.73 -70.50
K K TC . 13.34 -5.34 -1.94
K K UC . 30.24 -25.43 -16.03
K K VC . -51.06 11.67 -29.07
K K WC . 13.93 19.54 51.35
K K XC . 34.42 20.77 5.79
K K YC . -20.41 -56.41 11.83
K K ZC . 4.06 -48.90 15.40
K K AD . 23.75 -36.02 7.08
K K BD . -11.45 -10.24 -18.23
K K CD . -32.09 11.75 5.02
K K DD . 6.72 30.16 49.99
K K ED . 13.77 24.94 30.98
K K FD . -16.14 3.60 65.03
K K GD . 34.43 32.78 27.59
K K HD . -22.90 52.99 18.00
K K ID . -19.07 54.36 17.15
K K JD . 10.73 10.95 0.58
K K KD . -6.61 30.59 -32.44
K K LD . -30.04 48.75 -56.23
K K MD . 28.37 30.19 -17.99
K K ND . 50.85 33.59 14.01
K K OD . -20.36 -9.91 -7.91
K K PD . -21.07 20.47 24.15
K K QD . 7.41 46.56 -51.42
K K RD . -51.58 -20.25 -21.87
K K SD . -34.07 31.77 41.38
K K TD . -9.98 16.06 16.71
K K UD . -19.18 21.50 -15.49
K K VD . -17.45 11.11 23.55
K K WD . -17.55 -8.93 71.58
K K XD . 4.46 -2.36 -6.61
K K YD . 7.67 3.27 -6.88
K K ZD . -8.54 15.51 54.28
K K AE . 28.15 -56.48 -26.10
K K BE . -54.78 -29.07 -12.57
K K CE . 0.29 24.56 75.37
K K DE . 39.60 1.17 31.62
K K EE . -15.75 63.67 -59.43
K K FE . 27.93 6.32 12.38
K K GE . 66.81 -27.58 8.08
K K HE . 68.68 -49.77 -35.47
K K IE . -5.51 -36.12 9.32
K K JE . -50.64 12.74 6.63
K K KE . -14.97 15.53 66.77
K K LE . -13.04 46.07 29.88
K K ME . 37.11 -13.96 22.98
K K NE . 61.92 3.25 -0.68
N1 SPM OE . 6.93 -4.88 -28.69
C2 SPM OE . 6.77 -4.21 -29.98
C3 SPM OE . 5.70 -4.93 -30.80
C4 SPM OE . 5.57 -4.24 -32.16
N5 SPM OE . 4.54 -4.93 -32.96
C6 SPM OE . 4.60 -4.45 -34.35
C7 SPM OE . 4.02 -3.04 -34.46
C8 SPM OE . 4.00 -2.62 -35.92
C9 SPM OE . 3.07 -1.42 -36.10
N10 SPM OE . 3.80 -0.17 -35.87
C11 SPM OE . 2.83 0.92 -35.64
C12 SPM OE . 3.59 2.19 -35.24
C13 SPM OE . 4.27 1.97 -33.89
N14 SPM OE . 4.63 3.28 -33.32
HN11 SPM OE . 7.57 -4.33 -28.09
HN12 SPM OE . 7.33 -5.83 -28.84
H21 SPM OE . 6.47 -3.18 -29.82
H22 SPM OE . 7.72 -4.23 -30.52
H31 SPM OE . 6.00 -5.97 -30.94
H32 SPM OE . 4.75 -4.89 -30.27
H41 SPM OE . 5.29 -3.21 -32.01
H42 SPM OE . 6.53 -4.29 -32.68
HN5 SPM OE . 3.60 -4.71 -32.56
H61 SPM OE . 5.64 -4.45 -34.69
H62 SPM OE . 4.02 -5.13 -34.98
H71 SPM OE . 3.01 -3.04 -34.06
H72 SPM OE . 4.64 -2.35 -33.89
H81 SPM OE . 5.01 -2.34 -36.23
H82 SPM OE . 3.65 -3.44 -36.54
H91 SPM OE . 2.67 -1.42 -37.11
H92 SPM OE . 2.25 -1.50 -35.38
HN0 SPM OE . 4.36 0.06 -36.71
H111 SPM OE . 2.27 1.11 -36.55
H112 SPM OE . 2.15 0.65 -34.83
H121 SPM OE . 2.89 3.02 -35.17
H122 SPM OE . 4.34 2.41 -36.00
H131 SPM OE . 3.58 1.46 -33.22
H132 SPM OE . 5.17 1.38 -34.03
HN41 SPM OE . 3.77 3.82 -33.10
HN42 SPM OE . 5.22 3.81 -34.00
N1 SPM PE . -39.02 3.66 5.74
C2 SPM PE . -38.45 5.01 5.73
C3 SPM PE . -39.21 5.90 6.72
C4 SPM PE . -38.56 7.28 6.78
N5 SPM PE . -38.56 7.91 5.45
C6 SPM PE . -39.93 8.21 5.03
C7 SPM PE . -39.92 9.29 3.95
C8 SPM PE . -41.33 9.48 3.40
C9 SPM PE . -41.29 10.46 2.23
N10 SPM PE . -42.63 10.55 1.62
C11 SPM PE . -42.55 11.35 0.39
C12 SPM PE . -43.87 11.25 -0.37
C13 SPM PE . -44.95 12.04 0.38
N14 SPM PE . -46.27 11.72 -0.19
HN11 SPM PE . -39.98 3.70 5.34
HN12 SPM PE . -39.05 3.30 6.71
H21 SPM PE . -37.39 4.97 6.03
H22 SPM PE . -38.52 5.44 4.73
H31 SPM PE . -40.24 5.99 6.41
H32 SPM PE . -39.17 5.44 7.71
H41 SPM PE . -39.11 7.91 7.48
H42 SPM PE . -37.53 7.18 7.13
HN5 SPM PE . -38.00 8.78 5.47
H61 SPM PE . -40.40 7.31 4.63
H62 SPM PE . -40.51 8.56 5.89
H71 SPM PE . -39.57 10.23 4.38
H72 SPM PE . -39.25 8.99 3.14
H81 SPM PE . -41.71 8.51 3.06
H82 SPM PE . -41.98 9.86 4.18
H91 SPM PE . -40.98 11.44 2.59
H92 SPM PE . -40.57 10.11 1.49
HN0 SPM PE . -42.97 9.60 1.40
H111 SPM PE . -42.35 12.39 0.64
H112 SPM PE . -41.74 10.97 -0.24
H121 SPM PE . -44.17 10.20 -0.44
H122 SPM PE . -43.75 11.67 -1.37
H131 SPM PE . -44.93 11.77 1.43
H132 SPM PE . -44.76 13.10 0.27
HN41 SPM PE . -46.52 10.74 0.03
HN42 SPM PE . -46.24 11.84 -1.23
N1 SPD QE . -24.67 14.33 -7.81
C2 SPD QE . -25.92 15.07 -7.72
C3 SPD QE . -26.94 14.44 -8.66
C4 SPD QE . -28.13 15.39 -8.77
C5 SPD QE . -29.15 14.73 -9.69
N6 SPD QE . -30.28 15.62 -9.99
C7 SPD QE . -31.26 14.95 -10.85
C8 SPD QE . -32.48 15.81 -11.11
C9 SPD QE . -33.39 15.06 -12.09
N10 SPD QE . -34.59 15.86 -12.31
HN11 SPD QE . -24.74 13.39 -7.45
HN12 SPD QE . -24.28 14.32 -8.73
H21 SPD QE . -26.36 15.15 -6.69
H22 SPD QE . -25.73 16.14 -8.01
H31 SPD QE . -26.50 14.24 -9.65
H32 SPD QE . -27.29 13.46 -8.29
H41 SPD QE . -28.56 15.61 -7.78
H42 SPD QE . -27.82 16.37 -9.18
H51 SPD QE . -28.68 14.45 -10.65
H52 SPD QE . -29.47 13.74 -9.26
HN6 SPD QE . -29.94 16.49 -10.42
H71 SPD QE . -30.75 14.69 -11.81
H72 SPD QE . -31.58 13.94 -10.45
H81 SPD QE . -32.17 16.80 -11.52
H82 SPD QE . -33.01 16.05 -10.17
H91 SPD QE . -32.87 14.90 -13.06
H92 SPD QE . -33.58 14.03 -11.71
H101 SPD QE . -35.06 15.62 -13.17
H102 SPD QE . -34.40 16.86 -12.29
N1 SPM RE . -21.18 -0.41 59.60
C2 SPM RE . -20.75 -1.31 58.51
C3 SPM RE . -19.94 -2.46 59.11
C4 SPM RE . -19.43 -3.36 57.97
N5 SPM RE . -18.67 -4.48 58.54
C6 SPM RE . -17.27 -4.09 58.74
C7 SPM RE . -16.52 -4.19 57.42
C8 SPM RE . -15.86 -2.85 57.11
C9 SPM RE . -14.93 -2.99 55.90
N10 SPM RE . -14.52 -1.66 55.46
C11 SPM RE . -13.27 -1.75 54.70
C12 SPM RE . -12.91 -0.36 54.16
C13 SPM RE . -11.54 -0.42 53.48
N14 SPM RE . -11.26 0.88 52.85
HN11 SPM RE . -21.65 0.41 59.19
HN12 SPM RE . -21.84 -0.92 60.22
H21 SPM RE . -21.62 -1.71 58.00
H22 SPM RE . -20.14 -0.76 57.80
H31 SPM RE . -19.08 -2.05 59.66
H32 SPM RE . -20.55 -3.04 59.78
H41 SPM RE . -20.28 -3.74 57.42
H42 SPM RE . -18.80 -2.78 57.31
HN5 SPM RE . -19.09 -4.77 59.44
H61 SPM RE . -17.22 -3.06 59.10
H62 SPM RE . -16.81 -4.75 59.48
H71 SPM RE . -15.75 -4.96 57.50
H72 SPM RE . -17.21 -4.44 56.62
H81 SPM RE . -16.63 -2.10 56.90
H82 SPM RE . -15.27 -2.52 57.98
H91 SPM RE . -14.06 -3.57 56.20
H92 SPM RE . -15.46 -3.50 55.11
HN0 SPM RE . -15.27 -1.25 54.85
H111 SPM RE . -12.47 -2.10 55.35
H112 SPM RE . -13.40 -2.44 53.86
H121 SPM RE . -12.86 0.34 54.99
H122 SPM RE . -13.67 -0.04 53.45
H131 SPM RE . -10.78 -0.66 54.21
H132 SPM RE . -11.56 -1.20 52.71
HN41 SPM RE . -11.99 1.09 52.15
HN42 SPM RE . -11.26 1.61 53.58
MG MG SE . -66.54 -5.32 15.23
MG MG TE . -62.37 -19.61 -4.25
MG MG UE . -58.87 -14.68 -3.52
MG MG VE . -62.86 -12.11 2.26
MG MG WE . -53.27 -10.00 1.39
MG MG XE . -88.56 -15.28 20.57
MG MG YE . -90.96 -12.69 16.65
MG MG ZE . -17.25 -68.77 2.56
MG MG AF . -11.35 9.63 -1.07
MG MG BF . -72.70 -0.70 16.39
MG MG CF . -48.64 17.83 6.93
MG MG DF . -38.79 -26.08 17.33
MG MG EF . -10.10 -10.99 36.53
MG MG FF . 15.54 -33.06 6.87
MG MG GF . -31.35 -19.62 -25.60
MG MG HF . -53.77 5.69 -42.51
MG MG IF . -58.30 8.04 -33.00
MG MG JF . -4.70 22.42 40.51
MG MG KF . 14.22 38.41 72.15
MG MG LF . 3.21 33.27 63.23
MG MG MF . 2.14 19.12 38.10
MG MG NF . 16.38 22.64 29.72
MG MG OF . -54.89 -12.17 56.55
MG MG PF . -42.17 7.60 14.92
MG MG QF . -17.86 6.93 -3.10
MG MG RF . -22.49 9.53 -1.07
MG MG SF . -18.92 11.94 2.60
MG MG TF . -39.52 2.05 2.20
MG MG UF . -34.51 -4.76 18.37
MG MG VF . -43.47 -11.12 31.63
MG MG WF . -55.96 -15.01 19.78
MG MG XF . -59.15 -10.86 19.72
MG MG YF . -45.44 -9.49 -16.26
MG MG ZF . -30.39 -63.29 16.12
MG MG AG . -43.06 23.15 10.30
MG MG BG . -51.76 -24.09 14.08
MG MG CG . -16.87 -30.10 0.47
MG MG DG . -13.84 -21.81 11.29
MG MG EG . -11.63 -26.11 16.63
MG MG FG . -2.55 -6.77 36.62
MG MG GG . 4.84 -42.42 16.72
MG MG HG . 6.29 26.75 19.27
MG MG IG . -2.66 25.71 22.27
MG MG JG . -3.59 28.85 26.53
MG MG KG . 2.40 -14.92 -7.40
MG MG LG . -14.31 -7.83 1.78
MG MG MG . -13.18 -3.36 7.84
MG MG NG . 2.80 6.28 2.74
MG MG OG . 13.71 3.41 0.98
MG MG PG . 22.49 6.50 6.22
MG MG QG . 27.53 9.36 9.74
MG MG RG . 26.56 17.57 3.88
MG MG SG . 17.15 5.18 7.86
MG MG TG . 22.42 11.57 15.93
MG MG UG . 21.09 3.52 -8.05
MG MG VG . 11.79 -6.46 -11.29
MG MG WG . 8.87 -4.94 -18.77
MG MG XG . -4.68 4.91 -15.20
MG MG YG . -3.58 11.02 -21.03
MG MG ZG . 1.12 7.39 7.63
MG MG AH . -1.17 3.83 -9.11
MG MG BH . 8.91 7.14 -11.74
MG MG CH . 9.44 11.91 -10.88
MG MG DH . 0.77 -13.52 -33.87
MG MG EH . 3.24 -17.67 -30.77
MG MG FH . -1.18 -13.60 -20.03
MG MG GH . -45.76 -21.06 28.62
MG MG HH . -21.45 12.24 9.09
MG MG IH . -20.83 24.01 13.31
MG MG JH . -64.12 8.66 -8.54
MG MG KH . -1.53 -25.63 0.59
MG MG LH . 33.74 -19.58 -47.54
MG MG MH . -81.69 -6.62 31.68
MG MG NH . 23.39 -23.17 -38.19
MG MG OH . 30.92 2.38 -26.95
MG MG PH . 42.50 -16.23 -32.94
MG MG QH . 17.20 -1.13 -38.90
MG MG RH . 8.02 31.40 54.06
MG MG SH . 12.44 29.60 52.17
MG MG TH . 6.00 35.69 39.26
MG MG UH . 10.72 20.47 33.07
MG MG VH . 6.37 17.98 30.43
MG MG WH . -8.16 43.55 14.99
MG MG XH . -2.64 49.23 39.49
MG MG YH . -0.91 47.38 21.27
MG MG ZH . 11.89 -36.35 -20.73
MG MG AI . -19.13 20.95 -19.36
MG MG BI . -11.69 14.24 -8.94
MG MG CI . -0.15 19.27 -45.25
MG MG DI . -4.50 22.34 -43.83
MG MG EI . -1.51 29.02 -44.47
MG MG FI . 31.79 -0.86 62.90
MG MG GI . 28.12 2.61 60.79
MG MG HI . 26.84 4.93 55.84
MG MG II . 4.37 1.28 -1.99
MG MG JI . 11.83 -6.69 4.40
MG MG KI . 3.72 -21.30 1.44
MG MG LI . -10.38 -22.06 -1.86
MG MG MI . -1.26 -11.63 65.49
MG MG NI . 2.10 -14.17 67.27
MG MG OI . 8.58 -20.53 56.35
MG MG PI . 19.37 -21.44 38.89
MG MG QI . 27.12 -4.04 45.72
MG MG RI . 2.67 -24.67 48.35
MG MG SI . -14.19 -15.39 68.76
MG MG TI . 1.50 -9.15 42.96
MG MG UI . 6.46 -2.96 33.75
MG MG VI . 46.68 24.27 36.72
MG MG WI . -1.37 50.31 17.02
MG MG XI . 14.00 -45.47 -44.32
MG MG YI . 25.08 14.98 25.62
MG MG ZI . 20.28 13.40 29.10
MG MG AJ . 27.34 25.79 36.73
MG MG BJ . 10.43 32.15 -47.43
MG MG CJ . 30.23 -12.12 27.56
MG MG DJ . 33.07 -9.66 23.88
MG MG EJ . -13.17 5.14 66.83
MG MG FJ . -25.45 2.55 60.86
MG MG GJ . 49.54 26.54 40.55
MG MG HJ . 35.47 33.91 23.79
MG MG IJ . 36.77 30.64 19.53
MG MG JJ . 30.10 35.05 20.94
MG MG KJ . 31.22 39.39 25.00
MG MG LJ . 22.52 44.21 45.98
MG MG MJ . -9.04 54.98 26.93
MG MG NJ . -44.98 46.43 16.20
MG MG OJ . 3.35 61.77 20.07
MG MG PJ . 11.51 53.03 17.41
MG MG QJ . 18.91 51.13 23.55
MG MG RJ . 11.60 -4.54 11.10
MG MG SJ . -13.82 21.88 8.61
MG MG TJ . -17.27 29.01 20.83
MG MG UJ . -59.30 41.68 45.64
MG MG VJ . -32.99 46.54 -62.79
MG MG WJ . 28.95 34.64 -18.11
MG MG XJ . 65.65 44.23 -7.06
MG MG YJ . 17.61 25.18 20.18
MG MG ZJ . 24.07 1.22 26.16
MG MG AK . 72.82 16.75 -17.51
MG MG BK . 65.94 22.65 -24.46
MG MG CK . -21.79 18.82 -14.00
MG MG DK . -16.41 17.20 8.07
MG MG EK . -11.10 9.37 44.82
MG MG FK . 16.05 13.35 39.48
MG MG GK . -11.79 -0.05 -14.68
MG MG HK . 59.64 17.28 23.66
MG MG IK . 7.67 14.89 -18.44
MG MG JK . -27.64 35.46 -44.43
MG MG KK . -26.14 57.22 16.74
MG MG LK . -41.92 -54.87 14.30
MG MG MK . 10.05 -19.08 -39.91
MG MG NK . 5.47 -49.95 -3.38
MG MG OK . 47.11 6.95 72.58
MG MG PK . 66.18 -6.34 52.85
MG MG QK . 5.04 -16.45 12.91
MG MG RK . 5.85 -12.81 6.40
MG MG SK . -72.66 -7.61 11.84
MG MG TK . 11.50 -13.37 95.12
MG MG UK . -14.63 5.63 44.63
MG MG VK . 66.24 -1.58 3.30
MG MG WK . 64.86 8.08 39.87
MG MG XK . -49.85 13.98 60.60
MG MG YK . -44.23 6.31 44.92
MG MG ZK . -31.26 14.23 -34.95
MG MG AL . 43.70 36.06 38.31
MG MG BL . -18.97 -5.15 -9.30
MG MG CL . 28.88 2.88 9.29
MG MG DL . 30.61 1.16 18.40
MG MG EL . 23.40 -3.40 -2.35
MG MG FL . 29.47 -6.33 -44.60
MG MG GL . -15.54 -0.29 -25.31
MG MG HL . -2.84 -6.69 -9.55
MG MG IL . 25.46 18.31 10.90
MG MG JL . 21.69 13.04 64.32
MG MG KL . 35.15 -9.32 -13.06
MG MG LL . -10.19 -15.03 82.85
MG MG ML . 58.08 2.97 -3.39
MG MG NL . 49.44 21.81 -1.02
MG MG OL . -5.34 -54.41 11.88
MG MG PL . -6.30 21.73 -8.37
MG MG QL . -6.51 29.69 -7.48
MG MG RL . -3.78 9.09 31.41
MG MG SL . -39.88 22.47 33.06
MG MG TL . -40.95 21.36 -19.71
MG MG UL . -35.26 27.26 -22.09
MG MG VL . -46.99 21.43 -16.80
MG MG WL . -15.13 -0.65 20.05
MG MG XL . 16.01 -17.48 16.86
MG MG YL . 33.01 -9.75 38.41
MG MG ZL . -31.04 31.32 -42.35
MG MG AM . -4.49 -50.02 14.39
MG MG BM . -13.99 -1.76 73.33
MG MG CM . -30.92 3.30 64.36
MG MG DM . -27.09 45.51 -44.42
MG MG EM . 3.05 -0.86 -19.10
MG MG FM . 37.70 -1.41 -28.57
MG MG GM . 24.71 -3.78 33.45
MG MG HM . 8.20 31.30 43.07
MG MG IM . 6.15 -2.56 59.60
MG MG JM . 33.09 0.84 -6.98
MG MG KM . 16.92 37.39 50.44
MG MG LM . 14.61 51.22 30.07
MG MG MM . 8.18 50.34 30.75
MG MG NM . 40.43 -14.89 3.52
MG MG OM . 12.23 -26.80 -42.94
MG MG PM . -19.43 21.11 -25.70
MG MG QM . -11.14 38.91 40.28
MG MG RM . 26.27 19.69 72.95
MG MG SM . 34.61 11.83 51.75
MG MG TM . -27.14 14.24 55.64
MG MG UM . -47.69 42.95 -56.97
MG MG VM . -14.17 43.33 -41.53
MG MG WM . 28.35 21.44 -5.53
MG MG XM . -37.62 18.59 94.04
MG MG YM . 35.41 -8.89 14.24
MG MG ZM . 3.34 -2.85 98.93
MG MG AN . -7.26 35.41 99.82
MG MG BN . 7.93 -11.58 61.13
MG MG CN . -32.65 5.65 43.28
MG MG DN . -58.28 14.51 12.80
MG MG EN . 53.66 -2.73 30.18
MG MG FN . -25.94 15.89 31.60
MG MG GN . 20.58 -5.29 39.17
MG MG HN . 9.04 10.63 64.52
MG MG IN . 3.86 14.19 67.97
MG MG JN . -53.16 37.02 8.90
MG MG KN . 62.12 -10.31 39.79
MG MG LN . -56.28 -17.83 -19.15
MG MG MN . -0.19 20.60 -58.42
MG MG NN . 1.72 33.27 -46.91
MG MG ON . 42.03 25.82 -37.14
MG MG PN . 50.07 -5.42 -40.59
MG MG QN . -8.99 -39.15 -6.49
MG MG RN . -5.55 -40.86 -11.17
MG MG SN . 26.82 -13.91 49.44
MG MG TN . -43.61 18.08 55.84
MG MG UN . -48.57 26.28 51.58
MG MG VN . -22.92 21.30 75.64
MG MG WN . -13.40 42.14 87.59
MG MG XN . 8.06 19.77 80.98
MG MG YN . 12.92 46.79 39.82
MG MG ZN . 25.54 47.25 19.04
MG MG AO . 1.24 47.27 36.89
MG MG BO . 15.95 -2.05 4.40
MG MG CO . -40.77 28.71 16.35
MG MG DO . 3.20 26.05 -10.27
MG MG EO . -14.75 20.95 -23.05
MG MG FO . -10.40 19.05 -32.67
MG MG GO . -27.77 35.01 -38.62
MG MG HO . 35.81 43.12 -23.82
MG MG IO . 49.41 25.41 -13.20
MG MG JO . 62.97 51.77 -10.88
MG MG KO . 15.07 29.63 20.39
MG MG LO . 78.75 55.55 -2.41
MG MG MO . 76.17 27.65 -33.73
MG MG NO . 17.76 -36.59 -1.50
MG MG OO . -7.15 -32.33 7.59
MG MG PO . 39.35 -15.40 -77.22
MG MG QO . 19.09 3.03 -42.11
MG MG RO . -20.39 42.41 -83.62
MG MG SO . -32.71 69.48 -74.12
MG MG TO . 5.17 48.26 -75.21
MG MG UO . -15.37 62.10 -85.79
K K VO . -20.04 -30.23 43.64
K K WO . -34.79 -45.65 42.68
K K XO . -35.99 -21.93 47.40
MG MG YO . -68.47 -3.44 45.11
MG MG ZO . -7.83 -40.60 0.42
MG MG AP . -27.91 -12.76 56.62
MG MG BP . -22.03 -38.41 39.64
MG MG CP . -35.18 -10.43 52.48
#